data_5W1X
#
_entry.id   5W1X
#
_cell.length_a   80.993
_cell.length_b   106.490
_cell.length_c   237.661
_cell.angle_alpha   88.46
_cell.angle_beta   85.75
_cell.angle_gamma   69.02
#
_symmetry.space_group_name_H-M   'P 1'
#
loop_
_entity.id
_entity.type
_entity.pdbx_description
1 polymer 'Major capsid protein L1'
2 branched '2-O-sulfo-alpha-L-idopyranuronic acid-(1-4)-2-deoxy-6-O-sulfo-alpha-D-glucopyranose'
3 branched '2-O-sulfo-alpha-L-idopyranuronic acid-(1-4)-2-deoxy-6-O-sulfo-alpha-D-glucopyranose-(1-4)-2-O-sulfo-alpha-L-idopyranuronic acid-(1-4)-2-deoxy-6-O-sulfo-alpha-D-glucopyranose'
4 branched '2-O-sulfo-alpha-L-idopyranuronic acid-(1-4)-2-deoxy-6-O-sulfo-alpha-D-glucopyranose-(1-4)-2-O-sulfo-alpha-L-idopyranuronic acid-(1-4)-2-deoxy-6-O-sulfo-alpha-D-glucopyranose-(1-4)-2-O-sulfo-alpha-L-idopyranuronic acid-(1-4)-2-deoxy-6-O-sulfo-alpha-D-glucopyranose'
5 branched '2-O-sulfo-alpha-L-idopyranuronic acid-(1-4)-2-deoxy-6-O-sulfo-alpha-D-glucopyranose-(1-4)-2-O-sulfo-alpha-L-idopyranuronic acid-(1-4)-2-deoxy-6-O-sulfo-alpha-D-glucopyranose-(1-4)-2-O-sulfo-alpha-L-idopyranuronic acid-(1-4)-2-deoxy-6-O-sulfo-alpha-D-glucopyranose-(1-4)-2-O-sulfo-alpha-L-idopyranuronic acid-(1-4)-2-deoxy-6-O-sulfo-alpha-D-glucopyranose-(1-4)-2-O-sulfo-alpha-L-idopyranuronic acid-(1-4)-2-deoxy-6-O-sulfo-alpha-D-glucopyranose'
#
_entity_poly.entity_id   1
_entity_poly.type   'polypeptide(L)'
_entity_poly.pdbx_seq_one_letter_code
;AVVNTDDYVTRTSIFYHAGSSRLLTVGDPYFRVPAGGGNKQDIPKVSAYQYRVFRVQLPDPNKFGLPDTSIYNPETQRLV
WACAGVEIGRGQPLGVGLSGHPFYNKLDDTESSHAATSNVSEDVRDNVSVDYKQTQLCILGCAPAIGEHWAKGTASKSRP
LSQGDCPPLELKNTVLEDGDMVDTGYGAMDFSTLQDTKCEVPLDICQSICKYPDYLQMSADPYGDSMFFCLRREQLFARH
FWNRAGTMGDTVPQSLYIKGTGMRASPGSCVYSPSPSGSIVTSDSQLFNKPYWLHKAQGHNNGVCWHNQLFVTVVDTTRS
TNLTICASTQSPVPGQYDATKFKQYSRHVEEYDLQFIFQLCTITLTADVMSYIQSMNSSILEDWNGGSGGNKDPYDKLKF
WNVDLKEKFSLDLDQYPLGRKFLVQAG
;
_entity_poly.pdbx_strand_id   A,B,C,D,E,F,G,H,I,J,K,L,M,N,O
#
# COMPACT_ATOMS: atom_id res chain seq x y z
N ALA A 1 -110.23 -16.49 -18.97
CA ALA A 1 -109.12 -15.55 -18.79
C ALA A 1 -107.81 -16.15 -19.29
N VAL A 2 -107.14 -15.40 -20.17
CA VAL A 2 -105.88 -15.84 -20.75
C VAL A 2 -104.71 -15.41 -19.87
N VAL A 3 -103.71 -16.28 -19.74
CA VAL A 3 -102.55 -16.02 -18.89
C VAL A 3 -101.28 -15.86 -19.72
N ASN A 4 -100.40 -14.96 -19.29
CA ASN A 4 -99.07 -14.83 -19.88
C ASN A 4 -98.33 -16.16 -19.78
N THR A 5 -97.57 -16.52 -20.81
CA THR A 5 -96.85 -17.80 -20.84
C THR A 5 -95.77 -17.89 -19.77
N ASP A 6 -95.26 -16.74 -19.36
CA ASP A 6 -94.18 -16.68 -18.36
C ASP A 6 -94.63 -17.16 -16.98
N ASP A 7 -95.86 -17.64 -16.88
CA ASP A 7 -96.41 -18.13 -15.61
C ASP A 7 -96.54 -19.65 -15.59
N TYR A 8 -96.43 -20.29 -16.74
CA TYR A 8 -96.47 -21.75 -16.79
C TYR A 8 -95.44 -22.33 -17.76
N VAL A 9 -94.58 -21.47 -18.28
CA VAL A 9 -93.48 -21.92 -19.14
C VAL A 9 -92.15 -21.48 -18.52
N THR A 10 -91.54 -22.39 -17.77
CA THR A 10 -90.27 -22.10 -17.11
C THR A 10 -89.13 -22.15 -18.11
N ARG A 11 -88.30 -21.11 -18.11
CA ARG A 11 -87.19 -21.03 -19.03
C ARG A 11 -85.91 -21.61 -18.44
N THR A 12 -85.16 -22.33 -19.27
CA THR A 12 -83.87 -22.88 -18.85
C THR A 12 -82.77 -21.90 -19.19
N SER A 13 -81.53 -22.37 -19.11
CA SER A 13 -80.38 -21.56 -19.51
C SER A 13 -79.70 -22.18 -20.73
N ILE A 14 -80.45 -23.02 -21.42
CA ILE A 14 -79.95 -23.75 -22.58
C ILE A 14 -80.33 -23.05 -23.88
N PHE A 15 -79.33 -22.50 -24.57
CA PHE A 15 -79.58 -21.77 -25.81
C PHE A 15 -79.02 -22.51 -27.02
N TYR A 16 -79.75 -22.43 -28.12
CA TYR A 16 -79.33 -23.05 -29.37
C TYR A 16 -79.27 -22.02 -30.48
N HIS A 17 -78.43 -22.28 -31.47
CA HIS A 17 -78.45 -21.48 -32.68
C HIS A 17 -79.02 -22.31 -33.81
N ALA A 18 -79.88 -21.69 -34.61
CA ALA A 18 -80.42 -22.33 -35.80
C ALA A 18 -80.44 -21.33 -36.95
N GLY A 19 -80.01 -21.78 -38.12
CA GLY A 19 -79.99 -20.91 -39.28
C GLY A 19 -80.29 -21.65 -40.55
N SER A 20 -81.05 -21.01 -41.44
CA SER A 20 -81.29 -21.56 -42.77
C SER A 20 -79.97 -21.55 -43.53
N SER A 21 -79.97 -22.16 -44.71
CA SER A 21 -78.82 -22.03 -45.60
C SER A 21 -78.82 -20.63 -46.20
N ARG A 22 -79.01 -20.58 -47.51
CA ARG A 22 -79.17 -19.30 -48.19
C ARG A 22 -80.40 -19.37 -49.08
N LEU A 23 -81.50 -18.83 -48.58
CA LEU A 23 -82.76 -18.88 -49.29
C LEU A 23 -82.71 -17.98 -50.53
N LEU A 24 -82.88 -18.57 -51.70
CA LEU A 24 -82.66 -17.86 -52.96
C LEU A 24 -83.71 -18.23 -54.00
N THR A 25 -84.23 -17.24 -54.71
CA THR A 25 -85.23 -17.48 -55.73
C THR A 25 -85.20 -16.40 -56.82
N VAL A 26 -85.30 -16.83 -58.08
CA VAL A 26 -85.35 -15.91 -59.19
C VAL A 26 -86.58 -16.17 -60.05
N GLY A 27 -86.94 -15.20 -60.89
CA GLY A 27 -88.10 -15.33 -61.75
C GLY A 27 -88.57 -13.99 -62.30
N ASP A 28 -89.67 -14.01 -63.04
CA ASP A 28 -90.21 -12.79 -63.62
C ASP A 28 -90.90 -11.95 -62.55
N PRO A 29 -90.73 -10.61 -62.61
CA PRO A 29 -91.29 -9.72 -61.59
C PRO A 29 -92.74 -9.28 -61.80
N TYR A 30 -93.38 -9.72 -62.87
CA TYR A 30 -94.74 -9.25 -63.16
C TYR A 30 -95.75 -10.39 -63.22
N PHE A 31 -95.32 -11.55 -63.70
CA PHE A 31 -96.20 -12.70 -63.88
C PHE A 31 -95.39 -13.97 -64.08
N ARG A 32 -95.93 -15.10 -63.62
CA ARG A 32 -95.24 -16.37 -63.85
C ARG A 32 -95.32 -16.74 -65.32
N VAL A 33 -94.19 -17.17 -65.87
CA VAL A 33 -94.11 -17.50 -67.29
C VAL A 33 -94.35 -18.98 -67.53
N PRO A 34 -95.42 -19.30 -68.27
CA PRO A 34 -95.81 -20.67 -68.65
C PRO A 34 -94.65 -21.49 -69.20
N ALA A 35 -94.41 -22.66 -68.61
CA ALA A 35 -93.29 -23.51 -68.99
C ALA A 35 -93.41 -24.02 -70.42
N GLY A 36 -92.28 -24.42 -70.99
CA GLY A 36 -92.24 -25.05 -72.29
C GLY A 36 -92.53 -24.15 -73.47
N GLY A 37 -93.03 -22.94 -73.19
CA GLY A 37 -93.35 -21.99 -74.23
C GLY A 37 -92.13 -21.66 -75.06
N GLY A 38 -91.00 -21.51 -74.38
CA GLY A 38 -89.73 -21.26 -75.04
C GLY A 38 -88.61 -22.15 -74.50
N ASN A 39 -88.69 -22.46 -73.20
CA ASN A 39 -87.68 -23.25 -72.50
C ASN A 39 -88.30 -24.05 -71.34
N LYS A 40 -87.62 -25.09 -70.89
CA LYS A 40 -88.19 -26.00 -69.90
C LYS A 40 -88.40 -25.27 -68.57
N GLN A 41 -89.31 -25.80 -67.76
CA GLN A 41 -89.58 -25.34 -66.40
C GLN A 41 -90.27 -23.98 -66.36
N ASP A 42 -91.23 -23.85 -65.46
CA ASP A 42 -91.94 -22.60 -65.29
C ASP A 42 -91.00 -21.55 -64.72
N ILE A 43 -91.26 -20.30 -65.06
CA ILE A 43 -90.56 -19.19 -64.43
C ILE A 43 -91.52 -18.57 -63.44
N PRO A 44 -91.31 -18.81 -62.14
CA PRO A 44 -92.20 -18.31 -61.09
C PRO A 44 -92.19 -16.80 -61.02
N LYS A 45 -93.34 -16.21 -60.72
CA LYS A 45 -93.39 -14.78 -60.47
C LYS A 45 -92.69 -14.47 -59.14
N VAL A 46 -91.58 -13.75 -59.21
CA VAL A 46 -90.90 -13.31 -58.00
C VAL A 46 -90.78 -11.80 -58.00
N SER A 47 -91.50 -11.16 -57.09
CA SER A 47 -91.56 -9.71 -57.05
C SER A 47 -91.04 -9.19 -55.70
N ALA A 48 -90.65 -7.92 -55.69
CA ALA A 48 -90.20 -7.30 -54.45
C ALA A 48 -91.39 -6.88 -53.61
N TYR A 49 -92.56 -6.85 -54.24
CA TYR A 49 -93.77 -6.35 -53.60
C TYR A 49 -94.75 -7.47 -53.28
N GLN A 50 -94.23 -8.54 -52.70
CA GLN A 50 -95.06 -9.65 -52.26
C GLN A 50 -94.53 -10.22 -50.95
N TYR A 51 -95.44 -10.62 -50.07
CA TYR A 51 -95.08 -11.19 -48.78
C TYR A 51 -94.22 -12.44 -48.90
N ARG A 52 -93.13 -12.48 -48.15
CA ARG A 52 -92.38 -13.72 -47.94
C ARG A 52 -92.83 -14.32 -46.63
N VAL A 53 -93.40 -15.52 -46.68
CA VAL A 53 -93.81 -16.20 -45.45
C VAL A 53 -93.07 -17.53 -45.30
N PHE A 54 -92.08 -17.54 -44.42
CA PHE A 54 -91.29 -18.74 -44.16
C PHE A 54 -91.88 -19.54 -43.02
N ARG A 55 -92.14 -20.82 -43.26
CA ARG A 55 -92.62 -21.71 -42.21
C ARG A 55 -91.45 -22.48 -41.63
N VAL A 56 -90.88 -21.96 -40.55
CA VAL A 56 -89.71 -22.58 -39.94
C VAL A 56 -90.07 -23.81 -39.13
N GLN A 57 -89.65 -24.98 -39.60
CA GLN A 57 -89.98 -26.23 -38.93
C GLN A 57 -88.89 -26.65 -37.95
N LEU A 58 -89.20 -26.58 -36.67
CA LEU A 58 -88.25 -26.90 -35.62
C LEU A 58 -88.31 -28.37 -35.24
N PRO A 59 -87.19 -28.91 -34.73
CA PRO A 59 -87.21 -30.30 -34.23
C PRO A 59 -87.96 -30.43 -32.91
N ASP A 60 -88.67 -31.54 -32.75
CA ASP A 60 -89.43 -31.82 -31.53
C ASP A 60 -88.49 -32.00 -30.35
N PRO A 61 -88.50 -31.05 -29.41
CA PRO A 61 -87.53 -31.00 -28.30
C PRO A 61 -87.60 -32.23 -27.39
N ASN A 62 -88.77 -32.87 -27.34
CA ASN A 62 -88.94 -34.07 -26.53
C ASN A 62 -88.17 -35.25 -27.11
N LYS A 63 -88.37 -35.49 -28.40
CA LYS A 63 -87.69 -36.57 -29.11
C LYS A 63 -86.35 -36.11 -29.65
N PHE A 64 -85.72 -35.18 -28.93
CA PHE A 64 -84.48 -34.57 -29.37
C PHE A 64 -83.36 -34.83 -28.36
N GLY A 65 -82.21 -35.27 -28.85
CA GLY A 65 -81.06 -35.51 -28.01
C GLY A 65 -80.58 -34.26 -27.32
N LEU A 66 -80.61 -34.26 -26.00
CA LEU A 66 -80.21 -33.10 -25.21
C LEU A 66 -78.75 -33.20 -24.80
N PRO A 67 -78.13 -32.06 -24.42
CA PRO A 67 -76.78 -32.12 -23.85
C PRO A 67 -76.78 -32.86 -22.52
N ASP A 68 -77.98 -32.97 -21.96
CA ASP A 68 -78.22 -33.65 -20.70
C ASP A 68 -79.73 -33.86 -20.58
N THR A 69 -80.17 -35.10 -20.48
CA THR A 69 -81.60 -35.38 -20.42
C THR A 69 -82.07 -35.39 -18.96
N SER A 70 -81.49 -34.51 -18.15
CA SER A 70 -81.96 -34.29 -16.80
C SER A 70 -82.29 -32.81 -16.64
N ILE A 71 -82.54 -32.15 -17.76
CA ILE A 71 -83.05 -30.78 -17.76
C ILE A 71 -84.48 -30.81 -17.24
N TYR A 72 -85.12 -31.96 -17.36
CA TYR A 72 -86.50 -32.12 -16.96
C TYR A 72 -86.84 -33.57 -16.61
N ASN A 73 -88.09 -33.79 -16.24
CA ASN A 73 -88.61 -35.12 -15.99
C ASN A 73 -89.66 -35.48 -17.05
N PRO A 74 -89.29 -36.35 -18.00
CA PRO A 74 -90.18 -36.73 -19.11
C PRO A 74 -91.47 -37.44 -18.66
N GLU A 75 -91.69 -37.53 -17.36
CA GLU A 75 -92.91 -38.13 -16.83
C GLU A 75 -93.95 -37.08 -16.44
N THR A 76 -93.47 -35.93 -15.95
CA THR A 76 -94.36 -34.91 -15.43
C THR A 76 -94.33 -33.60 -16.22
N GLN A 77 -93.41 -33.49 -17.17
CA GLN A 77 -93.29 -32.24 -17.92
C GLN A 77 -92.82 -32.41 -19.37
N ARG A 78 -93.08 -31.38 -20.18
CA ARG A 78 -92.76 -31.40 -21.60
C ARG A 78 -91.81 -30.25 -21.96
N LEU A 79 -91.28 -30.31 -23.18
CA LEU A 79 -90.35 -29.30 -23.65
C LEU A 79 -90.94 -28.51 -24.81
N VAL A 80 -90.66 -27.22 -24.83
CA VAL A 80 -91.07 -26.34 -25.93
C VAL A 80 -89.93 -25.41 -26.29
N TRP A 81 -89.80 -25.08 -27.56
CA TRP A 81 -88.79 -24.12 -28.01
C TRP A 81 -89.30 -22.69 -27.87
N ALA A 82 -88.51 -21.83 -27.25
CA ALA A 82 -88.87 -20.42 -27.12
C ALA A 82 -87.88 -19.55 -27.89
N CYS A 83 -88.41 -18.63 -28.68
CA CYS A 83 -87.58 -17.75 -29.50
C CYS A 83 -87.03 -16.59 -28.67
N ALA A 84 -85.79 -16.20 -28.92
CA ALA A 84 -85.15 -15.16 -28.12
C ALA A 84 -84.30 -14.20 -28.97
N GLY A 85 -84.01 -14.59 -30.20
CA GLY A 85 -83.20 -13.75 -31.08
C GLY A 85 -83.38 -14.07 -32.55
N VAL A 86 -83.58 -13.03 -33.35
CA VAL A 86 -83.84 -13.20 -34.78
C VAL A 86 -83.04 -12.21 -35.62
N GLU A 87 -82.51 -12.69 -36.73
CA GLU A 87 -81.83 -11.82 -37.68
C GLU A 87 -82.17 -12.24 -39.11
N ILE A 88 -83.00 -11.44 -39.77
CA ILE A 88 -83.35 -11.69 -41.16
C ILE A 88 -82.27 -11.11 -42.06
N GLY A 89 -81.58 -11.99 -42.79
CA GLY A 89 -80.56 -11.54 -43.72
C GLY A 89 -81.12 -11.19 -45.08
N ARG A 90 -80.57 -10.14 -45.69
CA ARG A 90 -80.94 -9.78 -47.05
C ARG A 90 -79.70 -9.69 -47.92
N GLY A 91 -79.78 -10.30 -49.11
CA GLY A 91 -78.60 -10.47 -49.95
C GLY A 91 -78.28 -9.35 -50.92
N GLN A 92 -79.12 -9.16 -51.92
CA GLN A 92 -78.86 -8.22 -53.02
C GLN A 92 -78.66 -6.78 -52.55
N PRO A 93 -78.02 -5.95 -53.39
CA PRO A 93 -77.85 -4.53 -53.04
C PRO A 93 -79.17 -3.74 -53.12
N LEU A 94 -79.21 -2.62 -52.40
CA LEU A 94 -80.37 -1.73 -52.44
C LEU A 94 -80.62 -1.26 -53.85
N GLY A 95 -81.88 -1.15 -54.24
CA GLY A 95 -82.22 -0.70 -55.58
C GLY A 95 -83.68 -0.38 -55.74
N VAL A 96 -83.99 0.35 -56.81
CA VAL A 96 -85.38 0.67 -57.13
C VAL A 96 -85.79 -0.04 -58.41
N GLY A 97 -87.05 -0.45 -58.47
CA GLY A 97 -87.57 -1.15 -59.63
C GLY A 97 -88.96 -0.70 -60.01
N LEU A 98 -89.24 -0.70 -61.30
CA LEU A 98 -90.52 -0.20 -61.80
C LEU A 98 -91.51 -1.31 -62.10
N SER A 99 -92.78 -0.98 -61.96
CA SER A 99 -93.86 -1.84 -62.42
C SER A 99 -94.75 -0.99 -63.32
N GLY A 100 -95.25 -1.59 -64.39
CA GLY A 100 -96.06 -0.84 -65.33
C GLY A 100 -97.14 -1.67 -66.01
N HIS A 101 -97.73 -1.07 -67.04
CA HIS A 101 -98.83 -1.68 -67.77
C HIS A 101 -98.87 -1.08 -69.17
N PRO A 102 -98.91 -1.93 -70.21
CA PRO A 102 -98.92 -1.45 -71.60
C PRO A 102 -100.15 -0.62 -71.90
N PHE A 103 -101.24 -0.88 -71.20
CA PHE A 103 -102.53 -0.25 -71.48
C PHE A 103 -103.16 0.37 -70.24
N TYR A 104 -102.34 1.04 -69.43
CA TYR A 104 -102.80 1.72 -68.23
C TYR A 104 -103.92 2.71 -68.52
N ASN A 105 -104.99 2.66 -67.74
CA ASN A 105 -106.12 3.57 -67.95
C ASN A 105 -105.81 4.97 -67.43
N LYS A 106 -104.96 5.68 -68.16
CA LYS A 106 -104.63 7.06 -67.83
C LYS A 106 -105.24 7.99 -68.86
N LEU A 107 -106.26 8.74 -68.46
CA LEU A 107 -106.93 9.64 -69.39
C LEU A 107 -106.00 10.78 -69.81
N ASP A 108 -105.64 11.64 -68.84
CA ASP A 108 -104.78 12.78 -69.12
C ASP A 108 -104.26 13.42 -67.82
N ASP A 109 -103.18 14.19 -67.95
CA ASP A 109 -102.58 14.85 -66.80
C ASP A 109 -103.53 15.89 -66.21
N THR A 110 -103.78 15.78 -64.91
CA THR A 110 -104.66 16.72 -64.23
C THR A 110 -103.88 17.53 -63.20
N GLU A 111 -102.60 17.21 -63.03
CA GLU A 111 -101.74 17.94 -62.11
C GLU A 111 -101.64 19.40 -62.51
N SER A 112 -101.44 19.64 -63.81
CA SER A 112 -101.36 20.97 -64.36
C SER A 112 -101.37 20.91 -65.88
N SER A 113 -102.45 20.37 -66.43
CA SER A 113 -102.61 20.25 -67.88
C SER A 113 -102.43 21.60 -68.54
N HIS A 114 -101.66 21.60 -69.63
CA HIS A 114 -101.37 22.84 -70.37
C HIS A 114 -102.64 23.58 -70.74
N ALA A 115 -103.69 22.82 -71.02
CA ALA A 115 -105.03 23.38 -71.22
C ALA A 115 -106.05 22.24 -71.17
N ALA A 116 -106.98 22.24 -72.11
CA ALA A 116 -107.94 21.15 -72.23
C ALA A 116 -107.22 19.89 -72.71
N THR A 117 -107.94 18.78 -72.78
CA THR A 117 -107.31 17.53 -73.19
C THR A 117 -108.12 16.77 -74.24
N SER A 118 -107.72 15.53 -74.50
CA SER A 118 -108.29 14.73 -75.57
C SER A 118 -109.74 14.33 -75.33
N ASN A 119 -110.46 14.06 -76.42
CA ASN A 119 -111.83 13.60 -76.38
C ASN A 119 -111.96 12.26 -75.67
N VAL A 120 -112.98 12.13 -74.82
CA VAL A 120 -113.25 10.87 -74.15
C VAL A 120 -113.86 9.89 -75.14
N SER A 121 -113.10 9.53 -76.17
CA SER A 121 -113.59 8.71 -77.26
C SER A 121 -113.74 7.26 -76.86
N GLU A 122 -112.66 6.49 -77.03
CA GLU A 122 -112.69 5.06 -76.75
C GLU A 122 -111.38 4.61 -76.09
N ASP A 123 -110.32 4.48 -76.90
CA ASP A 123 -109.04 3.98 -76.39
C ASP A 123 -107.96 5.06 -76.41
N VAL A 124 -107.68 5.61 -75.24
CA VAL A 124 -106.57 6.56 -75.07
C VAL A 124 -105.60 6.00 -74.05
N ARG A 125 -105.64 4.68 -73.87
CA ARG A 125 -104.79 3.99 -72.92
C ARG A 125 -103.33 4.03 -73.34
N ASP A 126 -102.48 4.59 -72.50
CA ASP A 126 -101.05 4.68 -72.81
C ASP A 126 -100.24 3.65 -72.04
N ASN A 127 -98.96 3.58 -72.35
CA ASN A 127 -98.03 2.69 -71.65
C ASN A 127 -97.26 3.47 -70.59
N VAL A 128 -97.64 3.31 -69.32
CA VAL A 128 -96.95 3.99 -68.24
C VAL A 128 -96.40 3.01 -67.21
N SER A 129 -95.44 3.50 -66.42
CA SER A 129 -94.82 2.73 -65.36
C SER A 129 -94.86 3.53 -64.06
N VAL A 130 -94.52 2.89 -62.95
CA VAL A 130 -94.54 3.58 -61.67
C VAL A 130 -93.80 2.79 -60.59
N ASP A 131 -92.95 3.47 -59.85
CA ASP A 131 -92.31 2.88 -58.68
C ASP A 131 -93.30 2.91 -57.52
N TYR A 132 -93.39 1.81 -56.79
CA TYR A 132 -94.39 1.68 -55.74
C TYR A 132 -93.99 2.35 -54.43
N LYS A 133 -94.92 2.38 -53.48
CA LYS A 133 -94.63 2.84 -52.14
C LYS A 133 -93.56 1.94 -51.53
N GLN A 134 -92.77 2.52 -50.61
CA GLN A 134 -91.68 1.79 -49.99
C GLN A 134 -92.09 1.19 -48.66
N THR A 135 -92.03 -0.13 -48.55
CA THR A 135 -92.48 -0.80 -47.33
C THR A 135 -91.44 -1.79 -46.81
N GLN A 136 -91.31 -1.84 -45.48
CA GLN A 136 -90.53 -2.87 -44.81
C GLN A 136 -91.32 -3.38 -43.63
N LEU A 137 -91.52 -4.70 -43.55
CA LEU A 137 -92.11 -5.24 -42.32
C LEU A 137 -91.62 -6.65 -42.00
N CYS A 138 -91.76 -7.01 -40.72
CA CYS A 138 -91.28 -8.28 -40.20
C CYS A 138 -92.18 -8.72 -39.06
N ILE A 139 -92.81 -9.89 -39.20
CA ILE A 139 -93.76 -10.37 -38.21
C ILE A 139 -93.47 -11.80 -37.78
N LEU A 140 -93.29 -12.00 -36.47
CA LEU A 140 -93.00 -13.33 -35.95
C LEU A 140 -94.16 -13.87 -35.13
N GLY A 141 -94.36 -15.19 -35.22
CA GLY A 141 -95.42 -15.85 -34.50
C GLY A 141 -95.34 -17.35 -34.66
N CYS A 142 -96.05 -18.08 -33.82
CA CYS A 142 -96.16 -19.53 -33.98
C CYS A 142 -97.45 -19.84 -34.73
N ALA A 143 -98.01 -18.80 -35.34
CA ALA A 143 -99.20 -18.90 -36.17
C ALA A 143 -99.09 -17.87 -37.28
N PRO A 144 -99.55 -18.22 -38.49
CA PRO A 144 -99.41 -17.31 -39.64
C PRO A 144 -100.11 -15.97 -39.42
N ALA A 145 -99.60 -14.92 -40.05
CA ALA A 145 -100.14 -13.57 -39.84
C ALA A 145 -101.47 -13.40 -40.55
N ILE A 146 -102.29 -12.49 -40.02
CA ILE A 146 -103.61 -12.22 -40.56
C ILE A 146 -103.62 -10.94 -41.40
N GLY A 147 -104.16 -11.03 -42.61
CA GLY A 147 -104.25 -9.88 -43.48
C GLY A 147 -105.69 -9.48 -43.73
N GLU A 148 -105.89 -8.20 -44.04
CA GLU A 148 -107.20 -7.68 -44.38
C GLU A 148 -107.16 -7.08 -45.79
N HIS A 149 -108.34 -6.99 -46.42
CA HIS A 149 -108.44 -6.34 -47.72
C HIS A 149 -109.89 -6.08 -48.08
N TRP A 150 -110.11 -5.38 -49.20
CA TRP A 150 -111.45 -5.04 -49.63
C TRP A 150 -111.88 -5.84 -50.86
N ALA A 151 -112.94 -6.63 -50.70
CA ALA A 151 -113.47 -7.43 -51.79
C ALA A 151 -114.94 -7.12 -52.03
N LYS A 152 -115.47 -7.63 -53.14
CA LYS A 152 -116.87 -7.44 -53.47
C LYS A 152 -117.78 -8.09 -52.43
N GLY A 153 -118.69 -7.30 -51.86
CA GLY A 153 -119.63 -7.82 -50.88
C GLY A 153 -120.61 -8.80 -51.49
N THR A 154 -121.14 -9.70 -50.67
CA THR A 154 -122.07 -10.71 -51.15
C THR A 154 -123.38 -10.09 -51.63
N ALA A 155 -123.71 -10.34 -52.89
CA ALA A 155 -124.94 -9.81 -53.49
C ALA A 155 -126.17 -10.35 -52.79
N SER A 156 -126.86 -9.48 -52.05
CA SER A 156 -128.07 -9.88 -51.34
C SER A 156 -129.19 -10.22 -52.30
N LYS A 157 -129.87 -11.34 -52.05
CA LYS A 157 -130.97 -11.78 -52.89
C LYS A 157 -132.20 -10.89 -52.73
N SER A 158 -132.23 -10.11 -51.67
CA SER A 158 -133.34 -9.19 -51.43
C SER A 158 -133.32 -8.04 -52.43
N ARG A 159 -132.15 -7.45 -52.60
CA ARG A 159 -131.96 -6.34 -53.53
C ARG A 159 -130.80 -6.66 -54.46
N PRO A 160 -131.10 -7.24 -55.64
CA PRO A 160 -130.09 -7.67 -56.60
C PRO A 160 -129.22 -6.51 -57.09
N LEU A 161 -128.01 -6.82 -57.54
CA LEU A 161 -127.09 -5.79 -57.98
C LEU A 161 -127.08 -5.67 -59.51
N SER A 162 -127.90 -4.77 -60.02
CA SER A 162 -128.02 -4.53 -61.45
C SER A 162 -126.66 -4.25 -62.09
N GLN A 163 -126.44 -4.80 -63.28
CA GLN A 163 -125.13 -4.77 -63.92
C GLN A 163 -124.67 -3.35 -64.22
N GLY A 164 -123.42 -3.05 -63.84
CA GLY A 164 -122.85 -1.73 -64.07
C GLY A 164 -122.75 -0.92 -62.79
N ASP A 165 -123.73 -1.11 -61.90
CA ASP A 165 -123.76 -0.40 -60.63
C ASP A 165 -122.59 -0.79 -59.75
N CYS A 166 -122.22 0.10 -58.82
CA CYS A 166 -121.11 -0.15 -57.91
C CYS A 166 -121.49 -1.13 -56.81
N PRO A 167 -120.65 -2.16 -56.61
CA PRO A 167 -120.88 -3.17 -55.58
C PRO A 167 -120.64 -2.64 -54.17
N PRO A 168 -121.19 -3.31 -53.16
CA PRO A 168 -120.87 -3.01 -51.76
C PRO A 168 -119.49 -3.57 -51.38
N LEU A 169 -118.76 -2.85 -50.55
CA LEU A 169 -117.42 -3.26 -50.16
C LEU A 169 -117.45 -4.00 -48.83
N GLU A 170 -116.72 -5.11 -48.75
CA GLU A 170 -116.65 -5.88 -47.52
C GLU A 170 -115.20 -6.07 -47.08
N LEU A 171 -114.94 -5.83 -45.80
CA LEU A 171 -113.61 -6.05 -45.26
C LEU A 171 -113.45 -7.53 -44.94
N LYS A 172 -112.37 -8.14 -45.42
CA LYS A 172 -112.21 -9.58 -45.28
C LYS A 172 -110.86 -9.93 -44.67
N ASN A 173 -110.89 -10.75 -43.63
CA ASN A 173 -109.66 -11.23 -43.02
C ASN A 173 -109.23 -12.55 -43.64
N THR A 174 -107.92 -12.72 -43.76
CA THR A 174 -107.36 -13.86 -44.46
C THR A 174 -105.89 -14.09 -44.09
N VAL A 175 -105.49 -15.35 -44.06
CA VAL A 175 -104.11 -15.71 -43.77
C VAL A 175 -103.16 -15.17 -44.85
N LEU A 176 -102.04 -14.61 -44.42
CA LEU A 176 -101.01 -14.16 -45.35
C LEU A 176 -100.14 -15.33 -45.79
N GLU A 177 -100.39 -15.84 -47.00
CA GLU A 177 -99.55 -16.87 -47.57
C GLU A 177 -98.39 -16.24 -48.32
N ASP A 178 -97.36 -17.05 -48.57
CA ASP A 178 -96.23 -16.61 -49.36
C ASP A 178 -96.67 -16.33 -50.79
N GLY A 179 -96.33 -15.15 -51.29
CA GLY A 179 -96.69 -14.78 -52.65
C GLY A 179 -97.69 -13.65 -52.72
N ASP A 180 -98.56 -13.56 -51.73
CA ASP A 180 -99.57 -12.50 -51.67
C ASP A 180 -98.92 -11.13 -51.82
N MET A 181 -99.52 -10.30 -52.66
CA MET A 181 -99.00 -8.97 -52.94
C MET A 181 -99.31 -8.02 -51.80
N VAL A 182 -98.39 -7.11 -51.51
CA VAL A 182 -98.58 -6.10 -50.47
C VAL A 182 -99.27 -4.87 -51.05
N ASP A 183 -99.70 -3.97 -50.18
CA ASP A 183 -100.21 -2.67 -50.64
C ASP A 183 -99.07 -1.91 -51.29
N THR A 184 -99.31 -1.41 -52.49
CA THR A 184 -98.29 -0.72 -53.27
C THR A 184 -98.55 0.78 -53.29
N GLY A 185 -99.76 1.15 -52.90
CA GLY A 185 -100.17 2.55 -52.92
C GLY A 185 -101.52 2.70 -53.58
N TYR A 186 -102.04 1.60 -54.13
CA TYR A 186 -103.33 1.61 -54.81
C TYR A 186 -104.40 1.03 -53.90
N GLY A 187 -104.12 1.04 -52.60
CA GLY A 187 -105.03 0.48 -51.62
C GLY A 187 -104.84 -1.02 -51.47
N ALA A 188 -105.54 -1.62 -50.51
CA ALA A 188 -105.47 -3.05 -50.30
C ALA A 188 -106.80 -3.70 -50.66
N MET A 189 -106.95 -4.07 -51.93
CA MET A 189 -108.21 -4.64 -52.42
C MET A 189 -108.02 -5.71 -53.48
N ASP A 190 -109.10 -6.39 -53.81
CA ASP A 190 -109.11 -7.44 -54.82
C ASP A 190 -109.36 -6.84 -56.20
N PHE A 191 -108.27 -6.50 -56.90
CA PHE A 191 -108.38 -5.83 -58.19
C PHE A 191 -108.95 -6.73 -59.29
N SER A 192 -109.00 -8.04 -59.03
CA SER A 192 -109.52 -8.97 -60.00
C SER A 192 -111.05 -8.94 -60.04
N THR A 193 -111.67 -8.49 -58.95
CA THR A 193 -113.13 -8.52 -58.84
C THR A 193 -113.75 -7.14 -58.70
N LEU A 194 -112.92 -6.13 -58.45
CA LEU A 194 -113.43 -4.77 -58.27
C LEU A 194 -113.09 -3.87 -59.44
N GLN A 195 -112.27 -4.37 -60.35
CA GLN A 195 -111.87 -3.60 -61.52
C GLN A 195 -112.00 -4.46 -62.79
N ASP A 196 -113.08 -4.26 -63.53
CA ASP A 196 -113.36 -5.05 -64.72
C ASP A 196 -112.44 -4.68 -65.88
N THR A 197 -111.88 -3.48 -65.82
CA THR A 197 -111.05 -2.97 -66.90
C THR A 197 -109.74 -3.73 -67.03
N LYS A 198 -109.18 -4.14 -65.90
CA LYS A 198 -107.88 -4.81 -65.83
C LYS A 198 -106.78 -3.89 -66.36
N CYS A 199 -106.96 -2.58 -66.16
CA CYS A 199 -106.02 -1.58 -66.65
C CYS A 199 -105.89 -0.40 -65.70
N GLU A 200 -106.42 -0.53 -64.49
CA GLU A 200 -106.38 0.55 -63.51
C GLU A 200 -105.09 0.55 -62.70
N VAL A 201 -104.47 -0.62 -62.60
CA VAL A 201 -103.24 -0.79 -61.82
C VAL A 201 -102.19 -1.54 -62.65
N PRO A 202 -100.91 -1.40 -62.28
CA PRO A 202 -99.84 -2.08 -63.05
C PRO A 202 -99.95 -3.60 -63.10
N LEU A 203 -99.11 -4.22 -63.92
CA LEU A 203 -99.28 -5.60 -64.36
C LEU A 203 -99.16 -6.68 -63.28
N ASP A 204 -98.39 -6.42 -62.23
CA ASP A 204 -98.11 -7.45 -61.23
C ASP A 204 -99.21 -7.58 -60.17
N ILE A 205 -99.94 -6.49 -59.92
CA ILE A 205 -101.05 -6.52 -58.98
C ILE A 205 -102.38 -6.47 -59.71
N CYS A 206 -102.32 -6.60 -61.02
CA CYS A 206 -103.47 -6.41 -61.90
C CYS A 206 -104.64 -7.35 -61.61
N GLN A 207 -104.36 -8.65 -61.54
CA GLN A 207 -105.39 -9.65 -61.29
C GLN A 207 -105.18 -10.33 -59.95
N SER A 208 -104.40 -9.69 -59.08
CA SER A 208 -104.08 -10.25 -57.77
C SER A 208 -104.88 -9.56 -56.67
N ILE A 209 -104.72 -10.04 -55.44
CA ILE A 209 -105.31 -9.40 -54.28
C ILE A 209 -104.22 -8.80 -53.40
N CYS A 210 -104.31 -7.49 -53.17
CA CYS A 210 -103.32 -6.81 -52.34
C CYS A 210 -103.76 -6.76 -50.88
N LYS A 211 -102.98 -7.39 -50.01
CA LYS A 211 -103.32 -7.45 -48.60
C LYS A 211 -102.48 -6.49 -47.76
N TYR A 212 -102.99 -6.20 -46.56
CA TYR A 212 -102.28 -5.38 -45.58
C TYR A 212 -102.51 -6.01 -44.21
N PRO A 213 -101.45 -6.09 -43.39
CA PRO A 213 -101.57 -6.76 -42.10
C PRO A 213 -102.63 -6.13 -41.21
N ASP A 214 -103.56 -6.95 -40.73
CA ASP A 214 -104.56 -6.49 -39.78
C ASP A 214 -103.92 -6.40 -38.39
N TYR A 215 -103.08 -5.38 -38.21
CA TYR A 215 -102.39 -5.14 -36.95
C TYR A 215 -103.35 -5.04 -35.78
N LEU A 216 -104.46 -4.33 -36.00
CA LEU A 216 -105.48 -4.14 -34.97
C LEU A 216 -105.99 -5.47 -34.43
N GLN A 217 -106.35 -6.38 -35.34
CA GLN A 217 -106.91 -7.67 -34.95
C GLN A 217 -105.87 -8.54 -34.24
N MET A 218 -104.68 -8.64 -34.83
CA MET A 218 -103.65 -9.52 -34.29
C MET A 218 -103.12 -9.08 -32.92
N SER A 219 -103.31 -7.81 -32.59
CA SER A 219 -102.95 -7.34 -31.25
C SER A 219 -104.11 -7.59 -30.29
N ALA A 220 -105.32 -7.58 -30.85
CA ALA A 220 -106.53 -7.83 -30.08
C ALA A 220 -106.67 -9.31 -29.72
N ASP A 221 -106.02 -10.17 -30.50
CA ASP A 221 -106.08 -11.62 -30.32
C ASP A 221 -105.79 -12.03 -28.87
N PRO A 222 -106.66 -12.89 -28.30
CA PRO A 222 -106.54 -13.34 -26.91
C PRO A 222 -105.18 -13.97 -26.62
N TYR A 223 -104.81 -14.99 -27.39
CA TYR A 223 -103.58 -15.72 -27.12
C TYR A 223 -102.36 -15.02 -27.70
N GLY A 224 -102.55 -14.31 -28.81
CA GLY A 224 -101.48 -13.55 -29.43
C GLY A 224 -100.41 -14.41 -30.07
N ASP A 225 -100.80 -15.58 -30.55
CA ASP A 225 -99.89 -16.46 -31.27
C ASP A 225 -99.64 -15.90 -32.68
N SER A 226 -100.49 -14.98 -33.10
CA SER A 226 -100.39 -14.39 -34.43
C SER A 226 -99.10 -13.61 -34.60
N MET A 227 -98.84 -12.69 -33.67
CA MET A 227 -97.59 -11.93 -33.67
C MET A 227 -97.08 -11.70 -32.25
N PHE A 228 -95.81 -12.01 -32.00
CA PHE A 228 -95.17 -11.58 -30.77
C PHE A 228 -93.94 -10.73 -31.08
N PHE A 229 -93.87 -10.25 -32.32
CA PHE A 229 -92.82 -9.35 -32.76
C PHE A 229 -93.24 -8.65 -34.05
N CYS A 230 -93.26 -7.33 -34.04
CA CYS A 230 -93.77 -6.55 -35.17
C CYS A 230 -92.90 -5.35 -35.49
N LEU A 231 -92.26 -5.37 -36.65
CA LEU A 231 -91.47 -4.25 -37.12
C LEU A 231 -92.02 -3.75 -38.43
N ARG A 232 -92.37 -2.47 -38.50
CA ARG A 232 -92.87 -1.91 -39.75
C ARG A 232 -92.27 -0.55 -40.05
N ARG A 233 -92.10 -0.27 -41.34
CA ARG A 233 -91.59 1.02 -41.79
C ARG A 233 -92.03 1.26 -43.23
N GLU A 234 -92.85 2.29 -43.43
CA GLU A 234 -93.36 2.58 -44.77
C GLU A 234 -93.36 4.07 -45.06
N GLN A 235 -93.28 4.41 -46.35
CA GLN A 235 -93.31 5.81 -46.78
C GLN A 235 -93.61 5.92 -48.28
N LEU A 236 -94.21 7.03 -48.68
CA LEU A 236 -94.49 7.29 -50.10
C LEU A 236 -94.96 8.72 -50.32
N PHE A 237 -95.07 9.11 -51.59
CA PHE A 237 -95.60 10.42 -51.95
C PHE A 237 -96.20 10.38 -53.35
N ALA A 238 -97.03 11.37 -53.67
CA ALA A 238 -97.74 11.39 -54.95
C ALA A 238 -96.94 12.04 -56.06
N ARG A 239 -96.46 11.24 -57.00
CA ARG A 239 -95.61 11.72 -58.08
C ARG A 239 -96.41 12.44 -59.18
N HIS A 240 -97.37 11.73 -59.79
CA HIS A 240 -98.18 12.33 -60.85
C HIS A 240 -99.68 12.19 -60.57
N PHE A 241 -100.45 13.16 -61.05
CA PHE A 241 -101.89 13.18 -60.84
C PHE A 241 -102.60 12.89 -62.17
N TRP A 242 -103.60 12.00 -62.15
CA TRP A 242 -104.25 11.56 -63.38
C TRP A 242 -105.77 11.48 -63.33
N ASN A 243 -106.37 11.33 -64.51
CA ASN A 243 -107.79 11.06 -64.65
C ASN A 243 -108.01 9.61 -65.01
N ARG A 244 -109.23 9.13 -64.86
CA ARG A 244 -109.61 7.80 -65.30
C ARG A 244 -110.61 7.90 -66.43
N ALA A 245 -110.34 7.23 -67.54
CA ALA A 245 -111.28 7.20 -68.65
C ALA A 245 -112.46 6.31 -68.30
N GLY A 246 -113.64 6.69 -68.77
CA GLY A 246 -114.86 5.96 -68.47
C GLY A 246 -115.96 6.88 -67.99
N THR A 247 -117.20 6.41 -68.10
CA THR A 247 -118.35 7.20 -67.66
C THR A 247 -118.45 7.22 -66.14
N MET A 248 -118.91 8.34 -65.60
CA MET A 248 -119.05 8.49 -64.16
C MET A 248 -120.25 7.73 -63.60
N GLY A 249 -119.99 6.85 -62.63
CA GLY A 249 -121.05 6.14 -61.96
C GLY A 249 -121.84 7.10 -61.08
N ASP A 250 -121.19 7.62 -60.04
CA ASP A 250 -121.77 8.66 -59.22
C ASP A 250 -121.74 9.99 -59.98
N THR A 251 -122.91 10.56 -60.20
CA THR A 251 -123.02 11.80 -60.95
C THR A 251 -122.81 13.02 -60.07
N VAL A 252 -122.01 13.97 -60.56
CA VAL A 252 -121.71 15.19 -59.82
C VAL A 252 -122.96 16.05 -59.62
N PRO A 253 -123.26 16.38 -58.36
CA PRO A 253 -124.39 17.24 -57.99
C PRO A 253 -124.31 18.60 -58.68
N GLN A 254 -125.44 19.07 -59.20
CA GLN A 254 -125.48 20.32 -59.96
C GLN A 254 -125.13 21.52 -59.09
N SER A 255 -125.30 21.39 -57.78
CA SER A 255 -125.08 22.49 -56.85
C SER A 255 -123.61 22.69 -56.52
N LEU A 256 -122.73 21.96 -57.21
CA LEU A 256 -121.31 22.03 -56.92
C LEU A 256 -120.50 22.74 -58.00
N TYR A 257 -121.16 23.16 -59.07
CA TYR A 257 -120.47 23.89 -60.13
C TYR A 257 -121.42 24.71 -60.99
N ILE A 258 -120.85 25.63 -61.77
CA ILE A 258 -121.62 26.39 -62.74
C ILE A 258 -121.42 25.76 -64.12
N LYS A 259 -122.51 25.40 -64.78
CA LYS A 259 -122.44 24.82 -66.11
C LYS A 259 -121.83 25.80 -67.11
N GLY A 260 -121.07 25.27 -68.07
CA GLY A 260 -120.51 26.08 -69.12
C GLY A 260 -121.14 25.69 -70.44
N THR A 261 -120.38 25.85 -71.52
CA THR A 261 -120.85 25.49 -72.84
C THR A 261 -119.81 24.69 -73.60
N GLY A 262 -120.26 23.98 -74.64
CA GLY A 262 -119.37 23.14 -75.43
C GLY A 262 -118.92 21.94 -74.64
N MET A 263 -117.61 21.69 -74.64
CA MET A 263 -117.06 20.58 -73.87
C MET A 263 -117.17 20.86 -72.38
N ARG A 264 -117.28 22.14 -72.03
CA ARG A 264 -117.37 22.53 -70.63
C ARG A 264 -118.81 22.68 -70.17
N ALA A 265 -119.73 22.11 -70.94
CA ALA A 265 -121.14 22.12 -70.58
C ALA A 265 -121.42 21.09 -69.49
N SER A 266 -120.77 19.93 -69.61
CA SER A 266 -120.90 18.87 -68.63
C SER A 266 -119.52 18.51 -68.07
N PRO A 267 -119.46 18.20 -66.76
CA PRO A 267 -118.20 17.81 -66.12
C PRO A 267 -117.61 16.53 -66.70
N GLY A 268 -116.29 16.49 -66.80
CA GLY A 268 -115.59 15.32 -67.28
C GLY A 268 -115.47 14.26 -66.20
N SER A 269 -114.27 13.70 -66.08
CA SER A 269 -114.02 12.64 -65.11
C SER A 269 -113.56 13.22 -63.77
N CYS A 270 -114.27 12.85 -62.71
CA CYS A 270 -113.89 13.28 -61.37
C CYS A 270 -113.50 12.07 -60.53
N VAL A 271 -112.78 11.13 -61.16
CA VAL A 271 -112.14 10.05 -60.44
C VAL A 271 -110.63 10.18 -60.62
N TYR A 272 -109.97 10.68 -59.59
CA TYR A 272 -108.54 10.91 -59.65
C TYR A 272 -107.79 9.81 -58.91
N SER A 273 -106.54 9.57 -59.31
CA SER A 273 -105.73 8.53 -58.69
C SER A 273 -104.24 8.81 -58.91
N PRO A 274 -103.54 9.17 -57.84
CA PRO A 274 -102.12 9.53 -57.94
C PRO A 274 -101.23 8.31 -58.11
N SER A 275 -100.18 8.45 -58.92
CA SER A 275 -99.18 7.39 -59.01
C SER A 275 -98.33 7.43 -57.75
N PRO A 276 -98.28 6.30 -57.03
CA PRO A 276 -97.50 6.25 -55.78
C PRO A 276 -96.01 6.33 -56.08
N SER A 277 -95.22 6.61 -55.04
CA SER A 277 -93.77 6.63 -55.18
C SER A 277 -93.10 6.67 -53.82
N GLY A 278 -92.31 5.66 -53.51
CA GLY A 278 -91.41 5.73 -52.39
C GLY A 278 -90.31 6.69 -52.80
N SER A 279 -89.85 7.54 -51.88
CA SER A 279 -88.85 8.53 -52.23
C SER A 279 -87.46 7.89 -52.28
N ILE A 280 -86.53 8.47 -51.53
CA ILE A 280 -85.17 7.94 -51.45
C ILE A 280 -85.14 6.66 -50.61
N VAL A 281 -84.49 5.63 -51.13
CA VAL A 281 -84.21 4.44 -50.35
C VAL A 281 -82.76 4.48 -49.90
N THR A 282 -82.56 4.48 -48.58
CA THR A 282 -81.21 4.54 -48.01
C THR A 282 -80.97 3.39 -47.04
N SER A 283 -79.71 3.16 -46.70
CA SER A 283 -79.33 2.08 -45.80
C SER A 283 -79.46 2.52 -44.35
N ASP A 284 -79.55 3.83 -44.14
CA ASP A 284 -79.65 4.39 -42.79
C ASP A 284 -81.01 4.12 -42.17
N SER A 285 -82.00 3.82 -43.01
CA SER A 285 -83.33 3.48 -42.53
C SER A 285 -83.67 2.02 -42.84
N GLN A 286 -82.63 1.18 -42.85
CA GLN A 286 -82.83 -0.24 -43.12
C GLN A 286 -83.23 -0.98 -41.86
N LEU A 287 -84.01 -2.05 -42.03
CA LEU A 287 -84.62 -2.73 -40.90
C LEU A 287 -84.03 -4.13 -40.71
N PHE A 288 -83.33 -4.62 -41.73
CA PHE A 288 -82.80 -5.98 -41.69
C PHE A 288 -81.27 -5.99 -41.60
N ASN A 289 -80.69 -7.19 -41.62
CA ASN A 289 -79.26 -7.40 -41.38
C ASN A 289 -78.82 -6.89 -40.00
N LYS A 290 -79.80 -6.67 -39.13
CA LYS A 290 -79.57 -6.29 -37.75
C LYS A 290 -80.27 -7.31 -36.86
N PRO A 291 -79.67 -7.66 -35.72
CA PRO A 291 -80.33 -8.64 -34.85
C PRO A 291 -81.43 -8.00 -34.02
N TYR A 292 -82.41 -8.80 -33.62
CA TYR A 292 -83.47 -8.31 -32.75
C TYR A 292 -83.77 -9.33 -31.65
N TRP A 293 -83.80 -8.85 -30.42
CA TRP A 293 -84.02 -9.71 -29.28
C TRP A 293 -85.44 -9.56 -28.78
N LEU A 294 -86.13 -10.69 -28.63
CA LEU A 294 -87.49 -10.70 -28.13
C LEU A 294 -87.47 -10.73 -26.61
N HIS A 295 -87.15 -9.60 -26.00
CA HIS A 295 -87.02 -9.49 -24.55
C HIS A 295 -88.31 -9.88 -23.84
N LYS A 296 -89.37 -9.13 -24.12
CA LYS A 296 -90.70 -9.41 -23.57
C LYS A 296 -91.75 -9.01 -24.60
N ALA A 297 -92.46 -10.00 -25.12
CA ALA A 297 -93.37 -9.81 -26.25
C ALA A 297 -94.51 -8.84 -25.94
N GLN A 298 -95.25 -8.46 -26.98
CA GLN A 298 -96.37 -7.54 -26.84
C GLN A 298 -97.64 -8.24 -26.39
N GLY A 299 -97.78 -9.50 -26.78
CA GLY A 299 -98.97 -10.28 -26.44
C GLY A 299 -98.77 -11.13 -25.22
N HIS A 300 -99.59 -12.16 -25.07
CA HIS A 300 -99.49 -13.07 -23.95
C HIS A 300 -98.51 -14.20 -24.23
N ASN A 301 -98.31 -14.52 -25.51
CA ASN A 301 -97.25 -15.44 -25.91
C ASN A 301 -95.92 -14.70 -25.97
N ASN A 302 -94.95 -15.19 -25.23
CA ASN A 302 -93.64 -14.55 -25.16
C ASN A 302 -92.61 -15.25 -26.04
N GLY A 303 -92.99 -15.52 -27.28
CA GLY A 303 -92.08 -16.17 -28.22
C GLY A 303 -92.04 -17.68 -28.06
N VAL A 304 -93.05 -18.23 -27.41
CA VAL A 304 -93.16 -19.68 -27.25
C VAL A 304 -93.64 -20.31 -28.55
N CYS A 305 -92.83 -21.20 -29.10
CA CYS A 305 -93.12 -21.80 -30.41
C CYS A 305 -93.87 -23.12 -30.27
N TRP A 306 -95.19 -23.03 -30.11
CA TRP A 306 -96.05 -24.21 -30.05
C TRP A 306 -95.96 -24.98 -31.36
N HIS A 307 -96.16 -26.30 -31.28
CA HIS A 307 -96.08 -27.21 -32.43
C HIS A 307 -94.69 -27.21 -33.06
N ASN A 308 -93.71 -26.68 -32.34
CA ASN A 308 -92.34 -26.59 -32.84
C ASN A 308 -92.32 -25.91 -34.19
N GLN A 309 -93.09 -24.83 -34.28
CA GLN A 309 -93.29 -24.10 -35.52
C GLN A 309 -93.02 -22.61 -35.30
N LEU A 310 -92.59 -21.94 -36.36
CA LEU A 310 -92.36 -20.51 -36.29
C LEU A 310 -92.67 -19.88 -37.64
N PHE A 311 -93.45 -18.80 -37.62
CA PHE A 311 -93.85 -18.14 -38.85
C PHE A 311 -93.17 -16.79 -38.99
N VAL A 312 -92.41 -16.62 -40.06
CA VAL A 312 -91.71 -15.37 -40.32
C VAL A 312 -92.30 -14.70 -41.55
N THR A 313 -93.02 -13.59 -41.33
CA THR A 313 -93.59 -12.84 -42.43
C THR A 313 -92.75 -11.59 -42.70
N VAL A 314 -92.15 -11.52 -43.88
CA VAL A 314 -91.21 -10.44 -44.19
C VAL A 314 -91.59 -9.73 -45.50
N VAL A 315 -91.48 -8.41 -45.49
CA VAL A 315 -91.66 -7.60 -46.68
C VAL A 315 -90.52 -6.60 -46.82
N ASP A 316 -89.80 -6.67 -47.94
CA ASP A 316 -88.71 -5.74 -48.20
C ASP A 316 -88.71 -5.28 -49.64
N THR A 317 -88.92 -3.98 -49.84
CA THR A 317 -88.98 -3.40 -51.17
C THR A 317 -87.76 -2.53 -51.47
N THR A 318 -86.87 -2.42 -50.49
CA THR A 318 -85.67 -1.60 -50.65
C THR A 318 -84.62 -2.31 -51.52
N ARG A 319 -84.98 -3.47 -52.05
CA ARG A 319 -84.10 -4.24 -52.93
C ARG A 319 -84.88 -4.76 -54.15
N SER A 320 -85.32 -3.84 -54.99
CA SER A 320 -86.25 -4.16 -56.08
C SER A 320 -85.65 -3.97 -57.48
N THR A 321 -84.34 -3.87 -57.58
CA THR A 321 -83.69 -3.73 -58.88
C THR A 321 -83.94 -4.96 -59.75
N ASN A 322 -84.58 -4.73 -60.89
CA ASN A 322 -84.86 -5.81 -61.83
C ASN A 322 -83.81 -5.89 -62.92
N LEU A 323 -83.11 -7.02 -62.97
CA LEU A 323 -82.11 -7.24 -64.01
C LEU A 323 -82.75 -7.21 -65.39
N THR A 324 -82.03 -6.63 -66.35
CA THR A 324 -82.49 -6.64 -67.74
C THR A 324 -81.60 -7.54 -68.58
N ILE A 325 -82.16 -8.63 -69.08
CA ILE A 325 -81.42 -9.57 -69.91
C ILE A 325 -81.86 -9.45 -71.36
N CYS A 326 -80.92 -9.60 -72.29
CA CYS A 326 -81.28 -9.65 -73.70
C CYS A 326 -80.32 -10.51 -74.53
N ALA A 327 -80.89 -11.42 -75.30
CA ALA A 327 -80.13 -12.24 -76.23
C ALA A 327 -80.60 -11.95 -77.65
N SER A 328 -79.70 -12.13 -78.62
CA SER A 328 -80.04 -11.83 -79.99
C SER A 328 -80.57 -13.07 -80.71
N THR A 329 -81.30 -12.84 -81.79
CA THR A 329 -81.87 -13.94 -82.58
C THR A 329 -80.78 -14.60 -83.40
N GLN A 330 -79.82 -13.80 -83.86
CA GLN A 330 -78.71 -14.34 -84.65
C GLN A 330 -77.59 -14.81 -83.74
N SER A 331 -76.89 -15.87 -84.17
CA SER A 331 -75.83 -16.47 -83.37
C SER A 331 -74.49 -15.71 -83.44
N PRO A 332 -74.06 -15.31 -84.66
CA PRO A 332 -72.79 -14.56 -84.67
C PRO A 332 -72.91 -13.15 -84.12
N VAL A 333 -74.11 -12.76 -83.71
CA VAL A 333 -74.40 -11.42 -83.18
C VAL A 333 -73.98 -10.35 -84.19
N PRO A 334 -74.93 -9.91 -85.01
CA PRO A 334 -74.71 -8.99 -86.14
C PRO A 334 -74.02 -7.68 -85.77
N GLY A 335 -73.30 -7.09 -86.73
CA GLY A 335 -72.61 -5.84 -86.52
C GLY A 335 -73.47 -4.66 -86.90
N GLN A 336 -74.71 -4.94 -87.25
CA GLN A 336 -75.70 -3.91 -87.57
C GLN A 336 -76.85 -3.97 -86.57
N TYR A 337 -77.11 -2.85 -85.90
CA TYR A 337 -78.16 -2.84 -84.89
C TYR A 337 -79.55 -2.88 -85.52
N ASP A 338 -80.39 -3.72 -84.93
CA ASP A 338 -81.79 -3.83 -85.32
C ASP A 338 -82.58 -4.37 -84.14
N ALA A 339 -83.39 -3.52 -83.54
CA ALA A 339 -84.14 -3.84 -82.32
C ALA A 339 -84.93 -5.13 -82.41
N THR A 340 -85.46 -5.42 -83.61
CA THR A 340 -86.30 -6.60 -83.80
C THR A 340 -85.52 -7.91 -83.63
N LYS A 341 -84.21 -7.83 -83.70
CA LYS A 341 -83.36 -9.03 -83.65
C LYS A 341 -82.82 -9.27 -82.25
N PHE A 342 -83.48 -8.68 -81.25
CA PHE A 342 -83.09 -8.84 -79.86
C PHE A 342 -84.30 -9.15 -78.98
N LYS A 343 -84.16 -10.13 -78.11
CA LYS A 343 -85.22 -10.48 -77.17
C LYS A 343 -84.94 -9.97 -75.77
N GLN A 344 -85.77 -9.04 -75.31
CA GLN A 344 -85.61 -8.47 -73.98
C GLN A 344 -86.30 -9.32 -72.92
N TYR A 345 -85.59 -9.60 -71.83
CA TYR A 345 -86.18 -10.29 -70.70
C TYR A 345 -86.04 -9.45 -69.44
N SER A 346 -86.85 -9.75 -68.44
CA SER A 346 -86.79 -9.04 -67.17
C SER A 346 -86.87 -10.02 -66.01
N ARG A 347 -85.84 -10.03 -65.18
CA ARG A 347 -85.78 -10.96 -64.06
C ARG A 347 -85.56 -10.24 -62.74
N HIS A 348 -86.01 -10.84 -61.66
CA HIS A 348 -85.79 -10.28 -60.34
C HIS A 348 -85.32 -11.36 -59.37
N VAL A 349 -84.49 -10.97 -58.41
CA VAL A 349 -83.92 -11.92 -57.48
C VAL A 349 -84.26 -11.61 -56.01
N GLU A 350 -84.46 -12.68 -55.24
CA GLU A 350 -84.71 -12.57 -53.81
C GLU A 350 -83.75 -13.46 -53.02
N GLU A 351 -82.85 -12.84 -52.27
CA GLU A 351 -81.87 -13.58 -51.47
C GLU A 351 -82.07 -13.32 -49.98
N TYR A 352 -82.39 -14.38 -49.24
CA TYR A 352 -82.63 -14.28 -47.80
C TYR A 352 -81.68 -15.14 -46.97
N ASP A 353 -81.64 -14.87 -45.67
CA ASP A 353 -80.93 -15.70 -44.70
C ASP A 353 -81.55 -15.55 -43.32
N LEU A 354 -82.07 -16.64 -42.79
CA LEU A 354 -82.73 -16.61 -41.49
C LEU A 354 -81.84 -17.17 -40.39
N GLN A 355 -81.74 -16.44 -39.28
CA GLN A 355 -80.95 -16.87 -38.14
C GLN A 355 -81.77 -16.79 -36.85
N PHE A 356 -81.72 -17.83 -36.03
CA PHE A 356 -82.47 -17.84 -34.79
C PHE A 356 -81.64 -18.27 -33.59
N ILE A 357 -81.97 -17.71 -32.43
CA ILE A 357 -81.48 -18.21 -31.16
C ILE A 357 -82.65 -18.74 -30.37
N PHE A 358 -82.72 -20.06 -30.20
CA PHE A 358 -83.82 -20.68 -29.47
C PHE A 358 -83.41 -21.06 -28.05
N GLN A 359 -84.33 -20.87 -27.12
CA GLN A 359 -84.10 -21.21 -25.73
C GLN A 359 -85.01 -22.38 -25.33
N LEU A 360 -84.43 -23.41 -24.73
CA LEU A 360 -85.19 -24.59 -24.30
C LEU A 360 -86.03 -24.28 -23.08
N CYS A 361 -87.28 -24.73 -23.07
CA CYS A 361 -88.21 -24.40 -21.99
C CYS A 361 -89.08 -25.59 -21.58
N THR A 362 -89.43 -25.64 -20.30
CA THR A 362 -90.20 -26.75 -19.75
C THR A 362 -91.60 -26.32 -19.29
N ILE A 363 -92.57 -27.21 -19.49
CA ILE A 363 -93.92 -27.01 -18.98
C ILE A 363 -94.29 -28.12 -18.01
N THR A 364 -94.42 -27.79 -16.74
CA THR A 364 -94.83 -28.78 -15.75
C THR A 364 -96.31 -29.10 -15.91
N LEU A 365 -96.59 -30.26 -16.50
CA LEU A 365 -97.96 -30.67 -16.76
C LEU A 365 -98.71 -30.97 -15.47
N THR A 366 -99.58 -30.04 -15.06
CA THR A 366 -100.44 -30.23 -13.89
C THR A 366 -101.90 -30.21 -14.31
N ALA A 367 -102.79 -30.45 -13.35
CA ALA A 367 -104.22 -30.54 -13.59
C ALA A 367 -104.75 -29.35 -14.40
N ASP A 368 -104.70 -28.17 -13.80
CA ASP A 368 -105.23 -26.96 -14.43
C ASP A 368 -104.41 -26.53 -15.64
N VAL A 369 -103.10 -26.77 -15.60
CA VAL A 369 -102.22 -26.42 -16.71
C VAL A 369 -102.67 -27.10 -18.00
N MET A 370 -102.84 -28.43 -17.95
CA MET A 370 -103.25 -29.17 -19.14
C MET A 370 -104.66 -28.79 -19.59
N SER A 371 -105.52 -28.45 -18.64
CA SER A 371 -106.88 -28.04 -18.97
C SER A 371 -106.87 -26.64 -19.56
N TYR A 372 -105.82 -25.88 -19.24
CA TYR A 372 -105.59 -24.59 -19.87
C TYR A 372 -105.16 -24.80 -21.32
N ILE A 373 -104.12 -25.63 -21.50
CA ILE A 373 -103.62 -25.98 -22.82
C ILE A 373 -104.74 -26.58 -23.66
N GLN A 374 -105.63 -27.30 -22.99
CA GLN A 374 -106.79 -27.88 -23.65
C GLN A 374 -107.67 -26.80 -24.28
N SER A 375 -107.90 -25.72 -23.54
CA SER A 375 -108.74 -24.63 -24.02
C SER A 375 -108.02 -23.82 -25.10
N MET A 376 -106.75 -23.55 -24.89
CA MET A 376 -105.95 -22.79 -25.84
C MET A 376 -105.89 -23.49 -27.20
N ASN A 377 -105.36 -24.70 -27.18
CA ASN A 377 -105.19 -25.50 -28.39
C ASN A 377 -105.03 -26.96 -28.01
N SER A 378 -106.10 -27.73 -28.18
CA SER A 378 -106.13 -29.14 -27.83
C SER A 378 -105.03 -29.95 -28.53
N SER A 379 -104.73 -29.56 -29.77
CA SER A 379 -103.79 -30.30 -30.61
C SER A 379 -102.36 -30.27 -30.08
N ILE A 380 -102.06 -29.32 -29.20
CA ILE A 380 -100.74 -29.25 -28.60
C ILE A 380 -100.50 -30.45 -27.68
N LEU A 381 -101.51 -30.80 -26.89
CA LEU A 381 -101.42 -31.94 -25.99
C LEU A 381 -101.45 -33.25 -26.75
N GLU A 382 -101.95 -33.22 -27.99
CA GLU A 382 -102.04 -34.41 -28.81
C GLU A 382 -100.67 -34.89 -29.29
N ASP A 383 -99.83 -33.95 -29.70
CA ASP A 383 -98.52 -34.30 -30.25
C ASP A 383 -97.59 -34.84 -29.19
N TRP A 384 -97.74 -34.34 -27.97
CA TRP A 384 -96.93 -34.81 -26.85
C TRP A 384 -97.33 -36.21 -26.44
N ASN A 385 -98.50 -36.65 -26.92
CA ASN A 385 -99.09 -37.94 -26.57
C ASN A 385 -99.30 -38.08 -25.07
N ASN A 391 -101.27 -37.54 -39.00
CA ASN A 391 -101.92 -36.36 -38.45
C ASN A 391 -102.15 -35.27 -39.50
N LYS A 392 -103.19 -34.47 -39.30
CA LYS A 392 -103.51 -33.40 -40.22
C LYS A 392 -103.15 -32.03 -39.64
N ASP A 393 -102.67 -31.15 -40.51
CA ASP A 393 -102.29 -29.80 -40.10
C ASP A 393 -103.26 -28.79 -40.71
N PRO A 394 -103.71 -27.82 -39.90
CA PRO A 394 -104.72 -26.84 -40.33
C PRO A 394 -104.22 -25.82 -41.37
N TYR A 395 -102.95 -25.91 -41.74
CA TYR A 395 -102.36 -24.93 -42.66
C TYR A 395 -101.92 -25.56 -43.98
N ASP A 396 -102.08 -26.87 -44.10
CA ASP A 396 -101.64 -27.60 -45.28
C ASP A 396 -102.39 -27.22 -46.56
N LYS A 397 -103.33 -26.29 -46.43
CA LYS A 397 -104.05 -25.75 -47.58
C LYS A 397 -103.40 -24.47 -48.08
N LEU A 398 -102.40 -24.00 -47.34
CA LEU A 398 -101.83 -22.69 -47.62
C LEU A 398 -100.39 -22.78 -48.14
N LYS A 399 -100.04 -21.85 -49.03
CA LYS A 399 -98.70 -21.81 -49.62
C LYS A 399 -97.70 -21.11 -48.71
N PHE A 400 -96.71 -21.86 -48.24
CA PHE A 400 -95.65 -21.30 -47.42
C PHE A 400 -94.29 -21.62 -48.02
N TRP A 401 -93.25 -20.98 -47.51
CA TRP A 401 -91.88 -21.30 -47.86
C TRP A 401 -91.29 -22.13 -46.72
N ASN A 402 -91.29 -23.45 -46.90
CA ASN A 402 -90.85 -24.37 -45.86
C ASN A 402 -89.35 -24.27 -45.61
N VAL A 403 -88.99 -23.99 -44.35
CA VAL A 403 -87.60 -23.96 -43.93
C VAL A 403 -87.36 -24.97 -42.83
N ASP A 404 -86.86 -26.14 -43.20
CA ASP A 404 -86.57 -27.18 -42.22
C ASP A 404 -85.26 -26.88 -41.48
N LEU A 405 -85.35 -26.73 -40.17
CA LEU A 405 -84.18 -26.45 -39.34
C LEU A 405 -83.91 -27.59 -38.35
N LYS A 406 -84.46 -28.77 -38.64
CA LYS A 406 -84.32 -29.92 -37.76
C LYS A 406 -82.86 -30.38 -37.65
N GLU A 407 -82.04 -30.04 -38.63
CA GLU A 407 -80.64 -30.43 -38.64
C GLU A 407 -79.72 -29.22 -38.56
N LYS A 408 -80.26 -28.11 -38.05
CA LYS A 408 -79.54 -26.84 -38.05
C LYS A 408 -79.35 -26.29 -36.63
N PHE A 409 -79.76 -27.06 -35.63
CA PHE A 409 -79.60 -26.65 -34.24
C PHE A 409 -78.20 -26.96 -33.76
N SER A 410 -77.58 -26.00 -33.09
CA SER A 410 -76.25 -26.18 -32.53
C SER A 410 -76.18 -25.57 -31.14
N LEU A 411 -75.33 -26.15 -30.28
CA LEU A 411 -75.23 -25.69 -28.91
C LEU A 411 -74.23 -24.53 -28.75
N ASP A 412 -73.09 -24.64 -29.43
CA ASP A 412 -72.08 -23.59 -29.35
C ASP A 412 -72.51 -22.33 -30.11
N LEU A 413 -72.99 -21.34 -29.38
CA LEU A 413 -73.41 -20.07 -29.98
C LEU A 413 -72.21 -19.34 -30.58
N ASP A 414 -71.08 -19.47 -29.91
CA ASP A 414 -69.84 -18.80 -30.27
C ASP A 414 -69.46 -19.00 -31.74
N GLN A 415 -69.86 -20.15 -32.30
CA GLN A 415 -69.48 -20.52 -33.66
C GLN A 415 -70.24 -19.77 -34.75
N TYR A 416 -71.28 -19.03 -34.38
CA TYR A 416 -72.14 -18.40 -35.37
C TYR A 416 -72.26 -16.89 -35.13
N PRO A 417 -72.49 -16.12 -36.22
CA PRO A 417 -72.60 -14.66 -36.13
C PRO A 417 -73.63 -14.17 -35.12
N LEU A 418 -74.88 -14.64 -35.24
CA LEU A 418 -75.92 -14.26 -34.29
C LEU A 418 -75.57 -14.74 -32.88
N GLY A 419 -74.89 -15.88 -32.81
CA GLY A 419 -74.51 -16.45 -31.54
C GLY A 419 -73.60 -15.55 -30.73
N ARG A 420 -72.57 -15.01 -31.37
CA ARG A 420 -71.62 -14.13 -30.71
C ARG A 420 -72.27 -12.83 -30.24
N LYS A 421 -73.10 -12.25 -31.10
CA LYS A 421 -73.85 -11.05 -30.76
C LYS A 421 -74.75 -11.31 -29.56
N PHE A 422 -75.36 -12.48 -29.54
CA PHE A 422 -76.28 -12.84 -28.47
C PHE A 422 -75.56 -12.93 -27.12
N LEU A 423 -74.38 -13.53 -27.12
CA LEU A 423 -73.59 -13.69 -25.90
C LEU A 423 -73.17 -12.33 -25.34
N VAL A 424 -72.67 -11.47 -26.21
CA VAL A 424 -72.24 -10.13 -25.83
C VAL A 424 -73.38 -9.35 -25.17
N GLN A 425 -74.52 -9.32 -25.86
CA GLN A 425 -75.71 -8.59 -25.40
C GLN A 425 -76.18 -9.07 -24.04
N ALA A 426 -76.09 -10.37 -23.81
CA ALA A 426 -76.50 -10.96 -22.55
C ALA A 426 -75.51 -10.59 -21.43
N GLY A 427 -74.28 -10.30 -21.83
CA GLY A 427 -73.25 -9.88 -20.88
C GLY A 427 -72.18 -10.93 -20.66
N ALA B 1 -63.63 -26.78 -33.59
CA ALA B 1 -64.35 -25.64 -33.03
C ALA B 1 -63.49 -24.38 -33.07
N VAL B 2 -63.91 -23.41 -33.87
CA VAL B 2 -63.19 -22.14 -34.00
C VAL B 2 -63.21 -21.38 -32.66
N VAL B 3 -62.11 -20.72 -32.34
CA VAL B 3 -62.01 -19.96 -31.09
C VAL B 3 -61.71 -18.49 -31.37
N ASN B 4 -62.23 -17.60 -30.53
CA ASN B 4 -61.90 -16.19 -30.60
C ASN B 4 -60.40 -16.00 -30.38
N THR B 5 -59.79 -15.14 -31.20
CA THR B 5 -58.34 -14.93 -31.15
C THR B 5 -57.88 -14.42 -29.80
N ASP B 6 -58.77 -13.73 -29.09
CA ASP B 6 -58.46 -13.12 -27.80
C ASP B 6 -58.08 -14.14 -26.72
N ASP B 7 -58.33 -15.41 -26.99
CA ASP B 7 -58.00 -16.47 -26.06
C ASP B 7 -56.58 -17.00 -26.25
N TYR B 8 -56.05 -16.89 -27.48
CA TYR B 8 -54.69 -17.36 -27.74
C TYR B 8 -53.79 -16.28 -28.34
N VAL B 9 -54.30 -15.06 -28.48
CA VAL B 9 -53.46 -13.93 -28.88
C VAL B 9 -53.39 -12.92 -27.74
N THR B 10 -52.29 -12.96 -26.99
CA THR B 10 -52.06 -12.01 -25.91
C THR B 10 -51.59 -10.67 -26.48
N ARG B 11 -52.16 -9.58 -25.99
CA ARG B 11 -51.83 -8.26 -26.53
C ARG B 11 -50.84 -7.53 -25.63
N THR B 12 -49.92 -6.79 -26.24
CA THR B 12 -48.97 -6.00 -25.47
C THR B 12 -49.43 -4.56 -25.37
N SER B 13 -48.55 -3.69 -24.87
CA SER B 13 -48.86 -2.28 -24.71
C SER B 13 -48.09 -1.44 -25.73
N ILE B 14 -47.47 -2.13 -26.68
CA ILE B 14 -46.64 -1.48 -27.69
C ILE B 14 -47.43 -1.19 -28.96
N PHE B 15 -47.57 0.09 -29.27
CA PHE B 15 -48.30 0.52 -30.45
C PHE B 15 -47.40 1.21 -31.48
N TYR B 16 -47.59 0.85 -32.75
CA TYR B 16 -46.87 1.52 -33.85
C TYR B 16 -47.84 2.29 -34.73
N HIS B 17 -47.34 3.35 -35.38
CA HIS B 17 -48.11 4.06 -36.40
C HIS B 17 -47.47 3.81 -37.76
N ALA B 18 -48.31 3.58 -38.76
CA ALA B 18 -47.85 3.36 -40.13
C ALA B 18 -48.79 4.01 -41.14
N GLY B 19 -48.23 4.82 -42.03
CA GLY B 19 -49.03 5.47 -43.04
C GLY B 19 -48.41 5.43 -44.42
N SER B 20 -49.24 5.19 -45.43
CA SER B 20 -48.79 5.30 -46.81
C SER B 20 -48.43 6.75 -47.08
N SER B 21 -47.73 6.99 -48.19
CA SER B 21 -47.45 8.35 -48.61
C SER B 21 -48.74 9.02 -49.08
N ARG B 22 -48.83 9.25 -50.38
CA ARG B 22 -50.06 9.74 -50.97
C ARG B 22 -50.39 8.91 -52.20
N LEU B 23 -51.25 7.93 -52.04
CA LEU B 23 -51.67 7.08 -53.15
C LEU B 23 -52.50 7.92 -54.13
N LEU B 24 -52.02 8.02 -55.36
CA LEU B 24 -52.65 8.88 -56.35
C LEU B 24 -52.69 8.21 -57.71
N THR B 25 -53.77 8.45 -58.46
CA THR B 25 -53.91 7.90 -59.79
C THR B 25 -54.89 8.71 -60.62
N VAL B 26 -54.58 8.86 -61.91
CA VAL B 26 -55.43 9.59 -62.85
C VAL B 26 -55.67 8.74 -64.10
N GLY B 27 -56.75 9.03 -64.81
CA GLY B 27 -57.04 8.32 -66.05
C GLY B 27 -58.43 8.57 -66.60
N ASP B 28 -58.84 7.76 -67.58
CA ASP B 28 -60.16 7.87 -68.19
C ASP B 28 -61.20 7.17 -67.34
N PRO B 29 -62.35 7.81 -67.10
CA PRO B 29 -63.35 7.24 -66.20
C PRO B 29 -64.25 6.18 -66.86
N TYR B 30 -64.16 6.00 -68.17
CA TYR B 30 -65.09 5.14 -68.88
C TYR B 30 -64.42 3.88 -69.45
N PHE B 31 -63.19 4.04 -69.91
CA PHE B 31 -62.46 2.95 -70.57
C PHE B 31 -60.98 3.29 -70.68
N ARG B 32 -60.12 2.27 -70.62
CA ARG B 32 -58.69 2.54 -70.77
C ARG B 32 -58.41 2.92 -72.23
N VAL B 33 -57.51 3.88 -72.41
CA VAL B 33 -57.15 4.35 -73.74
C VAL B 33 -55.84 3.72 -74.19
N PRO B 34 -55.93 2.78 -75.16
CA PRO B 34 -54.78 2.03 -75.68
C PRO B 34 -53.58 2.92 -76.00
N ALA B 35 -52.40 2.53 -75.54
CA ALA B 35 -51.22 3.39 -75.58
C ALA B 35 -50.78 3.74 -77.00
N GLY B 36 -50.01 4.81 -77.11
CA GLY B 36 -49.37 5.19 -78.36
C GLY B 36 -50.25 5.76 -79.46
N GLY B 37 -51.56 5.61 -79.31
CA GLY B 37 -52.51 6.07 -80.32
C GLY B 37 -52.36 7.55 -80.64
N GLY B 38 -52.21 8.35 -79.60
CA GLY B 38 -51.94 9.77 -79.76
C GLY B 38 -50.75 10.17 -78.91
N ASN B 39 -50.51 9.42 -77.83
CA ASN B 39 -49.41 9.70 -76.94
C ASN B 39 -48.87 8.46 -76.24
N LYS B 40 -47.59 8.50 -75.90
CA LYS B 40 -46.90 7.43 -75.18
C LYS B 40 -47.63 7.00 -73.91
N GLN B 41 -47.58 5.70 -73.63
CA GLN B 41 -48.11 5.09 -72.40
C GLN B 41 -49.63 5.03 -72.34
N ASP B 42 -50.14 3.96 -71.75
CA ASP B 42 -51.59 3.75 -71.61
C ASP B 42 -52.22 4.76 -70.68
N ILE B 43 -53.51 5.02 -70.87
CA ILE B 43 -54.31 5.79 -69.93
C ILE B 43 -55.26 4.82 -69.23
N PRO B 44 -55.02 4.54 -67.95
CA PRO B 44 -55.82 3.55 -67.23
C PRO B 44 -57.27 3.97 -67.08
N LYS B 45 -58.17 3.00 -66.98
CA LYS B 45 -59.54 3.31 -66.60
C LYS B 45 -59.59 3.59 -65.09
N VAL B 46 -59.93 4.81 -64.72
CA VAL B 46 -60.01 5.16 -63.31
C VAL B 46 -61.36 5.82 -63.02
N SER B 47 -62.29 5.04 -62.49
CA SER B 47 -63.63 5.54 -62.19
C SER B 47 -63.87 5.61 -60.69
N ALA B 48 -64.84 6.41 -60.27
CA ALA B 48 -65.19 6.48 -58.86
C ALA B 48 -66.03 5.28 -58.48
N TYR B 49 -66.58 4.61 -59.49
CA TYR B 49 -67.47 3.49 -59.27
C TYR B 49 -66.78 2.16 -59.49
N GLN B 50 -65.53 2.06 -59.03
CA GLN B 50 -64.82 0.79 -59.02
C GLN B 50 -64.15 0.58 -57.67
N TYR B 51 -64.12 -0.66 -57.20
CA TYR B 51 -63.53 -0.99 -55.91
C TYR B 51 -62.07 -0.55 -55.83
N ARG B 52 -61.65 -0.13 -54.64
CA ARG B 52 -60.25 0.13 -54.37
C ARG B 52 -59.73 -0.90 -53.38
N VAL B 53 -58.92 -1.84 -53.84
CA VAL B 53 -58.47 -2.91 -52.95
C VAL B 53 -56.97 -2.80 -52.68
N PHE B 54 -56.64 -2.16 -51.56
CA PHE B 54 -55.25 -2.01 -51.13
C PHE B 54 -54.77 -3.24 -50.39
N ARG B 55 -53.67 -3.82 -50.85
CA ARG B 55 -53.01 -4.90 -50.13
C ARG B 55 -51.86 -4.31 -49.35
N VAL B 56 -52.09 -4.04 -48.06
CA VAL B 56 -51.07 -3.44 -47.22
C VAL B 56 -50.08 -4.50 -46.73
N GLN B 57 -48.80 -4.28 -46.96
CA GLN B 57 -47.77 -5.24 -46.61
C GLN B 57 -46.99 -4.80 -45.37
N LEU B 58 -47.18 -5.51 -44.27
CA LEU B 58 -46.55 -5.17 -43.00
C LEU B 58 -45.22 -5.88 -42.84
N PRO B 59 -44.31 -5.29 -42.05
CA PRO B 59 -43.04 -5.97 -41.74
C PRO B 59 -43.28 -7.22 -40.90
N ASP B 60 -42.39 -8.21 -41.02
CA ASP B 60 -42.45 -9.38 -40.16
C ASP B 60 -41.95 -9.01 -38.78
N PRO B 61 -42.87 -8.96 -37.79
CA PRO B 61 -42.56 -8.54 -36.42
C PRO B 61 -41.44 -9.34 -35.78
N ASN B 62 -41.24 -10.57 -36.24
CA ASN B 62 -40.18 -11.43 -35.72
C ASN B 62 -38.81 -11.04 -36.25
N LYS B 63 -38.69 -10.86 -37.56
CA LYS B 63 -37.45 -10.41 -38.17
C LYS B 63 -37.43 -8.88 -38.22
N PHE B 64 -38.00 -8.26 -37.20
CA PHE B 64 -38.13 -6.81 -37.12
C PHE B 64 -37.41 -6.29 -35.88
N GLY B 65 -36.77 -5.13 -36.02
CA GLY B 65 -36.10 -4.50 -34.89
C GLY B 65 -37.10 -4.01 -33.87
N LEU B 66 -36.95 -4.48 -32.63
CA LEU B 66 -37.86 -4.11 -31.56
C LEU B 66 -37.21 -3.06 -30.65
N PRO B 67 -38.04 -2.26 -29.95
CA PRO B 67 -37.53 -1.29 -28.98
C PRO B 67 -36.79 -1.99 -27.85
N ASP B 68 -37.12 -3.26 -27.69
CA ASP B 68 -36.50 -4.14 -26.71
C ASP B 68 -36.87 -5.57 -27.08
N THR B 69 -35.89 -6.35 -27.49
CA THR B 69 -36.17 -7.73 -27.91
C THR B 69 -36.32 -8.63 -26.68
N SER B 70 -37.08 -8.15 -25.70
CA SER B 70 -37.49 -8.94 -24.56
C SER B 70 -38.95 -8.64 -24.27
N ILE B 71 -39.76 -8.63 -25.33
CA ILE B 71 -41.20 -8.49 -25.23
C ILE B 71 -41.78 -9.90 -25.36
N TYR B 72 -40.92 -10.84 -25.74
CA TYR B 72 -41.32 -12.22 -25.94
C TYR B 72 -40.10 -13.15 -25.91
N ASN B 73 -40.36 -14.45 -25.77
CA ASN B 73 -39.31 -15.45 -25.92
C ASN B 73 -39.39 -16.10 -27.29
N PRO B 74 -38.47 -15.73 -28.19
CA PRO B 74 -38.43 -16.20 -29.58
C PRO B 74 -38.31 -17.73 -29.71
N GLU B 75 -38.08 -18.42 -28.60
CA GLU B 75 -38.07 -19.87 -28.61
C GLU B 75 -39.47 -20.43 -28.41
N THR B 76 -40.27 -19.80 -27.54
CA THR B 76 -41.57 -20.35 -27.18
C THR B 76 -42.76 -19.48 -27.62
N GLN B 77 -42.49 -18.41 -28.36
CA GLN B 77 -43.58 -17.59 -28.87
C GLN B 77 -43.20 -16.75 -30.09
N ARG B 78 -44.20 -16.45 -30.90
CA ARG B 78 -44.03 -15.60 -32.08
C ARG B 78 -44.81 -14.30 -31.89
N LEU B 79 -44.64 -13.37 -32.83
CA LEU B 79 -45.33 -12.09 -32.77
C LEU B 79 -46.26 -11.91 -33.96
N VAL B 80 -47.36 -11.20 -33.75
CA VAL B 80 -48.30 -10.85 -34.81
C VAL B 80 -48.76 -9.41 -34.64
N TRP B 81 -48.91 -8.69 -35.76
CA TRP B 81 -49.54 -7.39 -35.71
C TRP B 81 -51.06 -7.55 -35.56
N ALA B 82 -51.67 -6.67 -34.77
CA ALA B 82 -53.11 -6.65 -34.62
C ALA B 82 -53.60 -5.21 -34.75
N CYS B 83 -54.43 -4.96 -35.77
CA CYS B 83 -54.89 -3.61 -36.05
C CYS B 83 -55.71 -3.02 -34.90
N ALA B 84 -55.48 -1.74 -34.62
CA ALA B 84 -56.14 -1.06 -33.50
C ALA B 84 -56.79 0.24 -33.97
N GLY B 85 -56.25 0.85 -35.01
CA GLY B 85 -56.76 2.11 -35.52
C GLY B 85 -56.58 2.25 -37.01
N VAL B 86 -57.58 2.84 -37.66
CA VAL B 86 -57.55 3.03 -39.11
C VAL B 86 -58.13 4.39 -39.49
N GLU B 87 -57.50 5.04 -40.46
CA GLU B 87 -58.06 6.26 -41.02
C GLU B 87 -57.75 6.36 -42.51
N ILE B 88 -58.75 6.03 -43.33
CA ILE B 88 -58.63 6.24 -44.76
C ILE B 88 -58.85 7.71 -45.06
N GLY B 89 -57.92 8.31 -45.80
CA GLY B 89 -58.05 9.70 -46.17
C GLY B 89 -58.42 9.85 -47.63
N ARG B 90 -59.32 10.79 -47.91
CA ARG B 90 -59.67 11.13 -49.29
C ARG B 90 -59.26 12.57 -49.55
N GLY B 91 -58.72 12.82 -50.75
CA GLY B 91 -58.11 14.12 -51.03
C GLY B 91 -58.95 15.10 -51.83
N GLN B 92 -59.54 14.62 -52.92
CA GLN B 92 -60.31 15.49 -53.82
C GLN B 92 -61.60 16.00 -53.17
N PRO B 93 -62.07 17.18 -53.60
CA PRO B 93 -63.32 17.73 -53.07
C PRO B 93 -64.53 16.88 -53.46
N LEU B 94 -65.64 17.07 -52.75
CA LEU B 94 -66.88 16.34 -53.03
C LEU B 94 -67.48 16.77 -54.36
N GLY B 95 -67.84 15.79 -55.19
CA GLY B 95 -68.41 16.08 -56.50
C GLY B 95 -69.28 14.99 -57.07
N VAL B 96 -70.15 15.38 -58.02
CA VAL B 96 -70.99 14.42 -58.73
C VAL B 96 -70.56 14.30 -60.17
N GLY B 97 -70.57 13.08 -60.69
CA GLY B 97 -70.14 12.82 -62.05
C GLY B 97 -71.14 11.99 -62.82
N LEU B 98 -71.13 12.13 -64.15
CA LEU B 98 -72.09 11.42 -64.98
C LEU B 98 -71.44 10.31 -65.80
N SER B 99 -72.22 9.27 -66.07
CA SER B 99 -71.81 8.21 -66.98
C SER B 99 -72.91 8.07 -68.02
N GLY B 100 -72.53 7.76 -69.25
CA GLY B 100 -73.51 7.63 -70.31
C GLY B 100 -73.15 6.61 -71.37
N HIS B 101 -73.91 6.63 -72.45
CA HIS B 101 -73.70 5.75 -73.59
C HIS B 101 -74.26 6.44 -74.82
N PRO B 102 -73.45 6.54 -75.88
CA PRO B 102 -73.85 7.21 -77.13
C PRO B 102 -75.10 6.58 -77.75
N PHE B 103 -75.26 5.28 -77.56
CA PHE B 103 -76.41 4.56 -78.10
C PHE B 103 -77.13 3.78 -77.01
N TYR B 104 -77.53 4.49 -75.96
CA TYR B 104 -78.30 3.89 -74.88
C TYR B 104 -79.63 3.36 -75.42
N ASN B 105 -79.98 2.14 -75.03
CA ASN B 105 -81.24 1.55 -75.49
C ASN B 105 -82.42 2.10 -74.69
N LYS B 106 -82.85 3.31 -75.04
CA LYS B 106 -84.02 3.94 -74.45
C LYS B 106 -85.12 4.08 -75.49
N LEU B 107 -86.14 3.24 -75.39
CA LEU B 107 -87.26 3.30 -76.32
C LEU B 107 -87.98 4.64 -76.21
N ASP B 108 -88.64 4.89 -75.09
CA ASP B 108 -89.36 6.14 -74.88
C ASP B 108 -89.73 6.37 -73.41
N ASP B 109 -89.94 7.64 -73.05
CA ASP B 109 -90.35 7.98 -71.70
C ASP B 109 -91.69 7.35 -71.35
N THR B 110 -91.71 6.54 -70.29
CA THR B 110 -92.93 5.87 -69.86
C THR B 110 -93.47 6.45 -68.56
N GLU B 111 -92.72 7.38 -67.98
CA GLU B 111 -93.13 8.04 -66.74
C GLU B 111 -94.47 8.74 -66.92
N SER B 112 -94.57 9.56 -67.97
CA SER B 112 -95.80 10.26 -68.30
C SER B 112 -95.75 10.79 -69.72
N SER B 113 -95.55 9.89 -70.67
CA SER B 113 -95.44 10.27 -72.09
C SER B 113 -96.63 11.10 -72.52
N HIS B 114 -96.36 12.11 -73.35
CA HIS B 114 -97.38 13.06 -73.80
C HIS B 114 -98.55 12.34 -74.45
N ALA B 115 -98.24 11.27 -75.17
CA ALA B 115 -99.25 10.39 -75.76
C ALA B 115 -98.59 9.08 -76.16
N ALA B 116 -98.83 8.66 -77.40
CA ALA B 116 -98.15 7.51 -77.96
C ALA B 116 -96.72 7.90 -78.30
N THR B 117 -95.92 6.92 -78.72
CA THR B 117 -94.52 7.21 -79.07
C THR B 117 -94.14 6.60 -80.41
N SER B 118 -92.84 6.61 -80.70
CA SER B 118 -92.32 6.21 -82.00
C SER B 118 -92.53 4.72 -82.28
N ASN B 119 -92.52 4.39 -83.58
CA ASN B 119 -92.63 3.01 -84.03
C ASN B 119 -91.43 2.18 -83.57
N VAL B 120 -91.68 0.93 -83.20
CA VAL B 120 -90.59 0.03 -82.86
C VAL B 120 -89.90 -0.45 -84.14
N SER B 121 -89.24 0.48 -84.82
CA SER B 121 -88.63 0.21 -86.11
C SER B 121 -87.33 -0.58 -85.96
N GLU B 122 -86.22 0.15 -85.94
CA GLU B 122 -84.91 -0.48 -85.87
C GLU B 122 -84.01 0.22 -84.87
N ASP B 123 -83.47 1.38 -85.25
CA ASP B 123 -82.52 2.11 -84.41
C ASP B 123 -83.11 3.42 -83.90
N VAL B 124 -83.41 3.47 -82.61
CA VAL B 124 -83.96 4.67 -81.98
C VAL B 124 -83.12 5.07 -80.78
N ARG B 125 -81.99 4.38 -80.60
CA ARG B 125 -81.08 4.63 -79.49
C ARG B 125 -80.67 6.09 -79.37
N ASP B 126 -80.73 6.61 -78.15
CA ASP B 126 -80.44 8.01 -77.90
C ASP B 126 -79.22 8.16 -77.00
N ASN B 127 -78.54 9.30 -77.10
CA ASN B 127 -77.39 9.57 -76.25
C ASN B 127 -77.83 10.15 -74.91
N VAL B 128 -77.91 9.28 -73.90
CA VAL B 128 -78.33 9.72 -72.57
C VAL B 128 -77.21 9.51 -71.55
N SER B 129 -77.28 10.23 -70.45
CA SER B 129 -76.34 10.04 -69.35
C SER B 129 -77.12 9.83 -68.07
N VAL B 130 -76.41 9.60 -66.97
CA VAL B 130 -77.06 9.33 -65.69
C VAL B 130 -76.05 9.36 -64.56
N ASP B 131 -76.42 9.97 -63.43
CA ASP B 131 -75.57 9.88 -62.24
C ASP B 131 -75.95 8.61 -61.48
N TYR B 132 -74.95 7.86 -61.05
CA TYR B 132 -75.18 6.56 -60.43
C TYR B 132 -75.67 6.67 -58.99
N LYS B 133 -76.03 5.52 -58.43
CA LYS B 133 -76.30 5.38 -57.01
C LYS B 133 -75.07 5.79 -56.20
N GLN B 134 -75.30 6.39 -55.04
CA GLN B 134 -74.20 6.88 -54.21
C GLN B 134 -73.81 5.86 -53.14
N THR B 135 -72.55 5.41 -53.19
CA THR B 135 -72.10 4.34 -52.32
C THR B 135 -70.78 4.65 -51.61
N GLN B 136 -70.75 4.41 -50.31
CA GLN B 136 -69.52 4.42 -49.53
C GLN B 136 -69.40 3.11 -48.77
N LEU B 137 -68.23 2.48 -48.81
CA LEU B 137 -68.00 1.31 -47.98
C LEU B 137 -66.51 1.08 -47.75
N CYS B 138 -66.21 0.35 -46.68
CA CYS B 138 -64.83 0.09 -46.30
C CYS B 138 -64.71 -1.20 -45.51
N ILE B 139 -63.91 -2.12 -46.01
CA ILE B 139 -63.73 -3.42 -45.36
C ILE B 139 -62.28 -3.65 -44.94
N LEU B 140 -62.09 -4.29 -43.80
CA LEU B 140 -60.76 -4.66 -43.35
C LEU B 140 -60.70 -6.13 -42.93
N GLY B 141 -59.60 -6.79 -43.31
CA GLY B 141 -59.39 -8.19 -43.01
C GLY B 141 -58.01 -8.59 -43.48
N CYS B 142 -57.51 -9.73 -42.98
CA CYS B 142 -56.21 -10.21 -43.42
C CYS B 142 -56.37 -11.18 -44.59
N ALA B 143 -57.52 -11.07 -45.26
CA ALA B 143 -57.82 -11.83 -46.47
C ALA B 143 -58.83 -11.04 -47.29
N PRO B 144 -58.64 -11.02 -48.63
CA PRO B 144 -59.46 -10.20 -49.54
C PRO B 144 -60.97 -10.43 -49.39
N ALA B 145 -61.75 -9.37 -49.58
CA ALA B 145 -63.20 -9.45 -49.45
C ALA B 145 -63.83 -10.23 -50.58
N ILE B 146 -64.93 -10.92 -50.29
CA ILE B 146 -65.63 -11.73 -51.29
C ILE B 146 -66.80 -10.95 -51.87
N GLY B 147 -67.01 -11.07 -53.18
CA GLY B 147 -68.13 -10.42 -53.83
C GLY B 147 -69.04 -11.38 -54.56
N GLU B 148 -70.29 -10.97 -54.76
CA GLU B 148 -71.26 -11.77 -55.50
C GLU B 148 -71.76 -11.01 -56.72
N HIS B 149 -72.12 -11.76 -57.77
CA HIS B 149 -72.69 -11.17 -58.98
C HIS B 149 -73.42 -12.22 -59.83
N TRP B 150 -74.21 -11.76 -60.79
CA TRP B 150 -75.01 -12.65 -61.62
C TRP B 150 -74.40 -12.89 -63.00
N ALA B 151 -74.07 -14.15 -63.30
CA ALA B 151 -73.60 -14.56 -64.62
C ALA B 151 -74.40 -15.76 -65.11
N LYS B 152 -74.42 -15.98 -66.42
CA LYS B 152 -75.01 -17.21 -66.97
C LYS B 152 -74.01 -18.35 -66.93
N GLY B 153 -74.36 -19.36 -66.13
CA GLY B 153 -73.51 -20.49 -65.85
C GLY B 153 -73.11 -21.29 -67.07
N THR B 154 -73.71 -22.46 -67.24
CA THR B 154 -73.49 -23.28 -68.43
C THR B 154 -74.73 -24.10 -68.82
N ALA B 155 -74.92 -24.31 -70.12
CA ALA B 155 -75.97 -25.19 -70.59
C ALA B 155 -75.60 -26.64 -70.36
N SER B 156 -76.35 -27.32 -69.52
CA SER B 156 -76.10 -28.73 -69.24
C SER B 156 -76.46 -29.59 -70.45
N LYS B 157 -75.68 -30.66 -70.66
CA LYS B 157 -75.86 -31.64 -71.74
C LYS B 157 -77.31 -31.99 -72.07
N SER B 158 -78.15 -32.03 -71.05
CA SER B 158 -79.58 -32.27 -71.18
C SER B 158 -80.27 -31.25 -72.12
N ARG B 159 -80.84 -30.20 -71.54
CA ARG B 159 -81.51 -29.16 -72.33
C ARG B 159 -80.51 -28.31 -73.09
N PRO B 160 -80.93 -27.72 -74.21
CA PRO B 160 -80.08 -26.67 -74.75
C PRO B 160 -80.63 -25.29 -74.47
N LEU B 161 -79.70 -24.33 -74.54
CA LEU B 161 -79.96 -22.90 -74.66
C LEU B 161 -80.26 -22.48 -76.12
N SER B 162 -81.52 -22.42 -76.50
CA SER B 162 -81.90 -21.97 -77.85
C SER B 162 -81.37 -20.54 -78.10
N GLN B 163 -80.90 -20.27 -79.32
CA GLN B 163 -80.46 -18.92 -79.68
C GLN B 163 -81.64 -17.97 -79.65
N GLY B 164 -81.66 -17.13 -78.63
CA GLY B 164 -82.71 -16.16 -78.45
C GLY B 164 -83.38 -16.27 -77.09
N ASP B 165 -83.39 -17.47 -76.52
CA ASP B 165 -84.04 -17.70 -75.23
C ASP B 165 -83.24 -17.09 -74.08
N CYS B 166 -83.90 -16.90 -72.93
CA CYS B 166 -83.24 -16.33 -71.76
C CYS B 166 -82.43 -17.39 -71.02
N PRO B 167 -81.17 -17.05 -70.71
CA PRO B 167 -80.25 -17.93 -69.97
C PRO B 167 -80.58 -18.02 -68.48
N PRO B 168 -80.15 -19.10 -67.82
CA PRO B 168 -80.32 -19.24 -66.37
C PRO B 168 -79.31 -18.41 -65.59
N LEU B 169 -79.76 -17.79 -64.50
CA LEU B 169 -78.91 -16.91 -63.71
C LEU B 169 -78.27 -17.67 -62.56
N GLU B 170 -76.95 -17.62 -62.48
CA GLU B 170 -76.23 -18.27 -61.39
C GLU B 170 -75.47 -17.25 -60.54
N LEU B 171 -75.71 -17.30 -59.23
CA LEU B 171 -74.96 -16.46 -58.31
C LEU B 171 -73.53 -16.98 -58.24
N LYS B 172 -72.56 -16.09 -58.38
CA LYS B 172 -71.16 -16.48 -58.38
C LYS B 172 -70.35 -15.67 -57.37
N ASN B 173 -69.79 -16.37 -56.38
CA ASN B 173 -68.89 -15.76 -55.43
C ASN B 173 -67.52 -15.55 -56.07
N THR B 174 -66.85 -14.48 -55.68
CA THR B 174 -65.55 -14.14 -56.24
C THR B 174 -64.81 -13.13 -55.38
N VAL B 175 -63.50 -13.02 -55.59
CA VAL B 175 -62.67 -12.06 -54.90
C VAL B 175 -62.80 -10.67 -55.52
N LEU B 176 -63.00 -9.66 -54.67
CA LEU B 176 -62.99 -8.27 -55.12
C LEU B 176 -61.55 -7.82 -55.37
N GLU B 177 -61.16 -7.71 -56.63
CA GLU B 177 -59.85 -7.18 -56.99
C GLU B 177 -59.95 -5.66 -57.13
N ASP B 178 -58.81 -4.99 -57.16
CA ASP B 178 -58.82 -3.54 -57.39
C ASP B 178 -59.21 -3.26 -58.84
N GLY B 179 -60.20 -2.40 -59.03
CA GLY B 179 -60.64 -2.06 -60.37
C GLY B 179 -62.01 -2.61 -60.73
N ASP B 180 -62.47 -3.60 -59.96
CA ASP B 180 -63.80 -4.18 -60.17
C ASP B 180 -64.87 -3.12 -59.97
N MET B 181 -65.91 -3.15 -60.80
CA MET B 181 -66.97 -2.15 -60.71
C MET B 181 -68.01 -2.52 -59.65
N VAL B 182 -68.54 -1.51 -58.97
CA VAL B 182 -69.54 -1.72 -57.92
C VAL B 182 -70.93 -1.67 -58.52
N ASP B 183 -71.94 -2.06 -57.73
CA ASP B 183 -73.32 -1.89 -58.16
C ASP B 183 -73.61 -0.41 -58.29
N THR B 184 -74.12 -0.02 -59.45
CA THR B 184 -74.39 1.38 -59.74
C THR B 184 -75.89 1.67 -59.75
N GLY B 185 -76.68 0.65 -59.46
CA GLY B 185 -78.12 0.76 -59.49
C GLY B 185 -78.72 0.00 -60.65
N TYR B 186 -77.86 -0.64 -61.44
CA TYR B 186 -78.32 -1.47 -62.55
C TYR B 186 -78.23 -2.94 -62.17
N GLY B 187 -78.09 -3.20 -60.88
CA GLY B 187 -77.93 -4.54 -60.39
C GLY B 187 -76.47 -4.96 -60.45
N ALA B 188 -76.14 -6.05 -59.77
CA ALA B 188 -74.77 -6.56 -59.77
C ALA B 188 -74.67 -7.81 -60.63
N MET B 189 -74.31 -7.64 -61.90
CA MET B 189 -74.21 -8.76 -62.82
C MET B 189 -73.11 -8.58 -63.88
N ASP B 190 -73.02 -9.57 -64.75
CA ASP B 190 -72.04 -9.59 -65.83
C ASP B 190 -72.68 -9.13 -67.14
N PHE B 191 -72.68 -7.81 -67.36
CA PHE B 191 -73.34 -7.21 -68.50
C PHE B 191 -72.74 -7.63 -69.84
N SER B 192 -71.49 -8.09 -69.82
CA SER B 192 -70.81 -8.51 -71.03
C SER B 192 -71.38 -9.83 -71.57
N THR B 193 -71.92 -10.65 -70.66
CA THR B 193 -72.42 -11.97 -71.04
C THR B 193 -73.94 -12.09 -70.96
N LEU B 194 -74.57 -11.19 -70.22
CA LEU B 194 -76.03 -11.24 -70.05
C LEU B 194 -76.75 -10.29 -71.01
N GLN B 195 -76.03 -9.30 -71.52
CA GLN B 195 -76.63 -8.34 -72.44
C GLN B 195 -75.85 -8.27 -73.75
N ASP B 196 -76.44 -8.82 -74.80
CA ASP B 196 -75.79 -8.87 -76.11
C ASP B 196 -75.81 -7.52 -76.80
N THR B 197 -76.74 -6.66 -76.38
CA THR B 197 -76.93 -5.37 -77.01
C THR B 197 -75.74 -4.45 -76.74
N LYS B 198 -75.16 -4.57 -75.54
CA LYS B 198 -74.05 -3.73 -75.11
C LYS B 198 -74.45 -2.26 -75.15
N CYS B 199 -75.73 -2.00 -74.87
CA CYS B 199 -76.29 -0.66 -74.91
C CYS B 199 -77.42 -0.51 -73.89
N GLU B 200 -77.40 -1.35 -72.85
CA GLU B 200 -78.45 -1.33 -71.84
C GLU B 200 -78.04 -0.52 -70.62
N VAL B 201 -76.74 -0.29 -70.49
CA VAL B 201 -76.18 0.46 -69.37
C VAL B 201 -75.15 1.45 -69.90
N PRO B 202 -74.71 2.41 -69.06
CA PRO B 202 -73.68 3.34 -69.53
C PRO B 202 -72.35 2.66 -69.88
N LEU B 203 -71.41 3.45 -70.38
CA LEU B 203 -70.23 2.94 -71.06
C LEU B 203 -69.22 2.23 -70.15
N ASP B 204 -69.06 2.70 -68.92
CA ASP B 204 -68.02 2.19 -68.04
C ASP B 204 -68.36 0.83 -67.43
N ILE B 205 -69.64 0.52 -67.35
CA ILE B 205 -70.09 -0.79 -66.89
C ILE B 205 -70.65 -1.61 -68.05
N CYS B 206 -70.58 -1.07 -69.25
CA CYS B 206 -71.17 -1.67 -70.45
C CYS B 206 -70.76 -3.13 -70.66
N GLN B 207 -69.46 -3.37 -70.59
CA GLN B 207 -68.90 -4.69 -70.81
C GLN B 207 -68.24 -5.25 -69.56
N SER B 208 -68.56 -4.66 -68.42
CA SER B 208 -67.89 -5.01 -67.16
C SER B 208 -68.66 -6.03 -66.35
N ILE B 209 -68.20 -6.22 -65.12
CA ILE B 209 -68.88 -7.05 -64.13
C ILE B 209 -69.05 -6.28 -62.82
N CYS B 210 -70.26 -5.84 -62.54
CA CYS B 210 -70.53 -5.16 -61.27
C CYS B 210 -70.67 -6.17 -60.14
N LYS B 211 -69.86 -5.99 -59.10
CA LYS B 211 -69.91 -6.88 -57.95
C LYS B 211 -70.44 -6.16 -56.71
N TYR B 212 -71.10 -6.92 -55.85
CA TYR B 212 -71.54 -6.41 -54.56
C TYR B 212 -70.92 -7.29 -53.49
N PRO B 213 -70.52 -6.70 -52.35
CA PRO B 213 -69.95 -7.55 -51.30
C PRO B 213 -70.95 -8.60 -50.82
N ASP B 214 -70.48 -9.82 -50.63
CA ASP B 214 -71.32 -10.87 -50.07
C ASP B 214 -71.17 -10.83 -48.56
N TYR B 215 -71.74 -9.80 -47.93
CA TYR B 215 -71.67 -9.63 -46.48
C TYR B 215 -72.18 -10.87 -45.76
N LEU B 216 -73.25 -11.44 -46.31
CA LEU B 216 -73.89 -12.62 -45.74
C LEU B 216 -72.92 -13.79 -45.59
N GLN B 217 -72.05 -13.97 -46.58
CA GLN B 217 -71.08 -15.06 -46.55
C GLN B 217 -69.88 -14.71 -45.67
N MET B 218 -69.45 -13.45 -45.72
CA MET B 218 -68.27 -13.03 -44.98
C MET B 218 -68.51 -13.01 -43.47
N SER B 219 -69.77 -12.87 -43.08
CA SER B 219 -70.15 -12.92 -41.68
C SER B 219 -70.34 -14.36 -41.21
N ALA B 220 -70.66 -15.24 -42.15
CA ALA B 220 -70.86 -16.66 -41.86
C ALA B 220 -69.55 -17.43 -41.96
N ASP B 221 -68.49 -16.76 -42.39
CA ASP B 221 -67.17 -17.37 -42.49
C ASP B 221 -66.71 -17.81 -41.11
N PRO B 222 -66.25 -19.08 -40.98
CA PRO B 222 -65.84 -19.66 -39.71
C PRO B 222 -64.79 -18.86 -38.96
N TYR B 223 -63.70 -18.52 -39.64
CA TYR B 223 -62.59 -17.83 -38.98
C TYR B 223 -62.76 -16.32 -38.98
N GLY B 224 -63.41 -15.79 -40.01
CA GLY B 224 -63.68 -14.37 -40.08
C GLY B 224 -62.45 -13.53 -40.38
N ASP B 225 -61.57 -14.05 -41.23
CA ASP B 225 -60.39 -13.31 -41.66
C ASP B 225 -60.74 -12.40 -42.82
N SER B 226 -61.93 -12.62 -43.38
CA SER B 226 -62.37 -11.91 -44.57
C SER B 226 -62.76 -10.47 -44.24
N MET B 227 -63.41 -10.29 -43.10
CA MET B 227 -63.73 -8.96 -42.59
C MET B 227 -63.81 -8.93 -41.07
N PHE B 228 -63.00 -8.08 -40.44
CA PHE B 228 -63.19 -7.80 -39.01
C PHE B 228 -63.55 -6.34 -38.82
N PHE B 229 -63.87 -5.68 -39.93
CA PHE B 229 -64.33 -4.29 -39.91
C PHE B 229 -65.18 -4.06 -41.16
N CYS B 230 -66.36 -3.48 -40.98
CA CYS B 230 -67.26 -3.27 -42.11
C CYS B 230 -68.14 -2.05 -41.95
N LEU B 231 -67.90 -1.06 -42.80
CA LEU B 231 -68.73 0.14 -42.84
C LEU B 231 -69.38 0.23 -44.22
N ARG B 232 -70.67 0.59 -44.24
CA ARG B 232 -71.36 0.77 -45.51
C ARG B 232 -72.39 1.88 -45.42
N ARG B 233 -72.57 2.60 -46.53
CA ARG B 233 -73.55 3.67 -46.59
C ARG B 233 -73.93 3.96 -48.04
N GLU B 234 -75.07 3.43 -48.46
CA GLU B 234 -75.55 3.63 -49.82
C GLU B 234 -76.92 4.30 -49.82
N GLN B 235 -77.27 4.94 -50.93
CA GLN B 235 -78.57 5.59 -51.10
C GLN B 235 -78.80 5.96 -52.56
N LEU B 236 -80.07 5.99 -52.97
CA LEU B 236 -80.43 6.36 -54.34
C LEU B 236 -81.93 6.52 -54.51
N PHE B 237 -82.34 6.99 -55.69
CA PHE B 237 -83.75 7.06 -56.05
C PHE B 237 -83.90 6.92 -57.56
N ALA B 238 -85.14 6.94 -58.05
CA ALA B 238 -85.42 6.75 -59.47
C ALA B 238 -85.70 8.08 -60.18
N ARG B 239 -84.79 8.47 -61.08
CA ARG B 239 -84.87 9.77 -61.75
C ARG B 239 -85.86 9.78 -62.92
N HIS B 240 -85.64 8.89 -63.89
CA HIS B 240 -86.54 8.79 -65.04
C HIS B 240 -86.97 7.35 -65.31
N PHE B 241 -88.16 7.20 -65.89
CA PHE B 241 -88.71 5.88 -66.19
C PHE B 241 -88.67 5.63 -67.70
N TRP B 242 -88.13 4.49 -68.11
CA TRP B 242 -87.95 4.23 -69.54
C TRP B 242 -88.39 2.84 -70.01
N ASN B 243 -88.48 2.71 -71.32
CA ASN B 243 -88.80 1.46 -71.98
C ASN B 243 -87.56 0.85 -72.61
N ARG B 244 -87.61 -0.43 -72.95
CA ARG B 244 -86.51 -1.08 -73.67
C ARG B 244 -86.97 -1.47 -75.07
N ALA B 245 -86.16 -1.17 -76.07
CA ALA B 245 -86.52 -1.51 -77.45
C ALA B 245 -86.13 -2.95 -77.76
N GLY B 246 -86.95 -3.61 -78.58
CA GLY B 246 -86.74 -5.00 -78.91
C GLY B 246 -88.04 -5.77 -78.80
N THR B 247 -87.98 -7.06 -79.11
CA THR B 247 -89.14 -7.93 -78.97
C THR B 247 -89.16 -8.55 -77.58
N MET B 248 -90.36 -8.69 -77.01
CA MET B 248 -90.52 -9.26 -75.68
C MET B 248 -90.28 -10.77 -75.72
N GLY B 249 -89.41 -11.25 -74.84
CA GLY B 249 -89.13 -12.67 -74.73
C GLY B 249 -90.26 -13.39 -74.02
N ASP B 250 -90.61 -12.88 -72.85
CA ASP B 250 -91.77 -13.38 -72.11
C ASP B 250 -93.03 -12.67 -72.60
N THR B 251 -93.95 -13.44 -73.18
CA THR B 251 -95.16 -12.87 -73.75
C THR B 251 -96.19 -12.55 -72.66
N VAL B 252 -96.63 -11.29 -72.62
CA VAL B 252 -97.64 -10.87 -71.65
C VAL B 252 -98.93 -11.67 -71.83
N PRO B 253 -99.31 -12.43 -70.79
CA PRO B 253 -100.51 -13.27 -70.82
C PRO B 253 -101.77 -12.49 -71.20
N GLN B 254 -102.60 -13.09 -72.05
CA GLN B 254 -103.84 -12.45 -72.50
C GLN B 254 -104.78 -12.12 -71.35
N SER B 255 -104.62 -12.80 -70.23
CA SER B 255 -105.52 -12.65 -69.09
C SER B 255 -105.18 -11.45 -68.22
N LEU B 256 -104.38 -10.53 -68.74
CA LEU B 256 -103.95 -9.39 -67.93
C LEU B 256 -104.28 -8.05 -68.59
N TYR B 257 -104.99 -8.08 -69.71
CA TYR B 257 -105.40 -6.86 -70.39
C TYR B 257 -106.55 -7.11 -71.37
N ILE B 258 -107.05 -6.03 -71.96
CA ILE B 258 -108.08 -6.11 -72.99
C ILE B 258 -107.49 -5.64 -74.32
N LYS B 259 -107.69 -6.43 -75.37
CA LYS B 259 -107.15 -6.10 -76.68
C LYS B 259 -107.79 -4.85 -77.28
N GLY B 260 -107.02 -4.13 -78.08
CA GLY B 260 -107.52 -2.95 -78.77
C GLY B 260 -107.37 -3.08 -80.27
N THR B 261 -107.24 -1.94 -80.94
CA THR B 261 -107.05 -1.92 -82.38
C THR B 261 -105.93 -0.96 -82.78
N GLY B 262 -105.39 -1.16 -83.98
CA GLY B 262 -104.28 -0.36 -84.45
C GLY B 262 -103.00 -0.75 -83.74
N MET B 263 -102.22 0.24 -83.33
CA MET B 263 -101.01 -0.02 -82.57
C MET B 263 -101.35 -0.59 -81.20
N ARG B 264 -102.56 -0.28 -80.72
CA ARG B 264 -103.01 -0.74 -79.42
C ARG B 264 -103.67 -2.11 -79.49
N ALA B 265 -103.48 -2.82 -80.60
CA ALA B 265 -103.98 -4.17 -80.73
C ALA B 265 -103.08 -5.13 -79.96
N SER B 266 -101.76 -4.95 -80.09
CA SER B 266 -100.80 -5.77 -79.38
C SER B 266 -100.01 -4.92 -78.39
N PRO B 267 -99.76 -5.47 -77.18
CA PRO B 267 -99.01 -4.76 -76.14
C PRO B 267 -97.59 -4.42 -76.59
N GLY B 268 -97.11 -3.24 -76.18
CA GLY B 268 -95.76 -2.82 -76.51
C GLY B 268 -94.72 -3.44 -75.61
N SER B 269 -93.71 -2.65 -75.26
CA SER B 269 -92.64 -3.12 -74.38
C SER B 269 -93.06 -3.04 -72.92
N CYS B 270 -92.74 -4.09 -72.17
CA CYS B 270 -93.04 -4.11 -70.74
C CYS B 270 -91.78 -4.38 -69.94
N VAL B 271 -90.64 -4.05 -70.54
CA VAL B 271 -89.37 -4.12 -69.83
C VAL B 271 -88.97 -2.72 -69.42
N TYR B 272 -89.33 -2.36 -68.19
CA TYR B 272 -89.03 -1.04 -67.67
C TYR B 272 -87.74 -1.06 -66.88
N SER B 273 -87.02 0.04 -66.93
CA SER B 273 -85.79 0.20 -66.17
C SER B 273 -85.58 1.66 -65.83
N PRO B 274 -85.54 1.98 -64.54
CA PRO B 274 -85.32 3.36 -64.11
C PRO B 274 -83.85 3.72 -64.14
N SER B 275 -83.53 4.96 -64.48
CA SER B 275 -82.18 5.46 -64.34
C SER B 275 -81.94 5.80 -62.87
N PRO B 276 -80.85 5.28 -62.29
CA PRO B 276 -80.55 5.54 -60.88
C PRO B 276 -80.13 6.98 -60.65
N SER B 277 -80.01 7.37 -59.38
CA SER B 277 -79.54 8.69 -59.01
C SER B 277 -79.28 8.79 -57.50
N GLY B 278 -78.03 9.04 -57.14
CA GLY B 278 -77.73 9.38 -55.76
C GLY B 278 -78.12 10.82 -55.56
N SER B 279 -78.91 11.09 -54.52
CA SER B 279 -79.45 12.42 -54.30
C SER B 279 -78.38 13.42 -53.87
N ILE B 280 -78.69 14.21 -52.84
CA ILE B 280 -77.73 15.15 -52.28
C ILE B 280 -76.54 14.39 -51.72
N VAL B 281 -75.35 14.74 -52.16
CA VAL B 281 -74.13 14.24 -51.53
C VAL B 281 -73.60 15.31 -50.59
N THR B 282 -73.48 14.96 -49.32
CA THR B 282 -73.09 15.92 -48.29
C THR B 282 -71.90 15.43 -47.47
N SER B 283 -71.16 16.37 -46.90
CA SER B 283 -70.03 16.04 -46.04
C SER B 283 -70.52 15.54 -44.69
N ASP B 284 -71.76 15.88 -44.35
CA ASP B 284 -72.34 15.52 -43.05
C ASP B 284 -72.46 14.01 -42.86
N SER B 285 -72.79 13.30 -43.93
CA SER B 285 -72.87 11.84 -43.89
C SER B 285 -71.63 11.21 -44.52
N GLN B 286 -70.49 11.90 -44.42
CA GLN B 286 -69.25 11.34 -44.95
C GLN B 286 -68.74 10.25 -44.03
N LEU B 287 -68.00 9.30 -44.60
CA LEU B 287 -67.54 8.15 -43.84
C LEU B 287 -66.03 8.16 -43.66
N PHE B 288 -65.35 9.02 -44.41
CA PHE B 288 -63.88 9.00 -44.44
C PHE B 288 -63.28 10.28 -43.86
N ASN B 289 -61.95 10.34 -43.83
CA ASN B 289 -61.21 11.39 -43.14
C ASN B 289 -61.48 11.39 -41.63
N LYS B 290 -62.09 10.30 -41.17
CA LYS B 290 -62.39 10.09 -39.76
C LYS B 290 -61.67 8.84 -39.27
N PRO B 291 -61.20 8.86 -38.03
CA PRO B 291 -60.56 7.66 -37.47
C PRO B 291 -61.59 6.66 -36.95
N TYR B 292 -61.25 5.38 -36.99
CA TYR B 292 -62.10 4.33 -36.45
C TYR B 292 -61.27 3.35 -35.64
N TRP B 293 -61.71 3.04 -34.43
CA TRP B 293 -60.97 2.15 -33.55
C TRP B 293 -61.62 0.77 -33.46
N LEU B 294 -60.86 -0.25 -33.87
CA LEU B 294 -61.35 -1.62 -33.83
C LEU B 294 -61.31 -2.15 -32.40
N HIS B 295 -62.30 -1.75 -31.61
CA HIS B 295 -62.40 -2.14 -30.21
C HIS B 295 -62.49 -3.67 -30.07
N LYS B 296 -63.53 -4.24 -30.66
CA LYS B 296 -63.77 -5.69 -30.64
C LYS B 296 -64.50 -6.08 -31.92
N ALA B 297 -63.87 -6.96 -32.70
CA ALA B 297 -64.37 -7.31 -34.03
C ALA B 297 -65.68 -8.10 -33.97
N GLN B 298 -66.35 -8.18 -35.12
CA GLN B 298 -67.63 -8.86 -35.23
C GLN B 298 -67.45 -10.38 -35.32
N GLY B 299 -66.38 -10.81 -35.98
CA GLY B 299 -66.12 -12.22 -36.16
C GLY B 299 -65.29 -12.81 -35.04
N HIS B 300 -64.56 -13.87 -35.35
CA HIS B 300 -63.66 -14.49 -34.39
C HIS B 300 -62.28 -13.84 -34.42
N ASN B 301 -61.83 -13.46 -35.60
CA ASN B 301 -60.57 -12.72 -35.75
C ASN B 301 -60.74 -11.29 -35.25
N ASN B 302 -59.92 -10.89 -34.29
CA ASN B 302 -60.03 -9.56 -33.71
C ASN B 302 -58.95 -8.61 -34.22
N GLY B 303 -58.93 -8.41 -35.53
CA GLY B 303 -57.97 -7.51 -36.13
C GLY B 303 -56.58 -8.10 -36.26
N VAL B 304 -56.44 -9.38 -35.91
CA VAL B 304 -55.18 -10.07 -36.07
C VAL B 304 -54.82 -10.18 -37.53
N CYS B 305 -53.66 -9.64 -37.90
CA CYS B 305 -53.22 -9.63 -39.29
C CYS B 305 -52.27 -10.79 -39.57
N TRP B 306 -52.84 -11.95 -39.88
CA TRP B 306 -52.02 -13.11 -40.24
C TRP B 306 -51.24 -12.83 -41.52
N HIS B 307 -50.08 -13.47 -41.64
CA HIS B 307 -49.17 -13.29 -42.77
C HIS B 307 -48.71 -11.84 -42.94
N ASN B 308 -48.84 -11.06 -41.87
CA ASN B 308 -48.43 -9.65 -41.87
C ASN B 308 -49.04 -8.90 -43.05
N GLN B 309 -50.25 -9.31 -43.42
CA GLN B 309 -50.97 -8.70 -44.52
C GLN B 309 -52.20 -7.97 -44.01
N LEU B 310 -52.70 -7.05 -44.81
CA LEU B 310 -53.94 -6.36 -44.49
C LEU B 310 -54.60 -5.94 -45.79
N PHE B 311 -55.89 -6.26 -45.92
CA PHE B 311 -56.64 -5.87 -47.11
C PHE B 311 -57.62 -4.75 -46.78
N VAL B 312 -57.53 -3.67 -47.54
CA VAL B 312 -58.41 -2.53 -47.35
C VAL B 312 -59.24 -2.31 -48.61
N THR B 313 -60.46 -2.80 -48.60
CA THR B 313 -61.38 -2.61 -49.72
C THR B 313 -62.23 -1.36 -49.48
N VAL B 314 -62.13 -0.41 -50.40
CA VAL B 314 -62.79 0.88 -50.23
C VAL B 314 -63.57 1.28 -51.47
N VAL B 315 -64.76 1.84 -51.25
CA VAL B 315 -65.55 2.45 -52.31
C VAL B 315 -65.99 3.83 -51.86
N ASP B 316 -65.68 4.86 -52.66
CA ASP B 316 -66.17 6.20 -52.36
C ASP B 316 -66.63 6.91 -53.63
N THR B 317 -67.95 7.08 -53.75
CA THR B 317 -68.54 7.69 -54.93
C THR B 317 -68.96 9.13 -54.68
N THR B 318 -68.65 9.64 -53.49
CA THR B 318 -69.00 11.01 -53.14
C THR B 318 -67.99 11.99 -53.71
N ARG B 319 -67.02 11.47 -54.45
CA ARG B 319 -65.99 12.27 -55.09
C ARG B 319 -65.74 11.78 -56.51
N SER B 320 -66.63 12.14 -57.44
CA SER B 320 -66.58 11.61 -58.80
C SER B 320 -66.53 12.68 -59.87
N THR B 321 -66.28 13.92 -59.46
CA THR B 321 -66.13 15.03 -60.41
C THR B 321 -65.08 14.73 -61.46
N ASN B 322 -65.53 14.58 -62.70
CA ASN B 322 -64.62 14.27 -63.80
C ASN B 322 -64.16 15.54 -64.51
N LEU B 323 -62.84 15.72 -64.53
CA LEU B 323 -62.23 16.90 -65.13
C LEU B 323 -62.44 16.96 -66.63
N THR B 324 -62.87 18.12 -67.13
CA THR B 324 -63.03 18.33 -68.56
C THR B 324 -61.82 19.07 -69.12
N ILE B 325 -61.15 18.44 -70.08
CA ILE B 325 -59.94 19.00 -70.69
C ILE B 325 -60.10 19.11 -72.20
N CYS B 326 -59.80 20.29 -72.75
CA CYS B 326 -59.89 20.47 -74.19
C CYS B 326 -58.77 21.35 -74.75
N ALA B 327 -58.01 20.77 -75.68
CA ALA B 327 -56.97 21.50 -76.39
C ALA B 327 -57.46 21.85 -77.79
N SER B 328 -56.77 22.76 -78.46
CA SER B 328 -57.16 23.18 -79.80
C SER B 328 -56.23 22.59 -80.85
N THR B 329 -56.76 22.35 -82.04
CA THR B 329 -55.98 21.80 -83.14
C THR B 329 -54.93 22.82 -83.61
N GLN B 330 -55.30 24.09 -83.58
CA GLN B 330 -54.43 25.16 -84.02
C GLN B 330 -53.50 25.63 -82.91
N SER B 331 -52.24 25.86 -83.26
CA SER B 331 -51.25 26.35 -82.31
C SER B 331 -51.52 27.78 -81.81
N PRO B 332 -51.83 28.73 -82.72
CA PRO B 332 -52.03 30.09 -82.21
C PRO B 332 -53.36 30.31 -81.50
N VAL B 333 -54.20 29.28 -81.43
CA VAL B 333 -55.53 29.37 -80.81
C VAL B 333 -56.38 30.43 -81.52
N PRO B 334 -57.24 29.99 -82.45
CA PRO B 334 -58.03 30.89 -83.29
C PRO B 334 -59.00 31.76 -82.50
N GLY B 335 -59.28 32.96 -83.01
CA GLY B 335 -60.22 33.87 -82.39
C GLY B 335 -61.63 33.66 -82.90
N GLN B 336 -61.79 32.75 -83.86
CA GLN B 336 -63.09 32.41 -84.40
C GLN B 336 -63.52 31.02 -83.92
N TYR B 337 -64.74 30.91 -83.41
CA TYR B 337 -65.16 29.67 -82.77
C TYR B 337 -65.65 28.61 -83.75
N ASP B 338 -65.19 27.39 -83.52
CA ASP B 338 -65.50 26.22 -84.34
C ASP B 338 -65.20 24.98 -83.51
N ALA B 339 -66.26 24.25 -83.14
CA ALA B 339 -66.16 23.10 -82.24
C ALA B 339 -65.26 21.99 -82.80
N THR B 340 -65.17 21.91 -84.12
CA THR B 340 -64.41 20.85 -84.76
C THR B 340 -62.90 21.03 -84.56
N LYS B 341 -62.50 22.21 -84.09
CA LYS B 341 -61.09 22.51 -83.90
C LYS B 341 -60.70 22.40 -82.42
N PHE B 342 -61.54 21.70 -81.65
CA PHE B 342 -61.29 21.50 -80.23
C PHE B 342 -61.49 20.03 -79.83
N LYS B 343 -60.40 19.35 -79.49
CA LYS B 343 -60.51 17.98 -79.00
C LYS B 343 -60.87 17.98 -77.52
N GLN B 344 -61.93 17.25 -77.19
CA GLN B 344 -62.37 17.12 -75.80
C GLN B 344 -61.79 15.86 -75.17
N TYR B 345 -61.41 15.96 -73.89
CA TYR B 345 -60.92 14.80 -73.15
C TYR B 345 -61.57 14.73 -71.77
N SER B 346 -61.54 13.56 -71.15
CA SER B 346 -62.19 13.37 -69.85
C SER B 346 -61.27 12.59 -68.91
N ARG B 347 -60.93 13.20 -67.78
CA ARG B 347 -59.98 12.60 -66.84
C ARG B 347 -60.44 12.62 -65.39
N HIS B 348 -60.32 11.48 -64.72
CA HIS B 348 -60.71 11.37 -63.33
C HIS B 348 -59.49 11.20 -62.43
N VAL B 349 -59.55 11.78 -61.24
CA VAL B 349 -58.47 11.66 -60.27
C VAL B 349 -58.92 10.92 -59.02
N GLU B 350 -58.10 10.00 -58.54
CA GLU B 350 -58.38 9.32 -57.29
C GLU B 350 -57.22 9.47 -56.31
N GLU B 351 -57.44 10.21 -55.24
CA GLU B 351 -56.39 10.47 -54.25
C GLU B 351 -56.71 9.83 -52.90
N TYR B 352 -55.78 9.04 -52.39
CA TYR B 352 -55.98 8.35 -51.12
C TYR B 352 -54.87 8.62 -50.11
N ASP B 353 -55.03 8.03 -48.93
CA ASP B 353 -54.08 8.19 -47.83
C ASP B 353 -54.45 7.24 -46.69
N LEU B 354 -53.68 6.16 -46.54
CA LEU B 354 -53.97 5.17 -45.51
C LEU B 354 -53.09 5.37 -44.28
N GLN B 355 -53.73 5.42 -43.11
CA GLN B 355 -53.02 5.52 -41.84
C GLN B 355 -53.49 4.44 -40.89
N PHE B 356 -52.57 3.85 -40.14
CA PHE B 356 -52.92 2.77 -39.23
C PHE B 356 -52.24 2.88 -37.85
N ILE B 357 -52.90 2.31 -36.85
CA ILE B 357 -52.27 2.08 -35.55
C ILE B 357 -52.25 0.58 -35.33
N PHE B 358 -51.05 0.00 -35.26
CA PHE B 358 -50.92 -1.44 -35.08
C PHE B 358 -50.43 -1.81 -33.68
N GLN B 359 -50.94 -2.91 -33.15
CA GLN B 359 -50.56 -3.36 -31.82
C GLN B 359 -49.82 -4.70 -31.86
N LEU B 360 -48.59 -4.70 -31.37
CA LEU B 360 -47.77 -5.90 -31.34
C LEU B 360 -48.41 -6.96 -30.43
N CYS B 361 -48.43 -8.21 -30.89
CA CYS B 361 -49.07 -9.28 -30.13
C CYS B 361 -48.18 -10.52 -29.97
N THR B 362 -48.52 -11.37 -29.02
CA THR B 362 -47.75 -12.59 -28.75
C THR B 362 -48.61 -13.84 -28.75
N ILE B 363 -48.15 -14.87 -29.45
CA ILE B 363 -48.80 -16.18 -29.43
C ILE B 363 -47.84 -17.21 -28.85
N THR B 364 -48.21 -17.80 -27.73
CA THR B 364 -47.39 -18.83 -27.11
C THR B 364 -47.67 -20.18 -27.76
N LEU B 365 -46.75 -20.64 -28.60
CA LEU B 365 -46.91 -21.88 -29.32
C LEU B 365 -46.83 -23.09 -28.40
N THR B 366 -47.99 -23.56 -27.95
CA THR B 366 -48.07 -24.82 -27.22
C THR B 366 -48.60 -25.91 -28.16
N ALA B 367 -48.74 -27.12 -27.64
CA ALA B 367 -49.19 -28.27 -28.44
C ALA B 367 -50.47 -28.02 -29.21
N ASP B 368 -51.57 -27.86 -28.48
CA ASP B 368 -52.88 -27.63 -29.05
C ASP B 368 -52.96 -26.36 -29.91
N VAL B 369 -52.28 -25.30 -29.44
CA VAL B 369 -52.29 -24.02 -30.14
C VAL B 369 -51.75 -24.16 -31.56
N MET B 370 -50.68 -24.94 -31.70
CA MET B 370 -50.10 -25.20 -33.01
C MET B 370 -51.03 -26.04 -33.88
N SER B 371 -51.66 -27.04 -33.27
CA SER B 371 -52.59 -27.92 -34.00
C SER B 371 -53.84 -27.14 -34.40
N TYR B 372 -54.22 -26.15 -33.59
CA TYR B 372 -55.33 -25.27 -33.94
C TYR B 372 -54.95 -24.44 -35.16
N ILE B 373 -53.78 -23.80 -35.09
CA ILE B 373 -53.30 -22.96 -36.18
C ILE B 373 -53.03 -23.82 -37.41
N GLN B 374 -52.66 -25.07 -37.18
CA GLN B 374 -52.48 -26.03 -38.28
C GLN B 374 -53.77 -26.17 -39.09
N SER B 375 -54.89 -26.34 -38.39
CA SER B 375 -56.18 -26.54 -39.03
C SER B 375 -56.74 -25.26 -39.61
N MET B 376 -56.40 -24.14 -39.00
CA MET B 376 -56.87 -22.84 -39.45
C MET B 376 -56.20 -22.47 -40.76
N ASN B 377 -54.88 -22.36 -40.72
CA ASN B 377 -54.08 -22.02 -41.89
C ASN B 377 -52.66 -22.51 -41.71
N SER B 378 -52.37 -23.67 -42.30
CA SER B 378 -51.07 -24.32 -42.18
C SER B 378 -49.91 -23.42 -42.61
N SER B 379 -50.16 -22.57 -43.60
CA SER B 379 -49.15 -21.67 -44.14
C SER B 379 -48.68 -20.62 -43.14
N ILE B 380 -49.41 -20.48 -42.03
CA ILE B 380 -49.00 -19.56 -40.98
C ILE B 380 -47.79 -20.10 -40.23
N LEU B 381 -47.83 -21.38 -39.86
CA LEU B 381 -46.71 -22.02 -39.19
C LEU B 381 -45.48 -22.06 -40.09
N GLU B 382 -45.70 -22.28 -41.38
CA GLU B 382 -44.62 -22.35 -42.37
C GLU B 382 -43.77 -21.09 -42.39
N ASP B 383 -44.41 -19.93 -42.34
CA ASP B 383 -43.69 -18.66 -42.37
C ASP B 383 -42.84 -18.45 -41.13
N TRP B 384 -43.29 -18.98 -40.00
CA TRP B 384 -42.52 -18.93 -38.78
C TRP B 384 -41.42 -19.99 -38.78
N ASN B 385 -41.44 -20.83 -39.81
CA ASN B 385 -40.46 -21.91 -39.97
C ASN B 385 -40.45 -22.84 -38.76
N ASN B 391 -41.88 -20.90 -52.52
CA ASN B 391 -43.16 -20.56 -51.91
C ASN B 391 -44.08 -19.70 -52.82
N LYS B 392 -45.40 -19.94 -52.74
CA LYS B 392 -46.40 -19.19 -53.51
C LYS B 392 -47.41 -18.56 -52.55
N ASP B 393 -48.47 -18.00 -53.12
CA ASP B 393 -49.50 -17.27 -52.38
C ASP B 393 -50.81 -17.48 -53.16
N PRO B 394 -51.93 -17.74 -52.47
CA PRO B 394 -53.21 -18.06 -53.14
C PRO B 394 -53.81 -16.90 -53.95
N TYR B 395 -53.15 -15.75 -53.96
CA TYR B 395 -53.67 -14.53 -54.59
C TYR B 395 -52.85 -13.99 -55.74
N ASP B 396 -51.56 -14.34 -55.83
CA ASP B 396 -50.66 -13.71 -56.83
C ASP B 396 -51.19 -13.67 -58.27
N LYS B 397 -52.41 -14.15 -58.48
CA LYS B 397 -53.10 -14.07 -59.76
C LYS B 397 -54.08 -12.90 -59.80
N LEU B 398 -54.30 -12.28 -58.65
CA LEU B 398 -55.32 -11.25 -58.53
C LEU B 398 -54.72 -9.86 -58.45
N LYS B 399 -55.38 -8.88 -59.07
CA LYS B 399 -54.89 -7.51 -59.13
C LYS B 399 -55.17 -6.72 -57.86
N PHE B 400 -54.11 -6.33 -57.17
CA PHE B 400 -54.25 -5.51 -55.97
C PHE B 400 -53.43 -4.22 -56.09
N TRP B 401 -53.78 -3.23 -55.28
CA TRP B 401 -52.98 -2.02 -55.16
C TRP B 401 -52.03 -2.21 -53.99
N ASN B 402 -50.79 -2.58 -54.29
CA ASN B 402 -49.83 -2.92 -53.25
C ASN B 402 -49.29 -1.69 -52.52
N VAL B 403 -49.48 -1.66 -51.20
CA VAL B 403 -48.93 -0.58 -50.37
C VAL B 403 -47.98 -1.15 -49.34
N ASP B 404 -46.69 -0.94 -49.56
CA ASP B 404 -45.64 -1.45 -48.68
C ASP B 404 -45.40 -0.50 -47.52
N LEU B 405 -45.71 -0.96 -46.30
CA LEU B 405 -45.52 -0.14 -45.11
C LEU B 405 -44.38 -0.65 -44.23
N LYS B 406 -43.55 -1.53 -44.79
CA LYS B 406 -42.43 -2.11 -44.07
C LYS B 406 -41.46 -1.06 -43.54
N GLU B 407 -41.34 0.05 -44.27
CA GLU B 407 -40.43 1.12 -43.89
C GLU B 407 -41.16 2.30 -43.27
N LYS B 408 -42.42 2.09 -42.93
CA LYS B 408 -43.27 3.18 -42.50
C LYS B 408 -43.76 3.04 -41.05
N PHE B 409 -43.25 2.03 -40.34
CA PHE B 409 -43.62 1.85 -38.95
C PHE B 409 -42.82 2.79 -38.07
N SER B 410 -43.52 3.46 -37.14
CA SER B 410 -42.88 4.35 -36.20
C SER B 410 -43.42 4.09 -34.80
N LEU B 411 -42.60 4.38 -33.79
CA LEU B 411 -42.97 4.04 -32.41
C LEU B 411 -43.64 5.21 -31.69
N ASP B 412 -43.19 6.43 -31.97
CA ASP B 412 -43.78 7.63 -31.38
C ASP B 412 -45.05 8.05 -32.10
N LEU B 413 -46.19 7.70 -31.52
CA LEU B 413 -47.49 8.06 -32.09
C LEU B 413 -47.70 9.57 -32.07
N ASP B 414 -47.01 10.24 -31.16
CA ASP B 414 -47.15 11.68 -30.94
C ASP B 414 -46.80 12.50 -32.18
N GLN B 415 -45.96 11.93 -33.04
CA GLN B 415 -45.48 12.63 -34.23
C GLN B 415 -46.51 12.66 -35.36
N TYR B 416 -47.52 11.80 -35.26
CA TYR B 416 -48.48 11.64 -36.36
C TYR B 416 -49.92 11.95 -35.94
N PRO B 417 -50.72 12.50 -36.87
CA PRO B 417 -52.12 12.90 -36.64
C PRO B 417 -52.98 11.80 -36.00
N LEU B 418 -53.05 10.63 -36.63
CA LEU B 418 -53.82 9.52 -36.09
C LEU B 418 -53.26 9.09 -34.73
N GLY B 419 -51.93 9.15 -34.61
CA GLY B 419 -51.26 8.79 -33.38
C GLY B 419 -51.74 9.61 -32.20
N ARG B 420 -51.74 10.93 -32.34
CA ARG B 420 -52.24 11.83 -31.31
C ARG B 420 -53.68 11.49 -30.98
N LYS B 421 -54.49 11.39 -32.03
CA LYS B 421 -55.90 11.02 -31.89
C LYS B 421 -56.05 9.71 -31.12
N PHE B 422 -55.14 8.77 -31.37
CA PHE B 422 -55.19 7.49 -30.69
C PHE B 422 -54.85 7.64 -29.21
N LEU B 423 -53.83 8.44 -28.92
CA LEU B 423 -53.43 8.69 -27.54
C LEU B 423 -54.56 9.34 -26.73
N VAL B 424 -55.20 10.34 -27.32
CA VAL B 424 -56.34 11.00 -26.70
C VAL B 424 -57.45 10.00 -26.38
N GLN B 425 -57.82 9.22 -27.38
CA GLN B 425 -58.88 8.22 -27.26
C GLN B 425 -58.60 7.21 -26.16
N ALA B 426 -57.33 6.83 -26.04
CA ALA B 426 -56.91 5.86 -25.04
C ALA B 426 -56.94 6.46 -23.64
N GLY B 427 -56.97 7.79 -23.58
CA GLY B 427 -56.96 8.49 -22.31
C GLY B 427 -55.55 8.95 -21.95
N ALA C 1 -37.19 15.53 -33.63
CA ALA C 1 -38.45 15.18 -32.99
C ALA C 1 -39.24 16.44 -32.64
N VAL C 2 -40.35 16.64 -33.34
CA VAL C 2 -41.21 17.80 -33.10
C VAL C 2 -41.95 17.67 -31.78
N VAL C 3 -41.97 18.74 -31.00
CA VAL C 3 -42.55 18.72 -29.66
C VAL C 3 -43.83 19.56 -29.59
N ASN C 4 -44.78 19.12 -28.77
CA ASN C 4 -45.98 19.90 -28.47
C ASN C 4 -45.60 21.23 -27.81
N THR C 5 -46.25 22.31 -28.21
CA THR C 5 -45.94 23.65 -27.70
C THR C 5 -46.21 23.79 -26.20
N ASP C 6 -47.11 22.95 -25.69
CA ASP C 6 -47.50 23.00 -24.28
C ASP C 6 -46.39 22.48 -23.37
N ASP C 7 -45.22 22.22 -23.95
CA ASP C 7 -44.07 21.74 -23.20
C ASP C 7 -43.01 22.82 -23.02
N TYR C 8 -43.01 23.81 -23.91
CA TYR C 8 -42.05 24.91 -23.81
C TYR C 8 -42.72 26.29 -23.87
N VAL C 9 -44.04 26.32 -23.97
CA VAL C 9 -44.77 27.58 -23.95
C VAL C 9 -45.74 27.61 -22.76
N THR C 10 -45.33 28.27 -21.69
CA THR C 10 -46.13 28.32 -20.46
C THR C 10 -47.21 29.40 -20.56
N ARG C 11 -48.46 28.99 -20.33
CA ARG C 11 -49.60 29.90 -20.45
C ARG C 11 -49.87 30.64 -19.15
N THR C 12 -50.25 31.92 -19.25
CA THR C 12 -50.60 32.70 -18.07
C THR C 12 -52.11 32.70 -17.86
N SER C 13 -52.58 33.59 -17.00
CA SER C 13 -54.01 33.73 -16.76
C SER C 13 -54.51 35.07 -17.27
N ILE C 14 -53.72 35.68 -18.15
CA ILE C 14 -54.08 36.98 -18.71
C ILE C 14 -54.65 36.83 -20.12
N PHE C 15 -55.89 37.28 -20.29
CA PHE C 15 -56.58 37.19 -21.58
C PHE C 15 -56.94 38.56 -22.13
N TYR C 16 -56.79 38.73 -23.45
CA TYR C 16 -57.18 39.95 -24.12
C TYR C 16 -58.28 39.67 -25.15
N HIS C 17 -59.16 40.63 -25.35
CA HIS C 17 -60.12 40.54 -26.45
C HIS C 17 -59.72 41.51 -27.55
N ALA C 18 -59.68 41.01 -28.77
CA ALA C 18 -59.39 41.83 -29.93
C ALA C 18 -60.47 41.66 -30.99
N GLY C 19 -60.76 42.72 -31.73
CA GLY C 19 -61.74 42.64 -32.78
C GLY C 19 -61.46 43.59 -33.93
N SER C 20 -61.76 43.12 -35.14
CA SER C 20 -61.76 44.00 -36.29
C SER C 20 -62.96 44.90 -36.16
N SER C 21 -62.99 45.98 -36.92
CA SER C 21 -64.18 46.80 -36.98
C SER C 21 -65.26 46.06 -37.77
N ARG C 22 -65.59 46.60 -38.93
CA ARG C 22 -66.54 45.93 -39.82
C ARG C 22 -65.96 45.80 -41.22
N LEU C 23 -65.43 44.62 -41.51
CA LEU C 23 -64.83 44.37 -42.81
C LEU C 23 -65.92 44.26 -43.87
N LEU C 24 -65.83 45.09 -44.90
CA LEU C 24 -66.89 45.21 -45.90
C LEU C 24 -66.31 45.43 -47.29
N THR C 25 -66.94 44.85 -48.30
CA THR C 25 -66.50 45.04 -49.67
C THR C 25 -67.62 44.72 -50.67
N VAL C 26 -67.75 45.57 -51.67
CA VAL C 26 -68.69 45.34 -52.77
C VAL C 26 -67.94 45.32 -54.10
N GLY C 27 -68.51 44.64 -55.08
CA GLY C 27 -67.92 44.59 -56.40
C GLY C 27 -68.71 43.69 -57.33
N ASP C 28 -68.22 43.51 -58.55
CA ASP C 28 -68.87 42.62 -59.50
C ASP C 28 -68.58 41.17 -59.13
N PRO C 29 -69.60 40.31 -59.19
CA PRO C 29 -69.45 38.91 -58.82
C PRO C 29 -68.80 38.03 -59.89
N TYR C 30 -68.52 38.58 -61.06
CA TYR C 30 -68.03 37.76 -62.17
C TYR C 30 -66.64 38.17 -62.65
N PHE C 31 -66.41 39.47 -62.75
CA PHE C 31 -65.15 39.99 -63.27
C PHE C 31 -64.94 41.42 -62.83
N ARG C 32 -63.70 41.79 -62.54
CA ARG C 32 -63.41 43.16 -62.17
C ARG C 32 -63.66 44.07 -63.38
N VAL C 33 -64.28 45.22 -63.13
CA VAL C 33 -64.61 46.14 -64.20
C VAL C 33 -63.57 47.25 -64.29
N PRO C 34 -62.86 47.33 -65.44
CA PRO C 34 -61.83 48.34 -65.67
C PRO C 34 -62.35 49.76 -65.42
N ALA C 35 -61.67 50.48 -64.54
CA ALA C 35 -62.12 51.81 -64.11
C ALA C 35 -62.24 52.81 -65.26
N GLY C 36 -62.78 53.98 -64.94
CA GLY C 36 -62.83 55.09 -65.89
C GLY C 36 -63.67 54.91 -67.13
N GLY C 37 -63.83 53.66 -67.59
CA GLY C 37 -64.61 53.35 -68.78
C GLY C 37 -66.00 53.95 -68.75
N GLY C 38 -66.57 54.02 -67.56
CA GLY C 38 -67.78 54.77 -67.33
C GLY C 38 -67.55 55.70 -66.15
N ASN C 39 -67.12 55.11 -65.04
CA ASN C 39 -66.96 55.85 -63.79
C ASN C 39 -65.58 55.70 -63.16
N LYS C 40 -65.22 56.68 -62.35
CA LYS C 40 -63.96 56.69 -61.62
C LYS C 40 -63.76 55.45 -60.74
N GLN C 41 -62.51 54.99 -60.66
CA GLN C 41 -62.08 53.92 -59.76
C GLN C 41 -62.63 52.54 -60.15
N ASP C 42 -61.81 51.51 -59.90
CA ASP C 42 -62.12 50.15 -60.32
C ASP C 42 -63.22 49.51 -59.48
N ILE C 43 -63.96 48.59 -60.09
CA ILE C 43 -64.92 47.78 -59.37
C ILE C 43 -64.34 46.39 -59.19
N PRO C 44 -63.90 46.08 -57.96
CA PRO C 44 -63.24 44.81 -57.62
C PRO C 44 -64.11 43.60 -57.95
N LYS C 45 -63.49 42.47 -58.24
CA LYS C 45 -64.25 41.23 -58.40
C LYS C 45 -64.54 40.61 -57.03
N VAL C 46 -65.78 40.75 -56.57
CA VAL C 46 -66.15 40.24 -55.26
C VAL C 46 -67.19 39.13 -55.37
N SER C 47 -66.76 37.90 -55.16
CA SER C 47 -67.64 36.74 -55.30
C SER C 47 -67.80 36.02 -53.96
N ALA C 48 -68.90 35.29 -53.80
CA ALA C 48 -69.10 34.49 -52.60
C ALA C 48 -68.23 33.25 -52.68
N TYR C 49 -67.87 32.88 -53.91
CA TYR C 49 -67.13 31.65 -54.18
C TYR C 49 -65.63 31.90 -54.33
N GLN C 50 -65.09 32.80 -53.50
CA GLN C 50 -63.65 33.01 -53.46
C GLN C 50 -63.15 33.09 -52.03
N TYR C 51 -61.96 32.56 -51.79
CA TYR C 51 -61.37 32.53 -50.45
C TYR C 51 -61.18 33.91 -49.85
N ARG C 52 -61.66 34.08 -48.62
CA ARG C 52 -61.25 35.22 -47.82
C ARG C 52 -60.07 34.78 -46.96
N VAL C 53 -58.91 35.40 -47.16
CA VAL C 53 -57.75 35.10 -46.33
C VAL C 53 -57.31 36.35 -45.58
N PHE C 54 -57.67 36.42 -44.30
CA PHE C 54 -57.35 37.59 -43.50
C PHE C 54 -56.00 37.44 -42.82
N ARG C 55 -55.14 38.42 -43.02
CA ARG C 55 -53.86 38.47 -42.33
C ARG C 55 -53.99 39.32 -41.07
N VAL C 56 -54.21 38.68 -39.94
CA VAL C 56 -54.37 39.38 -38.68
C VAL C 56 -53.00 39.75 -38.11
N GLN C 57 -52.79 41.05 -37.91
CA GLN C 57 -51.54 41.55 -37.39
C GLN C 57 -51.68 41.93 -35.91
N LEU C 58 -51.00 41.18 -35.05
CA LEU C 58 -51.09 41.37 -33.61
C LEU C 58 -49.98 42.31 -33.13
N PRO C 59 -50.18 42.96 -31.97
CA PRO C 59 -49.11 43.75 -31.38
C PRO C 59 -48.07 42.87 -30.69
N ASP C 60 -46.80 43.24 -30.81
CA ASP C 60 -45.72 42.51 -30.17
C ASP C 60 -45.86 42.57 -28.66
N PRO C 61 -46.20 41.43 -28.03
CA PRO C 61 -46.46 41.39 -26.59
C PRO C 61 -45.24 41.80 -25.76
N ASN C 62 -44.06 41.73 -26.36
CA ASN C 62 -42.83 42.14 -25.70
C ASN C 62 -42.69 43.67 -25.66
N LYS C 63 -42.97 44.32 -26.78
CA LYS C 63 -42.94 45.78 -26.84
C LYS C 63 -44.31 46.35 -26.52
N PHE C 64 -45.08 45.60 -25.73
CA PHE C 64 -46.47 45.94 -25.43
C PHE C 64 -46.65 46.26 -23.96
N GLY C 65 -47.54 47.20 -23.67
CA GLY C 65 -47.82 47.59 -22.30
C GLY C 65 -48.68 46.57 -21.56
N LEU C 66 -48.08 45.93 -20.57
CA LEU C 66 -48.78 44.92 -19.78
C LEU C 66 -49.44 45.55 -18.56
N PRO C 67 -50.51 44.93 -18.03
CA PRO C 67 -51.12 45.40 -16.78
C PRO C 67 -50.12 45.32 -15.63
N ASP C 68 -49.08 44.51 -15.85
CA ASP C 68 -48.02 44.29 -14.90
C ASP C 68 -46.85 43.66 -15.66
N THR C 69 -45.71 44.32 -15.67
CA THR C 69 -44.56 43.80 -16.39
C THR C 69 -43.72 42.93 -15.46
N SER C 70 -44.38 42.29 -14.52
CA SER C 70 -43.74 41.28 -13.69
C SER C 70 -44.42 39.94 -13.96
N ILE C 71 -45.10 39.85 -15.11
CA ILE C 71 -45.63 38.59 -15.59
C ILE C 71 -44.48 37.67 -15.97
N TYR C 72 -43.36 38.29 -16.35
CA TYR C 72 -42.18 37.56 -16.79
C TYR C 72 -40.91 38.33 -16.48
N ASN C 73 -39.77 37.69 -16.73
CA ASN C 73 -38.47 38.36 -16.65
C ASN C 73 -37.89 38.57 -18.04
N PRO C 74 -37.90 39.82 -18.53
CA PRO C 74 -37.41 40.13 -19.87
C PRO C 74 -35.93 39.79 -20.10
N GLU C 75 -35.28 39.21 -19.10
CA GLU C 75 -33.87 38.85 -19.22
C GLU C 75 -33.67 37.41 -19.67
N THR C 76 -34.72 36.59 -19.59
CA THR C 76 -34.63 35.21 -20.07
C THR C 76 -35.93 34.61 -20.59
N GLN C 77 -36.94 35.44 -20.77
CA GLN C 77 -38.13 34.94 -21.45
C GLN C 77 -38.77 35.97 -22.37
N ARG C 78 -39.54 35.44 -23.32
CA ARG C 78 -40.24 36.26 -24.29
C ARG C 78 -41.74 36.00 -24.18
N LEU C 79 -42.53 36.85 -24.83
CA LEU C 79 -43.97 36.72 -24.76
C LEU C 79 -44.54 36.37 -26.13
N VAL C 80 -45.51 35.46 -26.13
CA VAL C 80 -46.22 35.10 -27.35
C VAL C 80 -47.72 35.19 -27.11
N TRP C 81 -48.46 35.54 -28.16
CA TRP C 81 -49.90 35.46 -28.10
C TRP C 81 -50.35 34.07 -28.51
N ALA C 82 -51.22 33.47 -27.70
CA ALA C 82 -51.85 32.20 -28.06
C ALA C 82 -53.33 32.43 -28.27
N CYS C 83 -53.90 31.81 -29.29
CA CYS C 83 -55.31 31.98 -29.59
C CYS C 83 -56.17 31.04 -28.75
N ALA C 84 -57.23 31.58 -28.14
CA ALA C 84 -58.07 30.80 -27.24
C ALA C 84 -59.52 30.74 -27.71
N GLY C 85 -60.00 31.81 -28.34
CA GLY C 85 -61.37 31.86 -28.81
C GLY C 85 -61.54 32.67 -30.08
N VAL C 86 -62.39 32.18 -30.97
CA VAL C 86 -62.63 32.84 -32.25
C VAL C 86 -64.12 32.91 -32.62
N GLU C 87 -64.53 34.04 -33.17
CA GLU C 87 -65.86 34.17 -33.71
C GLU C 87 -65.80 34.93 -35.04
N ILE C 88 -66.08 34.22 -36.13
CA ILE C 88 -66.19 34.88 -37.42
C ILE C 88 -67.64 35.31 -37.60
N GLY C 89 -67.86 36.59 -37.88
CA GLY C 89 -69.20 37.13 -38.01
C GLY C 89 -69.60 37.39 -39.45
N ARG C 90 -70.84 37.07 -39.80
CA ARG C 90 -71.35 37.29 -41.14
C ARG C 90 -72.59 38.17 -41.13
N GLY C 91 -72.54 39.28 -41.86
CA GLY C 91 -73.59 40.29 -41.80
C GLY C 91 -74.82 40.04 -42.65
N GLN C 92 -74.64 40.01 -43.98
CA GLN C 92 -75.75 39.93 -44.92
C GLN C 92 -76.66 38.70 -44.70
N PRO C 93 -77.89 38.74 -45.26
CA PRO C 93 -78.79 37.60 -45.03
C PRO C 93 -78.48 36.39 -45.92
N LEU C 94 -78.96 35.22 -45.50
CA LEU C 94 -78.83 33.99 -46.28
C LEU C 94 -79.45 34.15 -47.65
N GLY C 95 -78.82 33.58 -48.67
CA GLY C 95 -79.33 33.68 -50.03
C GLY C 95 -78.54 32.92 -51.07
N VAL C 96 -79.19 32.64 -52.19
CA VAL C 96 -78.55 31.98 -53.31
C VAL C 96 -78.30 32.94 -54.46
N GLY C 97 -77.20 32.75 -55.18
CA GLY C 97 -76.87 33.61 -56.31
C GLY C 97 -76.27 32.80 -57.44
N LEU C 98 -76.69 33.11 -58.67
CA LEU C 98 -76.31 32.32 -59.83
C LEU C 98 -75.07 32.85 -60.54
N SER C 99 -74.40 31.94 -61.23
CA SER C 99 -73.30 32.30 -62.12
C SER C 99 -73.58 31.68 -63.49
N GLY C 100 -73.14 32.35 -64.55
CA GLY C 100 -73.44 31.87 -65.88
C GLY C 100 -72.38 32.20 -66.93
N HIS C 101 -72.70 31.87 -68.18
CA HIS C 101 -71.81 32.13 -69.30
C HIS C 101 -72.64 32.28 -70.57
N PRO C 102 -72.54 33.46 -71.23
CA PRO C 102 -73.30 33.80 -72.44
C PRO C 102 -73.14 32.76 -73.55
N PHE C 103 -72.00 32.09 -73.55
CA PHE C 103 -71.70 31.09 -74.56
C PHE C 103 -71.21 29.80 -73.93
N TYR C 104 -72.00 29.27 -73.00
CA TYR C 104 -71.71 27.98 -72.38
C TYR C 104 -71.61 26.89 -73.44
N ASN C 105 -70.65 25.99 -73.29
CA ASN C 105 -70.52 24.87 -74.21
C ASN C 105 -71.46 23.74 -73.82
N LYS C 106 -72.75 23.91 -74.12
CA LYS C 106 -73.73 22.87 -73.88
C LYS C 106 -74.28 22.35 -75.20
N LEU C 107 -73.95 21.11 -75.54
CA LEU C 107 -74.45 20.52 -76.77
C LEU C 107 -75.96 20.34 -76.71
N ASP C 108 -76.41 19.46 -75.82
CA ASP C 108 -77.83 19.13 -75.68
C ASP C 108 -78.12 18.34 -74.41
N ASP C 109 -79.40 18.24 -74.06
CA ASP C 109 -79.82 17.52 -72.86
C ASP C 109 -79.63 16.01 -73.01
N THR C 110 -78.80 15.44 -72.16
CA THR C 110 -78.56 14.00 -72.17
C THR C 110 -79.23 13.35 -70.96
N GLU C 111 -79.91 14.16 -70.16
CA GLU C 111 -80.61 13.67 -68.98
C GLU C 111 -81.77 12.78 -69.38
N SER C 112 -82.28 13.02 -70.57
CA SER C 112 -83.53 12.44 -71.03
C SER C 112 -83.89 12.96 -72.40
N SER C 113 -83.20 12.45 -73.43
CA SER C 113 -83.39 12.86 -74.84
C SER C 113 -84.74 13.50 -75.12
N HIS C 114 -84.82 14.79 -74.77
CA HIS C 114 -86.08 15.56 -74.80
C HIS C 114 -86.68 15.67 -76.18
N ALA C 115 -86.87 16.91 -76.61
CA ALA C 115 -87.28 17.19 -77.98
C ALA C 115 -86.12 17.87 -78.68
N ALA C 116 -86.41 18.51 -79.82
CA ALA C 116 -85.37 19.19 -80.56
C ALA C 116 -85.28 20.65 -80.18
N THR C 117 -84.28 21.32 -80.76
CA THR C 117 -84.09 22.75 -80.57
C THR C 117 -84.49 23.47 -81.85
N SER C 118 -83.89 24.62 -82.08
CA SER C 118 -84.10 25.38 -83.31
C SER C 118 -82.94 26.31 -83.59
N ASN C 119 -81.98 25.85 -84.37
CA ASN C 119 -80.85 26.69 -84.72
C ASN C 119 -80.36 26.49 -86.15
N VAL C 120 -80.10 27.61 -86.80
CA VAL C 120 -79.38 27.66 -88.07
C VAL C 120 -77.93 27.25 -87.76
N SER C 121 -76.93 27.98 -88.26
CA SER C 121 -75.57 27.94 -87.75
C SER C 121 -74.95 26.54 -87.59
N GLU C 122 -74.07 26.43 -86.60
CA GLU C 122 -73.46 25.17 -86.21
C GLU C 122 -72.82 25.38 -84.84
N ASP C 123 -72.67 26.65 -84.48
CA ASP C 123 -72.30 27.05 -83.13
C ASP C 123 -73.57 26.93 -82.28
N VAL C 124 -73.56 26.04 -81.31
CA VAL C 124 -74.77 25.73 -80.56
C VAL C 124 -74.71 26.20 -79.11
N ARG C 125 -73.72 27.03 -78.78
CA ARG C 125 -73.52 27.50 -77.41
C ARG C 125 -74.68 28.35 -76.91
N ASP C 126 -75.28 27.94 -75.79
CA ASP C 126 -76.42 28.65 -75.23
C ASP C 126 -76.04 29.45 -73.98
N ASN C 127 -76.89 30.40 -73.62
CA ASN C 127 -76.69 31.18 -72.40
C ASN C 127 -77.32 30.48 -71.20
N VAL C 128 -76.51 29.75 -70.44
CA VAL C 128 -77.03 29.04 -69.27
C VAL C 128 -76.37 29.54 -67.99
N SER C 129 -77.06 29.37 -66.87
CA SER C 129 -76.54 29.74 -65.56
C SER C 129 -76.71 28.58 -64.60
N VAL C 130 -76.04 28.63 -63.46
CA VAL C 130 -76.10 27.53 -62.50
C VAL C 130 -75.73 27.99 -61.10
N ASP C 131 -76.41 27.46 -60.09
CA ASP C 131 -76.02 27.72 -58.71
C ASP C 131 -74.93 26.73 -58.34
N TYR C 132 -73.85 27.24 -57.75
CA TYR C 132 -72.69 26.40 -57.47
C TYR C 132 -72.93 25.47 -56.29
N LYS C 133 -71.93 24.62 -56.04
CA LYS C 133 -71.92 23.77 -54.87
C LYS C 133 -71.87 24.63 -53.60
N GLN C 134 -72.54 24.18 -52.55
CA GLN C 134 -72.62 24.94 -51.31
C GLN C 134 -71.50 24.55 -50.36
N THR C 135 -70.70 25.55 -49.96
CA THR C 135 -69.50 25.27 -49.17
C THR C 135 -69.29 26.26 -48.02
N GLN C 136 -68.89 25.72 -46.86
CA GLN C 136 -68.48 26.53 -45.72
C GLN C 136 -67.19 25.98 -45.14
N LEU C 137 -66.20 26.83 -44.92
CA LEU C 137 -64.99 26.39 -44.21
C LEU C 137 -64.29 27.52 -43.48
N CYS C 138 -63.38 27.15 -42.59
CA CYS C 138 -62.66 28.10 -41.75
C CYS C 138 -61.34 27.50 -41.27
N ILE C 139 -60.22 28.14 -41.62
CA ILE C 139 -58.91 27.65 -41.24
C ILE C 139 -58.10 28.67 -40.44
N LEU C 140 -57.62 28.27 -39.27
CA LEU C 140 -56.80 29.17 -38.47
C LEU C 140 -55.36 28.68 -38.35
N GLY C 141 -54.41 29.62 -38.37
CA GLY C 141 -53.01 29.29 -38.24
C GLY C 141 -52.16 30.54 -38.10
N CYS C 142 -50.88 30.36 -37.82
CA CYS C 142 -49.93 31.46 -37.81
C CYS C 142 -49.14 31.46 -39.13
N ALA C 143 -49.72 30.78 -40.12
CA ALA C 143 -49.13 30.64 -41.45
C ALA C 143 -50.25 30.36 -42.45
N PRO C 144 -50.11 30.87 -43.68
CA PRO C 144 -51.17 30.73 -44.70
C PRO C 144 -51.49 29.26 -44.99
N ALA C 145 -52.75 28.97 -45.31
CA ALA C 145 -53.17 27.60 -45.57
C ALA C 145 -52.81 27.18 -46.99
N ILE C 146 -52.50 25.90 -47.16
CA ILE C 146 -52.02 25.38 -48.42
C ILE C 146 -53.15 24.79 -49.25
N GLY C 147 -53.19 25.13 -50.54
CA GLY C 147 -54.20 24.61 -51.43
C GLY C 147 -53.61 23.69 -52.49
N GLU C 148 -54.47 22.90 -53.12
CA GLU C 148 -54.06 22.08 -54.25
C GLU C 148 -54.98 22.34 -55.43
N HIS C 149 -54.47 22.10 -56.63
CA HIS C 149 -55.26 22.23 -57.84
C HIS C 149 -54.56 21.51 -58.98
N TRP C 150 -55.30 21.22 -60.04
CA TRP C 150 -54.72 20.53 -61.17
C TRP C 150 -54.34 21.51 -62.27
N ALA C 151 -53.16 21.31 -62.85
CA ALA C 151 -52.65 22.21 -63.87
C ALA C 151 -51.95 21.42 -64.96
N LYS C 152 -51.64 22.09 -66.05
CA LYS C 152 -50.93 21.47 -67.16
C LYS C 152 -49.54 21.05 -66.69
N GLY C 153 -49.22 19.76 -66.86
CA GLY C 153 -47.92 19.24 -66.49
C GLY C 153 -46.83 19.70 -67.45
N THR C 154 -45.60 19.73 -66.97
CA THR C 154 -44.47 20.20 -67.78
C THR C 154 -44.24 19.33 -69.00
N ALA C 155 -44.37 19.93 -70.18
CA ALA C 155 -44.13 19.21 -71.43
C ALA C 155 -42.69 18.73 -71.51
N SER C 156 -42.49 17.42 -71.45
CA SER C 156 -41.16 16.83 -71.44
C SER C 156 -40.43 17.05 -72.75
N LYS C 157 -39.12 17.28 -72.67
CA LYS C 157 -38.30 17.53 -73.85
C LYS C 157 -38.04 16.26 -74.64
N SER C 158 -38.22 15.11 -73.99
CA SER C 158 -37.99 13.82 -74.64
C SER C 158 -39.10 13.49 -75.63
N ARG C 159 -40.34 13.53 -75.14
CA ARG C 159 -41.50 13.23 -75.95
C ARG C 159 -42.42 14.44 -75.99
N PRO C 160 -42.30 15.27 -77.05
CA PRO C 160 -43.06 16.52 -77.16
C PRO C 160 -44.57 16.27 -77.21
N LEU C 161 -45.34 17.34 -77.03
CA LEU C 161 -46.80 17.23 -77.03
C LEU C 161 -47.38 17.83 -78.31
N SER C 162 -47.67 16.96 -79.28
CA SER C 162 -48.30 17.39 -80.51
C SER C 162 -49.62 18.11 -80.21
N GLN C 163 -49.82 19.26 -80.84
CA GLN C 163 -50.95 20.13 -80.55
C GLN C 163 -52.29 19.44 -80.78
N GLY C 164 -53.20 19.60 -79.82
CA GLY C 164 -54.50 18.96 -79.90
C GLY C 164 -54.62 17.77 -78.96
N ASP C 165 -53.50 17.10 -78.74
CA ASP C 165 -53.44 15.98 -77.81
C ASP C 165 -53.67 16.46 -76.38
N CYS C 166 -54.05 15.54 -75.50
CA CYS C 166 -54.33 15.88 -74.11
C CYS C 166 -53.03 16.05 -73.31
N PRO C 167 -52.93 17.14 -72.55
CA PRO C 167 -51.78 17.34 -71.67
C PRO C 167 -51.82 16.43 -70.45
N PRO C 168 -50.65 16.08 -69.91
CA PRO C 168 -50.61 15.33 -68.66
C PRO C 168 -50.95 16.23 -67.47
N LEU C 169 -51.54 15.66 -66.42
CA LEU C 169 -51.99 16.46 -65.29
C LEU C 169 -50.99 16.40 -64.14
N GLU C 170 -50.73 17.54 -63.53
CA GLU C 170 -49.85 17.61 -62.37
C GLU C 170 -50.57 18.27 -61.20
N LEU C 171 -50.51 17.63 -60.03
CA LEU C 171 -51.10 18.20 -58.83
C LEU C 171 -50.15 19.24 -58.24
N LYS C 172 -50.64 20.47 -58.10
CA LYS C 172 -49.80 21.57 -57.65
C LYS C 172 -50.22 22.17 -56.31
N ASN C 173 -49.32 22.12 -55.34
CA ASN C 173 -49.52 22.80 -54.07
C ASN C 173 -49.21 24.28 -54.20
N THR C 174 -49.84 25.09 -53.35
CA THR C 174 -49.70 26.54 -53.40
C THR C 174 -50.32 27.22 -52.19
N VAL C 175 -50.00 28.49 -52.01
CA VAL C 175 -50.59 29.28 -50.93
C VAL C 175 -51.95 29.83 -51.34
N LEU C 176 -52.96 29.61 -50.50
CA LEU C 176 -54.26 30.23 -50.69
C LEU C 176 -54.16 31.71 -50.37
N GLU C 177 -54.34 32.55 -51.38
CA GLU C 177 -54.35 33.99 -51.19
C GLU C 177 -55.78 34.46 -51.12
N ASP C 178 -55.98 35.71 -50.70
CA ASP C 178 -57.30 36.31 -50.71
C ASP C 178 -57.74 36.58 -52.14
N GLY C 179 -58.82 35.94 -52.56
CA GLY C 179 -59.37 36.17 -53.88
C GLY C 179 -59.40 34.93 -54.76
N ASP C 180 -58.59 33.93 -54.38
CA ASP C 180 -58.57 32.67 -55.10
C ASP C 180 -59.94 32.01 -55.10
N MET C 181 -60.32 31.40 -56.23
CA MET C 181 -61.65 30.83 -56.38
C MET C 181 -61.71 29.43 -55.77
N VAL C 182 -62.85 29.10 -55.19
CA VAL C 182 -63.05 27.79 -54.57
C VAL C 182 -63.57 26.75 -55.55
N ASP C 183 -63.57 25.48 -55.14
CA ASP C 183 -64.20 24.44 -55.94
C ASP C 183 -65.70 24.70 -56.01
N THR C 184 -66.18 24.94 -57.23
CA THR C 184 -67.58 25.30 -57.42
C THR C 184 -68.39 24.08 -57.82
N GLY C 185 -67.71 22.95 -57.99
CA GLY C 185 -68.36 21.71 -58.38
C GLY C 185 -67.87 21.23 -59.73
N TYR C 186 -67.04 22.05 -60.37
CA TYR C 186 -66.43 21.69 -61.65
C TYR C 186 -65.03 21.14 -61.46
N GLY C 187 -64.71 20.77 -60.23
CA GLY C 187 -63.39 20.27 -59.89
C GLY C 187 -62.44 21.39 -59.51
N ALA C 188 -61.25 21.04 -59.06
CA ALA C 188 -60.23 22.02 -58.71
C ALA C 188 -59.10 22.00 -59.73
N MET C 189 -59.14 22.93 -60.68
CA MET C 189 -58.12 22.99 -61.72
C MET C 189 -57.93 24.37 -62.34
N ASP C 190 -56.85 24.49 -63.11
CA ASP C 190 -56.53 25.70 -63.86
C ASP C 190 -57.31 25.73 -65.17
N PHE C 191 -58.49 26.34 -65.13
CA PHE C 191 -59.39 26.35 -66.29
C PHE C 191 -58.85 27.21 -67.42
N SER C 192 -57.94 28.13 -67.08
CA SER C 192 -57.36 29.02 -68.08
C SER C 192 -56.33 28.30 -68.94
N THR C 193 -55.87 27.12 -68.50
CA THR C 193 -54.82 26.41 -69.23
C THR C 193 -55.18 24.97 -69.58
N LEU C 194 -56.34 24.50 -69.13
CA LEU C 194 -56.76 23.14 -69.45
C LEU C 194 -58.01 23.15 -70.32
N GLN C 195 -58.51 24.36 -70.57
CA GLN C 195 -59.64 24.58 -71.45
C GLN C 195 -59.39 25.78 -72.34
N ASP C 196 -59.15 25.52 -73.61
CA ASP C 196 -58.86 26.59 -74.56
C ASP C 196 -60.14 27.22 -75.07
N THR C 197 -61.26 26.53 -74.81
CA THR C 197 -62.56 27.01 -75.25
C THR C 197 -62.95 28.29 -74.51
N LYS C 198 -62.65 28.32 -73.21
CA LYS C 198 -63.06 29.41 -72.33
C LYS C 198 -64.58 29.49 -72.27
N CYS C 199 -65.24 28.34 -72.40
CA CYS C 199 -66.69 28.28 -72.42
C CYS C 199 -67.22 27.04 -71.68
N GLU C 200 -66.31 26.26 -71.10
CA GLU C 200 -66.70 25.00 -70.45
C GLU C 200 -67.28 25.26 -69.06
N VAL C 201 -66.92 26.38 -68.47
CA VAL C 201 -67.34 26.71 -67.11
C VAL C 201 -67.91 28.14 -67.08
N PRO C 202 -68.70 28.46 -66.04
CA PRO C 202 -69.25 29.82 -65.94
C PRO C 202 -68.19 30.91 -65.83
N LEU C 203 -68.61 32.14 -66.08
CA LEU C 203 -67.73 33.30 -66.27
C LEU C 203 -66.72 33.59 -65.14
N ASP C 204 -67.12 33.40 -63.89
CA ASP C 204 -66.28 33.84 -62.76
C ASP C 204 -65.10 32.91 -62.47
N ILE C 205 -65.20 31.66 -62.92
CA ILE C 205 -64.10 30.72 -62.78
C ILE C 205 -63.47 30.42 -64.13
N CYS C 206 -63.93 31.14 -65.15
CA CYS C 206 -63.57 30.87 -66.54
C CYS C 206 -62.06 30.88 -66.80
N GLN C 207 -61.40 31.97 -66.43
CA GLN C 207 -59.96 32.12 -66.66
C GLN C 207 -59.20 32.11 -65.35
N SER C 208 -59.77 31.45 -64.35
CA SER C 208 -59.20 31.46 -63.01
C SER C 208 -58.59 30.11 -62.63
N ILE C 209 -58.26 29.97 -61.36
CA ILE C 209 -57.82 28.70 -60.80
C ILE C 209 -58.64 28.37 -59.57
N CYS C 210 -59.36 27.25 -59.64
CA CYS C 210 -60.09 26.76 -58.48
C CYS C 210 -59.17 25.92 -57.61
N LYS C 211 -59.07 26.29 -56.34
CA LYS C 211 -58.20 25.58 -55.41
C LYS C 211 -59.01 24.94 -54.29
N TYR C 212 -58.54 23.79 -53.84
CA TYR C 212 -59.12 23.11 -52.68
C TYR C 212 -58.04 23.01 -51.61
N PRO C 213 -58.41 23.22 -50.34
CA PRO C 213 -57.41 23.12 -49.27
C PRO C 213 -56.81 21.73 -49.20
N ASP C 214 -55.49 21.63 -49.08
CA ASP C 214 -54.84 20.33 -49.01
C ASP C 214 -54.79 19.86 -47.56
N TYR C 215 -55.94 19.47 -47.03
CA TYR C 215 -56.07 19.06 -45.64
C TYR C 215 -55.11 17.94 -45.28
N LEU C 216 -54.88 17.02 -46.21
CA LEU C 216 -53.99 15.90 -45.99
C LEU C 216 -52.55 16.36 -45.78
N GLN C 217 -52.11 17.33 -46.58
CA GLN C 217 -50.75 17.85 -46.44
C GLN C 217 -50.59 18.64 -45.15
N MET C 218 -51.56 19.50 -44.85
CA MET C 218 -51.48 20.37 -43.69
C MET C 218 -51.54 19.59 -42.37
N SER C 219 -52.25 18.46 -42.39
CA SER C 219 -52.29 17.57 -41.23
C SER C 219 -50.98 16.80 -41.10
N ALA C 220 -50.32 16.57 -42.24
CA ALA C 220 -49.06 15.82 -42.25
C ALA C 220 -47.88 16.73 -41.97
N ASP C 221 -48.11 18.04 -42.02
CA ASP C 221 -47.07 19.03 -41.72
C ASP C 221 -46.53 18.82 -40.32
N PRO C 222 -45.20 18.75 -40.19
CA PRO C 222 -44.50 18.42 -38.94
C PRO C 222 -44.88 19.31 -37.76
N TYR C 223 -44.73 20.63 -37.90
CA TYR C 223 -44.98 21.53 -36.77
C TYR C 223 -46.46 21.86 -36.63
N GLY C 224 -47.15 22.06 -37.74
CA GLY C 224 -48.58 22.32 -37.71
C GLY C 224 -48.93 23.79 -37.55
N ASP C 225 -48.09 24.65 -38.11
CA ASP C 225 -48.36 26.08 -38.08
C ASP C 225 -49.41 26.45 -39.13
N SER C 226 -49.65 25.52 -40.04
CA SER C 226 -50.51 25.75 -41.19
C SER C 226 -51.98 25.79 -40.79
N MET C 227 -52.36 24.92 -39.87
CA MET C 227 -53.72 24.89 -39.33
C MET C 227 -53.79 24.23 -37.97
N PHE C 228 -54.25 24.97 -36.96
CA PHE C 228 -54.56 24.38 -35.67
C PHE C 228 -56.05 24.48 -35.37
N PHE C 229 -56.85 24.59 -36.44
CA PHE C 229 -58.30 24.66 -36.34
C PHE C 229 -58.92 24.52 -37.73
N CYS C 230 -59.85 23.58 -37.88
CA CYS C 230 -60.42 23.27 -39.19
C CYS C 230 -61.90 22.92 -39.11
N LEU C 231 -62.73 23.75 -39.74
CA LEU C 231 -64.16 23.48 -39.85
C LEU C 231 -64.55 23.45 -41.31
N ARG C 232 -65.18 22.37 -41.76
CA ARG C 232 -65.66 22.31 -43.14
C ARG C 232 -67.06 21.72 -43.23
N ARG C 233 -67.87 22.31 -44.11
CA ARG C 233 -69.21 21.82 -44.36
C ARG C 233 -69.58 22.07 -45.82
N GLU C 234 -69.67 20.98 -46.58
CA GLU C 234 -69.97 21.09 -48.01
C GLU C 234 -71.09 20.12 -48.40
N GLN C 235 -71.80 20.46 -49.47
CA GLN C 235 -72.88 19.64 -50.00
C GLN C 235 -73.25 20.10 -51.40
N LEU C 236 -73.74 19.18 -52.23
CA LEU C 236 -74.19 19.51 -53.59
C LEU C 236 -74.93 18.34 -54.21
N PHE C 237 -75.50 18.57 -55.39
CA PHE C 237 -76.11 17.49 -56.16
C PHE C 237 -76.16 17.85 -57.64
N ALA C 238 -76.46 16.86 -58.48
CA ALA C 238 -76.50 17.07 -59.92
C ALA C 238 -77.89 17.54 -60.37
N ARG C 239 -77.93 18.75 -60.93
CA ARG C 239 -79.19 19.33 -61.37
C ARG C 239 -79.54 18.87 -62.79
N HIS C 240 -78.71 19.26 -63.75
CA HIS C 240 -78.94 18.91 -65.16
C HIS C 240 -77.77 18.16 -65.77
N PHE C 241 -78.09 17.27 -66.70
CA PHE C 241 -77.07 16.45 -67.38
C PHE C 241 -76.86 16.97 -68.80
N TRP C 242 -75.61 17.21 -69.20
CA TRP C 242 -75.34 17.79 -70.51
C TRP C 242 -74.22 17.13 -71.31
N ASN C 243 -74.19 17.44 -72.60
CA ASN C 243 -73.14 17.00 -73.51
C ASN C 243 -72.15 18.12 -73.77
N ARG C 244 -70.95 17.78 -74.23
CA ARG C 244 -69.99 18.78 -74.66
C ARG C 244 -69.86 18.75 -76.18
N ALA C 245 -69.93 19.93 -76.80
CA ALA C 245 -69.71 20.03 -78.24
C ALA C 245 -68.23 19.94 -78.54
N GLY C 246 -67.89 19.41 -79.70
CA GLY C 246 -66.50 19.26 -80.09
C GLY C 246 -66.14 17.83 -80.41
N THR C 247 -64.95 17.64 -80.98
CA THR C 247 -64.50 16.31 -81.38
C THR C 247 -63.96 15.54 -80.19
N MET C 248 -64.16 14.22 -80.20
CA MET C 248 -63.68 13.37 -79.13
C MET C 248 -62.19 13.04 -79.29
N GLY C 249 -61.40 13.38 -78.29
CA GLY C 249 -59.99 13.06 -78.29
C GLY C 249 -59.75 11.57 -78.17
N ASP C 250 -60.26 10.97 -77.10
CA ASP C 250 -60.17 9.53 -76.92
C ASP C 250 -61.31 8.86 -77.66
N THR C 251 -60.98 7.93 -78.55
CA THR C 251 -61.99 7.31 -79.40
C THR C 251 -62.67 6.13 -78.70
N VAL C 252 -64.00 6.17 -78.67
CA VAL C 252 -64.79 5.12 -78.04
C VAL C 252 -64.47 3.76 -78.65
N PRO C 253 -63.94 2.84 -77.83
CA PRO C 253 -63.61 1.49 -78.29
C PRO C 253 -64.76 0.86 -79.08
N GLN C 254 -64.49 0.45 -80.31
CA GLN C 254 -65.48 -0.18 -81.19
C GLN C 254 -66.24 -1.32 -80.49
N SER C 255 -65.64 -1.89 -79.46
CA SER C 255 -66.19 -3.04 -78.78
C SER C 255 -67.09 -2.70 -77.59
N LEU C 256 -67.53 -1.46 -77.51
CA LEU C 256 -68.41 -1.05 -76.42
C LEU C 256 -69.81 -0.75 -76.93
N TYR C 257 -70.03 -1.00 -78.22
CA TYR C 257 -71.32 -0.71 -78.83
C TYR C 257 -71.51 -1.41 -80.18
N ILE C 258 -72.74 -1.38 -80.66
CA ILE C 258 -73.07 -1.87 -81.99
C ILE C 258 -73.28 -0.68 -82.93
N LYS C 259 -72.58 -0.68 -84.05
CA LYS C 259 -72.75 0.38 -85.05
C LYS C 259 -74.17 0.45 -85.55
N GLY C 260 -74.68 1.66 -85.75
CA GLY C 260 -75.97 1.86 -86.36
C GLY C 260 -75.79 2.47 -87.73
N THR C 261 -76.81 3.18 -88.18
CA THR C 261 -76.73 3.87 -89.47
C THR C 261 -77.19 5.31 -89.34
N GLY C 262 -77.00 6.08 -90.41
CA GLY C 262 -77.33 7.49 -90.40
C GLY C 262 -76.46 8.24 -89.41
N MET C 263 -77.08 9.07 -88.58
CA MET C 263 -76.36 9.77 -87.53
C MET C 263 -75.83 8.79 -86.49
N ARG C 264 -76.51 7.65 -86.37
CA ARG C 264 -76.18 6.65 -85.37
C ARG C 264 -75.12 5.65 -85.87
N ALA C 265 -74.52 5.95 -87.01
CA ALA C 265 -73.42 5.13 -87.52
C ALA C 265 -72.18 5.30 -86.64
N SER C 266 -71.92 6.53 -86.22
CA SER C 266 -70.78 6.83 -85.36
C SER C 266 -71.22 7.47 -84.04
N PRO C 267 -70.58 7.09 -82.93
CA PRO C 267 -70.92 7.64 -81.62
C PRO C 267 -70.71 9.14 -81.54
N GLY C 268 -71.65 9.84 -80.93
CA GLY C 268 -71.55 11.27 -80.76
C GLY C 268 -70.61 11.63 -79.62
N SER C 269 -70.97 12.68 -78.88
CA SER C 269 -70.16 13.12 -77.76
C SER C 269 -70.34 12.20 -76.56
N CYS C 270 -69.24 11.90 -75.87
CA CYS C 270 -69.28 11.03 -74.71
C CYS C 270 -68.62 11.70 -73.51
N VAL C 271 -68.45 13.01 -73.60
CA VAL C 271 -67.95 13.80 -72.48
C VAL C 271 -69.13 14.47 -71.80
N TYR C 272 -69.56 13.93 -70.67
CA TYR C 272 -70.70 14.47 -69.94
C TYR C 272 -70.23 15.26 -68.72
N SER C 273 -70.92 16.36 -68.44
CA SER C 273 -70.63 17.14 -67.23
C SER C 273 -71.93 17.73 -66.67
N PRO C 274 -72.21 17.45 -65.39
CA PRO C 274 -73.44 17.90 -64.74
C PRO C 274 -73.32 19.30 -64.14
N SER C 275 -74.41 20.05 -64.14
CA SER C 275 -74.43 21.36 -63.51
C SER C 275 -74.61 21.20 -62.00
N PRO C 276 -73.66 21.73 -61.23
CA PRO C 276 -73.70 21.60 -59.76
C PRO C 276 -74.92 22.27 -59.14
N SER C 277 -75.20 21.97 -57.88
CA SER C 277 -76.30 22.62 -57.18
C SER C 277 -76.25 22.30 -55.69
N GLY C 278 -75.99 23.31 -54.88
CA GLY C 278 -76.20 23.18 -53.44
C GLY C 278 -77.69 23.25 -53.23
N SER C 279 -78.23 22.30 -52.47
CA SER C 279 -79.68 22.18 -52.27
C SER C 279 -80.25 23.34 -51.47
N ILE C 280 -81.08 23.01 -50.48
CA ILE C 280 -81.61 24.00 -49.55
C ILE C 280 -80.45 24.62 -48.77
N VAL C 281 -80.46 25.93 -48.61
CA VAL C 281 -79.54 26.57 -47.69
C VAL C 281 -80.33 27.04 -46.46
N THR C 282 -80.00 26.46 -45.31
CA THR C 282 -80.71 26.76 -44.07
C THR C 282 -79.78 27.37 -43.04
N SER C 283 -80.37 28.00 -42.03
CA SER C 283 -79.61 28.60 -40.96
C SER C 283 -79.22 27.54 -39.93
N ASP C 284 -79.97 26.44 -39.92
CA ASP C 284 -79.76 25.38 -38.94
C ASP C 284 -78.39 24.71 -39.09
N SER C 285 -77.85 24.75 -40.29
CA SER C 285 -76.56 24.12 -40.56
C SER C 285 -75.43 25.15 -40.66
N GLN C 286 -75.68 26.34 -40.10
CA GLN C 286 -74.72 27.43 -40.21
C GLN C 286 -73.49 27.18 -39.35
N LEU C 287 -72.36 27.68 -39.83
CA LEU C 287 -71.07 27.43 -39.21
C LEU C 287 -70.53 28.66 -38.49
N PHE C 288 -71.11 29.82 -38.80
CA PHE C 288 -70.57 31.09 -38.34
C PHE C 288 -71.48 31.82 -37.35
N ASN C 289 -71.03 33.00 -36.92
CA ASN C 289 -71.68 33.77 -35.85
C ASN C 289 -71.70 33.01 -34.53
N LYS C 290 -71.11 31.82 -34.53
CA LYS C 290 -70.96 31.00 -33.34
C LYS C 290 -69.51 31.08 -32.91
N PRO C 291 -69.26 31.17 -31.60
CA PRO C 291 -67.88 31.17 -31.11
C PRO C 291 -67.30 29.77 -31.12
N TYR C 292 -65.99 29.67 -31.28
CA TYR C 292 -65.30 28.39 -31.18
C TYR C 292 -64.07 28.52 -30.32
N TRP C 293 -63.94 27.61 -29.36
CA TRP C 293 -62.82 27.63 -28.43
C TRP C 293 -61.77 26.61 -28.84
N LEU C 294 -60.53 27.05 -28.88
CA LEU C 294 -59.43 26.16 -29.20
C LEU C 294 -58.92 25.52 -27.92
N HIS C 295 -59.56 24.43 -27.52
CA HIS C 295 -59.21 23.75 -26.28
C HIS C 295 -57.82 23.10 -26.39
N LYS C 296 -57.69 22.21 -27.36
CA LYS C 296 -56.44 21.52 -27.64
C LYS C 296 -56.40 21.16 -29.13
N ALA C 297 -55.52 21.83 -29.87
CA ALA C 297 -55.48 21.74 -31.33
C ALA C 297 -55.16 20.34 -31.84
N GLN C 298 -55.32 20.15 -33.15
CA GLN C 298 -55.04 18.87 -33.79
C GLN C 298 -53.54 18.67 -34.01
N GLY C 299 -52.84 19.76 -34.29
CA GLY C 299 -51.41 19.71 -34.55
C GLY C 299 -50.57 19.90 -33.31
N HIS C 300 -49.28 20.08 -33.50
CA HIS C 300 -48.34 20.27 -32.40
C HIS C 300 -48.37 21.72 -31.88
N ASN C 301 -48.65 22.66 -32.77
CA ASN C 301 -48.87 24.04 -32.37
C ASN C 301 -50.26 24.19 -31.78
N ASN C 302 -50.33 24.76 -30.57
CA ASN C 302 -51.61 24.87 -29.89
C ASN C 302 -52.12 26.32 -29.84
N GLY C 303 -52.42 26.87 -31.00
CA GLY C 303 -52.95 28.22 -31.06
C GLY C 303 -51.89 29.29 -30.87
N VAL C 304 -50.64 28.85 -30.69
CA VAL C 304 -49.53 29.79 -30.54
C VAL C 304 -49.31 30.58 -31.82
N CYS C 305 -49.39 31.89 -31.72
CA CYS C 305 -49.29 32.77 -32.89
C CYS C 305 -47.89 33.33 -33.03
N TRP C 306 -46.98 32.55 -33.60
CA TRP C 306 -45.62 33.01 -33.86
C TRP C 306 -45.62 34.20 -34.81
N HIS C 307 -44.59 35.05 -34.68
CA HIS C 307 -44.45 36.27 -35.47
C HIS C 307 -45.60 37.26 -35.22
N ASN C 308 -46.33 37.03 -34.14
CA ASN C 308 -47.47 37.86 -33.77
C ASN C 308 -48.45 38.02 -34.93
N GLN C 309 -48.66 36.93 -35.64
CA GLN C 309 -49.51 36.92 -36.82
C GLN C 309 -50.62 35.91 -36.68
N LEU C 310 -51.59 35.97 -37.60
CA LEU C 310 -52.72 35.06 -37.57
C LEU C 310 -53.41 35.06 -38.93
N PHE C 311 -53.54 33.88 -39.52
CA PHE C 311 -54.17 33.76 -40.83
C PHE C 311 -55.53 33.08 -40.70
N VAL C 312 -56.57 33.82 -41.02
CA VAL C 312 -57.94 33.32 -40.97
C VAL C 312 -58.45 33.11 -42.39
N THR C 313 -58.55 31.85 -42.81
CA THR C 313 -59.03 31.52 -44.15
C THR C 313 -60.51 31.13 -44.09
N VAL C 314 -61.34 31.81 -44.88
CA VAL C 314 -62.79 31.65 -44.76
C VAL C 314 -63.50 31.53 -46.10
N VAL C 315 -64.41 30.57 -46.22
CA VAL C 315 -65.29 30.45 -47.38
C VAL C 315 -66.74 30.27 -46.91
N ASP C 316 -67.62 31.18 -47.32
CA ASP C 316 -69.03 31.11 -46.95
C ASP C 316 -69.91 31.47 -48.14
N THR C 317 -70.52 30.45 -48.75
CA THR C 317 -71.32 30.64 -49.96
C THR C 317 -72.81 30.64 -49.64
N THR C 318 -73.14 30.58 -48.37
CA THR C 318 -74.55 30.56 -47.95
C THR C 318 -75.14 31.96 -47.92
N ARG C 319 -74.36 32.94 -48.36
CA ARG C 319 -74.82 34.31 -48.46
C ARG C 319 -74.37 34.90 -49.78
N SER C 320 -74.98 34.45 -50.87
CA SER C 320 -74.52 34.82 -52.20
C SER C 320 -75.55 35.54 -53.05
N THR C 321 -76.55 36.16 -52.42
CA THR C 321 -77.52 36.97 -53.15
C THR C 321 -76.81 38.14 -53.83
N ASN C 322 -76.83 38.13 -55.16
CA ASN C 322 -76.27 39.22 -55.93
C ASN C 322 -77.33 40.26 -56.21
N LEU C 323 -77.07 41.49 -55.80
CA LEU C 323 -78.00 42.58 -56.04
C LEU C 323 -78.13 42.84 -57.54
N THR C 324 -79.32 43.25 -57.97
CA THR C 324 -79.51 43.69 -59.34
C THR C 324 -79.89 45.17 -59.33
N ILE C 325 -79.05 46.00 -59.92
CA ILE C 325 -79.28 47.42 -59.99
C ILE C 325 -79.51 47.83 -61.44
N CYS C 326 -80.46 48.72 -61.68
CA CYS C 326 -80.67 49.25 -63.02
C CYS C 326 -81.01 50.74 -63.01
N ALA C 327 -80.31 51.50 -63.84
CA ALA C 327 -80.62 52.91 -64.03
C ALA C 327 -81.10 53.13 -65.47
N SER C 328 -81.92 54.16 -65.66
CA SER C 328 -82.45 54.47 -66.98
C SER C 328 -81.51 55.43 -67.70
N THR C 329 -81.49 55.40 -69.03
CA THR C 329 -80.62 56.30 -69.78
C THR C 329 -81.21 57.70 -69.84
N GLN C 330 -82.55 57.76 -69.81
CA GLN C 330 -83.26 59.03 -69.78
C GLN C 330 -83.29 59.57 -68.35
N SER C 331 -83.22 60.90 -68.22
CA SER C 331 -83.26 61.54 -66.91
C SER C 331 -84.68 61.61 -66.31
N PRO C 332 -85.70 62.01 -67.11
CA PRO C 332 -87.02 62.08 -66.49
C PRO C 332 -87.68 60.73 -66.21
N VAL C 333 -87.01 59.64 -66.57
CA VAL C 333 -87.56 58.29 -66.42
C VAL C 333 -88.88 58.15 -67.17
N PRO C 334 -88.81 57.66 -68.41
CA PRO C 334 -89.94 57.61 -69.35
C PRO C 334 -91.12 56.76 -68.89
N GLY C 335 -92.33 57.14 -69.31
CA GLY C 335 -93.53 56.43 -68.92
C GLY C 335 -93.90 55.32 -69.89
N GLN C 336 -93.07 55.13 -70.92
CA GLN C 336 -93.21 54.01 -71.84
C GLN C 336 -92.02 53.07 -71.67
N TYR C 337 -92.30 51.78 -71.48
CA TYR C 337 -91.25 50.81 -71.24
C TYR C 337 -90.47 50.45 -72.50
N ASP C 338 -89.14 50.42 -72.38
CA ASP C 338 -88.27 49.98 -73.47
C ASP C 338 -86.97 49.45 -72.88
N ALA C 339 -86.68 48.18 -73.14
CA ALA C 339 -85.57 47.47 -72.52
C ALA C 339 -84.21 48.10 -72.82
N THR C 340 -84.11 48.75 -73.98
CA THR C 340 -82.83 49.32 -74.41
C THR C 340 -82.43 50.54 -73.61
N LYS C 341 -83.39 51.14 -72.90
CA LYS C 341 -83.14 52.37 -72.18
C LYS C 341 -82.79 52.14 -70.72
N PHE C 342 -82.50 50.89 -70.35
CA PHE C 342 -82.18 50.55 -68.97
C PHE C 342 -80.91 49.71 -68.84
N LYS C 343 -79.88 50.27 -68.23
CA LYS C 343 -78.63 49.54 -68.03
C LYS C 343 -78.69 48.69 -66.78
N GLN C 344 -78.52 47.38 -66.97
CA GLN C 344 -78.57 46.41 -65.87
C GLN C 344 -77.19 46.16 -65.28
N TYR C 345 -77.05 46.35 -63.97
CA TYR C 345 -75.80 46.08 -63.30
C TYR C 345 -75.96 44.96 -62.28
N SER C 346 -74.84 44.34 -61.91
CA SER C 346 -74.87 43.26 -60.93
C SER C 346 -73.82 43.50 -59.84
N ARG C 347 -74.25 43.58 -58.59
CA ARG C 347 -73.33 43.84 -57.49
C ARG C 347 -73.47 42.82 -56.36
N HIS C 348 -72.33 42.48 -55.76
CA HIS C 348 -72.33 41.57 -54.63
C HIS C 348 -71.61 42.19 -53.43
N VAL C 349 -72.10 41.88 -52.23
CA VAL C 349 -71.56 42.43 -51.00
C VAL C 349 -70.94 41.34 -50.12
N GLU C 350 -69.86 41.68 -49.44
CA GLU C 350 -69.25 40.76 -48.48
C GLU C 350 -68.96 41.45 -47.15
N GLU C 351 -69.80 41.20 -46.16
CA GLU C 351 -69.67 41.81 -44.84
C GLU C 351 -69.13 40.81 -43.82
N TYR C 352 -68.02 41.16 -43.18
CA TYR C 352 -67.42 40.30 -42.16
C TYR C 352 -67.21 41.04 -40.84
N ASP C 353 -66.90 40.28 -39.79
CA ASP C 353 -66.52 40.82 -38.49
C ASP C 353 -65.72 39.78 -37.72
N LEU C 354 -64.47 40.11 -37.39
CA LEU C 354 -63.59 39.15 -36.74
C LEU C 354 -63.38 39.46 -35.26
N GLN C 355 -63.53 38.44 -34.42
CA GLN C 355 -63.37 38.57 -32.98
C GLN C 355 -62.48 37.47 -32.42
N PHE C 356 -61.56 37.84 -31.53
CA PHE C 356 -60.60 36.90 -30.96
C PHE C 356 -60.44 37.08 -29.46
N ILE C 357 -60.13 35.97 -28.77
CA ILE C 357 -59.69 36.03 -27.39
C ILE C 357 -58.28 35.48 -27.33
N PHE C 358 -57.31 36.34 -27.07
CA PHE C 358 -55.92 35.91 -27.03
C PHE C 358 -55.43 35.73 -25.60
N GLN C 359 -54.50 34.80 -25.41
CA GLN C 359 -53.95 34.51 -24.10
C GLN C 359 -52.45 34.75 -24.04
N LEU C 360 -52.00 35.52 -23.06
CA LEU C 360 -50.59 35.83 -22.90
C LEU C 360 -49.84 34.58 -22.46
N CYS C 361 -48.70 34.30 -23.09
CA CYS C 361 -47.90 33.14 -22.75
C CYS C 361 -46.44 33.54 -22.61
N THR C 362 -45.68 32.73 -21.87
CA THR C 362 -44.25 32.97 -21.70
C THR C 362 -43.44 31.81 -22.26
N ILE C 363 -42.23 32.12 -22.73
CA ILE C 363 -41.28 31.10 -23.16
C ILE C 363 -39.93 31.34 -22.51
N THR C 364 -39.52 30.44 -21.63
CA THR C 364 -38.22 30.58 -20.99
C THR C 364 -37.11 30.15 -21.94
N LEU C 365 -36.31 31.12 -22.37
CA LEU C 365 -35.27 30.89 -23.37
C LEU C 365 -34.07 30.15 -22.78
N THR C 366 -34.13 28.83 -22.80
CA THR C 366 -33.00 28.01 -22.33
C THR C 366 -32.14 27.61 -23.53
N ALA C 367 -31.10 26.83 -23.26
CA ALA C 367 -30.17 26.40 -24.31
C ALA C 367 -30.88 25.61 -25.41
N ASP C 368 -31.44 24.46 -25.04
CA ASP C 368 -32.12 23.58 -25.98
C ASP C 368 -33.37 24.22 -26.59
N VAL C 369 -34.09 25.01 -25.79
CA VAL C 369 -35.29 25.69 -26.25
C VAL C 369 -34.98 26.61 -27.43
N MET C 370 -33.90 27.38 -27.31
CA MET C 370 -33.49 28.28 -28.39
C MET C 370 -33.05 27.50 -29.62
N SER C 371 -32.26 26.45 -29.41
CA SER C 371 -31.83 25.60 -30.52
C SER C 371 -33.02 24.91 -31.17
N TYR C 372 -34.04 24.62 -30.37
CA TYR C 372 -35.28 24.06 -30.91
C TYR C 372 -35.92 25.06 -31.86
N ILE C 373 -36.18 26.26 -31.34
CA ILE C 373 -36.80 27.33 -32.11
C ILE C 373 -35.93 27.73 -33.30
N GLN C 374 -34.62 27.55 -33.15
CA GLN C 374 -33.69 27.78 -34.23
C GLN C 374 -34.01 26.92 -35.45
N SER C 375 -34.27 25.64 -35.19
CA SER C 375 -34.55 24.67 -36.26
C SER C 375 -35.98 24.77 -36.75
N MET C 376 -36.89 25.15 -35.85
CA MET C 376 -38.29 25.30 -36.20
C MET C 376 -38.48 26.48 -37.14
N ASN C 377 -38.07 27.66 -36.68
CA ASN C 377 -38.13 28.88 -37.47
C ASN C 377 -37.16 29.91 -36.92
N SER C 378 -35.99 30.02 -37.55
CA SER C 378 -34.92 30.91 -37.08
C SER C 378 -35.39 32.36 -36.96
N SER C 379 -36.28 32.76 -37.85
CA SER C 379 -36.79 34.13 -37.88
C SER C 379 -37.51 34.55 -36.60
N ILE C 380 -38.00 33.57 -35.85
CA ILE C 380 -38.67 33.84 -34.57
C ILE C 380 -37.68 34.47 -33.58
N LEU C 381 -36.52 33.84 -33.44
CA LEU C 381 -35.48 34.35 -32.55
C LEU C 381 -34.98 35.71 -33.02
N GLU C 382 -34.89 35.90 -34.33
CA GLU C 382 -34.40 37.16 -34.89
C GLU C 382 -35.23 38.36 -34.46
N ASP C 383 -36.54 38.22 -34.46
CA ASP C 383 -37.43 39.33 -34.14
C ASP C 383 -37.35 39.72 -32.67
N TRP C 384 -37.09 38.73 -31.81
CA TRP C 384 -36.89 39.00 -30.39
C TRP C 384 -35.54 39.65 -30.16
N ASN C 385 -34.71 39.67 -31.20
CA ASN C 385 -33.36 40.22 -31.16
C ASN C 385 -32.51 39.54 -30.08
N ASN C 391 -36.38 44.60 -42.52
CA ASN C 391 -36.68 43.18 -42.53
C ASN C 391 -37.64 42.80 -43.66
N LYS C 392 -37.49 41.57 -44.16
CA LYS C 392 -38.33 41.10 -45.26
C LYS C 392 -39.21 39.93 -44.83
N ASP C 393 -40.47 39.99 -45.23
CA ASP C 393 -41.44 38.96 -44.92
C ASP C 393 -41.63 38.02 -46.12
N PRO C 394 -41.55 36.71 -45.89
CA PRO C 394 -41.61 35.70 -46.95
C PRO C 394 -42.94 35.69 -47.72
N TYR C 395 -43.95 36.39 -47.18
CA TYR C 395 -45.28 36.41 -47.77
C TYR C 395 -45.60 37.70 -48.53
N ASP C 396 -44.64 38.62 -48.60
CA ASP C 396 -44.91 39.95 -49.13
C ASP C 396 -45.21 39.98 -50.64
N LYS C 397 -45.25 38.81 -51.27
CA LYS C 397 -45.60 38.72 -52.68
C LYS C 397 -47.08 38.38 -52.88
N LEU C 398 -47.69 37.86 -51.82
CA LEU C 398 -49.05 37.32 -51.91
C LEU C 398 -50.10 38.31 -51.43
N LYS C 399 -51.30 38.21 -52.00
CA LYS C 399 -52.40 39.10 -51.63
C LYS C 399 -53.14 38.61 -50.40
N PHE C 400 -53.18 39.45 -49.37
CA PHE C 400 -53.93 39.15 -48.14
C PHE C 400 -54.80 40.33 -47.76
N TRP C 401 -55.92 40.04 -47.11
CA TRP C 401 -56.74 41.10 -46.51
C TRP C 401 -56.19 41.38 -45.11
N ASN C 402 -55.39 42.44 -45.00
CA ASN C 402 -54.77 42.79 -43.73
C ASN C 402 -55.77 43.34 -42.72
N VAL C 403 -55.76 42.77 -41.52
CA VAL C 403 -56.52 43.31 -40.40
C VAL C 403 -55.58 43.64 -39.27
N ASP C 404 -55.38 44.94 -39.02
CA ASP C 404 -54.49 45.38 -37.94
C ASP C 404 -55.25 45.42 -36.61
N LEU C 405 -54.74 44.69 -35.61
CA LEU C 405 -55.39 44.64 -34.30
C LEU C 405 -54.49 45.19 -33.20
N LYS C 406 -53.48 45.96 -33.58
CA LYS C 406 -52.48 46.47 -32.65
C LYS C 406 -53.05 47.52 -31.68
N GLU C 407 -54.15 48.15 -32.07
CA GLU C 407 -54.81 49.13 -31.21
C GLU C 407 -56.17 48.61 -30.75
N LYS C 408 -56.35 47.30 -30.83
CA LYS C 408 -57.67 46.71 -30.63
C LYS C 408 -57.71 45.73 -29.46
N PHE C 409 -56.58 45.55 -28.78
CA PHE C 409 -56.54 44.66 -27.63
C PHE C 409 -57.14 45.35 -26.41
N SER C 410 -57.84 44.58 -25.58
CA SER C 410 -58.49 45.12 -24.40
C SER C 410 -58.58 44.06 -23.31
N LEU C 411 -58.36 44.47 -22.07
CA LEU C 411 -58.24 43.53 -20.95
C LEU C 411 -59.59 43.14 -20.32
N ASP C 412 -60.57 44.04 -20.40
CA ASP C 412 -61.89 43.73 -19.85
C ASP C 412 -62.77 43.01 -20.87
N LEU C 413 -62.74 41.68 -20.84
CA LEU C 413 -63.54 40.86 -21.74
C LEU C 413 -65.02 41.16 -21.59
N ASP C 414 -65.42 41.51 -20.37
CA ASP C 414 -66.80 41.82 -20.02
C ASP C 414 -67.48 42.75 -21.02
N GLN C 415 -66.74 43.72 -21.53
CA GLN C 415 -67.29 44.75 -22.40
C GLN C 415 -67.59 44.27 -23.82
N TYR C 416 -67.15 43.06 -24.14
CA TYR C 416 -67.26 42.56 -25.51
C TYR C 416 -68.04 41.25 -25.59
N PRO C 417 -68.85 41.08 -26.64
CA PRO C 417 -69.71 39.91 -26.84
C PRO C 417 -68.98 38.57 -26.68
N LEU C 418 -67.88 38.39 -27.41
CA LEU C 418 -67.10 37.16 -27.30
C LEU C 418 -66.53 37.02 -25.89
N GLY C 419 -66.09 38.14 -25.33
CA GLY C 419 -65.54 38.17 -23.98
C GLY C 419 -66.47 37.55 -22.96
N ARG C 420 -67.73 38.00 -22.97
CA ARG C 420 -68.74 37.49 -22.05
C ARG C 420 -68.91 35.98 -22.20
N LYS C 421 -69.09 35.54 -23.45
CA LYS C 421 -69.25 34.11 -23.73
C LYS C 421 -68.05 33.31 -23.26
N PHE C 422 -66.86 33.90 -23.39
CA PHE C 422 -65.64 33.24 -22.94
C PHE C 422 -65.65 33.07 -21.43
N LEU C 423 -65.97 34.14 -20.73
CA LEU C 423 -66.04 34.12 -19.28
C LEU C 423 -67.06 33.09 -18.80
N VAL C 424 -68.21 33.04 -19.46
CA VAL C 424 -69.24 32.05 -19.14
C VAL C 424 -68.71 30.62 -19.32
N GLN C 425 -68.12 30.37 -20.49
CA GLN C 425 -67.60 29.06 -20.84
C GLN C 425 -66.51 28.61 -19.88
N ALA C 426 -65.67 29.55 -19.44
CA ALA C 426 -64.58 29.24 -18.51
C ALA C 426 -65.14 28.92 -17.13
N GLY C 427 -66.35 29.41 -16.86
CA GLY C 427 -66.97 29.25 -15.56
C GLY C 427 -66.75 30.48 -14.71
N ALA D 1 -67.24 52.57 -18.21
CA ALA D 1 -67.32 51.13 -18.46
C ALA D 1 -68.73 50.63 -18.18
N VAL D 2 -69.26 49.83 -19.09
CA VAL D 2 -70.62 49.33 -18.98
C VAL D 2 -70.72 48.12 -18.05
N VAL D 3 -71.74 48.11 -17.19
CA VAL D 3 -71.87 47.06 -16.18
C VAL D 3 -73.13 46.24 -16.36
N ASN D 4 -73.02 44.94 -16.10
CA ASN D 4 -74.16 44.02 -16.06
C ASN D 4 -75.26 44.54 -15.15
N THR D 5 -76.51 44.47 -15.59
CA THR D 5 -77.63 45.01 -14.81
C THR D 5 -77.86 44.23 -13.52
N ASP D 6 -77.39 42.99 -13.49
CA ASP D 6 -77.53 42.14 -12.33
C ASP D 6 -76.63 42.59 -11.19
N ASP D 7 -75.95 43.72 -11.39
CA ASP D 7 -75.02 44.26 -10.40
C ASP D 7 -75.57 45.51 -9.72
N TYR D 8 -76.68 46.06 -10.23
CA TYR D 8 -77.30 47.21 -9.59
C TYR D 8 -78.83 47.13 -9.55
N VAL D 9 -79.40 46.21 -10.33
CA VAL D 9 -80.84 45.98 -10.32
C VAL D 9 -81.20 44.73 -9.52
N THR D 10 -81.58 44.90 -8.26
CA THR D 10 -81.94 43.78 -7.40
C THR D 10 -83.35 43.30 -7.71
N ARG D 11 -83.49 42.00 -7.91
CA ARG D 11 -84.79 41.42 -8.26
C ARG D 11 -85.54 40.95 -7.02
N THR D 12 -86.86 40.91 -7.12
CA THR D 12 -87.69 40.43 -6.03
C THR D 12 -88.16 39.01 -6.31
N SER D 13 -89.14 38.55 -5.54
CA SER D 13 -89.75 37.24 -5.76
C SER D 13 -91.20 37.42 -6.16
N ILE D 14 -91.55 38.65 -6.56
CA ILE D 14 -92.91 38.97 -6.97
C ILE D 14 -93.03 38.94 -8.49
N PHE D 15 -93.82 38.00 -8.99
CA PHE D 15 -94.01 37.83 -10.42
C PHE D 15 -95.43 38.17 -10.85
N TYR D 16 -95.55 38.85 -11.99
CA TYR D 16 -96.84 39.15 -12.60
C TYR D 16 -96.99 38.46 -13.94
N HIS D 17 -98.24 38.19 -14.32
CA HIS D 17 -98.54 37.77 -15.68
C HIS D 17 -99.22 38.92 -16.42
N ALA D 18 -98.89 39.06 -17.69
CA ALA D 18 -99.55 40.04 -18.54
C ALA D 18 -99.71 39.49 -19.94
N GLY D 19 -100.90 39.62 -20.50
CA GLY D 19 -101.15 39.14 -21.84
C GLY D 19 -102.00 40.10 -22.64
N SER D 20 -101.65 40.29 -23.90
CA SER D 20 -102.48 41.05 -24.80
C SER D 20 -103.82 40.35 -24.94
N SER D 21 -104.80 41.03 -25.53
CA SER D 21 -106.01 40.36 -25.94
C SER D 21 -105.69 39.50 -27.16
N ARG D 22 -106.52 39.59 -28.20
CA ARG D 22 -106.20 38.92 -29.44
C ARG D 22 -105.84 39.94 -30.51
N LEU D 23 -104.57 40.00 -30.86
CA LEU D 23 -104.12 40.93 -31.88
C LEU D 23 -104.43 40.38 -33.27
N LEU D 24 -105.31 41.07 -33.98
CA LEU D 24 -105.82 40.58 -35.26
C LEU D 24 -105.84 41.69 -36.30
N THR D 25 -105.50 41.35 -37.54
CA THR D 25 -105.54 42.32 -38.63
C THR D 25 -105.65 41.63 -39.99
N VAL D 26 -106.49 42.21 -40.84
CA VAL D 26 -106.65 41.71 -42.21
C VAL D 26 -106.38 42.84 -43.21
N GLY D 27 -106.06 42.47 -44.44
CA GLY D 27 -105.80 43.45 -45.48
C GLY D 27 -105.28 42.83 -46.77
N ASP D 28 -104.91 43.69 -47.71
CA ASP D 28 -104.33 43.25 -48.98
C ASP D 28 -102.85 42.91 -48.79
N PRO D 29 -102.42 41.76 -49.34
CA PRO D 29 -101.05 41.30 -49.10
C PRO D 29 -100.02 41.95 -50.02
N TYR D 30 -100.48 42.79 -50.95
CA TYR D 30 -99.58 43.33 -51.97
C TYR D 30 -99.44 44.85 -51.86
N PHE D 31 -100.53 45.52 -51.53
CA PHE D 31 -100.54 46.97 -51.47
C PHE D 31 -101.78 47.45 -50.74
N ARG D 32 -101.69 48.60 -50.07
CA ARG D 32 -102.87 49.12 -49.42
C ARG D 32 -103.88 49.60 -50.47
N VAL D 33 -105.12 49.16 -50.30
CA VAL D 33 -106.22 49.64 -51.14
C VAL D 33 -106.72 50.94 -50.53
N PRO D 34 -106.54 52.04 -51.28
CA PRO D 34 -106.92 53.33 -50.67
C PRO D 34 -108.42 53.46 -50.40
N ALA D 35 -108.76 54.24 -49.38
CA ALA D 35 -110.14 54.49 -48.95
C ALA D 35 -111.06 54.90 -50.08
N GLY D 36 -112.35 54.67 -49.88
CA GLY D 36 -113.43 55.08 -50.79
C GLY D 36 -113.67 54.41 -52.13
N GLY D 37 -112.68 54.49 -53.02
CA GLY D 37 -112.75 54.01 -54.40
C GLY D 37 -113.45 52.68 -54.58
N GLY D 38 -114.73 52.66 -54.23
CA GLY D 38 -115.48 51.43 -54.07
C GLY D 38 -115.43 50.93 -52.61
N ASN D 39 -116.58 50.86 -51.96
CA ASN D 39 -116.75 50.49 -50.53
C ASN D 39 -116.25 51.67 -49.64
N LYS D 40 -116.37 51.60 -48.30
CA LYS D 40 -115.84 52.66 -47.40
C LYS D 40 -114.48 52.18 -46.81
N GLN D 41 -114.05 52.68 -45.64
CA GLN D 41 -112.66 52.56 -45.09
C GLN D 41 -111.51 52.22 -46.04
N ASP D 42 -110.34 51.98 -45.44
CA ASP D 42 -109.20 51.54 -46.22
C ASP D 42 -108.65 50.19 -45.69
N ILE D 43 -108.20 49.40 -46.63
CA ILE D 43 -107.63 48.09 -46.37
C ILE D 43 -106.12 48.26 -46.33
N PRO D 44 -105.52 48.03 -45.15
CA PRO D 44 -104.09 48.16 -44.89
C PRO D 44 -103.32 47.07 -45.61
N LYS D 45 -102.09 47.35 -46.01
CA LYS D 45 -101.27 46.33 -46.64
C LYS D 45 -100.78 45.37 -45.56
N VAL D 46 -101.30 44.14 -45.59
CA VAL D 46 -100.95 43.16 -44.56
C VAL D 46 -100.35 41.89 -45.18
N SER D 47 -99.04 41.73 -45.02
CA SER D 47 -98.31 40.60 -45.60
C SER D 47 -97.67 39.74 -44.52
N ALA D 48 -97.38 38.49 -44.85
CA ALA D 48 -96.65 37.63 -43.93
C ALA D 48 -95.16 37.97 -43.96
N TYR D 49 -94.78 38.73 -44.98
CA TYR D 49 -93.37 39.07 -45.21
C TYR D 49 -93.05 40.50 -44.82
N GLN D 50 -93.71 41.00 -43.79
CA GLN D 50 -93.36 42.29 -43.21
C GLN D 50 -93.12 42.14 -41.71
N TYR D 51 -92.21 42.94 -41.17
CA TYR D 51 -91.92 42.91 -39.74
C TYR D 51 -93.13 43.32 -38.92
N ARG D 52 -93.40 42.58 -37.86
CA ARG D 52 -94.36 43.02 -36.86
C ARG D 52 -93.57 43.59 -35.69
N VAL D 53 -93.77 44.88 -35.40
CA VAL D 53 -93.12 45.47 -34.23
C VAL D 53 -94.16 45.95 -33.23
N PHE D 54 -94.32 45.19 -32.16
CA PHE D 54 -95.21 45.57 -31.08
C PHE D 54 -94.47 46.40 -30.05
N ARG D 55 -95.02 47.57 -29.74
CA ARG D 55 -94.51 48.35 -28.63
C ARG D 55 -95.36 48.06 -27.41
N VAL D 56 -94.85 47.21 -26.52
CA VAL D 56 -95.60 46.85 -25.33
C VAL D 56 -95.43 47.92 -24.25
N GLN D 57 -96.55 48.53 -23.85
CA GLN D 57 -96.53 49.57 -22.85
C GLN D 57 -96.86 48.99 -21.48
N LEU D 58 -95.96 49.18 -20.52
CA LEU D 58 -96.13 48.58 -19.20
C LEU D 58 -96.59 49.63 -18.18
N PRO D 59 -97.17 49.18 -17.05
CA PRO D 59 -97.54 50.10 -15.97
C PRO D 59 -96.31 50.62 -15.23
N ASP D 60 -96.35 51.88 -14.81
CA ASP D 60 -95.26 52.44 -14.02
C ASP D 60 -95.27 51.79 -12.64
N PRO D 61 -94.25 50.94 -12.37
CA PRO D 61 -94.16 50.14 -11.15
C PRO D 61 -94.10 50.99 -9.88
N ASN D 62 -93.79 52.27 -10.02
CA ASN D 62 -93.66 53.18 -8.90
C ASN D 62 -94.97 53.85 -8.52
N LYS D 63 -95.79 54.13 -9.52
CA LYS D 63 -97.12 54.70 -9.30
C LYS D 63 -98.17 53.60 -9.35
N PHE D 64 -97.71 52.37 -9.12
CA PHE D 64 -98.55 51.20 -9.25
C PHE D 64 -98.72 50.51 -7.91
N GLY D 65 -99.96 50.33 -7.49
CA GLY D 65 -100.26 49.66 -6.24
C GLY D 65 -99.66 48.28 -6.19
N LEU D 66 -98.88 48.03 -5.14
CA LEU D 66 -98.18 46.77 -4.98
C LEU D 66 -98.94 45.87 -4.04
N PRO D 67 -98.70 44.54 -4.11
CA PRO D 67 -99.33 43.60 -3.15
C PRO D 67 -98.94 43.95 -1.72
N ASP D 68 -97.86 44.71 -1.62
CA ASP D 68 -97.35 45.22 -0.36
C ASP D 68 -96.33 46.30 -0.72
N THR D 69 -96.62 47.56 -0.39
CA THR D 69 -95.70 48.64 -0.74
C THR D 69 -94.65 48.79 0.35
N SER D 70 -94.04 47.67 0.71
CA SER D 70 -92.90 47.66 1.62
C SER D 70 -91.87 46.68 1.05
N ILE D 71 -92.00 46.41 -0.24
CA ILE D 71 -90.99 45.65 -0.97
C ILE D 71 -89.74 46.50 -1.10
N TYR D 72 -89.94 47.81 -1.10
CA TYR D 72 -88.85 48.75 -1.28
C TYR D 72 -89.07 50.02 -0.46
N ASN D 73 -88.18 50.98 -0.63
CA ASN D 73 -88.31 52.27 0.03
C ASN D 73 -88.32 53.39 -1.00
N PRO D 74 -89.51 53.95 -1.27
CA PRO D 74 -89.73 55.01 -2.28
C PRO D 74 -88.84 56.24 -2.10
N GLU D 75 -88.08 56.27 -1.01
CA GLU D 75 -87.18 57.39 -0.73
C GLU D 75 -85.76 57.17 -1.26
N THR D 76 -85.28 55.93 -1.24
CA THR D 76 -83.91 55.64 -1.67
C THR D 76 -83.82 54.66 -2.84
N GLN D 77 -84.96 54.21 -3.35
CA GLN D 77 -84.94 53.29 -4.48
C GLN D 77 -86.15 53.40 -5.40
N ARG D 78 -85.97 52.90 -6.63
CA ARG D 78 -87.01 52.92 -7.65
C ARG D 78 -87.33 51.51 -8.12
N LEU D 79 -88.46 51.36 -8.83
CA LEU D 79 -88.89 50.06 -9.31
C LEU D 79 -88.82 49.97 -10.82
N VAL D 80 -88.49 48.78 -11.33
CA VAL D 80 -88.45 48.53 -12.76
C VAL D 80 -89.01 47.14 -13.07
N TRP D 81 -89.64 46.99 -14.22
CA TRP D 81 -90.11 45.69 -14.68
C TRP D 81 -89.00 44.92 -15.41
N ALA D 82 -88.86 43.65 -15.08
CA ALA D 82 -87.87 42.79 -15.74
C ALA D 82 -88.54 41.57 -16.33
N CYS D 83 -88.52 41.49 -17.65
CA CYS D 83 -89.16 40.39 -18.36
C CYS D 83 -88.51 39.06 -18.04
N ALA D 84 -89.32 38.08 -17.68
CA ALA D 84 -88.81 36.77 -17.25
C ALA D 84 -89.27 35.65 -18.18
N GLY D 85 -90.34 35.90 -18.94
CA GLY D 85 -90.86 34.91 -19.87
C GLY D 85 -91.76 35.50 -20.93
N VAL D 86 -91.69 34.95 -22.15
CA VAL D 86 -92.49 35.42 -23.27
C VAL D 86 -93.04 34.26 -24.08
N GLU D 87 -94.30 34.37 -24.51
CA GLU D 87 -94.88 33.40 -25.43
C GLU D 87 -95.69 34.11 -26.51
N ILE D 88 -95.10 34.24 -27.69
CA ILE D 88 -95.80 34.79 -28.83
C ILE D 88 -96.67 33.72 -29.49
N GLY D 89 -97.99 33.87 -29.39
CA GLY D 89 -98.91 32.91 -29.97
C GLY D 89 -99.35 33.29 -31.37
N ARG D 90 -99.39 32.30 -32.25
CA ARG D 90 -99.82 32.50 -33.64
C ARG D 90 -101.11 31.76 -33.91
N GLY D 91 -102.05 32.42 -34.57
CA GLY D 91 -103.40 31.89 -34.74
C GLY D 91 -103.66 30.99 -35.93
N GLN D 92 -103.55 31.55 -37.13
CA GLN D 92 -103.99 30.86 -38.34
C GLN D 92 -103.18 29.58 -38.62
N PRO D 93 -103.73 28.67 -39.45
CA PRO D 93 -103.00 27.44 -39.77
C PRO D 93 -101.76 27.66 -40.66
N LEU D 94 -100.90 26.66 -40.71
CA LEU D 94 -99.71 26.72 -41.54
C LEU D 94 -100.08 26.69 -43.03
N GLY D 95 -99.50 27.61 -43.78
CA GLY D 95 -99.79 27.69 -45.21
C GLY D 95 -98.70 28.43 -45.99
N VAL D 96 -98.65 28.16 -47.28
CA VAL D 96 -97.76 28.89 -48.17
C VAL D 96 -98.56 29.90 -48.99
N GLY D 97 -97.90 30.96 -49.43
CA GLY D 97 -98.59 31.99 -50.19
C GLY D 97 -97.67 32.66 -51.19
N LEU D 98 -98.20 32.93 -52.38
CA LEU D 98 -97.39 33.46 -53.47
C LEU D 98 -97.42 34.98 -53.54
N SER D 99 -96.42 35.52 -54.23
CA SER D 99 -96.37 36.93 -54.56
C SER D 99 -95.87 37.02 -55.98
N GLY D 100 -96.27 38.06 -56.71
CA GLY D 100 -95.89 38.14 -58.11
C GLY D 100 -95.92 39.53 -58.73
N HIS D 101 -95.76 39.57 -60.05
CA HIS D 101 -95.78 40.82 -60.79
C HIS D 101 -96.37 40.59 -62.17
N PRO D 102 -97.33 41.45 -62.56
CA PRO D 102 -97.96 41.41 -63.89
C PRO D 102 -96.95 41.60 -65.03
N PHE D 103 -95.88 42.33 -64.76
CA PHE D 103 -94.86 42.62 -65.75
C PHE D 103 -93.46 42.39 -65.22
N TYR D 104 -93.23 41.22 -64.64
CA TYR D 104 -91.91 40.84 -64.10
C TYR D 104 -90.86 40.87 -65.20
N ASN D 105 -89.66 41.36 -64.87
CA ASN D 105 -88.59 41.42 -65.85
C ASN D 105 -87.86 40.08 -65.98
N LYS D 106 -88.46 39.17 -66.74
CA LYS D 106 -87.84 37.88 -67.02
C LYS D 106 -87.56 37.75 -68.51
N LEU D 107 -86.29 37.80 -68.89
CA LEU D 107 -85.92 37.66 -70.29
C LEU D 107 -86.24 36.25 -70.77
N ASP D 108 -85.56 35.25 -70.21
CA ASP D 108 -85.81 33.85 -70.55
C ASP D 108 -85.13 32.88 -69.59
N ASP D 109 -85.62 31.64 -69.58
CA ASP D 109 -85.09 30.57 -68.74
C ASP D 109 -83.65 30.23 -69.11
N THR D 110 -82.74 30.37 -68.14
CA THR D 110 -81.34 30.05 -68.37
C THR D 110 -80.92 28.78 -67.62
N GLU D 111 -81.89 28.15 -66.98
CA GLU D 111 -81.64 26.90 -66.26
C GLU D 111 -81.29 25.79 -67.23
N SER D 112 -82.09 25.68 -68.28
CA SER D 112 -81.87 24.70 -69.34
C SER D 112 -82.77 25.01 -70.53
N SER D 113 -82.58 26.19 -71.11
CA SER D 113 -83.36 26.60 -72.27
C SER D 113 -83.29 25.55 -73.37
N HIS D 114 -84.43 25.25 -73.97
CA HIS D 114 -84.52 24.23 -75.01
C HIS D 114 -83.51 24.49 -76.14
N ALA D 115 -83.23 25.78 -76.34
CA ALA D 115 -82.27 26.22 -77.34
C ALA D 115 -81.86 27.66 -77.04
N ALA D 116 -81.76 28.44 -78.10
CA ALA D 116 -81.73 29.89 -77.99
C ALA D 116 -83.11 30.35 -77.54
N THR D 117 -83.28 31.64 -77.31
CA THR D 117 -84.57 32.16 -76.90
C THR D 117 -84.95 33.37 -77.74
N SER D 118 -85.71 34.29 -77.16
CA SER D 118 -86.07 35.52 -77.86
C SER D 118 -84.82 36.35 -78.13
N ASN D 119 -85.01 37.44 -78.86
CA ASN D 119 -83.97 38.44 -78.98
C ASN D 119 -84.22 39.53 -77.96
N VAL D 120 -83.40 40.57 -77.98
CA VAL D 120 -83.71 41.74 -77.17
C VAL D 120 -84.79 42.55 -77.86
N SER D 121 -86.00 42.03 -77.85
CA SER D 121 -87.15 42.81 -78.28
C SER D 121 -87.46 43.80 -77.18
N GLU D 122 -88.74 44.12 -77.02
CA GLU D 122 -89.16 45.01 -75.96
C GLU D 122 -90.38 44.45 -75.28
N ASP D 123 -90.51 44.71 -73.99
CA ASP D 123 -91.63 44.21 -73.20
C ASP D 123 -91.85 42.71 -73.41
N VAL D 124 -90.81 41.92 -73.18
CA VAL D 124 -90.97 40.47 -73.12
C VAL D 124 -91.24 40.12 -71.66
N ARG D 125 -91.61 41.13 -70.90
CA ARG D 125 -92.02 40.97 -69.51
C ARG D 125 -93.22 40.06 -69.41
N ASP D 126 -93.09 39.00 -68.60
CA ASP D 126 -94.19 38.07 -68.42
C ASP D 126 -94.81 38.22 -67.04
N ASN D 127 -95.91 37.52 -66.83
CA ASN D 127 -96.55 37.45 -65.52
C ASN D 127 -96.02 36.24 -64.76
N VAL D 128 -95.30 36.49 -63.68
CA VAL D 128 -94.81 35.38 -62.87
C VAL D 128 -95.10 35.59 -61.38
N SER D 129 -95.12 34.47 -60.65
CA SER D 129 -95.28 34.50 -59.20
C SER D 129 -94.23 33.59 -58.56
N VAL D 130 -94.00 33.77 -57.27
CA VAL D 130 -92.97 32.99 -56.59
C VAL D 130 -93.15 33.05 -55.08
N ASP D 131 -93.13 31.88 -54.44
CA ASP D 131 -93.14 31.83 -52.99
C ASP D 131 -91.78 32.26 -52.46
N TYR D 132 -91.78 33.11 -51.45
CA TYR D 132 -90.56 33.70 -50.93
C TYR D 132 -89.74 32.76 -50.06
N LYS D 133 -88.61 33.27 -49.59
CA LYS D 133 -87.81 32.61 -48.56
C LYS D 133 -88.63 32.44 -47.30
N GLN D 134 -88.33 31.40 -46.53
CA GLN D 134 -89.05 31.13 -45.29
C GLN D 134 -88.28 31.63 -44.08
N THR D 135 -88.88 32.56 -43.32
CA THR D 135 -88.18 33.16 -42.20
C THR D 135 -89.04 33.23 -40.94
N GLN D 136 -88.44 32.88 -39.80
CA GLN D 136 -89.04 33.14 -38.50
C GLN D 136 -88.01 33.83 -37.62
N LEU D 137 -88.37 34.96 -37.03
CA LEU D 137 -87.47 35.61 -36.08
C LEU D 137 -88.23 36.34 -34.98
N CYS D 138 -87.59 36.47 -33.83
CA CYS D 138 -88.19 37.15 -32.68
C CYS D 138 -87.11 37.90 -31.89
N ILE D 139 -87.30 39.21 -31.73
CA ILE D 139 -86.34 40.01 -30.99
C ILE D 139 -87.01 40.77 -29.85
N LEU D 140 -86.47 40.63 -28.64
CA LEU D 140 -86.95 41.39 -27.49
C LEU D 140 -85.96 42.47 -27.10
N GLY D 141 -86.47 43.57 -26.55
CA GLY D 141 -85.63 44.68 -26.13
C GLY D 141 -86.46 45.78 -25.52
N CYS D 142 -85.81 46.70 -24.80
CA CYS D 142 -86.50 47.87 -24.28
C CYS D 142 -86.29 49.05 -25.22
N ALA D 143 -85.66 48.77 -26.35
CA ALA D 143 -85.51 49.74 -27.43
C ALA D 143 -85.74 49.01 -28.75
N PRO D 144 -86.23 49.72 -29.78
CA PRO D 144 -86.51 49.04 -31.05
C PRO D 144 -85.24 48.47 -31.67
N ALA D 145 -85.38 47.43 -32.49
CA ALA D 145 -84.23 46.76 -33.09
C ALA D 145 -83.71 47.52 -34.31
N ILE D 146 -82.41 47.44 -34.55
CA ILE D 146 -81.82 48.14 -35.69
C ILE D 146 -81.70 47.22 -36.90
N GLY D 147 -82.12 47.71 -38.05
CA GLY D 147 -81.99 46.96 -39.28
C GLY D 147 -80.95 47.57 -40.20
N GLU D 148 -80.54 46.83 -41.23
CA GLU D 148 -79.66 47.35 -42.24
C GLU D 148 -80.21 47.06 -43.62
N HIS D 149 -79.83 47.87 -44.60
CA HIS D 149 -80.22 47.64 -45.98
C HIS D 149 -79.29 48.41 -46.91
N TRP D 150 -79.38 48.13 -48.20
CA TRP D 150 -78.53 48.80 -49.17
C TRP D 150 -79.29 49.86 -49.94
N ALA D 151 -78.72 51.06 -49.97
CA ALA D 151 -79.34 52.19 -50.65
C ALA D 151 -78.30 52.91 -51.51
N LYS D 152 -78.78 53.73 -52.43
CA LYS D 152 -77.91 54.57 -53.26
C LYS D 152 -76.93 55.36 -52.41
N GLY D 153 -75.69 55.44 -52.88
CA GLY D 153 -74.63 56.12 -52.16
C GLY D 153 -74.84 57.62 -52.17
N THR D 154 -73.76 58.38 -52.08
CA THR D 154 -73.92 59.83 -51.98
C THR D 154 -73.39 60.55 -53.22
N ALA D 155 -74.01 61.68 -53.52
CA ALA D 155 -73.86 62.35 -54.81
C ALA D 155 -72.79 63.42 -54.76
N SER D 156 -71.64 63.05 -54.20
CA SER D 156 -70.51 63.95 -54.01
C SER D 156 -70.12 64.60 -55.32
N LYS D 157 -69.71 65.87 -55.26
CA LYS D 157 -69.32 66.59 -56.48
C LYS D 157 -68.27 65.82 -57.29
N SER D 158 -67.08 65.62 -56.71
CA SER D 158 -65.92 64.90 -57.31
C SER D 158 -66.11 64.35 -58.71
N ARG D 159 -67.03 63.40 -58.83
CA ARG D 159 -67.41 62.82 -60.11
C ARG D 159 -68.92 62.75 -60.20
N PRO D 160 -69.52 63.59 -61.04
CA PRO D 160 -70.97 63.52 -61.22
C PRO D 160 -71.35 62.30 -62.03
N LEU D 161 -72.23 61.46 -61.47
CA LEU D 161 -72.59 60.22 -62.11
C LEU D 161 -73.19 60.49 -63.49
N SER D 162 -72.48 60.01 -64.50
CA SER D 162 -72.76 60.29 -65.90
C SER D 162 -74.19 59.95 -66.38
N GLN D 163 -75.08 59.61 -65.43
CA GLN D 163 -76.48 59.21 -65.66
C GLN D 163 -76.54 57.98 -66.59
N GLY D 164 -76.85 56.83 -65.98
CA GLY D 164 -76.86 55.53 -66.65
C GLY D 164 -75.83 54.61 -66.02
N ASP D 165 -74.72 55.25 -65.64
CA ASP D 165 -73.71 54.69 -64.77
C ASP D 165 -74.34 54.25 -63.44
N CYS D 166 -73.96 53.06 -62.98
CA CYS D 166 -74.39 52.48 -61.71
C CYS D 166 -73.94 53.32 -60.51
N PRO D 167 -74.88 53.63 -59.60
CA PRO D 167 -74.57 54.37 -58.37
C PRO D 167 -73.71 53.57 -57.41
N PRO D 168 -73.02 54.25 -56.47
CA PRO D 168 -72.33 53.54 -55.38
C PRO D 168 -73.33 53.05 -54.36
N LEU D 169 -73.01 51.95 -53.69
CA LEU D 169 -73.90 51.41 -52.67
C LEU D 169 -73.42 51.76 -51.27
N GLU D 170 -74.36 52.17 -50.42
CA GLU D 170 -74.05 52.48 -49.03
C GLU D 170 -74.93 51.65 -48.10
N LEU D 171 -74.32 51.03 -47.10
CA LEU D 171 -75.08 50.30 -46.11
C LEU D 171 -75.68 51.32 -45.15
N LYS D 172 -76.99 51.20 -44.92
CA LYS D 172 -77.67 52.16 -44.05
C LYS D 172 -78.34 51.49 -42.87
N ASN D 173 -78.06 52.04 -41.68
CA ASN D 173 -78.70 51.58 -40.45
C ASN D 173 -79.99 52.35 -40.18
N THR D 174 -80.98 51.65 -39.66
CA THR D 174 -82.30 52.22 -39.44
C THR D 174 -83.07 51.43 -38.38
N VAL D 175 -84.08 52.06 -37.81
CA VAL D 175 -84.98 51.40 -36.87
C VAL D 175 -85.98 50.53 -37.63
N LEU D 176 -86.26 49.34 -37.11
CA LEU D 176 -87.28 48.47 -37.70
C LEU D 176 -88.66 48.87 -37.19
N GLU D 177 -89.45 49.51 -38.04
CA GLU D 177 -90.82 49.87 -37.70
C GLU D 177 -91.75 48.74 -38.12
N ASP D 178 -92.97 48.75 -37.61
CA ASP D 178 -93.96 47.77 -38.03
C ASP D 178 -94.36 48.03 -39.48
N GLY D 179 -94.32 46.99 -40.30
CA GLY D 179 -94.71 47.12 -41.69
C GLY D 179 -93.54 47.08 -42.65
N ASP D 180 -92.33 47.26 -42.12
CA ASP D 180 -91.14 47.14 -42.96
C ASP D 180 -91.04 45.72 -43.49
N MET D 181 -90.68 45.60 -44.77
CA MET D 181 -90.61 44.28 -45.40
C MET D 181 -89.29 43.59 -45.09
N VAL D 182 -89.32 42.27 -45.00
CA VAL D 182 -88.12 41.48 -44.73
C VAL D 182 -87.42 41.10 -46.02
N ASP D 183 -86.20 40.59 -45.88
CA ASP D 183 -85.51 39.98 -47.00
C ASP D 183 -86.29 38.76 -47.46
N THR D 184 -86.71 38.76 -48.72
CA THR D 184 -87.56 37.71 -49.25
C THR D 184 -86.78 36.71 -50.08
N GLY D 185 -85.50 37.02 -50.32
CA GLY D 185 -84.64 36.22 -51.17
C GLY D 185 -84.02 37.08 -52.25
N TYR D 186 -84.52 38.31 -52.37
CA TYR D 186 -84.05 39.23 -53.39
C TYR D 186 -83.04 40.22 -52.84
N GLY D 187 -82.43 39.88 -51.71
CA GLY D 187 -81.49 40.77 -51.06
C GLY D 187 -82.20 41.84 -50.27
N ALA D 188 -81.49 42.44 -49.33
CA ALA D 188 -82.06 43.50 -48.49
C ALA D 188 -81.61 44.88 -48.98
N MET D 189 -82.40 45.48 -49.87
CA MET D 189 -82.06 46.79 -50.41
C MET D 189 -83.29 47.67 -50.61
N ASP D 190 -83.06 48.89 -51.10
CA ASP D 190 -84.11 49.84 -51.41
C ASP D 190 -84.48 49.79 -52.88
N PHE D 191 -85.47 48.96 -53.21
CA PHE D 191 -85.85 48.72 -54.60
C PHE D 191 -86.45 49.94 -55.28
N SER D 192 -86.94 50.89 -54.48
CA SER D 192 -87.60 52.07 -55.01
C SER D 192 -86.62 53.12 -55.52
N THR D 193 -85.33 52.92 -55.26
CA THR D 193 -84.32 53.88 -55.68
C THR D 193 -83.13 53.21 -56.38
N LEU D 194 -83.18 51.88 -56.49
CA LEU D 194 -82.08 51.13 -57.08
C LEU D 194 -82.51 50.41 -58.36
N GLN D 195 -83.82 50.32 -58.58
CA GLN D 195 -84.36 49.66 -59.76
C GLN D 195 -85.43 50.51 -60.42
N ASP D 196 -85.05 51.24 -61.47
CA ASP D 196 -85.97 52.15 -62.14
C ASP D 196 -87.03 51.41 -62.94
N THR D 197 -86.79 50.13 -63.22
CA THR D 197 -87.72 49.34 -64.01
C THR D 197 -89.02 49.09 -63.25
N LYS D 198 -88.92 49.03 -61.92
CA LYS D 198 -90.04 48.72 -61.05
C LYS D 198 -90.68 47.39 -61.46
N CYS D 199 -89.85 46.47 -61.95
CA CYS D 199 -90.32 45.19 -62.48
C CYS D 199 -89.34 44.05 -62.21
N GLU D 200 -88.38 44.28 -61.33
CA GLU D 200 -87.34 43.31 -61.05
C GLU D 200 -87.71 42.37 -59.91
N VAL D 201 -88.67 42.80 -59.08
CA VAL D 201 -89.09 42.04 -57.91
C VAL D 201 -90.62 42.02 -57.84
N PRO D 202 -91.20 41.12 -57.03
CA PRO D 202 -92.67 41.08 -56.97
C PRO D 202 -93.33 42.35 -56.40
N LEU D 203 -94.66 42.39 -56.44
CA LEU D 203 -95.43 43.61 -56.22
C LEU D 203 -95.32 44.22 -54.82
N ASP D 204 -95.24 43.37 -53.79
CA ASP D 204 -95.30 43.86 -52.42
C ASP D 204 -94.00 44.52 -51.96
N ILE D 205 -92.89 44.14 -52.58
CA ILE D 205 -91.59 44.72 -52.26
C ILE D 205 -91.08 45.62 -53.38
N CYS D 206 -91.83 45.67 -54.48
CA CYS D 206 -91.43 46.41 -55.68
C CYS D 206 -90.99 47.85 -55.43
N GLN D 207 -91.75 48.57 -54.62
CA GLN D 207 -91.45 49.97 -54.31
C GLN D 207 -91.18 50.15 -52.83
N SER D 208 -90.84 49.07 -52.15
CA SER D 208 -90.59 49.11 -50.71
C SER D 208 -89.11 49.03 -50.39
N ILE D 209 -88.80 48.93 -49.10
CA ILE D 209 -87.43 48.82 -48.63
C ILE D 209 -87.29 47.58 -47.76
N CYS D 210 -86.55 46.59 -48.24
CA CYS D 210 -86.34 45.37 -47.49
C CYS D 210 -85.15 45.48 -46.55
N LYS D 211 -85.41 45.39 -45.26
CA LYS D 211 -84.36 45.48 -44.26
C LYS D 211 -84.03 44.10 -43.71
N TYR D 212 -82.88 44.00 -43.05
CA TYR D 212 -82.46 42.78 -42.37
C TYR D 212 -81.86 43.20 -41.04
N PRO D 213 -82.18 42.46 -39.97
CA PRO D 213 -81.68 42.86 -38.63
C PRO D 213 -80.17 42.95 -38.60
N ASP D 214 -79.65 44.04 -38.03
CA ASP D 214 -78.21 44.20 -37.91
C ASP D 214 -77.74 43.51 -36.64
N TYR D 215 -77.71 42.18 -36.68
CA TYR D 215 -77.32 41.37 -35.54
C TYR D 215 -75.92 41.70 -35.05
N LEU D 216 -75.02 41.96 -36.00
CA LEU D 216 -73.64 42.29 -35.67
C LEU D 216 -73.56 43.55 -34.82
N GLN D 217 -74.24 44.60 -35.26
CA GLN D 217 -74.22 45.87 -34.53
C GLN D 217 -74.95 45.76 -33.21
N MET D 218 -76.10 45.10 -33.22
CA MET D 218 -76.92 44.98 -32.03
C MET D 218 -76.23 44.17 -30.94
N SER D 219 -75.38 43.24 -31.34
CA SER D 219 -74.60 42.44 -30.40
C SER D 219 -73.44 43.26 -29.84
N ALA D 220 -72.94 44.19 -30.65
CA ALA D 220 -71.80 45.02 -30.28
C ALA D 220 -72.23 46.31 -29.59
N ASP D 221 -73.54 46.54 -29.51
CA ASP D 221 -74.08 47.70 -28.80
C ASP D 221 -73.64 47.66 -27.34
N PRO D 222 -73.08 48.79 -26.85
CA PRO D 222 -72.45 48.88 -25.53
C PRO D 222 -73.35 48.45 -24.38
N TYR D 223 -74.57 48.98 -24.32
CA TYR D 223 -75.45 48.67 -23.21
C TYR D 223 -76.27 47.40 -23.49
N GLY D 224 -76.76 47.28 -24.72
CA GLY D 224 -77.47 46.08 -25.11
C GLY D 224 -78.96 46.13 -24.88
N ASP D 225 -79.53 47.33 -25.02
CA ASP D 225 -80.96 47.53 -24.86
C ASP D 225 -81.71 47.11 -26.13
N SER D 226 -80.96 47.03 -27.22
CA SER D 226 -81.54 46.73 -28.53
C SER D 226 -82.09 45.31 -28.61
N MET D 227 -81.31 44.35 -28.15
CA MET D 227 -81.76 42.96 -28.07
C MET D 227 -81.17 42.19 -26.90
N PHE D 228 -82.04 41.65 -26.05
CA PHE D 228 -81.61 40.73 -25.00
C PHE D 228 -82.28 39.38 -25.19
N PHE D 229 -82.87 39.17 -26.36
CA PHE D 229 -83.44 37.89 -26.74
C PHE D 229 -83.57 37.82 -28.26
N CYS D 230 -83.02 36.76 -28.85
CA CYS D 230 -82.96 36.63 -30.29
C CYS D 230 -83.18 35.20 -30.75
N LEU D 231 -84.24 34.99 -31.51
CA LEU D 231 -84.46 33.70 -32.16
C LEU D 231 -84.57 33.91 -33.65
N ARG D 232 -83.87 33.11 -34.43
CA ARG D 232 -84.02 33.17 -35.87
C ARG D 232 -84.01 31.78 -36.49
N ARG D 233 -84.75 31.63 -37.57
CA ARG D 233 -84.78 30.38 -38.33
C ARG D 233 -85.17 30.68 -39.77
N GLU D 234 -84.20 30.61 -40.67
CA GLU D 234 -84.46 30.89 -42.08
C GLU D 234 -83.95 29.76 -42.96
N GLN D 235 -84.56 29.61 -44.13
CA GLN D 235 -84.15 28.61 -45.11
C GLN D 235 -84.79 28.89 -46.46
N LEU D 236 -84.07 28.54 -47.54
CA LEU D 236 -84.57 28.75 -48.90
C LEU D 236 -83.69 28.03 -49.92
N PHE D 237 -84.17 27.96 -51.16
CA PHE D 237 -83.35 27.43 -52.25
C PHE D 237 -83.79 28.06 -53.57
N ALA D 238 -83.03 27.78 -54.62
CA ALA D 238 -83.29 28.38 -55.93
C ALA D 238 -84.18 27.49 -56.78
N ARG D 239 -85.32 28.03 -57.19
CA ARG D 239 -86.33 27.28 -57.93
C ARG D 239 -86.15 27.40 -59.45
N HIS D 240 -86.13 28.63 -59.97
CA HIS D 240 -85.91 28.83 -61.41
C HIS D 240 -84.85 29.89 -61.69
N PHE D 241 -84.10 29.69 -62.77
CA PHE D 241 -83.00 30.56 -63.14
C PHE D 241 -83.38 31.42 -64.35
N TRP D 242 -83.22 32.74 -64.24
CA TRP D 242 -83.67 33.63 -65.30
C TRP D 242 -82.64 34.69 -65.70
N ASN D 243 -82.89 35.30 -66.85
CA ASN D 243 -82.09 36.43 -67.31
C ASN D 243 -82.75 37.75 -66.94
N ARG D 244 -82.10 38.85 -67.29
CA ARG D 244 -82.70 40.17 -67.13
C ARG D 244 -82.74 40.86 -68.49
N ALA D 245 -83.89 41.42 -68.84
CA ALA D 245 -83.98 42.17 -70.09
C ALA D 245 -83.35 43.54 -69.93
N GLY D 246 -82.70 44.01 -70.99
CA GLY D 246 -81.98 45.27 -70.94
C GLY D 246 -80.57 45.15 -71.50
N THR D 247 -79.86 46.28 -71.55
CA THR D 247 -78.49 46.29 -72.00
C THR D 247 -77.54 46.09 -70.83
N MET D 248 -76.40 45.45 -71.08
CA MET D 248 -75.42 45.20 -70.03
C MET D 248 -74.65 46.48 -69.70
N GLY D 249 -74.74 46.90 -68.44
CA GLY D 249 -74.02 48.07 -67.98
C GLY D 249 -72.53 47.82 -67.91
N ASP D 250 -72.16 46.74 -67.25
CA ASP D 250 -70.77 46.28 -67.24
C ASP D 250 -70.53 45.37 -68.43
N THR D 251 -69.57 45.74 -69.28
CA THR D 251 -69.29 44.97 -70.49
C THR D 251 -68.39 43.79 -70.19
N VAL D 252 -68.80 42.62 -70.68
CA VAL D 252 -68.03 41.40 -70.49
C VAL D 252 -66.73 41.46 -71.27
N PRO D 253 -65.58 41.36 -70.57
CA PRO D 253 -64.25 41.46 -71.17
C PRO D 253 -64.03 40.43 -72.27
N GLN D 254 -63.48 40.87 -73.40
CA GLN D 254 -63.23 39.99 -74.54
C GLN D 254 -62.39 38.76 -74.21
N SER D 255 -61.58 38.86 -73.16
CA SER D 255 -60.67 37.78 -72.78
C SER D 255 -61.37 36.62 -72.07
N LEU D 256 -62.70 36.62 -72.09
CA LEU D 256 -63.46 35.64 -71.31
C LEU D 256 -64.30 34.71 -72.18
N TYR D 257 -64.23 34.88 -73.50
CA TYR D 257 -64.99 34.05 -74.41
C TYR D 257 -64.46 34.15 -75.83
N ILE D 258 -64.81 33.17 -76.66
CA ILE D 258 -64.49 33.23 -78.08
C ILE D 258 -65.67 33.84 -78.81
N LYS D 259 -65.38 34.81 -79.67
CA LYS D 259 -66.42 35.49 -80.42
C LYS D 259 -67.05 34.54 -81.43
N GLY D 260 -68.32 34.78 -81.76
CA GLY D 260 -69.04 33.93 -82.70
C GLY D 260 -69.57 34.68 -83.90
N THR D 261 -70.72 34.24 -84.40
CA THR D 261 -71.35 34.83 -85.58
C THR D 261 -72.86 34.90 -85.39
N GLY D 262 -73.47 35.96 -85.92
CA GLY D 262 -74.91 36.14 -85.81
C GLY D 262 -75.30 36.66 -84.44
N MET D 263 -76.26 35.99 -83.80
CA MET D 263 -76.68 36.38 -82.45
C MET D 263 -75.58 36.09 -81.45
N ARG D 264 -74.82 35.03 -81.72
CA ARG D 264 -73.76 34.60 -80.81
C ARG D 264 -72.45 35.33 -81.09
N ALA D 265 -72.52 36.35 -81.94
CA ALA D 265 -71.36 37.21 -82.17
C ALA D 265 -71.10 38.06 -80.93
N SER D 266 -72.17 38.60 -80.35
CA SER D 266 -72.04 39.42 -79.15
C SER D 266 -72.71 38.75 -77.95
N PRO D 267 -72.13 38.90 -76.75
CA PRO D 267 -72.69 38.29 -75.54
C PRO D 267 -74.01 38.92 -75.12
N GLY D 268 -75.00 38.07 -74.84
CA GLY D 268 -76.30 38.54 -74.40
C GLY D 268 -76.30 39.02 -72.96
N SER D 269 -77.39 38.76 -72.25
CA SER D 269 -77.54 39.18 -70.86
C SER D 269 -76.80 38.24 -69.94
N CYS D 270 -76.04 38.81 -69.00
CA CYS D 270 -75.27 38.02 -68.04
C CYS D 270 -75.60 38.45 -66.63
N VAL D 271 -76.79 39.02 -66.46
CA VAL D 271 -77.29 39.35 -65.14
C VAL D 271 -78.36 38.35 -64.75
N TYR D 272 -77.95 37.32 -64.00
CA TYR D 272 -78.87 36.27 -63.60
C TYR D 272 -79.37 36.48 -62.20
N SER D 273 -80.61 36.05 -61.94
CA SER D 273 -81.19 36.13 -60.61
C SER D 273 -82.23 35.04 -60.44
N PRO D 274 -82.02 34.15 -59.45
CA PRO D 274 -82.91 33.01 -59.23
C PRO D 274 -84.12 33.38 -58.37
N SER D 275 -85.27 32.84 -58.72
CA SER D 275 -86.46 32.98 -57.89
C SER D 275 -86.23 32.24 -56.57
N PRO D 276 -86.42 32.93 -55.44
CA PRO D 276 -86.26 32.31 -54.12
C PRO D 276 -87.32 31.23 -53.90
N SER D 277 -87.14 30.40 -52.88
CA SER D 277 -88.13 29.37 -52.56
C SER D 277 -87.87 28.73 -51.20
N GLY D 278 -88.73 29.03 -50.24
CA GLY D 278 -88.71 28.33 -48.97
C GLY D 278 -89.30 26.96 -49.21
N SER D 279 -88.62 25.92 -48.72
CA SER D 279 -89.04 24.55 -49.01
C SER D 279 -90.29 24.14 -48.23
N ILE D 280 -90.28 22.91 -47.73
CA ILE D 280 -91.38 22.39 -46.93
C ILE D 280 -91.54 23.17 -45.63
N VAL D 281 -92.74 23.64 -45.35
CA VAL D 281 -93.01 24.28 -44.08
C VAL D 281 -93.73 23.31 -43.15
N THR D 282 -93.06 22.96 -42.05
CA THR D 282 -93.58 21.97 -41.13
C THR D 282 -93.82 22.55 -39.75
N SER D 283 -94.54 21.80 -38.92
CA SER D 283 -94.80 22.21 -37.55
C SER D 283 -93.62 21.86 -36.64
N ASP D 284 -92.82 20.90 -37.07
CA ASP D 284 -91.73 20.39 -36.25
C ASP D 284 -90.64 21.44 -36.04
N SER D 285 -90.48 22.32 -37.03
CA SER D 285 -89.46 23.35 -36.96
C SER D 285 -90.09 24.71 -36.61
N GLN D 286 -91.25 24.69 -35.98
CA GLN D 286 -91.95 25.91 -35.62
C GLN D 286 -91.29 26.58 -34.42
N LEU D 287 -91.21 27.90 -34.46
CA LEU D 287 -90.51 28.66 -33.44
C LEU D 287 -91.45 29.23 -32.38
N PHE D 288 -92.74 29.31 -32.70
CA PHE D 288 -93.70 29.99 -31.83
C PHE D 288 -94.67 29.04 -31.15
N ASN D 289 -95.63 29.61 -30.42
CA ASN D 289 -96.55 28.87 -29.58
C ASN D 289 -95.81 28.04 -28.52
N LYS D 290 -94.57 28.42 -28.27
CA LYS D 290 -93.76 27.83 -27.22
C LYS D 290 -93.31 28.94 -26.28
N PRO D 291 -93.26 28.66 -24.97
CA PRO D 291 -92.72 29.66 -24.06
C PRO D 291 -91.21 29.69 -24.11
N TYR D 292 -90.62 30.85 -23.90
CA TYR D 292 -89.18 30.96 -23.79
C TYR D 292 -88.83 31.75 -22.53
N TRP D 293 -87.83 31.27 -21.80
CA TRP D 293 -87.42 31.92 -20.57
C TRP D 293 -86.10 32.65 -20.76
N LEU D 294 -86.09 33.93 -20.39
CA LEU D 294 -84.88 34.74 -20.49
C LEU D 294 -84.05 34.52 -19.23
N HIS D 295 -83.38 33.38 -19.18
CA HIS D 295 -82.56 33.00 -18.03
C HIS D 295 -81.50 34.05 -17.71
N LYS D 296 -80.58 34.23 -18.64
CA LYS D 296 -79.53 35.25 -18.54
C LYS D 296 -79.23 35.75 -19.95
N ALA D 297 -79.44 37.05 -20.15
CA ALA D 297 -79.35 37.65 -21.48
C ALA D 297 -77.95 37.56 -22.09
N GLN D 298 -77.85 37.83 -23.38
CA GLN D 298 -76.56 37.82 -24.06
C GLN D 298 -75.83 39.13 -23.84
N GLY D 299 -76.58 40.23 -23.82
CA GLY D 299 -76.00 41.55 -23.63
C GLY D 299 -75.77 41.90 -22.18
N HIS D 300 -75.57 43.18 -21.91
CA HIS D 300 -75.39 43.64 -20.54
C HIS D 300 -76.75 43.89 -19.87
N ASN D 301 -77.74 44.29 -20.65
CA ASN D 301 -79.10 44.41 -20.13
C ASN D 301 -79.72 43.01 -20.04
N ASN D 302 -80.17 42.64 -18.85
CA ASN D 302 -80.73 41.31 -18.64
C ASN D 302 -82.24 41.35 -18.53
N GLY D 303 -82.89 41.92 -19.54
CA GLY D 303 -84.34 41.96 -19.61
C GLY D 303 -84.97 43.07 -18.79
N VAL D 304 -84.15 44.01 -18.33
CA VAL D 304 -84.67 45.17 -17.61
C VAL D 304 -85.39 46.10 -18.59
N CYS D 305 -86.69 46.27 -18.37
CA CYS D 305 -87.50 47.08 -19.26
C CYS D 305 -87.50 48.54 -18.84
N TRP D 306 -86.46 49.27 -19.25
CA TRP D 306 -86.38 50.70 -18.93
C TRP D 306 -87.53 51.45 -19.60
N HIS D 307 -87.94 52.56 -18.97
CA HIS D 307 -89.08 53.34 -19.42
C HIS D 307 -90.39 52.55 -19.39
N ASN D 308 -90.37 51.41 -18.71
CA ASN D 308 -91.55 50.55 -18.61
C ASN D 308 -92.07 50.22 -20.01
N GLN D 309 -91.14 49.89 -20.90
CA GLN D 309 -91.43 49.61 -22.29
C GLN D 309 -90.89 48.26 -22.70
N LEU D 310 -91.39 47.74 -23.82
CA LEU D 310 -90.95 46.44 -24.31
C LEU D 310 -91.24 46.33 -25.79
N PHE D 311 -90.19 46.11 -26.58
CA PHE D 311 -90.35 45.97 -28.02
C PHE D 311 -90.24 44.51 -28.42
N VAL D 312 -91.28 44.01 -29.07
CA VAL D 312 -91.29 42.65 -29.59
C VAL D 312 -91.29 42.72 -31.10
N THR D 313 -90.16 42.35 -31.70
CA THR D 313 -90.03 42.36 -33.15
C THR D 313 -90.17 40.95 -33.70
N VAL D 314 -91.20 40.73 -34.51
CA VAL D 314 -91.56 39.38 -34.94
C VAL D 314 -91.70 39.25 -36.45
N VAL D 315 -91.18 38.15 -36.98
CA VAL D 315 -91.40 37.76 -38.36
C VAL D 315 -91.79 36.28 -38.43
N ASP D 316 -92.93 35.98 -39.04
CA ASP D 316 -93.34 34.59 -39.22
C ASP D 316 -93.98 34.40 -40.59
N THR D 317 -93.26 33.72 -41.49
CA THR D 317 -93.74 33.53 -42.85
C THR D 317 -94.35 32.16 -43.04
N THR D 318 -94.33 31.36 -41.98
CA THR D 318 -94.85 30.00 -42.03
C THR D 318 -96.38 29.97 -41.98
N ARG D 319 -97.00 31.15 -42.09
CA ARG D 319 -98.45 31.25 -42.10
C ARG D 319 -98.90 32.30 -43.12
N SER D 320 -98.67 32.01 -44.40
CA SER D 320 -98.87 32.99 -45.46
C SER D 320 -99.98 32.61 -46.45
N THR D 321 -100.96 31.84 -46.01
CA THR D 321 -102.10 31.51 -46.87
C THR D 321 -102.97 32.74 -47.12
N ASN D 322 -103.01 33.18 -48.37
CA ASN D 322 -103.82 34.35 -48.74
C ASN D 322 -105.20 33.94 -49.22
N LEU D 323 -106.23 34.42 -48.52
CA LEU D 323 -107.60 34.08 -48.86
C LEU D 323 -108.01 34.63 -50.23
N THR D 324 -108.75 33.83 -50.99
CA THR D 324 -109.25 34.27 -52.27
C THR D 324 -110.77 34.38 -52.23
N ILE D 325 -111.27 35.61 -52.28
CA ILE D 325 -112.69 35.88 -52.23
C ILE D 325 -113.19 36.42 -53.56
N CYS D 326 -114.34 35.95 -54.03
CA CYS D 326 -114.89 36.44 -55.28
C CYS D 326 -116.41 36.61 -55.24
N ALA D 327 -116.87 37.79 -55.63
CA ALA D 327 -118.30 38.10 -55.71
C ALA D 327 -118.71 38.35 -57.15
N SER D 328 -119.97 38.10 -57.46
CA SER D 328 -120.48 38.28 -58.82
C SER D 328 -121.06 39.67 -59.00
N THR D 329 -121.03 40.17 -60.24
CA THR D 329 -121.59 41.47 -60.56
C THR D 329 -123.10 41.41 -60.55
N GLN D 330 -123.64 40.29 -61.01
CA GLN D 330 -125.08 40.06 -61.01
C GLN D 330 -125.54 39.59 -59.64
N SER D 331 -126.73 40.00 -59.25
CA SER D 331 -127.28 39.64 -57.94
C SER D 331 -127.86 38.22 -57.88
N PRO D 332 -128.65 37.80 -58.88
CA PRO D 332 -129.20 36.44 -58.77
C PRO D 332 -128.17 35.33 -59.00
N VAL D 333 -126.91 35.69 -59.25
CA VAL D 333 -125.85 34.72 -59.52
C VAL D 333 -126.21 33.81 -60.69
N PRO D 334 -125.80 34.21 -61.91
CA PRO D 334 -126.20 33.55 -63.16
C PRO D 334 -125.80 32.08 -63.24
N GLY D 335 -126.56 31.31 -64.03
CA GLY D 335 -126.30 29.88 -64.19
C GLY D 335 -125.41 29.59 -65.38
N GLN D 336 -124.98 30.64 -66.06
CA GLN D 336 -124.02 30.52 -67.15
C GLN D 336 -122.70 31.18 -66.75
N TYR D 337 -121.63 30.40 -66.71
CA TYR D 337 -120.36 30.93 -66.24
C TYR D 337 -119.79 31.97 -67.20
N ASP D 338 -119.17 33.00 -66.61
CA ASP D 338 -118.55 34.07 -67.38
C ASP D 338 -117.58 34.82 -66.46
N ALA D 339 -116.29 34.65 -66.72
CA ALA D 339 -115.24 35.14 -65.83
C ALA D 339 -115.32 36.65 -65.59
N THR D 340 -115.81 37.38 -66.57
CA THR D 340 -115.88 38.84 -66.48
C THR D 340 -116.95 39.28 -65.49
N LYS D 341 -117.89 38.39 -65.20
CA LYS D 341 -119.00 38.71 -64.29
C LYS D 341 -118.66 38.36 -62.84
N PHE D 342 -117.37 38.23 -62.57
CA PHE D 342 -116.89 37.92 -61.22
C PHE D 342 -115.71 38.81 -60.85
N LYS D 343 -115.74 39.38 -59.65
CA LYS D 343 -114.63 40.18 -59.16
C LYS D 343 -113.78 39.38 -58.20
N GLN D 344 -112.47 39.34 -58.47
CA GLN D 344 -111.54 38.58 -57.65
C GLN D 344 -110.81 39.47 -56.64
N TYR D 345 -110.85 39.08 -55.38
CA TYR D 345 -110.16 39.82 -54.33
C TYR D 345 -109.13 38.94 -53.64
N SER D 346 -108.27 39.56 -52.85
CA SER D 346 -107.19 38.82 -52.20
C SER D 346 -106.93 39.41 -50.81
N ARG D 347 -107.23 38.64 -49.77
CA ARG D 347 -107.09 39.12 -48.41
C ARG D 347 -106.21 38.20 -47.57
N HIS D 348 -105.45 38.79 -46.66
CA HIS D 348 -104.58 38.01 -45.78
C HIS D 348 -104.83 38.35 -44.33
N VAL D 349 -104.70 37.35 -43.47
CA VAL D 349 -105.00 37.52 -42.06
C VAL D 349 -103.79 37.29 -41.16
N GLU D 350 -103.58 38.22 -40.22
CA GLU D 350 -102.52 38.07 -39.23
C GLU D 350 -103.14 38.05 -37.82
N GLU D 351 -102.87 36.98 -37.08
CA GLU D 351 -103.44 36.82 -35.74
C GLU D 351 -102.36 36.53 -34.70
N TYR D 352 -102.15 37.47 -33.78
CA TYR D 352 -101.13 37.33 -32.75
C TYR D 352 -101.69 37.27 -31.33
N ASP D 353 -100.85 36.79 -30.42
CA ASP D 353 -101.19 36.73 -28.99
C ASP D 353 -99.91 36.79 -28.16
N LEU D 354 -99.67 37.95 -27.56
CA LEU D 354 -98.49 38.13 -26.73
C LEU D 354 -98.80 37.78 -25.28
N GLN D 355 -97.91 37.02 -24.66
CA GLN D 355 -98.02 36.67 -23.24
C GLN D 355 -96.70 36.90 -22.55
N PHE D 356 -96.72 37.52 -21.37
CA PHE D 356 -95.48 37.77 -20.67
C PHE D 356 -95.53 37.32 -19.22
N ILE D 357 -94.35 37.18 -18.63
CA ILE D 357 -94.20 37.04 -17.18
C ILE D 357 -93.19 38.08 -16.75
N PHE D 358 -93.62 39.04 -15.95
CA PHE D 358 -92.73 40.09 -15.53
C PHE D 358 -92.28 39.93 -14.08
N GLN D 359 -91.15 40.55 -13.74
CA GLN D 359 -90.61 40.46 -12.40
C GLN D 359 -90.34 41.87 -11.86
N LEU D 360 -90.80 42.14 -10.65
CA LEU D 360 -90.57 43.44 -10.03
C LEU D 360 -89.12 43.53 -9.55
N CYS D 361 -88.51 44.70 -9.75
CA CYS D 361 -87.11 44.89 -9.41
C CYS D 361 -86.84 46.22 -8.73
N THR D 362 -85.83 46.25 -7.87
CA THR D 362 -85.46 47.46 -7.15
C THR D 362 -84.10 47.98 -7.59
N ILE D 363 -83.96 49.30 -7.65
CA ILE D 363 -82.69 49.94 -7.91
C ILE D 363 -82.38 50.91 -6.79
N THR D 364 -81.32 50.65 -6.03
CA THR D 364 -80.90 51.56 -4.98
C THR D 364 -80.20 52.75 -5.60
N LEU D 365 -80.85 53.91 -5.55
CA LEU D 365 -80.32 55.14 -6.12
C LEU D 365 -79.18 55.71 -5.28
N THR D 366 -78.00 55.16 -5.42
CA THR D 366 -76.82 55.71 -4.78
C THR D 366 -76.20 56.74 -5.72
N ALA D 367 -75.25 57.52 -5.21
CA ALA D 367 -74.65 58.60 -5.98
C ALA D 367 -74.10 58.13 -7.33
N ASP D 368 -73.21 57.14 -7.32
CA ASP D 368 -72.59 56.67 -8.56
C ASP D 368 -73.54 55.82 -9.39
N VAL D 369 -74.52 55.20 -8.74
CA VAL D 369 -75.56 54.48 -9.46
C VAL D 369 -76.33 55.45 -10.33
N MET D 370 -76.61 56.63 -9.78
CA MET D 370 -77.36 57.65 -10.50
C MET D 370 -76.57 58.20 -11.68
N SER D 371 -75.31 58.55 -11.45
CA SER D 371 -74.47 59.10 -12.50
C SER D 371 -74.14 58.06 -13.58
N TYR D 372 -74.32 56.78 -13.25
CA TYR D 372 -74.17 55.72 -14.23
C TYR D 372 -75.38 55.74 -15.16
N ILE D 373 -76.57 55.76 -14.57
CA ILE D 373 -77.82 55.82 -15.32
C ILE D 373 -77.89 57.13 -16.10
N GLN D 374 -77.32 58.18 -15.51
CA GLN D 374 -77.22 59.48 -16.16
C GLN D 374 -76.52 59.33 -17.51
N SER D 375 -75.36 58.68 -17.49
CA SER D 375 -74.58 58.44 -18.68
C SER D 375 -75.30 57.52 -19.65
N MET D 376 -75.86 56.43 -19.13
CA MET D 376 -76.58 55.46 -19.96
C MET D 376 -77.75 56.12 -20.68
N ASN D 377 -78.68 56.68 -19.91
CA ASN D 377 -79.87 57.29 -20.47
C ASN D 377 -80.51 58.25 -19.48
N SER D 378 -80.14 59.53 -19.60
CA SER D 378 -80.57 60.58 -18.69
C SER D 378 -82.09 60.64 -18.49
N SER D 379 -82.83 60.29 -19.53
CA SER D 379 -84.30 60.39 -19.50
C SER D 379 -84.93 59.38 -18.52
N ILE D 380 -84.17 58.37 -18.12
CA ILE D 380 -84.64 57.41 -17.13
C ILE D 380 -84.83 58.10 -15.79
N LEU D 381 -83.87 58.95 -15.43
CA LEU D 381 -83.92 59.69 -14.19
C LEU D 381 -84.99 60.77 -14.19
N GLU D 382 -85.30 61.31 -15.37
CA GLU D 382 -86.32 62.36 -15.47
C GLU D 382 -87.70 61.84 -15.11
N ASP D 383 -88.07 60.69 -15.66
CA ASP D 383 -89.37 60.07 -15.42
C ASP D 383 -89.57 59.74 -13.95
N TRP D 384 -88.49 59.38 -13.27
CA TRP D 384 -88.52 59.08 -11.85
C TRP D 384 -88.62 60.34 -11.00
N ASN D 385 -88.43 61.50 -11.64
CA ASN D 385 -88.46 62.80 -10.96
C ASN D 385 -87.47 62.88 -9.81
N ASN D 391 -93.99 65.53 -21.85
CA ASN D 391 -92.70 65.02 -22.27
C ASN D 391 -92.71 64.48 -23.70
N LYS D 392 -91.54 64.46 -24.32
CA LYS D 392 -91.39 63.95 -25.69
C LYS D 392 -90.66 62.62 -25.70
N ASP D 393 -91.15 61.71 -26.54
CA ASP D 393 -90.51 60.41 -26.72
C ASP D 393 -89.77 60.37 -28.05
N PRO D 394 -88.54 59.85 -28.05
CA PRO D 394 -87.69 59.79 -29.24
C PRO D 394 -88.18 58.78 -30.29
N TYR D 395 -89.32 58.14 -30.05
CA TYR D 395 -89.83 57.13 -30.98
C TYR D 395 -91.19 57.48 -31.59
N ASP D 396 -91.77 58.61 -31.17
CA ASP D 396 -93.11 58.99 -31.61
C ASP D 396 -93.20 59.25 -33.12
N LYS D 397 -92.03 59.29 -33.78
CA LYS D 397 -91.98 59.49 -35.22
C LYS D 397 -92.13 58.18 -35.99
N LEU D 398 -92.08 57.06 -35.26
CA LEU D 398 -92.01 55.74 -35.87
C LEU D 398 -93.31 54.94 -35.73
N LYS D 399 -93.57 54.10 -36.72
CA LYS D 399 -94.80 53.31 -36.76
C LYS D 399 -94.69 52.03 -35.95
N PHE D 400 -95.42 51.96 -34.85
CA PHE D 400 -95.46 50.76 -34.03
C PHE D 400 -96.88 50.27 -33.79
N TRP D 401 -97.01 48.99 -33.49
CA TRP D 401 -98.29 48.42 -33.11
C TRP D 401 -98.39 48.44 -31.59
N ASN D 402 -98.97 49.51 -31.06
CA ASN D 402 -99.01 49.73 -29.61
C ASN D 402 -99.92 48.74 -28.89
N VAL D 403 -99.34 48.05 -27.91
CA VAL D 403 -100.08 47.11 -27.08
C VAL D 403 -100.02 47.56 -25.62
N ASP D 404 -101.14 48.07 -25.11
CA ASP D 404 -101.20 48.54 -23.73
C ASP D 404 -101.41 47.36 -22.77
N LEU D 405 -100.53 47.24 -21.79
CA LEU D 405 -100.66 46.18 -20.79
C LEU D 405 -100.79 46.72 -19.38
N LYS D 406 -100.90 48.04 -19.26
CA LYS D 406 -101.09 48.70 -17.97
C LYS D 406 -102.28 48.11 -17.20
N GLU D 407 -103.24 47.58 -17.95
CA GLU D 407 -104.47 47.06 -17.39
C GLU D 407 -104.57 45.54 -17.50
N LYS D 408 -103.42 44.88 -17.61
CA LYS D 408 -103.40 43.45 -17.91
C LYS D 408 -102.55 42.64 -16.92
N PHE D 409 -101.96 43.32 -15.94
CA PHE D 409 -101.11 42.64 -14.97
C PHE D 409 -101.93 41.93 -13.91
N SER D 410 -101.45 40.77 -13.49
CA SER D 410 -102.15 39.93 -12.52
C SER D 410 -101.15 39.19 -11.64
N LEU D 411 -101.52 38.96 -10.39
CA LEU D 411 -100.60 38.35 -9.43
C LEU D 411 -100.67 36.83 -9.40
N ASP D 412 -101.87 36.27 -9.53
CA ASP D 412 -102.01 34.82 -9.57
C ASP D 412 -101.64 34.26 -10.94
N LEU D 413 -100.41 33.77 -11.05
CA LEU D 413 -99.94 33.19 -12.31
C LEU D 413 -100.76 31.95 -12.67
N ASP D 414 -101.20 31.24 -11.64
CA ASP D 414 -101.95 29.99 -11.79
C ASP D 414 -103.13 30.06 -12.76
N GLN D 415 -103.69 31.25 -12.92
CA GLN D 415 -104.91 31.42 -13.70
C GLN D 415 -104.65 31.54 -15.20
N TYR D 416 -103.38 31.61 -15.60
CA TYR D 416 -103.05 31.81 -17.00
C TYR D 416 -102.11 30.71 -17.50
N PRO D 417 -102.24 30.33 -18.79
CA PRO D 417 -101.43 29.29 -19.43
C PRO D 417 -99.93 29.46 -19.19
N LEU D 418 -99.38 30.60 -19.58
CA LEU D 418 -97.96 30.88 -19.34
C LEU D 418 -97.66 30.85 -17.85
N GLY D 419 -98.60 31.39 -17.06
CA GLY D 419 -98.46 31.43 -15.61
C GLY D 419 -98.24 30.07 -14.99
N ARG D 420 -98.97 29.08 -15.47
CA ARG D 420 -98.83 27.70 -14.98
C ARG D 420 -97.50 27.13 -15.44
N LYS D 421 -97.23 27.28 -16.73
CA LYS D 421 -95.97 26.82 -17.32
C LYS D 421 -94.77 27.39 -16.57
N PHE D 422 -94.88 28.65 -16.17
CA PHE D 422 -93.83 29.31 -15.41
C PHE D 422 -93.58 28.61 -14.08
N LEU D 423 -94.64 28.50 -13.28
CA LEU D 423 -94.58 27.86 -11.98
C LEU D 423 -94.01 26.44 -12.06
N VAL D 424 -94.42 25.70 -13.09
CA VAL D 424 -93.87 24.38 -13.36
C VAL D 424 -92.36 24.46 -13.58
N GLN D 425 -91.95 25.30 -14.52
CA GLN D 425 -90.55 25.46 -14.90
C GLN D 425 -89.66 25.88 -13.73
N ALA D 426 -90.20 26.72 -12.86
CA ALA D 426 -89.44 27.19 -11.71
C ALA D 426 -89.25 26.08 -10.69
N GLY D 427 -90.24 25.20 -10.60
CA GLY D 427 -90.19 24.07 -9.69
C GLY D 427 -91.29 24.12 -8.66
N ALA E 1 -112.01 32.61 -8.82
CA ALA E 1 -110.73 31.96 -9.10
C ALA E 1 -110.93 30.47 -9.39
N VAL E 2 -110.63 30.07 -10.61
CA VAL E 2 -110.71 28.67 -11.01
C VAL E 2 -109.65 27.86 -10.27
N VAL E 3 -109.98 26.62 -9.89
CA VAL E 3 -109.05 25.76 -9.15
C VAL E 3 -108.80 24.47 -9.93
N ASN E 4 -107.56 23.98 -9.86
CA ASN E 4 -107.19 22.69 -10.47
C ASN E 4 -108.04 21.57 -9.88
N THR E 5 -108.52 20.67 -10.74
CA THR E 5 -109.38 19.57 -10.30
C THR E 5 -108.72 18.68 -9.27
N ASP E 6 -107.39 18.65 -9.27
CA ASP E 6 -106.63 17.80 -8.36
C ASP E 6 -106.69 18.29 -6.92
N ASP E 7 -107.42 19.39 -6.70
CA ASP E 7 -107.61 19.93 -5.36
C ASP E 7 -108.97 19.55 -4.79
N TYR E 8 -109.85 19.00 -5.62
CA TYR E 8 -111.16 18.59 -5.13
C TYR E 8 -111.67 17.31 -5.77
N VAL E 9 -110.79 16.61 -6.49
CA VAL E 9 -111.14 15.32 -7.07
C VAL E 9 -110.09 14.29 -6.65
N THR E 10 -110.40 13.51 -5.62
CA THR E 10 -109.45 12.52 -5.10
C THR E 10 -109.47 11.25 -5.93
N ARG E 11 -108.31 10.89 -6.46
CA ARG E 11 -108.20 9.72 -7.33
C ARG E 11 -108.04 8.45 -6.50
N THR E 12 -108.55 7.34 -7.02
CA THR E 12 -108.40 6.06 -6.38
C THR E 12 -107.31 5.26 -7.08
N SER E 13 -107.13 4.02 -6.66
CA SER E 13 -106.15 3.14 -7.30
C SER E 13 -106.84 2.15 -8.24
N ILE E 14 -108.09 2.46 -8.57
CA ILE E 14 -108.88 1.59 -9.43
C ILE E 14 -108.76 2.02 -10.89
N PHE E 15 -108.33 1.09 -11.74
CA PHE E 15 -108.17 1.38 -13.15
C PHE E 15 -109.02 0.47 -14.03
N TYR E 16 -109.79 1.08 -14.91
CA TYR E 16 -110.62 0.36 -15.88
C TYR E 16 -110.09 0.53 -17.29
N HIS E 17 -110.24 -0.51 -18.10
CA HIS E 17 -109.96 -0.42 -19.53
C HIS E 17 -111.27 -0.51 -20.30
N ALA E 18 -111.44 0.38 -21.27
CA ALA E 18 -112.59 0.33 -22.15
C ALA E 18 -112.14 0.52 -23.59
N GLY E 19 -112.76 -0.22 -24.50
CA GLY E 19 -112.42 -0.12 -25.89
C GLY E 19 -113.63 -0.21 -26.78
N SER E 20 -113.71 0.69 -27.76
CA SER E 20 -114.73 0.57 -28.79
C SER E 20 -114.45 -0.67 -29.61
N SER E 21 -115.43 -1.10 -30.39
CA SER E 21 -115.20 -2.21 -31.32
C SER E 21 -114.35 -1.73 -32.48
N ARG E 22 -114.79 -2.01 -33.70
CA ARG E 22 -114.09 -1.47 -34.86
C ARG E 22 -114.95 -0.45 -35.57
N LEU E 23 -114.73 0.81 -35.22
CA LEU E 23 -115.37 1.92 -35.91
C LEU E 23 -114.91 1.91 -37.36
N LEU E 24 -115.88 1.87 -38.28
CA LEU E 24 -115.57 1.68 -39.69
C LEU E 24 -116.64 2.35 -40.54
N THR E 25 -116.21 2.91 -41.67
CA THR E 25 -117.13 3.62 -42.57
C THR E 25 -116.54 3.79 -43.96
N VAL E 26 -117.37 3.58 -44.98
CA VAL E 26 -116.97 3.80 -46.36
C VAL E 26 -117.93 4.80 -46.99
N GLY E 27 -117.53 5.38 -48.11
CA GLY E 27 -118.36 6.35 -48.81
C GLY E 27 -117.63 7.12 -49.89
N ASP E 28 -118.37 8.00 -50.59
CA ASP E 28 -117.78 8.85 -51.61
C ASP E 28 -116.92 9.94 -50.97
N PRO E 29 -115.70 10.13 -51.48
CA PRO E 29 -114.75 11.09 -50.91
C PRO E 29 -115.00 12.56 -51.27
N TYR E 30 -115.94 12.84 -52.17
CA TYR E 30 -116.09 14.20 -52.66
C TYR E 30 -117.44 14.85 -52.30
N PHE E 31 -118.48 14.04 -52.30
CA PHE E 31 -119.84 14.51 -52.04
C PHE E 31 -120.75 13.33 -51.73
N ARG E 32 -121.78 13.56 -50.92
CA ARG E 32 -122.70 12.47 -50.59
C ARG E 32 -123.62 12.16 -51.78
N VAL E 33 -123.83 10.88 -52.05
CA VAL E 33 -124.61 10.46 -53.20
C VAL E 33 -126.05 10.15 -52.79
N PRO E 34 -127.01 10.96 -53.29
CA PRO E 34 -128.44 10.78 -53.00
C PRO E 34 -128.93 9.36 -53.28
N ALA E 35 -129.71 8.81 -52.36
CA ALA E 35 -130.12 7.40 -52.42
C ALA E 35 -131.04 7.08 -53.58
N GLY E 36 -131.13 5.79 -53.92
CA GLY E 36 -132.08 5.31 -54.90
C GLY E 36 -131.80 5.69 -56.34
N GLY E 37 -130.84 6.58 -56.55
CA GLY E 37 -130.48 7.02 -57.89
C GLY E 37 -130.03 5.87 -58.77
N GLY E 38 -129.21 4.99 -58.19
CA GLY E 38 -128.74 3.81 -58.90
C GLY E 38 -128.80 2.58 -58.02
N ASN E 39 -128.76 2.80 -56.70
CA ASN E 39 -128.87 1.71 -55.74
C ASN E 39 -129.40 2.19 -54.40
N LYS E 40 -130.15 1.32 -53.73
CA LYS E 40 -130.76 1.60 -52.43
C LYS E 40 -129.78 2.23 -51.43
N GLN E 41 -130.31 3.12 -50.60
CA GLN E 41 -129.58 3.76 -49.48
C GLN E 41 -128.55 4.78 -49.97
N ASP E 42 -128.33 5.80 -49.14
CA ASP E 42 -127.40 6.88 -49.48
C ASP E 42 -125.94 6.45 -49.37
N ILE E 43 -125.09 7.16 -50.09
CA ILE E 43 -123.65 6.95 -50.01
C ILE E 43 -123.03 8.16 -49.33
N PRO E 44 -122.76 8.06 -48.03
CA PRO E 44 -122.27 9.18 -47.21
C PRO E 44 -120.97 9.76 -47.74
N LYS E 45 -120.74 11.04 -47.47
CA LYS E 45 -119.47 11.65 -47.85
C LYS E 45 -118.41 11.37 -46.80
N VAL E 46 -117.55 10.40 -47.08
CA VAL E 46 -116.43 10.08 -46.20
C VAL E 46 -115.12 10.54 -46.83
N SER E 47 -114.44 11.46 -46.17
CA SER E 47 -113.18 12.00 -46.70
C SER E 47 -112.10 11.99 -45.63
N ALA E 48 -110.84 11.93 -46.05
CA ALA E 48 -109.74 11.92 -45.10
C ALA E 48 -109.51 13.31 -44.53
N TYR E 49 -110.07 14.31 -45.20
CA TYR E 49 -109.86 15.70 -44.81
C TYR E 49 -111.07 16.29 -44.12
N GLN E 50 -111.78 15.47 -43.34
CA GLN E 50 -112.86 15.96 -42.51
C GLN E 50 -112.69 15.48 -41.08
N TYR E 51 -113.06 16.32 -40.13
CA TYR E 51 -112.92 16.01 -38.71
C TYR E 51 -113.70 14.76 -38.28
N ARG E 52 -113.05 13.90 -37.52
CA ARG E 52 -113.72 12.80 -36.83
C ARG E 52 -113.94 13.19 -35.38
N VAL E 53 -115.19 13.47 -35.00
CA VAL E 53 -115.47 13.84 -33.63
C VAL E 53 -116.29 12.76 -32.93
N PHE E 54 -115.60 11.96 -32.12
CA PHE E 54 -116.24 10.91 -31.35
C PHE E 54 -116.78 11.45 -30.03
N ARG E 55 -118.04 11.17 -29.75
CA ARG E 55 -118.63 11.48 -28.46
C ARG E 55 -118.72 10.21 -27.63
N VAL E 56 -117.67 9.92 -26.87
CA VAL E 56 -117.62 8.69 -26.08
C VAL E 56 -118.52 8.82 -24.85
N GLN E 57 -119.35 7.79 -24.63
CA GLN E 57 -120.33 7.81 -23.54
C GLN E 57 -119.97 6.81 -22.46
N LEU E 58 -119.58 7.32 -21.29
CA LEU E 58 -119.13 6.48 -20.19
C LEU E 58 -120.29 6.03 -19.29
N PRO E 59 -120.13 4.88 -18.61
CA PRO E 59 -121.12 4.42 -17.64
C PRO E 59 -121.10 5.28 -16.39
N ASP E 60 -122.29 5.56 -15.85
CA ASP E 60 -122.41 6.32 -14.61
C ASP E 60 -121.78 5.53 -13.45
N PRO E 61 -120.64 6.01 -12.95
CA PRO E 61 -119.86 5.30 -11.93
C PRO E 61 -120.60 5.20 -10.59
N ASN E 62 -121.66 5.98 -10.43
CA ASN E 62 -122.45 5.94 -9.21
C ASN E 62 -123.52 4.84 -9.25
N LYS E 63 -124.22 4.76 -10.37
CA LYS E 63 -125.21 3.70 -10.57
C LYS E 63 -124.50 2.44 -11.05
N PHE E 64 -123.17 2.50 -11.02
CA PHE E 64 -122.29 1.40 -11.39
C PHE E 64 -121.99 0.54 -10.17
N GLY E 65 -122.03 -0.77 -10.35
CA GLY E 65 -121.57 -1.67 -9.31
C GLY E 65 -120.06 -1.72 -9.35
N LEU E 66 -119.44 -1.58 -8.18
CA LEU E 66 -117.99 -1.50 -8.10
C LEU E 66 -117.36 -2.85 -7.75
N PRO E 67 -116.03 -2.97 -7.86
CA PRO E 67 -115.37 -4.17 -7.32
C PRO E 67 -115.55 -4.24 -5.81
N ASP E 68 -115.88 -3.09 -5.25
CA ASP E 68 -116.16 -2.93 -3.84
C ASP E 68 -116.84 -1.57 -3.69
N THR E 69 -118.07 -1.54 -3.20
CA THR E 69 -118.77 -0.26 -3.06
C THR E 69 -118.58 0.29 -1.66
N SER E 70 -117.33 0.28 -1.21
CA SER E 70 -116.94 0.95 0.01
C SER E 70 -115.68 1.76 -0.30
N ILE E 71 -115.47 2.00 -1.59
CA ILE E 71 -114.42 2.91 -2.05
C ILE E 71 -114.76 4.31 -1.56
N TYR E 72 -116.06 4.59 -1.49
CA TYR E 72 -116.52 5.89 -1.06
C TYR E 72 -117.79 5.79 -0.22
N ASN E 73 -118.31 6.93 0.19
CA ASN E 73 -119.54 7.00 0.95
C ASN E 73 -120.62 7.71 0.15
N PRO E 74 -121.52 6.92 -0.48
CA PRO E 74 -122.57 7.43 -1.37
C PRO E 74 -123.46 8.51 -0.75
N GLU E 75 -123.30 8.76 0.54
CA GLU E 75 -124.05 9.82 1.22
C GLU E 75 -123.39 11.18 1.06
N THR E 76 -122.07 11.24 1.20
CA THR E 76 -121.36 12.51 1.21
C THR E 76 -120.52 12.77 -0.04
N GLN E 77 -120.45 11.81 -0.95
CA GLN E 77 -119.59 11.98 -2.11
C GLN E 77 -120.03 11.24 -3.38
N ARG E 78 -119.46 11.66 -4.51
CA ARG E 78 -119.83 11.13 -5.81
C ARG E 78 -118.62 10.62 -6.59
N LEU E 79 -118.87 9.77 -7.58
CA LEU E 79 -117.82 9.18 -8.38
C LEU E 79 -117.70 9.85 -9.75
N VAL E 80 -116.47 10.00 -10.23
CA VAL E 80 -116.21 10.57 -11.54
C VAL E 80 -115.10 9.81 -12.25
N TRP E 81 -115.29 9.56 -13.54
CA TRP E 81 -114.24 8.98 -14.37
C TRP E 81 -113.20 10.03 -14.74
N ALA E 82 -111.93 9.70 -14.52
CA ALA E 82 -110.83 10.52 -15.00
C ALA E 82 -109.99 9.71 -15.97
N CYS E 83 -109.68 10.29 -17.13
CA CYS E 83 -108.92 9.59 -18.14
C CYS E 83 -107.44 9.54 -17.78
N ALA E 84 -106.79 8.43 -18.12
CA ALA E 84 -105.38 8.26 -17.78
C ALA E 84 -104.58 7.75 -18.98
N GLY E 85 -105.27 7.18 -19.95
CA GLY E 85 -104.62 6.65 -21.13
C GLY E 85 -105.52 6.59 -22.34
N VAL E 86 -104.96 6.92 -23.51
CA VAL E 86 -105.70 6.87 -24.76
C VAL E 86 -104.83 6.32 -25.89
N GLU E 87 -105.41 5.46 -26.71
CA GLU E 87 -104.74 4.97 -27.91
C GLU E 87 -105.71 4.94 -29.08
N ILE E 88 -105.53 5.87 -30.03
CA ILE E 88 -106.36 5.89 -31.22
C ILE E 88 -105.75 5.03 -32.32
N GLY E 89 -106.39 3.89 -32.61
CA GLY E 89 -105.91 3.00 -33.65
C GLY E 89 -106.43 3.37 -35.02
N ARG E 90 -105.55 3.35 -36.01
CA ARG E 90 -105.92 3.57 -37.40
C ARG E 90 -105.70 2.28 -38.19
N GLY E 91 -106.66 1.93 -39.04
CA GLY E 91 -106.65 0.64 -39.69
C GLY E 91 -105.93 0.56 -41.03
N GLN E 92 -106.48 1.24 -42.03
CA GLN E 92 -106.00 1.12 -43.42
C GLN E 92 -104.54 1.56 -43.58
N PRO E 93 -103.85 1.07 -44.62
CA PRO E 93 -102.45 1.43 -44.85
C PRO E 93 -102.25 2.90 -45.23
N LEU E 94 -101.03 3.40 -45.01
CA LEU E 94 -100.68 4.77 -45.41
C LEU E 94 -100.87 4.96 -46.90
N GLY E 95 -101.32 6.14 -47.30
CA GLY E 95 -101.54 6.43 -48.70
C GLY E 95 -101.83 7.89 -48.99
N VAL E 96 -101.66 8.27 -50.26
CA VAL E 96 -101.96 9.63 -50.70
C VAL E 96 -103.21 9.62 -51.57
N GLY E 97 -104.09 10.60 -51.35
CA GLY E 97 -105.35 10.68 -52.07
C GLY E 97 -105.60 12.06 -52.64
N LEU E 98 -106.00 12.11 -53.90
CA LEU E 98 -106.18 13.39 -54.58
C LEU E 98 -107.60 13.92 -54.49
N SER E 99 -107.73 15.22 -54.70
CA SER E 99 -109.02 15.86 -54.84
C SER E 99 -108.93 16.82 -56.01
N GLY E 100 -110.03 17.01 -56.73
CA GLY E 100 -110.00 17.89 -57.88
C GLY E 100 -111.28 18.65 -58.12
N HIS E 101 -111.39 19.21 -59.32
CA HIS E 101 -112.58 19.92 -59.74
C HIS E 101 -112.57 20.03 -61.26
N PRO E 102 -113.64 19.52 -61.91
CA PRO E 102 -113.74 19.51 -63.37
C PRO E 102 -113.59 20.89 -64.01
N PHE E 103 -114.05 21.92 -63.31
CA PHE E 103 -113.97 23.28 -63.81
C PHE E 103 -113.24 24.20 -62.84
N TYR E 104 -112.02 23.82 -62.47
CA TYR E 104 -111.19 24.63 -61.58
C TYR E 104 -110.82 25.97 -62.20
N ASN E 105 -110.97 27.05 -61.44
CA ASN E 105 -110.61 28.36 -61.95
C ASN E 105 -109.10 28.57 -61.97
N LYS E 106 -108.47 27.97 -62.97
CA LYS E 106 -107.04 28.16 -63.20
C LYS E 106 -106.84 28.89 -64.52
N LEU E 107 -106.46 30.16 -64.46
CA LEU E 107 -106.20 30.92 -65.68
C LEU E 107 -105.04 30.28 -66.43
N ASP E 108 -103.85 30.39 -65.84
CA ASP E 108 -102.65 29.87 -66.48
C ASP E 108 -101.47 29.75 -65.50
N ASP E 109 -100.40 29.10 -65.95
CA ASP E 109 -99.25 28.83 -65.10
C ASP E 109 -98.34 30.05 -64.96
N THR E 110 -98.23 30.58 -63.74
CA THR E 110 -97.43 31.76 -63.50
C THR E 110 -96.10 31.44 -62.82
N GLU E 111 -95.83 30.15 -62.63
CA GLU E 111 -94.56 29.74 -62.05
C GLU E 111 -93.41 30.08 -62.98
N SER E 112 -93.57 29.73 -64.25
CA SER E 112 -92.56 29.96 -65.26
C SER E 112 -93.13 29.76 -66.65
N SER E 113 -94.22 30.46 -66.95
CA SER E 113 -94.88 30.38 -68.26
C SER E 113 -93.88 30.56 -69.39
N HIS E 114 -94.06 29.80 -70.46
CA HIS E 114 -93.18 29.88 -71.62
C HIS E 114 -93.08 31.32 -72.11
N ALA E 115 -94.20 32.04 -72.02
CA ALA E 115 -94.24 33.49 -72.13
C ALA E 115 -95.62 33.98 -71.70
N ALA E 116 -96.33 34.63 -72.62
CA ALA E 116 -97.69 35.06 -72.34
C ALA E 116 -98.65 33.89 -72.50
N THR E 117 -99.93 34.12 -72.20
CA THR E 117 -100.92 33.05 -72.23
C THR E 117 -102.20 33.44 -72.94
N SER E 118 -103.26 32.69 -72.66
CA SER E 118 -104.54 32.85 -73.36
C SER E 118 -105.27 34.15 -72.99
N ASN E 119 -106.14 34.58 -73.89
CA ASN E 119 -107.00 35.73 -73.67
C ASN E 119 -107.95 35.47 -72.50
N VAL E 120 -108.21 36.50 -71.70
CA VAL E 120 -109.15 36.37 -70.59
C VAL E 120 -110.59 36.48 -71.11
N SER E 121 -110.92 35.59 -72.04
CA SER E 121 -112.21 35.63 -72.73
C SER E 121 -113.36 35.34 -71.78
N GLU E 122 -113.66 34.06 -71.59
CA GLU E 122 -114.81 33.65 -70.81
C GLU E 122 -114.51 32.39 -69.99
N ASP E 123 -114.53 31.24 -70.65
CA ASP E 123 -114.38 29.96 -69.96
C ASP E 123 -113.09 29.25 -70.33
N VAL E 124 -112.08 29.38 -69.46
CA VAL E 124 -110.79 28.74 -69.67
C VAL E 124 -110.54 27.72 -68.56
N ARG E 125 -111.61 27.30 -67.90
CA ARG E 125 -111.52 26.42 -66.74
C ARG E 125 -111.11 25.00 -67.12
N ASP E 126 -110.04 24.53 -66.51
CA ASP E 126 -109.51 23.20 -66.80
C ASP E 126 -109.78 22.22 -65.66
N ASN E 127 -109.69 20.93 -65.95
CA ASN E 127 -109.83 19.90 -64.94
C ASN E 127 -108.50 19.68 -64.22
N VAL E 128 -108.38 20.20 -63.00
CA VAL E 128 -107.16 19.97 -62.23
C VAL E 128 -107.47 19.24 -60.94
N SER E 129 -106.45 18.57 -60.39
CA SER E 129 -106.54 17.91 -59.09
C SER E 129 -105.33 18.26 -58.26
N VAL E 130 -105.40 18.01 -56.97
CA VAL E 130 -104.31 18.38 -56.07
C VAL E 130 -104.36 17.63 -54.75
N ASP E 131 -103.22 17.08 -54.34
CA ASP E 131 -103.13 16.48 -53.02
C ASP E 131 -103.05 17.59 -51.98
N TYR E 132 -103.76 17.42 -50.87
CA TYR E 132 -103.87 18.45 -49.87
C TYR E 132 -102.69 18.51 -48.91
N LYS E 133 -102.75 19.49 -48.00
CA LYS E 133 -101.82 19.58 -46.88
C LYS E 133 -101.97 18.37 -45.98
N GLN E 134 -100.85 17.91 -45.43
CA GLN E 134 -100.82 16.73 -44.57
C GLN E 134 -101.03 17.11 -43.10
N THR E 135 -102.17 16.73 -42.55
CA THR E 135 -102.50 17.11 -41.18
C THR E 135 -102.76 15.90 -40.29
N GLN E 136 -102.22 15.95 -39.07
CA GLN E 136 -102.55 15.00 -38.03
C GLN E 136 -102.84 15.76 -36.75
N LEU E 137 -104.03 15.56 -36.18
CA LEU E 137 -104.31 16.14 -34.88
C LEU E 137 -105.29 15.30 -34.05
N CYS E 138 -105.11 15.36 -32.74
CA CYS E 138 -105.92 14.59 -31.79
C CYS E 138 -106.20 15.44 -30.56
N ILE E 139 -107.47 15.59 -30.20
CA ILE E 139 -107.85 16.41 -29.05
C ILE E 139 -108.85 15.69 -28.15
N LEU E 140 -108.59 15.71 -26.85
CA LEU E 140 -109.50 15.12 -25.87
C LEU E 140 -110.08 16.19 -24.96
N GLY E 141 -111.36 16.05 -24.62
CA GLY E 141 -112.02 16.95 -23.70
C GLY E 141 -113.37 16.40 -23.28
N CYS E 142 -113.90 16.92 -22.18
CA CYS E 142 -115.25 16.54 -21.74
C CYS E 142 -116.27 17.51 -22.32
N ALA E 143 -115.80 18.36 -23.23
CA ALA E 143 -116.66 19.26 -23.98
C ALA E 143 -116.09 19.37 -25.39
N PRO E 144 -116.96 19.43 -26.40
CA PRO E 144 -116.49 19.43 -27.80
C PRO E 144 -115.52 20.58 -28.09
N ALA E 145 -114.59 20.36 -29.00
CA ALA E 145 -113.56 21.34 -29.30
C ALA E 145 -114.11 22.54 -30.07
N ILE E 146 -113.36 23.64 -30.07
CA ILE E 146 -113.79 24.85 -30.76
C ILE E 146 -112.96 25.11 -32.01
N GLY E 147 -113.64 25.34 -33.13
CA GLY E 147 -112.97 25.69 -34.36
C GLY E 147 -113.23 27.13 -34.73
N GLU E 148 -112.34 27.70 -35.53
CA GLU E 148 -112.56 29.04 -36.06
C GLU E 148 -112.56 28.97 -37.58
N HIS E 149 -113.12 29.98 -38.22
CA HIS E 149 -113.12 30.07 -39.68
C HIS E 149 -113.58 31.45 -40.10
N TRP E 150 -113.31 31.81 -41.35
CA TRP E 150 -113.66 33.13 -41.84
C TRP E 150 -114.93 33.09 -42.68
N ALA E 151 -115.88 33.95 -42.31
CA ALA E 151 -117.19 33.96 -42.93
C ALA E 151 -117.58 35.37 -43.36
N LYS E 152 -118.60 35.44 -44.21
CA LYS E 152 -119.10 36.72 -44.68
C LYS E 152 -119.64 37.53 -43.51
N GLY E 153 -119.02 38.68 -43.27
CA GLY E 153 -119.47 39.65 -42.29
C GLY E 153 -120.94 40.04 -42.42
N THR E 154 -121.50 40.57 -41.33
CA THR E 154 -122.93 40.86 -41.18
C THR E 154 -123.25 42.23 -41.78
N ALA E 155 -123.97 42.22 -42.91
CA ALA E 155 -124.16 43.38 -43.77
C ALA E 155 -124.43 44.68 -43.03
N SER E 156 -123.65 45.71 -43.36
CA SER E 156 -123.94 47.00 -42.81
C SER E 156 -125.32 47.46 -43.25
N LYS E 157 -126.19 47.67 -42.26
CA LYS E 157 -127.49 48.28 -42.45
C LYS E 157 -127.29 49.68 -42.99
N SER E 158 -126.08 50.19 -42.80
CA SER E 158 -125.72 51.53 -43.22
C SER E 158 -124.45 51.50 -44.09
N ARG E 159 -124.34 50.43 -44.89
CA ARG E 159 -123.40 50.28 -46.00
C ARG E 159 -123.71 48.96 -46.70
N PRO E 160 -124.82 48.91 -47.46
CA PRO E 160 -125.17 47.70 -48.21
C PRO E 160 -124.10 47.32 -49.21
N LEU E 161 -123.55 46.12 -49.08
CA LEU E 161 -122.51 45.69 -49.99
C LEU E 161 -123.07 45.72 -51.41
N SER E 162 -122.69 46.79 -52.12
CA SER E 162 -123.02 47.00 -53.51
C SER E 162 -122.56 45.77 -54.29
N GLN E 163 -123.47 45.17 -55.05
CA GLN E 163 -123.23 43.86 -55.66
C GLN E 163 -121.93 43.82 -56.46
N GLY E 164 -121.05 42.90 -56.08
CA GLY E 164 -119.75 42.79 -56.71
C GLY E 164 -118.61 43.17 -55.78
N ASP E 165 -118.85 44.14 -54.89
CA ASP E 165 -117.82 44.59 -53.96
C ASP E 165 -117.41 43.49 -52.99
N CYS E 166 -116.24 43.66 -52.37
CA CYS E 166 -115.72 42.69 -51.43
C CYS E 166 -116.40 42.80 -50.06
N PRO E 167 -116.90 41.66 -49.55
CA PRO E 167 -117.55 41.62 -48.24
C PRO E 167 -116.52 41.71 -47.10
N PRO E 168 -116.96 42.12 -45.90
CA PRO E 168 -116.07 42.18 -44.75
C PRO E 168 -115.88 40.82 -44.10
N LEU E 169 -114.66 40.52 -43.66
CA LEU E 169 -114.36 39.22 -43.08
C LEU E 169 -114.55 39.25 -41.57
N GLU E 170 -115.28 38.26 -41.07
CA GLU E 170 -115.48 38.10 -39.63
C GLU E 170 -115.01 36.71 -39.19
N LEU E 171 -114.16 36.68 -38.18
CA LEU E 171 -113.70 35.40 -37.63
C LEU E 171 -114.80 34.82 -36.76
N LYS E 172 -115.19 33.57 -37.02
CA LYS E 172 -116.32 32.97 -36.33
C LYS E 172 -115.97 31.68 -35.59
N ASN E 173 -116.25 31.68 -34.29
CA ASN E 173 -116.04 30.49 -33.47
C ASN E 173 -117.22 29.52 -33.56
N THR E 174 -116.92 28.23 -33.45
CA THR E 174 -117.92 27.18 -33.63
C THR E 174 -117.44 25.86 -33.06
N VAL E 175 -118.39 24.99 -32.72
CA VAL E 175 -118.08 23.65 -32.26
C VAL E 175 -117.67 22.77 -33.44
N LEU E 176 -116.61 21.97 -33.26
CA LEU E 176 -116.18 21.05 -34.31
C LEU E 176 -117.08 19.82 -34.32
N GLU E 177 -118.00 19.77 -35.26
CA GLU E 177 -118.85 18.59 -35.41
C GLU E 177 -118.13 17.56 -36.24
N ASP E 178 -118.58 16.31 -36.15
CA ASP E 178 -118.07 15.28 -37.04
C ASP E 178 -118.45 15.63 -38.47
N GLY E 179 -117.50 15.48 -39.39
CA GLY E 179 -117.76 15.75 -40.79
C GLY E 179 -117.29 17.10 -41.28
N ASP E 180 -117.07 18.03 -40.35
CA ASP E 180 -116.55 19.35 -40.70
C ASP E 180 -115.24 19.20 -41.47
N MET E 181 -115.01 20.08 -42.44
CA MET E 181 -113.80 20.00 -43.24
C MET E 181 -112.63 20.68 -42.52
N VAL E 182 -111.44 20.13 -42.71
CA VAL E 182 -110.22 20.68 -42.12
C VAL E 182 -109.55 21.64 -43.09
N ASP E 183 -108.56 22.39 -42.59
CA ASP E 183 -107.79 23.22 -43.49
C ASP E 183 -106.97 22.34 -44.42
N THR E 184 -107.24 22.45 -45.71
CA THR E 184 -106.59 21.60 -46.70
C THR E 184 -105.38 22.30 -47.30
N GLY E 185 -105.26 23.60 -47.01
CA GLY E 185 -104.17 24.40 -47.55
C GLY E 185 -104.71 25.51 -48.42
N TYR E 186 -106.02 25.68 -48.42
CA TYR E 186 -106.66 26.77 -49.13
C TYR E 186 -107.19 27.79 -48.14
N GLY E 187 -106.77 27.66 -46.89
CA GLY E 187 -107.24 28.52 -45.83
C GLY E 187 -108.47 27.95 -45.16
N ALA E 188 -108.81 28.49 -43.98
CA ALA E 188 -110.01 28.07 -43.27
C ALA E 188 -111.09 29.12 -43.40
N MET E 189 -111.95 28.98 -44.41
CA MET E 189 -113.02 29.92 -44.65
C MET E 189 -114.29 29.22 -45.11
N ASP E 190 -115.38 29.98 -45.20
CA ASP E 190 -116.65 29.46 -45.70
C ASP E 190 -116.73 29.71 -47.21
N PHE E 191 -116.24 28.74 -47.98
CA PHE E 191 -116.17 28.86 -49.43
C PHE E 191 -117.55 29.01 -50.07
N SER E 192 -118.57 28.49 -49.41
CA SER E 192 -119.92 28.54 -49.94
C SER E 192 -120.50 29.95 -50.00
N THR E 193 -119.93 30.87 -49.22
CA THR E 193 -120.44 32.24 -49.15
C THR E 193 -119.40 33.28 -49.56
N LEU E 194 -118.15 32.86 -49.67
CA LEU E 194 -117.06 33.78 -50.00
C LEU E 194 -116.61 33.63 -51.44
N GLN E 195 -117.01 32.54 -52.08
CA GLN E 195 -116.61 32.28 -53.46
C GLN E 195 -117.81 31.89 -54.32
N ASP E 196 -118.34 32.87 -55.04
CA ASP E 196 -119.54 32.67 -55.85
C ASP E 196 -119.27 31.79 -57.06
N THR E 197 -118.02 31.76 -57.49
CA THR E 197 -117.62 30.99 -58.66
C THR E 197 -117.91 29.50 -58.48
N LYS E 198 -117.83 29.04 -57.23
CA LYS E 198 -117.97 27.63 -56.89
C LYS E 198 -116.93 26.79 -57.64
N CYS E 199 -115.80 27.41 -57.95
CA CYS E 199 -114.77 26.78 -58.76
C CYS E 199 -113.37 27.22 -58.37
N GLU E 200 -113.21 27.75 -57.16
CA GLU E 200 -111.90 28.20 -56.70
C GLU E 200 -111.13 27.09 -55.98
N VAL E 201 -111.87 26.15 -55.42
CA VAL E 201 -111.28 25.06 -54.64
C VAL E 201 -111.83 23.71 -55.13
N PRO E 202 -111.11 22.62 -54.84
CA PRO E 202 -111.58 21.29 -55.25
C PRO E 202 -112.95 20.93 -54.70
N LEU E 203 -113.56 19.89 -55.27
CA LEU E 203 -114.98 19.55 -55.08
C LEU E 203 -115.42 19.31 -53.63
N ASP E 204 -114.54 18.71 -52.82
CA ASP E 204 -114.95 18.29 -51.48
C ASP E 204 -114.98 19.43 -50.46
N ILE E 205 -114.39 20.56 -50.79
CA ILE E 205 -114.49 21.75 -49.95
C ILE E 205 -115.10 22.90 -50.74
N CYS E 206 -115.67 22.58 -51.90
CA CYS E 206 -116.25 23.57 -52.79
C CYS E 206 -117.39 24.35 -52.14
N GLN E 207 -118.34 23.64 -51.55
CA GLN E 207 -119.50 24.26 -50.93
C GLN E 207 -119.53 24.04 -49.42
N SER E 208 -118.38 23.75 -48.84
CA SER E 208 -118.29 23.43 -47.42
C SER E 208 -117.70 24.56 -46.59
N ILE E 209 -117.51 24.30 -45.30
CA ILE E 209 -116.83 25.22 -44.39
C ILE E 209 -115.59 24.55 -43.82
N CYS E 210 -114.43 25.13 -44.07
CA CYS E 210 -113.19 24.59 -43.52
C CYS E 210 -112.87 25.24 -42.18
N LYS E 211 -112.81 24.42 -41.14
CA LYS E 211 -112.55 24.91 -39.79
C LYS E 211 -111.17 24.51 -39.28
N TYR E 212 -110.60 25.33 -38.42
CA TYR E 212 -109.31 25.07 -37.80
C TYR E 212 -109.46 25.25 -36.29
N PRO E 213 -108.94 24.29 -35.50
CA PRO E 213 -109.09 24.34 -34.04
C PRO E 213 -108.57 25.65 -33.45
N ASP E 214 -109.41 26.36 -32.70
CA ASP E 214 -108.98 27.58 -32.05
C ASP E 214 -108.18 27.23 -30.80
N TYR E 215 -106.92 26.87 -31.01
CA TYR E 215 -106.03 26.50 -29.91
C TYR E 215 -105.85 27.64 -28.92
N LEU E 216 -105.73 28.86 -29.44
CA LEU E 216 -105.56 30.04 -28.60
C LEU E 216 -106.70 30.19 -27.60
N GLN E 217 -107.93 30.13 -28.09
CA GLN E 217 -109.11 30.26 -27.24
C GLN E 217 -109.22 29.09 -26.25
N MET E 218 -109.07 27.87 -26.76
CA MET E 218 -109.22 26.68 -25.93
C MET E 218 -108.20 26.60 -24.79
N SER E 219 -107.06 27.26 -24.97
CA SER E 219 -106.05 27.32 -23.93
C SER E 219 -106.35 28.45 -22.95
N ALA E 220 -106.96 29.52 -23.45
CA ALA E 220 -107.35 30.65 -22.60
C ALA E 220 -108.65 30.36 -21.86
N ASP E 221 -109.32 29.27 -22.24
CA ASP E 221 -110.54 28.83 -21.59
C ASP E 221 -110.31 28.68 -20.08
N PRO E 222 -111.18 29.30 -19.27
CA PRO E 222 -110.99 29.37 -17.81
C PRO E 222 -110.92 27.99 -17.17
N TYR E 223 -111.92 27.15 -17.41
CA TYR E 223 -111.94 25.83 -16.81
C TYR E 223 -111.06 24.86 -17.58
N GLY E 224 -111.14 24.90 -18.91
CA GLY E 224 -110.31 24.04 -19.72
C GLY E 224 -110.89 22.65 -19.88
N ASP E 225 -112.18 22.57 -20.18
CA ASP E 225 -112.84 21.31 -20.43
C ASP E 225 -112.72 20.94 -21.90
N SER E 226 -112.41 21.95 -22.71
CA SER E 226 -112.44 21.82 -24.17
C SER E 226 -111.29 20.98 -24.69
N MET E 227 -110.12 21.13 -24.06
CA MET E 227 -108.97 20.32 -24.40
C MET E 227 -108.03 20.18 -23.20
N PHE E 228 -107.83 18.95 -22.77
CA PHE E 228 -106.80 18.65 -21.78
C PHE E 228 -105.77 17.69 -22.38
N PHE E 229 -105.74 17.66 -23.71
CA PHE E 229 -104.77 16.86 -24.47
C PHE E 229 -104.83 17.28 -25.92
N CYS E 230 -103.71 17.76 -26.45
CA CYS E 230 -103.67 18.28 -27.81
C CYS E 230 -102.40 17.86 -28.54
N LEU E 231 -102.57 17.08 -29.60
CA LEU E 231 -101.44 16.67 -30.41
C LEU E 231 -101.62 17.10 -31.86
N ARG E 232 -100.72 17.93 -32.36
CA ARG E 232 -100.82 18.36 -33.75
C ARG E 232 -99.51 18.14 -34.50
N ARG E 233 -99.66 17.92 -35.80
CA ARG E 233 -98.53 17.79 -36.70
C ARG E 233 -99.02 18.05 -38.12
N GLU E 234 -98.52 19.13 -38.73
CA GLU E 234 -98.95 19.50 -40.06
C GLU E 234 -97.76 19.97 -40.92
N GLN E 235 -97.80 19.66 -42.21
CA GLN E 235 -96.75 20.09 -43.12
C GLN E 235 -97.27 20.21 -44.54
N LEU E 236 -96.69 21.13 -45.31
CA LEU E 236 -97.05 21.27 -46.73
C LEU E 236 -96.03 22.14 -47.48
N PHE E 237 -96.16 22.18 -48.81
CA PHE E 237 -95.36 23.07 -49.63
C PHE E 237 -96.11 23.45 -50.91
N ALA E 238 -95.56 24.41 -51.65
CA ALA E 238 -96.23 24.92 -52.85
C ALA E 238 -95.80 24.17 -54.11
N ARG E 239 -96.74 23.47 -54.73
CA ARG E 239 -96.46 22.59 -55.86
C ARG E 239 -96.50 23.31 -57.23
N HIS E 240 -97.60 24.01 -57.51
CA HIS E 240 -97.74 24.74 -58.76
C HIS E 240 -98.30 26.14 -58.52
N PHE E 241 -97.86 27.11 -59.32
CA PHE E 241 -98.24 28.51 -59.12
C PHE E 241 -99.26 28.95 -60.18
N TRP E 242 -100.44 29.39 -59.74
CA TRP E 242 -101.54 29.66 -60.67
C TRP E 242 -102.17 31.04 -60.56
N ASN E 243 -102.76 31.47 -61.67
CA ASN E 243 -103.52 32.72 -61.71
C ASN E 243 -105.00 32.49 -61.49
N ARG E 244 -105.75 33.58 -61.34
CA ARG E 244 -107.19 33.51 -61.22
C ARG E 244 -107.86 34.22 -62.39
N ALA E 245 -108.84 33.57 -63.01
CA ALA E 245 -109.61 34.21 -64.08
C ALA E 245 -110.73 35.05 -63.47
N GLY E 246 -110.98 36.20 -64.08
CA GLY E 246 -111.94 37.15 -63.56
C GLY E 246 -111.37 38.54 -63.61
N THR E 247 -112.16 39.53 -63.23
CA THR E 247 -111.69 40.91 -63.20
C THR E 247 -111.11 41.23 -61.82
N MET E 248 -110.12 42.10 -61.78
CA MET E 248 -109.47 42.45 -60.53
C MET E 248 -110.32 43.43 -59.72
N GLY E 249 -110.71 43.00 -58.52
CA GLY E 249 -111.49 43.84 -57.64
C GLY E 249 -110.71 45.06 -57.19
N ASP E 250 -109.57 44.82 -56.55
CA ASP E 250 -108.67 45.90 -56.17
C ASP E 250 -107.70 46.18 -57.31
N THR E 251 -107.75 47.39 -57.84
CA THR E 251 -106.92 47.77 -58.98
C THR E 251 -105.48 48.06 -58.57
N VAL E 252 -104.54 47.50 -59.32
CA VAL E 252 -103.12 47.69 -59.07
C VAL E 252 -102.73 49.14 -59.27
N PRO E 253 -102.18 49.76 -58.20
CA PRO E 253 -101.74 51.16 -58.23
C PRO E 253 -100.76 51.43 -59.36
N GLN E 254 -100.99 52.51 -60.11
CA GLN E 254 -100.18 52.84 -61.29
C GLN E 254 -98.72 53.10 -60.95
N SER E 255 -98.47 53.50 -59.71
CA SER E 255 -97.10 53.81 -59.27
C SER E 255 -96.33 52.55 -58.88
N LEU E 256 -96.78 51.40 -59.38
CA LEU E 256 -96.14 50.13 -59.04
C LEU E 256 -95.58 49.42 -60.27
N TYR E 257 -95.79 50.01 -61.44
CA TYR E 257 -95.24 49.45 -62.67
C TYR E 257 -95.10 50.51 -63.75
N ILE E 258 -94.65 50.10 -64.93
CA ILE E 258 -94.60 50.98 -66.08
C ILE E 258 -95.47 50.41 -67.19
N LYS E 259 -96.42 51.22 -67.65
CA LYS E 259 -97.34 50.82 -68.70
C LYS E 259 -96.61 50.38 -69.97
N GLY E 260 -97.19 49.39 -70.65
CA GLY E 260 -96.65 48.94 -71.92
C GLY E 260 -97.68 49.12 -73.02
N THR E 261 -97.52 48.38 -74.11
CA THR E 261 -98.47 48.40 -75.20
C THR E 261 -99.01 47.00 -75.47
N GLY E 262 -100.01 46.91 -76.33
CA GLY E 262 -100.61 45.62 -76.66
C GLY E 262 -101.32 45.00 -75.47
N MET E 263 -101.08 43.71 -75.25
CA MET E 263 -101.67 42.99 -74.14
C MET E 263 -101.08 43.45 -72.81
N ARG E 264 -99.87 44.00 -72.88
CA ARG E 264 -99.17 44.45 -71.68
C ARG E 264 -99.35 45.94 -71.44
N ALA E 265 -100.39 46.51 -72.04
CA ALA E 265 -100.78 47.88 -71.74
C ALA E 265 -101.40 47.91 -70.35
N SER E 266 -102.39 47.04 -70.14
CA SER E 266 -103.06 46.92 -68.85
C SER E 266 -102.60 45.66 -68.13
N PRO E 267 -102.34 45.77 -66.80
CA PRO E 267 -101.91 44.63 -65.99
C PRO E 267 -102.93 43.49 -66.00
N GLY E 268 -102.45 42.26 -65.92
CA GLY E 268 -103.33 41.11 -65.93
C GLY E 268 -103.81 40.74 -64.53
N SER E 269 -104.11 39.46 -64.34
CA SER E 269 -104.55 38.97 -63.05
C SER E 269 -103.40 38.96 -62.05
N CYS E 270 -103.66 39.48 -60.86
CA CYS E 270 -102.65 39.54 -59.80
C CYS E 270 -103.17 38.87 -58.55
N VAL E 271 -104.09 37.92 -58.72
CA VAL E 271 -104.55 37.09 -57.61
C VAL E 271 -103.99 35.69 -57.78
N TYR E 272 -102.88 35.43 -57.10
CA TYR E 272 -102.18 34.16 -57.20
C TYR E 272 -102.63 33.20 -56.11
N SER E 273 -102.54 31.91 -56.40
CA SER E 273 -102.92 30.89 -55.42
C SER E 273 -102.23 29.56 -55.72
N PRO E 274 -101.30 29.15 -54.84
CA PRO E 274 -100.55 27.91 -55.00
C PRO E 274 -101.33 26.67 -54.62
N SER E 275 -101.22 25.62 -55.44
CA SER E 275 -101.81 24.33 -55.07
C SER E 275 -101.03 23.77 -53.89
N PRO E 276 -101.75 23.30 -52.86
CA PRO E 276 -101.09 22.76 -51.67
C PRO E 276 -100.45 21.40 -51.93
N SER E 277 -99.58 20.95 -51.04
CA SER E 277 -98.95 19.65 -51.19
C SER E 277 -98.23 19.20 -49.93
N GLY E 278 -98.76 18.18 -49.26
CA GLY E 278 -98.02 17.52 -48.22
C GLY E 278 -96.95 16.67 -48.87
N SER E 279 -95.73 16.72 -48.35
CA SER E 279 -94.61 16.02 -48.97
C SER E 279 -94.69 14.52 -48.68
N ILE E 280 -93.53 13.92 -48.42
CA ILE E 280 -93.46 12.49 -48.10
C ILE E 280 -94.28 12.18 -46.85
N VAL E 281 -95.18 11.20 -46.97
CA VAL E 281 -95.87 10.69 -45.78
C VAL E 281 -95.18 9.40 -45.32
N THR E 282 -94.58 9.46 -44.14
CA THR E 282 -93.83 8.33 -43.62
C THR E 282 -94.40 7.83 -42.29
N SER E 283 -94.07 6.59 -41.96
CA SER E 283 -94.50 5.99 -40.70
C SER E 283 -93.67 6.52 -39.53
N ASP E 284 -92.55 7.17 -39.86
CA ASP E 284 -91.62 7.68 -38.86
C ASP E 284 -92.18 8.88 -38.11
N SER E 285 -93.05 9.64 -38.77
CA SER E 285 -93.63 10.84 -38.17
C SER E 285 -95.10 10.62 -37.79
N GLN E 286 -95.48 9.35 -37.66
CA GLN E 286 -96.87 8.99 -37.40
C GLN E 286 -97.28 9.28 -35.96
N LEU E 287 -98.51 9.78 -35.79
CA LEU E 287 -98.98 10.25 -34.50
C LEU E 287 -99.93 9.26 -33.80
N PHE E 288 -100.42 8.27 -34.53
CA PHE E 288 -101.40 7.35 -33.97
C PHE E 288 -100.83 5.94 -33.85
N ASN E 289 -101.68 4.98 -33.47
CA ASN E 289 -101.27 3.61 -33.15
C ASN E 289 -100.25 3.55 -32.02
N LYS E 290 -100.08 4.69 -31.34
CA LYS E 290 -99.24 4.78 -30.17
C LYS E 290 -100.11 5.16 -28.99
N PRO E 291 -99.80 4.61 -27.81
CA PRO E 291 -100.55 5.02 -26.63
C PRO E 291 -100.03 6.34 -26.09
N TYR E 292 -100.90 7.11 -25.46
CA TYR E 292 -100.47 8.35 -24.83
C TYR E 292 -101.07 8.47 -23.44
N TRP E 293 -100.27 8.97 -22.50
CA TRP E 293 -100.67 9.09 -21.12
C TRP E 293 -100.87 10.54 -20.73
N LEU E 294 -101.97 10.82 -20.05
CA LEU E 294 -102.25 12.16 -19.57
C LEU E 294 -101.76 12.30 -18.14
N HIS E 295 -100.46 12.51 -17.98
CA HIS E 295 -99.84 12.67 -16.68
C HIS E 295 -100.48 13.83 -15.91
N LYS E 296 -100.34 15.03 -16.47
CA LYS E 296 -100.92 16.24 -15.91
C LYS E 296 -101.31 17.17 -17.05
N ALA E 297 -102.60 17.45 -17.17
CA ALA E 297 -103.13 18.20 -18.30
C ALA E 297 -102.60 19.63 -18.36
N GLN E 298 -102.88 20.31 -19.47
CA GLN E 298 -102.41 21.68 -19.65
C GLN E 298 -103.32 22.68 -18.95
N GLY E 299 -104.63 22.42 -19.00
CA GLY E 299 -105.60 23.32 -18.41
C GLY E 299 -105.82 23.02 -16.93
N HIS E 300 -106.96 23.45 -16.41
CA HIS E 300 -107.29 23.20 -15.02
C HIS E 300 -108.00 21.86 -14.83
N ASN E 301 -108.63 21.36 -15.89
CA ASN E 301 -109.22 20.02 -15.83
C ASN E 301 -108.17 18.98 -16.18
N ASN E 302 -107.85 18.13 -15.22
CA ASN E 302 -106.81 17.12 -15.41
C ASN E 302 -107.38 15.78 -15.86
N GLY E 303 -108.13 15.80 -16.95
CA GLY E 303 -108.68 14.58 -17.52
C GLY E 303 -109.94 14.11 -16.84
N VAL E 304 -110.57 15.01 -16.08
CA VAL E 304 -111.83 14.71 -15.43
C VAL E 304 -112.96 14.70 -16.46
N CYS E 305 -113.64 13.56 -16.60
CA CYS E 305 -114.70 13.42 -17.59
C CYS E 305 -116.07 13.75 -17.01
N TRP E 306 -116.41 15.03 -16.96
CA TRP E 306 -117.70 15.47 -16.44
C TRP E 306 -118.84 14.96 -17.32
N HIS E 307 -119.98 14.67 -16.69
CA HIS E 307 -121.17 14.11 -17.34
C HIS E 307 -120.91 12.70 -17.88
N ASN E 308 -119.83 12.07 -17.42
CA ASN E 308 -119.42 10.76 -17.93
C ASN E 308 -119.32 10.77 -19.45
N GLN E 309 -118.76 11.84 -19.99
CA GLN E 309 -118.62 12.01 -21.43
C GLN E 309 -117.15 12.15 -21.82
N LEU E 310 -116.89 12.08 -23.12
CA LEU E 310 -115.54 12.27 -23.65
C LEU E 310 -115.62 12.61 -25.13
N PHE E 311 -114.91 13.66 -25.52
CA PHE E 311 -114.94 14.09 -26.91
C PHE E 311 -113.58 13.94 -27.57
N VAL E 312 -113.46 12.90 -28.40
CA VAL E 312 -112.23 12.66 -29.13
C VAL E 312 -112.31 13.25 -30.53
N THR E 313 -111.54 14.31 -30.77
CA THR E 313 -111.51 14.99 -32.08
C THR E 313 -110.24 14.62 -32.85
N VAL E 314 -110.40 13.85 -33.93
CA VAL E 314 -109.27 13.27 -34.65
C VAL E 314 -109.21 13.74 -36.10
N VAL E 315 -108.00 14.08 -36.56
CA VAL E 315 -107.74 14.37 -37.96
C VAL E 315 -106.53 13.60 -38.44
N ASP E 316 -106.68 12.85 -39.52
CA ASP E 316 -105.57 12.08 -40.06
C ASP E 316 -105.66 12.00 -41.59
N THR E 317 -104.69 12.61 -42.26
CA THR E 317 -104.68 12.64 -43.72
C THR E 317 -103.60 11.74 -44.30
N THR E 318 -102.88 11.03 -43.42
CA THR E 318 -101.81 10.15 -43.88
C THR E 318 -102.38 8.83 -44.40
N ARG E 319 -103.71 8.73 -44.39
CA ARG E 319 -104.40 7.55 -44.90
C ARG E 319 -105.60 8.00 -45.73
N SER E 320 -105.34 8.37 -46.98
CA SER E 320 -106.36 8.99 -47.83
C SER E 320 -106.53 8.30 -49.18
N THR E 321 -105.95 7.12 -49.33
CA THR E 321 -106.08 6.38 -50.59
C THR E 321 -107.54 6.06 -50.89
N ASN E 322 -108.01 6.54 -52.03
CA ASN E 322 -109.38 6.32 -52.44
C ASN E 322 -109.48 5.16 -53.42
N LEU E 323 -110.22 4.12 -53.03
CA LEU E 323 -110.39 2.94 -53.85
C LEU E 323 -111.07 3.27 -55.17
N THR E 324 -110.45 2.85 -56.28
CA THR E 324 -111.03 3.01 -57.60
C THR E 324 -111.81 1.76 -57.96
N ILE E 325 -113.12 1.91 -58.11
CA ILE E 325 -113.97 0.78 -58.46
C ILE E 325 -114.54 1.01 -59.86
N CYS E 326 -114.71 -0.07 -60.62
CA CYS E 326 -115.34 0.03 -61.94
C CYS E 326 -116.01 -1.28 -62.33
N ALA E 327 -117.28 -1.20 -62.71
CA ALA E 327 -117.99 -2.34 -63.27
C ALA E 327 -118.27 -2.06 -64.74
N SER E 328 -118.58 -3.11 -65.49
CA SER E 328 -118.90 -2.97 -66.90
C SER E 328 -120.41 -2.94 -67.09
N THR E 329 -120.86 -2.29 -68.16
CA THR E 329 -122.28 -2.24 -68.48
C THR E 329 -122.73 -3.60 -69.01
N GLN E 330 -121.85 -4.23 -69.79
CA GLN E 330 -122.13 -5.55 -70.35
C GLN E 330 -121.94 -6.63 -69.31
N SER E 331 -122.82 -7.63 -69.33
CA SER E 331 -122.74 -8.74 -68.38
C SER E 331 -121.58 -9.71 -68.69
N PRO E 332 -121.44 -10.16 -69.95
CA PRO E 332 -120.36 -11.14 -70.16
C PRO E 332 -118.96 -10.51 -70.20
N VAL E 333 -118.87 -9.21 -69.94
CA VAL E 333 -117.59 -8.48 -69.95
C VAL E 333 -116.88 -8.62 -71.30
N PRO E 334 -117.00 -7.59 -72.15
CA PRO E 334 -116.56 -7.61 -73.56
C PRO E 334 -115.06 -7.86 -73.73
N GLY E 335 -114.70 -8.48 -74.85
CA GLY E 335 -113.30 -8.76 -75.17
C GLY E 335 -112.67 -7.61 -75.94
N GLN E 336 -113.51 -6.67 -76.37
CA GLN E 336 -113.03 -5.46 -77.03
C GLN E 336 -113.18 -4.28 -76.08
N TYR E 337 -112.10 -3.51 -75.91
CA TYR E 337 -112.12 -2.39 -74.97
C TYR E 337 -112.85 -1.16 -75.51
N ASP E 338 -113.67 -0.59 -74.65
CA ASP E 338 -114.36 0.66 -74.93
C ASP E 338 -114.66 1.35 -73.61
N ALA E 339 -114.08 2.53 -73.43
CA ALA E 339 -114.14 3.24 -72.15
C ALA E 339 -115.57 3.59 -71.74
N THR E 340 -116.45 3.71 -72.73
CA THR E 340 -117.85 4.08 -72.46
C THR E 340 -118.61 2.93 -71.80
N LYS E 341 -118.12 1.71 -71.95
CA LYS E 341 -118.80 0.54 -71.41
C LYS E 341 -118.29 0.17 -70.03
N PHE E 342 -117.80 1.18 -69.30
CA PHE E 342 -117.31 1.01 -67.94
C PHE E 342 -117.73 2.19 -67.07
N LYS E 343 -118.23 1.90 -65.87
CA LYS E 343 -118.57 2.98 -64.94
C LYS E 343 -117.50 3.11 -63.86
N GLN E 344 -116.93 4.30 -63.75
CA GLN E 344 -115.90 4.56 -62.76
C GLN E 344 -116.49 5.13 -61.47
N TYR E 345 -116.25 4.43 -60.36
CA TYR E 345 -116.69 4.89 -59.04
C TYR E 345 -115.50 5.20 -58.14
N SER E 346 -115.68 6.13 -57.21
CA SER E 346 -114.62 6.46 -56.25
C SER E 346 -115.11 6.28 -54.81
N ARG E 347 -114.35 5.52 -54.02
CA ARG E 347 -114.74 5.22 -52.64
C ARG E 347 -113.57 5.35 -51.69
N HIS E 348 -113.85 5.86 -50.49
CA HIS E 348 -112.83 5.99 -49.46
C HIS E 348 -113.23 5.27 -48.17
N VAL E 349 -112.28 4.61 -47.55
CA VAL E 349 -112.52 3.85 -46.33
C VAL E 349 -111.91 4.54 -45.11
N GLU E 350 -112.61 4.49 -43.99
CA GLU E 350 -112.08 5.02 -42.74
C GLU E 350 -112.26 4.03 -41.59
N GLU E 351 -111.14 3.53 -41.06
CA GLU E 351 -111.18 2.52 -40.00
C GLU E 351 -110.54 3.03 -38.71
N TYR E 352 -111.33 3.04 -37.63
CA TYR E 352 -110.82 3.50 -36.35
C TYR E 352 -110.96 2.46 -35.24
N ASP E 353 -110.25 2.72 -34.14
CA ASP E 353 -110.38 1.92 -32.93
C ASP E 353 -109.93 2.74 -31.73
N LEU E 354 -110.84 2.94 -30.80
CA LEU E 354 -110.57 3.75 -29.62
C LEU E 354 -110.36 2.86 -28.40
N GLN E 355 -109.24 3.05 -27.72
CA GLN E 355 -108.94 2.33 -26.49
C GLN E 355 -108.65 3.31 -25.34
N PHE E 356 -109.15 2.99 -24.15
CA PHE E 356 -108.97 3.91 -23.04
C PHE E 356 -108.56 3.21 -21.75
N ILE E 357 -107.92 3.98 -20.86
CA ILE E 357 -107.68 3.55 -19.50
C ILE E 357 -108.26 4.60 -18.56
N PHE E 358 -109.36 4.28 -17.90
CA PHE E 358 -110.02 5.25 -17.04
C PHE E 358 -109.71 5.00 -15.57
N GLN E 359 -109.67 6.08 -14.80
CA GLN E 359 -109.38 6.00 -13.38
C GLN E 359 -110.61 6.43 -12.59
N LEU E 360 -110.96 5.67 -11.55
CA LEU E 360 -112.08 6.03 -10.71
C LEU E 360 -111.67 7.18 -9.79
N CYS E 361 -112.58 8.11 -9.56
CA CYS E 361 -112.29 9.28 -8.73
C CYS E 361 -113.46 9.65 -7.84
N THR E 362 -113.16 10.27 -6.70
CA THR E 362 -114.20 10.70 -5.77
C THR E 362 -114.24 12.22 -5.63
N ILE E 363 -115.41 12.74 -5.29
CA ILE E 363 -115.55 14.16 -4.94
C ILE E 363 -116.35 14.26 -3.65
N THR E 364 -115.68 14.64 -2.56
CA THR E 364 -116.39 14.87 -1.31
C THR E 364 -117.22 16.13 -1.45
N LEU E 365 -118.53 15.95 -1.44
CA LEU E 365 -119.44 17.07 -1.64
C LEU E 365 -119.61 17.89 -0.38
N THR E 366 -118.78 18.91 -0.23
CA THR E 366 -118.91 19.84 0.89
C THR E 366 -119.65 21.09 0.43
N ALA E 367 -119.65 22.13 1.26
CA ALA E 367 -120.34 23.37 0.93
C ALA E 367 -119.68 24.08 -0.25
N ASP E 368 -118.47 24.55 -0.03
CA ASP E 368 -117.73 25.33 -1.01
C ASP E 368 -117.43 24.57 -2.29
N VAL E 369 -117.27 23.26 -2.20
CA VAL E 369 -117.06 22.43 -3.38
C VAL E 369 -118.29 22.47 -4.27
N MET E 370 -119.45 22.23 -3.66
CA MET E 370 -120.72 22.22 -4.37
C MET E 370 -121.00 23.57 -5.03
N SER E 371 -120.75 24.65 -4.30
CA SER E 371 -121.01 25.98 -4.81
C SER E 371 -119.95 26.42 -5.82
N TYR E 372 -118.87 25.66 -5.91
CA TYR E 372 -117.87 25.87 -6.95
C TYR E 372 -118.32 25.20 -8.24
N ILE E 373 -118.66 23.91 -8.14
CA ILE E 373 -119.19 23.14 -9.26
C ILE E 373 -120.49 23.79 -9.75
N GLN E 374 -121.23 24.37 -8.81
CA GLN E 374 -122.39 25.20 -9.11
C GLN E 374 -122.03 26.24 -10.15
N SER E 375 -120.98 27.00 -9.85
CA SER E 375 -120.50 28.06 -10.72
C SER E 375 -119.85 27.50 -11.98
N MET E 376 -119.25 26.32 -11.86
CA MET E 376 -118.52 25.71 -12.97
C MET E 376 -119.45 25.17 -14.06
N ASN E 377 -120.41 24.36 -13.63
CA ASN E 377 -121.42 23.79 -14.53
C ASN E 377 -122.51 23.13 -13.69
N SER E 378 -123.55 23.88 -13.38
CA SER E 378 -124.65 23.43 -12.54
C SER E 378 -125.22 22.07 -12.96
N SER E 379 -125.22 21.81 -14.26
CA SER E 379 -125.79 20.59 -14.79
C SER E 379 -125.07 19.33 -14.32
N ILE E 380 -123.81 19.47 -13.90
CA ILE E 380 -123.07 18.35 -13.34
C ILE E 380 -123.79 17.80 -12.11
N LEU E 381 -124.11 18.71 -11.19
CA LEU E 381 -124.82 18.35 -9.96
C LEU E 381 -126.22 17.80 -10.21
N GLU E 382 -126.84 18.21 -11.31
CA GLU E 382 -128.21 17.82 -11.60
C GLU E 382 -128.34 16.33 -11.91
N ASP E 383 -127.31 15.75 -12.53
CA ASP E 383 -127.34 14.32 -12.84
C ASP E 383 -127.12 13.49 -11.60
N TRP E 384 -126.36 14.04 -10.65
CA TRP E 384 -126.12 13.40 -9.37
C TRP E 384 -127.37 13.45 -8.49
N ASN E 385 -128.34 14.26 -8.89
CA ASN E 385 -129.56 14.50 -8.13
C ASN E 385 -129.26 15.02 -6.72
N ASN E 391 -134.32 14.50 -19.61
CA ASN E 391 -133.44 15.67 -19.52
C ASN E 391 -132.97 16.14 -20.89
N LYS E 392 -132.38 17.32 -20.92
CA LYS E 392 -131.95 17.93 -22.18
C LYS E 392 -130.43 18.07 -22.26
N ASP E 393 -129.88 17.83 -23.43
CA ASP E 393 -128.44 17.95 -23.64
C ASP E 393 -128.12 19.12 -24.57
N PRO E 394 -127.15 19.95 -24.17
CA PRO E 394 -126.80 21.15 -24.94
C PRO E 394 -126.04 20.86 -26.22
N TYR E 395 -125.85 19.59 -26.57
CA TYR E 395 -125.16 19.23 -27.81
C TYR E 395 -126.01 18.33 -28.69
N ASP E 396 -127.30 18.22 -28.39
CA ASP E 396 -128.18 17.34 -29.13
C ASP E 396 -128.49 17.86 -30.55
N LYS E 397 -128.03 19.06 -30.85
CA LYS E 397 -128.24 19.63 -32.16
C LYS E 397 -127.08 19.33 -33.11
N LEU E 398 -125.95 18.92 -32.54
CA LEU E 398 -124.73 18.76 -33.31
C LEU E 398 -124.49 17.31 -33.73
N LYS E 399 -123.82 17.15 -34.86
CA LYS E 399 -123.52 15.83 -35.41
C LYS E 399 -122.25 15.24 -34.80
N PHE E 400 -122.41 14.12 -34.10
CA PHE E 400 -121.29 13.42 -33.50
C PHE E 400 -121.33 11.94 -33.86
N TRP E 401 -120.19 11.27 -33.74
CA TRP E 401 -120.13 9.82 -33.88
C TRP E 401 -120.21 9.19 -32.50
N ASN E 402 -121.40 8.74 -32.12
CA ASN E 402 -121.61 8.22 -30.77
C ASN E 402 -120.95 6.87 -30.55
N VAL E 403 -120.04 6.82 -29.58
CA VAL E 403 -119.42 5.56 -29.18
C VAL E 403 -119.88 5.19 -27.78
N ASP E 404 -120.77 4.20 -27.68
CA ASP E 404 -121.27 3.75 -26.39
C ASP E 404 -120.27 2.77 -25.76
N LEU E 405 -119.76 3.13 -24.58
CA LEU E 405 -118.81 2.29 -23.87
C LEU E 405 -119.34 1.79 -22.54
N LYS E 406 -120.65 1.95 -22.32
CA LYS E 406 -121.27 1.56 -21.06
C LYS E 406 -121.15 0.06 -20.80
N GLU E 407 -120.93 -0.70 -21.87
CA GLU E 407 -120.86 -2.16 -21.78
C GLU E 407 -119.47 -2.69 -22.14
N LYS E 408 -118.45 -1.86 -21.96
CA LYS E 408 -117.11 -2.20 -22.42
C LYS E 408 -116.04 -2.12 -21.31
N PHE E 409 -116.38 -1.50 -20.19
CA PHE E 409 -115.44 -1.36 -19.08
C PHE E 409 -115.10 -2.71 -18.47
N SER E 410 -113.82 -2.91 -18.16
CA SER E 410 -113.34 -4.14 -17.53
C SER E 410 -112.22 -3.83 -16.53
N LEU E 411 -112.07 -4.69 -15.54
CA LEU E 411 -111.13 -4.43 -14.44
C LEU E 411 -109.74 -4.99 -14.68
N ASP E 412 -109.67 -6.13 -15.36
CA ASP E 412 -108.37 -6.76 -15.63
C ASP E 412 -107.71 -6.17 -16.87
N LEU E 413 -106.92 -5.13 -16.66
CA LEU E 413 -106.20 -4.46 -17.74
C LEU E 413 -105.32 -5.45 -18.50
N ASP E 414 -104.73 -6.37 -17.74
CA ASP E 414 -103.82 -7.41 -18.25
C ASP E 414 -104.30 -8.09 -19.54
N GLN E 415 -105.63 -8.19 -19.70
CA GLN E 415 -106.23 -8.90 -20.82
C GLN E 415 -106.30 -8.07 -22.10
N TYR E 416 -105.87 -6.82 -22.02
CA TYR E 416 -105.97 -5.90 -23.16
C TYR E 416 -104.62 -5.27 -23.52
N PRO E 417 -104.43 -4.94 -24.82
CA PRO E 417 -103.21 -4.29 -25.30
C PRO E 417 -102.82 -3.06 -24.48
N LEU E 418 -103.65 -2.02 -24.50
CA LEU E 418 -103.40 -0.81 -23.74
C LEU E 418 -103.23 -1.11 -22.25
N GLY E 419 -104.02 -2.06 -21.76
CA GLY E 419 -103.94 -2.49 -20.38
C GLY E 419 -102.55 -2.92 -19.98
N ARG E 420 -101.94 -3.78 -20.79
CA ARG E 420 -100.59 -4.27 -20.54
C ARG E 420 -99.57 -3.12 -20.55
N LYS E 421 -99.61 -2.31 -21.60
CA LYS E 421 -98.71 -1.16 -21.74
C LYS E 421 -98.83 -0.21 -20.56
N PHE E 422 -100.05 -0.05 -20.06
CA PHE E 422 -100.27 0.84 -18.92
C PHE E 422 -99.59 0.29 -17.67
N LEU E 423 -99.75 -1.01 -17.44
CA LEU E 423 -99.14 -1.67 -16.29
C LEU E 423 -97.62 -1.53 -16.32
N VAL E 424 -97.03 -1.76 -17.49
CA VAL E 424 -95.59 -1.63 -17.70
C VAL E 424 -95.10 -0.21 -17.41
N GLN E 425 -95.81 0.78 -17.97
CA GLN E 425 -95.44 2.19 -17.82
C GLN E 425 -95.47 2.65 -16.37
N ALA E 426 -96.44 2.15 -15.61
CA ALA E 426 -96.57 2.53 -14.20
C ALA E 426 -95.46 1.91 -13.36
N GLY E 427 -94.99 0.75 -13.80
CA GLY E 427 -93.95 0.03 -13.08
C GLY E 427 -94.44 -1.31 -12.56
N ALA F 1 30.51 -43.34 11.68
CA ALA F 1 29.71 -42.38 12.41
C ALA F 1 30.31 -40.99 12.33
N VAL F 2 29.52 -40.04 11.80
CA VAL F 2 29.99 -38.68 11.59
C VAL F 2 29.84 -37.84 12.86
N VAL F 3 30.91 -37.12 13.21
CA VAL F 3 30.96 -36.38 14.46
C VAL F 3 30.86 -34.86 14.24
N ASN F 4 30.33 -34.15 15.23
CA ASN F 4 30.24 -32.69 15.19
C ASN F 4 31.62 -32.05 15.26
N THR F 5 31.87 -31.07 14.40
CA THR F 5 33.18 -30.45 14.28
C THR F 5 33.67 -29.78 15.56
N ASP F 6 32.72 -29.38 16.42
CA ASP F 6 33.05 -28.77 17.70
C ASP F 6 33.81 -29.72 18.62
N ASP F 7 33.89 -30.99 18.23
CA ASP F 7 34.55 -32.00 19.02
C ASP F 7 36.02 -32.17 18.66
N TYR F 8 36.41 -31.72 17.47
CA TYR F 8 37.81 -31.81 17.06
C TYR F 8 38.34 -30.52 16.44
N VAL F 9 37.55 -29.45 16.52
CA VAL F 9 37.98 -28.14 16.05
C VAL F 9 37.87 -27.11 17.16
N THR F 10 38.99 -26.83 17.81
CA THR F 10 39.03 -25.88 18.93
C THR F 10 39.12 -24.44 18.43
N ARG F 11 38.15 -23.61 18.85
CA ARG F 11 38.09 -22.23 18.43
C ARG F 11 38.95 -21.33 19.31
N THR F 12 39.48 -20.26 18.71
CA THR F 12 40.26 -19.28 19.45
C THR F 12 39.40 -18.07 19.79
N SER F 13 40.05 -16.98 20.17
CA SER F 13 39.35 -15.72 20.43
C SER F 13 39.78 -14.67 19.41
N ILE F 14 40.38 -15.14 18.31
CA ILE F 14 40.86 -14.26 17.25
C ILE F 14 39.84 -14.16 16.12
N PHE F 15 39.33 -12.96 15.89
CA PHE F 15 38.32 -12.74 14.86
C PHE F 15 38.81 -11.79 13.78
N TYR F 16 38.49 -12.10 12.53
CA TYR F 16 38.84 -11.25 11.40
C TYR F 16 37.59 -10.76 10.67
N HIS F 17 37.67 -9.57 10.09
CA HIS F 17 36.62 -9.09 9.20
C HIS F 17 37.09 -9.15 7.76
N ALA F 18 36.27 -9.77 6.91
CA ALA F 18 36.56 -9.84 5.48
C ALA F 18 35.38 -9.31 4.68
N GLY F 19 35.67 -8.70 3.54
CA GLY F 19 34.62 -8.13 2.72
C GLY F 19 35.04 -7.95 1.26
N SER F 20 34.17 -8.36 0.36
CA SER F 20 34.38 -8.11 -1.06
C SER F 20 34.24 -6.62 -1.30
N SER F 21 34.71 -6.16 -2.45
CA SER F 21 34.55 -4.76 -2.83
C SER F 21 33.07 -4.44 -3.09
N ARG F 22 32.73 -4.28 -4.37
CA ARG F 22 31.34 -4.10 -4.76
C ARG F 22 31.08 -4.91 -6.02
N LEU F 23 30.65 -6.16 -5.83
CA LEU F 23 30.35 -7.04 -6.94
C LEU F 23 29.20 -6.46 -7.76
N LEU F 24 29.39 -6.40 -9.08
CA LEU F 24 28.46 -5.70 -9.96
C LEU F 24 28.47 -6.33 -11.34
N THR F 25 27.29 -6.44 -11.96
CA THR F 25 27.20 -6.98 -13.31
C THR F 25 25.94 -6.50 -14.02
N VAL F 26 26.10 -6.14 -15.29
CA VAL F 26 24.98 -5.71 -16.12
C VAL F 26 24.86 -6.64 -17.33
N GLY F 27 23.66 -6.73 -17.89
CA GLY F 27 23.45 -7.51 -19.09
C GLY F 27 22.00 -7.64 -19.50
N ASP F 28 21.79 -8.30 -20.64
CA ASP F 28 20.46 -8.60 -21.14
C ASP F 28 19.80 -9.61 -20.20
N PRO F 29 18.57 -9.32 -19.75
CA PRO F 29 17.88 -10.17 -18.77
C PRO F 29 17.17 -11.39 -19.38
N TYR F 30 17.24 -11.56 -20.70
CA TYR F 30 16.51 -12.64 -21.37
C TYR F 30 17.42 -13.65 -22.06
N PHE F 31 18.54 -13.17 -22.60
CA PHE F 31 19.48 -14.02 -23.35
C PHE F 31 20.77 -13.28 -23.59
N ARG F 32 21.88 -14.01 -23.76
CA ARG F 32 23.16 -13.34 -24.03
C ARG F 32 23.25 -12.92 -25.50
N VAL F 33 23.72 -11.70 -25.71
CA VAL F 33 23.84 -11.16 -27.06
C VAL F 33 25.23 -11.42 -27.61
N PRO F 34 25.30 -12.17 -28.72
CA PRO F 34 26.58 -12.50 -29.39
C PRO F 34 27.38 -11.25 -29.73
N ALA F 35 28.68 -11.29 -29.45
CA ALA F 35 29.55 -10.12 -29.58
C ALA F 35 29.68 -9.62 -31.02
N GLY F 36 29.91 -8.31 -31.15
CA GLY F 36 30.25 -7.72 -32.43
C GLY F 36 29.10 -7.44 -33.38
N GLY F 37 27.92 -8.00 -33.08
CA GLY F 37 26.76 -7.84 -33.94
C GLY F 37 26.40 -6.38 -34.19
N GLY F 38 26.63 -5.55 -33.18
CA GLY F 38 26.46 -4.11 -33.32
C GLY F 38 27.66 -3.42 -32.70
N ASN F 39 28.02 -3.87 -31.50
CA ASN F 39 29.16 -3.31 -30.78
C ASN F 39 30.09 -4.38 -30.24
N LYS F 40 31.33 -3.98 -29.96
CA LYS F 40 32.36 -4.87 -29.43
C LYS F 40 31.94 -5.57 -28.13
N GLN F 41 32.41 -6.81 -27.96
CA GLN F 41 32.28 -7.59 -26.73
C GLN F 41 30.86 -8.09 -26.48
N ASP F 42 30.76 -9.24 -25.81
CA ASP F 42 29.48 -9.87 -25.51
C ASP F 42 28.69 -9.13 -24.44
N ILE F 43 27.38 -9.22 -24.51
CA ILE F 43 26.52 -8.77 -23.43
C ILE F 43 25.96 -10.01 -22.74
N PRO F 44 26.49 -10.32 -21.54
CA PRO F 44 26.08 -11.50 -20.76
C PRO F 44 24.61 -11.48 -20.38
N LYS F 45 24.06 -12.67 -20.13
CA LYS F 45 22.69 -12.79 -19.67
C LYS F 45 22.64 -12.65 -18.15
N VAL F 46 22.13 -11.51 -17.69
CA VAL F 46 22.02 -11.24 -16.26
C VAL F 46 20.56 -11.05 -15.84
N SER F 47 20.00 -12.08 -15.23
CA SER F 47 18.60 -12.04 -14.78
C SER F 47 18.52 -11.99 -13.26
N ALA F 48 17.41 -11.47 -12.75
CA ALA F 48 17.18 -11.50 -11.32
C ALA F 48 16.79 -12.91 -10.91
N TYR F 49 16.25 -13.64 -11.88
CA TYR F 49 15.75 -14.98 -11.62
C TYR F 49 16.77 -16.06 -11.93
N GLN F 50 18.02 -15.83 -11.55
CA GLN F 50 19.06 -16.84 -11.65
C GLN F 50 19.94 -16.85 -10.42
N TYR F 51 20.37 -18.04 -10.04
CA TYR F 51 21.24 -18.23 -8.88
C TYR F 51 22.53 -17.43 -8.97
N ARG F 52 22.88 -16.76 -7.88
CA ARG F 52 24.21 -16.18 -7.74
C ARG F 52 25.03 -17.10 -6.83
N VAL F 53 26.12 -17.65 -7.35
CA VAL F 53 26.96 -18.53 -6.55
C VAL F 53 28.39 -17.99 -6.47
N PHE F 54 28.73 -17.47 -5.30
CA PHE F 54 30.04 -16.88 -5.07
C PHE F 54 31.01 -17.90 -4.49
N ARG F 55 32.16 -18.06 -5.15
CA ARG F 55 33.21 -18.90 -4.60
C ARG F 55 34.21 -18.03 -3.87
N VAL F 56 33.92 -17.75 -2.61
CA VAL F 56 34.79 -16.90 -1.80
C VAL F 56 36.10 -17.61 -1.49
N GLN F 57 37.21 -17.01 -1.90
CA GLN F 57 38.50 -17.62 -1.64
C GLN F 57 39.18 -16.94 -0.45
N LEU F 58 39.52 -17.75 0.55
CA LEU F 58 40.12 -17.25 1.78
C LEU F 58 41.63 -17.50 1.76
N PRO F 59 42.40 -16.72 2.54
CA PRO F 59 43.83 -16.97 2.65
C PRO F 59 44.13 -18.21 3.49
N ASP F 60 45.11 -19.00 3.08
CA ASP F 60 45.55 -20.16 3.86
C ASP F 60 46.06 -19.68 5.21
N PRO F 61 45.31 -19.95 6.29
CA PRO F 61 45.61 -19.44 7.63
C PRO F 61 46.97 -19.91 8.15
N ASN F 62 47.41 -21.07 7.67
CA ASN F 62 48.69 -21.63 8.10
C ASN F 62 49.86 -20.87 7.49
N LYS F 63 49.79 -20.63 6.19
CA LYS F 63 50.80 -19.83 5.50
C LYS F 63 50.38 -18.35 5.52
N PHE F 64 49.85 -17.93 6.65
CA PHE F 64 49.32 -16.57 6.82
C PHE F 64 49.91 -15.92 8.06
N GLY F 65 50.32 -14.66 7.92
CA GLY F 65 50.89 -13.91 9.02
C GLY F 65 49.89 -13.57 10.11
N LEU F 66 50.11 -14.13 11.29
CA LEU F 66 49.19 -13.99 12.41
C LEU F 66 49.60 -12.82 13.33
N PRO F 67 48.68 -12.37 14.20
CA PRO F 67 49.04 -11.33 15.18
C PRO F 67 50.05 -11.85 16.20
N ASP F 68 50.25 -13.16 16.21
CA ASP F 68 51.21 -13.84 17.07
C ASP F 68 51.26 -15.31 16.67
N THR F 69 52.44 -15.79 16.27
CA THR F 69 52.53 -17.17 15.77
C THR F 69 52.81 -18.15 16.91
N SER F 70 52.13 -17.93 18.03
CA SER F 70 52.11 -18.91 19.12
C SER F 70 50.66 -19.18 19.50
N ILE F 71 49.78 -18.99 18.53
CA ILE F 71 48.38 -19.38 18.67
C ILE F 71 48.26 -20.89 18.48
N TYR F 72 49.22 -21.45 17.76
CA TYR F 72 49.21 -22.88 17.43
C TYR F 72 50.61 -23.41 17.15
N ASN F 73 50.82 -24.70 17.43
CA ASN F 73 52.12 -25.34 17.18
C ASN F 73 52.13 -26.00 15.80
N PRO F 74 52.86 -25.41 14.85
CA PRO F 74 52.87 -25.88 13.46
C PRO F 74 53.35 -27.32 13.32
N GLU F 75 53.93 -27.86 14.39
CA GLU F 75 54.45 -29.23 14.39
C GLU F 75 53.35 -30.26 14.63
N THR F 76 52.37 -29.92 15.46
CA THR F 76 51.33 -30.88 15.84
C THR F 76 49.91 -30.48 15.45
N GLN F 77 49.72 -29.28 14.91
CA GLN F 77 48.37 -28.84 14.58
C GLN F 77 48.30 -27.87 13.40
N ARG F 78 47.10 -27.74 12.83
CA ARG F 78 46.85 -26.85 11.70
C ARG F 78 45.74 -25.85 11.99
N LEU F 79 45.66 -24.80 11.18
CA LEU F 79 44.64 -23.76 11.36
C LEU F 79 43.54 -23.85 10.30
N VAL F 80 42.32 -23.54 10.71
CA VAL F 80 41.18 -23.50 9.79
C VAL F 80 40.35 -22.24 10.05
N TRP F 81 39.83 -21.62 8.99
CA TRP F 81 38.87 -20.53 9.14
C TRP F 81 37.49 -21.10 9.42
N ALA F 82 36.75 -20.43 10.30
CA ALA F 82 35.38 -20.81 10.59
C ALA F 82 34.47 -19.58 10.48
N CYS F 83 33.30 -19.75 9.87
CA CYS F 83 32.39 -18.65 9.66
C CYS F 83 31.62 -18.33 10.94
N ALA F 84 31.43 -17.05 11.22
CA ALA F 84 30.79 -16.64 12.46
C ALA F 84 29.75 -15.54 12.24
N GLY F 85 29.84 -14.86 11.10
CA GLY F 85 28.90 -13.81 10.78
C GLY F 85 28.91 -13.45 9.31
N VAL F 86 27.72 -13.28 8.74
CA VAL F 86 27.57 -12.96 7.32
C VAL F 86 26.57 -11.84 7.10
N GLU F 87 26.83 -10.98 6.13
CA GLU F 87 25.87 -9.95 5.74
C GLU F 87 25.93 -9.70 4.24
N ILE F 88 25.03 -10.34 3.50
CA ILE F 88 24.93 -10.09 2.07
C ILE F 88 24.25 -8.76 1.83
N GLY F 89 24.94 -7.84 1.15
CA GLY F 89 24.36 -6.55 0.84
C GLY F 89 23.77 -6.50 -0.55
N ARG F 90 22.62 -5.84 -0.66
CA ARG F 90 21.99 -5.61 -1.96
C ARG F 90 21.90 -4.11 -2.21
N GLY F 91 22.33 -3.67 -3.39
CA GLY F 91 22.46 -2.25 -3.68
C GLY F 91 21.26 -1.59 -4.32
N GLN F 92 20.83 -2.10 -5.47
CA GLN F 92 19.73 -1.52 -6.24
C GLN F 92 18.43 -1.41 -5.43
N PRO F 93 17.52 -0.51 -5.84
CA PRO F 93 16.23 -0.39 -5.15
C PRO F 93 15.29 -1.55 -5.46
N LEU F 94 14.26 -1.69 -4.63
CA LEU F 94 13.26 -2.75 -4.84
C LEU F 94 12.42 -2.45 -6.08
N GLY F 95 12.05 -3.50 -6.81
CA GLY F 95 11.26 -3.35 -8.01
C GLY F 95 10.77 -4.65 -8.60
N VAL F 96 9.83 -4.54 -9.53
CA VAL F 96 9.28 -5.70 -10.21
C VAL F 96 9.69 -5.70 -11.68
N GLY F 97 9.98 -6.88 -12.22
CA GLY F 97 10.42 -7.01 -13.59
C GLY F 97 9.62 -8.03 -14.36
N LEU F 98 9.39 -7.76 -15.64
CA LEU F 98 8.60 -8.66 -16.47
C LEU F 98 9.45 -9.54 -17.35
N SER F 99 8.88 -10.69 -17.71
CA SER F 99 9.51 -11.64 -18.61
C SER F 99 8.44 -12.21 -19.50
N GLY F 100 8.70 -12.27 -20.79
CA GLY F 100 7.69 -12.74 -21.72
C GLY F 100 8.20 -13.57 -22.87
N HIS F 101 7.41 -13.62 -23.94
CA HIS F 101 7.72 -14.40 -25.12
C HIS F 101 6.86 -13.91 -26.28
N PRO F 102 7.47 -13.64 -27.44
CA PRO F 102 6.73 -13.16 -28.62
C PRO F 102 5.61 -14.09 -29.06
N PHE F 103 5.89 -15.39 -29.07
CA PHE F 103 4.92 -16.38 -29.52
C PHE F 103 4.55 -17.38 -28.42
N TYR F 104 4.05 -16.85 -27.30
CA TYR F 104 3.58 -17.67 -26.19
C TYR F 104 2.43 -18.57 -26.61
N ASN F 105 2.51 -19.83 -26.24
CA ASN F 105 1.44 -20.78 -26.53
C ASN F 105 0.25 -20.54 -25.59
N LYS F 106 -0.47 -19.47 -25.84
CA LYS F 106 -1.70 -19.20 -25.08
C LYS F 106 -2.91 -19.42 -25.98
N LEU F 107 -3.57 -20.55 -25.84
CA LEU F 107 -4.74 -20.84 -26.67
C LEU F 107 -5.82 -19.78 -26.40
N ASP F 108 -6.23 -19.64 -25.14
CA ASP F 108 -7.29 -18.70 -24.74
C ASP F 108 -7.54 -18.60 -23.24
N ASP F 109 -8.26 -17.56 -22.83
CA ASP F 109 -8.67 -17.36 -21.44
C ASP F 109 -9.73 -18.36 -21.00
N THR F 110 -9.39 -19.19 -20.02
CA THR F 110 -10.31 -20.17 -19.46
C THR F 110 -10.79 -19.73 -18.09
N GLU F 111 -10.22 -18.64 -17.59
CA GLU F 111 -10.57 -18.10 -16.27
C GLU F 111 -12.06 -17.82 -16.18
N SER F 112 -12.57 -17.15 -17.19
CA SER F 112 -13.95 -16.69 -17.21
C SER F 112 -14.43 -16.57 -18.66
N SER F 113 -13.92 -17.47 -19.50
CA SER F 113 -14.18 -17.56 -20.95
C SER F 113 -15.50 -16.91 -21.37
N HIS F 114 -15.38 -15.74 -21.98
CA HIS F 114 -16.56 -14.97 -22.39
C HIS F 114 -17.30 -15.72 -23.49
N ALA F 115 -16.90 -15.48 -24.73
CA ALA F 115 -17.47 -16.22 -25.85
C ALA F 115 -16.86 -17.61 -25.92
N ALA F 116 -17.16 -18.29 -27.02
CA ALA F 116 -16.41 -19.49 -27.35
C ALA F 116 -14.94 -19.11 -27.62
N THR F 117 -14.14 -20.09 -28.03
CA THR F 117 -12.71 -19.89 -28.17
C THR F 117 -12.21 -20.33 -29.52
N SER F 118 -11.38 -19.47 -30.12
CA SER F 118 -11.00 -19.53 -31.53
C SER F 118 -10.61 -20.93 -32.04
N ASN F 119 -11.01 -21.23 -33.29
CA ASN F 119 -10.71 -22.51 -33.93
C ASN F 119 -9.29 -22.93 -33.65
N VAL F 120 -9.15 -24.18 -33.25
CA VAL F 120 -7.84 -24.74 -32.99
C VAL F 120 -7.14 -24.99 -34.33
N SER F 121 -6.95 -23.92 -35.08
CA SER F 121 -6.40 -24.01 -36.42
C SER F 121 -4.92 -24.34 -36.41
N GLU F 122 -4.10 -23.31 -36.35
CA GLU F 122 -2.65 -23.49 -36.45
C GLU F 122 -1.90 -22.57 -35.49
N ASP F 123 -1.70 -21.32 -35.89
CA ASP F 123 -0.87 -20.40 -35.13
C ASP F 123 -1.70 -19.28 -34.52
N VAL F 124 -2.06 -19.46 -33.25
CA VAL F 124 -2.82 -18.47 -32.49
C VAL F 124 -1.96 -17.87 -31.39
N ARG F 125 -0.64 -18.09 -31.49
CA ARG F 125 0.30 -17.65 -30.47
C ARG F 125 0.30 -16.14 -30.31
N ASP F 126 0.15 -15.69 -29.07
CA ASP F 126 0.11 -14.26 -28.76
C ASP F 126 1.36 -13.83 -28.01
N ASN F 127 1.58 -12.53 -27.98
CA ASN F 127 2.68 -11.93 -27.23
C ASN F 127 2.25 -11.60 -25.81
N VAL F 128 2.71 -12.40 -24.85
CA VAL F 128 2.39 -12.13 -23.45
C VAL F 128 3.64 -11.98 -22.60
N SER F 129 3.48 -11.30 -21.48
CA SER F 129 4.52 -11.19 -20.47
C SER F 129 3.93 -11.59 -19.13
N VAL F 130 4.79 -11.80 -18.14
CA VAL F 130 4.31 -12.21 -16.82
C VAL F 130 5.38 -11.98 -15.77
N ASP F 131 4.97 -11.42 -14.63
CA ASP F 131 5.86 -11.31 -13.49
C ASP F 131 5.95 -12.69 -12.83
N TYR F 132 7.17 -13.11 -12.50
CA TYR F 132 7.36 -14.44 -11.94
C TYR F 132 7.03 -14.52 -10.45
N LYS F 133 7.29 -15.68 -9.88
CA LYS F 133 7.19 -15.92 -8.46
C LYS F 133 8.26 -15.14 -7.70
N GLN F 134 7.92 -14.67 -6.51
CA GLN F 134 8.87 -13.91 -5.69
C GLN F 134 9.66 -14.84 -4.76
N THR F 135 10.97 -14.91 -4.99
CA THR F 135 11.83 -15.84 -4.26
C THR F 135 13.02 -15.14 -3.61
N GLN F 136 13.35 -15.55 -2.39
CA GLN F 136 14.57 -15.13 -1.71
C GLN F 136 15.19 -16.33 -1.00
N LEU F 137 16.44 -16.65 -1.33
CA LEU F 137 17.12 -17.72 -0.61
C LEU F 137 18.62 -17.46 -0.49
N CYS F 138 19.21 -18.02 0.57
CA CYS F 138 20.63 -17.79 0.86
C CYS F 138 21.25 -18.99 1.56
N ILE F 139 22.18 -19.65 0.87
CA ILE F 139 22.84 -20.83 1.43
C ILE F 139 24.33 -20.60 1.62
N LEU F 140 24.86 -21.10 2.74
CA LEU F 140 26.30 -21.06 2.98
C LEU F 140 26.83 -22.48 3.13
N GLY F 141 28.07 -22.69 2.72
CA GLY F 141 28.70 -24.00 2.82
C GLY F 141 30.11 -24.00 2.28
N CYS F 142 30.90 -24.99 2.68
CA CYS F 142 32.26 -25.13 2.17
C CYS F 142 32.27 -26.06 0.96
N ALA F 143 31.09 -26.23 0.38
CA ALA F 143 30.89 -27.04 -0.82
C ALA F 143 29.63 -26.54 -1.53
N PRO F 144 29.65 -26.52 -2.88
CA PRO F 144 28.52 -25.96 -3.63
C PRO F 144 27.21 -26.66 -3.32
N ALA F 145 26.10 -25.93 -3.44
CA ALA F 145 24.79 -26.46 -3.11
C ALA F 145 24.28 -27.38 -4.22
N ILE F 146 23.42 -28.33 -3.83
CA ILE F 146 22.87 -29.29 -4.77
C ILE F 146 21.45 -28.90 -5.17
N GLY F 147 21.15 -28.99 -6.46
CA GLY F 147 19.81 -28.68 -6.95
C GLY F 147 19.15 -29.88 -7.60
N GLU F 148 17.82 -29.90 -7.58
CA GLU F 148 17.06 -30.93 -8.26
C GLU F 148 16.21 -30.31 -9.35
N HIS F 149 15.93 -31.09 -10.38
CA HIS F 149 15.04 -30.65 -11.46
C HIS F 149 14.52 -31.85 -12.23
N TRP F 150 13.49 -31.64 -13.05
CA TRP F 150 12.89 -32.73 -13.82
C TRP F 150 13.40 -32.73 -15.24
N ALA F 151 13.72 -33.92 -15.74
CA ALA F 151 14.29 -34.05 -17.08
C ALA F 151 13.70 -35.24 -17.83
N LYS F 152 14.06 -35.37 -19.10
CA LYS F 152 13.65 -36.51 -19.90
C LYS F 152 14.36 -37.76 -19.42
N GLY F 153 13.59 -38.79 -19.10
CA GLY F 153 14.14 -40.05 -18.62
C GLY F 153 14.84 -40.82 -19.72
N THR F 154 15.78 -41.67 -19.33
CA THR F 154 16.55 -42.47 -20.29
C THR F 154 15.66 -43.43 -21.06
N ALA F 155 15.63 -43.26 -22.38
CA ALA F 155 14.86 -44.16 -23.25
C ALA F 155 15.40 -45.57 -23.17
N SER F 156 14.64 -46.45 -22.53
CA SER F 156 15.06 -47.84 -22.34
C SER F 156 15.13 -48.58 -23.67
N LYS F 157 16.11 -49.46 -23.79
CA LYS F 157 16.30 -50.25 -25.00
C LYS F 157 15.22 -51.32 -25.13
N SER F 158 14.65 -51.73 -24.00
CA SER F 158 13.61 -52.76 -23.99
C SER F 158 12.32 -52.24 -24.63
N ARG F 159 11.76 -51.19 -24.04
CA ARG F 159 10.54 -50.58 -24.55
C ARG F 159 10.85 -49.16 -25.00
N PRO F 160 11.22 -49.00 -26.28
CA PRO F 160 11.61 -47.70 -26.84
C PRO F 160 10.44 -46.74 -26.99
N LEU F 161 10.76 -45.46 -27.16
CA LEU F 161 9.79 -44.38 -26.98
C LEU F 161 9.35 -43.72 -28.28
N SER F 162 8.15 -44.07 -28.73
CA SER F 162 7.58 -43.58 -29.97
C SER F 162 7.51 -42.06 -30.02
N GLN F 163 7.95 -41.50 -31.16
CA GLN F 163 7.88 -40.07 -31.42
C GLN F 163 6.47 -39.55 -31.20
N GLY F 164 6.33 -38.51 -30.39
CA GLY F 164 5.03 -37.94 -30.11
C GLY F 164 4.46 -38.33 -28.75
N ASP F 165 4.87 -39.50 -28.26
CA ASP F 165 4.41 -39.96 -26.95
C ASP F 165 5.12 -39.24 -25.81
N CYS F 166 4.49 -39.23 -24.64
CA CYS F 166 5.07 -38.58 -23.47
C CYS F 166 6.24 -39.39 -22.91
N PRO F 167 7.36 -38.71 -22.65
CA PRO F 167 8.58 -39.31 -22.11
C PRO F 167 8.50 -39.51 -20.59
N PRO F 168 9.39 -40.34 -20.02
CA PRO F 168 9.39 -40.51 -18.57
C PRO F 168 10.11 -39.36 -17.87
N LEU F 169 9.61 -38.98 -16.69
CA LEU F 169 10.25 -37.93 -15.92
C LEU F 169 11.25 -38.53 -14.93
N GLU F 170 12.47 -38.02 -14.94
CA GLU F 170 13.49 -38.41 -13.98
C GLU F 170 13.92 -37.21 -13.14
N LEU F 171 13.95 -37.39 -11.83
CA LEU F 171 14.49 -36.36 -10.95
C LEU F 171 16.02 -36.39 -11.06
N LYS F 172 16.64 -35.23 -11.22
CA LYS F 172 18.09 -35.18 -11.39
C LYS F 172 18.78 -34.20 -10.47
N ASN F 173 19.63 -34.74 -9.59
CA ASN F 173 20.48 -33.93 -8.74
C ASN F 173 21.63 -33.35 -9.54
N THR F 174 22.10 -32.17 -9.13
CA THR F 174 23.18 -31.48 -9.81
C THR F 174 23.72 -30.32 -8.97
N VAL F 175 24.88 -29.80 -9.36
CA VAL F 175 25.50 -28.71 -8.63
C VAL F 175 24.97 -27.34 -9.09
N LEU F 176 24.52 -26.54 -8.15
CA LEU F 176 24.02 -25.19 -8.46
C LEU F 176 25.14 -24.24 -8.81
N GLU F 177 25.38 -24.05 -10.10
CA GLU F 177 26.39 -23.10 -10.57
C GLU F 177 25.81 -21.70 -10.57
N ASP F 178 26.67 -20.71 -10.78
CA ASP F 178 26.21 -19.35 -10.98
C ASP F 178 25.64 -19.19 -12.39
N GLY F 179 24.44 -18.65 -12.48
CA GLY F 179 23.80 -18.43 -13.76
C GLY F 179 22.61 -19.35 -14.01
N ASP F 180 22.55 -20.45 -13.25
CA ASP F 180 21.42 -21.37 -13.33
C ASP F 180 20.12 -20.66 -12.95
N MET F 181 19.03 -21.02 -13.61
CA MET F 181 17.75 -20.37 -13.39
C MET F 181 16.97 -21.02 -12.25
N VAL F 182 16.21 -20.21 -11.53
CA VAL F 182 15.41 -20.69 -10.41
C VAL F 182 14.01 -21.07 -10.85
N ASP F 183 13.26 -21.71 -9.95
CA ASP F 183 11.85 -21.96 -10.22
C ASP F 183 11.11 -20.64 -10.22
N THR F 184 10.38 -20.37 -11.30
CA THR F 184 9.71 -19.09 -11.47
C THR F 184 8.18 -19.24 -11.41
N GLY F 185 7.72 -20.47 -11.22
CA GLY F 185 6.30 -20.73 -11.13
C GLY F 185 5.80 -21.63 -12.25
N TYR F 186 6.74 -22.08 -13.07
CA TYR F 186 6.43 -23.02 -14.15
C TYR F 186 7.01 -24.38 -13.84
N GLY F 187 7.33 -24.61 -12.58
CA GLY F 187 7.97 -25.84 -12.15
C GLY F 187 9.45 -25.80 -12.45
N ALA F 188 10.20 -26.70 -11.82
CA ALA F 188 11.64 -26.78 -12.04
C ALA F 188 11.97 -27.96 -12.93
N MET F 189 12.27 -27.69 -14.20
CA MET F 189 12.52 -28.75 -15.16
C MET F 189 13.37 -28.32 -16.35
N ASP F 190 13.81 -29.30 -17.14
CA ASP F 190 14.52 -29.07 -18.38
C ASP F 190 13.54 -28.74 -19.50
N PHE F 191 13.28 -27.45 -19.68
CA PHE F 191 12.31 -27.00 -20.69
C PHE F 191 12.83 -27.23 -22.10
N SER F 192 14.14 -27.28 -22.26
CA SER F 192 14.74 -27.46 -23.57
C SER F 192 14.55 -28.88 -24.12
N THR F 193 14.23 -29.83 -23.24
CA THR F 193 14.12 -31.23 -23.63
C THR F 193 12.72 -31.80 -23.41
N LEU F 194 11.88 -31.06 -22.69
CA LEU F 194 10.53 -31.54 -22.38
C LEU F 194 9.47 -30.77 -23.14
N GLN F 195 9.87 -29.64 -23.74
CA GLN F 195 8.94 -28.80 -24.47
C GLN F 195 9.47 -28.46 -25.85
N ASP F 196 9.01 -29.21 -26.86
CA ASP F 196 9.48 -29.05 -28.22
C ASP F 196 8.97 -27.76 -28.84
N THR F 197 7.89 -27.23 -28.28
CA THR F 197 7.29 -26.02 -28.82
C THR F 197 8.23 -24.84 -28.66
N LYS F 198 8.98 -24.84 -27.57
CA LYS F 198 9.85 -23.71 -27.20
C LYS F 198 9.02 -22.43 -27.13
N CYS F 199 7.80 -22.55 -26.64
CA CYS F 199 6.85 -21.44 -26.58
C CYS F 199 5.87 -21.58 -25.43
N GLU F 200 6.19 -22.44 -24.47
CA GLU F 200 5.30 -22.70 -23.33
C GLU F 200 5.61 -21.80 -22.15
N VAL F 201 6.83 -21.25 -22.14
CA VAL F 201 7.31 -20.44 -21.03
C VAL F 201 7.95 -19.16 -21.56
N PRO F 202 8.19 -18.16 -20.69
CA PRO F 202 8.80 -16.95 -21.21
C PRO F 202 10.23 -17.15 -21.71
N LEU F 203 10.80 -16.11 -22.32
CA LEU F 203 12.02 -16.22 -23.11
C LEU F 203 13.28 -16.59 -22.31
N ASP F 204 13.38 -16.12 -21.06
CA ASP F 204 14.62 -16.32 -20.30
C ASP F 204 14.74 -17.71 -19.68
N ILE F 205 13.68 -18.50 -19.76
CA ILE F 205 13.69 -19.87 -19.24
C ILE F 205 13.26 -20.86 -20.33
N CYS F 206 13.19 -20.36 -21.56
CA CYS F 206 12.61 -21.10 -22.67
C CYS F 206 13.45 -22.28 -23.16
N GLN F 207 14.78 -22.11 -23.12
CA GLN F 207 15.68 -23.20 -23.49
C GLN F 207 16.65 -23.49 -22.36
N SER F 208 16.26 -23.06 -21.16
CA SER F 208 17.10 -23.21 -19.97
C SER F 208 16.68 -24.40 -19.12
N ILE F 209 17.25 -24.46 -17.92
CA ILE F 209 16.95 -25.51 -16.95
C ILE F 209 16.78 -24.89 -15.57
N CYS F 210 15.55 -24.88 -15.06
CA CYS F 210 15.29 -24.30 -13.76
C CYS F 210 15.44 -25.33 -12.66
N LYS F 211 16.31 -25.05 -11.70
CA LYS F 211 16.53 -25.96 -10.58
C LYS F 211 15.98 -25.40 -9.27
N TYR F 212 15.62 -26.31 -8.37
CA TYR F 212 15.18 -25.95 -7.03
C TYR F 212 16.09 -26.66 -6.05
N PRO F 213 16.55 -25.95 -5.01
CA PRO F 213 17.47 -26.54 -4.03
C PRO F 213 16.90 -27.80 -3.42
N ASP F 214 17.73 -28.83 -3.29
CA ASP F 214 17.31 -30.09 -2.70
C ASP F 214 17.53 -30.04 -1.19
N TYR F 215 16.69 -29.28 -0.50
CA TYR F 215 16.79 -29.10 0.95
C TYR F 215 16.71 -30.44 1.69
N LEU F 216 16.02 -31.41 1.10
CA LEU F 216 15.91 -32.72 1.74
C LEU F 216 17.26 -33.44 1.75
N GLN F 217 17.87 -33.57 0.58
CA GLN F 217 19.16 -34.26 0.45
C GLN F 217 20.27 -33.55 1.22
N MET F 218 20.29 -32.23 1.18
CA MET F 218 21.37 -31.47 1.82
C MET F 218 21.28 -31.49 3.34
N SER F 219 20.07 -31.67 3.86
CA SER F 219 19.89 -31.82 5.30
C SER F 219 20.18 -33.26 5.71
N ALA F 220 20.17 -34.16 4.73
CA ALA F 220 20.40 -35.57 4.96
C ALA F 220 21.86 -35.95 4.73
N ASP F 221 22.62 -35.04 4.12
CA ASP F 221 24.05 -35.25 3.90
C ASP F 221 24.76 -35.50 5.22
N PRO F 222 25.51 -36.61 5.31
CA PRO F 222 26.18 -37.03 6.54
C PRO F 222 27.06 -35.94 7.16
N TYR F 223 27.96 -35.37 6.35
CA TYR F 223 28.90 -34.37 6.84
C TYR F 223 28.29 -32.99 6.95
N GLY F 224 27.39 -32.66 6.03
CA GLY F 224 26.71 -31.39 6.05
C GLY F 224 27.62 -30.22 5.69
N ASP F 225 28.43 -30.41 4.65
CA ASP F 225 29.27 -29.34 4.15
C ASP F 225 28.50 -28.52 3.13
N SER F 226 27.45 -29.11 2.58
CA SER F 226 26.63 -28.50 1.55
C SER F 226 25.93 -27.26 2.05
N MET F 227 25.32 -27.36 3.22
CA MET F 227 24.68 -26.19 3.85
C MET F 227 24.78 -26.24 5.38
N PHE F 228 25.42 -25.23 5.96
CA PHE F 228 25.33 -25.06 7.40
C PHE F 228 24.52 -23.82 7.73
N PHE F 229 24.01 -23.16 6.70
CA PHE F 229 23.15 -21.99 6.87
C PHE F 229 22.19 -21.88 5.69
N CYS F 230 20.90 -21.70 5.98
CA CYS F 230 19.88 -21.64 4.94
C CYS F 230 18.70 -20.73 5.28
N LEU F 231 18.46 -19.73 4.44
CA LEU F 231 17.31 -18.86 4.59
C LEU F 231 16.48 -18.90 3.31
N ARG F 232 15.17 -19.11 3.44
CA ARG F 232 14.30 -19.12 2.27
C ARG F 232 13.04 -18.31 2.53
N ARG F 233 12.48 -17.73 1.47
CA ARG F 233 11.24 -16.97 1.56
C ARG F 233 10.63 -16.78 0.19
N GLU F 234 9.58 -17.52 -0.10
CA GLU F 234 8.91 -17.44 -1.40
C GLU F 234 7.39 -17.25 -1.27
N GLN F 235 6.79 -16.65 -2.29
CA GLN F 235 5.35 -16.41 -2.32
C GLN F 235 4.88 -16.12 -3.74
N LEU F 236 3.68 -16.59 -4.08
CA LEU F 236 3.10 -16.32 -5.39
C LEU F 236 1.60 -16.60 -5.42
N PHE F 237 0.96 -16.28 -6.54
CA PHE F 237 -0.45 -16.59 -6.76
C PHE F 237 -0.74 -16.61 -8.26
N ALA F 238 -1.91 -17.11 -8.62
CA ALA F 238 -2.27 -17.27 -10.03
C ALA F 238 -2.99 -16.04 -10.57
N ARG F 239 -2.35 -15.36 -11.51
CA ARG F 239 -2.88 -14.14 -12.11
C ARG F 239 -3.93 -14.45 -13.19
N HIS F 240 -3.54 -15.12 -14.27
CA HIS F 240 -4.48 -15.44 -15.35
C HIS F 240 -4.52 -16.92 -15.69
N PHE F 241 -5.69 -17.41 -16.08
CA PHE F 241 -5.90 -18.83 -16.37
C PHE F 241 -5.94 -19.09 -17.88
N TRP F 242 -5.08 -19.98 -18.36
CA TRP F 242 -4.93 -20.17 -19.80
C TRP F 242 -4.99 -21.60 -20.29
N ASN F 243 -5.27 -21.73 -21.59
CA ASN F 243 -5.32 -23.01 -22.26
C ASN F 243 -4.07 -23.23 -23.12
N ARG F 244 -3.77 -24.47 -23.44
CA ARG F 244 -2.65 -24.78 -24.32
C ARG F 244 -3.16 -25.23 -25.68
N ALA F 245 -2.69 -24.58 -26.74
CA ALA F 245 -3.01 -25.02 -28.09
C ALA F 245 -2.28 -26.34 -28.36
N GLY F 246 -2.84 -27.15 -29.24
CA GLY F 246 -2.26 -28.44 -29.56
C GLY F 246 -3.20 -29.59 -29.29
N THR F 247 -2.83 -30.77 -29.76
CA THR F 247 -3.66 -31.95 -29.60
C THR F 247 -3.42 -32.62 -28.25
N MET F 248 -4.47 -33.19 -27.68
CA MET F 248 -4.37 -33.83 -26.36
C MET F 248 -3.68 -35.19 -26.43
N GLY F 249 -2.59 -35.32 -25.69
CA GLY F 249 -1.87 -36.58 -25.62
C GLY F 249 -2.65 -37.61 -24.83
N ASP F 250 -2.98 -37.28 -23.58
CA ASP F 250 -3.87 -38.11 -22.79
C ASP F 250 -5.31 -37.78 -23.18
N THR F 251 -6.03 -38.78 -23.67
CA THR F 251 -7.41 -38.57 -24.11
C THR F 251 -8.37 -38.61 -22.93
N VAL F 252 -9.28 -37.64 -22.88
CA VAL F 252 -10.26 -37.56 -21.81
C VAL F 252 -11.24 -38.72 -21.87
N PRO F 253 -11.32 -39.51 -20.78
CA PRO F 253 -12.23 -40.65 -20.67
C PRO F 253 -13.70 -40.27 -20.88
N GLN F 254 -14.42 -41.07 -21.66
CA GLN F 254 -15.83 -40.82 -21.97
C GLN F 254 -16.71 -40.81 -20.74
N SER F 255 -16.23 -41.41 -19.65
CA SER F 255 -17.02 -41.56 -18.44
C SER F 255 -16.97 -40.32 -17.55
N LEU F 256 -16.39 -39.23 -18.06
CA LEU F 256 -16.22 -38.01 -17.28
C LEU F 256 -17.02 -36.84 -17.84
N TYR F 257 -17.70 -37.04 -18.96
CA TYR F 257 -18.48 -35.96 -19.56
C TYR F 257 -19.60 -36.49 -20.45
N ILE F 258 -20.50 -35.59 -20.86
CA ILE F 258 -21.57 -35.96 -21.79
C ILE F 258 -21.33 -35.29 -23.14
N LYS F 259 -21.36 -36.10 -24.20
CA LYS F 259 -21.14 -35.60 -25.55
C LYS F 259 -22.18 -34.57 -25.97
N GLY F 260 -21.75 -33.61 -26.77
CA GLY F 260 -22.66 -32.64 -27.36
C GLY F 260 -22.58 -32.72 -28.87
N THR F 261 -22.80 -31.59 -29.53
CA THR F 261 -22.71 -31.55 -30.99
C THR F 261 -21.90 -30.34 -31.45
N GLY F 262 -21.53 -30.33 -32.73
CA GLY F 262 -20.73 -29.26 -33.29
C GLY F 262 -19.34 -29.22 -32.69
N MET F 263 -18.93 -28.03 -32.26
CA MET F 263 -17.64 -27.88 -31.60
C MET F 263 -17.64 -28.55 -30.24
N ARG F 264 -18.83 -28.73 -29.68
CA ARG F 264 -18.97 -29.34 -28.37
C ARG F 264 -19.24 -30.84 -28.46
N ALA F 265 -18.94 -31.42 -29.61
CA ALA F 265 -19.04 -32.87 -29.77
C ALA F 265 -17.83 -33.55 -29.13
N SER F 266 -16.66 -32.94 -29.31
CA SER F 266 -15.43 -33.45 -28.74
C SER F 266 -14.81 -32.41 -27.82
N PRO F 267 -14.22 -32.88 -26.70
CA PRO F 267 -13.57 -31.98 -25.74
C PRO F 267 -12.39 -31.23 -26.34
N GLY F 268 -12.26 -29.96 -26.00
CA GLY F 268 -11.15 -29.15 -26.46
C GLY F 268 -9.90 -29.41 -25.62
N SER F 269 -9.12 -28.36 -25.40
CA SER F 269 -7.89 -28.49 -24.64
C SER F 269 -8.18 -28.56 -23.15
N CYS F 270 -7.57 -29.54 -22.48
CA CYS F 270 -7.72 -29.71 -21.04
C CYS F 270 -6.39 -29.61 -20.34
N VAL F 271 -5.43 -28.96 -20.99
CA VAL F 271 -4.14 -28.71 -20.37
C VAL F 271 -4.05 -27.23 -19.99
N TYR F 272 -4.29 -26.94 -18.72
CA TYR F 272 -4.31 -25.58 -18.23
C TYR F 272 -2.99 -25.22 -17.56
N SER F 273 -2.63 -23.95 -17.62
CA SER F 273 -1.44 -23.44 -16.94
C SER F 273 -1.66 -22.00 -16.53
N PRO F 274 -1.52 -21.71 -15.24
CA PRO F 274 -1.70 -20.37 -14.69
C PRO F 274 -0.44 -19.52 -14.78
N SER F 275 -0.58 -18.25 -15.16
CA SER F 275 0.55 -17.34 -15.13
C SER F 275 0.85 -17.00 -13.68
N PRO F 276 2.11 -17.20 -13.27
CA PRO F 276 2.53 -16.90 -11.89
C PRO F 276 2.50 -15.40 -11.58
N SER F 277 2.67 -15.06 -10.31
CA SER F 277 2.72 -13.67 -9.88
C SER F 277 3.10 -13.57 -8.40
N GLY F 278 4.25 -12.97 -8.13
CA GLY F 278 4.60 -12.61 -6.78
C GLY F 278 3.84 -11.34 -6.45
N SER F 279 3.15 -11.34 -5.31
CA SER F 279 2.28 -10.21 -4.96
C SER F 279 3.08 -8.97 -4.59
N ILE F 280 2.61 -8.24 -3.59
CA ILE F 280 3.33 -7.06 -3.14
C ILE F 280 4.73 -7.43 -2.66
N VAL F 281 5.75 -6.82 -3.27
CA VAL F 281 7.10 -6.91 -2.73
C VAL F 281 7.33 -5.70 -1.81
N THR F 282 7.63 -5.99 -0.55
CA THR F 282 7.83 -4.95 0.45
C THR F 282 9.23 -5.04 1.08
N SER F 283 9.63 -3.99 1.77
CA SER F 283 10.91 -3.98 2.47
C SER F 283 10.80 -4.69 3.81
N ASP F 284 9.59 -4.77 4.34
CA ASP F 284 9.34 -5.31 5.66
C ASP F 284 9.68 -6.79 5.77
N SER F 285 9.55 -7.52 4.66
CA SER F 285 9.82 -8.94 4.65
C SER F 285 11.18 -9.24 4.01
N GLN F 286 12.04 -8.24 3.95
CA GLN F 286 13.34 -8.40 3.30
C GLN F 286 14.25 -9.34 4.09
N LEU F 287 15.15 -10.00 3.38
CA LEU F 287 15.96 -11.06 3.95
C LEU F 287 17.45 -10.70 3.95
N PHE F 288 17.79 -9.61 3.26
CA PHE F 288 19.20 -9.21 3.13
C PHE F 288 19.44 -7.83 3.74
N ASN F 289 20.66 -7.32 3.59
CA ASN F 289 21.10 -6.10 4.25
C ASN F 289 20.90 -6.19 5.76
N LYS F 290 20.86 -7.42 6.25
CA LYS F 290 20.70 -7.73 7.66
C LYS F 290 21.76 -8.75 8.04
N PRO F 291 22.42 -8.54 9.20
CA PRO F 291 23.45 -9.48 9.64
C PRO F 291 22.86 -10.79 10.17
N TYR F 292 23.58 -11.89 9.95
CA TYR F 292 23.19 -13.17 10.51
C TYR F 292 24.39 -13.83 11.17
N TRP F 293 24.19 -14.35 12.37
CA TRP F 293 25.26 -15.00 13.12
C TRP F 293 25.06 -16.50 13.14
N LEU F 294 26.11 -17.25 12.82
CA LEU F 294 26.03 -18.70 12.76
C LEU F 294 26.36 -19.27 14.13
N HIS F 295 25.43 -19.11 15.08
CA HIS F 295 25.62 -19.56 16.45
C HIS F 295 25.99 -21.05 16.50
N LYS F 296 25.11 -21.89 16.02
CA LYS F 296 25.33 -23.34 15.92
C LYS F 296 24.59 -23.88 14.71
N ALA F 297 25.34 -24.42 13.76
CA ALA F 297 24.77 -24.84 12.47
C ALA F 297 23.77 -25.97 12.61
N GLN F 298 23.02 -26.22 11.53
CA GLN F 298 22.02 -27.28 11.53
C GLN F 298 22.67 -28.65 11.34
N GLY F 299 23.72 -28.69 10.53
CA GLY F 299 24.40 -29.95 10.22
C GLY F 299 25.54 -30.23 11.18
N HIS F 300 26.36 -31.22 10.85
CA HIS F 300 27.50 -31.57 11.70
C HIS F 300 28.64 -30.58 11.52
N ASN F 301 28.76 -29.99 10.34
CA ASN F 301 29.73 -28.94 10.10
C ASN F 301 29.22 -27.60 10.65
N ASN F 302 29.95 -27.04 11.61
CA ASN F 302 29.52 -25.79 12.23
C ASN F 302 30.33 -24.59 11.75
N GLY F 303 30.18 -24.27 10.46
CA GLY F 303 30.80 -23.08 9.90
C GLY F 303 32.25 -23.26 9.51
N VAL F 304 32.77 -24.47 9.67
CA VAL F 304 34.15 -24.75 9.29
C VAL F 304 34.32 -24.68 7.78
N CYS F 305 35.30 -23.90 7.33
CA CYS F 305 35.52 -23.69 5.90
C CYS F 305 36.71 -24.51 5.41
N TRP F 306 36.46 -25.77 5.10
CA TRP F 306 37.51 -26.66 4.59
C TRP F 306 38.04 -26.14 3.25
N HIS F 307 39.32 -26.37 3.01
CA HIS F 307 40.02 -25.91 1.80
C HIS F 307 40.02 -24.38 1.69
N ASN F 308 39.80 -23.71 2.82
CA ASN F 308 39.75 -22.25 2.86
C ASN F 308 38.80 -21.69 1.81
N GLN F 309 37.69 -22.38 1.62
CA GLN F 309 36.67 -21.99 0.65
C GLN F 309 35.36 -21.69 1.34
N LEU F 310 34.49 -20.96 0.64
CA LEU F 310 33.17 -20.63 1.17
C LEU F 310 32.22 -20.39 0.01
N PHE F 311 31.16 -21.18 -0.04
CA PHE F 311 30.18 -21.06 -1.12
C PHE F 311 28.92 -20.34 -0.66
N VAL F 312 28.68 -19.17 -1.26
CA VAL F 312 27.50 -18.38 -0.96
C VAL F 312 26.53 -18.43 -2.14
N THR F 313 25.46 -19.20 -1.98
CA THR F 313 24.44 -19.31 -3.02
C THR F 313 23.27 -18.36 -2.70
N VAL F 314 22.98 -17.45 -3.61
CA VAL F 314 22.04 -16.37 -3.35
C VAL F 314 20.98 -16.24 -4.44
N VAL F 315 19.72 -16.08 -4.03
CA VAL F 315 18.65 -15.71 -4.95
C VAL F 315 17.85 -14.54 -4.37
N ASP F 316 17.65 -13.50 -5.17
CA ASP F 316 16.85 -12.36 -4.75
C ASP F 316 16.14 -11.76 -5.95
N THR F 317 14.82 -11.86 -5.94
CA THR F 317 14.00 -11.40 -7.05
C THR F 317 13.22 -10.14 -6.69
N THR F 318 13.49 -9.60 -5.50
CA THR F 318 12.79 -8.41 -5.02
C THR F 318 13.34 -7.14 -5.66
N ARG F 319 14.35 -7.30 -6.51
CA ARG F 319 14.99 -6.19 -7.21
C ARG F 319 15.21 -6.54 -8.68
N SER F 320 14.13 -6.62 -9.44
CA SER F 320 14.23 -7.06 -10.83
C SER F 320 13.85 -5.99 -11.85
N THR F 321 13.86 -4.74 -11.42
CA THR F 321 13.57 -3.63 -12.33
C THR F 321 14.58 -3.61 -13.47
N ASN F 322 14.11 -3.94 -14.66
CA ASN F 322 14.96 -3.89 -15.85
C ASN F 322 14.93 -2.52 -16.48
N LEU F 323 16.11 -2.01 -16.82
CA LEU F 323 16.22 -0.69 -17.42
C LEU F 323 15.82 -0.72 -18.89
N THR F 324 15.14 0.35 -19.33
CA THR F 324 14.74 0.48 -20.72
C THR F 324 15.54 1.58 -21.38
N ILE F 325 16.35 1.21 -22.38
CA ILE F 325 17.21 2.15 -23.07
C ILE F 325 16.82 2.26 -24.53
N CYS F 326 16.73 3.48 -25.05
CA CYS F 326 16.40 3.69 -26.46
C CYS F 326 17.22 4.82 -27.09
N ALA F 327 17.99 4.46 -28.11
CA ALA F 327 18.76 5.44 -28.88
C ALA F 327 18.16 5.59 -30.26
N SER F 328 18.29 6.79 -30.83
CA SER F 328 17.75 7.08 -32.15
C SER F 328 18.77 6.79 -33.25
N THR F 329 18.28 6.55 -34.46
CA THR F 329 19.14 6.27 -35.61
C THR F 329 19.67 7.57 -36.23
N GLN F 330 18.86 8.62 -36.16
CA GLN F 330 19.28 9.94 -36.63
C GLN F 330 20.09 10.65 -35.56
N SER F 331 21.01 11.51 -35.98
CA SER F 331 21.87 12.22 -35.03
C SER F 331 21.18 13.42 -34.36
N PRO F 332 20.57 14.33 -35.14
CA PRO F 332 19.98 15.50 -34.49
C PRO F 332 18.69 15.21 -33.71
N VAL F 333 18.29 13.94 -33.64
CA VAL F 333 17.09 13.53 -32.92
C VAL F 333 15.86 14.29 -33.44
N PRO F 334 15.17 13.71 -34.42
CA PRO F 334 14.10 14.37 -35.19
C PRO F 334 12.98 14.96 -34.32
N GLY F 335 12.40 16.05 -34.78
CA GLY F 335 11.30 16.69 -34.08
C GLY F 335 9.97 16.05 -34.42
N GLN F 336 10.01 15.08 -35.32
CA GLN F 336 8.82 14.31 -35.69
C GLN F 336 8.96 12.87 -35.18
N TYR F 337 7.97 12.40 -34.44
CA TYR F 337 8.05 11.07 -33.84
C TYR F 337 7.84 9.96 -34.87
N ASP F 338 8.66 8.93 -34.78
CA ASP F 338 8.54 7.75 -35.63
C ASP F 338 9.17 6.57 -34.91
N ALA F 339 8.36 5.57 -34.59
CA ALA F 339 8.78 4.44 -33.77
C ALA F 339 9.99 3.70 -34.34
N THR F 340 10.06 3.61 -35.66
CA THR F 340 11.07 2.80 -36.32
C THR F 340 12.48 3.39 -36.20
N LYS F 341 12.57 4.70 -36.01
CA LYS F 341 13.85 5.38 -35.96
C LYS F 341 14.48 5.34 -34.57
N PHE F 342 13.92 4.51 -33.70
CA PHE F 342 14.46 4.32 -32.35
C PHE F 342 14.77 2.84 -32.12
N LYS F 343 15.83 2.55 -31.38
CA LYS F 343 16.15 1.17 -31.03
C LYS F 343 15.95 0.91 -29.55
N GLN F 344 15.15 -0.10 -29.22
CA GLN F 344 14.80 -0.40 -27.84
C GLN F 344 15.69 -1.50 -27.25
N TYR F 345 16.44 -1.15 -26.21
CA TYR F 345 17.30 -2.11 -25.53
C TYR F 345 16.81 -2.39 -24.12
N SER F 346 17.22 -3.53 -23.57
CA SER F 346 16.81 -3.93 -22.22
C SER F 346 17.99 -4.49 -21.41
N ARG F 347 18.33 -3.80 -20.32
CA ARG F 347 19.47 -4.17 -19.50
C ARG F 347 19.12 -4.33 -18.03
N HIS F 348 19.68 -5.36 -17.41
CA HIS F 348 19.44 -5.61 -16.00
C HIS F 348 20.72 -5.51 -15.18
N VAL F 349 20.62 -4.89 -14.01
CA VAL F 349 21.79 -4.71 -13.16
C VAL F 349 21.71 -5.52 -11.88
N GLU F 350 22.84 -6.12 -11.51
CA GLU F 350 22.95 -6.87 -10.27
C GLU F 350 24.09 -6.32 -9.42
N GLU F 351 23.78 -5.83 -8.23
CA GLU F 351 24.78 -5.25 -7.34
C GLU F 351 24.81 -5.94 -5.98
N TYR F 352 25.96 -6.51 -5.65
CA TYR F 352 26.11 -7.22 -4.37
C TYR F 352 27.23 -6.67 -3.50
N ASP F 353 27.32 -7.19 -2.28
CA ASP F 353 28.38 -6.86 -1.36
C ASP F 353 28.44 -7.91 -0.25
N LEU F 354 29.48 -8.73 -0.27
CA LEU F 354 29.63 -9.78 0.71
C LEU F 354 30.56 -9.32 1.85
N GLN F 355 30.09 -9.51 3.07
CA GLN F 355 30.87 -9.19 4.26
C GLN F 355 30.84 -10.36 5.22
N PHE F 356 31.98 -10.68 5.82
CA PHE F 356 32.04 -11.82 6.72
C PHE F 356 32.79 -11.51 8.01
N ILE F 357 32.53 -12.33 9.03
CA ILE F 357 33.30 -12.31 10.26
C ILE F 357 33.83 -13.71 10.50
N PHE F 358 35.12 -13.91 10.24
CA PHE F 358 35.71 -15.23 10.37
C PHE F 358 36.41 -15.42 11.71
N GLN F 359 36.51 -16.67 12.14
CA GLN F 359 37.14 -16.99 13.42
C GLN F 359 38.23 -18.04 13.24
N LEU F 360 39.42 -17.73 13.72
CA LEU F 360 40.57 -18.63 13.58
C LEU F 360 40.41 -19.85 14.49
N CYS F 361 40.62 -21.03 13.92
CA CYS F 361 40.47 -22.27 14.68
C CYS F 361 41.64 -23.23 14.48
N THR F 362 41.90 -24.06 15.47
CA THR F 362 43.00 -25.02 15.43
C THR F 362 42.51 -26.45 15.38
N ILE F 363 43.30 -27.34 14.81
CA ILE F 363 43.02 -28.77 14.81
C ILE F 363 44.28 -29.55 15.16
N THR F 364 44.36 -30.03 16.40
CA THR F 364 45.50 -30.84 16.83
C THR F 364 45.47 -32.19 16.14
N LEU F 365 46.51 -32.49 15.37
CA LEU F 365 46.55 -33.69 14.55
C LEU F 365 47.00 -34.92 15.34
N THR F 366 46.05 -35.73 15.77
CA THR F 366 46.35 -36.99 16.42
C THR F 366 46.07 -38.15 15.46
N ALA F 367 46.23 -39.37 15.95
CA ALA F 367 46.06 -40.55 15.13
C ALA F 367 44.65 -40.66 14.53
N ASP F 368 43.65 -40.69 15.40
CA ASP F 368 42.27 -40.89 14.96
C ASP F 368 41.69 -39.67 14.27
N VAL F 369 42.15 -38.48 14.66
CA VAL F 369 41.70 -37.24 14.05
C VAL F 369 42.01 -37.25 12.56
N MET F 370 43.25 -37.58 12.22
CA MET F 370 43.69 -37.63 10.83
C MET F 370 42.94 -38.67 10.02
N SER F 371 42.83 -39.88 10.56
CA SER F 371 42.12 -40.97 9.88
C SER F 371 40.63 -40.68 9.72
N TYR F 372 40.11 -39.79 10.57
CA TYR F 372 38.73 -39.33 10.41
C TYR F 372 38.64 -38.36 9.23
N ILE F 373 39.56 -37.39 9.21
CA ILE F 373 39.65 -36.44 8.10
C ILE F 373 40.01 -37.18 6.81
N GLN F 374 40.71 -38.31 6.96
CA GLN F 374 41.02 -39.19 5.84
C GLN F 374 39.74 -39.74 5.22
N SER F 375 38.77 -40.07 6.06
CA SER F 375 37.50 -40.61 5.57
C SER F 375 36.60 -39.50 5.03
N MET F 376 36.54 -38.39 5.76
CA MET F 376 35.74 -37.24 5.38
C MET F 376 36.13 -36.70 4.01
N ASN F 377 37.40 -36.33 3.88
CA ASN F 377 37.92 -35.77 2.65
C ASN F 377 39.45 -35.82 2.67
N SER F 378 40.01 -36.81 1.98
CA SER F 378 41.46 -37.01 1.94
C SER F 378 42.23 -35.77 1.47
N SER F 379 41.59 -34.98 0.61
CA SER F 379 42.24 -33.82 0.01
C SER F 379 42.54 -32.71 1.02
N ILE F 380 41.84 -32.72 2.15
CA ILE F 380 42.10 -31.74 3.21
C ILE F 380 43.52 -31.90 3.75
N LEU F 381 43.88 -33.13 4.09
CA LEU F 381 45.21 -33.44 4.61
C LEU F 381 46.32 -33.13 3.60
N GLU F 382 46.06 -33.43 2.33
CA GLU F 382 47.03 -33.22 1.26
C GLU F 382 47.54 -31.78 1.21
N ASP F 383 46.63 -30.82 1.32
CA ASP F 383 47.01 -29.41 1.24
C ASP F 383 47.89 -28.99 2.41
N TRP F 384 47.62 -29.56 3.58
CA TRP F 384 48.43 -29.28 4.75
C TRP F 384 49.80 -29.92 4.66
N ASN F 385 50.01 -30.70 3.60
CA ASN F 385 51.27 -31.41 3.38
C ASN F 385 51.63 -32.32 4.55
N ASN F 391 48.03 -29.01 -8.42
CA ASN F 391 46.90 -29.75 -7.83
C ASN F 391 45.59 -29.47 -8.56
N LYS F 392 44.72 -30.48 -8.60
CA LYS F 392 43.44 -30.35 -9.29
C LYS F 392 42.29 -30.12 -8.32
N ASP F 393 41.33 -29.31 -8.76
CA ASP F 393 40.14 -29.01 -7.98
C ASP F 393 38.91 -29.61 -8.65
N PRO F 394 38.08 -30.32 -7.87
CA PRO F 394 36.92 -31.03 -8.41
C PRO F 394 35.83 -30.09 -8.94
N TYR F 395 35.98 -28.79 -8.73
CA TYR F 395 34.97 -27.82 -9.15
C TYR F 395 35.43 -26.94 -10.31
N ASP F 396 36.58 -27.25 -10.89
CA ASP F 396 37.15 -26.39 -11.94
C ASP F 396 36.43 -26.53 -13.28
N LYS F 397 35.42 -27.39 -13.33
CA LYS F 397 34.57 -27.53 -14.52
C LYS F 397 33.35 -26.61 -14.42
N LEU F 398 33.04 -26.20 -13.20
CA LEU F 398 31.80 -25.51 -12.90
C LEU F 398 31.96 -24.00 -12.87
N LYS F 399 30.91 -23.29 -13.30
CA LYS F 399 30.91 -21.83 -13.34
C LYS F 399 30.55 -21.21 -12.00
N PHE F 400 31.45 -20.36 -11.49
CA PHE F 400 31.21 -19.66 -10.24
C PHE F 400 31.62 -18.19 -10.36
N TRP F 401 31.10 -17.36 -9.46
CA TRP F 401 31.54 -15.98 -9.36
C TRP F 401 32.64 -15.88 -8.31
N ASN F 402 33.89 -16.00 -8.76
CA ASN F 402 35.03 -16.01 -7.83
C ASN F 402 35.23 -14.66 -7.16
N VAL F 403 35.30 -14.68 -5.83
CA VAL F 403 35.52 -13.46 -5.05
C VAL F 403 36.70 -13.65 -4.12
N ASP F 404 37.86 -13.17 -4.55
CA ASP F 404 39.09 -13.34 -3.79
C ASP F 404 39.12 -12.43 -2.57
N LEU F 405 39.24 -13.03 -1.39
CA LEU F 405 39.29 -12.24 -0.15
C LEU F 405 40.64 -12.36 0.55
N LYS F 406 41.65 -12.87 -0.17
CA LYS F 406 42.96 -13.12 0.42
C LYS F 406 43.67 -11.85 0.89
N GLU F 407 43.33 -10.72 0.27
CA GLU F 407 43.94 -9.44 0.62
C GLU F 407 42.97 -8.55 1.38
N LYS F 408 41.93 -9.17 1.94
CA LYS F 408 40.81 -8.39 2.50
C LYS F 408 40.54 -8.67 3.98
N PHE F 409 41.35 -9.52 4.60
CA PHE F 409 41.14 -9.82 6.02
C PHE F 409 41.67 -8.69 6.89
N SER F 410 41.01 -8.46 8.02
CA SER F 410 41.38 -7.38 8.93
C SER F 410 41.15 -7.79 10.39
N LEU F 411 41.98 -7.26 11.29
CA LEU F 411 41.92 -7.64 12.70
C LEU F 411 41.03 -6.71 13.52
N ASP F 412 41.07 -5.42 13.21
CA ASP F 412 40.27 -4.45 13.93
C ASP F 412 38.82 -4.42 13.42
N LEU F 413 37.96 -5.16 14.12
CA LEU F 413 36.56 -5.27 13.73
C LEU F 413 35.84 -3.92 13.89
N ASP F 414 36.40 -3.06 14.74
CA ASP F 414 35.86 -1.73 14.99
C ASP F 414 35.68 -0.93 13.70
N GLN F 415 36.62 -1.11 12.77
CA GLN F 415 36.70 -0.30 11.56
C GLN F 415 35.65 -0.62 10.50
N TYR F 416 34.89 -1.70 10.69
CA TYR F 416 33.96 -2.14 9.67
C TYR F 416 32.55 -2.28 10.22
N PRO F 417 31.52 -2.05 9.38
CA PRO F 417 30.12 -2.09 9.78
C PRO F 417 29.75 -3.39 10.48
N LEU F 418 29.93 -4.52 9.79
CA LEU F 418 29.64 -5.83 10.36
C LEU F 418 30.47 -6.05 11.62
N GLY F 419 31.74 -5.66 11.56
CA GLY F 419 32.64 -5.79 12.69
C GLY F 419 32.12 -5.11 13.94
N ARG F 420 31.56 -3.91 13.77
CA ARG F 420 30.94 -3.19 14.88
C ARG F 420 29.76 -3.97 15.44
N LYS F 421 28.82 -4.30 14.56
CA LYS F 421 27.62 -5.06 14.93
C LYS F 421 27.97 -6.34 15.66
N PHE F 422 29.08 -6.96 15.25
CA PHE F 422 29.53 -8.19 15.87
C PHE F 422 29.99 -7.97 17.31
N LEU F 423 30.70 -6.88 17.56
CA LEU F 423 31.19 -6.56 18.89
C LEU F 423 30.04 -6.22 19.83
N VAL F 424 29.03 -5.54 19.29
CA VAL F 424 27.82 -5.25 20.04
C VAL F 424 27.09 -6.52 20.43
N GLN F 425 26.83 -7.36 19.43
CA GLN F 425 26.10 -8.62 19.64
C GLN F 425 26.84 -9.55 20.60
N ALA F 426 28.17 -9.54 20.53
CA ALA F 426 28.98 -10.36 21.41
C ALA F 426 28.94 -9.83 22.84
N GLY F 427 28.50 -8.59 23.00
CA GLY F 427 28.44 -7.95 24.30
C GLY F 427 29.64 -7.06 24.54
N ALA G 1 43.74 5.02 12.36
CA ALA G 1 42.55 4.28 12.75
C ALA G 1 41.44 5.22 13.19
N VAL G 2 40.22 4.95 12.70
CA VAL G 2 39.06 5.75 13.07
C VAL G 2 38.55 5.33 14.45
N VAL G 3 38.18 6.32 15.27
CA VAL G 3 37.75 6.06 16.64
C VAL G 3 36.31 6.50 16.87
N ASN G 4 35.58 5.72 17.67
CA ASN G 4 34.21 6.07 18.06
C ASN G 4 34.18 7.39 18.83
N THR G 5 33.31 8.31 18.41
CA THR G 5 33.26 9.65 18.97
C THR G 5 33.05 9.69 20.49
N ASP G 6 32.42 8.65 21.02
CA ASP G 6 32.17 8.56 22.45
C ASP G 6 33.46 8.40 23.27
N ASP G 7 34.60 8.34 22.59
CA ASP G 7 35.89 8.22 23.25
C ASP G 7 36.58 9.57 23.46
N TYR G 8 36.30 10.54 22.59
CA TYR G 8 36.90 11.86 22.74
C TYR G 8 35.86 12.98 22.80
N VAL G 9 34.58 12.60 22.89
CA VAL G 9 33.50 13.58 23.01
C VAL G 9 32.67 13.33 24.27
N THR G 10 32.96 14.10 25.33
CA THR G 10 32.27 13.94 26.60
C THR G 10 30.92 14.65 26.60
N ARG G 11 29.88 13.92 26.95
CA ARG G 11 28.53 14.46 26.97
C ARG G 11 28.18 15.02 28.35
N THR G 12 27.46 16.13 28.36
CA THR G 12 26.97 16.70 29.60
C THR G 12 25.54 16.25 29.85
N SER G 13 24.88 16.87 30.82
CA SER G 13 23.48 16.56 31.09
C SER G 13 22.60 17.73 30.68
N ILE G 14 23.15 18.62 29.87
CA ILE G 14 22.40 19.78 29.40
C ILE G 14 21.74 19.47 28.05
N PHE G 15 20.41 19.59 28.02
CA PHE G 15 19.65 19.32 26.80
C PHE G 15 18.92 20.56 26.30
N TYR G 16 18.89 20.72 24.99
CA TYR G 16 18.17 21.83 24.36
C TYR G 16 17.12 21.31 23.40
N HIS G 17 16.06 22.10 23.21
CA HIS G 17 15.06 21.79 22.20
C HIS G 17 15.08 22.80 21.07
N ALA G 18 15.10 22.30 19.84
CA ALA G 18 15.05 23.15 18.67
C ALA G 18 13.90 22.73 17.76
N GLY G 19 13.20 23.72 17.21
CA GLY G 19 12.12 23.43 16.30
C GLY G 19 12.07 24.42 15.16
N SER G 20 11.93 23.90 13.94
CA SER G 20 11.62 24.74 12.80
C SER G 20 10.20 25.22 13.00
N SER G 21 9.82 26.28 12.31
CA SER G 21 8.43 26.75 12.38
C SER G 21 7.52 25.74 11.67
N ARG G 22 6.96 26.16 10.55
CA ARG G 22 6.18 25.25 9.72
C ARG G 22 6.66 25.32 8.29
N LEU G 23 7.46 24.34 7.89
CA LEU G 23 8.00 24.29 6.55
C LEU G 23 6.89 23.91 5.57
N LEU G 24 6.70 24.76 4.56
CA LEU G 24 5.57 24.62 3.64
C LEU G 24 5.93 25.09 2.24
N THR G 25 5.40 24.40 1.24
CA THR G 25 5.63 24.79 -0.15
C THR G 25 4.59 24.18 -1.09
N VAL G 26 4.06 25.00 -1.99
CA VAL G 26 3.10 24.53 -2.99
C VAL G 26 3.66 24.77 -4.39
N GLY G 27 3.12 24.06 -5.37
CA GLY G 27 3.57 24.18 -6.74
C GLY G 27 3.08 23.04 -7.62
N ASP G 28 3.53 23.02 -8.87
CA ASP G 28 3.14 21.98 -9.82
C ASP G 28 3.90 20.67 -9.57
N PRO G 29 3.19 19.53 -9.64
CA PRO G 29 3.79 18.23 -9.32
C PRO G 29 4.51 17.56 -10.48
N TYR G 30 4.51 18.18 -11.66
CA TYR G 30 5.03 17.53 -12.85
C TYR G 30 6.23 18.26 -13.44
N PHE G 31 6.20 19.59 -13.36
CA PHE G 31 7.25 20.44 -13.91
C PHE G 31 7.04 21.87 -13.42
N ARG G 32 8.10 22.67 -13.36
CA ARG G 32 7.94 24.06 -12.96
C ARG G 32 7.38 24.89 -14.13
N VAL G 33 6.50 25.83 -13.81
CA VAL G 33 5.87 26.67 -14.81
C VAL G 33 6.60 28.00 -14.94
N PRO G 34 7.11 28.32 -16.14
CA PRO G 34 7.84 29.56 -16.42
C PRO G 34 7.03 30.80 -16.05
N ALA G 35 7.61 31.65 -15.20
CA ALA G 35 6.93 32.80 -14.63
C ALA G 35 6.41 33.78 -15.69
N GLY G 36 5.43 34.58 -15.31
CA GLY G 36 4.93 35.64 -16.15
C GLY G 36 4.16 35.19 -17.37
N GLY G 37 4.01 33.88 -17.54
CA GLY G 37 3.29 33.34 -18.67
C GLY G 37 1.82 33.69 -18.62
N GLY G 38 1.28 33.72 -17.39
CA GLY G 38 -0.10 34.10 -17.16
C GLY G 38 -0.22 34.84 -15.84
N ASN G 39 0.67 34.53 -14.91
CA ASN G 39 0.66 35.17 -13.61
C ASN G 39 2.07 35.38 -13.05
N LYS G 40 2.21 36.37 -12.17
CA LYS G 40 3.48 36.74 -11.59
C LYS G 40 4.11 35.59 -10.80
N GLN G 41 5.44 35.52 -10.85
CA GLN G 41 6.26 34.58 -10.07
C GLN G 41 6.17 33.13 -10.55
N ASP G 42 7.32 32.46 -10.61
CA ASP G 42 7.40 31.07 -11.02
C ASP G 42 6.58 30.16 -10.12
N ILE G 43 6.19 29.01 -10.65
CA ILE G 43 5.53 27.98 -9.84
C ILE G 43 6.48 26.80 -9.74
N PRO G 44 7.14 26.66 -8.57
CA PRO G 44 8.15 25.63 -8.32
C PRO G 44 7.62 24.22 -8.53
N LYS G 45 8.48 23.30 -8.95
CA LYS G 45 8.08 21.91 -9.07
C LYS G 45 8.13 21.24 -7.70
N VAL G 46 6.95 21.02 -7.11
CA VAL G 46 6.85 20.34 -5.83
C VAL G 46 6.18 18.98 -6.01
N SER G 47 6.94 17.92 -5.76
CA SER G 47 6.44 16.57 -5.94
C SER G 47 6.56 15.78 -4.64
N ALA G 48 5.70 14.79 -4.46
CA ALA G 48 5.82 13.91 -3.30
C ALA G 48 6.97 12.93 -3.50
N TYR G 49 7.42 12.81 -4.75
CA TYR G 49 8.44 11.83 -5.11
C TYR G 49 9.78 12.47 -5.38
N GLN G 50 10.13 13.48 -4.60
CA GLN G 50 11.48 14.04 -4.65
C GLN G 50 12.05 14.14 -3.24
N TYR G 51 13.37 14.05 -3.14
CA TYR G 51 14.05 14.15 -1.85
C TYR G 51 13.89 15.51 -1.22
N ARG G 52 13.40 15.52 0.02
CA ARG G 52 13.47 16.71 0.84
C ARG G 52 14.79 16.63 1.61
N VAL G 53 15.66 17.61 1.40
CA VAL G 53 16.92 17.65 2.13
C VAL G 53 17.07 18.97 2.89
N PHE G 54 16.97 18.90 4.22
CA PHE G 54 17.04 20.09 5.04
C PHE G 54 18.43 20.30 5.61
N ARG G 55 19.01 21.46 5.35
CA ARG G 55 20.27 21.84 5.96
C ARG G 55 20.03 22.61 7.24
N VAL G 56 19.96 21.88 8.36
CA VAL G 56 19.69 22.51 9.65
C VAL G 56 20.93 23.21 10.18
N GLN G 57 20.83 24.53 10.31
CA GLN G 57 21.95 25.34 10.78
C GLN G 57 21.85 25.61 12.28
N LEU G 58 22.82 25.10 13.03
CA LEU G 58 22.80 25.18 14.49
C LEU G 58 23.61 26.38 15.00
N PRO G 59 23.30 26.85 16.22
CA PRO G 59 24.09 27.96 16.76
C PRO G 59 25.43 27.48 17.31
N ASP G 60 26.48 28.27 17.08
CA ASP G 60 27.80 27.94 17.60
C ASP G 60 27.77 27.91 19.11
N PRO G 61 27.94 26.71 19.70
CA PRO G 61 27.83 26.50 21.14
C PRO G 61 28.92 27.22 21.92
N ASN G 62 30.04 27.53 21.26
CA ASN G 62 31.12 28.26 21.90
C ASN G 62 30.81 29.74 22.06
N LYS G 63 30.34 30.35 20.98
CA LYS G 63 30.00 31.77 21.01
C LYS G 63 28.54 31.97 21.43
N PHE G 64 28.03 30.99 22.19
CA PHE G 64 26.64 30.97 22.63
C PHE G 64 26.55 31.08 24.15
N GLY G 65 25.59 31.87 24.62
CA GLY G 65 25.36 32.00 26.05
C GLY G 65 24.86 30.69 26.63
N LEU G 66 25.55 30.20 27.64
CA LEU G 66 25.22 28.91 28.25
C LEU G 66 24.49 29.12 29.57
N PRO G 67 23.74 28.10 30.05
CA PRO G 67 23.09 28.18 31.36
C PRO G 67 24.08 28.41 32.48
N ASP G 68 25.35 28.25 32.14
CA ASP G 68 26.49 28.44 33.02
C ASP G 68 27.71 28.18 32.15
N THR G 69 28.61 29.16 32.04
CA THR G 69 29.76 28.96 31.17
C THR G 69 30.95 28.44 31.98
N SER G 70 30.64 27.65 33.01
CA SER G 70 31.65 26.90 33.73
C SER G 70 31.41 25.42 33.50
N ILE G 71 30.65 25.10 32.46
CA ILE G 71 30.48 23.72 32.00
C ILE G 71 31.81 23.24 31.44
N TYR G 72 32.62 24.18 30.97
CA TYR G 72 33.91 23.86 30.39
C TYR G 72 34.94 24.96 30.62
N ASN G 73 36.16 24.73 30.15
CA ASN G 73 37.21 25.72 30.17
C ASN G 73 37.57 26.14 28.75
N PRO G 74 37.18 27.37 28.36
CA PRO G 74 37.41 27.89 27.01
C PRO G 74 38.88 28.00 26.60
N GLU G 75 39.78 27.53 27.46
CA GLU G 75 41.21 27.57 27.14
C GLU G 75 41.72 26.23 26.65
N THR G 76 41.12 25.14 27.13
CA THR G 76 41.61 23.80 26.81
C THR G 76 40.56 22.93 26.10
N GLN G 77 39.34 23.42 25.99
CA GLN G 77 38.30 22.61 25.36
C GLN G 77 37.23 23.41 24.63
N ARG G 78 36.54 22.72 23.71
CA ARG G 78 35.53 23.31 22.86
C ARG G 78 34.18 22.62 23.03
N LEU G 79 33.13 23.26 22.51
CA LEU G 79 31.79 22.70 22.63
C LEU G 79 31.24 22.26 21.27
N VAL G 80 30.54 21.14 21.27
CA VAL G 80 29.88 20.64 20.07
C VAL G 80 28.47 20.17 20.42
N TRP G 81 27.52 20.39 19.51
CA TRP G 81 26.18 19.85 19.67
C TRP G 81 26.13 18.38 19.27
N ALA G 82 25.35 17.59 20.01
CA ALA G 82 25.17 16.18 19.70
C ALA G 82 23.69 15.82 19.70
N CYS G 83 23.19 15.40 18.54
CA CYS G 83 21.78 15.09 18.37
C CYS G 83 21.36 13.97 19.31
N ALA G 84 20.21 14.13 19.96
CA ALA G 84 19.74 13.15 20.94
C ALA G 84 18.34 12.63 20.63
N GLY G 85 17.54 13.47 19.96
CA GLY G 85 16.18 13.10 19.60
C GLY G 85 15.64 13.90 18.43
N VAL G 86 14.89 13.22 17.56
CA VAL G 86 14.34 13.84 16.36
C VAL G 86 12.87 13.47 16.17
N GLU G 87 12.10 14.42 15.64
CA GLU G 87 10.75 14.12 15.19
C GLU G 87 10.40 14.95 13.96
N ILE G 88 10.18 14.26 12.84
CA ILE G 88 9.78 14.93 11.61
C ILE G 88 8.27 14.90 11.46
N GLY G 89 7.64 16.07 11.54
CA GLY G 89 6.20 16.16 11.45
C GLY G 89 5.70 16.34 10.02
N ARG G 90 4.60 15.64 9.69
CA ARG G 90 3.98 15.74 8.38
C ARG G 90 2.56 16.29 8.51
N GLY G 91 2.26 17.33 7.73
CA GLY G 91 1.01 18.05 7.89
C GLY G 91 -0.21 17.48 7.19
N GLN G 92 -0.17 17.44 5.86
CA GLN G 92 -1.34 17.09 5.05
C GLN G 92 -1.88 15.67 5.32
N PRO G 93 -3.13 15.40 4.93
CA PRO G 93 -3.70 14.06 5.10
C PRO G 93 -3.09 13.01 4.16
N LEU G 94 -3.26 11.74 4.50
CA LEU G 94 -2.78 10.64 3.67
C LEU G 94 -3.51 10.62 2.34
N GLY G 95 -2.83 10.16 1.29
CA GLY G 95 -3.45 10.09 -0.02
C GLY G 95 -2.59 9.53 -1.13
N VAL G 96 -3.24 9.17 -2.23
CA VAL G 96 -2.56 8.70 -3.42
C VAL G 96 -2.76 9.70 -4.55
N GLY G 97 -1.73 9.88 -5.37
CA GLY G 97 -1.78 10.83 -6.46
C GLY G 97 -1.10 10.26 -7.68
N LEU G 98 -1.58 10.63 -8.87
CA LEU G 98 -1.11 10.00 -10.09
C LEU G 98 -0.13 10.84 -10.90
N SER G 99 0.77 10.13 -11.59
CA SER G 99 1.66 10.74 -12.56
C SER G 99 1.42 10.07 -13.89
N GLY G 100 1.48 10.84 -14.97
CA GLY G 100 1.23 10.30 -16.30
C GLY G 100 2.02 10.99 -17.40
N HIS G 101 1.72 10.61 -18.64
CA HIS G 101 2.39 11.15 -19.80
C HIS G 101 1.43 11.16 -20.98
N PRO G 102 1.30 12.30 -21.66
CA PRO G 102 0.36 12.46 -22.78
C PRO G 102 0.69 11.55 -23.95
N PHE G 103 1.97 11.18 -24.09
CA PHE G 103 2.43 10.37 -25.20
C PHE G 103 3.29 9.20 -24.72
N TYR G 104 2.79 8.45 -23.74
CA TYR G 104 3.52 7.31 -23.18
C TYR G 104 3.78 6.24 -24.23
N ASN G 105 5.02 5.78 -24.32
CA ASN G 105 5.37 4.75 -25.29
C ASN G 105 4.86 3.38 -24.86
N LYS G 106 3.56 3.15 -25.01
CA LYS G 106 2.96 1.86 -24.73
C LYS G 106 2.49 1.23 -26.02
N LEU G 107 3.10 0.12 -26.42
CA LEU G 107 2.72 -0.54 -27.66
C LEU G 107 1.35 -1.20 -27.52
N ASP G 108 1.26 -2.19 -26.63
CA ASP G 108 0.00 -2.88 -26.39
C ASP G 108 0.02 -3.73 -25.12
N ASP G 109 -1.16 -4.15 -24.68
CA ASP G 109 -1.29 -4.96 -23.47
C ASP G 109 -0.74 -6.37 -23.70
N THR G 110 0.31 -6.72 -22.95
CA THR G 110 0.95 -8.03 -23.10
C THR G 110 0.66 -8.88 -21.88
N GLU G 111 -0.57 -8.77 -21.41
CA GLU G 111 -1.05 -9.48 -20.23
C GLU G 111 -2.22 -10.35 -20.65
N SER G 112 -2.81 -10.01 -21.81
CA SER G 112 -3.98 -10.69 -22.36
C SER G 112 -4.45 -10.10 -23.69
N SER G 113 -3.51 -9.79 -24.58
CA SER G 113 -3.74 -9.12 -25.88
C SER G 113 -5.15 -9.09 -26.50
N HIS G 114 -5.65 -7.89 -26.79
CA HIS G 114 -6.75 -7.68 -27.77
C HIS G 114 -7.11 -6.21 -28.04
N ALA G 115 -7.32 -5.92 -29.33
CA ALA G 115 -7.99 -4.71 -29.85
C ALA G 115 -7.15 -3.43 -29.93
N ALA G 116 -7.79 -2.37 -30.44
CA ALA G 116 -7.27 -1.01 -30.58
C ALA G 116 -8.17 -0.24 -31.56
N THR G 117 -7.79 1.00 -31.87
CA THR G 117 -8.44 1.73 -32.97
C THR G 117 -7.55 2.84 -33.54
N SER G 118 -6.24 2.68 -33.40
CA SER G 118 -5.30 3.66 -33.95
C SER G 118 -5.16 3.45 -35.45
N ASN G 119 -5.50 4.49 -36.22
CA ASN G 119 -5.37 4.43 -37.67
C ASN G 119 -4.16 5.23 -38.14
N VAL G 120 -3.43 5.77 -37.16
CA VAL G 120 -2.14 6.38 -37.42
C VAL G 120 -1.17 5.26 -37.81
N SER G 121 -0.02 5.61 -38.37
CA SER G 121 1.01 4.62 -38.65
C SER G 121 2.03 4.58 -37.52
N GLU G 122 2.64 5.72 -37.23
CA GLU G 122 3.65 5.79 -36.17
C GLU G 122 2.99 5.81 -34.80
N ASP G 123 3.12 6.96 -34.12
CA ASP G 123 2.68 7.13 -32.73
C ASP G 123 1.41 6.40 -32.31
N VAL G 124 1.56 5.17 -31.85
CA VAL G 124 0.47 4.45 -31.20
C VAL G 124 0.41 4.84 -29.73
N ARG G 125 1.38 5.67 -29.33
CA ARG G 125 1.51 6.15 -27.96
C ARG G 125 0.20 6.68 -27.43
N ASP G 126 -0.15 6.29 -26.21
CA ASP G 126 -1.40 6.73 -25.60
C ASP G 126 -1.16 7.62 -24.40
N ASN G 127 -2.24 8.19 -23.88
CA ASN G 127 -2.20 8.94 -22.63
C ASN G 127 -2.48 8.02 -21.47
N VAL G 128 -1.43 7.63 -20.75
CA VAL G 128 -1.62 6.79 -19.57
C VAL G 128 -1.05 7.45 -18.32
N SER G 129 -1.57 7.04 -17.17
CA SER G 129 -1.06 7.49 -15.89
C SER G 129 -0.82 6.29 -15.00
N VAL G 130 -0.12 6.51 -13.88
CA VAL G 130 0.23 5.41 -13.01
C VAL G 130 0.61 5.93 -11.62
N ASP G 131 0.19 5.19 -10.59
CA ASP G 131 0.60 5.51 -9.23
C ASP G 131 1.96 4.86 -8.95
N TYR G 132 2.90 5.68 -8.49
CA TYR G 132 4.25 5.21 -8.27
C TYR G 132 4.37 4.25 -7.10
N LYS G 133 5.56 3.66 -7.00
CA LYS G 133 5.99 2.92 -5.81
C LYS G 133 5.79 3.75 -4.54
N GLN G 134 5.63 3.08 -3.41
CA GLN G 134 5.41 3.77 -2.15
C GLN G 134 6.67 3.74 -1.27
N THR G 135 7.25 4.90 -1.03
CA THR G 135 8.53 4.98 -0.32
C THR G 135 8.48 5.90 0.90
N GLN G 136 9.17 5.48 1.96
CA GLN G 136 9.38 6.31 3.13
C GLN G 136 10.84 6.17 3.58
N LEU G 137 11.53 7.28 3.75
CA LEU G 137 12.89 7.22 4.27
C LEU G 137 13.33 8.49 5.00
N CYS G 138 14.28 8.31 5.91
CA CYS G 138 14.76 9.37 6.80
C CYS G 138 16.24 9.18 7.13
N ILE G 139 17.06 10.15 6.75
CA ILE G 139 18.51 10.01 6.93
C ILE G 139 19.11 11.18 7.72
N LEU G 140 19.81 10.87 8.81
CA LEU G 140 20.41 11.89 9.66
C LEU G 140 21.93 11.83 9.66
N GLY G 141 22.57 12.98 9.49
CA GLY G 141 24.02 13.08 9.50
C GLY G 141 24.48 14.51 9.56
N CYS G 142 25.77 14.72 9.80
CA CYS G 142 26.36 16.05 9.78
C CYS G 142 27.06 16.28 8.43
N ALA G 143 26.65 15.49 7.44
CA ALA G 143 27.09 15.62 6.07
C ALA G 143 25.96 15.17 5.16
N PRO G 144 25.90 15.68 3.92
CA PRO G 144 24.80 15.27 3.05
C PRO G 144 24.85 13.78 2.72
N ALA G 145 23.71 13.18 2.38
CA ALA G 145 23.65 11.75 2.10
C ALA G 145 24.03 11.46 0.65
N ILE G 146 24.57 10.27 0.41
CA ILE G 146 25.10 9.92 -0.91
C ILE G 146 24.12 9.07 -1.72
N GLY G 147 23.84 9.51 -2.94
CA GLY G 147 22.95 8.78 -3.82
C GLY G 147 23.65 8.16 -5.01
N GLU G 148 23.15 7.02 -5.46
CA GLU G 148 23.67 6.37 -6.66
C GLU G 148 22.60 6.37 -7.75
N HIS G 149 23.04 6.27 -8.99
CA HIS G 149 22.12 6.18 -10.13
C HIS G 149 22.87 5.70 -11.36
N TRP G 150 22.13 5.28 -12.38
CA TRP G 150 22.75 4.78 -13.61
C TRP G 150 22.73 5.84 -14.70
N ALA G 151 23.89 6.05 -15.32
CA ALA G 151 24.02 7.09 -16.32
C ALA G 151 24.66 6.54 -17.59
N LYS G 152 24.56 7.31 -18.68
CA LYS G 152 25.20 6.93 -19.93
C LYS G 152 26.69 6.77 -19.68
N GLY G 153 27.26 7.77 -19.02
CA GLY G 153 28.65 7.79 -18.58
C GLY G 153 29.60 7.07 -19.51
N THR G 154 30.10 7.79 -20.51
CA THR G 154 30.94 7.28 -21.61
C THR G 154 31.25 5.79 -21.54
N ALA G 155 32.01 5.40 -20.52
CA ALA G 155 32.42 4.01 -20.29
C ALA G 155 32.91 3.35 -21.57
N SER G 156 32.83 2.02 -21.59
CA SER G 156 33.39 1.23 -22.68
C SER G 156 34.85 1.60 -22.94
N LYS G 157 35.43 1.06 -24.01
CA LYS G 157 36.83 1.33 -24.28
C LYS G 157 37.08 1.74 -25.73
N SER G 158 37.71 0.86 -26.49
CA SER G 158 38.24 1.22 -27.81
C SER G 158 37.20 1.40 -28.90
N ARG G 159 35.99 0.89 -28.67
CA ARG G 159 34.96 0.90 -29.71
C ARG G 159 33.88 1.95 -29.46
N PRO G 160 33.91 3.06 -30.22
CA PRO G 160 32.81 4.03 -30.19
C PRO G 160 31.47 3.39 -30.55
N LEU G 161 30.38 4.11 -30.30
CA LEU G 161 29.05 3.56 -30.56
C LEU G 161 28.47 4.05 -31.86
N SER G 162 28.41 3.16 -32.84
CA SER G 162 27.75 3.43 -34.11
C SER G 162 26.32 3.88 -33.85
N GLN G 163 26.13 5.21 -33.81
CA GLN G 163 24.89 5.86 -33.35
C GLN G 163 23.63 5.07 -33.68
N GLY G 164 23.18 4.31 -32.69
CA GLY G 164 22.08 3.37 -32.85
C GLY G 164 22.28 2.26 -31.84
N ASP G 165 23.52 1.81 -31.72
CA ASP G 165 23.91 0.82 -30.72
C ASP G 165 23.70 1.39 -29.33
N CYS G 166 23.59 0.52 -28.34
CA CYS G 166 23.30 0.93 -26.97
C CYS G 166 24.57 1.31 -26.19
N PRO G 167 24.48 2.36 -25.37
CA PRO G 167 25.58 2.83 -24.52
C PRO G 167 25.89 1.85 -23.39
N PRO G 168 27.06 1.99 -22.75
CA PRO G 168 27.44 1.18 -21.58
C PRO G 168 27.12 1.84 -20.25
N LEU G 169 26.56 1.09 -19.32
CA LEU G 169 26.09 1.62 -18.05
C LEU G 169 27.21 1.83 -17.04
N GLU G 170 27.25 3.03 -16.45
CA GLU G 170 28.21 3.34 -15.40
C GLU G 170 27.48 3.81 -14.15
N LEU G 171 27.79 3.18 -13.02
CA LEU G 171 27.22 3.61 -11.75
C LEU G 171 27.88 4.92 -11.35
N LYS G 172 27.08 5.86 -10.85
CA LYS G 172 27.61 7.15 -10.45
C LYS G 172 27.13 7.59 -9.08
N ASN G 173 28.07 7.95 -8.22
CA ASN G 173 27.76 8.49 -6.90
C ASN G 173 27.57 9.99 -6.97
N THR G 174 26.78 10.54 -6.04
CA THR G 174 26.46 11.96 -6.03
C THR G 174 25.79 12.39 -4.73
N VAL G 175 25.74 13.71 -4.52
CA VAL G 175 25.06 14.24 -3.35
C VAL G 175 23.56 14.37 -3.59
N LEU G 176 22.76 13.85 -2.68
CA LEU G 176 21.31 14.01 -2.74
C LEU G 176 20.93 15.44 -2.37
N GLU G 177 20.69 16.26 -3.39
CA GLU G 177 20.23 17.63 -3.17
C GLU G 177 18.72 17.66 -3.05
N ASP G 178 18.20 18.69 -2.39
CA ASP G 178 16.77 18.91 -2.34
C ASP G 178 16.24 19.13 -3.75
N GLY G 179 15.33 18.27 -4.20
CA GLY G 179 14.74 18.40 -5.51
C GLY G 179 14.95 17.18 -6.38
N ASP G 180 16.02 16.44 -6.11
CA ASP G 180 16.32 15.22 -6.85
C ASP G 180 15.19 14.21 -6.71
N MET G 181 14.83 13.57 -7.82
CA MET G 181 13.71 12.64 -7.84
C MET G 181 14.13 11.28 -7.29
N VAL G 182 13.22 10.63 -6.58
CA VAL G 182 13.48 9.31 -6.00
C VAL G 182 13.09 8.20 -6.98
N ASP G 183 13.48 6.97 -6.67
CA ASP G 183 13.06 5.82 -7.47
C ASP G 183 11.56 5.65 -7.36
N THR G 184 10.88 5.61 -8.50
CA THR G 184 9.43 5.52 -8.54
C THR G 184 8.98 4.13 -8.95
N GLY G 185 9.94 3.29 -9.31
CA GLY G 185 9.66 1.95 -9.78
C GLY G 185 10.17 1.72 -11.19
N TYR G 186 10.71 2.78 -11.79
CA TYR G 186 11.26 2.69 -13.14
C TYR G 186 12.78 2.60 -13.10
N GLY G 187 13.32 2.08 -12.00
CA GLY G 187 14.75 2.02 -11.80
C GLY G 187 15.34 3.38 -11.51
N ALA G 188 16.57 3.41 -11.00
CA ALA G 188 17.25 4.66 -10.69
C ALA G 188 18.28 4.98 -11.76
N MET G 189 17.92 5.85 -12.69
CA MET G 189 18.82 6.21 -13.78
C MET G 189 18.59 7.60 -14.35
N ASP G 190 19.43 7.97 -15.32
CA ASP G 190 19.34 9.25 -16.00
C ASP G 190 18.49 9.10 -17.26
N PHE G 191 17.20 9.38 -17.13
CA PHE G 191 16.25 9.17 -18.22
C PHE G 191 16.41 10.20 -19.33
N SER G 192 17.14 11.27 -19.04
CA SER G 192 17.37 12.34 -20.01
C SER G 192 18.46 11.98 -21.02
N THR G 193 19.32 11.03 -20.66
CA THR G 193 20.44 10.66 -21.51
C THR G 193 20.43 9.20 -21.96
N LEU G 194 19.49 8.42 -21.42
CA LEU G 194 19.41 7.00 -21.77
C LEU G 194 18.18 6.72 -22.62
N GLN G 195 17.28 7.69 -22.65
CA GLN G 195 16.05 7.53 -23.40
C GLN G 195 15.83 8.76 -24.28
N ASP G 196 16.12 8.61 -25.57
CA ASP G 196 15.94 9.71 -26.52
C ASP G 196 14.47 9.93 -26.80
N THR G 197 13.66 8.91 -26.55
CA THR G 197 12.24 8.96 -26.81
C THR G 197 11.55 10.03 -25.97
N LYS G 198 11.97 10.14 -24.70
CA LYS G 198 11.35 11.04 -23.74
C LYS G 198 9.87 10.71 -23.60
N CYS G 199 9.56 9.41 -23.69
CA CYS G 199 8.17 8.92 -23.61
C CYS G 199 8.10 7.55 -22.93
N GLU G 200 9.20 7.15 -22.28
CA GLU G 200 9.29 5.83 -21.66
C GLU G 200 8.83 5.86 -20.21
N VAL G 201 8.78 7.06 -19.63
CA VAL G 201 8.43 7.24 -18.22
C VAL G 201 7.48 8.44 -18.07
N PRO G 202 6.74 8.50 -16.94
CA PRO G 202 5.81 9.63 -16.76
C PRO G 202 6.50 11.00 -16.67
N LEU G 203 5.71 12.05 -16.87
CA LEU G 203 6.21 13.41 -17.12
C LEU G 203 7.18 13.99 -16.08
N ASP G 204 7.06 13.59 -14.82
CA ASP G 204 7.81 14.24 -13.74
C ASP G 204 9.24 13.70 -13.60
N ILE G 205 9.46 12.46 -14.01
CA ILE G 205 10.79 11.88 -13.98
C ILE G 205 11.35 11.79 -15.40
N CYS G 206 10.62 12.36 -16.35
CA CYS G 206 10.93 12.26 -17.77
C CYS G 206 12.34 12.72 -18.14
N GLN G 207 12.65 13.96 -17.78
CA GLN G 207 13.95 14.55 -18.12
C GLN G 207 14.82 14.75 -16.90
N SER G 208 14.39 14.19 -15.78
CA SER G 208 15.12 14.31 -14.52
C SER G 208 16.03 13.10 -14.30
N ILE G 209 16.57 13.00 -13.09
CA ILE G 209 17.42 11.87 -12.71
C ILE G 209 16.93 11.25 -11.41
N CYS G 210 16.59 9.96 -11.46
CA CYS G 210 16.14 9.27 -10.25
C CYS G 210 17.33 8.70 -9.49
N LYS G 211 17.42 9.04 -8.21
CA LYS G 211 18.52 8.57 -7.38
C LYS G 211 18.02 7.67 -6.26
N TYR G 212 18.89 6.76 -5.84
CA TYR G 212 18.61 5.89 -4.71
C TYR G 212 19.76 6.05 -3.72
N PRO G 213 19.44 6.14 -2.42
CA PRO G 213 20.49 6.29 -1.40
C PRO G 213 21.46 5.11 -1.44
N ASP G 214 22.74 5.40 -1.61
CA ASP G 214 23.75 4.36 -1.60
C ASP G 214 24.03 3.94 -0.16
N TYR G 215 23.15 3.11 0.38
CA TYR G 215 23.26 2.64 1.76
C TYR G 215 24.54 1.85 1.98
N LEU G 216 24.94 1.08 0.98
CA LEU G 216 26.14 0.25 1.08
C LEU G 216 27.41 1.09 1.27
N GLN G 217 27.52 2.18 0.52
CA GLN G 217 28.68 3.07 0.62
C GLN G 217 28.70 3.82 1.95
N MET G 218 27.57 4.44 2.28
CA MET G 218 27.49 5.32 3.44
C MET G 218 27.80 4.61 4.75
N SER G 219 27.51 3.31 4.80
CA SER G 219 27.79 2.52 5.99
C SER G 219 29.23 2.02 5.98
N ALA G 220 29.87 2.10 4.82
CA ALA G 220 31.27 1.71 4.67
C ALA G 220 32.18 2.93 4.75
N ASP G 221 31.58 4.10 4.94
CA ASP G 221 32.32 5.33 5.13
C ASP G 221 33.09 5.25 6.45
N PRO G 222 34.39 5.60 6.43
CA PRO G 222 35.27 5.43 7.58
C PRO G 222 34.81 6.19 8.82
N TYR G 223 34.45 7.46 8.66
CA TYR G 223 34.04 8.27 9.80
C TYR G 223 32.56 8.10 10.09
N GLY G 224 31.74 8.09 9.05
CA GLY G 224 30.31 7.91 9.21
C GLY G 224 29.60 9.17 9.61
N ASP G 225 29.89 10.26 8.90
CA ASP G 225 29.19 11.52 9.09
C ASP G 225 28.00 11.57 8.14
N SER G 226 28.00 10.66 7.18
CA SER G 226 26.96 10.62 6.16
C SER G 226 25.60 10.25 6.73
N MET G 227 25.58 9.19 7.54
CA MET G 227 24.36 8.76 8.21
C MET G 227 24.65 8.14 9.57
N PHE G 228 24.05 8.69 10.62
CA PHE G 228 24.07 8.02 11.91
C PHE G 228 22.64 7.72 12.36
N PHE G 229 21.76 7.52 11.38
CA PHE G 229 20.36 7.19 11.59
C PHE G 229 19.70 6.95 10.24
N CYS G 230 19.02 5.81 10.10
CA CYS G 230 18.46 5.41 8.81
C CYS G 230 17.17 4.61 8.94
N LEU G 231 16.08 5.20 8.46
CA LEU G 231 14.78 4.53 8.47
C LEU G 231 14.23 4.43 7.04
N ARG G 232 14.06 3.21 6.54
CA ARG G 232 13.51 3.04 5.20
C ARG G 232 12.32 2.07 5.23
N ARG G 233 11.36 2.34 4.36
CA ARG G 233 10.19 1.49 4.21
C ARG G 233 9.60 1.66 2.82
N GLU G 234 9.72 0.63 1.99
CA GLU G 234 9.26 0.69 0.62
C GLU G 234 8.44 -0.54 0.26
N GLN G 235 7.46 -0.35 -0.62
CA GLN G 235 6.63 -1.45 -1.11
C GLN G 235 5.98 -1.07 -2.44
N LEU G 236 5.76 -2.06 -3.30
CA LEU G 236 5.12 -1.84 -4.60
C LEU G 236 4.77 -3.18 -5.26
N PHE G 237 3.97 -3.12 -6.33
CA PHE G 237 3.68 -4.31 -7.12
C PHE G 237 3.45 -3.96 -8.59
N ALA G 238 3.28 -4.98 -9.43
CA ALA G 238 3.08 -4.76 -10.86
C ALA G 238 1.59 -4.64 -11.21
N ARG G 239 1.19 -3.45 -11.64
CA ARG G 239 -0.20 -3.20 -12.01
C ARG G 239 -0.52 -3.77 -13.40
N HIS G 240 0.04 -3.17 -14.44
CA HIS G 240 -0.21 -3.64 -15.81
C HIS G 240 1.07 -4.03 -16.52
N PHE G 241 0.95 -4.90 -17.51
CA PHE G 241 2.09 -5.37 -18.29
C PHE G 241 2.02 -4.81 -19.70
N TRP G 242 3.10 -4.17 -20.17
CA TRP G 242 3.07 -3.50 -21.47
C TRP G 242 4.25 -3.83 -22.39
N ASN G 243 4.13 -3.38 -23.63
CA ASN G 243 5.16 -3.55 -24.64
C ASN G 243 5.79 -2.20 -24.98
N ARG G 244 6.96 -2.22 -25.60
CA ARG G 244 7.61 -0.98 -26.02
C ARG G 244 7.65 -0.89 -27.55
N ALA G 245 7.07 0.16 -28.12
CA ALA G 245 7.15 0.38 -29.55
C ALA G 245 8.59 0.74 -29.93
N GLY G 246 8.97 0.41 -31.16
CA GLY G 246 10.34 0.63 -31.61
C GLY G 246 11.00 -0.66 -32.04
N THR G 247 12.08 -0.55 -32.80
CA THR G 247 12.79 -1.72 -33.31
C THR G 247 13.74 -2.29 -32.26
N MET G 248 13.89 -3.61 -32.27
CA MET G 248 14.70 -4.31 -31.27
C MET G 248 16.19 -4.13 -31.51
N GLY G 249 16.90 -3.67 -30.49
CA GLY G 249 18.33 -3.51 -30.56
C GLY G 249 19.03 -4.84 -30.56
N ASP G 250 18.89 -5.58 -29.47
CA ASP G 250 19.39 -6.95 -29.39
C ASP G 250 18.41 -7.86 -30.12
N THR G 251 18.92 -8.65 -31.05
CA THR G 251 18.07 -9.50 -31.87
C THR G 251 17.81 -10.85 -31.21
N VAL G 252 16.54 -11.21 -31.06
CA VAL G 252 16.13 -12.47 -30.45
C VAL G 252 16.73 -13.65 -31.19
N PRO G 253 17.61 -14.42 -30.53
CA PRO G 253 18.27 -15.58 -31.13
C PRO G 253 17.27 -16.59 -31.72
N GLN G 254 17.57 -17.08 -32.92
CA GLN G 254 16.69 -18.01 -33.63
C GLN G 254 16.47 -19.31 -32.87
N SER G 255 17.43 -19.67 -32.02
CA SER G 255 17.40 -20.92 -31.29
C SER G 255 16.43 -20.88 -30.10
N LEU G 256 15.63 -19.84 -30.02
CA LEU G 256 14.74 -19.64 -28.87
C LEU G 256 13.26 -19.72 -29.23
N TYR G 257 12.95 -19.78 -30.52
CA TYR G 257 11.55 -19.87 -30.95
C TYR G 257 11.44 -20.57 -32.30
N ILE G 258 10.21 -20.80 -32.73
CA ILE G 258 9.96 -21.40 -34.03
C ILE G 258 9.27 -20.40 -34.93
N LYS G 259 9.86 -20.15 -36.10
CA LYS G 259 9.31 -19.19 -37.06
C LYS G 259 7.88 -19.54 -37.47
N GLY G 260 7.05 -18.52 -37.62
CA GLY G 260 5.70 -18.70 -38.11
C GLY G 260 5.53 -17.96 -39.43
N THR G 261 4.29 -17.64 -39.76
CA THR G 261 4.02 -16.89 -40.99
C THR G 261 3.16 -15.67 -40.70
N GLY G 262 2.94 -14.87 -41.74
CA GLY G 262 2.20 -13.64 -41.60
C GLY G 262 2.90 -12.67 -40.66
N MET G 263 2.14 -12.10 -39.73
CA MET G 263 2.73 -11.22 -38.73
C MET G 263 3.61 -12.00 -37.75
N ARG G 264 3.34 -13.30 -37.65
CA ARG G 264 4.07 -14.15 -36.72
C ARG G 264 5.32 -14.76 -37.36
N ALA G 265 5.76 -14.19 -38.48
CA ALA G 265 7.02 -14.58 -39.08
C ALA G 265 8.17 -14.11 -38.21
N SER G 266 8.24 -12.81 -37.99
CA SER G 266 9.27 -12.22 -37.14
C SER G 266 8.72 -11.87 -35.76
N PRO G 267 9.52 -12.10 -34.71
CA PRO G 267 9.12 -11.75 -33.34
C PRO G 267 8.84 -10.27 -33.18
N GLY G 268 7.82 -9.92 -32.41
CA GLY G 268 7.49 -8.54 -32.14
C GLY G 268 8.44 -7.92 -31.14
N SER G 269 7.94 -6.97 -30.37
CA SER G 269 8.73 -6.34 -29.32
C SER G 269 8.96 -7.32 -28.18
N CYS G 270 10.16 -7.27 -27.60
CA CYS G 270 10.49 -8.12 -26.47
C CYS G 270 11.05 -7.28 -25.33
N VAL G 271 10.72 -6.00 -25.35
CA VAL G 271 11.06 -5.11 -24.25
C VAL G 271 9.80 -4.83 -23.43
N TYR G 272 9.62 -5.57 -22.34
CA TYR G 272 8.46 -5.38 -21.48
C TYR G 272 8.82 -4.48 -20.31
N SER G 273 7.82 -3.79 -19.78
CA SER G 273 8.00 -2.95 -18.60
C SER G 273 6.67 -2.74 -17.90
N PRO G 274 6.59 -3.12 -16.62
CA PRO G 274 5.35 -3.03 -15.86
C PRO G 274 5.15 -1.66 -15.23
N SER G 275 3.90 -1.21 -15.16
CA SER G 275 3.59 0.01 -14.43
C SER G 275 3.67 -0.28 -12.94
N PRO G 276 4.38 0.57 -12.18
CA PRO G 276 4.51 0.38 -10.74
C PRO G 276 3.19 0.67 -10.03
N SER G 277 3.12 0.35 -8.74
CA SER G 277 1.93 0.64 -7.95
C SER G 277 2.19 0.44 -6.47
N GLY G 278 2.11 1.52 -5.70
CA GLY G 278 2.05 1.42 -4.26
C GLY G 278 0.66 0.92 -3.91
N SER G 279 0.59 -0.15 -3.12
CA SER G 279 -0.68 -0.79 -2.80
C SER G 279 -1.55 0.06 -1.88
N ILE G 280 -1.94 -0.52 -0.75
CA ILE G 280 -2.70 0.19 0.26
C ILE G 280 -1.78 1.08 1.09
N VAL G 281 -2.08 2.37 1.13
CA VAL G 281 -1.38 3.26 2.04
C VAL G 281 -2.19 3.39 3.33
N THR G 282 -1.63 2.89 4.43
CA THR G 282 -2.30 2.93 5.71
C THR G 282 -1.47 3.73 6.72
N SER G 283 -2.13 4.27 7.74
CA SER G 283 -1.45 5.05 8.75
C SER G 283 -0.70 4.13 9.72
N ASP G 284 -1.09 2.87 9.73
CA ASP G 284 -0.50 1.87 10.62
C ASP G 284 0.97 1.64 10.35
N SER G 285 1.36 1.78 9.09
CA SER G 285 2.75 1.60 8.71
C SER G 285 3.41 2.95 8.41
N GLN G 286 3.02 3.98 9.14
CA GLN G 286 3.61 5.29 8.98
C GLN G 286 4.97 5.35 9.68
N LEU G 287 5.80 6.30 9.28
CA LEU G 287 7.17 6.38 9.78
C LEU G 287 7.43 7.73 10.45
N PHE G 288 6.50 8.66 10.30
CA PHE G 288 6.69 10.01 10.79
C PHE G 288 5.66 10.40 11.85
N ASN G 289 5.74 11.63 12.33
CA ASN G 289 4.95 12.10 13.48
C ASN G 289 5.24 11.29 14.74
N LYS G 290 6.23 10.40 14.64
CA LYS G 290 6.69 9.62 15.78
C LYS G 290 8.08 10.11 16.16
N PRO G 291 8.38 10.13 17.45
CA PRO G 291 9.71 10.55 17.89
C PRO G 291 10.71 9.40 17.85
N TYR G 292 11.95 9.71 17.50
CA TYR G 292 13.00 8.71 17.51
C TYR G 292 14.18 9.18 18.33
N TRP G 293 14.80 8.24 19.04
CA TRP G 293 15.94 8.55 19.89
C TRP G 293 17.20 7.89 19.34
N LEU G 294 18.25 8.68 19.18
CA LEU G 294 19.52 8.17 18.69
C LEU G 294 20.34 7.68 19.87
N HIS G 295 19.98 6.51 20.37
CA HIS G 295 20.64 5.91 21.52
C HIS G 295 22.14 5.75 21.27
N LYS G 296 22.49 4.92 20.30
CA LYS G 296 23.86 4.72 19.86
C LYS G 296 23.87 4.44 18.37
N ALA G 297 24.53 5.31 17.62
CA ALA G 297 24.49 5.27 16.17
C ALA G 297 25.10 4.00 15.58
N GLN G 298 24.98 3.84 14.27
CA GLN G 298 25.49 2.65 13.60
C GLN G 298 26.96 2.80 13.23
N GLY G 299 27.37 4.02 12.89
CA GLY G 299 28.73 4.28 12.47
C GLY G 299 29.62 4.65 13.64
N HIS G 300 30.68 5.40 13.36
CA HIS G 300 31.61 5.85 14.39
C HIS G 300 31.16 7.17 15.02
N ASN G 301 30.63 8.07 14.20
CA ASN G 301 30.07 9.32 14.70
C ASN G 301 28.72 9.04 15.37
N ASN G 302 28.60 9.40 16.64
CA ASN G 302 27.40 9.11 17.41
C ASN G 302 26.55 10.36 17.62
N GLY G 303 26.04 10.92 16.53
CA GLY G 303 25.14 12.06 16.60
C GLY G 303 25.84 13.40 16.76
N VAL G 304 27.17 13.38 16.80
CA VAL G 304 27.95 14.61 16.94
C VAL G 304 27.85 15.46 15.69
N CYS G 305 27.32 16.68 15.83
CA CYS G 305 27.06 17.54 14.68
C CYS G 305 28.18 18.53 14.43
N TRP G 306 29.23 18.10 13.76
CA TRP G 306 30.39 18.94 13.46
C TRP G 306 29.97 20.14 12.61
N HIS G 307 30.70 21.24 12.74
CA HIS G 307 30.41 22.49 12.04
C HIS G 307 29.03 23.04 12.38
N ASN G 308 28.45 22.56 13.48
CA ASN G 308 27.14 22.97 13.93
C ASN G 308 26.11 22.86 12.80
N GLN G 309 26.17 21.73 12.09
CA GLN G 309 25.27 21.47 10.98
C GLN G 309 24.53 20.16 11.17
N LEU G 310 23.33 20.07 10.60
CA LEU G 310 22.57 18.83 10.60
C LEU G 310 21.89 18.65 9.25
N PHE G 311 22.09 17.49 8.65
CA PHE G 311 21.48 17.21 7.36
C PHE G 311 20.37 16.17 7.49
N VAL G 312 19.16 16.61 7.17
CA VAL G 312 17.99 15.75 7.24
C VAL G 312 17.48 15.44 5.84
N THR G 313 17.53 14.16 5.47
CA THR G 313 16.98 13.71 4.19
C THR G 313 15.65 12.98 4.42
N VAL G 314 14.62 13.38 3.69
CA VAL G 314 13.28 12.85 3.91
C VAL G 314 12.56 12.52 2.60
N VAL G 315 11.99 11.33 2.53
CA VAL G 315 11.12 10.96 1.43
C VAL G 315 9.80 10.39 1.95
N ASP G 316 8.70 11.06 1.61
CA ASP G 316 7.38 10.60 2.06
C ASP G 316 6.38 10.67 0.93
N THR G 317 6.00 9.49 0.42
CA THR G 317 5.10 9.40 -0.71
C THR G 317 3.72 8.92 -0.28
N THR G 318 3.49 8.88 1.02
CA THR G 318 2.20 8.47 1.57
C THR G 318 1.22 9.65 1.63
N ARG G 319 1.71 10.83 1.28
CA ARG G 319 0.91 12.04 1.23
C ARG G 319 1.07 12.73 -0.11
N SER G 320 0.47 12.15 -1.15
CA SER G 320 0.74 12.60 -2.51
C SER G 320 -0.48 13.11 -3.26
N THR G 321 -1.59 13.32 -2.55
CA THR G 321 -2.80 13.83 -3.19
C THR G 321 -2.59 15.21 -3.81
N ASN G 322 -2.66 15.28 -5.13
CA ASN G 322 -2.57 16.54 -5.84
C ASN G 322 -3.93 17.22 -5.93
N LEU G 323 -3.97 18.50 -5.57
CA LEU G 323 -5.20 19.27 -5.65
C LEU G 323 -5.57 19.56 -7.10
N THR G 324 -6.86 19.59 -7.39
CA THR G 324 -7.34 19.95 -8.72
C THR G 324 -8.13 21.26 -8.67
N ILE G 325 -7.53 22.32 -9.19
CA ILE G 325 -8.16 23.63 -9.25
C ILE G 325 -8.63 23.91 -10.67
N CYS G 326 -9.79 24.55 -10.82
CA CYS G 326 -10.24 24.99 -12.13
C CYS G 326 -11.04 26.29 -12.03
N ALA G 327 -10.68 27.25 -12.89
CA ALA G 327 -11.39 28.52 -12.97
C ALA G 327 -12.06 28.63 -14.33
N SER G 328 -13.04 29.52 -14.43
CA SER G 328 -13.77 29.69 -15.68
C SER G 328 -13.23 30.89 -16.45
N THR G 329 -13.36 30.84 -17.77
CA THR G 329 -12.89 31.92 -18.63
C THR G 329 -13.85 33.10 -18.58
N GLN G 330 -15.13 32.79 -18.43
CA GLN G 330 -16.16 33.82 -18.28
C GLN G 330 -16.26 34.26 -16.82
N SER G 331 -16.44 35.56 -16.62
CA SER G 331 -16.60 36.10 -15.27
C SER G 331 -17.93 35.73 -14.60
N PRO G 332 -19.08 35.81 -15.34
CA PRO G 332 -20.33 35.50 -14.65
C PRO G 332 -20.57 34.01 -14.38
N VAL G 333 -19.64 33.15 -14.77
CA VAL G 333 -19.78 31.70 -14.63
C VAL G 333 -21.07 31.21 -15.30
N PRO G 334 -20.97 30.78 -16.57
CA PRO G 334 -22.11 30.44 -17.42
C PRO G 334 -22.97 29.30 -16.88
N GLY G 335 -24.28 29.36 -17.14
CA GLY G 335 -25.21 28.34 -16.70
C GLY G 335 -25.25 27.14 -17.61
N GLN G 336 -24.52 27.22 -18.72
CA GLN G 336 -24.41 26.11 -19.66
C GLN G 336 -23.00 25.53 -19.66
N TYR G 337 -22.88 24.22 -19.49
CA TYR G 337 -21.57 23.58 -19.42
C TYR G 337 -20.90 23.46 -20.78
N ASP G 338 -19.61 23.80 -20.79
CA ASP G 338 -18.76 23.65 -21.96
C ASP G 338 -17.33 23.50 -21.47
N ALA G 339 -16.71 22.35 -21.77
CA ALA G 339 -15.40 22.00 -21.23
C ALA G 339 -14.30 22.99 -21.59
N THR G 340 -14.48 23.71 -22.70
CA THR G 340 -13.45 24.62 -23.19
C THR G 340 -13.29 25.85 -22.31
N LYS G 341 -14.39 26.30 -21.70
CA LYS G 341 -14.40 27.53 -20.94
C LYS G 341 -13.86 27.35 -19.52
N PHE G 342 -13.18 26.23 -19.29
CA PHE G 342 -12.59 25.93 -17.99
C PHE G 342 -11.12 25.54 -18.10
N LYS G 343 -10.26 26.25 -17.38
CA LYS G 343 -8.84 25.90 -17.35
C LYS G 343 -8.53 25.00 -16.16
N GLN G 344 -7.94 23.84 -16.42
CA GLN G 344 -7.61 22.91 -15.36
C GLN G 344 -6.19 23.13 -14.84
N TYR G 345 -6.05 23.15 -13.51
CA TYR G 345 -4.75 23.32 -12.90
C TYR G 345 -4.47 22.21 -11.90
N SER G 346 -3.18 21.87 -11.74
CA SER G 346 -2.79 20.81 -10.82
C SER G 346 -1.73 21.30 -9.85
N ARG G 347 -2.04 21.25 -8.56
CA ARG G 347 -1.14 21.76 -7.54
C ARG G 347 -0.88 20.74 -6.43
N HIS G 348 0.34 20.73 -5.93
CA HIS G 348 0.68 19.85 -4.81
C HIS G 348 1.25 20.65 -3.66
N VAL G 349 0.96 20.21 -2.45
CA VAL G 349 1.44 20.87 -1.25
C VAL G 349 2.39 19.97 -0.46
N GLU G 350 3.37 20.58 0.20
CA GLU G 350 4.28 19.84 1.06
C GLU G 350 4.46 20.56 2.39
N GLU G 351 3.93 19.98 3.46
CA GLU G 351 4.01 20.59 4.79
C GLU G 351 4.89 19.76 5.72
N TYR G 352 5.91 20.40 6.29
CA TYR G 352 6.84 19.72 7.19
C TYR G 352 6.97 20.44 8.53
N ASP G 353 7.54 19.73 9.50
CA ASP G 353 7.84 20.28 10.82
C ASP G 353 8.97 19.49 11.47
N LEU G 354 10.11 20.15 11.67
CA LEU G 354 11.27 19.49 12.24
C LEU G 354 11.45 19.87 13.72
N GLN G 355 11.57 18.85 14.56
CA GLN G 355 11.82 19.02 15.98
C GLN G 355 13.03 18.21 16.40
N PHE G 356 13.91 18.82 17.19
CA PHE G 356 15.12 18.14 17.64
C PHE G 356 15.35 18.29 19.14
N ILE G 357 16.05 17.30 19.71
CA ILE G 357 16.60 17.44 21.04
C ILE G 357 18.13 17.36 20.92
N PHE G 358 18.82 18.42 21.31
CA PHE G 358 20.27 18.46 21.18
C PHE G 358 20.96 18.40 22.55
N GLN G 359 22.04 17.63 22.62
CA GLN G 359 22.81 17.51 23.86
C GLN G 359 24.12 18.27 23.76
N LEU G 360 24.44 19.04 24.80
CA LEU G 360 25.69 19.81 24.82
C LEU G 360 26.87 18.91 25.12
N CYS G 361 27.98 19.12 24.42
CA CYS G 361 29.14 18.25 24.57
C CYS G 361 30.45 19.02 24.60
N THR G 362 31.47 18.40 25.19
CA THR G 362 32.78 19.02 25.35
C THR G 362 33.90 18.17 24.76
N ILE G 363 34.76 18.77 23.95
CA ILE G 363 35.96 18.10 23.45
C ILE G 363 37.19 18.74 24.06
N THR G 364 37.90 17.98 24.88
CA THR G 364 39.14 18.45 25.48
C THR G 364 40.29 18.41 24.46
N LEU G 365 40.70 19.59 24.01
CA LEU G 365 41.73 19.71 22.98
C LEU G 365 43.11 19.32 23.48
N THR G 366 43.43 18.04 23.42
CA THR G 366 44.79 17.59 23.68
C THR G 366 45.50 17.41 22.36
N ALA G 367 46.76 16.98 22.42
CA ALA G 367 47.60 16.84 21.24
C ALA G 367 47.01 15.88 20.21
N ASP G 368 47.07 14.60 20.53
CA ASP G 368 46.59 13.53 19.66
C ASP G 368 45.14 13.71 19.24
N VAL G 369 44.34 14.35 20.11
CA VAL G 369 42.97 14.69 19.77
C VAL G 369 42.94 15.62 18.57
N MET G 370 43.73 16.69 18.63
CA MET G 370 43.77 17.69 17.56
C MET G 370 44.33 17.11 16.26
N SER G 371 45.31 16.22 16.35
CA SER G 371 45.91 15.63 15.16
C SER G 371 44.97 14.59 14.56
N TYR G 372 44.15 13.98 15.42
CA TYR G 372 43.09 13.09 14.96
C TYR G 372 42.07 13.88 14.15
N ILE G 373 41.55 14.93 14.78
CA ILE G 373 40.59 15.83 14.15
C ILE G 373 41.20 16.48 12.91
N GLN G 374 42.52 16.65 12.93
CA GLN G 374 43.24 17.17 11.78
C GLN G 374 43.03 16.26 10.57
N SER G 375 43.24 14.97 10.78
CA SER G 375 43.07 13.98 9.72
C SER G 375 41.60 13.81 9.33
N MET G 376 40.71 13.90 10.31
CA MET G 376 39.28 13.72 10.07
C MET G 376 38.72 14.82 9.18
N ASN G 377 38.87 16.06 9.64
CA ASN G 377 38.40 17.22 8.90
C ASN G 377 39.08 18.48 9.43
N SER G 378 40.08 18.96 8.69
CA SER G 378 40.89 20.10 9.12
C SER G 378 40.09 21.37 9.36
N SER G 379 38.97 21.50 8.65
CA SER G 379 38.14 22.70 8.73
C SER G 379 37.37 22.80 10.05
N ILE G 380 37.44 21.75 10.86
CA ILE G 380 36.81 21.77 12.17
C ILE G 380 37.62 22.60 13.14
N LEU G 381 38.94 22.46 13.06
CA LEU G 381 39.86 23.21 13.94
C LEU G 381 39.96 24.67 13.52
N GLU G 382 39.76 24.93 12.22
CA GLU G 382 39.82 26.29 11.69
C GLU G 382 38.75 27.18 12.31
N ASP G 383 37.50 26.73 12.27
CA ASP G 383 36.37 27.49 12.79
C ASP G 383 36.54 27.82 14.26
N TRP G 384 37.12 26.89 15.02
CA TRP G 384 37.37 27.10 16.43
C TRP G 384 38.48 28.13 16.67
N ASN G 385 39.21 28.44 15.61
CA ASN G 385 40.34 29.37 15.67
C ASN G 385 41.39 28.93 16.70
N ASN G 391 34.92 32.74 4.97
CA ASN G 391 35.15 31.32 4.76
C ASN G 391 34.28 30.75 3.62
N LYS G 392 34.75 29.66 3.04
CA LYS G 392 34.01 28.96 2.00
C LYS G 392 33.51 27.62 2.50
N ASP G 393 32.34 27.22 2.05
CA ASP G 393 31.75 25.95 2.44
C ASP G 393 31.69 25.00 1.25
N PRO G 394 32.06 23.73 1.47
CA PRO G 394 32.11 22.73 0.38
C PRO G 394 30.75 22.35 -0.19
N TYR G 395 29.67 22.94 0.33
CA TYR G 395 28.32 22.57 -0.11
C TYR G 395 27.52 23.74 -0.68
N ASP G 396 28.17 24.89 -0.87
CA ASP G 396 27.46 26.08 -1.36
C ASP G 396 27.01 25.93 -2.82
N LYS G 397 27.58 24.96 -3.52
CA LYS G 397 27.22 24.70 -4.91
C LYS G 397 25.93 23.88 -5.01
N LEU G 398 25.52 23.28 -3.90
CA LEU G 398 24.39 22.36 -3.90
C LEU G 398 23.11 22.98 -3.34
N LYS G 399 21.98 22.59 -3.91
CA LYS G 399 20.68 23.07 -3.47
C LYS G 399 20.23 22.39 -2.18
N PHE G 400 19.95 23.19 -1.16
CA PHE G 400 19.40 22.68 0.09
C PHE G 400 18.27 23.57 0.59
N TRP G 401 17.42 23.00 1.44
CA TRP G 401 16.38 23.76 2.11
C TRP G 401 16.90 24.20 3.47
N ASN G 402 17.32 25.46 3.57
CA ASN G 402 17.98 25.96 4.78
C ASN G 402 17.00 26.21 5.93
N VAL G 403 17.21 25.51 7.04
CA VAL G 403 16.42 25.72 8.25
C VAL G 403 17.29 26.31 9.35
N ASP G 404 17.10 27.60 9.63
CA ASP G 404 17.89 28.27 10.65
C ASP G 404 17.25 28.09 12.03
N LEU G 405 17.99 27.44 12.93
CA LEU G 405 17.50 27.21 14.28
C LEU G 405 18.34 27.98 15.31
N LYS G 406 19.09 28.96 14.84
CA LYS G 406 19.99 29.72 15.70
C LYS G 406 19.24 30.53 16.76
N GLU G 407 17.98 30.83 16.51
CA GLU G 407 17.17 31.56 17.48
C GLU G 407 16.04 30.69 18.01
N LYS G 408 16.20 29.38 17.91
CA LYS G 408 15.12 28.45 18.22
C LYS G 408 15.41 27.55 19.42
N PHE G 409 16.66 27.51 19.85
CA PHE G 409 17.04 26.68 20.99
C PHE G 409 16.41 27.16 22.28
N SER G 410 16.09 26.23 23.16
CA SER G 410 15.43 26.53 24.42
C SER G 410 15.87 25.55 25.49
N LEU G 411 15.85 25.96 26.75
CA LEU G 411 16.36 25.13 27.83
C LEU G 411 15.27 24.34 28.56
N ASP G 412 14.04 24.82 28.50
CA ASP G 412 12.93 24.13 29.16
C ASP G 412 12.23 23.15 28.22
N LEU G 413 12.64 21.88 28.31
CA LEU G 413 12.09 20.83 27.45
C LEU G 413 10.59 20.67 27.66
N ASP G 414 10.16 20.88 28.90
CA ASP G 414 8.76 20.73 29.30
C ASP G 414 7.81 21.54 28.41
N GLN G 415 8.29 22.65 27.88
CA GLN G 415 7.45 23.58 27.13
C GLN G 415 7.21 23.16 25.68
N TYR G 416 7.77 22.02 25.28
CA TYR G 416 7.63 21.58 23.89
C TYR G 416 7.27 20.09 23.80
N PRO G 417 6.45 19.72 22.79
CA PRO G 417 5.98 18.34 22.58
C PRO G 417 7.07 17.29 22.62
N LEU G 418 8.08 17.41 21.77
CA LEU G 418 9.21 16.48 21.78
C LEU G 418 9.89 16.50 23.14
N GLY G 419 10.02 17.69 23.71
CA GLY G 419 10.65 17.87 25.01
C GLY G 419 10.02 17.03 26.10
N ARG G 420 8.69 17.08 26.17
CA ARG G 420 7.94 16.28 27.14
C ARG G 420 8.19 14.80 26.93
N LYS G 421 8.10 14.35 25.68
CA LYS G 421 8.32 12.96 25.33
C LYS G 421 9.73 12.50 25.67
N PHE G 422 10.69 13.41 25.54
CA PHE G 422 12.09 13.09 25.82
C PHE G 422 12.32 12.88 27.31
N LEU G 423 11.74 13.76 28.12
CA LEU G 423 11.83 13.67 29.57
C LEU G 423 11.22 12.35 30.05
N VAL G 424 10.08 11.98 29.48
CA VAL G 424 9.42 10.73 29.82
C VAL G 424 10.30 9.53 29.54
N GLN G 425 10.78 9.43 28.30
CA GLN G 425 11.65 8.33 27.87
C GLN G 425 12.91 8.25 28.72
N ALA G 426 13.50 9.40 29.00
CA ALA G 426 14.68 9.46 29.86
C ALA G 426 14.32 8.99 31.26
N GLY G 427 13.13 9.35 31.71
CA GLY G 427 12.65 8.98 33.03
C GLY G 427 12.54 10.19 33.94
N ALA H 1 5.62 31.25 31.20
CA ALA H 1 5.84 29.81 31.10
C ALA H 1 4.58 29.04 31.46
N VAL H 2 4.24 28.08 30.60
CA VAL H 2 3.03 27.29 30.79
C VAL H 2 3.32 26.09 31.70
N VAL H 3 2.41 25.85 32.66
CA VAL H 3 2.60 24.78 33.64
C VAL H 3 1.62 23.63 33.41
N ASN H 4 2.07 22.42 33.68
CA ASN H 4 1.22 21.24 33.70
C ASN H 4 0.12 21.39 34.75
N THR H 5 -1.12 21.06 34.40
CA THR H 5 -2.26 21.21 35.32
C THR H 5 -2.06 20.44 36.62
N ASP H 6 -1.37 19.32 36.53
CA ASP H 6 -1.14 18.43 37.65
C ASP H 6 -0.34 19.10 38.77
N ASP H 7 0.12 20.33 38.54
CA ASP H 7 0.87 21.07 39.53
C ASP H 7 -0.03 22.03 40.33
N TYR H 8 -1.19 22.37 39.79
CA TYR H 8 -2.10 23.28 40.47
C TYR H 8 -3.55 22.79 40.47
N VAL H 9 -3.79 21.59 39.97
CA VAL H 9 -5.12 21.00 40.00
C VAL H 9 -5.11 19.69 40.79
N THR H 10 -5.55 19.75 42.04
CA THR H 10 -5.53 18.59 42.94
C THR H 10 -6.69 17.65 42.66
N ARG H 11 -6.39 16.37 42.54
CA ARG H 11 -7.41 15.37 42.24
C ARG H 11 -7.89 14.65 43.49
N THR H 12 -9.20 14.53 43.63
CA THR H 12 -9.79 13.78 44.73
C THR H 12 -9.91 12.31 44.34
N SER H 13 -10.60 11.54 45.17
CA SER H 13 -10.85 10.13 44.87
C SER H 13 -12.31 9.91 44.51
N ILE H 14 -12.99 11.00 44.20
CA ILE H 14 -14.41 10.97 43.87
C ILE H 14 -14.63 10.87 42.36
N PHE H 15 -15.17 9.75 41.92
CA PHE H 15 -15.41 9.55 40.49
C PHE H 15 -16.89 9.48 40.18
N TYR H 16 -17.31 10.19 39.13
CA TYR H 16 -18.68 10.14 38.65
C TYR H 16 -18.75 9.47 37.29
N HIS H 17 -19.84 8.77 37.03
CA HIS H 17 -20.12 8.28 35.68
C HIS H 17 -21.18 9.16 35.03
N ALA H 18 -20.98 9.49 33.77
CA ALA H 18 -21.97 10.25 33.02
C ALA H 18 -22.13 9.67 31.63
N GLY H 19 -23.36 9.63 31.14
CA GLY H 19 -23.61 9.10 29.83
C GLY H 19 -24.80 9.73 29.15
N SER H 20 -24.62 10.12 27.88
CA SER H 20 -25.75 10.58 27.09
C SER H 20 -26.68 9.41 26.85
N SER H 21 -27.90 9.71 26.44
CA SER H 21 -28.87 8.67 26.13
C SER H 21 -28.44 7.90 24.89
N ARG H 22 -29.16 8.12 23.79
CA ARG H 22 -28.79 7.52 22.51
C ARG H 22 -28.92 8.57 21.41
N LEU H 23 -27.81 9.23 21.11
CA LEU H 23 -27.81 10.26 20.09
C LEU H 23 -28.04 9.63 18.71
N LEU H 24 -29.08 10.09 18.03
CA LEU H 24 -29.53 9.46 16.80
C LEU H 24 -29.99 10.50 15.78
N THR H 25 -29.68 10.25 14.51
CA THR H 25 -30.09 11.15 13.44
C THR H 25 -30.08 10.46 12.08
N VAL H 26 -31.15 10.71 11.31
CA VAL H 26 -31.28 10.19 9.95
C VAL H 26 -31.40 11.36 8.97
N GLY H 27 -31.11 11.10 7.70
CA GLY H 27 -31.27 12.11 6.67
C GLY H 27 -30.76 11.68 5.31
N ASP H 28 -30.67 12.63 4.39
CA ASP H 28 -30.09 12.39 3.07
C ASP H 28 -28.57 12.46 3.18
N PRO H 29 -27.87 11.48 2.61
CA PRO H 29 -26.42 11.42 2.74
C PRO H 29 -25.66 12.35 1.79
N TYR H 30 -26.36 13.07 0.92
CA TYR H 30 -25.70 13.88 -0.10
C TYR H 30 -25.99 15.38 0.03
N PHE H 31 -27.20 15.73 0.43
CA PHE H 31 -27.60 17.14 0.51
C PHE H 31 -28.88 17.31 1.33
N ARG H 32 -29.06 18.46 1.96
CA ARG H 32 -30.30 18.70 2.68
C ARG H 32 -31.45 18.93 1.70
N VAL H 33 -32.58 18.28 1.96
CA VAL H 33 -33.74 18.41 1.08
C VAL H 33 -34.69 19.46 1.64
N PRO H 34 -34.84 20.59 0.93
CA PRO H 34 -35.70 21.71 1.34
C PRO H 34 -37.11 21.27 1.72
N ALA H 35 -37.59 21.71 2.88
CA ALA H 35 -38.86 21.26 3.46
C ALA H 35 -40.07 21.51 2.57
N GLY H 36 -41.14 20.78 2.83
CA GLY H 36 -42.43 21.02 2.20
C GLY H 36 -42.54 20.74 0.71
N GLY H 37 -41.41 20.54 0.05
CA GLY H 37 -41.40 20.27 -1.38
C GLY H 37 -42.13 18.99 -1.72
N GLY H 38 -42.05 18.02 -0.81
CA GLY H 38 -42.78 16.78 -0.93
C GLY H 38 -43.43 16.43 0.39
N ASN H 39 -42.78 16.82 1.48
CA ASN H 39 -43.29 16.55 2.81
C ASN H 39 -42.82 17.57 3.84
N LYS H 40 -43.62 17.73 4.88
CA LYS H 40 -43.32 18.61 6.01
C LYS H 40 -41.91 18.41 6.57
N GLN H 41 -41.29 19.52 6.97
CA GLN H 41 -40.00 19.53 7.69
C GLN H 41 -38.81 19.14 6.81
N ASP H 42 -37.69 19.82 7.02
CA ASP H 42 -36.48 19.58 6.24
C ASP H 42 -35.88 18.21 6.53
N ILE H 43 -35.14 17.68 5.56
CA ILE H 43 -34.39 16.45 5.74
C ILE H 43 -32.90 16.79 5.79
N PRO H 44 -32.34 16.83 7.00
CA PRO H 44 -30.95 17.26 7.24
C PRO H 44 -29.94 16.40 6.51
N LYS H 45 -28.91 17.02 5.94
CA LYS H 45 -27.83 16.29 5.29
C LYS H 45 -27.00 15.53 6.32
N VAL H 46 -27.18 14.21 6.35
CA VAL H 46 -26.45 13.37 7.28
C VAL H 46 -25.57 12.37 6.55
N SER H 47 -24.25 12.57 6.62
CA SER H 47 -23.30 11.69 5.95
C SER H 47 -22.38 11.02 6.97
N ALA H 48 -21.72 9.96 6.55
CA ALA H 48 -20.76 9.29 7.42
C ALA H 48 -19.42 9.98 7.33
N TYR H 49 -19.27 10.80 6.29
CA TYR H 49 -18.02 11.51 6.03
C TYR H 49 -18.11 12.98 6.42
N GLN H 50 -18.73 13.24 7.57
CA GLN H 50 -18.74 14.58 8.14
C GLN H 50 -18.41 14.50 9.62
N TYR H 51 -17.67 15.50 10.12
CA TYR H 51 -17.28 15.54 11.53
C TYR H 51 -18.48 15.59 12.47
N ARG H 52 -18.47 14.74 13.49
CA ARG H 52 -19.43 14.85 14.58
C ARG H 52 -18.77 15.60 15.73
N VAL H 53 -19.28 16.78 16.07
CA VAL H 53 -18.71 17.54 17.16
C VAL H 53 -19.71 17.71 18.29
N PHE H 54 -19.59 16.87 19.31
CA PHE H 54 -20.45 16.94 20.48
C PHE H 54 -19.91 17.94 21.49
N ARG H 55 -20.76 18.86 21.93
CA ARG H 55 -20.39 19.82 22.95
C ARG H 55 -21.00 19.39 24.27
N VAL H 56 -20.26 18.59 25.03
CA VAL H 56 -20.78 17.99 26.26
C VAL H 56 -20.83 19.00 27.41
N GLN H 57 -22.04 19.27 27.89
CA GLN H 57 -22.24 20.27 28.93
C GLN H 57 -22.28 19.60 30.31
N LEU H 58 -21.28 19.89 31.12
CA LEU H 58 -21.18 19.31 32.46
C LEU H 58 -21.86 20.21 33.49
N PRO H 59 -22.27 19.64 34.64
CA PRO H 59 -22.80 20.47 35.72
C PRO H 59 -21.70 21.26 36.39
N ASP H 60 -22.01 22.48 36.85
CA ASP H 60 -21.05 23.27 37.62
C ASP H 60 -20.81 22.60 38.96
N PRO H 61 -19.61 22.04 39.14
CA PRO H 61 -19.24 21.27 40.33
C PRO H 61 -19.30 22.08 41.62
N ASN H 62 -19.16 23.40 41.51
CA ASN H 62 -19.26 24.26 42.67
C ASN H 62 -20.70 24.44 43.14
N LYS H 63 -21.62 24.58 42.20
CA LYS H 63 -23.03 24.76 42.52
C LYS H 63 -23.75 23.42 42.53
N PHE H 64 -22.98 22.35 42.65
CA PHE H 64 -23.50 20.99 42.53
C PHE H 64 -23.40 20.24 43.84
N GLY H 65 -24.47 19.53 44.19
CA GLY H 65 -24.54 18.77 45.43
C GLY H 65 -23.54 17.63 45.48
N LEU H 66 -22.63 17.70 46.43
CA LEU H 66 -21.59 16.68 46.59
C LEU H 66 -22.03 15.63 47.60
N PRO H 67 -21.39 14.44 47.57
CA PRO H 67 -21.71 13.42 48.59
C PRO H 67 -21.27 13.85 49.98
N ASP H 68 -20.59 14.99 50.03
CA ASP H 68 -20.06 15.58 51.24
C ASP H 68 -19.40 16.90 50.84
N THR H 69 -19.93 18.01 51.32
CA THR H 69 -19.38 19.32 50.95
C THR H 69 -18.29 19.75 51.94
N SER H 70 -17.40 18.82 52.24
CA SER H 70 -16.21 19.11 53.03
C SER H 70 -15.00 18.49 52.34
N ILE H 71 -15.19 18.20 51.05
CA ILE H 71 -14.08 17.78 50.20
C ILE H 71 -13.15 18.96 49.99
N TYR H 72 -13.72 20.15 50.09
CA TYR H 72 -12.99 21.38 49.84
C TYR H 72 -13.57 22.53 50.67
N ASN H 73 -12.86 23.65 50.70
CA ASN H 73 -13.37 24.86 51.33
C ASN H 73 -13.73 25.91 50.29
N PRO H 74 -15.04 26.13 50.06
CA PRO H 74 -15.53 27.04 49.03
C PRO H 74 -15.05 28.48 49.17
N GLU H 75 -14.35 28.78 50.26
CA GLU H 75 -13.78 30.10 50.46
C GLU H 75 -12.47 30.29 49.71
N THR H 76 -11.58 29.30 49.81
CA THR H 76 -10.23 29.42 49.28
C THR H 76 -9.97 28.57 48.03
N GLN H 77 -10.91 27.70 47.68
CA GLN H 77 -10.72 26.86 46.50
C GLN H 77 -11.98 26.64 45.67
N ARG H 78 -11.78 26.23 44.43
CA ARG H 78 -12.86 25.98 43.48
C ARG H 78 -12.82 24.55 42.97
N LEU H 79 -13.95 24.08 42.44
CA LEU H 79 -14.04 22.72 41.92
C LEU H 79 -14.00 22.70 40.40
N VAL H 80 -13.34 21.68 39.85
CA VAL H 80 -13.26 21.51 38.41
C VAL H 80 -13.38 20.03 38.06
N TRP H 81 -14.11 19.71 37.00
CA TRP H 81 -14.17 18.33 36.52
C TRP H 81 -12.94 17.97 35.70
N ALA H 82 -12.49 16.73 35.82
CA ALA H 82 -11.40 16.22 35.00
C ALA H 82 -11.79 14.90 34.37
N CYS H 83 -11.60 14.78 33.06
CA CYS H 83 -11.95 13.57 32.34
C CYS H 83 -10.95 12.46 32.65
N ALA H 84 -11.44 11.25 32.86
CA ALA H 84 -10.59 10.13 33.24
C ALA H 84 -10.88 8.88 32.42
N GLY H 85 -12.07 8.85 31.81
CA GLY H 85 -12.49 7.71 31.02
C GLY H 85 -13.51 8.08 29.96
N VAL H 86 -13.33 7.52 28.76
CA VAL H 86 -14.26 7.75 27.65
C VAL H 86 -14.52 6.47 26.86
N GLU H 87 -15.78 6.31 26.42
CA GLU H 87 -16.16 5.21 25.54
C GLU H 87 -17.21 5.69 24.56
N ILE H 88 -16.80 5.90 23.31
CA ILE H 88 -17.72 6.36 22.28
C ILE H 88 -18.42 5.15 21.63
N GLY H 89 -19.72 5.03 21.87
CA GLY H 89 -20.47 3.91 21.34
C GLY H 89 -21.01 4.17 19.94
N ARG H 90 -20.78 3.23 19.04
CA ARG H 90 -21.35 3.27 17.71
C ARG H 90 -22.45 2.23 17.59
N GLY H 91 -23.53 2.56 16.88
CA GLY H 91 -24.70 1.71 16.86
C GLY H 91 -24.87 0.79 15.66
N GLN H 92 -25.06 1.38 14.48
CA GLN H 92 -25.34 0.62 13.26
C GLN H 92 -24.25 -0.40 12.93
N PRO H 93 -24.57 -1.40 12.07
CA PRO H 93 -23.52 -2.37 11.73
C PRO H 93 -22.47 -1.80 10.78
N LEU H 94 -21.37 -2.51 10.60
CA LEU H 94 -20.31 -2.08 9.69
C LEU H 94 -20.83 -2.13 8.25
N GLY H 95 -20.31 -1.23 7.41
CA GLY H 95 -20.73 -1.21 6.02
C GLY H 95 -19.95 -0.24 5.15
N VAL H 96 -20.10 -0.42 3.83
CA VAL H 96 -19.55 0.52 2.87
C VAL H 96 -20.71 1.28 2.24
N GLY H 97 -20.44 2.48 1.73
CA GLY H 97 -21.46 3.31 1.12
C GLY H 97 -20.88 4.24 0.08
N LEU H 98 -21.56 4.37 -1.05
CA LEU H 98 -21.02 5.10 -2.18
C LEU H 98 -21.47 6.55 -2.24
N SER H 99 -20.66 7.36 -2.90
CA SER H 99 -21.02 8.74 -3.22
C SER H 99 -20.76 8.93 -4.70
N GLY H 100 -21.56 9.76 -5.36
CA GLY H 100 -21.42 9.94 -6.79
C GLY H 100 -21.83 11.30 -7.28
N HIS H 101 -21.79 11.45 -8.61
CA HIS H 101 -22.19 12.70 -9.24
C HIS H 101 -22.72 12.40 -10.64
N PRO H 102 -23.93 12.89 -10.96
CA PRO H 102 -24.60 12.70 -12.25
C PRO H 102 -23.76 13.18 -13.42
N PHE H 103 -22.97 14.21 -13.18
CA PHE H 103 -22.12 14.77 -14.22
C PHE H 103 -20.70 14.95 -13.71
N TYR H 104 -20.08 13.85 -13.30
CA TYR H 104 -18.69 13.83 -12.87
C TYR H 104 -17.79 14.21 -14.04
N ASN H 105 -16.86 15.13 -13.84
CA ASN H 105 -15.92 15.48 -14.90
C ASN H 105 -14.90 14.36 -15.08
N LYS H 106 -15.31 13.30 -15.76
CA LYS H 106 -14.42 12.20 -16.10
C LYS H 106 -14.21 12.18 -17.61
N LEU H 107 -13.02 12.56 -18.06
CA LEU H 107 -12.74 12.54 -19.49
C LEU H 107 -12.71 11.11 -19.99
N ASP H 108 -11.72 10.34 -19.55
CA ASP H 108 -11.58 8.94 -19.97
C ASP H 108 -10.56 8.18 -19.12
N ASP H 109 -10.66 6.85 -19.15
CA ASP H 109 -9.79 5.99 -18.36
C ASP H 109 -8.35 6.04 -18.85
N THR H 110 -7.45 6.51 -18.00
CA THR H 110 -6.03 6.59 -18.37
C THR H 110 -5.22 5.53 -17.65
N GLU H 111 -5.92 4.63 -16.95
CA GLU H 111 -5.26 3.53 -16.25
C GLU H 111 -4.55 2.64 -17.23
N SER H 112 -5.31 1.77 -17.88
CA SER H 112 -4.77 0.89 -18.91
C SER H 112 -5.23 1.35 -20.28
N SER H 113 -5.76 2.58 -20.30
CA SER H 113 -6.32 3.24 -21.49
C SER H 113 -6.32 2.38 -22.74
N HIS H 114 -7.42 1.68 -22.97
CA HIS H 114 -7.62 0.83 -24.14
C HIS H 114 -7.49 1.61 -25.46
N ALA H 115 -6.70 2.68 -25.41
CA ALA H 115 -7.02 3.95 -26.05
C ALA H 115 -8.22 4.47 -25.28
N ALA H 116 -8.86 5.53 -25.73
CA ALA H 116 -10.13 5.89 -25.12
C ALA H 116 -11.12 6.41 -26.18
N THR H 117 -10.90 7.54 -26.87
CA THR H 117 -9.91 8.58 -26.61
C THR H 117 -10.58 9.94 -26.86
N SER H 118 -11.87 9.88 -27.18
CA SER H 118 -12.77 11.03 -27.33
C SER H 118 -12.12 12.38 -27.60
N ASN H 119 -12.17 13.25 -26.58
CA ASN H 119 -11.53 14.58 -26.48
C ASN H 119 -12.53 15.74 -26.56
N VAL H 120 -12.03 16.94 -26.27
CA VAL H 120 -12.85 18.10 -25.89
C VAL H 120 -13.77 18.65 -26.97
N SER H 121 -15.03 18.76 -26.60
CA SER H 121 -16.06 19.40 -27.42
C SER H 121 -17.12 19.95 -26.48
N GLU H 122 -17.70 19.04 -25.70
CA GLU H 122 -18.74 19.39 -24.76
C GLU H 122 -18.92 18.27 -23.74
N ASP H 123 -20.15 18.10 -23.28
CA ASP H 123 -20.48 17.10 -22.27
C ASP H 123 -20.06 15.68 -22.65
N VAL H 124 -18.92 15.24 -22.09
CA VAL H 124 -18.61 13.83 -22.05
C VAL H 124 -18.66 13.42 -20.58
N ARG H 125 -19.36 14.25 -19.79
CA ARG H 125 -19.50 14.02 -18.36
C ARG H 125 -20.36 12.82 -18.09
N ASP H 126 -19.81 11.85 -17.35
CA ASP H 126 -20.53 10.62 -17.07
C ASP H 126 -21.02 10.57 -15.63
N ASN H 127 -21.99 9.71 -15.38
CA ASN H 127 -22.48 9.45 -14.04
C ASN H 127 -21.64 8.39 -13.36
N VAL H 128 -20.72 8.81 -12.49
CA VAL H 128 -19.88 7.86 -11.78
C VAL H 128 -20.03 7.98 -10.27
N SER H 129 -19.65 6.92 -9.56
CA SER H 129 -19.71 6.88 -8.10
C SER H 129 -18.39 6.36 -7.56
N VAL H 130 -18.17 6.54 -6.26
CA VAL H 130 -16.92 6.10 -5.66
C VAL H 130 -17.05 5.97 -4.14
N ASP H 131 -16.43 4.93 -3.58
CA ASP H 131 -16.35 4.80 -2.13
C ASP H 131 -15.12 5.55 -1.63
N TYR H 132 -15.32 6.35 -0.58
CA TYR H 132 -14.30 7.26 -0.09
C TYR H 132 -13.19 6.59 0.71
N LYS H 133 -12.22 7.40 1.12
CA LYS H 133 -11.14 6.97 1.99
C LYS H 133 -11.67 6.63 3.39
N GLN H 134 -11.21 5.51 3.92
CA GLN H 134 -11.68 5.03 5.22
C GLN H 134 -10.96 5.73 6.37
N THR H 135 -11.73 6.46 7.19
CA THR H 135 -11.14 7.25 8.27
C THR H 135 -11.87 7.11 9.60
N GLN H 136 -11.09 6.88 10.65
CA GLN H 136 -11.59 6.93 12.02
C GLN H 136 -10.75 7.90 12.82
N LEU H 137 -11.39 8.78 13.58
CA LEU H 137 -10.65 9.65 14.49
C LEU H 137 -11.51 10.17 15.64
N CYS H 138 -10.86 10.46 16.76
CA CYS H 138 -11.52 10.94 17.96
C CYS H 138 -10.67 11.95 18.71
N ILE H 139 -11.24 13.13 18.97
CA ILE H 139 -10.52 14.18 19.68
C ILE H 139 -11.30 14.66 20.90
N LEU H 140 -10.64 14.73 22.04
CA LEU H 140 -11.25 15.30 23.24
C LEU H 140 -10.50 16.56 23.66
N GLY H 141 -11.23 17.55 24.16
CA GLY H 141 -10.64 18.80 24.59
C GLY H 141 -11.67 19.68 25.26
N CYS H 142 -11.21 20.70 25.99
CA CYS H 142 -12.13 21.62 26.66
C CYS H 142 -12.36 22.86 25.80
N ALA H 143 -11.88 22.77 24.55
CA ALA H 143 -12.12 23.78 23.53
C ALA H 143 -12.26 23.02 22.21
N PRO H 144 -12.96 23.61 21.22
CA PRO H 144 -13.10 22.87 19.97
C PRO H 144 -11.78 22.63 19.26
N ALA H 145 -11.72 21.59 18.43
CA ALA H 145 -10.49 21.25 17.72
C ALA H 145 -10.33 22.14 16.50
N ILE H 146 -9.09 22.30 16.05
CA ILE H 146 -8.78 23.20 14.94
C ILE H 146 -8.52 22.43 13.64
N GLY H 147 -9.12 22.90 12.55
CA GLY H 147 -8.94 22.27 11.26
C GLY H 147 -8.21 23.17 10.29
N GLU H 148 -7.66 22.57 9.24
CA GLU H 148 -7.02 23.33 8.17
C GLU H 148 -7.61 22.91 6.84
N HIS H 149 -7.54 23.82 5.85
CA HIS H 149 -7.96 23.51 4.49
C HIS H 149 -7.46 24.59 3.52
N TRP H 150 -7.41 24.26 2.24
CA TRP H 150 -6.93 25.20 1.24
C TRP H 150 -8.06 26.00 0.60
N ALA H 151 -7.89 27.32 0.52
CA ALA H 151 -8.91 28.21 0.00
C ALA H 151 -8.31 29.22 -0.97
N LYS H 152 -9.16 29.84 -1.77
CA LYS H 152 -8.72 30.86 -2.71
C LYS H 152 -8.04 31.99 -1.96
N GLY H 153 -6.78 32.24 -2.27
CA GLY H 153 -6.00 33.22 -1.56
C GLY H 153 -6.48 34.65 -1.77
N THR H 154 -6.12 35.52 -0.82
CA THR H 154 -6.38 36.94 -0.93
C THR H 154 -5.91 37.45 -2.29
N ALA H 155 -6.82 37.50 -3.25
CA ALA H 155 -6.49 37.94 -4.60
C ALA H 155 -5.85 39.32 -4.56
N SER H 156 -4.57 39.36 -4.91
CA SER H 156 -3.76 40.56 -4.75
C SER H 156 -4.17 41.69 -5.69
N LYS H 157 -4.19 42.90 -5.13
CA LYS H 157 -4.62 44.11 -5.83
C LYS H 157 -3.41 44.83 -6.45
N SER H 158 -2.28 44.14 -6.50
CA SER H 158 -1.11 44.67 -7.17
C SER H 158 -1.21 44.40 -8.67
N ARG H 159 -1.59 43.17 -8.99
CA ARG H 159 -1.93 42.78 -10.35
C ARG H 159 -3.10 41.81 -10.26
N PRO H 160 -4.20 42.12 -10.96
CA PRO H 160 -5.46 41.38 -10.83
C PRO H 160 -5.34 39.91 -11.19
N LEU H 161 -6.45 39.18 -11.08
CA LEU H 161 -6.48 37.78 -11.44
C LEU H 161 -7.25 37.59 -12.72
N SER H 162 -6.53 37.68 -13.85
CA SER H 162 -7.10 37.49 -15.18
C SER H 162 -8.03 36.29 -15.20
N GLN H 163 -9.27 36.51 -15.64
CA GLN H 163 -10.30 35.49 -15.60
C GLN H 163 -9.89 34.26 -16.40
N GLY H 164 -9.64 33.18 -15.67
CA GLY H 164 -9.13 31.95 -16.26
C GLY H 164 -7.90 31.46 -15.52
N ASP H 165 -7.02 32.40 -15.19
CA ASP H 165 -5.77 32.10 -14.50
C ASP H 165 -5.98 31.40 -13.16
N CYS H 166 -4.95 30.69 -12.71
CA CYS H 166 -5.00 29.97 -11.43
C CYS H 166 -4.80 30.91 -10.25
N PRO H 167 -5.70 30.84 -9.26
CA PRO H 167 -5.59 31.63 -8.04
C PRO H 167 -4.51 31.11 -7.11
N PRO H 168 -3.99 31.98 -6.21
CA PRO H 168 -3.03 31.53 -5.21
C PRO H 168 -3.70 30.74 -4.08
N LEU H 169 -3.04 29.70 -3.59
CA LEU H 169 -3.61 28.88 -2.53
C LEU H 169 -3.16 29.38 -1.16
N GLU H 170 -4.10 29.49 -0.24
CA GLU H 170 -3.82 29.92 1.12
C GLU H 170 -4.35 28.92 2.13
N LEU H 171 -3.48 28.44 3.00
CA LEU H 171 -3.90 27.55 4.06
C LEU H 171 -4.67 28.33 5.10
N LYS H 172 -5.85 27.84 5.46
CA LYS H 172 -6.67 28.52 6.46
C LYS H 172 -6.97 27.61 7.65
N ASN H 173 -6.74 28.13 8.85
CA ASN H 173 -7.15 27.45 10.06
C ASN H 173 -8.59 27.82 10.41
N THR H 174 -9.29 26.91 11.08
CA THR H 174 -10.71 27.10 11.39
C THR H 174 -11.18 26.09 12.43
N VAL H 175 -12.21 26.49 13.20
CA VAL H 175 -12.82 25.60 14.17
C VAL H 175 -13.63 24.50 13.47
N LEU H 176 -13.45 23.25 13.90
CA LEU H 176 -14.24 22.15 13.38
C LEU H 176 -15.62 22.16 14.01
N GLU H 177 -16.63 22.60 13.28
CA GLU H 177 -18.01 22.53 13.74
C GLU H 177 -18.57 21.16 13.45
N ASP H 178 -19.76 20.88 13.94
CA ASP H 178 -20.45 19.65 13.56
C ASP H 178 -21.02 19.81 12.16
N GLY H 179 -20.71 18.88 11.27
CA GLY H 179 -21.24 18.92 9.92
C GLY H 179 -20.18 19.08 8.85
N ASP H 180 -19.10 19.78 9.17
CA ASP H 180 -17.99 19.98 8.25
C ASP H 180 -17.50 18.64 7.70
N MET H 181 -17.24 18.60 6.40
CA MET H 181 -16.86 17.35 5.75
C MET H 181 -15.40 17.03 5.98
N VAL H 182 -15.08 15.74 6.01
CA VAL H 182 -13.70 15.29 6.21
C VAL H 182 -12.99 15.12 4.88
N ASP H 183 -11.69 14.82 4.93
CA ASP H 183 -10.96 14.51 3.71
C ASP H 183 -11.38 13.13 3.20
N THR H 184 -11.85 13.11 1.95
CA THR H 184 -12.39 11.90 1.37
C THR H 184 -11.38 11.18 0.49
N GLY H 185 -10.28 11.86 0.20
CA GLY H 185 -9.28 11.37 -0.75
C GLY H 185 -9.19 12.32 -1.91
N TYR H 186 -9.94 13.41 -1.82
CA TYR H 186 -9.91 14.46 -2.83
C TYR H 186 -9.22 15.70 -2.29
N GLY H 187 -8.49 15.54 -1.19
CA GLY H 187 -7.78 16.65 -0.58
C GLY H 187 -8.64 17.47 0.37
N ALA H 188 -7.99 18.25 1.22
CA ALA H 188 -8.70 19.14 2.13
C ALA H 188 -8.73 20.55 1.56
N MET H 189 -9.82 20.91 0.90
CA MET H 189 -9.94 22.23 0.30
C MET H 189 -11.39 22.73 0.21
N ASP H 190 -11.52 23.98 -0.17
CA ASP H 190 -12.82 24.63 -0.37
C ASP H 190 -13.27 24.43 -1.81
N PHE H 191 -13.96 23.32 -2.06
CA PHE H 191 -14.36 22.94 -3.41
C PHE H 191 -15.38 23.90 -4.02
N SER H 192 -15.98 24.75 -3.19
CA SER H 192 -17.00 25.68 -3.65
C SER H 192 -16.38 26.95 -4.26
N THR H 193 -15.10 27.17 -4.00
CA THR H 193 -14.43 28.37 -4.52
C THR H 193 -13.21 28.05 -5.39
N LEU H 194 -12.76 26.79 -5.39
CA LEU H 194 -11.58 26.41 -6.14
C LEU H 194 -11.93 25.63 -7.40
N GLN H 195 -13.17 25.16 -7.47
CA GLN H 195 -13.63 24.40 -8.63
C GLN H 195 -14.94 24.95 -9.17
N ASP H 196 -14.86 25.74 -10.24
CA ASP H 196 -16.03 26.39 -10.82
C ASP H 196 -16.91 25.39 -11.53
N THR H 197 -16.33 24.27 -11.94
CA THR H 197 -17.05 23.26 -12.71
C THR H 197 -18.16 22.61 -11.89
N LYS H 198 -17.98 22.56 -10.57
CA LYS H 198 -18.93 21.90 -9.67
C LYS H 198 -19.18 20.46 -10.12
N CYS H 199 -18.14 19.83 -10.67
CA CYS H 199 -18.26 18.50 -11.25
C CYS H 199 -16.96 17.70 -11.13
N GLU H 200 -16.06 18.15 -10.28
CA GLU H 200 -14.77 17.49 -10.14
C GLU H 200 -14.78 16.49 -8.99
N VAL H 201 -15.69 16.69 -8.05
CA VAL H 201 -15.80 15.82 -6.89
C VAL H 201 -17.25 15.36 -6.71
N PRO H 202 -17.47 14.28 -5.94
CA PRO H 202 -18.84 13.79 -5.78
C PRO H 202 -19.78 14.79 -5.10
N LEU H 203 -21.08 14.50 -5.19
CA LEU H 203 -22.15 15.42 -4.85
C LEU H 203 -22.14 15.98 -3.43
N ASP H 204 -21.69 15.19 -2.45
CA ASP H 204 -21.80 15.58 -1.05
C ASP H 204 -20.71 16.56 -0.60
N ILE H 205 -19.55 16.49 -1.24
CA ILE H 205 -18.48 17.45 -0.95
C ILE H 205 -18.33 18.47 -2.08
N CYS H 206 -19.26 18.39 -3.03
CA CYS H 206 -19.21 19.21 -4.24
C CYS H 206 -19.14 20.71 -3.97
N GLN H 207 -20.01 21.21 -3.10
CA GLN H 207 -20.05 22.64 -2.78
C GLN H 207 -19.68 22.93 -1.34
N SER H 208 -19.15 21.91 -0.66
CA SER H 208 -18.79 22.04 0.75
C SER H 208 -17.33 22.40 0.96
N ILE H 209 -16.86 22.17 2.18
CA ILE H 209 -15.48 22.43 2.55
C ILE H 209 -14.93 21.26 3.34
N CYS H 210 -13.92 20.59 2.78
CA CYS H 210 -13.30 19.47 3.48
C CYS H 210 -12.19 19.97 4.41
N LYS H 211 -12.31 19.62 5.68
CA LYS H 211 -11.32 20.03 6.67
C LYS H 211 -10.52 18.85 7.19
N TYR H 212 -9.26 19.10 7.51
CA TYR H 212 -8.42 18.09 8.13
C TYR H 212 -7.87 18.66 9.42
N PRO H 213 -7.91 17.89 10.51
CA PRO H 213 -7.45 18.38 11.81
C PRO H 213 -6.01 18.84 11.75
N ASP H 214 -5.72 20.03 12.29
CA ASP H 214 -4.38 20.56 12.29
C ASP H 214 -3.59 20.00 13.47
N TYR H 215 -3.27 18.71 13.40
CA TYR H 215 -2.55 18.01 14.46
C TYR H 215 -1.26 18.71 14.85
N LEU H 216 -0.59 19.28 13.85
CA LEU H 216 0.66 19.98 14.08
C LEU H 216 0.47 21.21 14.96
N GLN H 217 -0.56 22.00 14.68
CA GLN H 217 -0.81 23.21 15.46
C GLN H 217 -1.34 22.87 16.85
N MET H 218 -2.23 21.89 16.94
CA MET H 218 -2.87 21.55 18.20
C MET H 218 -1.92 20.89 19.19
N SER H 219 -0.82 20.34 18.68
CA SER H 219 0.21 19.80 19.56
C SER H 219 1.16 20.90 20.01
N ALA H 220 1.20 21.99 19.24
CA ALA H 220 2.10 23.10 19.53
C ALA H 220 1.39 24.21 20.30
N ASP H 221 0.07 24.07 20.49
CA ASP H 221 -0.69 25.00 21.31
C ASP H 221 -0.07 25.04 22.71
N PRO H 222 0.14 26.25 23.26
CA PRO H 222 0.83 26.40 24.53
C PRO H 222 0.11 25.69 25.69
N TYR H 223 -1.19 25.91 25.80
CA TYR H 223 -1.95 25.38 26.93
C TYR H 223 -2.45 23.95 26.66
N GLY H 224 -2.84 23.68 25.42
CA GLY H 224 -3.23 22.34 25.04
C GLY H 224 -4.67 21.98 25.39
N ASP H 225 -5.55 22.96 25.31
CA ASP H 225 -6.97 22.74 25.57
C ASP H 225 -7.68 22.14 24.36
N SER H 226 -7.07 22.34 23.20
CA SER H 226 -7.67 21.93 21.93
C SER H 226 -7.74 20.41 21.81
N MET H 227 -6.77 19.71 22.40
CA MET H 227 -6.79 18.25 22.44
C MET H 227 -5.91 17.67 23.55
N PHE H 228 -6.51 16.89 24.44
CA PHE H 228 -5.74 16.10 25.40
C PHE H 228 -6.02 14.62 25.19
N PHE H 229 -6.60 14.30 24.04
CA PHE H 229 -6.79 12.91 23.61
C PHE H 229 -7.03 12.88 22.11
N CYS H 230 -6.23 12.09 21.40
CA CYS H 230 -6.28 12.07 19.95
C CYS H 230 -6.04 10.67 19.40
N LEU H 231 -7.08 10.06 18.85
CA LEU H 231 -6.95 8.77 18.20
C LEU H 231 -7.22 8.92 16.71
N ARG H 232 -6.28 8.47 15.88
CA ARG H 232 -6.49 8.51 14.45
C ARG H 232 -6.16 7.17 13.81
N ARG H 233 -6.81 6.91 12.68
CA ARG H 233 -6.58 5.70 11.90
C ARG H 233 -7.23 5.86 10.54
N GLU H 234 -6.41 5.87 9.49
CA GLU H 234 -6.92 6.07 8.14
C GLU H 234 -6.27 5.09 7.17
N GLN H 235 -6.92 4.85 6.04
CA GLN H 235 -6.38 3.98 5.00
C GLN H 235 -7.18 4.13 3.70
N LEU H 236 -6.49 3.97 2.57
CA LEU H 236 -7.12 4.09 1.25
C LEU H 236 -6.17 3.59 0.15
N PHE H 237 -6.68 3.54 -1.08
CA PHE H 237 -5.85 3.19 -2.23
C PHE H 237 -6.51 3.67 -3.52
N ALA H 238 -5.71 3.74 -4.59
CA ALA H 238 -6.21 4.23 -5.88
C ALA H 238 -6.94 3.14 -6.66
N ARG H 239 -8.24 3.33 -6.84
CA ARG H 239 -9.06 2.37 -7.58
C ARG H 239 -8.90 2.56 -9.10
N HIS H 240 -9.43 3.66 -9.64
CA HIS H 240 -9.31 3.93 -11.07
C HIS H 240 -8.60 5.23 -11.40
N PHE H 241 -7.97 5.26 -12.57
CA PHE H 241 -7.18 6.42 -13.00
C PHE H 241 -7.92 7.17 -14.10
N TRP H 242 -8.14 8.47 -13.91
CA TRP H 242 -8.95 9.23 -14.86
C TRP H 242 -8.29 10.50 -15.37
N ASN H 243 -8.90 11.09 -16.39
CA ASN H 243 -8.48 12.36 -16.96
C ASN H 243 -9.49 13.45 -16.64
N ARG H 244 -9.07 14.70 -16.78
CA ARG H 244 -9.99 15.83 -16.60
C ARG H 244 -10.28 16.46 -17.95
N ALA H 245 -11.55 16.74 -18.21
CA ALA H 245 -11.91 17.45 -19.44
C ALA H 245 -11.76 18.94 -19.23
N GLY H 246 -11.39 19.66 -20.28
CA GLY H 246 -11.11 21.08 -20.18
C GLY H 246 -9.77 21.40 -20.79
N THR H 247 -9.44 22.69 -20.84
CA THR H 247 -8.15 23.11 -21.38
C THR H 247 -7.10 23.14 -20.29
N MET H 248 -5.84 22.98 -20.69
CA MET H 248 -4.73 22.97 -19.75
C MET H 248 -4.26 24.39 -19.42
N GLY H 249 -4.28 24.73 -18.14
CA GLY H 249 -3.83 26.03 -17.68
C GLY H 249 -2.33 26.17 -17.83
N ASP H 250 -1.58 25.29 -17.18
CA ASP H 250 -0.13 25.27 -17.33
C ASP H 250 0.24 24.41 -18.53
N THR H 251 0.83 25.03 -19.55
CA THR H 251 1.18 24.33 -20.77
C THR H 251 2.40 23.44 -20.57
N VAL H 252 2.27 22.18 -20.99
CA VAL H 252 3.38 21.23 -20.92
C VAL H 252 4.53 21.70 -21.79
N PRO H 253 5.70 21.92 -21.18
CA PRO H 253 6.89 22.39 -21.91
C PRO H 253 7.25 21.44 -23.04
N GLN H 254 7.73 21.98 -24.16
CA GLN H 254 8.10 21.17 -25.33
C GLN H 254 9.30 20.27 -25.03
N SER H 255 9.95 20.52 -23.90
CA SER H 255 11.12 19.76 -23.48
C SER H 255 10.81 18.33 -23.06
N LEU H 256 9.53 17.99 -22.97
CA LEU H 256 9.13 16.76 -22.31
C LEU H 256 8.54 15.70 -23.25
N TYR H 257 8.47 16.00 -24.55
CA TYR H 257 7.92 15.02 -25.48
C TYR H 257 8.35 15.26 -26.92
N ILE H 258 8.01 14.31 -27.78
CA ILE H 258 8.19 14.45 -29.22
C ILE H 258 6.85 14.75 -29.85
N LYS H 259 6.77 15.82 -30.64
CA LYS H 259 5.57 16.11 -31.39
C LYS H 259 5.23 14.94 -32.32
N GLY H 260 3.94 14.75 -32.54
CA GLY H 260 3.48 13.77 -33.50
C GLY H 260 2.65 14.47 -34.56
N THR H 261 1.73 13.73 -35.18
CA THR H 261 0.80 14.32 -36.13
C THR H 261 -0.64 13.98 -35.76
N GLY H 262 -1.58 14.71 -36.33
CA GLY H 262 -2.98 14.51 -36.02
C GLY H 262 -3.32 14.90 -34.60
N MET H 263 -4.03 14.03 -33.90
CA MET H 263 -4.41 14.29 -32.52
C MET H 263 -3.21 14.28 -31.60
N ARG H 264 -2.21 13.48 -31.95
CA ARG H 264 -1.01 13.36 -31.14
C ARG H 264 0.03 14.40 -31.53
N ALA H 265 -0.38 15.41 -32.28
CA ALA H 265 0.48 16.54 -32.59
C ALA H 265 0.66 17.41 -31.36
N SER H 266 -0.42 17.56 -30.60
CA SER H 266 -0.40 18.31 -29.36
C SER H 266 -0.86 17.43 -28.20
N PRO H 267 -0.26 17.60 -27.01
CA PRO H 267 -0.62 16.78 -25.85
C PRO H 267 -2.03 17.02 -25.34
N GLY H 268 -2.70 15.95 -24.92
CA GLY H 268 -4.04 16.06 -24.38
C GLY H 268 -4.06 16.59 -22.96
N SER H 269 -4.96 16.03 -22.15
CA SER H 269 -5.08 16.44 -20.75
C SER H 269 -4.03 15.74 -19.90
N CYS H 270 -3.36 16.51 -19.04
CA CYS H 270 -2.31 15.97 -18.19
C CYS H 270 -2.64 16.19 -16.72
N VAL H 271 -3.93 16.37 -16.45
CA VAL H 271 -4.41 16.55 -15.08
C VAL H 271 -5.08 15.27 -14.60
N TYR H 272 -4.33 14.44 -13.89
CA TYR H 272 -4.83 13.14 -13.45
C TYR H 272 -5.26 13.17 -12.00
N SER H 273 -6.39 12.52 -11.72
CA SER H 273 -6.88 12.36 -10.35
C SER H 273 -7.54 11.00 -10.18
N PRO H 274 -7.07 10.21 -9.21
CA PRO H 274 -7.61 8.87 -8.98
C PRO H 274 -8.84 8.88 -8.09
N SER H 275 -9.78 7.97 -8.34
CA SER H 275 -10.89 7.77 -7.43
C SER H 275 -10.36 7.08 -6.17
N PRO H 276 -10.60 7.68 -5.01
CA PRO H 276 -10.13 7.07 -3.76
C PRO H 276 -10.92 5.80 -3.43
N SER H 277 -10.37 4.98 -2.53
CA SER H 277 -11.04 3.74 -2.15
C SER H 277 -10.43 3.17 -0.87
N GLY H 278 -11.20 3.15 0.20
CA GLY H 278 -10.78 2.46 1.40
C GLY H 278 -10.87 0.97 1.13
N SER H 279 -9.93 0.20 1.67
CA SER H 279 -9.93 -1.25 1.44
C SER H 279 -10.96 -1.94 2.34
N ILE H 280 -10.64 -3.15 2.78
CA ILE H 280 -11.52 -3.91 3.65
C ILE H 280 -11.79 -3.16 4.96
N VAL H 281 -13.07 -2.96 5.28
CA VAL H 281 -13.45 -2.48 6.61
C VAL H 281 -13.73 -3.67 7.52
N THR H 282 -12.92 -3.79 8.57
CA THR H 282 -13.01 -4.94 9.47
C THR H 282 -13.24 -4.51 10.92
N SER H 283 -13.80 -5.42 11.70
CA SER H 283 -14.02 -5.18 13.13
C SER H 283 -12.71 -5.28 13.89
N ASP H 284 -11.72 -5.93 13.28
CA ASP H 284 -10.42 -6.14 13.91
C ASP H 284 -9.65 -4.83 14.08
N SER H 285 -9.90 -3.88 13.19
CA SER H 285 -9.22 -2.59 13.24
C SER H 285 -10.14 -1.48 13.75
N GLN H 286 -11.15 -1.85 14.51
CA GLN H 286 -12.13 -0.87 14.99
C GLN H 286 -11.56 -0.04 16.13
N LEU H 287 -11.97 1.22 16.21
CA LEU H 287 -11.45 2.15 17.20
C LEU H 287 -12.41 2.36 18.36
N PHE H 288 -13.71 2.27 18.09
CA PHE H 288 -14.74 2.59 19.08
C PHE H 288 -15.32 1.36 19.77
N ASN H 289 -16.40 1.58 20.52
CA ASN H 289 -17.00 0.55 21.37
C ASN H 289 -16.00 -0.04 22.37
N LYS H 290 -14.86 0.62 22.52
CA LYS H 290 -13.84 0.25 23.48
C LYS H 290 -13.62 1.43 24.40
N PRO H 291 -13.22 1.18 25.65
CA PRO H 291 -12.95 2.29 26.56
C PRO H 291 -11.53 2.83 26.38
N TYR H 292 -11.35 4.10 26.72
CA TYR H 292 -10.01 4.69 26.71
C TYR H 292 -9.82 5.56 27.94
N TRP H 293 -8.72 5.32 28.64
CA TRP H 293 -8.41 6.07 29.85
C TRP H 293 -7.30 7.09 29.58
N LEU H 294 -7.58 8.34 29.94
CA LEU H 294 -6.60 9.41 29.77
C LEU H 294 -5.68 9.44 30.97
N HIS H 295 -4.77 8.46 31.04
CA HIS H 295 -3.82 8.34 32.13
C HIS H 295 -3.04 9.64 32.36
N LYS H 296 -2.31 10.05 31.33
CA LYS H 296 -1.53 11.29 31.34
C LYS H 296 -1.50 11.85 29.92
N ALA H 297 -2.20 12.96 29.72
CA ALA H 297 -2.40 13.53 28.38
C ALA H 297 -1.08 13.92 27.70
N GLN H 298 -1.19 14.28 26.42
CA GLN H 298 -0.02 14.67 25.64
C GLN H 298 0.36 16.13 25.91
N GLY H 299 -0.64 16.97 26.12
CA GLY H 299 -0.41 18.39 26.34
C GLY H 299 -0.19 18.72 27.81
N HIS H 300 -0.26 20.01 28.13
CA HIS H 300 -0.14 20.46 29.51
C HIS H 300 -1.49 20.31 30.24
N ASN H 301 -2.58 20.39 29.49
CA ASN H 301 -3.91 20.11 30.04
C ASN H 301 -4.11 18.60 30.14
N ASN H 302 -4.28 18.10 31.35
CA ASN H 302 -4.44 16.66 31.56
C ASN H 302 -5.91 16.28 31.78
N GLY H 303 -6.78 16.72 30.87
CA GLY H 303 -8.18 16.36 30.93
C GLY H 303 -9.01 17.25 31.81
N VAL H 304 -8.44 18.37 32.24
CA VAL H 304 -9.19 19.35 33.01
C VAL H 304 -10.20 20.05 32.11
N CYS H 305 -11.47 19.93 32.47
CA CYS H 305 -12.55 20.48 31.66
C CYS H 305 -12.95 21.88 32.14
N TRP H 306 -12.21 22.89 31.71
CA TRP H 306 -12.53 24.27 32.06
C TRP H 306 -13.90 24.67 31.56
N HIS H 307 -14.54 25.59 32.28
CA HIS H 307 -15.90 26.04 31.98
C HIS H 307 -16.92 24.92 32.00
N ASN H 308 -16.53 23.79 32.59
CA ASN H 308 -17.38 22.61 32.70
C ASN H 308 -17.91 22.18 31.34
N GLN H 309 -17.02 22.16 30.35
CA GLN H 309 -17.35 21.80 28.98
C GLN H 309 -16.45 20.68 28.50
N LEU H 310 -16.89 19.97 27.47
CA LEU H 310 -16.06 18.96 26.84
C LEU H 310 -16.43 18.83 25.37
N PHE H 311 -15.42 18.84 24.51
CA PHE H 311 -15.65 18.75 23.08
C PHE H 311 -15.19 17.41 22.53
N VAL H 312 -16.16 16.61 22.09
CA VAL H 312 -15.86 15.33 21.48
C VAL H 312 -15.95 15.47 19.96
N THR H 313 -14.81 15.37 19.31
CA THR H 313 -14.76 15.41 17.85
C THR H 313 -14.58 14.00 17.31
N VAL H 314 -15.56 13.52 16.56
CA VAL H 314 -15.55 12.11 16.12
C VAL H 314 -15.77 11.98 14.61
N VAL H 315 -15.02 11.07 13.99
CA VAL H 315 -15.24 10.70 12.61
C VAL H 315 -15.18 9.19 12.47
N ASP H 316 -16.20 8.61 11.84
CA ASP H 316 -16.24 7.17 11.63
C ASP H 316 -16.92 6.85 10.32
N THR H 317 -16.16 6.31 9.37
CA THR H 317 -16.66 6.04 8.04
C THR H 317 -16.84 4.54 7.80
N THR H 318 -16.60 3.76 8.85
CA THR H 318 -16.69 2.30 8.76
C THR H 318 -18.13 1.82 8.93
N ARG H 319 -19.05 2.77 9.06
CA ARG H 319 -20.47 2.47 9.14
C ARG H 319 -21.24 3.41 8.21
N SER H 320 -21.13 3.17 6.92
CA SER H 320 -21.62 4.12 5.92
C SER H 320 -22.70 3.58 4.99
N THR H 321 -23.24 2.40 5.31
CA THR H 321 -24.33 1.84 4.50
C THR H 321 -25.53 2.76 4.53
N ASN H 322 -25.94 3.21 3.34
CA ASN H 322 -27.12 4.05 3.22
C ASN H 322 -28.32 3.20 2.83
N LEU H 323 -29.42 3.37 3.55
CA LEU H 323 -30.63 2.62 3.25
C LEU H 323 -31.23 3.07 1.92
N THR H 324 -31.75 2.12 1.16
CA THR H 324 -32.43 2.43 -0.10
C THR H 324 -33.92 2.23 0.09
N ILE H 325 -34.68 3.31 -0.02
CA ILE H 325 -36.12 3.26 0.12
C ILE H 325 -36.79 3.56 -1.21
N CYS H 326 -37.88 2.85 -1.51
CA CYS H 326 -38.62 3.07 -2.74
C CYS H 326 -40.10 2.75 -2.60
N ALA H 327 -40.92 3.80 -2.70
CA ALA H 327 -42.37 3.65 -2.67
C ALA H 327 -42.92 3.76 -4.08
N SER H 328 -44.12 3.22 -4.28
CA SER H 328 -44.77 3.25 -5.58
C SER H 328 -45.73 4.43 -5.69
N THR H 329 -46.00 4.87 -6.92
CA THR H 329 -46.92 5.98 -7.14
C THR H 329 -48.36 5.51 -6.97
N GLN H 330 -48.64 4.29 -7.43
CA GLN H 330 -49.97 3.72 -7.31
C GLN H 330 -50.19 3.16 -5.91
N SER H 331 -51.43 3.24 -5.44
CA SER H 331 -51.79 2.73 -4.13
C SER H 331 -51.91 1.19 -4.07
N PRO H 332 -52.58 0.56 -5.06
CA PRO H 332 -52.68 -0.90 -4.96
C PRO H 332 -51.40 -1.66 -5.29
N VAL H 333 -50.32 -0.94 -5.63
CA VAL H 333 -49.05 -1.54 -6.01
C VAL H 333 -49.22 -2.50 -7.19
N PRO H 334 -49.01 -1.99 -8.41
CA PRO H 334 -49.31 -2.71 -9.66
C PRO H 334 -48.56 -4.03 -9.82
N GLY H 335 -49.20 -4.99 -10.48
CA GLY H 335 -48.60 -6.29 -10.74
C GLY H 335 -47.75 -6.29 -11.99
N GLN H 336 -47.71 -5.15 -12.67
CA GLN H 336 -46.83 -4.97 -13.82
C GLN H 336 -45.70 -4.01 -13.46
N TYR H 337 -44.47 -4.45 -13.69
CA TYR H 337 -43.31 -3.64 -13.32
C TYR H 337 -43.11 -2.45 -14.26
N ASP H 338 -42.72 -1.33 -13.68
CA ASP H 338 -42.44 -0.11 -14.42
C ASP H 338 -41.61 0.82 -13.55
N ALA H 339 -40.36 1.07 -13.96
CA ALA H 339 -39.41 1.84 -13.18
C ALA H 339 -39.92 3.24 -12.83
N THR H 340 -40.70 3.82 -13.72
CA THR H 340 -41.16 5.19 -13.56
C THR H 340 -42.15 5.36 -12.41
N LYS H 341 -42.86 4.29 -12.06
CA LYS H 341 -43.90 4.37 -11.05
C LYS H 341 -43.38 4.11 -9.64
N PHE H 342 -42.05 4.15 -9.49
CA PHE H 342 -41.40 3.97 -8.20
C PHE H 342 -40.46 5.13 -7.90
N LYS H 343 -40.58 5.73 -6.72
CA LYS H 343 -39.68 6.81 -6.34
C LYS H 343 -38.55 6.30 -5.44
N GLN H 344 -37.32 6.48 -5.90
CA GLN H 344 -36.14 6.02 -5.18
C GLN H 344 -35.63 7.06 -4.19
N TYR H 345 -35.52 6.68 -2.93
CA TYR H 345 -34.99 7.58 -1.91
C TYR H 345 -33.71 7.03 -1.32
N SER H 346 -32.90 7.92 -0.74
CA SER H 346 -31.64 7.54 -0.13
C SER H 346 -31.56 8.12 1.28
N ARG H 347 -31.40 7.25 2.27
CA ARG H 347 -31.39 7.68 3.67
C ARG H 347 -30.24 7.06 4.44
N HIS H 348 -29.60 7.86 5.28
CA HIS H 348 -28.51 7.37 6.11
C HIS H 348 -28.73 7.67 7.59
N VAL H 349 -28.25 6.75 8.44
CA VAL H 349 -28.46 6.84 9.88
C VAL H 349 -27.15 6.99 10.65
N GLU H 350 -27.19 7.73 11.74
CA GLU H 350 -26.02 7.90 12.61
C GLU H 350 -26.39 7.72 14.07
N GLU H 351 -26.02 6.58 14.65
CA GLU H 351 -26.36 6.27 16.04
C GLU H 351 -25.14 6.32 16.96
N TYR H 352 -25.19 7.19 17.97
CA TYR H 352 -24.08 7.34 18.91
C TYR H 352 -24.47 7.09 20.35
N ASP H 353 -23.46 6.96 21.21
CA ASP H 353 -23.65 6.83 22.65
C ASP H 353 -22.37 7.21 23.39
N LEU H 354 -22.40 8.35 24.07
CA LEU H 354 -21.24 8.84 24.78
C LEU H 354 -21.27 8.44 26.26
N GLN H 355 -20.12 8.02 26.78
CA GLN H 355 -20.00 7.61 28.17
C GLN H 355 -18.71 8.18 28.76
N PHE H 356 -18.81 8.76 29.95
CA PHE H 356 -17.65 9.38 30.57
C PHE H 356 -17.45 8.95 32.02
N ILE H 357 -16.20 8.98 32.46
CA ILE H 357 -15.89 8.85 33.87
C ILE H 357 -15.15 10.12 34.29
N PHE H 358 -15.84 10.97 35.04
CA PHE H 358 -15.24 12.23 35.46
C PHE H 358 -14.68 12.16 36.87
N GLN H 359 -13.76 13.07 37.17
CA GLN H 359 -13.12 13.11 38.48
C GLN H 359 -13.22 14.52 39.06
N LEU H 360 -13.63 14.61 40.32
CA LEU H 360 -13.76 15.91 40.97
C LEU H 360 -12.39 16.44 41.36
N CYS H 361 -12.09 17.66 40.94
CA CYS H 361 -10.79 18.26 41.23
C CYS H 361 -10.95 19.59 41.95
N THR H 362 -9.93 19.96 42.73
CA THR H 362 -9.94 21.23 43.46
C THR H 362 -8.80 22.13 43.01
N ILE H 363 -9.10 23.43 42.88
CA ILE H 363 -8.07 24.43 42.59
C ILE H 363 -7.96 25.38 43.77
N THR H 364 -6.82 25.35 44.45
CA THR H 364 -6.59 26.29 45.54
C THR H 364 -6.19 27.64 44.96
N LEU H 365 -7.15 28.55 44.91
CA LEU H 365 -6.92 29.89 44.39
C LEU H 365 -5.94 30.66 45.26
N THR H 366 -4.67 30.60 44.91
CA THR H 366 -3.66 31.41 45.59
C THR H 366 -3.38 32.63 44.71
N ALA H 367 -2.58 33.55 45.22
CA ALA H 367 -2.30 34.79 44.51
C ALA H 367 -1.80 34.56 43.10
N ASP H 368 -0.70 33.81 42.96
CA ASP H 368 -0.11 33.58 41.64
C ASP H 368 -0.88 32.53 40.83
N VAL H 369 -1.63 31.66 41.50
CA VAL H 369 -2.45 30.68 40.81
C VAL H 369 -3.56 31.40 40.03
N MET H 370 -4.12 32.44 40.64
CA MET H 370 -5.18 33.21 40.00
C MET H 370 -4.66 34.06 38.84
N SER H 371 -3.49 34.66 39.01
CA SER H 371 -2.89 35.48 37.97
C SER H 371 -2.43 34.64 36.77
N TYR H 372 -2.14 33.37 37.02
CA TYR H 372 -1.81 32.43 35.96
C TYR H 372 -3.06 32.04 35.20
N ILE H 373 -4.11 31.67 35.93
CA ILE H 373 -5.41 31.35 35.32
C ILE H 373 -5.92 32.57 34.54
N GLN H 374 -5.69 33.74 35.13
CA GLN H 374 -5.97 35.02 34.47
C GLN H 374 -5.38 35.06 33.08
N SER H 375 -4.06 34.88 33.01
CA SER H 375 -3.33 34.84 31.75
C SER H 375 -3.92 33.81 30.79
N MET H 376 -4.09 32.59 31.29
CA MET H 376 -4.62 31.50 30.47
C MET H 376 -5.99 31.82 29.88
N ASN H 377 -6.97 32.07 30.75
CA ASN H 377 -8.32 32.37 30.30
C ASN H 377 -9.10 33.10 31.39
N SER H 378 -9.26 34.42 31.22
CA SER H 378 -9.89 35.28 32.22
C SER H 378 -11.32 34.85 32.54
N SER H 379 -12.02 34.30 31.56
CA SER H 379 -13.42 33.93 31.72
C SER H 379 -13.61 32.79 32.71
N ILE H 380 -12.52 32.13 33.09
CA ILE H 380 -12.57 31.07 34.10
C ILE H 380 -12.83 31.64 35.48
N LEU H 381 -12.18 32.76 35.78
CA LEU H 381 -12.33 33.41 37.07
C LEU H 381 -13.67 34.14 37.19
N GLU H 382 -14.14 34.70 36.07
CA GLU H 382 -15.41 35.40 36.04
C GLU H 382 -16.57 34.50 36.45
N ASP H 383 -16.56 33.27 35.95
CA ASP H 383 -17.61 32.31 36.23
C ASP H 383 -17.62 31.87 37.68
N TRP H 384 -16.42 31.81 38.27
CA TRP H 384 -16.29 31.48 39.68
C TRP H 384 -16.69 32.67 40.55
N ASN H 385 -17.02 33.79 39.91
CA ASN H 385 -17.38 35.03 40.60
C ASN H 385 -16.32 35.46 41.61
N ASN H 391 -24.32 36.19 30.34
CA ASN H 391 -22.96 36.16 29.80
C ASN H 391 -22.93 35.72 28.33
N LYS H 392 -21.80 35.93 27.69
CA LYS H 392 -21.63 35.56 26.29
C LYS H 392 -20.55 34.49 26.13
N ASP H 393 -20.86 33.47 25.34
CA ASP H 393 -19.91 32.41 25.04
C ASP H 393 -19.30 32.63 23.65
N PRO H 394 -17.97 32.49 23.55
CA PRO H 394 -17.23 32.72 22.31
C PRO H 394 -17.44 31.63 21.25
N TYR H 395 -18.39 30.73 21.46
CA TYR H 395 -18.66 29.66 20.51
C TYR H 395 -20.13 29.63 20.08
N ASP H 396 -20.89 30.64 20.49
CA ASP H 396 -22.33 30.67 20.19
C ASP H 396 -22.61 30.99 18.72
N LYS H 397 -21.56 31.13 17.93
CA LYS H 397 -21.68 31.38 16.50
C LYS H 397 -21.56 30.08 15.71
N LEU H 398 -21.07 29.04 16.37
CA LEU H 398 -20.72 27.79 15.71
C LEU H 398 -21.76 26.70 15.95
N LYS H 399 -21.88 25.80 14.98
CA LYS H 399 -22.83 24.69 15.07
C LYS H 399 -22.23 23.47 15.78
N PHE H 400 -22.81 23.14 16.93
CA PHE H 400 -22.37 21.98 17.70
C PHE H 400 -23.55 21.05 17.97
N TRP H 401 -23.25 19.79 18.29
CA TRP H 401 -24.27 18.87 18.77
C TRP H 401 -24.23 18.87 20.29
N ASN H 402 -25.14 19.64 20.90
CA ASN H 402 -25.13 19.83 22.34
C ASN H 402 -25.62 18.60 23.09
N VAL H 403 -24.75 18.07 23.94
CA VAL H 403 -25.10 16.94 24.80
C VAL H 403 -25.07 17.38 26.26
N ASP H 404 -26.23 17.65 26.83
CA ASP H 404 -26.32 18.07 28.22
C ASP H 404 -26.25 16.85 29.13
N LEU H 405 -25.34 16.89 30.09
CA LEU H 405 -25.17 15.79 31.04
C LEU H 405 -25.37 16.24 32.48
N LYS H 406 -25.92 17.44 32.67
CA LYS H 406 -26.09 18.02 34.00
C LYS H 406 -26.93 17.12 34.91
N GLU H 407 -27.87 16.40 34.34
CA GLU H 407 -28.74 15.53 35.11
C GLU H 407 -28.36 14.06 34.90
N LYS H 408 -27.12 13.81 34.50
CA LYS H 408 -26.70 12.48 34.12
C LYS H 408 -25.53 11.94 34.94
N PHE H 409 -25.03 12.74 35.87
CA PHE H 409 -23.93 12.29 36.73
C PHE H 409 -24.43 11.31 37.78
N SER H 410 -23.64 10.25 38.00
CA SER H 410 -23.98 9.23 38.98
C SER H 410 -22.73 8.80 39.75
N LEU H 411 -22.90 8.54 41.04
CA LEU H 411 -21.76 8.19 41.89
C LEU H 411 -21.43 6.69 41.84
N ASP H 412 -22.45 5.84 41.85
CA ASP H 412 -22.24 4.40 41.82
C ASP H 412 -21.81 3.92 40.43
N LEU H 413 -20.50 3.81 40.24
CA LEU H 413 -19.93 3.37 38.97
C LEU H 413 -20.36 1.95 38.62
N ASP H 414 -20.56 1.15 39.67
CA ASP H 414 -20.87 -0.28 39.53
C ASP H 414 -22.09 -0.57 38.66
N GLN H 415 -23.00 0.39 38.55
CA GLN H 415 -24.26 0.18 37.85
C GLN H 415 -24.17 0.42 36.35
N TYR H 416 -23.06 1.00 35.91
CA TYR H 416 -22.91 1.36 34.50
C TYR H 416 -21.74 0.61 33.87
N PRO H 417 -21.89 0.25 32.58
CA PRO H 417 -20.89 -0.50 31.80
C PRO H 417 -19.48 0.05 31.94
N LEU H 418 -19.27 1.30 31.53
CA LEU H 418 -17.96 1.95 31.63
C LEU H 418 -17.48 1.94 33.08
N GLY H 419 -18.37 2.35 33.99
CA GLY H 419 -18.08 2.38 35.40
C GLY H 419 -17.50 1.08 35.93
N ARG H 420 -18.13 -0.03 35.55
CA ARG H 420 -17.63 -1.35 35.91
C ARG H 420 -16.21 -1.56 35.41
N LYS H 421 -16.02 -1.41 34.10
CA LYS H 421 -14.71 -1.50 33.48
C LYS H 421 -13.69 -0.60 34.17
N PHE H 422 -14.15 0.58 34.59
CA PHE H 422 -13.28 1.55 35.24
C PHE H 422 -12.74 1.02 36.56
N LEU H 423 -13.64 0.43 37.35
CA LEU H 423 -13.28 -0.10 38.66
C LEU H 423 -12.29 -1.26 38.53
N VAL H 424 -12.51 -2.09 37.51
CA VAL H 424 -11.62 -3.22 37.22
C VAL H 424 -10.22 -2.74 36.89
N GLN H 425 -10.13 -1.84 35.92
CA GLN H 425 -8.86 -1.26 35.47
C GLN H 425 -8.08 -0.65 36.63
N ALA H 426 -8.80 -0.03 37.56
CA ALA H 426 -8.20 0.60 38.72
C ALA H 426 -7.70 -0.45 39.70
N GLY H 427 -8.36 -1.61 39.69
CA GLY H 427 -8.04 -2.69 40.61
C GLY H 427 -9.07 -2.77 41.72
N ALA I 1 -31.08 -1.03 44.07
CA ALA I 1 -29.89 -1.09 43.23
C ALA I 1 -29.53 -2.53 42.89
N VAL I 2 -29.10 -2.77 41.66
CA VAL I 2 -28.79 -4.11 41.17
C VAL I 2 -27.46 -4.63 41.74
N VAL I 3 -27.42 -5.92 42.08
CA VAL I 3 -26.21 -6.49 42.68
C VAL I 3 -25.63 -7.66 41.87
N ASN I 4 -24.31 -7.65 41.72
CA ASN I 4 -23.55 -8.75 41.11
C ASN I 4 -23.96 -10.11 41.71
N THR I 5 -24.21 -11.09 40.84
CA THR I 5 -24.70 -12.40 41.29
C THR I 5 -23.74 -13.10 42.25
N ASP I 6 -22.47 -12.74 42.18
CA ASP I 6 -21.44 -13.36 43.01
C ASP I 6 -21.55 -12.96 44.48
N ASP I 7 -22.56 -12.15 44.79
CA ASP I 7 -22.80 -11.71 46.15
C ASP I 7 -23.91 -12.50 46.84
N TYR I 8 -24.74 -13.18 46.07
CA TYR I 8 -25.82 -13.96 46.65
C TYR I 8 -25.97 -15.34 46.02
N VAL I 9 -25.05 -15.69 45.13
CA VAL I 9 -25.03 -17.03 44.55
C VAL I 9 -23.69 -17.71 44.84
N THR I 10 -23.69 -18.60 45.83
CA THR I 10 -22.47 -19.29 46.23
C THR I 10 -22.19 -20.47 45.32
N ARG I 11 -20.94 -20.56 44.86
CA ARG I 11 -20.54 -21.62 43.94
C ARG I 11 -19.88 -22.76 44.70
N THR I 12 -20.13 -23.98 44.24
CA THR I 12 -19.47 -25.15 44.81
C THR I 12 -18.30 -25.54 43.93
N SER I 13 -17.73 -26.70 44.18
CA SER I 13 -16.66 -27.21 43.34
C SER I 13 -17.15 -28.34 42.44
N ILE I 14 -18.47 -28.50 42.38
CA ILE I 14 -19.09 -29.57 41.62
C ILE I 14 -19.27 -29.17 40.16
N PHE I 15 -18.56 -29.83 39.26
CA PHE I 15 -18.59 -29.46 37.85
C PHE I 15 -19.17 -30.58 36.97
N TYR I 16 -20.09 -30.19 36.10
CA TYR I 16 -20.77 -31.14 35.22
C TYR I 16 -20.44 -30.87 33.76
N HIS I 17 -20.50 -31.92 32.94
CA HIS I 17 -20.35 -31.75 31.50
C HIS I 17 -21.64 -32.10 30.78
N ALA I 18 -22.07 -31.21 29.90
CA ALA I 18 -23.27 -31.45 29.10
C ALA I 18 -22.99 -31.17 27.65
N GLY I 19 -23.50 -32.02 26.77
CA GLY I 19 -23.29 -31.82 25.34
C GLY I 19 -24.50 -32.26 24.55
N SER I 20 -24.82 -31.51 23.50
CA SER I 20 -25.85 -31.94 22.58
C SER I 20 -25.26 -33.04 21.74
N SER I 21 -26.13 -33.76 21.02
CA SER I 21 -25.65 -34.76 20.07
C SER I 21 -25.04 -34.05 18.87
N ARG I 22 -25.58 -34.29 17.69
CA ARG I 22 -25.16 -33.55 16.50
C ARG I 22 -26.35 -32.79 15.93
N LEU I 23 -26.39 -31.49 16.17
CA LEU I 23 -27.44 -30.64 15.63
C LEU I 23 -27.21 -30.43 14.14
N LEU I 24 -28.15 -30.91 13.33
CA LEU I 24 -27.99 -30.91 11.88
C LEU I 24 -29.28 -30.51 11.18
N THR I 25 -29.16 -29.72 10.11
CA THR I 25 -30.32 -29.33 9.32
C THR I 25 -29.92 -29.00 7.88
N VAL I 26 -30.78 -29.36 6.94
CA VAL I 26 -30.54 -29.11 5.53
C VAL I 26 -31.77 -28.48 4.91
N GLY I 27 -31.58 -27.74 3.82
CA GLY I 27 -32.70 -27.11 3.14
C GLY I 27 -32.28 -26.11 2.08
N ASP I 28 -33.26 -25.37 1.57
CA ASP I 28 -33.02 -24.37 0.55
C ASP I 28 -32.44 -23.10 1.15
N PRO I 29 -31.36 -22.57 0.54
CA PRO I 29 -30.67 -21.39 1.07
C PRO I 29 -31.34 -20.05 0.75
N TYR I 30 -32.45 -20.06 0.02
CA TYR I 30 -33.07 -18.81 -0.44
C TYR I 30 -34.51 -18.62 0.05
N PHE I 31 -35.25 -19.72 0.13
CA PHE I 31 -36.66 -19.67 0.50
C PHE I 31 -37.16 -21.07 0.83
N ARG I 32 -38.15 -21.19 1.70
CA ARG I 32 -38.69 -22.51 2.00
C ARG I 32 -39.51 -23.01 0.81
N VAL I 33 -39.35 -24.30 0.48
CA VAL I 33 -40.06 -24.91 -0.63
C VAL I 33 -41.30 -25.63 -0.11
N PRO I 34 -42.49 -25.10 -0.42
CA PRO I 34 -43.76 -25.71 -0.01
C PRO I 34 -43.86 -27.19 -0.38
N ALA I 35 -44.33 -28.01 0.56
CA ALA I 35 -44.31 -29.46 0.41
C ALA I 35 -45.10 -29.98 -0.80
N GLY I 36 -44.70 -31.15 -1.29
CA GLY I 36 -45.49 -31.89 -2.26
C GLY I 36 -45.63 -31.32 -3.66
N GLY I 37 -45.05 -30.14 -3.92
CA GLY I 37 -45.05 -29.57 -5.25
C GLY I 37 -44.37 -30.53 -6.21
N GLY I 38 -43.34 -31.20 -5.70
CA GLY I 38 -42.68 -32.25 -6.41
C GLY I 38 -42.40 -33.45 -5.51
N ASN I 39 -42.27 -33.19 -4.21
CA ASN I 39 -41.90 -34.24 -3.27
C ASN I 39 -42.42 -34.03 -1.85
N LYS I 40 -42.59 -35.15 -1.14
CA LYS I 40 -43.08 -35.16 0.23
C LYS I 40 -42.34 -34.21 1.17
N GLN I 41 -43.08 -33.58 2.08
CA GLN I 41 -42.54 -32.77 3.17
C GLN I 41 -41.90 -31.46 2.68
N ASP I 42 -42.09 -30.40 3.47
CA ASP I 42 -41.53 -29.09 3.14
C ASP I 42 -40.02 -29.10 3.18
N ILE I 43 -39.40 -28.19 2.43
CA ILE I 43 -37.95 -28.04 2.46
C ILE I 43 -37.61 -26.73 3.15
N PRO I 44 -37.23 -26.81 4.43
CA PRO I 44 -37.00 -25.65 5.30
C PRO I 44 -35.97 -24.68 4.73
N LYS I 45 -36.17 -23.39 4.96
CA LYS I 45 -35.19 -22.40 4.53
C LYS I 45 -33.97 -22.41 5.46
N VAL I 46 -32.90 -23.04 5.02
CA VAL I 46 -31.67 -23.07 5.79
C VAL I 46 -30.60 -22.25 5.10
N SER I 47 -30.31 -21.08 5.65
CA SER I 47 -29.29 -20.20 5.10
C SER I 47 -28.14 -20.04 6.08
N ALA I 48 -26.97 -19.67 5.57
CA ALA I 48 -25.83 -19.39 6.42
C ALA I 48 -25.99 -18.03 7.09
N TYR I 49 -26.74 -17.16 6.42
CA TYR I 49 -26.86 -15.77 6.86
C TYR I 49 -28.11 -15.54 7.69
N GLN I 50 -28.41 -16.48 8.58
CA GLN I 50 -29.51 -16.31 9.52
C GLN I 50 -29.10 -16.76 10.92
N TYR I 51 -29.58 -16.03 11.93
CA TYR I 51 -29.28 -16.34 13.33
C TYR I 51 -29.67 -17.77 13.69
N ARG I 52 -28.79 -18.46 14.39
CA ARG I 52 -29.13 -19.74 15.02
C ARG I 52 -29.33 -19.49 16.50
N VAL I 53 -30.58 -19.53 16.96
CA VAL I 53 -30.85 -19.35 18.37
C VAL I 53 -31.27 -20.64 19.05
N PHE I 54 -30.35 -21.20 19.83
CA PHE I 54 -30.63 -22.41 20.58
C PHE I 54 -31.16 -22.10 21.97
N ARG I 55 -32.24 -22.77 22.35
CA ARG I 55 -32.75 -22.66 23.70
C ARG I 55 -32.39 -23.93 24.46
N VAL I 56 -31.20 -23.96 25.03
CA VAL I 56 -30.74 -25.12 25.78
C VAL I 56 -31.59 -25.31 27.04
N GLN I 57 -32.12 -26.50 27.22
CA GLN I 57 -32.91 -26.79 28.42
C GLN I 57 -32.12 -27.61 29.41
N LEU I 58 -31.86 -27.04 30.58
CA LEU I 58 -31.08 -27.71 31.61
C LEU I 58 -31.99 -28.51 32.55
N PRO I 59 -31.43 -29.46 33.31
CA PRO I 59 -32.23 -30.17 34.32
C PRO I 59 -32.40 -29.35 35.58
N ASP I 60 -33.56 -29.44 36.21
CA ASP I 60 -33.81 -28.78 37.48
C ASP I 60 -32.90 -29.39 38.55
N PRO I 61 -31.88 -28.63 38.97
CA PRO I 61 -30.84 -29.08 39.91
C PRO I 61 -31.39 -29.47 41.27
N ASN I 62 -32.50 -28.87 41.66
CA ASN I 62 -33.17 -29.24 42.90
C ASN I 62 -33.80 -30.63 42.77
N LYS I 63 -34.62 -30.81 41.74
CA LYS I 63 -35.28 -32.08 41.49
C LYS I 63 -34.37 -33.00 40.68
N PHE I 64 -33.10 -33.01 41.04
CA PHE I 64 -32.08 -33.75 40.33
C PHE I 64 -31.24 -34.55 41.31
N GLY I 65 -30.94 -35.80 40.94
CA GLY I 65 -30.12 -36.66 41.77
C GLY I 65 -28.69 -36.16 41.83
N LEU I 66 -28.25 -35.79 43.03
CA LEU I 66 -26.90 -35.26 43.23
C LEU I 66 -25.94 -36.38 43.62
N PRO I 67 -24.62 -36.18 43.41
CA PRO I 67 -23.63 -37.16 43.87
C PRO I 67 -23.67 -37.28 45.39
N ASP I 68 -24.24 -36.26 46.01
CA ASP I 68 -24.42 -36.18 47.45
C ASP I 68 -25.44 -35.08 47.71
N THR I 69 -26.56 -35.42 48.34
CA THR I 69 -27.58 -34.43 48.62
C THR I 69 -27.37 -33.81 50.00
N SER I 70 -26.11 -33.50 50.29
CA SER I 70 -25.77 -32.73 51.48
C SER I 70 -24.88 -31.56 51.06
N ILE I 71 -24.95 -31.23 49.77
CA ILE I 71 -24.31 -30.02 49.26
C ILE I 71 -25.00 -28.82 49.87
N TYR I 72 -26.29 -28.96 50.13
CA TYR I 72 -27.09 -27.86 50.66
C TYR I 72 -28.17 -28.35 51.61
N ASN I 73 -28.99 -27.41 52.09
CA ASN I 73 -30.14 -27.73 52.91
C ASN I 73 -31.42 -27.29 52.20
N PRO I 74 -32.15 -28.25 51.59
CA PRO I 74 -33.36 -28.00 50.81
C PRO I 74 -34.44 -27.20 51.57
N GLU I 75 -34.25 -27.02 52.87
CA GLU I 75 -35.18 -26.24 53.69
C GLU I 75 -34.92 -24.74 53.58
N THR I 76 -33.66 -24.36 53.44
CA THR I 76 -33.28 -22.95 53.48
C THR I 76 -32.65 -22.42 52.20
N GLN I 77 -32.35 -23.30 51.24
CA GLN I 77 -31.68 -22.84 50.03
C GLN I 77 -32.08 -23.59 48.76
N ARG I 78 -31.74 -23.00 47.61
CA ARG I 78 -32.11 -23.55 46.31
C ARG I 78 -30.89 -23.69 45.40
N LEU I 79 -30.96 -24.62 44.46
CA LEU I 79 -29.85 -24.88 43.54
C LEU I 79 -30.07 -24.23 42.19
N VAL I 80 -29.00 -23.72 41.60
CA VAL I 80 -29.03 -23.09 40.29
C VAL I 80 -27.78 -23.47 39.50
N TRP I 81 -27.93 -23.69 38.20
CA TRP I 81 -26.80 -23.96 37.32
C TRP I 81 -26.11 -22.68 36.89
N ALA I 82 -24.77 -22.70 36.89
CA ALA I 82 -23.98 -21.58 36.39
C ALA I 82 -23.04 -22.07 35.29
N CYS I 83 -22.99 -21.32 34.20
CA CYS I 83 -22.14 -21.70 33.06
C CYS I 83 -20.68 -21.33 33.33
N ALA I 84 -19.78 -22.26 33.02
CA ALA I 84 -18.35 -22.05 33.31
C ALA I 84 -17.47 -22.16 32.07
N GLY I 85 -17.93 -22.91 31.08
CA GLY I 85 -17.18 -23.11 29.85
C GLY I 85 -18.08 -23.50 28.69
N VAL I 86 -17.69 -23.10 27.49
CA VAL I 86 -18.49 -23.33 26.29
C VAL I 86 -17.59 -23.69 25.12
N GLU I 87 -18.11 -24.50 24.19
CA GLU I 87 -17.42 -24.76 22.94
C GLU I 87 -18.41 -25.07 21.82
N ILE I 88 -18.74 -24.06 21.03
CA ILE I 88 -19.62 -24.27 19.88
C ILE I 88 -18.84 -24.91 18.75
N GLY I 89 -19.24 -26.13 18.38
CA GLY I 89 -18.57 -26.86 17.32
C GLY I 89 -19.23 -26.69 15.97
N ARG I 90 -18.42 -26.48 14.93
CA ARG I 90 -18.93 -26.34 13.58
C ARG I 90 -18.45 -27.50 12.70
N GLY I 91 -19.36 -28.05 11.90
CA GLY I 91 -19.10 -29.29 11.19
C GLY I 91 -18.49 -29.17 9.81
N GLN I 92 -19.27 -28.64 8.87
CA GLN I 92 -18.88 -28.60 7.45
C GLN I 92 -17.57 -27.83 7.19
N PRO I 93 -16.95 -28.07 6.03
CA PRO I 93 -15.75 -27.29 5.69
C PRO I 93 -16.03 -25.82 5.43
N LEU I 94 -15.00 -24.99 5.51
CA LEU I 94 -15.12 -23.56 5.20
C LEU I 94 -15.51 -23.39 3.74
N GLY I 95 -16.22 -22.30 3.44
CA GLY I 95 -16.62 -22.04 2.07
C GLY I 95 -17.39 -20.75 1.87
N VAL I 96 -17.46 -20.32 0.61
CA VAL I 96 -18.22 -19.13 0.23
C VAL I 96 -19.43 -19.55 -0.61
N GLY I 97 -20.52 -18.81 -0.48
CA GLY I 97 -21.74 -19.11 -1.20
C GLY I 97 -22.45 -17.85 -1.64
N LEU I 98 -22.96 -17.86 -2.86
CA LEU I 98 -23.57 -16.65 -3.42
C LEU I 98 -25.05 -16.58 -3.13
N SER I 99 -25.58 -15.37 -3.18
CA SER I 99 -27.02 -15.13 -3.11
C SER I 99 -27.33 -14.15 -4.23
N GLY I 100 -28.50 -14.28 -4.84
CA GLY I 100 -28.85 -13.42 -5.95
C GLY I 100 -30.33 -13.14 -6.12
N HIS I 101 -30.68 -12.52 -7.24
CA HIS I 101 -32.06 -12.21 -7.57
C HIS I 101 -32.17 -12.15 -9.10
N PRO I 102 -33.14 -12.88 -9.66
CA PRO I 102 -33.36 -12.90 -11.12
C PRO I 102 -33.61 -11.51 -11.71
N PHE I 103 -34.24 -10.63 -10.93
CA PHE I 103 -34.62 -9.31 -11.43
C PHE I 103 -34.13 -8.19 -10.51
N TYR I 104 -32.88 -8.28 -10.10
CA TYR I 104 -32.21 -7.25 -9.30
C TYR I 104 -32.35 -5.88 -9.95
N ASN I 105 -32.63 -4.86 -9.15
CA ASN I 105 -32.76 -3.51 -9.68
C ASN I 105 -31.40 -2.84 -9.86
N LYS I 106 -30.72 -3.19 -10.94
CA LYS I 106 -29.43 -2.59 -11.27
C LYS I 106 -29.57 -1.81 -12.56
N LEU I 107 -29.51 -0.48 -12.46
CA LEU I 107 -29.60 0.34 -13.66
C LEU I 107 -28.35 0.13 -14.50
N ASP I 108 -27.20 0.58 -14.00
CA ASP I 108 -25.93 0.37 -14.70
C ASP I 108 -24.71 0.55 -13.80
N ASP I 109 -23.55 0.17 -14.33
CA ASP I 109 -22.29 0.29 -13.60
C ASP I 109 -21.85 1.75 -13.52
N THR I 110 -21.78 2.27 -12.30
CA THR I 110 -21.34 3.65 -12.08
C THR I 110 -19.90 3.73 -11.57
N GLU I 111 -19.26 2.58 -11.40
CA GLU I 111 -17.90 2.52 -10.86
C GLU I 111 -16.91 3.24 -11.77
N SER I 112 -17.17 3.11 -13.06
CA SER I 112 -16.30 3.67 -14.09
C SER I 112 -17.01 3.52 -15.42
N SER I 113 -16.82 2.34 -16.01
CA SER I 113 -17.25 1.96 -17.37
C SER I 113 -18.06 2.99 -18.17
N HIS I 114 -17.30 3.84 -18.86
CA HIS I 114 -17.75 4.77 -19.90
C HIS I 114 -19.19 4.52 -20.39
N ALA I 115 -19.46 3.28 -20.78
CA ALA I 115 -20.80 2.78 -21.09
C ALA I 115 -21.90 3.16 -20.08
N ALA I 116 -22.01 4.45 -19.80
CA ALA I 116 -23.14 5.00 -19.05
C ALA I 116 -24.44 4.65 -19.76
N THR I 117 -24.77 5.47 -20.76
CA THR I 117 -25.89 5.23 -21.70
C THR I 117 -27.13 4.68 -21.01
N SER I 118 -27.73 3.64 -21.60
CA SER I 118 -28.95 3.01 -21.08
C SER I 118 -30.10 3.97 -20.77
N ASN I 119 -31.18 3.88 -21.55
CA ASN I 119 -32.36 4.70 -21.28
C ASN I 119 -33.09 4.20 -20.02
N VAL I 120 -33.55 5.13 -19.19
CA VAL I 120 -34.34 4.75 -18.03
C VAL I 120 -35.76 4.42 -18.51
N SER I 121 -35.86 3.43 -19.39
CA SER I 121 -37.11 3.10 -20.05
C SER I 121 -38.11 2.52 -19.07
N GLU I 122 -38.02 1.21 -18.85
CA GLU I 122 -38.96 0.51 -17.99
C GLU I 122 -38.27 -0.63 -17.25
N ASP I 123 -38.02 -1.73 -17.96
CA ASP I 123 -37.41 -2.90 -17.34
C ASP I 123 -35.99 -3.13 -17.83
N VAL I 124 -35.01 -2.77 -17.01
CA VAL I 124 -33.61 -3.01 -17.31
C VAL I 124 -33.02 -3.92 -16.23
N ARG I 125 -33.90 -4.55 -15.46
CA ARG I 125 -33.49 -5.42 -14.35
C ARG I 125 -32.70 -6.63 -14.83
N ASP I 126 -31.56 -6.85 -14.21
CA ASP I 126 -30.68 -7.95 -14.61
C ASP I 126 -30.59 -9.01 -13.52
N ASN I 127 -30.11 -10.19 -13.91
CA ASN I 127 -29.87 -11.28 -12.98
C ASN I 127 -28.47 -11.16 -12.38
N VAL I 128 -28.38 -10.62 -11.17
CA VAL I 128 -27.09 -10.54 -10.51
C VAL I 128 -27.05 -11.39 -9.25
N SER I 129 -25.84 -11.73 -8.83
CA SER I 129 -25.63 -12.43 -7.57
C SER I 129 -24.50 -11.72 -6.83
N VAL I 130 -24.38 -11.99 -5.54
CA VAL I 130 -23.36 -11.34 -4.73
C VAL I 130 -23.03 -12.16 -3.51
N ASP I 131 -21.76 -12.17 -3.12
CA ASP I 131 -21.35 -12.79 -1.86
C ASP I 131 -21.51 -11.76 -0.75
N TYR I 132 -22.11 -12.16 0.35
CA TYR I 132 -22.43 -11.22 1.41
C TYR I 132 -21.24 -10.84 2.27
N LYS I 133 -21.49 -9.93 3.20
CA LYS I 133 -20.55 -9.57 4.25
C LYS I 133 -20.20 -10.80 5.09
N GLN I 134 -19.01 -10.83 5.65
CA GLN I 134 -18.57 -11.97 6.46
C GLN I 134 -18.74 -11.70 7.94
N THR I 135 -19.57 -12.50 8.61
CA THR I 135 -19.85 -12.28 10.02
C THR I 135 -19.72 -13.54 10.88
N GLN I 136 -19.14 -13.37 12.06
CA GLN I 136 -19.12 -14.40 13.09
C GLN I 136 -19.55 -13.77 14.40
N LEU I 137 -20.53 -14.35 15.08
CA LEU I 137 -20.89 -13.84 16.39
C LEU I 137 -21.49 -14.91 17.30
N CYS I 138 -21.26 -14.76 18.60
CA CYS I 138 -21.75 -15.69 19.59
C CYS I 138 -22.24 -14.96 20.84
N ILE I 139 -23.49 -15.21 21.20
CA ILE I 139 -24.06 -14.64 22.42
C ILE I 139 -24.55 -15.74 23.37
N LEU I 140 -24.22 -15.58 24.65
CA LEU I 140 -24.75 -16.47 25.66
C LEU I 140 -25.58 -15.66 26.65
N GLY I 141 -26.54 -16.32 27.30
CA GLY I 141 -27.39 -15.66 28.26
C GLY I 141 -28.54 -16.56 28.66
N CYS I 142 -29.20 -16.24 29.76
CA CYS I 142 -30.35 -17.00 30.23
C CYS I 142 -31.64 -16.33 29.79
N ALA I 143 -31.54 -15.49 28.78
CA ALA I 143 -32.68 -14.85 28.14
C ALA I 143 -32.26 -14.45 26.74
N PRO I 144 -33.14 -14.70 25.74
CA PRO I 144 -32.79 -14.49 24.33
C PRO I 144 -32.26 -13.08 24.06
N ALA I 145 -31.34 -12.96 23.11
CA ALA I 145 -30.70 -11.69 22.82
C ALA I 145 -31.64 -10.76 22.05
N ILE I 146 -31.39 -9.46 22.18
CA ILE I 146 -32.24 -8.43 21.57
C ILE I 146 -31.63 -7.91 20.28
N GLY I 147 -32.46 -7.75 19.25
CA GLY I 147 -31.99 -7.23 17.97
C GLY I 147 -32.67 -5.95 17.55
N GLU I 148 -31.95 -5.11 16.82
CA GLU I 148 -32.52 -3.88 16.30
C GLU I 148 -32.58 -3.90 14.79
N HIS I 149 -33.50 -3.13 14.23
CA HIS I 149 -33.63 -2.98 12.79
C HIS I 149 -34.47 -1.75 12.48
N TRP I 150 -34.46 -1.31 11.23
CA TRP I 150 -35.27 -0.17 10.82
C TRP I 150 -36.54 -0.63 10.13
N ALA I 151 -37.64 0.03 10.46
CA ALA I 151 -38.95 -0.33 9.89
C ALA I 151 -39.74 0.94 9.58
N LYS I 152 -40.80 0.77 8.80
CA LYS I 152 -41.65 1.90 8.42
C LYS I 152 -42.37 2.47 9.64
N GLY I 153 -42.32 3.78 9.79
CA GLY I 153 -42.95 4.44 10.92
C GLY I 153 -44.45 4.40 10.85
N THR I 154 -45.10 4.39 12.02
CA THR I 154 -46.54 4.46 12.11
C THR I 154 -47.01 5.78 11.49
N ALA I 155 -47.96 5.68 10.56
CA ALA I 155 -48.50 6.86 9.90
C ALA I 155 -49.29 7.72 10.88
N SER I 156 -48.80 8.94 11.11
CA SER I 156 -49.45 9.86 12.02
C SER I 156 -50.78 10.33 11.45
N LYS I 157 -51.80 10.32 12.28
CA LYS I 157 -53.14 10.73 11.88
C LYS I 157 -53.23 12.23 11.65
N SER I 158 -52.24 12.97 12.12
CA SER I 158 -52.22 14.43 12.00
C SER I 158 -51.67 14.86 10.64
N ARG I 159 -50.65 14.15 10.18
CA ARG I 159 -50.07 14.40 8.87
C ARG I 159 -49.85 13.08 8.15
N PRO I 160 -50.86 12.65 7.38
CA PRO I 160 -50.80 11.38 6.64
C PRO I 160 -49.73 11.41 5.55
N LEU I 161 -49.40 10.23 5.02
CA LEU I 161 -48.32 10.12 4.06
C LEU I 161 -48.87 9.87 2.66
N SER I 162 -48.88 10.93 1.84
CA SER I 162 -49.31 10.83 0.45
C SER I 162 -48.53 9.72 -0.25
N GLN I 163 -49.23 8.91 -1.02
CA GLN I 163 -48.63 7.76 -1.69
C GLN I 163 -47.51 8.20 -2.62
N GLY I 164 -46.36 7.56 -2.49
CA GLY I 164 -45.19 7.88 -3.28
C GLY I 164 -44.08 8.52 -2.46
N ASP I 165 -44.46 9.24 -1.42
CA ASP I 165 -43.48 9.92 -0.57
C ASP I 165 -42.74 8.94 0.33
N CYS I 166 -41.59 9.38 0.84
CA CYS I 166 -40.76 8.54 1.69
C CYS I 166 -41.29 8.48 3.12
N PRO I 167 -41.44 7.26 3.65
CA PRO I 167 -41.95 7.06 5.01
C PRO I 167 -40.92 7.45 6.07
N PRO I 168 -41.38 7.65 7.32
CA PRO I 168 -40.43 7.88 8.41
C PRO I 168 -39.80 6.57 8.87
N LEU I 169 -38.54 6.62 9.30
CA LEU I 169 -37.84 5.44 9.77
C LEU I 169 -37.87 5.36 11.29
N GLU I 170 -38.39 4.26 11.81
CA GLU I 170 -38.36 4.02 13.25
C GLU I 170 -37.44 2.85 13.56
N LEU I 171 -36.64 3.00 14.61
CA LEU I 171 -35.81 1.91 15.08
C LEU I 171 -36.67 0.97 15.90
N LYS I 172 -36.52 -0.34 15.69
CA LYS I 172 -37.37 -1.29 16.40
C LYS I 172 -36.57 -2.42 17.05
N ASN I 173 -36.61 -2.46 18.37
CA ASN I 173 -36.02 -3.56 19.12
C ASN I 173 -36.91 -4.80 19.04
N THR I 174 -36.29 -5.97 19.09
CA THR I 174 -37.03 -7.23 18.96
C THR I 174 -36.17 -8.43 19.39
N VAL I 175 -36.83 -9.47 19.89
CA VAL I 175 -36.14 -10.70 20.25
C VAL I 175 -35.54 -11.37 19.02
N LEU I 176 -34.29 -11.82 19.14
CA LEU I 176 -33.66 -12.58 18.07
C LEU I 176 -34.10 -14.04 18.15
N GLU I 177 -35.01 -14.43 17.25
CA GLU I 177 -35.45 -15.81 17.18
C GLU I 177 -34.58 -16.57 16.20
N ASP I 178 -34.72 -17.89 16.18
CA ASP I 178 -34.00 -18.71 15.22
C ASP I 178 -34.58 -18.49 13.82
N GLY I 179 -33.71 -18.25 12.85
CA GLY I 179 -34.14 -18.07 11.48
C GLY I 179 -34.12 -16.63 11.01
N ASP I 180 -34.11 -15.69 11.95
CA ASP I 180 -34.02 -14.27 11.60
C ASP I 180 -32.74 -14.00 10.84
N MET I 181 -32.82 -13.23 9.77
CA MET I 181 -31.67 -12.96 8.93
C MET I 181 -30.75 -11.91 9.55
N VAL I 182 -29.46 -12.02 9.26
CA VAL I 182 -28.48 -11.07 9.74
C VAL I 182 -28.25 -9.98 8.72
N ASP I 183 -27.60 -8.89 9.14
CA ASP I 183 -27.20 -7.86 8.21
C ASP I 183 -26.20 -8.43 7.22
N THR I 184 -26.54 -8.37 5.94
CA THR I 184 -25.73 -8.98 4.90
C THR I 184 -24.84 -7.95 4.23
N GLY I 185 -25.04 -6.69 4.58
CA GLY I 185 -24.28 -5.60 3.98
C GLY I 185 -25.19 -4.64 3.26
N TYR I 186 -26.48 -4.93 3.30
CA TYR I 186 -27.50 -4.05 2.72
C TYR I 186 -28.18 -3.25 3.81
N GLY I 187 -27.63 -3.34 5.02
CA GLY I 187 -28.18 -2.66 6.17
C GLY I 187 -29.14 -3.54 6.94
N ALA I 188 -29.53 -3.09 8.12
CA ALA I 188 -30.49 -3.81 8.96
C ALA I 188 -31.85 -3.12 8.92
N MET I 189 -32.73 -3.61 8.07
CA MET I 189 -34.06 -3.02 7.92
C MET I 189 -35.12 -4.03 7.52
N ASP I 190 -36.36 -3.57 7.48
CA ASP I 190 -37.48 -4.39 7.03
C ASP I 190 -37.72 -4.13 5.55
N PHE I 191 -37.08 -4.94 4.72
CA PHE I 191 -37.15 -4.77 3.27
C PHE I 191 -38.54 -5.07 2.73
N SER I 192 -39.33 -5.83 3.50
CA SER I 192 -40.66 -6.22 3.06
C SER I 192 -41.67 -5.09 3.16
N THR I 193 -41.26 -3.97 3.77
CA THR I 193 -42.16 -2.83 3.95
C THR I 193 -41.54 -1.51 3.49
N LEU I 194 -40.23 -1.51 3.30
CA LEU I 194 -39.52 -0.29 2.91
C LEU I 194 -39.14 -0.31 1.44
N GLN I 195 -39.31 -1.47 0.81
CA GLN I 195 -38.98 -1.64 -0.59
C GLN I 195 -40.10 -2.36 -1.33
N ASP I 196 -40.94 -1.59 -2.02
CA ASP I 196 -42.08 -2.12 -2.76
C ASP I 196 -41.63 -2.90 -3.98
N THR I 197 -40.48 -2.51 -4.53
CA THR I 197 -39.94 -3.13 -5.73
C THR I 197 -39.71 -4.63 -5.56
N LYS I 198 -39.29 -5.01 -4.35
CA LYS I 198 -38.94 -6.39 -4.03
C LYS I 198 -37.81 -6.87 -4.94
N CYS I 199 -36.94 -5.95 -5.34
CA CYS I 199 -35.85 -6.26 -6.27
C CYS I 199 -34.60 -5.43 -5.97
N GLU I 200 -34.47 -4.96 -4.74
CA GLU I 200 -33.31 -4.15 -4.36
C GLU I 200 -32.22 -4.99 -3.73
N VAL I 201 -32.63 -6.11 -3.14
CA VAL I 201 -31.72 -6.97 -2.40
C VAL I 201 -31.88 -8.42 -2.88
N PRO I 202 -30.91 -9.30 -2.59
CA PRO I 202 -31.04 -10.68 -3.08
C PRO I 202 -32.23 -11.46 -2.49
N LEU I 203 -32.48 -12.65 -3.05
CA LEU I 203 -33.72 -13.38 -2.86
C LEU I 203 -34.02 -13.84 -1.43
N ASP I 204 -32.99 -14.09 -0.64
CA ASP I 204 -33.21 -14.65 0.70
C ASP I 204 -33.55 -13.59 1.75
N ILE I 205 -33.18 -12.34 1.47
CA ILE I 205 -33.52 -11.23 2.36
C ILE I 205 -34.56 -10.31 1.72
N CYS I 206 -35.16 -10.77 0.62
CA CYS I 206 -36.06 -9.95 -0.18
C CYS I 206 -37.34 -9.50 0.56
N GLN I 207 -37.98 -10.45 1.24
CA GLN I 207 -39.21 -10.16 1.98
C GLN I 207 -39.04 -10.48 3.46
N SER I 208 -37.80 -10.58 3.90
CA SER I 208 -37.51 -10.88 5.29
C SER I 208 -37.05 -9.63 6.03
N ILE I 209 -36.81 -9.77 7.33
CA ILE I 209 -36.31 -8.66 8.14
C ILE I 209 -34.90 -8.96 8.62
N CYS I 210 -33.96 -8.06 8.32
CA CYS I 210 -32.59 -8.22 8.77
C CYS I 210 -32.36 -7.50 10.09
N LYS I 211 -31.90 -8.24 11.09
CA LYS I 211 -31.67 -7.67 12.41
C LYS I 211 -30.20 -7.64 12.77
N TYR I 212 -29.84 -6.69 13.62
CA TYR I 212 -28.48 -6.59 14.15
C TYR I 212 -28.58 -6.56 15.67
N PRO I 213 -27.70 -7.31 16.36
CA PRO I 213 -27.77 -7.35 17.82
C PRO I 213 -27.62 -5.96 18.39
N ASP I 214 -28.51 -5.59 19.31
CA ASP I 214 -28.38 -4.31 19.97
C ASP I 214 -27.44 -4.46 21.16
N TYR I 215 -26.15 -4.51 20.86
CA TYR I 215 -25.11 -4.63 21.88
C TYR I 215 -25.24 -3.50 22.89
N LEU I 216 -25.48 -2.29 22.38
CA LEU I 216 -25.61 -1.09 23.20
C LEU I 216 -26.66 -1.27 24.31
N GLN I 217 -27.86 -1.70 23.92
CA GLN I 217 -28.93 -1.91 24.89
C GLN I 217 -28.65 -3.12 25.77
N MET I 218 -28.12 -4.18 25.18
CA MET I 218 -27.85 -5.41 25.92
C MET I 218 -26.75 -5.22 26.96
N SER I 219 -25.93 -4.20 26.77
CA SER I 219 -24.90 -3.88 27.75
C SER I 219 -25.43 -2.97 28.85
N ALA I 220 -26.38 -2.11 28.49
CA ALA I 220 -26.97 -1.19 29.46
C ALA I 220 -28.06 -1.86 30.31
N ASP I 221 -28.47 -3.05 29.90
CA ASP I 221 -29.48 -3.82 30.64
C ASP I 221 -29.06 -4.01 32.09
N PRO I 222 -29.92 -3.59 33.04
CA PRO I 222 -29.62 -3.52 34.47
C PRO I 222 -29.12 -4.84 35.06
N TYR I 223 -29.86 -5.92 34.81
CA TYR I 223 -29.49 -7.23 35.33
C TYR I 223 -28.45 -7.90 34.44
N GLY I 224 -28.64 -7.79 33.13
CA GLY I 224 -27.68 -8.35 32.18
C GLY I 224 -27.83 -9.84 31.96
N ASP I 225 -29.08 -10.30 31.93
CA ASP I 225 -29.36 -11.70 31.63
C ASP I 225 -29.33 -11.91 30.12
N SER I 226 -29.33 -10.79 29.39
CA SER I 226 -29.45 -10.80 27.94
C SER I 226 -28.17 -11.28 27.27
N MET I 227 -27.04 -10.96 27.89
CA MET I 227 -25.74 -11.45 27.43
C MET I 227 -24.70 -11.36 28.55
N PHE I 228 -24.08 -12.49 28.88
CA PHE I 228 -22.92 -12.47 29.77
C PHE I 228 -21.72 -13.10 29.05
N PHE I 229 -21.78 -13.11 27.72
CA PHE I 229 -20.69 -13.59 26.88
C PHE I 229 -20.97 -13.16 25.44
N CYS I 230 -20.00 -12.50 24.82
CA CYS I 230 -20.21 -11.89 23.52
C CYS I 230 -18.95 -11.86 22.67
N LEU I 231 -18.93 -12.67 21.62
CA LEU I 231 -17.83 -12.63 20.66
C LEU I 231 -18.34 -12.20 19.31
N ARG I 232 -17.70 -11.19 18.70
CA ARG I 232 -18.10 -10.77 17.37
C ARG I 232 -16.90 -10.56 16.47
N ARG I 233 -17.11 -10.75 15.18
CA ARG I 233 -16.07 -10.57 14.18
C ARG I 233 -16.67 -10.42 12.79
N GLU I 234 -16.63 -9.20 12.25
CA GLU I 234 -17.18 -8.94 10.93
C GLU I 234 -16.18 -8.22 10.04
N GLN I 235 -16.33 -8.39 8.73
CA GLN I 235 -15.48 -7.73 7.75
C GLN I 235 -16.14 -7.76 6.37
N LEU I 236 -15.94 -6.69 5.60
CA LEU I 236 -16.46 -6.62 4.24
C LEU I 236 -15.84 -5.47 3.46
N PHE I 237 -16.15 -5.41 2.16
CA PHE I 237 -15.71 -4.29 1.32
C PHE I 237 -16.63 -4.14 0.12
N ALA I 238 -16.48 -3.03 -0.60
CA ALA I 238 -17.30 -2.78 -1.78
C ALA I 238 -16.74 -3.47 -3.02
N ARG I 239 -17.54 -4.34 -3.62
CA ARG I 239 -17.11 -5.05 -4.82
C ARG I 239 -17.46 -4.25 -6.09
N HIS I 240 -18.75 -4.05 -6.34
CA HIS I 240 -19.18 -3.31 -7.53
C HIS I 240 -20.12 -2.14 -7.18
N PHE I 241 -20.05 -1.08 -7.99
CA PHE I 241 -20.82 0.13 -7.75
C PHE I 241 -21.97 0.22 -8.75
N TRP I 242 -23.20 0.38 -8.26
CA TRP I 242 -24.36 0.35 -9.14
C TRP I 242 -25.32 1.53 -8.96
N ASN I 243 -26.13 1.75 -10.00
CA ASN I 243 -27.22 2.71 -9.96
C ASN I 243 -28.52 2.03 -9.59
N ARG I 244 -29.55 2.81 -9.30
CA ARG I 244 -30.89 2.28 -9.06
C ARG I 244 -31.86 2.85 -10.08
N ALA I 245 -32.58 1.98 -10.79
CA ALA I 245 -33.62 2.43 -11.70
C ALA I 245 -34.79 2.94 -10.89
N GLY I 246 -35.57 3.84 -11.47
CA GLY I 246 -36.66 4.48 -10.75
C GLY I 246 -36.44 5.98 -10.71
N THR I 247 -37.51 6.72 -10.41
CA THR I 247 -37.43 8.18 -10.40
C THR I 247 -36.90 8.70 -9.06
N MET I 248 -36.11 9.76 -9.11
CA MET I 248 -35.54 10.34 -7.90
C MET I 248 -36.61 11.01 -7.04
N GLY I 249 -36.77 10.53 -5.81
CA GLY I 249 -37.73 11.11 -4.89
C GLY I 249 -37.25 12.46 -4.39
N ASP I 250 -36.08 12.47 -3.76
CA ASP I 250 -35.41 13.71 -3.42
C ASP I 250 -34.77 14.28 -4.68
N THR I 251 -35.13 15.51 -5.03
CA THR I 251 -34.60 16.14 -6.23
C THR I 251 -33.24 16.77 -5.94
N VAL I 252 -32.28 16.52 -6.81
CA VAL I 252 -30.94 17.07 -6.67
C VAL I 252 -30.96 18.58 -6.84
N PRO I 253 -30.46 19.32 -5.83
CA PRO I 253 -30.44 20.77 -5.84
C PRO I 253 -29.74 21.32 -7.08
N GLN I 254 -30.33 22.36 -7.68
CA GLN I 254 -29.74 22.98 -8.86
C GLN I 254 -28.39 23.62 -8.55
N SER I 255 -28.22 24.02 -7.30
CA SER I 255 -27.01 24.69 -6.86
C SER I 255 -25.86 23.72 -6.62
N LEU I 256 -25.96 22.52 -7.19
CA LEU I 256 -24.94 21.50 -7.01
C LEU I 256 -24.35 21.03 -8.35
N TYR I 257 -24.84 21.57 -9.46
CA TYR I 257 -24.34 21.18 -10.77
C TYR I 257 -24.64 22.23 -11.84
N ILE I 258 -24.00 22.09 -12.99
CA ILE I 258 -24.28 22.96 -14.14
C ILE I 258 -25.06 22.18 -15.19
N LYS I 259 -26.23 22.70 -15.56
CA LYS I 259 -27.07 22.05 -16.56
C LYS I 259 -26.34 21.82 -17.87
N GLY I 260 -26.70 20.75 -18.57
CA GLY I 260 -26.17 20.48 -19.89
C GLY I 260 -27.28 20.47 -20.93
N THR I 261 -27.17 19.57 -21.89
CA THR I 261 -28.20 19.41 -22.90
C THR I 261 -28.41 17.93 -23.24
N GLY I 262 -29.48 17.64 -23.99
CA GLY I 262 -29.80 16.27 -24.36
C GLY I 262 -30.12 15.41 -23.15
N MET I 263 -29.45 14.27 -23.05
CA MET I 263 -29.62 13.39 -21.90
C MET I 263 -28.99 14.00 -20.67
N ARG I 264 -27.96 14.82 -20.86
CA ARG I 264 -27.24 15.43 -19.76
C ARG I 264 -27.83 16.78 -19.38
N ALA I 265 -29.10 16.98 -19.73
CA ALA I 265 -29.82 18.18 -19.32
C ALA I 265 -30.30 18.02 -17.89
N SER I 266 -30.83 16.85 -17.58
CA SER I 266 -31.30 16.54 -16.23
C SER I 266 -30.48 15.42 -15.62
N PRO I 267 -30.12 15.57 -14.33
CA PRO I 267 -29.34 14.58 -13.59
C PRO I 267 -30.03 13.22 -13.52
N GLY I 268 -29.27 12.16 -13.78
CA GLY I 268 -29.80 10.81 -13.77
C GLY I 268 -30.07 10.28 -12.38
N SER I 269 -29.82 8.99 -12.18
CA SER I 269 -30.04 8.38 -10.88
C SER I 269 -28.90 8.75 -9.92
N CYS I 270 -29.26 9.13 -8.70
CA CYS I 270 -28.28 9.47 -7.70
C CYS I 270 -28.48 8.62 -6.45
N VAL I 271 -29.09 7.47 -6.64
CA VAL I 271 -29.20 6.49 -5.56
C VAL I 271 -28.25 5.33 -5.84
N TYR I 272 -27.10 5.37 -5.17
CA TYR I 272 -26.08 4.35 -5.34
C TYR I 272 -26.10 3.35 -4.20
N SER I 273 -25.70 2.12 -4.48
CA SER I 273 -25.57 1.09 -3.46
C SER I 273 -24.58 0.02 -3.92
N PRO I 274 -23.50 -0.16 -3.16
CA PRO I 274 -22.45 -1.12 -3.53
C PRO I 274 -22.83 -2.55 -3.18
N SER I 275 -22.51 -3.49 -4.07
CA SER I 275 -22.65 -4.90 -3.74
C SER I 275 -21.62 -5.24 -2.66
N PRO I 276 -22.08 -5.86 -1.56
CA PRO I 276 -21.18 -6.19 -0.46
C PRO I 276 -20.25 -7.36 -0.80
N SER I 277 -19.23 -7.57 0.00
CA SER I 277 -18.35 -8.72 -0.20
C SER I 277 -17.49 -8.99 1.02
N GLY I 278 -17.51 -10.24 1.49
CA GLY I 278 -16.54 -10.67 2.48
C GLY I 278 -15.29 -11.10 1.75
N SER I 279 -14.14 -10.62 2.20
CA SER I 279 -12.88 -10.91 1.53
C SER I 279 -12.44 -12.36 1.71
N ILE I 280 -11.15 -12.55 1.96
CA ILE I 280 -10.62 -13.88 2.24
C ILE I 280 -11.22 -14.47 3.52
N VAL I 281 -11.72 -15.70 3.43
CA VAL I 281 -12.15 -16.41 4.62
C VAL I 281 -11.09 -17.44 4.99
N THR I 282 -10.49 -17.27 6.17
CA THR I 282 -9.38 -18.11 6.59
C THR I 282 -9.66 -18.81 7.92
N SER I 283 -8.97 -19.92 8.14
CA SER I 283 -9.13 -20.71 9.35
C SER I 283 -8.42 -20.03 10.52
N ASP I 284 -7.46 -19.18 10.21
CA ASP I 284 -6.69 -18.44 11.22
C ASP I 284 -7.58 -17.49 12.01
N SER I 285 -8.57 -16.92 11.34
CA SER I 285 -9.47 -15.98 12.01
C SER I 285 -10.80 -16.62 12.37
N GLN I 286 -10.77 -17.91 12.71
CA GLN I 286 -11.99 -18.62 13.06
C GLN I 286 -12.34 -18.41 14.53
N LEU I 287 -13.64 -18.40 14.82
CA LEU I 287 -14.11 -18.07 16.16
C LEU I 287 -14.68 -19.28 16.91
N PHE I 288 -14.86 -20.38 16.19
CA PHE I 288 -15.51 -21.57 16.76
C PHE I 288 -14.57 -22.77 16.81
N ASN I 289 -15.09 -23.90 17.31
CA ASN I 289 -14.31 -25.10 17.56
C ASN I 289 -13.17 -24.85 18.55
N LYS I 290 -13.30 -23.76 19.29
CA LYS I 290 -12.36 -23.39 20.35
C LYS I 290 -13.14 -23.28 21.64
N PRO I 291 -12.52 -23.66 22.77
CA PRO I 291 -13.23 -23.50 24.04
C PRO I 291 -13.14 -22.08 24.56
N TYR I 292 -14.14 -21.66 25.31
CA TYR I 292 -14.12 -20.35 25.94
C TYR I 292 -14.59 -20.45 27.39
N TRP I 293 -13.91 -19.73 28.26
CA TRP I 293 -14.23 -19.78 29.69
C TRP I 293 -14.79 -18.47 30.17
N LEU I 294 -15.98 -18.53 30.77
CA LEU I 294 -16.64 -17.36 31.30
C LEU I 294 -16.12 -17.08 32.71
N HIS I 295 -14.92 -16.52 32.78
CA HIS I 295 -14.26 -16.18 34.05
C HIS I 295 -15.15 -15.29 34.91
N LYS I 296 -15.33 -14.05 34.47
CA LYS I 296 -16.22 -13.09 35.11
C LYS I 296 -16.92 -12.30 34.02
N ALA I 297 -18.24 -12.39 33.98
CA ALA I 297 -19.03 -11.78 32.91
C ALA I 297 -18.89 -10.27 32.89
N GLN I 298 -19.42 -9.65 31.83
CA GLN I 298 -19.40 -8.20 31.71
C GLN I 298 -20.56 -7.60 32.51
N GLY I 299 -21.69 -8.30 32.53
CA GLY I 299 -22.89 -7.81 33.20
C GLY I 299 -22.89 -8.15 34.67
N HIS I 300 -24.06 -8.03 35.30
CA HIS I 300 -24.20 -8.35 36.72
C HIS I 300 -24.53 -9.82 36.93
N ASN I 301 -25.09 -10.46 35.90
CA ASN I 301 -25.27 -11.91 35.92
C ASN I 301 -23.97 -12.56 35.45
N ASN I 302 -23.36 -13.36 36.32
CA ASN I 302 -22.09 -14.01 36.00
C ASN I 302 -22.31 -15.45 35.54
N GLY I 303 -23.13 -15.61 34.50
CA GLY I 303 -23.38 -16.92 33.94
C GLY I 303 -24.34 -17.77 34.75
N VAL I 304 -25.11 -17.14 35.62
CA VAL I 304 -26.16 -17.82 36.36
C VAL I 304 -27.34 -18.08 35.44
N CYS I 305 -27.66 -19.36 35.23
CA CYS I 305 -28.70 -19.74 34.28
C CYS I 305 -30.06 -19.89 34.97
N TRP I 306 -30.78 -18.77 35.07
CA TRP I 306 -32.08 -18.76 35.72
C TRP I 306 -33.10 -19.56 34.91
N HIS I 307 -34.08 -20.12 35.60
CA HIS I 307 -35.13 -20.98 35.01
C HIS I 307 -34.55 -22.27 34.43
N ASN I 308 -33.30 -22.58 34.79
CA ASN I 308 -32.59 -23.71 34.24
C ASN I 308 -32.61 -23.65 32.72
N GLN I 309 -32.26 -22.48 32.19
CA GLN I 309 -32.32 -22.22 30.76
C GLN I 309 -31.04 -21.56 30.28
N LEU I 310 -30.76 -21.71 28.99
CA LEU I 310 -29.61 -21.06 28.38
C LEU I 310 -29.91 -20.73 26.93
N PHE I 311 -29.54 -19.53 26.50
CA PHE I 311 -29.79 -19.10 25.12
C PHE I 311 -28.49 -18.86 24.37
N VAL I 312 -28.17 -19.75 23.45
CA VAL I 312 -26.99 -19.59 22.61
C VAL I 312 -27.38 -19.02 21.25
N THR I 313 -26.95 -17.79 20.98
CA THR I 313 -27.18 -17.17 19.69
C THR I 313 -25.89 -17.15 18.88
N VAL I 314 -25.93 -17.76 17.70
CA VAL I 314 -24.71 -17.98 16.90
C VAL I 314 -24.91 -17.59 15.44
N VAL I 315 -23.92 -16.91 14.89
CA VAL I 315 -23.89 -16.59 13.47
C VAL I 315 -22.56 -16.99 12.85
N ASP I 316 -22.60 -17.86 11.85
CA ASP I 316 -21.38 -18.34 11.21
C ASP I 316 -21.57 -18.39 9.70
N THR I 317 -20.95 -17.44 9.01
CA THR I 317 -21.07 -17.33 7.56
C THR I 317 -19.87 -17.94 6.84
N THR I 318 -18.84 -18.30 7.61
CA THR I 318 -17.59 -18.78 7.01
C THR I 318 -17.71 -20.19 6.46
N ARG I 319 -18.89 -20.78 6.60
CA ARG I 319 -19.18 -22.10 6.06
C ARG I 319 -20.47 -22.06 5.25
N SER I 320 -20.44 -21.33 4.14
CA SER I 320 -21.65 -21.03 3.38
C SER I 320 -21.65 -21.63 1.98
N THR I 321 -20.91 -22.72 1.79
CA THR I 321 -20.98 -23.43 0.52
C THR I 321 -22.35 -24.07 0.32
N ASN I 322 -22.97 -23.76 -0.81
CA ASN I 322 -24.26 -24.35 -1.14
C ASN I 322 -24.11 -25.47 -2.17
N LEU I 323 -24.60 -26.65 -1.81
CA LEU I 323 -24.51 -27.81 -2.69
C LEU I 323 -25.41 -27.65 -3.91
N THR I 324 -24.88 -27.96 -5.09
CA THR I 324 -25.66 -27.96 -6.32
C THR I 324 -26.06 -29.38 -6.68
N ILE I 325 -27.36 -29.65 -6.68
CA ILE I 325 -27.87 -30.96 -7.03
C ILE I 325 -28.60 -30.88 -8.36
N CYS I 326 -28.47 -31.94 -9.17
CA CYS I 326 -29.20 -32.01 -10.42
C CYS I 326 -29.45 -33.46 -10.82
N ALA I 327 -30.73 -33.77 -11.06
CA ALA I 327 -31.15 -35.07 -11.55
C ALA I 327 -31.75 -34.93 -12.94
N SER I 328 -31.61 -35.96 -13.76
CA SER I 328 -32.11 -35.93 -15.13
C SER I 328 -33.58 -36.30 -15.21
N THR I 329 -34.27 -35.78 -16.22
CA THR I 329 -35.68 -36.09 -16.43
C THR I 329 -35.84 -37.48 -17.01
N GLN I 330 -34.87 -37.88 -17.83
CA GLN I 330 -34.85 -39.21 -18.42
C GLN I 330 -34.24 -40.22 -17.46
N SER I 331 -34.70 -41.46 -17.54
CA SER I 331 -34.18 -42.53 -16.69
C SER I 331 -32.82 -43.08 -17.16
N PRO I 332 -32.69 -43.44 -18.45
CA PRO I 332 -31.39 -44.03 -18.84
C PRO I 332 -30.24 -43.03 -18.88
N VAL I 333 -30.52 -41.77 -18.54
CA VAL I 333 -29.51 -40.70 -18.56
C VAL I 333 -28.88 -40.60 -19.94
N PRO I 334 -29.46 -39.74 -20.80
CA PRO I 334 -29.12 -39.64 -22.23
C PRO I 334 -27.66 -39.33 -22.49
N GLY I 335 -27.14 -39.85 -23.61
CA GLY I 335 -25.76 -39.61 -24.00
C GLY I 335 -25.59 -38.31 -24.75
N GLN I 336 -26.71 -37.67 -25.07
CA GLN I 336 -26.69 -36.37 -25.73
C GLN I 336 -27.09 -35.27 -24.76
N TYR I 337 -26.26 -34.25 -24.62
CA TYR I 337 -26.51 -33.19 -23.66
C TYR I 337 -27.63 -32.23 -24.08
N ASP I 338 -28.56 -32.02 -23.17
CA ASP I 338 -29.62 -31.03 -23.35
C ASP I 338 -29.99 -30.45 -21.99
N ALA I 339 -29.66 -29.18 -21.80
CA ALA I 339 -29.83 -28.51 -20.51
C ALA I 339 -31.26 -28.58 -19.98
N THR I 340 -32.22 -28.67 -20.89
CA THR I 340 -33.63 -28.69 -20.54
C THR I 340 -34.05 -30.01 -19.88
N LYS I 341 -33.24 -31.05 -20.08
CA LYS I 341 -33.57 -32.37 -19.56
C LYS I 341 -32.95 -32.62 -18.18
N PHE I 342 -32.44 -31.57 -17.56
CA PHE I 342 -31.88 -31.67 -16.22
C PHE I 342 -32.55 -30.67 -15.28
N LYS I 343 -32.82 -31.10 -14.04
CA LYS I 343 -33.41 -30.19 -13.07
C LYS I 343 -32.39 -29.76 -12.01
N GLN I 344 -32.18 -28.45 -11.90
CA GLN I 344 -31.15 -27.91 -11.03
C GLN I 344 -31.69 -27.55 -9.66
N TYR I 345 -31.13 -28.15 -8.62
CA TYR I 345 -31.53 -27.84 -7.26
C TYR I 345 -30.40 -27.17 -6.47
N SER I 346 -30.76 -26.52 -5.38
CA SER I 346 -29.78 -25.85 -4.52
C SER I 346 -30.11 -26.15 -3.06
N ARG I 347 -29.13 -26.68 -2.34
CA ARG I 347 -29.31 -27.01 -0.93
C ARG I 347 -28.18 -26.48 -0.08
N HIS I 348 -28.49 -26.17 1.18
CA HIS I 348 -27.46 -25.76 2.12
C HIS I 348 -27.54 -26.58 3.41
N VAL I 349 -26.38 -26.96 3.93
CA VAL I 349 -26.31 -27.74 5.15
C VAL I 349 -25.85 -26.88 6.31
N GLU I 350 -26.26 -27.24 7.52
CA GLU I 350 -25.82 -26.55 8.74
C GLU I 350 -25.58 -27.56 9.87
N GLU I 351 -24.33 -27.77 10.22
CA GLU I 351 -23.98 -28.75 11.24
C GLU I 351 -23.38 -28.11 12.49
N TYR I 352 -24.00 -28.36 13.64
CA TYR I 352 -23.55 -27.76 14.89
C TYR I 352 -23.28 -28.80 15.98
N ASP I 353 -22.67 -28.34 17.07
CA ASP I 353 -22.41 -29.17 18.24
C ASP I 353 -22.13 -28.28 19.45
N LEU I 354 -23.00 -28.34 20.45
CA LEU I 354 -22.87 -27.48 21.62
C LEU I 354 -22.32 -28.25 22.82
N GLN I 355 -21.21 -27.76 23.36
CA GLN I 355 -20.61 -28.34 24.56
C GLN I 355 -20.54 -27.32 25.70
N PHE I 356 -20.85 -27.78 26.91
CA PHE I 356 -20.89 -26.90 28.07
C PHE I 356 -20.23 -27.53 29.28
N ILE I 357 -19.68 -26.68 30.14
CA ILE I 357 -19.27 -27.08 31.47
C ILE I 357 -20.03 -26.21 32.46
N PHE I 358 -20.99 -26.80 33.15
CA PHE I 358 -21.80 -26.07 34.12
C PHE I 358 -21.26 -26.24 35.53
N GLN I 359 -21.65 -25.34 36.42
CA GLN I 359 -21.23 -25.42 37.82
C GLN I 359 -22.45 -25.31 38.74
N LEU I 360 -22.53 -26.21 39.71
CA LEU I 360 -23.66 -26.21 40.65
C LEU I 360 -23.51 -25.05 41.64
N CYS I 361 -24.64 -24.39 41.93
CA CYS I 361 -24.63 -23.23 42.83
C CYS I 361 -25.81 -23.24 43.79
N THR I 362 -25.62 -22.63 44.96
CA THR I 362 -26.64 -22.53 45.99
C THR I 362 -27.05 -21.08 46.25
N ILE I 363 -28.33 -20.88 46.57
CA ILE I 363 -28.80 -19.57 46.99
C ILE I 363 -29.54 -19.72 48.31
N THR I 364 -28.96 -19.21 49.39
CA THR I 364 -29.59 -19.28 50.69
C THR I 364 -30.72 -18.27 50.77
N LEU I 365 -31.95 -18.76 50.70
CA LEU I 365 -33.13 -17.91 50.74
C LEU I 365 -33.28 -17.22 52.08
N THR I 366 -32.83 -15.98 52.16
CA THR I 366 -33.06 -15.16 53.34
C THR I 366 -34.20 -14.21 53.02
N ALA I 367 -34.53 -13.33 53.97
CA ALA I 367 -35.60 -12.38 53.77
C ALA I 367 -35.33 -11.48 52.57
N ASP I 368 -34.29 -10.66 52.67
CA ASP I 368 -33.97 -9.68 51.64
C ASP I 368 -33.56 -10.30 50.30
N VAL I 369 -32.92 -11.45 50.35
CA VAL I 369 -32.53 -12.17 49.13
C VAL I 369 -33.76 -12.51 48.32
N MET I 370 -34.78 -13.02 48.99
CA MET I 370 -36.03 -13.39 48.34
C MET I 370 -36.71 -12.19 47.71
N SER I 371 -36.69 -11.06 48.40
CA SER I 371 -37.35 -9.84 47.90
C SER I 371 -36.53 -9.18 46.79
N TYR I 372 -35.26 -9.57 46.68
CA TYR I 372 -34.43 -9.13 45.56
C TYR I 372 -34.78 -9.93 44.32
N ILE I 373 -34.80 -11.25 44.46
CA ILE I 373 -35.21 -12.14 43.37
C ILE I 373 -36.62 -11.78 42.92
N GLN I 374 -37.47 -11.46 43.89
CA GLN I 374 -38.84 -11.04 43.67
C GLN I 374 -38.90 -9.88 42.67
N SER I 375 -38.07 -8.88 42.89
CA SER I 375 -37.99 -7.71 42.02
C SER I 375 -37.36 -8.05 40.66
N MET I 376 -36.31 -8.86 40.70
CA MET I 376 -35.60 -9.24 39.48
C MET I 376 -36.47 -10.05 38.54
N ASN I 377 -37.10 -11.09 39.07
CA ASN I 377 -37.94 -12.00 38.30
C ASN I 377 -38.75 -12.90 39.22
N SER I 378 -39.97 -12.47 39.54
CA SER I 378 -40.87 -13.20 40.43
C SER I 378 -41.04 -14.67 40.05
N SER I 379 -41.03 -14.94 38.75
CA SER I 379 -41.23 -16.30 38.25
C SER I 379 -40.17 -17.29 38.74
N ILE I 380 -38.98 -16.78 39.07
CA ILE I 380 -37.90 -17.63 39.57
C ILE I 380 -38.30 -18.30 40.89
N LEU I 381 -38.83 -17.50 41.81
CA LEU I 381 -39.30 -18.00 43.11
C LEU I 381 -40.47 -18.97 42.96
N GLU I 382 -41.32 -18.72 41.97
CA GLU I 382 -42.50 -19.56 41.74
C GLU I 382 -42.15 -21.01 41.45
N ASP I 383 -41.18 -21.21 40.56
CA ASP I 383 -40.78 -22.56 40.17
C ASP I 383 -40.15 -23.33 41.32
N TRP I 384 -39.54 -22.60 42.25
CA TRP I 384 -38.95 -23.20 43.44
C TRP I 384 -40.01 -23.58 44.45
N ASN I 385 -41.25 -23.15 44.19
CA ASN I 385 -42.38 -23.39 45.08
C ASN I 385 -42.12 -22.87 46.49
N ASN I 391 -47.69 -24.42 33.81
CA ASN I 391 -47.20 -23.04 33.82
C ASN I 391 -47.00 -22.49 32.42
N LYS I 392 -47.00 -21.16 32.30
CA LYS I 392 -46.80 -20.50 31.02
C LYS I 392 -45.41 -19.90 30.92
N ASP I 393 -44.89 -19.84 29.69
CA ASP I 393 -43.57 -19.29 29.44
C ASP I 393 -43.65 -18.09 28.50
N PRO I 394 -42.93 -17.01 28.84
CA PRO I 394 -43.00 -15.75 28.08
C PRO I 394 -42.36 -15.83 26.70
N TYR I 395 -41.74 -16.96 26.38
CA TYR I 395 -41.05 -17.11 25.10
C TYR I 395 -41.72 -18.14 24.19
N ASP I 396 -42.88 -18.65 24.60
CA ASP I 396 -43.55 -19.73 23.87
C ASP I 396 -44.14 -19.30 22.53
N LYS I 397 -44.13 -17.99 22.27
CA LYS I 397 -44.61 -17.46 21.00
C LYS I 397 -43.49 -17.44 19.96
N LEU I 398 -42.25 -17.56 20.45
CA LEU I 398 -41.07 -17.37 19.62
C LEU I 398 -40.45 -18.70 19.16
N LYS I 399 -39.85 -18.66 17.98
CA LYS I 399 -39.21 -19.84 17.40
C LYS I 399 -37.78 -20.03 17.88
N PHE I 400 -37.54 -21.15 18.55
CA PHE I 400 -36.22 -21.49 19.05
C PHE I 400 -35.84 -22.91 18.65
N TRP I 401 -34.54 -23.14 18.47
CA TRP I 401 -34.05 -24.49 18.23
C TRP I 401 -33.77 -25.16 19.58
N ASN I 402 -34.76 -25.90 20.05
CA ASN I 402 -34.71 -26.49 21.39
C ASN I 402 -33.69 -27.62 21.51
N VAL I 403 -32.82 -27.50 22.51
CA VAL I 403 -31.81 -28.50 22.80
C VAL I 403 -32.02 -29.02 24.22
N ASP I 404 -32.47 -30.27 24.35
CA ASP I 404 -32.68 -30.84 25.68
C ASP I 404 -31.41 -31.50 26.20
N LEU I 405 -30.92 -31.01 27.32
CA LEU I 405 -29.71 -31.55 27.94
C LEU I 405 -29.99 -32.20 29.29
N LYS I 406 -31.27 -32.38 29.61
CA LYS I 406 -31.67 -32.96 30.89
C LYS I 406 -31.10 -34.37 31.11
N GLU I 407 -30.83 -35.07 30.01
CA GLU I 407 -30.30 -36.43 30.08
C GLU I 407 -28.83 -36.51 29.70
N LYS I 408 -28.17 -35.36 29.61
CA LYS I 408 -26.83 -35.30 29.04
C LYS I 408 -25.74 -34.92 30.05
N PHE I 409 -26.13 -34.59 31.27
CA PHE I 409 -25.14 -34.16 32.27
C PHE I 409 -24.32 -35.34 32.79
N SER I 410 -23.03 -35.08 33.02
CA SER I 410 -22.10 -36.10 33.51
C SER I 410 -21.06 -35.50 34.45
N LEU I 411 -20.61 -36.29 35.42
CA LEU I 411 -19.71 -35.78 36.44
C LEU I 411 -18.24 -35.94 36.08
N ASP I 412 -17.90 -37.03 35.41
CA ASP I 412 -16.51 -37.28 35.00
C ASP I 412 -16.15 -36.47 33.75
N LEU I 413 -15.67 -35.26 33.97
CA LEU I 413 -15.23 -34.38 32.89
C LEU I 413 -14.16 -35.04 32.03
N ASP I 414 -13.41 -35.96 32.63
CA ASP I 414 -12.30 -36.65 31.98
C ASP I 414 -12.71 -37.41 30.72
N GLN I 415 -13.97 -37.83 30.66
CA GLN I 415 -14.46 -38.64 29.55
C GLN I 415 -14.83 -37.81 28.33
N TYR I 416 -14.79 -36.48 28.48
CA TYR I 416 -15.25 -35.59 27.42
C TYR I 416 -14.20 -34.56 27.02
N PRO I 417 -14.15 -34.22 25.71
CA PRO I 417 -13.21 -33.27 25.12
C PRO I 417 -13.08 -31.97 25.91
N LEU I 418 -14.16 -31.19 25.96
CA LEU I 418 -14.18 -29.94 26.71
C LEU I 418 -13.81 -30.19 28.16
N GLY I 419 -14.26 -31.31 28.70
CA GLY I 419 -13.99 -31.69 30.07
C GLY I 419 -12.51 -31.76 30.39
N ARG I 420 -11.76 -32.48 29.55
CA ARG I 420 -10.31 -32.56 29.69
C ARG I 420 -9.70 -31.16 29.62
N LYS I 421 -10.07 -30.41 28.59
CA LYS I 421 -9.58 -29.05 28.40
C LYS I 421 -9.86 -28.17 29.61
N PHE I 422 -10.97 -28.44 30.28
CA PHE I 422 -11.36 -27.67 31.46
C PHE I 422 -10.44 -27.96 32.64
N LEU I 423 -10.26 -29.24 32.94
CA LEU I 423 -9.39 -29.67 34.02
C LEU I 423 -7.98 -29.11 33.86
N VAL I 424 -7.47 -29.16 32.64
CA VAL I 424 -6.16 -28.62 32.32
C VAL I 424 -6.06 -27.12 32.61
N GLN I 425 -7.02 -26.37 32.08
CA GLN I 425 -7.07 -24.92 32.22
C GLN I 425 -7.21 -24.49 33.68
N ALA I 426 -7.96 -25.28 34.45
CA ALA I 426 -8.11 -25.03 35.88
C ALA I 426 -6.78 -25.28 36.59
N GLY I 427 -6.02 -26.24 36.08
CA GLY I 427 -4.72 -26.58 36.63
C GLY I 427 -4.64 -28.03 37.08
N ALA J 1 -15.71 -47.40 31.26
CA ALA J 1 -15.08 -46.10 31.47
C ALA J 1 -13.68 -46.09 30.88
N VAL J 2 -13.48 -45.22 29.88
CA VAL J 2 -12.22 -45.16 29.13
C VAL J 2 -11.13 -44.42 29.91
N VAL J 3 -9.94 -45.02 29.99
CA VAL J 3 -8.85 -44.45 30.76
C VAL J 3 -7.69 -43.98 29.88
N ASN J 4 -7.10 -42.86 30.24
CA ASN J 4 -5.91 -42.32 29.58
C ASN J 4 -4.81 -43.38 29.53
N THR J 5 -4.12 -43.49 28.40
CA THR J 5 -3.12 -44.54 28.22
C THR J 5 -1.94 -44.41 29.19
N ASP J 6 -1.75 -43.20 29.73
CA ASP J 6 -0.66 -42.95 30.66
C ASP J 6 -0.90 -43.62 32.02
N ASP J 7 -2.02 -44.33 32.14
CA ASP J 7 -2.38 -44.98 33.40
C ASP J 7 -2.05 -46.48 33.41
N TYR J 8 -1.80 -47.06 32.23
CA TYR J 8 -1.43 -48.47 32.16
C TYR J 8 -0.33 -48.74 31.15
N VAL J 9 0.21 -47.68 30.53
CA VAL J 9 1.30 -47.82 29.57
C VAL J 9 2.53 -47.04 30.06
N THR J 10 3.46 -47.75 30.69
CA THR J 10 4.65 -47.10 31.25
C THR J 10 5.70 -46.82 30.19
N ARG J 11 6.14 -45.57 30.12
CA ARG J 11 7.13 -45.17 29.12
C ARG J 11 8.54 -45.37 29.63
N THR J 12 9.46 -45.68 28.70
CA THR J 12 10.87 -45.82 29.04
C THR J 12 11.63 -44.56 28.61
N SER J 13 12.95 -44.61 28.68
CA SER J 13 13.78 -43.49 28.25
C SER J 13 14.47 -43.82 26.94
N ILE J 14 13.97 -44.85 26.27
CA ILE J 14 14.59 -45.36 25.05
C ILE J 14 13.89 -44.81 23.81
N PHE J 15 14.63 -44.07 23.00
CA PHE J 15 14.08 -43.41 21.81
C PHE J 15 14.73 -43.90 20.52
N TYR J 16 13.90 -44.13 19.51
CA TYR J 16 14.38 -44.53 18.19
C TYR J 16 14.04 -43.49 17.14
N HIS J 17 14.85 -43.40 16.10
CA HIS J 17 14.50 -42.60 14.93
C HIS J 17 14.17 -43.53 13.78
N ALA J 18 13.08 -43.23 13.08
CA ALA J 18 12.71 -43.97 11.89
C ALA J 18 12.22 -43.02 10.82
N GLY J 19 12.70 -43.21 9.60
CA GLY J 19 12.28 -42.39 8.49
C GLY J 19 12.06 -43.21 7.24
N SER J 20 11.19 -42.74 6.36
CA SER J 20 11.03 -43.36 5.06
C SER J 20 12.20 -42.99 4.19
N SER J 21 12.30 -43.60 3.01
CA SER J 21 13.30 -43.19 2.04
C SER J 21 12.88 -41.84 1.45
N ARG J 22 12.44 -41.85 0.20
CA ARG J 22 11.85 -40.67 -0.40
C ARG J 22 10.63 -41.07 -1.21
N LEU J 23 9.44 -40.88 -0.62
CA LEU J 23 8.21 -41.28 -1.28
C LEU J 23 7.91 -40.34 -2.44
N LEU J 24 7.81 -40.89 -3.63
CA LEU J 24 7.70 -40.09 -4.84
C LEU J 24 6.72 -40.69 -5.85
N THR J 25 5.89 -39.84 -6.44
CA THR J 25 4.92 -40.26 -7.45
C THR J 25 4.53 -39.12 -8.40
N VAL J 26 4.37 -39.46 -9.68
CA VAL J 26 3.96 -38.50 -10.71
C VAL J 26 2.68 -38.98 -11.41
N GLY J 27 2.28 -38.31 -12.49
CA GLY J 27 1.15 -38.75 -13.27
C GLY J 27 0.15 -37.67 -13.62
N ASP J 28 -0.95 -38.05 -14.26
CA ASP J 28 -1.98 -37.10 -14.68
C ASP J 28 -2.74 -36.57 -13.47
N PRO J 29 -2.95 -35.24 -13.43
CA PRO J 29 -3.60 -34.60 -12.29
C PRO J 29 -5.13 -34.58 -12.35
N TYR J 30 -5.72 -35.19 -13.37
CA TYR J 30 -7.15 -35.06 -13.62
C TYR J 30 -7.86 -36.41 -13.68
N PHE J 31 -7.16 -37.43 -14.14
CA PHE J 31 -7.73 -38.76 -14.33
C PHE J 31 -6.62 -39.76 -14.67
N ARG J 32 -6.81 -41.02 -14.32
CA ARG J 32 -5.83 -42.03 -14.68
C ARG J 32 -5.93 -42.37 -16.16
N VAL J 33 -4.78 -42.57 -16.79
CA VAL J 33 -4.74 -42.89 -18.22
C VAL J 33 -4.58 -44.40 -18.40
N PRO J 34 -5.59 -45.06 -18.99
CA PRO J 34 -5.58 -46.50 -19.27
C PRO J 34 -4.33 -46.95 -20.03
N ALA J 35 -3.69 -48.00 -19.54
CA ALA J 35 -2.40 -48.45 -20.07
C ALA J 35 -2.46 -48.86 -21.54
N GLY J 36 -1.30 -48.86 -22.18
CA GLY J 36 -1.16 -49.37 -23.53
C GLY J 36 -1.77 -48.51 -24.63
N GLY J 37 -2.54 -47.51 -24.24
CA GLY J 37 -3.21 -46.65 -25.21
C GLY J 37 -2.22 -45.97 -26.14
N GLY J 38 -1.08 -45.58 -25.59
CA GLY J 38 -0.02 -44.98 -26.38
C GLY J 38 1.32 -45.52 -25.93
N ASN J 39 1.43 -45.84 -24.65
CA ASN J 39 2.66 -46.34 -24.08
C ASN J 39 2.42 -47.35 -22.96
N LYS J 40 3.44 -48.15 -22.66
CA LYS J 40 3.37 -49.19 -21.65
C LYS J 40 3.02 -48.65 -20.26
N GLN J 41 2.24 -49.44 -19.51
CA GLN J 41 1.90 -49.19 -18.11
C GLN J 41 0.94 -48.03 -17.92
N ASP J 42 0.07 -48.16 -16.91
CA ASP J 42 -0.91 -47.12 -16.59
C ASP J 42 -0.24 -45.85 -16.07
N ILE J 43 -0.96 -44.73 -16.21
CA ILE J 43 -0.53 -43.46 -15.63
C ILE J 43 -1.52 -43.06 -14.56
N PRO J 44 -1.27 -43.48 -13.31
CA PRO J 44 -2.18 -43.28 -12.18
C PRO J 44 -2.51 -41.81 -11.96
N LYS J 45 -3.72 -41.56 -11.46
CA LYS J 45 -4.16 -40.21 -11.17
C LYS J 45 -3.47 -39.68 -9.91
N VAL J 46 -2.66 -38.63 -10.07
CA VAL J 46 -1.97 -38.03 -8.94
C VAL J 46 -2.22 -36.52 -8.90
N SER J 47 -3.06 -36.08 -7.97
CA SER J 47 -3.40 -34.67 -7.84
C SER J 47 -2.89 -34.11 -6.52
N ALA J 48 -2.94 -32.79 -6.39
CA ALA J 48 -2.54 -32.15 -5.15
C ALA J 48 -3.74 -32.06 -4.21
N TYR J 49 -4.92 -32.26 -4.79
CA TYR J 49 -6.17 -32.14 -4.05
C TYR J 49 -6.78 -33.50 -3.74
N GLN J 50 -5.92 -34.45 -3.36
CA GLN J 50 -6.36 -35.75 -2.88
C GLN J 50 -5.63 -36.09 -1.59
N TYR J 51 -6.25 -36.89 -0.74
CA TYR J 51 -5.63 -37.31 0.51
C TYR J 51 -4.44 -38.22 0.29
N ARG J 52 -3.39 -37.98 1.06
CA ARG J 52 -2.27 -38.92 1.14
C ARG J 52 -2.35 -39.65 2.48
N VAL J 53 -2.71 -40.92 2.44
CA VAL J 53 -2.75 -41.71 3.67
C VAL J 53 -1.65 -42.76 3.69
N PHE J 54 -0.62 -42.52 4.49
CA PHE J 54 0.46 -43.47 4.64
C PHE J 54 0.16 -44.40 5.81
N ARG J 55 0.31 -45.70 5.58
CA ARG J 55 0.10 -46.69 6.62
C ARG J 55 1.45 -47.18 7.13
N VAL J 56 2.03 -46.44 8.06
CA VAL J 56 3.37 -46.74 8.57
C VAL J 56 3.39 -48.05 9.35
N GLN J 57 4.17 -49.01 8.88
CA GLN J 57 4.24 -50.33 9.49
C GLN J 57 5.47 -50.45 10.37
N LEU J 58 5.25 -50.59 11.67
CA LEU J 58 6.35 -50.64 12.64
C LEU J 58 6.76 -52.08 12.92
N PRO J 59 8.04 -52.27 13.31
CA PRO J 59 8.49 -53.60 13.72
C PRO J 59 7.87 -54.00 15.05
N ASP J 60 7.56 -55.28 15.24
CA ASP J 60 7.06 -55.74 16.52
C ASP J 60 8.15 -55.59 17.56
N PRO J 61 7.91 -54.73 18.57
CA PRO J 61 8.88 -54.46 19.63
C PRO J 61 9.14 -55.67 20.51
N ASN J 62 8.20 -56.60 20.56
CA ASN J 62 8.35 -57.83 21.34
C ASN J 62 9.31 -58.82 20.68
N LYS J 63 9.17 -58.98 19.36
CA LYS J 63 10.04 -59.87 18.60
C LYS J 63 11.21 -59.07 18.02
N PHE J 64 11.62 -58.05 18.75
CA PHE J 64 12.64 -57.11 18.31
C PHE J 64 13.85 -57.18 19.22
N GLY J 65 15.04 -57.22 18.63
CA GLY J 65 16.27 -57.17 19.39
C GLY J 65 16.41 -55.81 20.05
N LEU J 66 16.49 -55.79 21.37
CA LEU J 66 16.60 -54.55 22.11
C LEU J 66 18.08 -54.21 22.38
N PRO J 67 18.37 -52.97 22.76
CA PRO J 67 19.73 -52.66 23.23
C PRO J 67 20.02 -53.38 24.54
N ASP J 68 18.95 -53.90 25.14
CA ASP J 68 18.99 -54.63 26.39
C ASP J 68 17.62 -55.26 26.59
N THR J 69 17.55 -56.58 26.72
CA THR J 69 16.25 -57.23 26.89
C THR J 69 15.98 -57.49 28.37
N SER J 70 16.34 -56.53 29.20
CA SER J 70 15.92 -56.53 30.60
C SER J 70 15.26 -55.19 30.90
N ILE J 71 14.81 -54.53 29.83
CA ILE J 71 13.98 -53.34 29.95
C ILE J 71 12.63 -53.78 30.51
N TYR J 72 12.30 -55.05 30.32
CA TYR J 72 11.04 -55.60 30.81
C TYR J 72 11.16 -57.09 31.14
N ASN J 73 10.02 -57.68 31.52
CA ASN J 73 9.92 -59.11 31.77
C ASN J 73 8.89 -59.72 30.83
N PRO J 74 9.35 -60.41 29.78
CA PRO J 74 8.50 -60.96 28.72
C PRO J 74 7.45 -61.97 29.20
N GLU J 75 7.43 -62.24 30.50
CA GLU J 75 6.47 -63.17 31.07
C GLU J 75 5.19 -62.46 31.54
N THR J 76 5.35 -61.27 32.10
CA THR J 76 4.24 -60.57 32.72
C THR J 76 3.81 -59.31 31.97
N GLN J 77 4.61 -58.87 31.02
CA GLN J 77 4.30 -57.64 30.29
C GLN J 77 4.65 -57.68 28.82
N ARG J 78 4.12 -56.72 28.06
CA ARG J 78 4.34 -56.62 26.62
C ARG J 78 4.97 -55.28 26.25
N LEU J 79 5.26 -55.11 24.96
CA LEU J 79 5.87 -53.87 24.46
C LEU J 79 5.03 -53.23 23.36
N VAL J 80 4.95 -51.89 23.39
CA VAL J 80 4.24 -51.13 22.37
C VAL J 80 5.06 -49.90 21.96
N TRP J 81 5.02 -49.55 20.68
CA TRP J 81 5.66 -48.33 20.20
C TRP J 81 4.78 -47.11 20.46
N ALA J 82 5.39 -46.05 20.98
CA ALA J 82 4.67 -44.80 21.21
C ALA J 82 5.34 -43.66 20.44
N CYS J 83 4.53 -42.93 19.68
CA CYS J 83 5.04 -41.84 18.88
C CYS J 83 5.32 -40.61 19.76
N ALA J 84 6.43 -39.94 19.51
CA ALA J 84 6.83 -38.79 20.32
C ALA J 84 7.19 -37.58 19.49
N GLY J 85 7.60 -37.81 18.24
CA GLY J 85 7.98 -36.74 17.34
C GLY J 85 7.74 -37.09 15.88
N VAL J 86 7.23 -36.13 15.11
CA VAL J 86 6.94 -36.35 13.70
C VAL J 86 7.30 -35.14 12.85
N GLU J 87 7.88 -35.40 11.67
CA GLU J 87 8.15 -34.35 10.70
C GLU J 87 7.85 -34.82 9.28
N ILE J 88 6.83 -34.25 8.67
CA ILE J 88 6.48 -34.59 7.30
C ILE J 88 7.18 -33.64 6.31
N GLY J 89 8.09 -34.19 5.51
CA GLY J 89 8.84 -33.41 4.56
C GLY J 89 8.19 -33.31 3.19
N ARG J 90 8.14 -32.09 2.66
CA ARG J 90 7.62 -31.86 1.31
C ARG J 90 8.76 -31.46 0.36
N GLY J 91 8.81 -32.11 -0.80
CA GLY J 91 9.93 -31.94 -1.71
C GLY J 91 9.86 -30.76 -2.67
N GLN J 92 8.91 -30.82 -3.61
CA GLN J 92 8.82 -29.85 -4.71
C GLN J 92 8.65 -28.40 -4.25
N PRO J 93 8.85 -27.43 -5.15
CA PRO J 93 8.68 -26.03 -4.73
C PRO J 93 7.21 -25.58 -4.69
N LEU J 94 6.93 -24.55 -3.89
CA LEU J 94 5.60 -23.95 -3.79
C LEU J 94 5.07 -23.55 -5.16
N GLY J 95 3.81 -23.86 -5.42
CA GLY J 95 3.22 -23.56 -6.72
C GLY J 95 1.72 -23.73 -6.78
N VAL J 96 1.09 -22.99 -7.70
CA VAL J 96 -0.35 -23.10 -7.94
C VAL J 96 -0.63 -23.83 -9.24
N GLY J 97 -1.75 -24.55 -9.28
CA GLY J 97 -2.13 -25.31 -10.46
C GLY J 97 -3.63 -25.34 -10.65
N LEU J 98 -4.07 -25.36 -11.90
CA LEU J 98 -5.49 -25.23 -12.21
C LEU J 98 -6.16 -26.55 -12.54
N SER J 99 -7.43 -26.64 -12.21
CA SER J 99 -8.28 -27.74 -12.64
C SER J 99 -9.42 -27.14 -13.47
N GLY J 100 -9.80 -27.81 -14.54
CA GLY J 100 -10.85 -27.31 -15.39
C GLY J 100 -11.76 -28.39 -15.93
N HIS J 101 -12.64 -28.01 -16.84
CA HIS J 101 -13.54 -28.93 -17.49
C HIS J 101 -13.84 -28.41 -18.88
N PRO J 102 -13.72 -29.28 -19.90
CA PRO J 102 -14.00 -28.91 -21.28
C PRO J 102 -15.42 -28.38 -21.48
N PHE J 103 -16.36 -28.93 -20.73
CA PHE J 103 -17.78 -28.60 -20.87
C PHE J 103 -18.41 -28.17 -19.54
N TYR J 104 -17.73 -27.30 -18.81
CA TYR J 104 -18.25 -26.77 -17.55
C TYR J 104 -19.64 -26.18 -17.73
N ASN J 105 -20.54 -26.43 -16.77
CA ASN J 105 -21.88 -25.88 -16.85
C ASN J 105 -21.92 -24.46 -16.31
N LYS J 106 -21.57 -23.50 -17.16
CA LYS J 106 -21.57 -22.10 -16.80
C LYS J 106 -22.52 -21.33 -17.71
N LEU J 107 -23.68 -20.96 -17.19
CA LEU J 107 -24.66 -20.24 -17.99
C LEU J 107 -24.13 -18.88 -18.40
N ASP J 108 -23.86 -18.02 -17.42
CA ASP J 108 -23.31 -16.69 -17.67
C ASP J 108 -22.83 -16.00 -16.38
N ASP J 109 -22.09 -14.91 -16.55
CA ASP J 109 -21.53 -14.18 -15.43
C ASP J 109 -22.60 -13.31 -14.76
N THR J 110 -22.94 -13.63 -13.53
CA THR J 110 -23.96 -12.89 -12.80
C THR J 110 -23.32 -11.92 -11.80
N GLU J 111 -22.01 -11.78 -11.87
CA GLU J 111 -21.28 -10.88 -10.99
C GLU J 111 -21.61 -9.43 -11.34
N SER J 112 -21.61 -9.14 -12.63
CA SER J 112 -21.96 -7.82 -13.15
C SER J 112 -22.06 -7.86 -14.68
N SER J 113 -22.91 -8.76 -15.20
CA SER J 113 -23.11 -8.88 -16.63
C SER J 113 -23.44 -7.53 -17.24
N HIS J 114 -22.85 -7.25 -18.40
CA HIS J 114 -23.01 -5.96 -19.07
C HIS J 114 -24.49 -5.60 -19.24
N ALA J 115 -25.32 -6.61 -19.45
CA ALA J 115 -26.77 -6.47 -19.46
C ALA J 115 -27.43 -7.84 -19.38
N ALA J 116 -28.28 -8.14 -20.35
CA ALA J 116 -28.90 -9.46 -20.44
C ALA J 116 -27.90 -10.44 -21.05
N THR J 117 -28.26 -11.72 -21.05
CA THR J 117 -27.34 -12.74 -21.53
C THR J 117 -27.98 -13.67 -22.56
N SER J 118 -27.29 -14.77 -22.85
CA SER J 118 -27.69 -15.69 -23.91
C SER J 118 -28.96 -16.47 -23.59
N ASN J 119 -29.64 -16.91 -24.64
CA ASN J 119 -30.86 -17.70 -24.52
C ASN J 119 -30.60 -19.05 -23.86
N VAL J 120 -31.49 -19.45 -22.95
CA VAL J 120 -31.39 -20.75 -22.30
C VAL J 120 -31.76 -21.86 -23.27
N SER J 121 -31.05 -21.92 -24.40
CA SER J 121 -31.37 -22.84 -25.48
C SER J 121 -31.08 -24.28 -25.10
N GLU J 122 -29.85 -24.72 -25.40
CA GLU J 122 -29.45 -26.10 -25.19
C GLU J 122 -28.05 -26.19 -24.61
N ASP J 123 -27.05 -26.06 -25.48
CA ASP J 123 -25.66 -26.22 -25.06
C ASP J 123 -24.91 -24.89 -25.08
N VAL J 124 -24.78 -24.27 -23.91
CA VAL J 124 -24.00 -23.06 -23.77
C VAL J 124 -22.74 -23.39 -22.98
N ARG J 125 -22.51 -24.68 -22.77
CA ARG J 125 -21.40 -25.15 -21.95
C ARG J 125 -20.05 -24.60 -22.42
N ASP J 126 -19.50 -23.68 -21.63
CA ASP J 126 -18.19 -23.09 -21.91
C ASP J 126 -17.09 -23.91 -21.23
N ASN J 127 -15.86 -23.69 -21.70
CA ASN J 127 -14.66 -24.34 -21.17
C ASN J 127 -14.00 -23.38 -20.17
N VAL J 128 -13.98 -23.75 -18.89
CA VAL J 128 -13.35 -22.89 -17.88
C VAL J 128 -12.41 -23.67 -16.99
N SER J 129 -11.51 -22.97 -16.31
CA SER J 129 -10.64 -23.59 -15.31
C SER J 129 -10.66 -22.73 -14.05
N VAL J 130 -10.12 -23.26 -12.97
CA VAL J 130 -10.19 -22.58 -11.68
C VAL J 130 -9.18 -23.16 -10.69
N ASP J 131 -8.61 -22.28 -9.87
CA ASP J 131 -7.72 -22.74 -8.81
C ASP J 131 -8.53 -22.98 -7.53
N TYR J 132 -8.40 -24.18 -6.99
CA TYR J 132 -9.20 -24.60 -5.85
C TYR J 132 -8.88 -23.86 -4.57
N LYS J 133 -9.64 -24.16 -3.52
CA LYS J 133 -9.35 -23.65 -2.18
C LYS J 133 -8.02 -24.20 -1.69
N GLN J 134 -7.33 -23.40 -0.88
CA GLN J 134 -6.00 -23.75 -0.40
C GLN J 134 -6.06 -24.45 0.95
N THR J 135 -5.70 -25.74 0.96
CA THR J 135 -5.83 -26.55 2.16
C THR J 135 -4.52 -27.23 2.58
N GLN J 136 -4.27 -27.23 3.88
CA GLN J 136 -3.22 -28.04 4.48
C GLN J 136 -3.80 -28.77 5.69
N LEU J 137 -3.47 -30.04 5.85
CA LEU J 137 -3.83 -30.74 7.09
C LEU J 137 -2.97 -31.97 7.33
N CYS J 138 -2.87 -32.36 8.59
CA CYS J 138 -2.10 -33.52 9.01
C CYS J 138 -2.78 -34.25 10.17
N ILE J 139 -3.05 -35.53 10.00
CA ILE J 139 -3.74 -36.30 11.03
C ILE J 139 -2.97 -37.58 11.34
N LEU J 140 -2.65 -37.76 12.62
CA LEU J 140 -1.92 -38.94 13.06
C LEU J 140 -2.77 -39.81 14.00
N GLY J 141 -2.68 -41.11 13.81
CA GLY J 141 -3.41 -42.05 14.62
C GLY J 141 -2.96 -43.48 14.36
N CYS J 142 -3.34 -44.40 15.24
CA CYS J 142 -3.05 -45.81 15.03
C CYS J 142 -4.27 -46.50 14.42
N ALA J 143 -5.20 -45.66 13.95
CA ALA J 143 -6.39 -46.11 13.22
C ALA J 143 -6.71 -45.05 12.19
N PRO J 144 -7.14 -45.46 10.98
CA PRO J 144 -7.34 -44.51 9.89
C PRO J 144 -8.32 -43.40 10.22
N ALA J 145 -8.13 -42.23 9.62
CA ALA J 145 -8.95 -41.06 9.91
C ALA J 145 -10.33 -41.17 9.28
N ILE J 146 -11.31 -40.53 9.91
CA ILE J 146 -12.69 -40.63 9.45
C ILE J 146 -13.14 -39.36 8.73
N GLY J 147 -13.70 -39.55 7.54
CA GLY J 147 -14.23 -38.42 6.77
C GLY J 147 -15.74 -38.45 6.71
N GLU J 148 -16.32 -37.36 6.24
CA GLU J 148 -17.75 -37.28 6.03
C GLU J 148 -18.01 -36.70 4.65
N HIS J 149 -19.21 -36.96 4.12
CA HIS J 149 -19.64 -36.33 2.87
C HIS J 149 -21.14 -36.50 2.68
N TRP J 150 -21.67 -35.86 1.64
CA TRP J 150 -23.10 -35.95 1.36
C TRP J 150 -23.34 -36.80 0.13
N ALA J 151 -24.26 -37.75 0.27
CA ALA J 151 -24.55 -38.70 -0.79
C ALA J 151 -26.05 -38.81 -1.01
N LYS J 152 -26.43 -39.55 -2.06
CA LYS J 152 -27.84 -39.78 -2.33
C LYS J 152 -28.43 -40.68 -1.25
N GLY J 153 -29.47 -40.20 -0.58
CA GLY J 153 -30.16 -40.99 0.43
C GLY J 153 -30.88 -42.17 -0.18
N THR J 154 -31.05 -43.23 0.61
CA THR J 154 -31.69 -44.45 0.13
C THR J 154 -33.17 -44.21 -0.19
N ALA J 155 -33.56 -44.52 -1.42
CA ALA J 155 -34.93 -44.31 -1.89
C ALA J 155 -35.92 -45.15 -1.09
N SER J 156 -36.75 -44.46 -0.30
CA SER J 156 -37.76 -45.11 0.52
C SER J 156 -38.79 -45.84 -0.34
N LYS J 157 -39.21 -47.01 0.10
CA LYS J 157 -40.16 -47.82 -0.64
C LYS J 157 -41.60 -47.34 -0.45
N SER J 158 -41.84 -46.63 0.64
CA SER J 158 -43.17 -46.08 0.92
C SER J 158 -43.48 -44.94 -0.06
N ARG J 159 -42.53 -44.02 -0.18
CA ARG J 159 -42.67 -42.90 -1.10
C ARG J 159 -41.52 -42.93 -2.12
N PRO J 160 -41.74 -43.60 -3.26
CA PRO J 160 -40.72 -43.74 -4.30
C PRO J 160 -40.25 -42.39 -4.81
N LEU J 161 -39.06 -42.34 -5.40
CA LEU J 161 -38.53 -41.08 -5.90
C LEU J 161 -38.72 -40.96 -7.40
N SER J 162 -39.72 -40.19 -7.80
CA SER J 162 -40.05 -40.00 -9.20
C SER J 162 -38.95 -39.23 -9.91
N GLN J 163 -38.65 -39.64 -11.14
CA GLN J 163 -37.44 -39.24 -11.85
C GLN J 163 -37.34 -37.75 -12.20
N GLY J 164 -36.29 -37.11 -11.72
CA GLY J 164 -36.07 -35.70 -11.98
C GLY J 164 -36.25 -34.87 -10.74
N ASP J 165 -36.95 -35.43 -9.76
CA ASP J 165 -37.13 -34.77 -8.48
C ASP J 165 -35.85 -34.83 -7.66
N CYS J 166 -35.68 -33.88 -6.75
CA CYS J 166 -34.48 -33.83 -5.93
C CYS J 166 -34.46 -34.94 -4.89
N PRO J 167 -33.34 -35.68 -4.82
CA PRO J 167 -33.15 -36.74 -3.83
C PRO J 167 -32.88 -36.20 -2.43
N PRO J 168 -33.16 -37.00 -1.39
CA PRO J 168 -32.81 -36.61 -0.02
C PRO J 168 -31.31 -36.75 0.21
N LEU J 169 -30.76 -35.91 1.08
CA LEU J 169 -29.34 -35.92 1.35
C LEU J 169 -29.05 -36.69 2.63
N GLU J 170 -27.96 -37.44 2.63
CA GLU J 170 -27.57 -38.17 3.82
C GLU J 170 -26.07 -38.06 4.08
N LEU J 171 -25.74 -37.65 5.30
CA LEU J 171 -24.36 -37.54 5.72
C LEU J 171 -23.81 -38.95 5.94
N LYS J 172 -22.71 -39.27 5.27
CA LYS J 172 -22.11 -40.58 5.41
C LYS J 172 -20.70 -40.48 5.97
N ASN J 173 -20.40 -41.32 6.95
CA ASN J 173 -19.04 -41.44 7.47
C ASN J 173 -18.32 -42.59 6.77
N THR J 174 -17.02 -42.42 6.60
CA THR J 174 -16.20 -43.39 5.89
C THR J 174 -14.72 -43.18 6.19
N VAL J 175 -13.94 -44.23 5.98
CA VAL J 175 -12.50 -44.16 6.17
C VAL J 175 -11.86 -43.36 5.04
N LEU J 176 -10.93 -42.46 5.38
CA LEU J 176 -10.15 -41.74 4.38
C LEU J 176 -9.07 -42.64 3.80
N GLU J 177 -9.29 -43.12 2.58
CA GLU J 177 -8.28 -43.90 1.89
C GLU J 177 -7.37 -42.95 1.13
N ASP J 178 -6.16 -43.42 0.82
CA ASP J 178 -5.27 -42.66 -0.05
C ASP J 178 -5.91 -42.53 -1.41
N GLY J 179 -5.91 -41.31 -1.96
CA GLY J 179 -6.47 -41.07 -3.26
C GLY J 179 -7.80 -40.34 -3.22
N ASP J 180 -8.50 -40.49 -2.09
CA ASP J 180 -9.76 -39.77 -1.87
C ASP J 180 -9.53 -38.27 -2.04
N MET J 181 -10.43 -37.63 -2.77
CA MET J 181 -10.29 -36.21 -3.06
C MET J 181 -10.75 -35.38 -1.88
N VAL J 182 -10.18 -34.18 -1.73
CA VAL J 182 -10.55 -33.27 -0.66
C VAL J 182 -11.59 -32.26 -1.13
N ASP J 183 -12.24 -31.60 -0.18
CA ASP J 183 -13.14 -30.51 -0.50
C ASP J 183 -12.35 -29.41 -1.20
N THR J 184 -12.77 -29.07 -2.41
CA THR J 184 -12.04 -28.11 -3.23
C THR J 184 -12.64 -26.73 -3.15
N GLY J 185 -13.91 -26.68 -2.74
CA GLY J 185 -14.66 -25.44 -2.69
C GLY J 185 -16.09 -25.67 -3.18
N TYR J 186 -16.32 -26.84 -3.75
CA TYR J 186 -17.65 -27.19 -4.25
C TYR J 186 -18.38 -28.08 -3.27
N GLY J 187 -17.93 -28.06 -2.01
CA GLY J 187 -18.56 -28.85 -0.97
C GLY J 187 -18.00 -30.26 -0.92
N ALA J 188 -18.41 -31.01 0.10
CA ALA J 188 -17.98 -32.40 0.24
C ALA J 188 -19.15 -33.34 -0.04
N MET J 189 -19.28 -33.73 -1.30
CA MET J 189 -20.38 -34.61 -1.71
C MET J 189 -19.92 -35.68 -2.71
N ASP J 190 -20.79 -36.64 -2.96
CA ASP J 190 -20.57 -37.62 -4.01
C ASP J 190 -21.13 -37.06 -5.31
N PHE J 191 -20.26 -36.46 -6.11
CA PHE J 191 -20.67 -35.77 -7.33
C PHE J 191 -21.19 -36.74 -8.39
N SER J 192 -20.71 -37.98 -8.35
CA SER J 192 -21.12 -38.97 -9.35
C SER J 192 -22.60 -39.29 -9.27
N THR J 193 -23.16 -39.21 -8.07
CA THR J 193 -24.54 -39.64 -7.86
C THR J 193 -25.50 -38.50 -7.54
N LEU J 194 -24.97 -37.29 -7.35
CA LEU J 194 -25.81 -36.14 -7.09
C LEU J 194 -25.88 -35.24 -8.31
N GLN J 195 -24.97 -35.45 -9.25
CA GLN J 195 -24.91 -34.63 -10.45
C GLN J 195 -24.89 -35.47 -11.73
N ASP J 196 -26.04 -35.58 -12.38
CA ASP J 196 -26.15 -36.36 -13.61
C ASP J 196 -25.48 -35.65 -14.76
N THR J 197 -25.32 -34.33 -14.63
CA THR J 197 -24.75 -33.52 -15.69
C THR J 197 -23.30 -33.88 -15.96
N LYS J 198 -22.58 -34.23 -14.91
CA LYS J 198 -21.15 -34.51 -14.99
C LYS J 198 -20.39 -33.32 -15.60
N CYS J 199 -20.89 -32.11 -15.35
CA CYS J 199 -20.29 -30.88 -15.86
C CYS J 199 -20.43 -29.72 -14.88
N GLU J 200 -20.81 -30.02 -13.64
CA GLU J 200 -21.00 -28.98 -12.63
C GLU J 200 -19.70 -28.67 -11.91
N VAL J 201 -18.77 -29.61 -11.93
CA VAL J 201 -17.50 -29.46 -11.24
C VAL J 201 -16.35 -29.85 -12.18
N PRO J 202 -15.13 -29.34 -11.91
CA PRO J 202 -13.98 -29.65 -12.78
C PRO J 202 -13.68 -31.14 -12.91
N LEU J 203 -12.77 -31.49 -13.81
CA LEU J 203 -12.59 -32.86 -14.26
C LEU J 203 -12.12 -33.86 -13.19
N ASP J 204 -11.29 -33.40 -12.25
CA ASP J 204 -10.68 -34.33 -11.31
C ASP J 204 -11.60 -34.78 -10.18
N ILE J 205 -12.58 -33.94 -9.85
CA ILE J 205 -13.57 -34.29 -8.83
C ILE J 205 -14.93 -34.57 -9.48
N CYS J 206 -14.93 -34.68 -10.80
CA CYS J 206 -16.17 -34.81 -11.58
C CYS J 206 -16.97 -36.07 -11.25
N GLN J 207 -16.31 -37.22 -11.31
CA GLN J 207 -16.96 -38.49 -11.00
C GLN J 207 -16.42 -39.07 -9.71
N SER J 208 -15.85 -38.21 -8.88
CA SER J 208 -15.20 -38.62 -7.65
C SER J 208 -16.08 -38.33 -6.43
N ILE J 209 -15.53 -38.58 -5.25
CA ILE J 209 -16.20 -38.27 -4.00
C ILE J 209 -15.30 -37.41 -3.13
N CYS J 210 -15.72 -36.18 -2.87
CA CYS J 210 -14.94 -35.28 -2.02
C CYS J 210 -15.33 -35.47 -0.56
N LYS J 211 -14.37 -35.86 0.26
CA LYS J 211 -14.62 -36.07 1.67
C LYS J 211 -13.96 -34.99 2.51
N TYR J 212 -14.43 -34.83 3.74
CA TYR J 212 -13.86 -33.85 4.66
C TYR J 212 -13.75 -34.50 6.03
N PRO J 213 -12.62 -34.26 6.73
CA PRO J 213 -12.42 -34.89 8.05
C PRO J 213 -13.52 -34.55 9.03
N ASP J 214 -14.18 -35.58 9.54
CA ASP J 214 -15.22 -35.39 10.54
C ASP J 214 -14.57 -35.19 11.89
N TYR J 215 -13.89 -34.06 12.05
CA TYR J 215 -13.18 -33.73 13.28
C TYR J 215 -14.05 -33.90 14.51
N LEU J 216 -15.30 -33.45 14.39
CA LEU J 216 -16.26 -33.51 15.49
C LEU J 216 -16.42 -34.93 16.05
N GLN J 217 -16.63 -35.90 15.17
CA GLN J 217 -16.77 -37.29 15.59
C GLN J 217 -15.45 -37.84 16.12
N MET J 218 -14.36 -37.58 15.41
CA MET J 218 -13.04 -38.07 15.80
C MET J 218 -12.60 -37.55 17.16
N SER J 219 -13.19 -36.44 17.59
CA SER J 219 -12.88 -35.88 18.91
C SER J 219 -13.77 -36.50 19.98
N ALA J 220 -14.95 -36.93 19.57
CA ALA J 220 -15.92 -37.53 20.48
C ALA J 220 -15.67 -39.03 20.66
N ASP J 221 -14.85 -39.60 19.78
CA ASP J 221 -14.46 -41.01 19.87
C ASP J 221 -13.95 -41.35 21.26
N PRO J 222 -14.52 -42.41 21.87
CA PRO J 222 -14.16 -42.80 23.24
C PRO J 222 -12.66 -43.03 23.44
N TYR J 223 -12.06 -43.93 22.67
CA TYR J 223 -10.66 -44.27 22.85
C TYR J 223 -9.71 -43.27 22.20
N GLY J 224 -10.12 -42.71 21.07
CA GLY J 224 -9.35 -41.67 20.41
C GLY J 224 -8.15 -42.17 19.63
N ASP J 225 -8.25 -43.39 19.11
CA ASP J 225 -7.18 -43.96 18.29
C ASP J 225 -7.19 -43.34 16.90
N SER J 226 -8.29 -42.67 16.57
CA SER J 226 -8.50 -42.13 15.23
C SER J 226 -7.57 -40.96 14.94
N MET J 227 -7.38 -40.11 15.95
CA MET J 227 -6.43 -39.01 15.86
C MET J 227 -5.92 -38.63 17.26
N PHE J 228 -4.61 -38.52 17.40
CA PHE J 228 -4.04 -37.99 18.64
C PHE J 228 -3.15 -36.80 18.29
N PHE J 229 -3.33 -36.28 17.08
CA PHE J 229 -2.61 -35.12 16.59
C PHE J 229 -3.31 -34.58 15.34
N CYS J 230 -3.70 -33.31 15.37
CA CYS J 230 -4.45 -32.73 14.27
C CYS J 230 -3.99 -31.32 13.94
N LEU J 231 -3.50 -31.14 12.71
CA LEU J 231 -3.12 -29.81 12.24
C LEU J 231 -3.96 -29.47 11.01
N ARG J 232 -4.45 -28.24 10.94
CA ARG J 232 -5.24 -27.84 9.78
C ARG J 232 -5.09 -26.36 9.45
N ARG J 233 -5.08 -26.07 8.17
CA ARG J 233 -4.98 -24.69 7.68
C ARG J 233 -5.60 -24.57 6.31
N GLU J 234 -6.77 -23.93 6.25
CA GLU J 234 -7.45 -23.71 4.98
C GLU J 234 -7.78 -22.23 4.79
N GLN J 235 -7.92 -21.82 3.53
CA GLN J 235 -8.32 -20.46 3.19
C GLN J 235 -8.78 -20.41 1.74
N LEU J 236 -9.73 -19.53 1.45
CA LEU J 236 -10.23 -19.34 0.09
C LEU J 236 -11.04 -18.05 -0.05
N PHE J 237 -11.38 -17.71 -1.29
CA PHE J 237 -12.33 -16.65 -1.56
C PHE J 237 -13.07 -16.92 -2.87
N ALA J 238 -14.03 -16.07 -3.19
CA ALA J 238 -14.82 -16.24 -4.40
C ALA J 238 -14.30 -15.42 -5.57
N ARG J 239 -13.84 -16.09 -6.62
CA ARG J 239 -13.26 -15.41 -7.78
C ARG J 239 -14.31 -14.89 -8.75
N HIS J 240 -15.13 -15.79 -9.30
CA HIS J 240 -16.15 -15.39 -10.26
C HIS J 240 -17.53 -15.93 -9.89
N PHE J 241 -18.57 -15.22 -10.31
CA PHE J 241 -19.95 -15.54 -9.93
C PHE J 241 -20.75 -16.02 -11.14
N TRP J 242 -21.30 -17.24 -11.05
CA TRP J 242 -21.93 -17.84 -12.22
C TRP J 242 -23.34 -18.39 -12.01
N ASN J 243 -24.05 -18.56 -13.12
CA ASN J 243 -25.36 -19.17 -13.16
C ASN J 243 -25.25 -20.64 -13.52
N ARG J 244 -26.38 -21.36 -13.49
CA ARG J 244 -26.39 -22.77 -13.87
C ARG J 244 -27.46 -23.03 -14.93
N ALA J 245 -27.02 -23.43 -16.12
CA ALA J 245 -27.97 -23.75 -17.19
C ALA J 245 -28.79 -24.98 -16.82
N GLY J 246 -30.04 -24.99 -17.25
CA GLY J 246 -30.96 -26.06 -16.88
C GLY J 246 -32.25 -25.48 -16.33
N THR J 247 -33.23 -26.35 -16.07
CA THR J 247 -34.51 -25.91 -15.52
C THR J 247 -34.47 -25.87 -14.00
N MET J 248 -35.17 -24.90 -13.42
CA MET J 248 -35.21 -24.78 -11.97
C MET J 248 -36.09 -25.85 -11.34
N GLY J 249 -35.52 -26.61 -10.41
CA GLY J 249 -36.27 -27.64 -9.71
C GLY J 249 -37.30 -27.02 -8.79
N ASP J 250 -36.82 -26.23 -7.83
CA ASP J 250 -37.72 -25.51 -6.93
C ASP J 250 -38.11 -24.18 -7.58
N THR J 251 -39.41 -23.99 -7.79
CA THR J 251 -39.91 -22.79 -8.44
C THR J 251 -39.89 -21.60 -7.48
N VAL J 252 -39.34 -20.48 -7.96
CA VAL J 252 -39.26 -19.26 -7.18
C VAL J 252 -40.63 -18.71 -6.87
N PRO J 253 -40.95 -18.56 -5.58
CA PRO J 253 -42.21 -17.97 -5.13
C PRO J 253 -42.48 -16.60 -5.76
N GLN J 254 -43.69 -16.42 -6.28
CA GLN J 254 -44.05 -15.17 -6.94
C GLN J 254 -44.05 -13.96 -6.00
N SER J 255 -44.03 -14.21 -4.69
CA SER J 255 -44.02 -13.13 -3.70
C SER J 255 -42.62 -12.60 -3.46
N LEU J 256 -41.68 -13.02 -4.30
CA LEU J 256 -40.31 -12.58 -4.15
C LEU J 256 -39.91 -11.69 -5.31
N TYR J 257 -40.87 -11.37 -6.18
CA TYR J 257 -40.60 -10.53 -7.35
C TYR J 257 -41.86 -10.08 -8.07
N ILE J 258 -41.77 -8.95 -8.75
CA ILE J 258 -42.84 -8.45 -9.60
C ILE J 258 -42.67 -9.00 -11.01
N LYS J 259 -43.76 -9.52 -11.59
CA LYS J 259 -43.70 -10.03 -12.95
C LYS J 259 -43.37 -8.92 -13.95
N GLY J 260 -42.68 -9.30 -15.02
CA GLY J 260 -42.41 -8.39 -16.12
C GLY J 260 -43.06 -8.89 -17.39
N THR J 261 -42.43 -8.60 -18.53
CA THR J 261 -42.88 -9.12 -19.82
C THR J 261 -41.71 -9.67 -20.62
N GLY J 262 -41.99 -10.55 -21.56
CA GLY J 262 -40.96 -11.12 -22.42
C GLY J 262 -40.00 -12.02 -21.67
N MET J 263 -38.70 -11.81 -21.90
CA MET J 263 -37.68 -12.63 -21.25
C MET J 263 -37.66 -12.37 -19.75
N ARG J 264 -38.18 -11.20 -19.36
CA ARG J 264 -38.24 -10.83 -17.95
C ARG J 264 -39.63 -11.06 -17.37
N ALA J 265 -40.42 -11.89 -18.05
CA ALA J 265 -41.74 -12.27 -17.55
C ALA J 265 -41.63 -13.40 -16.54
N SER J 266 -40.71 -14.33 -16.81
CA SER J 266 -40.45 -15.45 -15.90
C SER J 266 -39.04 -15.34 -15.32
N PRO J 267 -38.85 -15.79 -14.06
CA PRO J 267 -37.52 -15.75 -13.47
C PRO J 267 -36.57 -16.75 -14.10
N GLY J 268 -35.34 -16.31 -14.37
CA GLY J 268 -34.33 -17.18 -14.96
C GLY J 268 -33.76 -18.18 -13.98
N SER J 269 -32.45 -18.43 -14.10
CA SER J 269 -31.77 -19.37 -13.23
C SER J 269 -31.40 -18.72 -11.91
N CYS J 270 -31.87 -19.30 -10.80
CA CYS J 270 -31.56 -18.80 -9.47
C CYS J 270 -30.78 -19.85 -8.71
N VAL J 271 -29.89 -20.52 -9.42
CA VAL J 271 -28.92 -21.41 -8.80
C VAL J 271 -27.53 -20.89 -9.10
N TYR J 272 -26.94 -20.23 -8.11
CA TYR J 272 -25.64 -19.58 -8.29
C TYR J 272 -24.54 -20.40 -7.62
N SER J 273 -23.35 -20.39 -8.22
CA SER J 273 -22.20 -21.09 -7.65
C SER J 273 -20.91 -20.38 -8.00
N PRO J 274 -20.12 -20.02 -6.98
CA PRO J 274 -18.89 -19.26 -7.17
C PRO J 274 -17.68 -20.14 -7.41
N SER J 275 -16.82 -19.74 -8.34
CA SER J 275 -15.57 -20.44 -8.57
C SER J 275 -14.60 -20.18 -7.42
N PRO J 276 -14.19 -21.24 -6.72
CA PRO J 276 -13.33 -21.12 -5.53
C PRO J 276 -11.93 -20.65 -5.88
N SER J 277 -11.16 -20.24 -4.87
CA SER J 277 -9.81 -19.75 -5.07
C SER J 277 -9.07 -19.51 -3.76
N GLY J 278 -7.92 -20.17 -3.60
CA GLY J 278 -7.00 -19.80 -2.55
C GLY J 278 -6.29 -18.54 -3.02
N SER J 279 -5.95 -17.66 -2.08
CA SER J 279 -5.28 -16.41 -2.44
C SER J 279 -3.79 -16.64 -2.68
N ILE J 280 -2.97 -15.78 -2.09
CA ILE J 280 -1.51 -15.94 -2.15
C ILE J 280 -1.07 -17.15 -1.36
N VAL J 281 -0.29 -18.02 -2.00
CA VAL J 281 0.36 -19.09 -1.28
C VAL J 281 1.78 -18.65 -0.91
N THR J 282 2.08 -18.69 0.38
CA THR J 282 3.38 -18.25 0.86
C THR J 282 3.98 -19.29 1.80
N SER J 283 5.25 -19.10 2.13
CA SER J 283 5.97 -20.03 3.00
C SER J 283 5.80 -19.65 4.46
N ASP J 284 5.37 -18.42 4.71
CA ASP J 284 5.19 -17.93 6.08
C ASP J 284 4.07 -18.67 6.78
N SER J 285 3.13 -19.18 6.01
CA SER J 285 2.01 -19.93 6.57
C SER J 285 2.13 -21.42 6.26
N GLN J 286 3.36 -21.90 6.10
CA GLN J 286 3.60 -23.30 5.80
C GLN J 286 3.47 -24.14 7.07
N LEU J 287 3.02 -25.38 6.90
CA LEU J 287 2.77 -26.26 8.03
C LEU J 287 3.78 -27.41 8.06
N PHE J 288 4.50 -27.58 6.96
CA PHE J 288 5.38 -28.73 6.81
C PHE J 288 6.86 -28.38 6.78
N ASN J 289 7.70 -29.41 6.71
CA ASN J 289 9.14 -29.28 6.88
C ASN J 289 9.49 -28.72 8.26
N LYS J 290 8.55 -28.83 9.18
CA LYS J 290 8.74 -28.44 10.57
C LYS J 290 8.44 -29.63 11.46
N PRO J 291 9.26 -29.82 12.52
CA PRO J 291 9.00 -30.95 13.42
C PRO J 291 7.91 -30.65 14.43
N TYR J 292 7.14 -31.68 14.79
CA TYR J 292 6.12 -31.53 15.81
C TYR J 292 6.26 -32.61 16.85
N TRP J 293 6.06 -32.23 18.11
CA TRP J 293 6.23 -33.14 19.22
C TRP J 293 4.90 -33.42 19.89
N LEU J 294 4.60 -34.70 20.08
CA LEU J 294 3.35 -35.13 20.68
C LEU J 294 3.49 -35.17 22.19
N HIS J 295 3.42 -34.00 22.81
CA HIS J 295 3.58 -33.88 24.27
C HIS J 295 2.49 -34.67 25.00
N LYS J 296 1.26 -34.19 24.90
CA LYS J 296 0.10 -34.87 25.46
C LYS J 296 -1.06 -34.72 24.49
N ALA J 297 -1.54 -35.84 23.97
CA ALA J 297 -2.56 -35.85 22.95
C ALA J 297 -3.89 -35.26 23.44
N GLN J 298 -4.81 -35.04 22.52
CA GLN J 298 -6.10 -34.45 22.86
C GLN J 298 -7.05 -35.53 23.37
N GLY J 299 -6.94 -36.73 22.80
CA GLY J 299 -7.80 -37.84 23.22
C GLY J 299 -7.26 -38.54 24.44
N HIS J 300 -7.73 -39.77 24.65
CA HIS J 300 -7.22 -40.58 25.74
C HIS J 300 -5.97 -41.34 25.30
N ASN J 301 -5.91 -41.72 24.02
CA ASN J 301 -4.70 -42.32 23.47
C ASN J 301 -3.61 -41.27 23.33
N ASN J 302 -2.44 -41.54 23.89
CA ASN J 302 -1.33 -40.60 23.82
C ASN J 302 -0.23 -41.09 22.90
N GLY J 303 -0.56 -41.21 21.61
CA GLY J 303 0.40 -41.66 20.63
C GLY J 303 0.80 -43.12 20.74
N VAL J 304 0.02 -43.90 21.48
CA VAL J 304 0.28 -45.33 21.61
C VAL J 304 -0.17 -46.06 20.34
N CYS J 305 0.78 -46.71 19.67
CA CYS J 305 0.51 -47.31 18.37
C CYS J 305 0.17 -48.80 18.47
N TRP J 306 -1.11 -49.10 18.70
CA TRP J 306 -1.56 -50.48 18.78
C TRP J 306 -1.36 -51.17 17.43
N HIS J 307 -1.07 -52.48 17.47
CA HIS J 307 -0.78 -53.29 16.29
C HIS J 307 0.46 -52.82 15.55
N ASN J 308 1.27 -52.00 16.24
CA ASN J 308 2.51 -51.48 15.68
C ASN J 308 2.27 -50.83 14.32
N GLN J 309 1.20 -50.04 14.26
CA GLN J 309 0.81 -49.34 13.04
C GLN J 309 0.75 -47.84 13.29
N LEU J 310 0.82 -47.05 12.22
CA LEU J 310 0.66 -45.61 12.33
C LEU J 310 0.07 -45.06 11.04
N PHE J 311 -0.97 -44.24 11.17
CA PHE J 311 -1.63 -43.67 9.99
C PHE J 311 -1.33 -42.19 9.87
N VAL J 312 -0.65 -41.82 8.80
CA VAL J 312 -0.33 -40.43 8.51
C VAL J 312 -1.21 -39.89 7.39
N THR J 313 -2.28 -39.18 7.76
CA THR J 313 -3.17 -38.57 6.78
C THR J 313 -2.71 -37.15 6.51
N VAL J 314 -2.43 -36.84 5.24
CA VAL J 314 -1.84 -35.56 4.86
C VAL J 314 -2.50 -34.95 3.62
N VAL J 315 -2.71 -33.64 3.67
CA VAL J 315 -3.22 -32.89 2.52
C VAL J 315 -2.41 -31.60 2.36
N ASP J 316 -1.83 -31.40 1.18
CA ASP J 316 -1.01 -30.22 0.92
C ASP J 316 -1.21 -29.70 -0.51
N THR J 317 -1.85 -28.54 -0.63
CA THR J 317 -2.15 -27.95 -1.93
C THR J 317 -1.30 -26.71 -2.24
N THR J 318 -0.33 -26.43 -1.37
CA THR J 318 0.57 -25.29 -1.59
C THR J 318 1.65 -25.64 -2.61
N ARG J 319 1.62 -26.90 -3.06
CA ARG J 319 2.51 -27.40 -4.10
C ARG J 319 1.67 -28.16 -5.13
N SER J 320 1.11 -27.43 -6.08
CA SER J 320 0.15 -28.01 -7.03
C SER J 320 0.49 -27.70 -8.48
N THR J 321 1.68 -27.14 -8.72
CA THR J 321 2.12 -26.85 -10.08
C THR J 321 2.10 -28.09 -10.95
N ASN J 322 1.45 -27.99 -12.11
CA ASN J 322 1.35 -29.10 -13.03
C ASN J 322 2.27 -28.94 -14.23
N LEU J 323 3.26 -29.81 -14.34
CA LEU J 323 4.24 -29.74 -15.42
C LEU J 323 3.56 -29.86 -16.78
N THR J 324 3.94 -28.98 -17.70
CA THR J 324 3.42 -29.04 -19.06
C THR J 324 4.46 -29.65 -19.98
N ILE J 325 4.15 -30.82 -20.54
CA ILE J 325 5.04 -31.51 -21.45
C ILE J 325 4.44 -31.59 -22.86
N CYS J 326 5.25 -31.30 -23.87
CA CYS J 326 4.80 -31.41 -25.25
C CYS J 326 5.89 -31.97 -26.17
N ALA J 327 5.56 -33.05 -26.87
CA ALA J 327 6.45 -33.65 -27.87
C ALA J 327 5.85 -33.48 -29.25
N SER J 328 6.71 -33.36 -30.26
CA SER J 328 6.26 -33.16 -31.62
C SER J 328 5.99 -34.48 -32.33
N THR J 329 5.19 -34.43 -33.38
CA THR J 329 4.88 -35.60 -34.18
C THR J 329 6.04 -35.94 -35.10
N GLN J 330 6.67 -34.90 -35.65
CA GLN J 330 7.81 -35.07 -36.55
C GLN J 330 9.09 -35.30 -35.75
N SER J 331 9.99 -36.10 -36.32
CA SER J 331 11.26 -36.41 -35.67
C SER J 331 12.30 -35.27 -35.77
N PRO J 332 12.48 -34.69 -36.97
CA PRO J 332 13.51 -33.63 -37.02
C PRO J 332 13.07 -32.30 -36.40
N VAL J 333 11.86 -32.26 -35.83
CA VAL J 333 11.31 -31.03 -35.23
C VAL J 333 11.29 -29.89 -36.25
N PRO J 334 10.15 -29.72 -36.93
CA PRO J 334 10.01 -28.79 -38.06
C PRO J 334 10.30 -27.33 -37.70
N GLY J 335 10.78 -26.58 -38.69
CA GLY J 335 11.10 -25.18 -38.49
C GLY J 335 9.90 -24.28 -38.73
N GLN J 336 8.77 -24.89 -39.04
CA GLN J 336 7.52 -24.16 -39.27
C GLN J 336 6.47 -24.58 -38.25
N TYR J 337 5.91 -23.59 -37.54
CA TYR J 337 4.97 -23.88 -36.48
C TYR J 337 3.62 -24.37 -37.00
N ASP J 338 3.02 -25.29 -36.26
CA ASP J 338 1.72 -25.86 -36.58
C ASP J 338 1.24 -26.65 -35.36
N ALA J 339 0.31 -26.08 -34.61
CA ALA J 339 -0.11 -26.60 -33.31
C ALA J 339 -0.58 -28.06 -33.35
N THR J 340 -1.00 -28.52 -34.53
CA THR J 340 -1.49 -29.87 -34.67
C THR J 340 -0.36 -30.89 -34.62
N LYS J 341 0.85 -30.45 -34.90
CA LYS J 341 2.01 -31.34 -34.93
C LYS J 341 2.67 -31.46 -33.56
N PHE J 342 1.94 -31.07 -32.51
CA PHE J 342 2.43 -31.15 -31.14
C PHE J 342 1.37 -31.76 -30.22
N LYS J 343 1.78 -32.70 -29.37
CA LYS J 343 0.86 -33.29 -28.40
C LYS J 343 1.11 -32.74 -26.99
N GLN J 344 0.08 -32.17 -26.41
CA GLN J 344 0.16 -31.60 -25.07
C GLN J 344 -0.20 -32.62 -24.00
N TYR J 345 0.71 -32.80 -23.04
CA TYR J 345 0.47 -33.66 -21.89
C TYR J 345 0.50 -32.82 -20.61
N SER J 346 -0.06 -33.34 -19.53
CA SER J 346 -0.03 -32.66 -18.25
C SER J 346 0.30 -33.64 -17.14
N ARG J 347 1.33 -33.33 -16.35
CA ARG J 347 1.78 -34.22 -15.28
C ARG J 347 2.01 -33.48 -13.98
N HIS J 348 1.85 -34.18 -12.86
CA HIS J 348 2.06 -33.58 -11.56
C HIS J 348 2.89 -34.51 -10.69
N VAL J 349 3.81 -33.93 -9.92
CA VAL J 349 4.67 -34.74 -9.06
C VAL J 349 4.35 -34.60 -7.57
N GLU J 350 4.43 -35.70 -6.84
CA GLU J 350 4.25 -35.68 -5.40
C GLU J 350 5.45 -36.31 -4.69
N GLU J 351 6.22 -35.48 -4.00
CA GLU J 351 7.41 -35.94 -3.29
C GLU J 351 7.26 -35.80 -1.78
N TYR J 352 7.29 -36.93 -1.07
CA TYR J 352 7.14 -36.92 0.38
C TYR J 352 8.36 -37.47 1.10
N ASP J 353 8.43 -37.20 2.41
CA ASP J 353 9.48 -37.72 3.26
C ASP J 353 9.00 -37.71 4.72
N LEU J 354 8.77 -38.90 5.26
CA LEU J 354 8.31 -39.03 6.64
C LEU J 354 9.46 -39.26 7.59
N GLN J 355 9.39 -38.64 8.77
CA GLN J 355 10.41 -38.76 9.79
C GLN J 355 9.77 -38.90 11.16
N PHE J 356 10.16 -39.90 11.92
CA PHE J 356 9.55 -40.13 13.22
C PHE J 356 10.58 -40.32 14.34
N ILE J 357 10.12 -40.10 15.57
CA ILE J 357 10.88 -40.44 16.76
C ILE J 357 9.98 -41.31 17.63
N PHE J 358 10.34 -42.57 17.81
CA PHE J 358 9.49 -43.51 18.54
C PHE J 358 10.04 -43.80 19.94
N GLN J 359 9.12 -43.94 20.90
CA GLN J 359 9.47 -44.24 22.28
C GLN J 359 8.94 -45.63 22.63
N LEU J 360 9.79 -46.46 23.22
CA LEU J 360 9.41 -47.83 23.57
C LEU J 360 8.67 -47.87 24.90
N CYS J 361 7.57 -48.61 24.96
CA CYS J 361 6.72 -48.62 26.16
C CYS J 361 6.28 -50.02 26.56
N THR J 362 6.05 -50.21 27.86
CA THR J 362 5.67 -51.51 28.41
C THR J 362 4.25 -51.49 28.98
N ILE J 363 3.54 -52.60 28.82
CA ILE J 363 2.22 -52.76 29.41
C ILE J 363 2.23 -53.97 30.34
N THR J 364 2.12 -53.71 31.64
CA THR J 364 2.05 -54.79 32.62
C THR J 364 0.70 -55.49 32.52
N LEU J 365 0.72 -56.73 32.03
CA LEU J 365 -0.51 -57.49 31.81
C LEU J 365 -1.10 -58.04 33.11
N THR J 366 -2.00 -57.28 33.71
CA THR J 366 -2.75 -57.74 34.88
C THR J 366 -4.15 -58.16 34.42
N ALA J 367 -4.95 -58.68 35.33
CA ALA J 367 -6.29 -59.16 34.99
C ALA J 367 -7.16 -58.06 34.36
N ASP J 368 -7.43 -57.01 35.12
CA ASP J 368 -8.25 -55.90 34.66
C ASP J 368 -7.69 -55.22 33.42
N VAL J 369 -6.36 -55.09 33.38
CA VAL J 369 -5.67 -54.47 32.25
C VAL J 369 -5.97 -55.23 30.96
N MET J 370 -5.85 -56.56 31.03
CA MET J 370 -6.14 -57.42 29.88
C MET J 370 -7.61 -57.33 29.47
N SER J 371 -8.51 -57.37 30.45
CA SER J 371 -9.94 -57.34 30.20
C SER J 371 -10.42 -55.95 29.77
N TYR J 372 -9.55 -54.95 29.95
CA TYR J 372 -9.84 -53.60 29.48
C TYR J 372 -9.45 -53.48 28.01
N ILE J 373 -8.27 -54.00 27.68
CA ILE J 373 -7.80 -54.08 26.30
C ILE J 373 -8.72 -55.00 25.52
N GLN J 374 -9.20 -56.05 26.19
CA GLN J 374 -10.16 -56.98 25.62
C GLN J 374 -11.38 -56.25 25.07
N SER J 375 -11.92 -55.35 25.88
CA SER J 375 -13.10 -54.59 25.48
C SER J 375 -12.74 -53.55 24.43
N MET J 376 -11.58 -52.92 24.58
CA MET J 376 -11.13 -51.90 23.64
C MET J 376 -10.91 -52.47 22.23
N ASN J 377 -10.14 -53.54 22.15
CA ASN J 377 -9.81 -54.17 20.87
C ASN J 377 -9.13 -55.52 21.10
N SER J 378 -9.93 -56.58 21.08
CA SER J 378 -9.46 -57.94 21.39
C SER J 378 -8.27 -58.39 20.54
N SER J 379 -8.25 -57.95 19.28
CA SER J 379 -7.21 -58.35 18.34
C SER J 379 -5.80 -57.99 18.82
N ILE J 380 -5.71 -56.93 19.63
CA ILE J 380 -4.44 -56.52 20.21
C ILE J 380 -3.85 -57.66 21.04
N LEU J 381 -4.70 -58.30 21.84
CA LEU J 381 -4.29 -59.41 22.70
C LEU J 381 -4.00 -60.69 21.93
N GLU J 382 -4.51 -60.78 20.70
CA GLU J 382 -4.31 -61.97 19.89
C GLU J 382 -2.90 -62.04 19.32
N ASP J 383 -2.42 -60.91 18.78
CA ASP J 383 -1.09 -60.85 18.19
C ASP J 383 -0.02 -61.09 19.25
N TRP J 384 -0.31 -60.68 20.48
CA TRP J 384 0.59 -60.92 21.61
C TRP J 384 0.58 -62.39 22.01
N ASN J 385 -0.43 -63.12 21.54
CA ASN J 385 -0.62 -64.53 21.87
C ASN J 385 -0.70 -64.76 23.38
N ASN J 391 -3.37 -64.33 9.83
CA ASN J 391 -4.48 -63.57 10.39
C ASN J 391 -5.12 -62.64 9.36
N LYS J 392 -6.26 -62.06 9.74
CA LYS J 392 -6.96 -61.12 8.87
C LYS J 392 -6.96 -59.71 9.45
N ASP J 393 -6.66 -58.73 8.61
CA ASP J 393 -6.63 -57.34 9.02
C ASP J 393 -7.89 -56.61 8.57
N PRO J 394 -8.47 -55.79 9.46
CA PRO J 394 -9.74 -55.10 9.19
C PRO J 394 -9.60 -53.91 8.24
N TYR J 395 -8.45 -53.75 7.58
CA TYR J 395 -8.25 -52.64 6.66
C TYR J 395 -7.74 -53.11 5.31
N ASP J 396 -7.54 -54.41 5.15
CA ASP J 396 -7.00 -54.97 3.92
C ASP J 396 -7.93 -54.79 2.70
N LYS J 397 -9.05 -54.11 2.90
CA LYS J 397 -9.95 -53.77 1.81
C LYS J 397 -9.75 -52.34 1.33
N LEU J 398 -9.04 -51.56 2.14
CA LEU J 398 -8.87 -50.13 1.87
C LEU J 398 -7.53 -49.82 1.23
N LYS J 399 -7.51 -48.83 0.36
CA LYS J 399 -6.28 -48.41 -0.31
C LYS J 399 -5.45 -47.50 0.58
N PHE J 400 -4.22 -47.90 0.85
CA PHE J 400 -3.28 -47.07 1.59
C PHE J 400 -1.94 -47.00 0.86
N TRP J 401 -1.14 -46.01 1.20
CA TRP J 401 0.24 -45.92 0.74
C TRP J 401 1.12 -46.57 1.80
N ASN J 402 1.46 -47.84 1.61
CA ASN J 402 2.18 -48.61 2.62
C ASN J 402 3.64 -48.21 2.76
N VAL J 403 4.05 -47.90 3.99
CA VAL J 403 5.43 -47.51 4.27
C VAL J 403 6.01 -48.43 5.35
N ASP J 404 6.93 -49.31 4.95
CA ASP J 404 7.54 -50.26 5.88
C ASP J 404 8.76 -49.66 6.57
N LEU J 405 8.74 -49.64 7.90
CA LEU J 405 9.84 -49.08 8.68
C LEU J 405 10.53 -50.12 9.57
N LYS J 406 10.23 -51.39 9.32
CA LYS J 406 10.78 -52.47 10.14
C LYS J 406 12.31 -52.52 10.09
N GLU J 407 12.89 -51.92 9.06
CA GLU J 407 14.35 -51.95 8.89
C GLU J 407 14.95 -50.54 8.94
N LYS J 408 14.22 -49.60 9.52
CA LYS J 408 14.63 -48.21 9.49
C LYS J 408 14.77 -47.59 10.89
N PHE J 409 14.61 -48.40 11.93
CA PHE J 409 14.76 -47.91 13.30
C PHE J 409 16.23 -47.78 13.68
N SER J 410 16.56 -46.66 14.32
CA SER J 410 17.94 -46.39 14.71
C SER J 410 18.00 -45.81 16.13
N LEU J 411 19.00 -46.23 16.89
CA LEU J 411 19.12 -45.82 18.29
C LEU J 411 19.83 -44.47 18.46
N ASP J 412 20.81 -44.21 17.60
CA ASP J 412 21.54 -42.94 17.67
C ASP J 412 20.77 -41.81 16.97
N LEU J 413 19.99 -41.07 17.75
CA LEU J 413 19.21 -39.96 17.22
C LEU J 413 20.11 -38.87 16.65
N ASP J 414 21.33 -38.80 17.16
CA ASP J 414 22.32 -37.79 16.79
C ASP J 414 22.64 -37.80 15.29
N GLN J 415 22.51 -38.96 14.66
CA GLN J 415 22.91 -39.11 13.27
C GLN J 415 21.85 -38.63 12.27
N TYR J 416 20.68 -38.25 12.78
CA TYR J 416 19.57 -37.85 11.92
C TYR J 416 19.07 -36.44 12.26
N PRO J 417 18.59 -35.71 11.24
CA PRO J 417 18.08 -34.33 11.39
C PRO J 417 17.04 -34.18 12.48
N LEU J 418 15.92 -34.91 12.37
CA LEU J 418 14.87 -34.87 13.38
C LEU J 418 15.43 -35.21 14.76
N GLY J 419 16.28 -36.24 14.79
CA GLY J 419 16.86 -36.71 16.03
C GLY J 419 17.65 -35.65 16.77
N ARG J 420 18.38 -34.84 16.01
CA ARG J 420 19.14 -33.73 16.58
C ARG J 420 18.21 -32.69 17.21
N LYS J 421 17.19 -32.31 16.44
CA LYS J 421 16.18 -31.37 16.92
C LYS J 421 15.50 -31.86 18.20
N PHE J 422 15.29 -33.18 18.26
CA PHE J 422 14.65 -33.81 19.41
C PHE J 422 15.50 -33.70 20.66
N LEU J 423 16.79 -34.00 20.52
CA LEU J 423 17.73 -33.91 21.62
C LEU J 423 17.81 -32.47 22.12
N VAL J 424 17.83 -31.53 21.18
CA VAL J 424 17.84 -30.11 21.52
C VAL J 424 16.57 -29.73 22.28
N GLN J 425 15.42 -30.14 21.73
CA GLN J 425 14.13 -29.85 22.33
C GLN J 425 14.00 -30.45 23.73
N ALA J 426 14.53 -31.66 23.90
CA ALA J 426 14.46 -32.36 25.19
C ALA J 426 15.34 -31.67 26.23
N GLY J 427 16.36 -30.97 25.75
CA GLY J 427 17.31 -30.29 26.63
C GLY J 427 18.64 -31.00 26.68
N ALA K 1 133.02 -27.03 45.35
CA ALA K 1 131.92 -26.48 46.12
C ALA K 1 131.85 -24.96 45.96
N VAL K 2 130.66 -24.45 45.64
CA VAL K 2 130.46 -23.01 45.51
C VAL K 2 130.26 -22.38 46.89
N VAL K 3 130.94 -21.26 47.13
CA VAL K 3 130.88 -20.60 48.43
C VAL K 3 130.19 -19.25 48.30
N ASN K 4 129.45 -18.85 49.33
CA ASN K 4 128.79 -17.54 49.36
C ASN K 4 129.83 -16.43 49.29
N THR K 5 129.55 -15.42 48.46
CA THR K 5 130.49 -14.33 48.25
C THR K 5 130.82 -13.57 49.53
N ASP K 6 129.93 -13.66 50.51
CA ASP K 6 130.11 -12.96 51.79
C ASP K 6 131.19 -13.63 52.67
N ASP K 7 131.88 -14.62 52.11
CA ASP K 7 132.92 -15.34 52.84
C ASP K 7 134.32 -14.98 52.35
N TYR K 8 134.40 -14.38 51.15
CA TYR K 8 135.69 -13.95 50.62
C TYR K 8 135.65 -12.53 50.07
N VAL K 9 134.51 -11.84 50.27
CA VAL K 9 134.40 -10.43 49.91
C VAL K 9 134.05 -9.60 51.14
N THR K 10 135.04 -8.88 51.67
CA THR K 10 134.83 -8.06 52.86
C THR K 10 134.17 -6.74 52.47
N ARG K 11 133.18 -6.32 53.24
CA ARG K 11 132.40 -5.14 52.90
C ARG K 11 132.83 -3.92 53.73
N THR K 12 132.91 -2.77 53.08
CA THR K 12 133.24 -1.52 53.75
C THR K 12 131.98 -0.76 54.16
N SER K 13 132.18 0.41 54.77
CA SER K 13 131.05 1.26 55.13
C SER K 13 130.94 2.42 54.15
N ILE K 14 131.55 2.25 52.99
CA ILE K 14 131.57 3.28 51.95
C ILE K 14 130.50 3.03 50.90
N PHE K 15 129.60 3.99 50.73
CA PHE K 15 128.52 3.86 49.75
C PHE K 15 128.57 4.99 48.72
N TYR K 16 128.20 4.67 47.49
CA TYR K 16 128.12 5.67 46.42
C TYR K 16 126.72 5.69 45.82
N HIS K 17 126.35 6.83 45.24
CA HIS K 17 125.11 6.91 44.47
C HIS K 17 125.43 7.12 43.01
N ALA K 18 124.92 6.23 42.17
CA ALA K 18 125.04 6.38 40.73
C ALA K 18 123.65 6.42 40.12
N GLY K 19 123.50 7.21 39.06
CA GLY K 19 122.23 7.30 38.38
C GLY K 19 122.42 7.62 36.91
N SER K 20 121.65 6.94 36.06
CA SER K 20 121.61 7.29 34.65
C SER K 20 121.01 8.68 34.50
N SER K 21 121.17 9.28 33.32
CA SER K 21 120.50 10.54 33.05
C SER K 21 119.01 10.29 32.89
N ARG K 22 118.50 10.44 31.67
CA ARG K 22 117.13 10.08 31.36
C ARG K 22 117.12 9.23 30.10
N LEU K 23 116.85 7.94 30.25
CA LEU K 23 116.86 7.04 29.12
C LEU K 23 115.52 7.07 28.41
N LEU K 24 115.55 7.40 27.12
CA LEU K 24 114.33 7.72 26.39
C LEU K 24 114.39 7.26 24.94
N THR K 25 113.30 6.67 24.45
CA THR K 25 113.26 6.20 23.07
C THR K 25 111.83 6.17 22.50
N VAL K 26 111.69 6.66 21.28
CA VAL K 26 110.40 6.66 20.59
C VAL K 26 110.49 5.85 19.30
N GLY K 27 109.38 5.26 18.90
CA GLY K 27 109.33 4.48 17.67
C GLY K 27 107.97 3.89 17.35
N ASP K 28 107.92 3.09 16.27
CA ASP K 28 106.70 2.39 15.90
C ASP K 28 106.53 1.15 16.75
N PRO K 29 105.34 0.98 17.35
CA PRO K 29 105.07 -0.13 18.28
C PRO K 29 104.87 -1.50 17.62
N TYR K 30 104.98 -1.60 16.29
CA TYR K 30 104.67 -2.86 15.62
C TYR K 30 105.85 -3.43 14.81
N PHE K 31 106.58 -2.54 14.16
CA PHE K 31 107.69 -2.94 13.28
C PHE K 31 108.58 -1.73 13.02
N ARG K 32 109.86 -1.96 12.75
CA ARG K 32 110.73 -0.84 12.41
C ARG K 32 110.46 -0.39 10.98
N VAL K 33 110.43 0.93 10.78
CA VAL K 33 110.13 1.50 9.48
C VAL K 33 111.41 1.86 8.74
N PRO K 34 111.66 1.19 7.60
CA PRO K 34 112.86 1.41 6.78
C PRO K 34 113.11 2.90 6.49
N ALA K 35 114.30 3.36 6.84
CA ALA K 35 114.68 4.77 6.71
C ALA K 35 114.47 5.33 5.31
N GLY K 36 114.27 6.64 5.23
CA GLY K 36 114.26 7.34 3.96
C GLY K 36 113.07 7.11 3.06
N GLY K 37 112.19 6.18 3.43
CA GLY K 37 111.01 5.88 2.64
C GLY K 37 110.14 7.10 2.43
N GLY K 38 110.07 7.93 3.46
CA GLY K 38 109.38 9.21 3.39
C GLY K 38 110.15 10.28 4.13
N ASN K 39 110.90 9.86 5.15
CA ASN K 39 111.70 10.80 5.94
C ASN K 39 113.02 10.20 6.42
N LYS K 40 114.00 11.08 6.63
CA LYS K 40 115.35 10.70 7.08
C LYS K 40 115.36 9.78 8.30
N GLN K 41 116.32 8.85 8.32
CA GLN K 41 116.62 8.01 9.48
C GLN K 41 115.53 6.99 9.80
N ASP K 42 115.96 5.82 10.28
CA ASP K 42 115.03 4.76 10.63
C ASP K 42 114.12 5.16 11.78
N ILE K 43 112.95 4.53 11.85
CA ILE K 43 112.10 4.63 13.02
C ILE K 43 112.12 3.25 13.67
N PRO K 44 112.95 3.08 14.72
CA PRO K 44 113.06 1.80 15.42
C PRO K 44 111.72 1.26 15.92
N LYS K 45 111.66 -0.04 16.12
CA LYS K 45 110.48 -0.67 16.68
C LYS K 45 110.52 -0.59 18.20
N VAL K 46 109.68 0.27 18.76
CA VAL K 46 109.65 0.47 20.20
C VAL K 46 108.32 0.05 20.79
N SER K 47 108.27 -1.14 21.36
CA SER K 47 107.04 -1.66 21.96
C SER K 47 107.16 -1.68 23.47
N ALA K 48 106.02 -1.77 24.15
CA ALA K 48 106.02 -1.94 25.59
C ALA K 48 106.22 -3.41 25.92
N TYR K 49 105.93 -4.27 24.95
CA TYR K 49 106.01 -5.71 25.14
C TYR K 49 107.32 -6.27 24.60
N GLN K 50 108.42 -5.64 24.97
CA GLN K 50 109.74 -6.13 24.63
C GLN K 50 110.70 -5.86 25.77
N TYR K 51 111.54 -6.84 26.08
CA TYR K 51 112.51 -6.72 27.16
C TYR K 51 113.41 -5.49 27.03
N ARG K 52 113.59 -4.79 28.13
CA ARG K 52 114.59 -3.73 28.21
C ARG K 52 115.79 -4.25 28.98
N VAL K 53 116.94 -4.38 28.32
CA VAL K 53 118.14 -4.87 28.98
C VAL K 53 119.22 -3.79 29.01
N PHE K 54 119.37 -3.15 30.17
CA PHE K 54 120.38 -2.13 30.36
C PHE K 54 121.68 -2.77 30.83
N ARG K 55 122.73 -2.64 30.02
CA ARG K 55 124.05 -3.06 30.45
C ARG K 55 124.75 -1.90 31.13
N VAL K 56 124.62 -1.84 32.46
CA VAL K 56 125.19 -0.74 33.23
C VAL K 56 126.68 -0.93 33.43
N GLN K 57 127.46 0.00 32.89
CA GLN K 57 128.92 -0.06 33.00
C GLN K 57 129.42 0.77 34.17
N LEU K 58 130.03 0.09 35.14
CA LEU K 58 130.52 0.75 36.34
C LEU K 58 131.99 1.08 36.20
N PRO K 59 132.44 2.15 36.88
CA PRO K 59 133.86 2.49 36.87
C PRO K 59 134.69 1.47 37.65
N ASP K 60 135.90 1.19 37.19
CA ASP K 60 136.79 0.27 37.88
C ASP K 60 137.23 0.88 39.20
N PRO K 61 136.76 0.30 40.32
CA PRO K 61 137.04 0.81 41.67
C PRO K 61 138.53 0.83 41.98
N ASN K 62 139.27 -0.12 41.41
CA ASN K 62 140.72 -0.17 41.59
C ASN K 62 141.39 1.05 40.98
N LYS K 63 141.14 1.27 39.70
CA LYS K 63 141.70 2.43 39.00
C LYS K 63 140.84 3.68 39.23
N PHE K 64 140.12 3.68 40.34
CA PHE K 64 139.23 4.79 40.69
C PHE K 64 139.75 5.56 41.88
N GLY K 65 139.46 6.86 41.89
CA GLY K 65 139.82 7.69 43.02
C GLY K 65 138.88 7.50 44.19
N LEU K 66 139.43 7.02 45.30
CA LEU K 66 138.64 6.75 46.49
C LEU K 66 138.55 8.01 47.36
N PRO K 67 137.65 8.02 48.37
CA PRO K 67 137.74 9.12 49.33
C PRO K 67 138.99 8.95 50.17
N ASP K 68 139.45 7.70 50.22
CA ASP K 68 140.68 7.35 50.91
C ASP K 68 141.29 6.11 50.25
N THR K 69 142.55 6.20 49.85
CA THR K 69 143.21 5.04 49.25
C THR K 69 144.02 4.31 50.32
N SER K 70 143.47 4.28 51.53
CA SER K 70 143.99 3.43 52.59
C SER K 70 142.84 2.59 53.13
N ILE K 71 141.80 2.46 52.31
CA ILE K 71 140.72 1.52 52.59
C ILE K 71 141.24 0.11 52.43
N TYR K 72 142.19 -0.05 51.50
CA TYR K 72 142.79 -1.36 51.26
C TYR K 72 144.28 -1.25 50.97
N ASN K 73 144.89 -2.40 50.70
CA ASN K 73 146.29 -2.47 50.30
C ASN K 73 146.40 -3.05 48.90
N PRO K 74 146.64 -2.19 47.90
CA PRO K 74 146.65 -2.58 46.48
C PRO K 74 147.67 -3.67 46.13
N GLU K 75 148.50 -4.05 47.09
CA GLU K 75 149.50 -5.09 46.87
C GLU K 75 148.93 -6.49 47.03
N THR K 76 148.00 -6.64 47.97
CA THR K 76 147.48 -7.96 48.31
C THR K 76 145.99 -8.14 48.00
N GLN K 77 145.29 -7.06 47.67
CA GLN K 77 143.85 -7.17 47.48
C GLN K 77 143.28 -6.26 46.40
N ARG K 78 142.08 -6.62 45.94
CA ARG K 78 141.39 -5.88 44.87
C ARG K 78 140.04 -5.36 45.33
N LEU K 79 139.47 -4.43 44.56
CA LEU K 79 138.21 -3.79 44.91
C LEU K 79 137.09 -4.21 43.96
N VAL K 80 135.89 -4.43 44.52
CA VAL K 80 134.71 -4.76 43.72
C VAL K 80 133.51 -3.92 44.14
N TRP K 81 132.68 -3.53 43.17
CA TRP K 81 131.41 -2.88 43.48
C TRP K 81 130.38 -3.94 43.87
N ALA K 82 129.59 -3.66 44.90
CA ALA K 82 128.48 -4.53 45.29
C ALA K 82 127.21 -3.71 45.47
N CYS K 83 126.17 -4.08 44.71
CA CYS K 83 124.92 -3.33 44.71
C CYS K 83 124.15 -3.46 46.03
N ALA K 84 123.58 -2.35 46.50
CA ALA K 84 122.90 -2.34 47.79
C ALA K 84 121.46 -1.83 47.69
N GLY K 85 121.19 -1.07 46.63
CA GLY K 85 119.87 -0.51 46.43
C GLY K 85 119.61 -0.16 44.97
N VAL K 86 118.36 -0.26 44.55
CA VAL K 86 117.97 -0.02 43.16
C VAL K 86 116.61 0.66 43.06
N GLU K 87 116.47 1.61 42.15
CA GLU K 87 115.19 2.24 41.87
C GLU K 87 114.99 2.51 40.38
N ILE K 88 114.21 1.65 39.72
CA ILE K 88 113.91 1.83 38.30
C ILE K 88 112.76 2.81 38.13
N GLY K 89 113.06 3.96 37.55
CA GLY K 89 112.06 4.99 37.31
C GLY K 89 111.36 4.83 35.97
N ARG K 90 110.02 4.90 35.99
CA ARG K 90 109.23 4.87 34.76
C ARG K 90 108.56 6.22 34.57
N GLY K 91 108.63 6.75 33.36
CA GLY K 91 108.20 8.12 33.10
C GLY K 91 106.75 8.33 32.73
N GLN K 92 106.36 7.80 31.57
CA GLN K 92 105.04 8.08 30.98
C GLN K 92 103.87 7.65 31.88
N PRO K 93 102.67 8.24 31.65
CA PRO K 93 101.49 7.84 32.42
C PRO K 93 101.00 6.43 32.14
N LEU K 94 100.33 5.83 33.12
CA LEU K 94 99.76 4.50 32.97
C LEU K 94 98.74 4.49 31.84
N GLY K 95 98.75 3.42 31.04
CA GLY K 95 97.82 3.29 29.93
C GLY K 95 97.86 1.96 29.21
N VAL K 96 96.76 1.63 28.54
CA VAL K 96 96.65 0.40 27.77
C VAL K 96 96.81 0.67 26.28
N GLY K 97 97.47 -0.26 25.58
CA GLY K 97 97.70 -0.12 24.15
C GLY K 97 97.41 -1.39 23.38
N LEU K 98 96.82 -1.25 22.20
CA LEU K 98 96.36 -2.39 21.43
C LEU K 98 97.36 -2.82 20.36
N SER K 99 97.38 -4.12 20.09
CA SER K 99 98.14 -4.69 18.99
C SER K 99 97.20 -5.56 18.17
N GLY K 100 97.42 -5.64 16.86
CA GLY K 100 96.52 -6.39 16.01
C GLY K 100 97.13 -6.94 14.74
N HIS K 101 96.27 -7.30 13.80
CA HIS K 101 96.69 -7.87 12.52
C HIS K 101 95.60 -7.69 11.48
N PRO K 102 95.96 -7.16 10.30
CA PRO K 102 95.02 -6.92 9.21
C PRO K 102 94.32 -8.20 8.75
N PHE K 103 95.05 -9.31 8.75
CA PHE K 103 94.50 -10.58 8.30
C PHE K 103 94.66 -11.66 9.37
N TYR K 104 94.21 -11.36 10.58
CA TYR K 104 94.24 -12.31 11.68
C TYR K 104 93.46 -13.57 11.32
N ASN K 105 94.08 -14.73 11.53
CA ASN K 105 93.41 -16.00 11.27
C ASN K 105 92.33 -16.27 12.30
N LYS K 106 91.18 -15.62 12.12
CA LYS K 106 90.03 -15.87 12.97
C LYS K 106 88.92 -16.49 12.13
N LEU K 107 88.69 -17.79 12.31
CA LEU K 107 87.62 -18.47 11.59
C LEU K 107 86.28 -17.87 12.01
N ASP K 108 85.92 -18.06 13.27
CA ASP K 108 84.68 -17.48 13.81
C ASP K 108 84.63 -17.54 15.34
N ASP K 109 83.62 -16.91 15.92
CA ASP K 109 83.46 -16.89 17.36
C ASP K 109 82.87 -18.21 17.87
N THR K 110 83.59 -18.85 18.78
CA THR K 110 83.16 -20.13 19.35
C THR K 110 82.75 -19.97 20.80
N GLU K 111 82.70 -18.73 21.28
CA GLU K 111 82.28 -18.45 22.64
C GLU K 111 80.81 -18.76 22.83
N SER K 112 80.00 -18.40 21.84
CA SER K 112 78.56 -18.56 21.89
C SER K 112 77.90 -18.21 20.56
N SER K 113 78.47 -18.71 19.47
CA SER K 113 78.01 -18.41 18.11
C SER K 113 76.49 -18.49 17.98
N HIS K 114 75.91 -17.49 17.30
CA HIS K 114 74.46 -17.39 17.13
C HIS K 114 73.89 -18.70 16.57
N ALA K 115 74.63 -19.30 15.66
CA ALA K 115 74.29 -20.61 15.11
C ALA K 115 75.51 -21.20 14.41
N ALA K 116 75.30 -21.74 13.22
CA ALA K 116 76.40 -22.20 12.38
C ALA K 116 77.17 -21.00 11.86
N THR K 117 78.30 -21.24 11.21
CA THR K 117 79.13 -20.15 10.71
C THR K 117 79.50 -20.33 9.25
N SER K 118 80.38 -19.45 8.76
CA SER K 118 80.74 -19.39 7.36
C SER K 118 81.45 -20.66 6.88
N ASN K 119 81.36 -20.91 5.57
CA ASN K 119 82.04 -22.02 4.93
C ASN K 119 83.56 -21.89 5.06
N VAL K 120 84.24 -23.01 5.26
CA VAL K 120 85.70 -23.02 5.32
C VAL K 120 86.27 -22.94 3.91
N SER K 121 85.97 -21.84 3.22
CA SER K 121 86.35 -21.67 1.83
C SER K 121 87.84 -21.46 1.68
N GLU K 122 88.26 -20.19 1.74
CA GLU K 122 89.67 -19.85 1.54
C GLU K 122 90.11 -18.73 2.46
N ASP K 123 89.59 -17.52 2.22
CA ASP K 123 90.06 -16.34 2.93
C ASP K 123 88.94 -15.67 3.72
N VAL K 124 88.86 -15.99 5.01
CA VAL K 124 87.89 -15.35 5.89
C VAL K 124 88.62 -14.62 7.01
N ARG K 125 89.83 -14.18 6.72
CA ARG K 125 90.63 -13.46 7.70
C ARG K 125 90.06 -12.08 7.96
N ASP K 126 89.89 -11.74 9.23
CA ASP K 126 89.37 -10.44 9.61
C ASP K 126 90.44 -9.60 10.30
N ASN K 127 90.19 -8.30 10.38
CA ASN K 127 91.10 -7.37 11.06
C ASN K 127 90.74 -7.25 12.54
N VAL K 128 91.46 -7.99 13.39
CA VAL K 128 91.19 -7.93 14.82
C VAL K 128 92.42 -7.42 15.57
N SER K 129 92.16 -6.74 16.69
CA SER K 129 93.23 -6.30 17.58
C SER K 129 93.02 -6.91 18.95
N VAL K 130 94.01 -6.76 19.82
CA VAL K 130 93.92 -7.35 21.15
C VAL K 130 94.91 -6.71 22.13
N ASP K 131 94.44 -6.43 23.33
CA ASP K 131 95.34 -5.99 24.39
C ASP K 131 95.99 -7.21 25.01
N TYR K 132 97.31 -7.14 25.18
CA TYR K 132 98.08 -8.30 25.61
C TYR K 132 97.98 -8.59 27.09
N LYS K 133 98.68 -9.63 27.51
CA LYS K 133 98.85 -9.98 28.91
C LYS K 133 99.58 -8.86 29.66
N GLN K 134 99.23 -8.66 30.92
CA GLN K 134 99.89 -7.63 31.74
C GLN K 134 101.08 -8.20 32.49
N THR K 135 102.27 -7.67 32.22
CA THR K 135 103.49 -8.20 32.82
C THR K 135 104.39 -7.10 33.38
N GLN K 136 104.88 -7.33 34.60
CA GLN K 136 105.94 -6.53 35.18
C GLN K 136 107.02 -7.42 35.74
N LEU K 137 108.25 -7.29 35.26
CA LEU K 137 109.34 -8.06 35.83
C LEU K 137 110.65 -7.28 35.80
N CYS K 138 111.52 -7.60 36.74
CA CYS K 138 112.78 -6.90 36.91
C CYS K 138 113.87 -7.82 37.42
N ILE K 139 114.93 -7.98 36.63
CA ILE K 139 116.04 -8.84 37.02
C ILE K 139 117.33 -8.03 37.22
N LEU K 140 118.10 -8.41 38.22
CA LEU K 140 119.42 -7.83 38.42
C LEU K 140 120.49 -8.92 38.47
N GLY K 141 121.67 -8.63 37.92
CA GLY K 141 122.75 -9.60 37.89
C GLY K 141 123.98 -9.05 37.18
N CYS K 142 125.12 -9.68 37.40
CA CYS K 142 126.36 -9.27 36.74
C CYS K 142 126.61 -10.09 35.48
N ALA K 143 125.61 -10.90 35.13
CA ALA K 143 125.59 -11.64 33.87
C ALA K 143 124.14 -11.63 33.36
N PRO K 144 123.96 -11.43 32.04
CA PRO K 144 122.61 -11.25 31.48
C PRO K 144 121.68 -12.42 31.81
N ALA K 145 120.39 -12.15 31.97
CA ALA K 145 119.43 -13.18 32.35
C ALA K 145 119.19 -14.16 31.21
N ILE K 146 118.70 -15.34 31.56
CA ILE K 146 118.49 -16.41 30.60
C ILE K 146 117.02 -16.57 30.25
N GLY K 147 116.73 -16.65 28.95
CA GLY K 147 115.38 -16.86 28.50
C GLY K 147 115.18 -18.22 27.88
N GLU K 148 113.95 -18.72 27.97
CA GLU K 148 113.58 -19.97 27.33
C GLU K 148 112.44 -19.73 26.36
N HIS K 149 112.40 -20.51 25.29
CA HIS K 149 111.27 -20.49 24.36
C HIS K 149 111.23 -21.79 23.56
N TRP K 150 110.18 -21.96 22.79
CA TRP K 150 110.01 -23.16 21.99
C TRP K 150 110.33 -22.87 20.53
N ALA K 151 111.13 -23.76 19.94
CA ALA K 151 111.59 -23.59 18.57
C ALA K 151 111.46 -24.89 17.79
N LYS K 152 111.58 -24.80 16.47
CA LYS K 152 111.52 -25.98 15.62
C LYS K 152 112.64 -26.96 15.94
N GLY K 153 112.26 -28.15 16.40
CA GLY K 153 113.20 -29.24 16.64
C GLY K 153 114.04 -29.47 15.41
N THR K 154 115.27 -29.93 15.61
CA THR K 154 116.26 -29.85 14.55
C THR K 154 116.02 -30.92 13.46
N ALA K 155 116.40 -30.56 12.23
CA ALA K 155 116.19 -31.43 11.08
C ALA K 155 117.17 -32.58 11.10
N SER K 156 117.08 -33.35 12.17
CA SER K 156 117.84 -34.59 12.34
C SER K 156 117.63 -35.52 11.15
N LYS K 157 118.67 -36.28 10.81
CA LYS K 157 118.57 -37.40 9.86
C LYS K 157 117.23 -38.14 9.91
N SER K 158 117.14 -39.13 10.81
CA SER K 158 115.95 -39.97 11.02
C SER K 158 115.11 -40.27 9.76
N ARG K 159 113.80 -40.38 9.96
CA ARG K 159 112.83 -40.35 8.87
C ARG K 159 112.37 -38.90 8.81
N PRO K 160 112.97 -38.14 7.90
CA PRO K 160 112.81 -36.69 8.03
C PRO K 160 111.37 -36.20 7.78
N LEU K 161 111.07 -35.03 8.35
CA LEU K 161 109.75 -34.41 8.27
C LEU K 161 109.21 -34.49 6.83
N SER K 162 107.95 -34.89 6.69
CA SER K 162 107.30 -34.92 5.38
C SER K 162 106.46 -33.67 5.34
N GLN K 163 106.70 -32.81 4.35
CA GLN K 163 106.10 -31.48 4.27
C GLN K 163 104.62 -31.45 4.63
N GLY K 164 104.28 -30.70 5.67
CA GLY K 164 102.89 -30.55 6.10
C GLY K 164 102.67 -31.09 7.50
N ASP K 165 103.49 -32.06 7.88
CA ASP K 165 103.38 -32.69 9.20
C ASP K 165 103.90 -31.78 10.30
N CYS K 166 103.39 -31.98 11.51
CA CYS K 166 103.84 -31.19 12.66
C CYS K 166 105.27 -31.51 13.03
N PRO K 167 106.10 -30.46 13.20
CA PRO K 167 107.49 -30.64 13.63
C PRO K 167 107.61 -30.92 15.12
N PRO K 168 108.74 -31.51 15.55
CA PRO K 168 108.98 -31.71 16.97
C PRO K 168 109.41 -30.43 17.67
N LEU K 169 108.92 -30.21 18.89
CA LEU K 169 109.26 -29.01 19.65
C LEU K 169 110.53 -29.22 20.47
N GLU K 170 111.33 -28.16 20.59
CA GLU K 170 112.53 -28.21 21.41
C GLU K 170 112.61 -26.96 22.29
N LEU K 171 112.84 -27.15 23.59
CA LEU K 171 113.00 -26.01 24.48
C LEU K 171 114.43 -25.50 24.39
N LYS K 172 114.58 -24.22 24.05
CA LYS K 172 115.90 -23.62 23.85
C LYS K 172 116.20 -22.51 24.85
N ASN K 173 117.41 -22.57 25.42
CA ASN K 173 117.87 -21.52 26.31
C ASN K 173 118.68 -20.47 25.55
N THR K 174 118.56 -19.21 25.96
CA THR K 174 119.26 -18.12 25.28
C THR K 174 119.41 -16.90 26.18
N VAL K 175 120.20 -15.93 25.71
CA VAL K 175 120.37 -14.68 26.44
C VAL K 175 119.30 -13.67 26.05
N LEU K 176 118.63 -13.13 27.06
CA LEU K 176 117.67 -12.06 26.85
C LEU K 176 118.38 -10.77 26.48
N GLU K 177 118.36 -10.44 25.19
CA GLU K 177 118.90 -9.17 24.74
C GLU K 177 117.83 -8.10 24.82
N ASP K 178 118.24 -6.84 24.66
CA ASP K 178 117.28 -5.76 24.54
C ASP K 178 116.56 -5.89 23.21
N GLY K 179 115.24 -5.75 23.22
CA GLY K 179 114.46 -5.82 22.00
C GLY K 179 113.69 -7.10 21.84
N ASP K 180 114.14 -8.17 22.51
CA ASP K 180 113.45 -9.44 22.47
C ASP K 180 112.03 -9.30 23.03
N MET K 181 111.08 -10.01 22.43
CA MET K 181 109.68 -9.89 22.81
C MET K 181 109.34 -10.84 23.95
N VAL K 182 108.43 -10.40 24.81
CA VAL K 182 108.00 -11.17 25.97
C VAL K 182 106.83 -12.07 25.64
N ASP K 183 106.40 -12.88 26.61
CA ASP K 183 105.18 -13.65 26.46
C ASP K 183 103.99 -12.71 26.54
N THR K 184 103.16 -12.72 25.50
CA THR K 184 102.03 -11.81 25.41
C THR K 184 100.72 -12.50 25.75
N GLY K 185 100.80 -13.81 26.00
CA GLY K 185 99.62 -14.61 26.27
C GLY K 185 99.37 -15.60 25.15
N TYR K 186 100.21 -15.54 24.13
CA TYR K 186 100.17 -16.49 23.03
C TYR K 186 101.26 -17.52 23.20
N GLY K 187 101.77 -17.65 24.42
CA GLY K 187 102.85 -18.57 24.71
C GLY K 187 104.19 -17.98 24.34
N ALA K 188 105.26 -18.64 24.74
CA ALA K 188 106.61 -18.22 24.36
C ALA K 188 107.18 -19.17 23.31
N MET K 189 107.17 -18.75 22.05
CA MET K 189 107.66 -19.58 20.96
C MET K 189 108.20 -18.74 19.79
N ASP K 190 108.83 -19.42 18.83
CA ASP K 190 109.33 -18.78 17.62
C ASP K 190 108.25 -18.81 16.54
N PHE K 191 107.43 -17.76 16.51
CA PHE K 191 106.30 -17.69 15.60
C PHE K 191 106.72 -17.63 14.13
N SER K 192 107.98 -17.31 13.88
CA SER K 192 108.49 -17.20 12.52
C SER K 192 108.76 -18.58 11.90
N THR K 193 109.03 -19.57 12.74
CA THR K 193 109.40 -20.89 12.23
C THR K 193 108.38 -21.97 12.58
N LEU K 194 107.40 -21.61 13.39
CA LEU K 194 106.38 -22.57 13.82
C LEU K 194 105.02 -22.27 13.20
N GLN K 195 104.84 -21.04 12.71
CA GLN K 195 103.59 -20.65 12.09
C GLN K 195 103.82 -20.11 10.68
N ASP K 196 103.52 -20.94 9.68
CA ASP K 196 103.72 -20.56 8.28
C ASP K 196 102.72 -19.51 7.83
N THR K 197 101.57 -19.48 8.49
CA THR K 197 100.48 -18.58 8.12
C THR K 197 100.90 -17.11 8.25
N LYS K 198 101.72 -16.81 9.24
CA LYS K 198 102.12 -15.45 9.56
C LYS K 198 100.90 -14.58 9.87
N CYS K 199 99.85 -15.21 10.39
CA CYS K 199 98.60 -14.52 10.66
C CYS K 199 97.91 -15.05 11.92
N GLU K 200 98.65 -15.80 12.73
CA GLU K 200 98.09 -16.43 13.92
C GLU K 200 98.16 -15.53 15.16
N VAL K 201 99.03 -14.52 15.09
CA VAL K 201 99.25 -13.61 16.21
C VAL K 201 99.37 -12.18 15.67
N PRO K 202 99.21 -11.16 16.55
CA PRO K 202 99.30 -9.77 16.07
C PRO K 202 100.65 -9.43 15.45
N LEU K 203 100.70 -8.26 14.83
CA LEU K 203 101.81 -7.85 13.96
C LEU K 203 103.20 -7.78 14.61
N ASP K 204 103.25 -7.44 15.89
CA ASP K 204 104.54 -7.15 16.53
C ASP K 204 105.27 -8.42 17.02
N ILE K 205 104.53 -9.51 17.17
CA ILE K 205 105.13 -10.78 17.54
C ILE K 205 104.96 -11.77 16.40
N CYS K 206 104.54 -11.27 15.25
CA CYS K 206 104.24 -12.09 14.07
C CYS K 206 105.44 -12.89 13.58
N GLN K 207 106.58 -12.22 13.43
CA GLN K 207 107.78 -12.86 12.92
C GLN K 207 108.93 -12.79 13.91
N SER K 208 108.60 -12.66 15.19
CA SER K 208 109.60 -12.51 16.24
C SER K 208 109.76 -13.77 17.09
N ILE K 209 110.50 -13.64 18.19
CA ILE K 209 110.66 -14.73 19.13
C ILE K 209 110.26 -14.29 20.53
N CYS K 210 109.19 -14.87 21.05
CA CYS K 210 108.73 -14.55 22.40
C CYS K 210 109.48 -15.42 23.42
N LYS K 211 110.16 -14.75 24.35
CA LYS K 211 110.93 -15.45 25.37
C LYS K 211 110.33 -15.23 26.75
N TYR K 212 110.50 -16.21 27.62
CA TYR K 212 110.12 -16.08 29.02
C TYR K 212 111.35 -16.40 29.87
N PRO K 213 111.59 -15.60 30.91
CA PRO K 213 112.76 -15.83 31.76
C PRO K 213 112.76 -17.23 32.34
N ASP K 214 113.88 -17.94 32.20
CA ASP K 214 114.00 -19.27 32.78
C ASP K 214 114.35 -19.15 34.26
N TYR K 215 113.36 -18.83 35.07
CA TYR K 215 113.54 -18.64 36.51
C TYR K 215 114.09 -19.90 37.17
N LEU K 216 113.62 -21.05 36.70
CA LEU K 216 114.05 -22.34 37.25
C LEU K 216 115.54 -22.52 37.11
N GLN K 217 116.05 -22.28 35.91
CA GLN K 217 117.47 -22.45 35.62
C GLN K 217 118.36 -21.48 36.40
N MET K 218 117.96 -20.21 36.43
CA MET K 218 118.76 -19.18 37.07
C MET K 218 118.80 -19.33 38.59
N SER K 219 117.84 -20.07 39.14
CA SER K 219 117.88 -20.41 40.55
C SER K 219 118.77 -21.61 40.77
N ALA K 220 118.83 -22.49 39.77
CA ALA K 220 119.64 -23.69 39.83
C ALA K 220 121.12 -23.38 39.56
N ASP K 221 121.35 -22.28 38.87
CA ASP K 221 122.71 -21.85 38.53
C ASP K 221 123.61 -21.83 39.76
N PRO K 222 124.73 -22.58 39.69
CA PRO K 222 125.60 -22.84 40.84
C PRO K 222 126.12 -21.57 41.51
N TYR K 223 126.64 -20.65 40.71
CA TYR K 223 127.20 -19.42 41.25
C TYR K 223 126.11 -18.37 41.52
N GLY K 224 125.21 -18.17 40.57
CA GLY K 224 124.12 -17.23 40.75
C GLY K 224 124.48 -15.82 40.37
N ASP K 225 125.22 -15.66 39.27
CA ASP K 225 125.56 -14.35 38.75
C ASP K 225 124.45 -13.84 37.84
N SER K 226 123.57 -14.76 37.46
CA SER K 226 122.53 -14.47 36.46
C SER K 226 121.42 -13.63 37.05
N MET K 227 121.05 -13.91 38.30
CA MET K 227 120.07 -13.11 39.03
C MET K 227 120.30 -13.17 40.54
N PHE K 228 120.53 -12.02 41.16
CA PHE K 228 120.53 -11.95 42.61
C PHE K 228 119.38 -11.08 43.12
N PHE K 229 118.40 -10.87 42.25
CA PHE K 229 117.22 -10.07 42.58
C PHE K 229 116.15 -10.25 41.51
N CYS K 230 114.94 -10.64 41.93
CA CYS K 230 113.88 -10.93 40.97
C CYS K 230 112.50 -10.53 41.46
N LEU K 231 111.87 -9.61 40.73
CA LEU K 231 110.48 -9.24 40.96
C LEU K 231 109.65 -9.55 39.72
N ARG K 232 108.55 -10.29 39.88
CA ARG K 232 107.65 -10.55 38.77
C ARG K 232 106.21 -10.32 39.20
N ARG K 233 105.36 -9.94 38.25
CA ARG K 233 103.95 -9.73 38.54
C ARG K 233 103.13 -9.73 37.25
N GLU K 234 102.58 -10.89 36.91
CA GLU K 234 101.74 -11.01 35.72
C GLU K 234 100.29 -11.29 36.09
N GLN K 235 99.38 -10.92 35.19
CA GLN K 235 97.95 -11.19 35.34
C GLN K 235 97.25 -11.10 33.99
N LEU K 236 96.29 -11.98 33.75
CA LEU K 236 95.54 -11.94 32.50
C LEU K 236 94.30 -12.83 32.53
N PHE K 237 93.42 -12.63 31.54
CA PHE K 237 92.21 -13.44 31.41
C PHE K 237 91.81 -13.53 29.94
N ALA K 238 90.89 -14.44 29.63
CA ALA K 238 90.49 -14.68 28.25
C ALA K 238 89.32 -13.79 27.84
N ARG K 239 89.57 -12.90 26.88
CA ARG K 239 88.55 -11.98 26.38
C ARG K 239 87.56 -12.70 25.45
N HIS K 240 88.02 -13.09 24.27
CA HIS K 240 87.16 -13.81 23.31
C HIS K 240 87.70 -15.19 22.95
N PHE K 241 86.81 -16.06 22.50
CA PHE K 241 87.16 -17.42 22.11
C PHE K 241 87.03 -17.58 20.59
N TRP K 242 88.04 -18.15 19.94
CA TRP K 242 88.02 -18.24 18.49
C TRP K 242 88.43 -19.59 17.90
N ASN K 243 88.18 -19.72 16.60
CA ASN K 243 88.55 -20.90 15.85
C ASN K 243 89.70 -20.61 14.89
N ARG K 244 90.46 -21.63 14.52
CA ARG K 244 91.51 -21.48 13.53
C ARG K 244 91.07 -22.06 12.18
N ALA K 245 91.08 -21.22 11.15
CA ALA K 245 90.79 -21.70 9.81
C ALA K 245 91.91 -22.60 9.32
N GLY K 246 91.57 -23.63 8.56
CA GLY K 246 92.55 -24.55 8.04
C GLY K 246 92.16 -26.01 8.22
N THR K 247 93.00 -26.90 7.70
CA THR K 247 92.77 -28.33 7.84
C THR K 247 93.34 -28.84 9.15
N MET K 248 92.62 -29.74 9.80
CA MET K 248 93.04 -30.29 11.09
C MET K 248 94.16 -31.31 10.92
N GLY K 249 95.33 -30.98 11.46
CA GLY K 249 96.47 -31.86 11.36
C GLY K 249 96.23 -33.18 12.09
N ASP K 250 95.97 -33.10 13.38
CA ASP K 250 95.53 -34.25 14.14
C ASP K 250 94.03 -34.45 13.94
N THR K 251 93.65 -35.62 13.45
CA THR K 251 92.23 -35.89 13.19
C THR K 251 91.52 -36.34 14.47
N VAL K 252 90.35 -35.76 14.72
CA VAL K 252 89.59 -36.08 15.91
C VAL K 252 89.09 -37.52 15.85
N PRO K 253 89.50 -38.35 16.83
CA PRO K 253 89.12 -39.76 16.90
C PRO K 253 87.61 -39.96 16.84
N GLN K 254 87.16 -40.90 16.03
CA GLN K 254 85.73 -41.16 15.82
C GLN K 254 85.01 -41.53 17.12
N SER K 255 85.75 -41.99 18.12
CA SER K 255 85.16 -42.46 19.35
C SER K 255 84.89 -41.34 20.36
N LEU K 256 84.82 -40.11 19.86
CA LEU K 256 84.63 -38.96 20.74
C LEU K 256 83.40 -38.13 20.38
N TYR K 257 82.72 -38.51 19.30
CA TYR K 257 81.50 -37.80 18.91
C TYR K 257 80.57 -38.72 18.12
N ILE K 258 79.42 -38.18 17.72
CA ILE K 258 78.49 -38.92 16.88
C ILE K 258 78.35 -38.19 15.55
N LYS K 259 78.48 -38.94 14.45
CA LYS K 259 78.41 -38.34 13.12
C LYS K 259 77.04 -37.75 12.84
N GLY K 260 77.00 -36.79 11.93
CA GLY K 260 75.75 -36.20 11.50
C GLY K 260 75.65 -36.21 9.98
N THR K 261 74.90 -35.25 9.45
CA THR K 261 74.78 -35.10 8.01
C THR K 261 74.94 -33.64 7.62
N GLY K 262 75.12 -33.38 6.33
CA GLY K 262 75.36 -32.03 5.85
C GLY K 262 76.71 -31.52 6.30
N MET K 263 76.75 -30.28 6.78
CA MET K 263 77.99 -29.70 7.27
C MET K 263 78.41 -30.36 8.59
N ARG K 264 77.44 -30.89 9.32
CA ARG K 264 77.71 -31.53 10.60
C ARG K 264 78.01 -33.02 10.43
N ALA K 265 78.39 -33.41 9.22
CA ALA K 265 78.85 -34.77 8.97
C ALA K 265 80.27 -34.94 9.48
N SER K 266 81.15 -34.03 9.06
CA SER K 266 82.55 -34.06 9.49
C SER K 266 82.83 -32.94 10.49
N PRO K 267 83.65 -33.22 11.51
CA PRO K 267 83.99 -32.23 12.53
C PRO K 267 84.72 -31.02 11.95
N GLY K 268 84.37 -29.83 12.43
CA GLY K 268 85.02 -28.62 11.98
C GLY K 268 86.37 -28.43 12.65
N SER K 269 86.73 -27.17 12.86
CA SER K 269 88.02 -26.85 13.48
C SER K 269 87.98 -27.13 14.98
N CYS K 270 89.05 -27.73 15.48
CA CYS K 270 89.14 -28.04 16.91
C CYS K 270 90.41 -27.46 17.49
N VAL K 271 90.93 -26.42 16.83
CA VAL K 271 92.07 -25.68 17.36
C VAL K 271 91.60 -24.31 17.85
N TYR K 272 91.37 -24.22 19.15
CA TYR K 272 90.85 -23.01 19.76
C TYR K 272 91.98 -22.15 20.32
N SER K 273 91.80 -20.83 20.24
CA SER K 273 92.82 -19.90 20.73
C SER K 273 92.16 -18.62 21.23
N PRO K 274 92.25 -18.36 22.54
CA PRO K 274 91.64 -17.20 23.18
C PRO K 274 92.48 -15.94 23.02
N SER K 275 91.82 -14.79 22.88
CA SER K 275 92.54 -13.51 22.88
C SER K 275 92.84 -13.12 24.31
N PRO K 276 94.12 -12.89 24.62
CA PRO K 276 94.54 -12.52 25.98
C PRO K 276 94.05 -11.13 26.37
N SER K 277 94.12 -10.81 27.65
CA SER K 277 93.68 -9.51 28.14
C SER K 277 94.11 -9.26 29.58
N GLY K 278 94.99 -8.28 29.78
CA GLY K 278 95.30 -7.80 31.12
C GLY K 278 94.12 -6.96 31.57
N SER K 279 93.64 -7.22 32.79
CA SER K 279 92.45 -6.52 33.28
C SER K 279 92.78 -5.08 33.64
N ILE K 280 92.22 -4.60 34.75
CA ILE K 280 92.50 -3.24 35.20
C ILE K 280 93.97 -3.04 35.54
N VAL K 281 94.58 -2.06 34.91
CA VAL K 281 95.91 -1.61 35.31
C VAL K 281 95.75 -0.47 36.32
N THR K 282 96.28 -0.67 37.52
CA THR K 282 96.17 0.32 38.59
C THR K 282 97.54 0.65 39.18
N SER K 283 97.68 1.85 39.72
CA SER K 283 98.93 2.28 40.34
C SER K 283 99.17 1.53 41.65
N ASP K 284 98.11 0.96 42.18
CA ASP K 284 98.16 0.28 43.47
C ASP K 284 99.02 -0.98 43.44
N SER K 285 99.06 -1.66 42.30
CA SER K 285 99.88 -2.85 42.17
C SER K 285 101.14 -2.58 41.36
N GLN K 286 101.54 -1.31 41.32
CA GLN K 286 102.73 -0.91 40.56
C GLN K 286 104.00 -1.45 41.20
N LEU K 287 105.02 -1.71 40.37
CA LEU K 287 106.22 -2.37 40.85
C LEU K 287 107.47 -1.50 40.77
N PHE K 288 107.38 -0.37 40.06
CA PHE K 288 108.53 0.51 39.91
C PHE K 288 108.32 1.85 40.60
N ASN K 289 109.27 2.78 40.40
CA ASN K 289 109.31 4.05 41.13
C ASN K 289 109.40 3.85 42.64
N LYS K 290 109.59 2.59 43.04
CA LYS K 290 109.80 2.23 44.43
C LYS K 290 111.22 1.73 44.60
N PRO K 291 111.89 2.14 45.68
CA PRO K 291 113.26 1.68 45.93
C PRO K 291 113.28 0.25 46.46
N TYR K 292 114.34 -0.49 46.14
CA TYR K 292 114.49 -1.86 46.62
C TYR K 292 115.89 -2.12 47.13
N TRP K 293 115.99 -2.72 48.32
CA TRP K 293 117.27 -2.99 48.93
C TRP K 293 117.63 -4.47 48.89
N LEU K 294 118.81 -4.76 48.35
CA LEU K 294 119.31 -6.13 48.30
C LEU K 294 119.95 -6.47 49.63
N HIS K 295 119.13 -6.87 50.61
CA HIS K 295 119.63 -7.20 51.94
C HIS K 295 120.55 -8.41 51.87
N LYS K 296 120.01 -9.53 51.40
CA LYS K 296 120.77 -10.75 51.17
C LYS K 296 120.18 -11.47 49.97
N ALA K 297 120.99 -11.65 48.94
CA ALA K 297 120.53 -12.23 47.68
C ALA K 297 119.98 -13.64 47.83
N GLN K 298 119.33 -14.14 46.78
CA GLN K 298 118.79 -15.48 46.79
C GLN K 298 119.88 -16.51 46.50
N GLY K 299 120.80 -16.15 45.61
CA GLY K 299 121.83 -17.07 45.17
C GLY K 299 123.09 -17.02 46.01
N HIS K 300 124.20 -17.43 45.42
CA HIS K 300 125.49 -17.38 46.11
C HIS K 300 126.19 -16.05 45.89
N ASN K 301 125.93 -15.41 44.75
CA ASN K 301 126.41 -14.04 44.53
C ASN K 301 125.47 -13.06 45.21
N ASN K 302 125.97 -12.32 46.18
CA ASN K 302 125.16 -11.36 46.92
C ASN K 302 125.38 -9.94 46.42
N GLY K 303 125.01 -9.70 45.17
CA GLY K 303 125.07 -8.38 44.58
C GLY K 303 126.47 -7.98 44.15
N VAL K 304 127.40 -8.92 44.14
CA VAL K 304 128.76 -8.62 43.74
C VAL K 304 128.83 -8.43 42.22
N CYS K 305 129.12 -7.21 41.80
CA CYS K 305 129.14 -6.88 40.38
C CYS K 305 130.51 -7.13 39.77
N TRP K 306 130.78 -8.39 39.43
CA TRP K 306 132.02 -8.74 38.75
C TRP K 306 132.13 -8.00 37.41
N HIS K 307 133.36 -7.76 36.99
CA HIS K 307 133.69 -7.04 35.76
C HIS K 307 133.21 -5.59 35.76
N ASN K 308 132.79 -5.10 36.93
CA ASN K 308 132.21 -3.77 37.05
C ASN K 308 131.05 -3.59 36.07
N GLN K 309 130.23 -4.64 35.98
CA GLN K 309 129.07 -4.66 35.12
C GLN K 309 127.82 -4.91 35.94
N LEU K 310 126.69 -4.42 35.44
CA LEU K 310 125.39 -4.75 36.02
C LEU K 310 124.36 -4.86 34.91
N PHE K 311 123.61 -5.95 34.92
CA PHE K 311 122.59 -6.14 33.91
C PHE K 311 121.20 -5.95 34.51
N VAL K 312 120.50 -4.92 34.03
CA VAL K 312 119.15 -4.63 34.49
C VAL K 312 118.14 -5.02 33.42
N THR K 313 117.42 -6.09 33.68
CA THR K 313 116.40 -6.58 32.75
C THR K 313 115.01 -6.14 33.21
N VAL K 314 114.35 -5.32 32.38
CA VAL K 314 113.09 -4.72 32.78
C VAL K 314 111.97 -4.97 31.78
N VAL K 315 110.79 -5.34 32.30
CA VAL K 315 109.57 -5.45 31.50
C VAL K 315 108.44 -4.68 32.17
N ASP K 316 107.82 -3.77 31.43
CA ASP K 316 106.71 -2.98 31.98
C ASP K 316 105.65 -2.72 30.92
N THR K 317 104.51 -3.39 31.05
CA THR K 317 103.44 -3.27 30.07
C THR K 317 102.32 -2.37 30.57
N THR K 318 102.49 -1.84 31.78
CA THR K 318 101.47 -0.97 32.39
C THR K 318 101.57 0.45 31.85
N ARG K 319 102.49 0.66 30.91
CA ARG K 319 102.63 1.93 30.21
C ARG K 319 102.77 1.66 28.72
N SER K 320 101.65 1.55 28.02
CA SER K 320 101.68 1.11 26.62
C SER K 320 100.74 1.90 25.72
N THR K 321 100.26 3.04 26.19
CA THR K 321 99.45 3.90 25.36
C THR K 321 100.26 4.40 24.17
N ASN K 322 99.81 4.04 22.97
CA ASN K 322 100.47 4.46 21.75
C ASN K 322 99.87 5.74 21.20
N LEU K 323 100.71 6.73 20.97
CA LEU K 323 100.26 8.00 20.42
C LEU K 323 99.76 7.85 18.99
N THR K 324 98.65 8.52 18.70
CA THR K 324 98.13 8.56 17.34
C THR K 324 98.45 9.91 16.73
N ILE K 325 99.20 9.92 15.65
CA ILE K 325 99.57 11.16 14.96
C ILE K 325 99.06 11.11 13.53
N CYS K 326 98.46 12.21 13.08
CA CYS K 326 97.97 12.28 11.71
C CYS K 326 98.17 13.67 11.11
N ALA K 327 98.82 13.70 9.94
CA ALA K 327 99.00 14.95 9.21
C ALA K 327 98.25 14.87 7.88
N SER K 328 97.82 16.03 7.37
CA SER K 328 97.04 16.07 6.16
C SER K 328 97.92 16.19 4.92
N THR K 329 97.38 15.77 3.77
CA THR K 329 98.10 15.85 2.51
C THR K 329 98.14 17.28 1.99
N GLN K 330 97.08 18.03 2.30
CA GLN K 330 96.99 19.42 1.87
C GLN K 330 97.60 20.36 2.90
N SER K 331 98.34 21.35 2.43
CA SER K 331 98.93 22.36 3.31
C SER K 331 97.90 23.32 3.93
N PRO K 332 96.89 23.76 3.16
CA PRO K 332 95.95 24.68 3.81
C PRO K 332 94.99 24.01 4.80
N VAL K 333 95.05 22.68 4.92
CA VAL K 333 94.15 21.91 5.76
C VAL K 333 92.70 22.18 5.36
N PRO K 334 92.16 21.35 4.46
CA PRO K 334 90.85 21.54 3.84
C PRO K 334 89.69 21.58 4.83
N GLY K 335 88.69 22.41 4.53
CA GLY K 335 87.51 22.54 5.38
C GLY K 335 86.44 21.52 5.04
N GLN K 336 86.79 20.54 4.21
CA GLN K 336 85.90 19.43 3.90
C GLN K 336 86.58 18.13 4.32
N TYR K 337 85.87 17.27 5.04
CA TYR K 337 86.50 16.06 5.56
C TYR K 337 86.59 14.97 4.49
N ASP K 338 87.76 14.31 4.47
CA ASP K 338 88.01 13.21 3.56
C ASP K 338 89.14 12.34 4.13
N ALA K 339 88.79 11.11 4.51
CA ALA K 339 89.71 10.19 5.18
C ALA K 339 91.01 9.99 4.41
N THR K 340 90.93 9.99 3.08
CA THR K 340 92.07 9.74 2.22
C THR K 340 93.13 10.84 2.29
N LYS K 341 92.72 12.03 2.71
CA LYS K 341 93.63 13.17 2.72
C LYS K 341 94.39 13.31 4.03
N PHE K 342 94.31 12.28 4.86
CA PHE K 342 95.02 12.26 6.14
C PHE K 342 95.84 10.99 6.29
N LYS K 343 97.12 11.13 6.63
CA LYS K 343 97.98 9.99 6.88
C LYS K 343 98.05 9.68 8.36
N GLN K 344 97.78 8.43 8.72
CA GLN K 344 97.79 8.03 10.12
C GLN K 344 99.11 7.37 10.53
N TYR K 345 99.66 7.80 11.66
CA TYR K 345 100.90 7.24 12.18
C TYR K 345 100.72 6.77 13.62
N SER K 346 101.44 5.71 13.98
CA SER K 346 101.36 5.16 15.34
C SER K 346 102.74 5.16 16.01
N ARG K 347 102.88 5.91 17.09
CA ARG K 347 104.17 6.06 17.74
C ARG K 347 104.13 5.75 19.23
N HIS K 348 105.12 5.02 19.71
CA HIS K 348 105.18 4.67 21.12
C HIS K 348 106.43 5.22 21.80
N VAL K 349 106.27 5.62 23.05
CA VAL K 349 107.35 6.20 23.82
C VAL K 349 107.75 5.30 25.00
N GLU K 350 109.04 5.28 25.32
CA GLU K 350 109.52 4.61 26.51
C GLU K 350 110.49 5.50 27.27
N GLU K 351 110.15 5.83 28.52
CA GLU K 351 111.00 6.69 29.34
C GLU K 351 111.48 5.99 30.61
N TYR K 352 112.79 5.88 30.77
CA TYR K 352 113.37 5.21 31.92
C TYR K 352 114.29 6.10 32.73
N ASP K 353 114.64 5.63 33.93
CA ASP K 353 115.55 6.32 34.82
C ASP K 353 116.12 5.35 35.85
N LEU K 354 117.42 5.09 35.76
CA LEU K 354 118.06 4.13 36.65
C LEU K 354 118.87 4.82 37.75
N GLN K 355 118.63 4.43 39.00
CA GLN K 355 119.40 4.92 40.13
C GLN K 355 119.88 3.75 40.98
N PHE K 356 121.11 3.80 41.46
CA PHE K 356 121.65 2.72 42.28
C PHE K 356 122.36 3.24 43.53
N ILE K 357 122.51 2.37 44.52
CA ILE K 357 123.36 2.65 45.67
C ILE K 357 124.38 1.52 45.79
N PHE K 358 125.64 1.83 45.50
CA PHE K 358 126.68 0.81 45.45
C PHE K 358 127.56 0.82 46.69
N GLN K 359 128.18 -0.32 46.96
CA GLN K 359 129.02 -0.47 48.13
C GLN K 359 130.40 -0.97 47.76
N LEU K 360 131.43 -0.21 48.11
CA LEU K 360 132.81 -0.60 47.83
C LEU K 360 133.18 -1.80 48.70
N CYS K 361 133.83 -2.79 48.10
CA CYS K 361 134.20 -4.00 48.82
C CYS K 361 135.60 -4.46 48.46
N THR K 362 136.22 -5.24 49.34
CA THR K 362 137.57 -5.75 49.11
C THR K 362 137.59 -7.26 48.97
N ILE K 363 138.65 -7.76 48.34
CA ILE K 363 138.92 -9.19 48.27
C ILE K 363 140.40 -9.46 48.52
N THR K 364 140.70 -10.05 49.67
CA THR K 364 142.09 -10.38 49.99
C THR K 364 142.54 -11.56 49.13
N LEU K 365 143.39 -11.27 48.15
CA LEU K 365 143.84 -12.27 47.19
C LEU K 365 144.86 -13.24 47.78
N THR K 366 144.35 -14.31 48.40
CA THR K 366 145.20 -15.37 48.94
C THR K 366 145.34 -16.49 47.91
N ALA K 367 145.92 -17.62 48.32
CA ALA K 367 146.14 -18.74 47.42
C ALA K 367 144.83 -19.38 46.98
N ASP K 368 144.09 -19.91 47.95
CA ASP K 368 142.81 -20.57 47.70
C ASP K 368 141.73 -19.65 47.12
N VAL K 369 141.75 -18.39 47.52
CA VAL K 369 140.78 -17.42 47.02
C VAL K 369 140.96 -17.23 45.51
N MET K 370 142.21 -16.99 45.11
CA MET K 370 142.54 -16.81 43.71
C MET K 370 142.18 -18.06 42.93
N SER K 371 142.49 -19.23 43.48
CA SER K 371 142.17 -20.50 42.84
C SER K 371 140.67 -20.73 42.78
N TYR K 372 139.93 -20.18 43.74
CA TYR K 372 138.47 -20.23 43.70
C TYR K 372 137.97 -19.40 42.53
N ILE K 373 138.32 -18.11 42.54
CA ILE K 373 137.96 -17.18 41.48
C ILE K 373 138.48 -17.68 40.13
N GLN K 374 139.60 -18.39 40.17
CA GLN K 374 140.16 -19.02 38.99
C GLN K 374 139.15 -19.93 38.33
N SER K 375 138.51 -20.77 39.15
CA SER K 375 137.53 -21.73 38.67
C SER K 375 136.23 -21.07 38.27
N MET K 376 135.79 -20.10 39.08
CA MET K 376 134.52 -19.42 38.85
C MET K 376 134.50 -18.72 37.50
N ASN K 377 135.48 -17.84 37.30
CA ASN K 377 135.60 -17.04 36.09
C ASN K 377 136.98 -16.41 36.02
N SER K 378 137.88 -17.09 35.31
CA SER K 378 139.26 -16.64 35.15
C SER K 378 139.35 -15.18 34.69
N SER K 379 138.40 -14.78 33.84
CA SER K 379 138.42 -13.45 33.25
C SER K 379 138.26 -12.34 34.30
N ILE K 380 137.83 -12.70 35.50
CA ILE K 380 137.82 -11.74 36.61
C ILE K 380 139.25 -11.36 36.97
N LEU K 381 140.10 -12.36 37.17
CA LEU K 381 141.50 -12.17 37.52
C LEU K 381 142.30 -11.49 36.41
N GLU K 382 141.85 -11.66 35.17
CA GLU K 382 142.57 -11.12 34.01
C GLU K 382 142.51 -9.60 33.94
N ASP K 383 141.39 -9.02 34.36
CA ASP K 383 141.25 -7.56 34.34
C ASP K 383 142.07 -6.94 35.47
N TRP K 384 142.19 -7.68 36.57
CA TRP K 384 143.01 -7.24 37.70
C TRP K 384 144.49 -7.37 37.36
N ASN K 385 144.78 -8.01 36.23
CA ASN K 385 146.15 -8.22 35.76
C ASN K 385 147.00 -8.95 36.79
N ASN K 391 141.08 -6.27 24.87
CA ASN K 391 140.50 -7.56 25.22
C ASN K 391 139.16 -7.81 24.54
N LYS K 392 138.63 -9.02 24.68
CA LYS K 392 137.36 -9.37 24.09
C LYS K 392 136.32 -9.68 25.16
N ASP K 393 135.08 -9.34 24.88
CA ASP K 393 133.98 -9.57 25.81
C ASP K 393 132.99 -10.58 25.23
N PRO K 394 132.56 -11.55 26.07
CA PRO K 394 131.67 -12.63 25.64
C PRO K 394 130.25 -12.17 25.29
N TYR K 395 129.96 -10.89 25.45
CA TYR K 395 128.62 -10.37 25.18
C TYR K 395 128.60 -9.34 24.05
N ASP K 396 129.71 -9.24 23.33
CA ASP K 396 129.83 -8.23 22.27
C ASP K 396 129.07 -8.61 21.00
N LYS K 397 128.41 -9.75 21.01
CA LYS K 397 127.59 -10.18 19.89
C LYS K 397 126.14 -9.83 20.12
N LEU K 398 125.81 -9.55 21.38
CA LEU K 398 124.42 -9.35 21.78
C LEU K 398 124.05 -7.87 21.80
N LYS K 399 122.77 -7.60 21.60
CA LYS K 399 122.25 -6.24 21.64
C LYS K 399 121.88 -5.83 23.05
N PHE K 400 122.50 -4.78 23.56
CA PHE K 400 122.18 -4.25 24.88
C PHE K 400 121.99 -2.75 24.82
N TRP K 401 121.28 -2.19 25.80
CA TRP K 401 121.17 -0.75 25.94
C TRP K 401 122.20 -0.28 26.95
N ASN K 402 123.39 0.04 26.47
CA ASN K 402 124.51 0.40 27.35
C ASN K 402 124.26 1.69 28.13
N VAL K 403 124.49 1.62 29.45
CA VAL K 403 124.36 2.77 30.32
C VAL K 403 125.67 3.00 31.05
N ASP K 404 126.43 3.99 30.59
CA ASP K 404 127.72 4.30 31.19
C ASP K 404 127.54 5.15 32.45
N LEU K 405 127.91 4.59 33.60
CA LEU K 405 127.77 5.29 34.87
C LEU K 405 129.14 5.69 35.45
N LYS K 406 130.18 5.56 34.63
CA LYS K 406 131.55 5.85 35.08
C LYS K 406 131.73 7.27 35.62
N GLU K 407 130.91 8.20 35.13
CA GLU K 407 131.03 9.60 35.50
C GLU K 407 129.86 10.08 36.32
N LYS K 408 129.17 9.14 36.98
CA LYS K 408 127.95 9.47 37.70
C LYS K 408 128.02 9.10 39.18
N PHE K 409 129.11 8.47 39.59
CA PHE K 409 129.27 8.08 40.99
C PHE K 409 129.49 9.30 41.88
N SER K 410 128.92 9.27 43.07
CA SER K 410 129.00 10.40 43.99
C SER K 410 128.95 9.90 45.44
N LEU K 411 129.67 10.58 46.32
CA LEU K 411 129.78 10.14 47.71
C LEU K 411 128.63 10.62 48.59
N ASP K 412 128.27 11.89 48.46
CA ASP K 412 127.21 12.45 49.29
C ASP K 412 125.82 11.93 48.88
N LEU K 413 125.39 10.88 49.56
CA LEU K 413 124.08 10.28 49.32
C LEU K 413 122.95 11.29 49.51
N ASP K 414 123.16 12.22 50.43
CA ASP K 414 122.15 13.22 50.80
C ASP K 414 121.64 14.01 49.60
N GLN K 415 122.52 14.30 48.65
CA GLN K 415 122.20 15.15 47.51
C GLN K 415 121.25 14.49 46.49
N TYR K 416 120.89 13.24 46.73
CA TYR K 416 120.10 12.47 45.76
C TYR K 416 118.90 11.78 46.40
N PRO K 417 117.82 11.58 45.62
CA PRO K 417 116.58 10.98 46.13
C PRO K 417 116.79 9.59 46.75
N LEU K 418 117.28 8.64 45.96
CA LEU K 418 117.57 7.30 46.45
C LEU K 418 118.51 7.35 47.65
N GLY K 419 119.54 8.18 47.53
CA GLY K 419 120.54 8.33 48.59
C GLY K 419 119.92 8.72 49.92
N ARG K 420 118.97 9.66 49.88
CA ARG K 420 118.26 10.07 51.08
C ARG K 420 117.49 8.89 51.68
N LYS K 421 116.75 8.19 50.82
CA LYS K 421 115.97 7.03 51.24
C LYS K 421 116.86 5.94 51.84
N PHE K 422 118.03 5.75 51.25
CA PHE K 422 118.95 4.72 51.72
C PHE K 422 119.47 5.03 53.12
N LEU K 423 119.82 6.29 53.34
CA LEU K 423 120.31 6.74 54.65
C LEU K 423 119.25 6.54 55.73
N VAL K 424 118.03 6.97 55.43
CA VAL K 424 116.89 6.77 56.32
C VAL K 424 116.71 5.30 56.69
N GLN K 425 116.61 4.47 55.67
CA GLN K 425 116.38 3.03 55.82
C GLN K 425 117.48 2.37 56.65
N ALA K 426 118.72 2.84 56.49
CA ALA K 426 119.84 2.33 57.26
C ALA K 426 119.75 2.78 58.70
N GLY K 427 119.05 3.90 58.92
CA GLY K 427 118.90 4.46 60.25
C GLY K 427 119.68 5.75 60.41
N ALA L 1 126.55 22.73 46.75
CA ALA L 1 125.92 21.69 47.52
C ALA L 1 124.66 22.20 48.21
N VAL L 2 123.53 21.55 47.94
CA VAL L 2 122.25 21.94 48.52
C VAL L 2 122.07 21.35 49.92
N VAL L 3 121.64 22.19 50.86
CA VAL L 3 121.50 21.74 52.25
C VAL L 3 120.03 21.64 52.65
N ASN L 4 119.70 20.64 53.45
CA ASN L 4 118.34 20.48 53.98
C ASN L 4 117.96 21.71 54.81
N THR L 5 116.71 22.16 54.66
CA THR L 5 116.26 23.41 55.29
C THR L 5 116.23 23.34 56.81
N ASP L 6 116.23 22.14 57.36
CA ASP L 6 116.20 21.95 58.80
C ASP L 6 117.55 22.28 59.44
N ASP L 7 118.51 22.67 58.62
CA ASP L 7 119.84 23.05 59.10
C ASP L 7 119.98 24.56 59.26
N TYR L 8 119.10 25.32 58.62
CA TYR L 8 119.19 26.78 58.69
C TYR L 8 117.84 27.45 58.91
N VAL L 9 116.78 26.66 59.07
CA VAL L 9 115.46 27.18 59.36
C VAL L 9 114.94 26.58 60.67
N THR L 10 115.12 27.32 61.76
CA THR L 10 114.68 26.88 63.08
C THR L 10 113.18 27.05 63.24
N ARG L 11 112.51 25.99 63.68
CA ARG L 11 111.06 26.00 63.83
C ARG L 11 110.65 26.39 65.25
N THR L 12 109.57 27.15 65.35
CA THR L 12 109.01 27.50 66.65
C THR L 12 107.90 26.52 67.01
N SER L 13 107.22 26.77 68.12
CA SER L 13 106.11 25.93 68.55
C SER L 13 104.79 26.65 68.32
N ILE L 14 104.85 27.74 67.56
CA ILE L 14 103.66 28.53 67.26
C ILE L 14 102.99 28.06 65.98
N PHE L 15 101.74 27.61 66.11
CA PHE L 15 101.00 27.10 64.96
C PHE L 15 99.78 27.96 64.64
N TYR L 16 99.57 28.22 63.36
CA TYR L 16 98.38 28.91 62.90
C TYR L 16 97.53 27.99 62.05
N HIS L 17 96.22 28.26 62.00
CA HIS L 17 95.33 27.59 61.06
C HIS L 17 94.84 28.59 60.03
N ALA L 18 94.94 28.22 58.77
CA ALA L 18 94.40 29.02 57.67
C ALA L 18 93.57 28.13 56.78
N GLY L 19 92.56 28.71 56.15
CA GLY L 19 91.71 27.96 55.25
C GLY L 19 90.93 28.86 54.31
N SER L 20 90.79 28.44 53.07
CA SER L 20 89.96 29.15 52.12
C SER L 20 88.52 29.07 52.58
N SER L 21 87.66 29.89 51.98
CA SER L 21 86.23 29.77 52.23
C SER L 21 85.71 28.51 51.55
N ARG L 22 84.81 28.69 50.59
CA ARG L 22 84.40 27.59 49.74
C ARG L 22 84.63 27.94 48.28
N LEU L 23 85.73 27.45 47.73
CA LEU L 23 86.05 27.65 46.33
C LEU L 23 85.08 26.85 45.46
N LEU L 24 84.40 27.53 44.55
CA LEU L 24 83.30 26.92 43.82
C LEU L 24 83.18 27.50 42.42
N THR L 25 83.02 26.64 41.42
CA THR L 25 82.90 27.08 40.04
C THR L 25 82.07 26.10 39.20
N VAL L 26 81.33 26.65 38.25
CA VAL L 26 80.53 25.85 37.32
C VAL L 26 80.78 26.32 35.89
N GLY L 27 80.38 25.50 34.92
CA GLY L 27 80.52 25.86 33.52
C GLY L 27 80.31 24.68 32.58
N ASP L 28 80.72 24.84 31.33
CA ASP L 28 80.60 23.78 30.33
C ASP L 28 81.79 22.83 30.42
N PRO L 29 81.52 21.52 30.46
CA PRO L 29 82.59 20.54 30.63
C PRO L 29 83.40 20.27 29.36
N TYR L 30 82.95 20.77 28.22
CA TYR L 30 83.55 20.41 26.95
C TYR L 30 84.28 21.57 26.27
N PHE L 31 83.76 22.77 26.44
CA PHE L 31 84.34 23.96 25.82
C PHE L 31 83.78 25.21 26.45
N ARG L 32 84.52 26.31 26.40
CA ARG L 32 83.97 27.58 26.89
C ARG L 32 82.98 28.14 25.86
N VAL L 33 81.84 28.60 26.33
CA VAL L 33 80.82 29.13 25.43
C VAL L 33 80.91 30.65 25.36
N PRO L 34 81.13 31.20 24.15
CA PRO L 34 81.24 32.64 23.93
C PRO L 34 80.04 33.43 24.47
N ALA L 35 80.33 34.45 25.28
CA ALA L 35 79.31 35.23 25.96
C ALA L 35 78.29 35.86 25.01
N GLY L 36 77.16 36.29 25.59
CA GLY L 36 76.18 37.08 24.87
C GLY L 36 75.40 36.39 23.77
N GLY L 37 75.91 35.26 23.29
CA GLY L 37 75.28 34.52 22.20
C GLY L 37 73.83 34.21 22.47
N GLY L 38 73.54 33.88 23.73
CA GLY L 38 72.18 33.67 24.18
C GLY L 38 71.94 34.38 25.50
N ASN L 39 73.02 34.53 26.28
CA ASN L 39 72.93 35.17 27.58
C ASN L 39 74.23 35.87 27.97
N LYS L 40 74.11 36.92 28.79
CA LYS L 40 75.24 37.71 29.26
C LYS L 40 76.33 36.86 29.91
N GLN L 41 77.59 37.32 29.74
CA GLN L 41 78.76 36.75 30.42
C GLN L 41 79.12 35.37 29.88
N ASP L 42 80.42 35.08 29.84
CA ASP L 42 80.92 33.82 29.32
C ASP L 42 80.59 32.65 30.25
N ILE L 43 80.61 31.44 29.70
CA ILE L 43 80.51 30.22 30.49
C ILE L 43 81.83 29.48 30.39
N PRO L 44 82.69 29.64 31.41
CA PRO L 44 84.02 29.04 31.45
C PRO L 44 83.98 27.55 31.22
N LYS L 45 85.02 27.01 30.58
CA LYS L 45 85.16 25.57 30.45
C LYS L 45 85.63 24.98 31.77
N VAL L 46 84.74 24.28 32.45
CA VAL L 46 85.09 23.64 33.72
C VAL L 46 84.91 22.14 33.61
N SER L 47 86.02 21.41 33.71
CA SER L 47 85.99 19.96 33.54
C SER L 47 86.56 19.25 34.75
N ALA L 48 86.19 17.99 34.92
CA ALA L 48 86.74 17.17 36.00
C ALA L 48 88.12 16.68 35.59
N TYR L 49 88.42 16.80 34.30
CA TYR L 49 89.67 16.31 33.74
C TYR L 49 90.60 17.46 33.34
N GLN L 50 90.80 18.39 34.27
CA GLN L 50 91.78 19.44 34.09
C GLN L 50 92.45 19.76 35.43
N TYR L 51 93.68 20.23 35.37
CA TYR L 51 94.46 20.55 36.57
C TYR L 51 93.90 21.74 37.35
N ARG L 52 93.76 21.56 38.66
CA ARG L 52 93.50 22.68 39.56
C ARG L 52 94.81 23.13 40.18
N VAL L 53 95.18 24.38 39.94
CA VAL L 53 96.42 24.90 40.53
C VAL L 53 96.14 26.15 41.36
N PHE L 54 96.04 25.96 42.67
CA PHE L 54 95.81 27.06 43.59
C PHE L 54 97.13 27.72 44.01
N ARG L 55 97.13 29.05 44.03
CA ARG L 55 98.29 29.81 44.46
C ARG L 55 98.00 30.49 45.79
N VAL L 56 98.25 29.77 46.88
CA VAL L 56 97.92 30.26 48.21
C VAL L 56 98.84 31.40 48.63
N GLN L 57 98.29 32.61 48.70
CA GLN L 57 99.06 33.77 49.11
C GLN L 57 99.01 33.90 50.64
N LEU L 58 100.18 33.82 51.26
CA LEU L 58 100.28 33.89 52.71
C LEU L 58 100.66 35.30 53.17
N PRO L 59 100.25 35.67 54.39
CA PRO L 59 100.68 36.96 54.94
C PRO L 59 102.18 36.95 55.21
N ASP L 60 102.81 38.11 55.07
CA ASP L 60 104.22 38.27 55.39
C ASP L 60 104.40 38.18 56.90
N PRO L 61 105.02 37.09 57.38
CA PRO L 61 105.18 36.86 58.82
C PRO L 61 106.01 37.96 59.50
N ASN L 62 106.93 38.56 58.76
CA ASN L 62 107.71 39.67 59.28
C ASN L 62 106.84 40.88 59.57
N LYS L 63 106.07 41.32 58.58
CA LYS L 63 105.16 42.45 58.73
C LYS L 63 103.81 41.98 59.27
N PHE L 64 103.84 40.95 60.11
CA PHE L 64 102.63 40.35 60.66
C PHE L 64 102.58 40.51 62.17
N GLY L 65 101.39 40.79 62.70
CA GLY L 65 101.21 40.88 64.13
C GLY L 65 101.37 39.52 64.78
N LEU L 66 102.39 39.40 65.63
CA LEU L 66 102.67 38.14 66.32
C LEU L 66 101.97 38.11 67.67
N PRO L 67 101.76 36.91 68.25
CA PRO L 67 101.22 36.84 69.60
C PRO L 67 102.20 37.45 70.61
N ASP L 68 103.45 37.56 70.16
CA ASP L 68 104.54 38.15 70.92
C ASP L 68 105.70 38.32 69.96
N THR L 69 106.17 39.55 69.79
CA THR L 69 107.25 39.80 68.84
C THR L 69 108.60 39.72 69.55
N SER L 70 108.77 38.65 70.32
CA SER L 70 110.06 38.31 70.90
C SER L 70 110.35 36.85 70.60
N ILE L 71 109.61 36.33 69.62
CA ILE L 71 109.90 35.01 69.05
C ILE L 71 111.28 35.07 68.40
N TYR L 72 111.64 36.26 67.93
CA TYR L 72 112.89 36.47 67.23
C TYR L 72 113.45 37.87 67.45
N ASN L 73 114.58 38.14 66.78
CA ASN L 73 115.20 39.45 66.80
C ASN L 73 115.23 40.03 65.39
N PRO L 74 114.32 40.98 65.10
CA PRO L 74 114.17 41.57 63.76
C PRO L 74 115.45 42.16 63.18
N GLU L 75 116.49 42.28 63.99
CA GLU L 75 117.76 42.82 63.55
C GLU L 75 118.66 41.76 62.92
N THR L 76 118.61 40.55 63.45
CA THR L 76 119.54 39.49 63.04
C THR L 76 118.85 38.29 62.39
N GLN L 77 117.53 38.32 62.28
CA GLN L 77 116.82 37.17 61.71
C GLN L 77 115.48 37.51 61.06
N ARG L 78 114.98 36.56 60.28
CA ARG L 78 113.75 36.74 59.50
C ARG L 78 112.77 35.59 59.73
N LEU L 79 111.51 35.80 59.32
CA LEU L 79 110.45 34.85 59.56
C LEU L 79 109.91 34.25 58.26
N VAL L 80 109.70 32.93 58.27
CA VAL L 80 109.12 32.23 57.12
C VAL L 80 108.06 31.24 57.59
N TRP L 81 107.00 31.08 56.81
CA TRP L 81 105.98 30.09 57.09
C TRP L 81 106.43 28.70 56.68
N ALA L 82 106.06 27.71 57.49
CA ALA L 82 106.35 26.32 57.16
C ALA L 82 105.06 25.50 57.25
N CYS L 83 104.79 24.72 56.22
CA CYS L 83 103.56 23.95 56.16
C CYS L 83 103.65 22.69 57.00
N ALA L 84 102.69 22.51 57.91
CA ALA L 84 102.70 21.38 58.83
C ALA L 84 101.58 20.39 58.51
N GLY L 85 100.46 20.91 58.01
CA GLY L 85 99.32 20.07 57.68
C GLY L 85 98.46 20.60 56.54
N VAL L 86 97.89 19.68 55.76
CA VAL L 86 97.04 20.05 54.64
C VAL L 86 95.84 19.11 54.52
N GLU L 87 94.66 19.69 54.29
CA GLU L 87 93.47 18.91 53.95
C GLU L 87 92.71 19.56 52.81
N ILE L 88 92.67 18.85 51.68
CA ILE L 88 91.89 19.32 50.54
C ILE L 88 90.48 18.71 50.62
N GLY L 89 89.48 19.57 50.70
CA GLY L 89 88.10 19.13 50.85
C GLY L 89 87.30 19.18 49.55
N ARG L 90 86.60 18.09 49.25
CA ARG L 90 85.78 18.00 48.05
C ARG L 90 84.29 17.95 48.39
N GLY L 91 83.50 18.81 47.76
CA GLY L 91 82.10 18.95 48.08
C GLY L 91 81.14 17.96 47.45
N GLN L 92 81.00 18.03 46.12
CA GLN L 92 80.02 17.25 45.38
C GLN L 92 80.16 15.75 45.58
N PRO L 93 79.07 14.98 45.34
CA PRO L 93 79.13 13.52 45.51
C PRO L 93 79.91 12.81 44.42
N LEU L 94 80.34 11.59 44.71
CA LEU L 94 81.08 10.77 43.74
C LEU L 94 80.23 10.47 42.51
N GLY L 95 80.88 10.31 41.36
CA GLY L 95 80.17 10.02 40.12
C GLY L 95 81.03 9.95 38.88
N VAL L 96 80.46 9.39 37.82
CA VAL L 96 81.15 9.24 36.54
C VAL L 96 80.54 10.14 35.47
N GLY L 97 81.40 10.73 34.63
CA GLY L 97 80.94 11.63 33.59
C GLY L 97 81.56 11.33 32.25
N LEU L 98 80.76 11.40 31.19
CA LEU L 98 81.22 11.02 29.86
C LEU L 98 81.70 12.19 29.02
N SER L 99 82.66 11.90 28.16
CA SER L 99 83.11 12.86 27.16
C SER L 99 83.04 12.19 25.79
N GLY L 100 82.55 12.94 24.80
CA GLY L 100 82.36 12.36 23.49
C GLY L 100 82.83 13.25 22.35
N HIS L 101 82.42 12.90 21.15
CA HIS L 101 82.70 13.68 19.96
C HIS L 101 81.74 13.26 18.85
N PRO L 102 81.01 14.23 18.29
CA PRO L 102 80.03 13.99 17.22
C PRO L 102 80.60 13.22 16.03
N PHE L 103 81.81 13.56 15.63
CA PHE L 103 82.44 12.95 14.48
C PHE L 103 83.74 12.25 14.85
N TYR L 104 83.67 11.39 15.86
CA TYR L 104 84.82 10.61 16.29
C TYR L 104 85.33 9.70 15.17
N ASN L 105 86.63 9.75 14.91
CA ASN L 105 87.20 8.90 13.87
C ASN L 105 87.26 7.45 14.32
N LYS L 106 86.11 6.79 14.31
CA LYS L 106 86.05 5.36 14.55
C LYS L 106 85.76 4.66 13.24
N LEU L 107 86.74 3.94 12.72
CA LEU L 107 86.56 3.19 11.48
C LEU L 107 85.52 2.09 11.71
N ASP L 108 85.96 0.93 12.17
CA ASP L 108 85.03 -0.09 12.61
C ASP L 108 85.54 -0.87 13.83
N ASP L 109 84.68 -1.76 14.33
CA ASP L 109 85.04 -2.66 15.40
C ASP L 109 86.21 -3.54 14.97
N THR L 110 87.16 -3.75 15.88
CA THR L 110 88.29 -4.65 15.62
C THR L 110 88.47 -5.64 16.76
N GLU L 111 87.50 -5.68 17.66
CA GLU L 111 87.58 -6.57 18.82
C GLU L 111 86.83 -7.86 18.51
N SER L 112 85.83 -7.75 17.64
CA SER L 112 84.94 -8.84 17.32
C SER L 112 84.18 -8.55 16.03
N SER L 113 84.95 -8.21 14.99
CA SER L 113 84.46 -7.71 13.68
C SER L 113 82.98 -8.00 13.36
N HIS L 114 82.24 -6.93 13.04
CA HIS L 114 80.78 -6.99 12.96
C HIS L 114 80.20 -6.71 11.58
N ALA L 115 78.88 -6.64 11.54
CA ALA L 115 78.14 -6.40 10.30
C ALA L 115 77.95 -4.91 10.03
N ALA L 116 78.87 -4.36 9.20
CA ALA L 116 78.88 -2.96 8.76
C ALA L 116 77.76 -2.07 9.31
N THR L 117 76.90 -1.59 8.40
CA THR L 117 75.51 -1.12 8.62
C THR L 117 75.07 0.09 7.79
N SER L 118 75.99 0.94 7.34
CA SER L 118 75.55 2.13 6.60
C SER L 118 76.46 2.64 5.47
N ASN L 119 75.86 3.44 4.59
CA ASN L 119 76.34 3.69 3.23
C ASN L 119 77.35 4.82 3.02
N VAL L 120 77.20 5.47 1.86
CA VAL L 120 77.95 6.63 1.34
C VAL L 120 79.48 6.64 1.51
N SER L 121 80.06 7.82 1.30
CA SER L 121 81.49 8.00 0.98
C SER L 121 82.52 7.41 1.94
N GLU L 122 82.13 6.40 2.72
CA GLU L 122 83.00 5.82 3.74
C GLU L 122 83.48 6.88 4.72
N ASP L 123 82.78 8.01 4.71
CA ASP L 123 82.84 8.98 5.77
C ASP L 123 81.99 8.42 6.89
N VAL L 124 82.61 7.62 7.75
CA VAL L 124 81.85 6.83 8.72
C VAL L 124 81.88 7.40 10.13
N ARG L 125 82.59 8.52 10.31
CA ARG L 125 82.76 9.14 11.63
C ARG L 125 81.49 9.07 12.48
N ASP L 126 81.53 8.28 13.54
CA ASP L 126 80.36 8.09 14.40
C ASP L 126 80.43 8.95 15.66
N ASN L 127 79.27 9.22 16.24
CA ASN L 127 79.18 9.92 17.51
C ASN L 127 79.36 8.95 18.67
N VAL L 128 80.56 8.93 19.25
CA VAL L 128 80.81 8.07 20.39
C VAL L 128 81.21 8.89 21.60
N SER L 129 80.94 8.35 22.79
CA SER L 129 81.42 8.95 24.03
C SER L 129 82.25 7.91 24.77
N VAL L 130 82.88 8.31 25.86
CA VAL L 130 83.74 7.42 26.61
C VAL L 130 84.10 8.03 27.97
N ASP L 131 83.98 7.24 29.03
CA ASP L 131 84.45 7.68 30.33
C ASP L 131 85.97 7.57 30.35
N TYR L 132 86.62 8.61 30.86
CA TYR L 132 88.08 8.64 30.81
C TYR L 132 88.74 7.77 31.86
N LYS L 133 90.07 7.80 31.83
CA LYS L 133 90.90 7.30 32.91
C LYS L 133 90.50 7.97 34.23
N GLN L 134 90.67 7.26 35.33
CA GLN L 134 90.35 7.79 36.65
C GLN L 134 91.62 8.14 37.41
N THR L 135 91.80 9.43 37.71
CA THR L 135 93.04 9.88 38.34
C THR L 135 92.81 10.82 39.53
N GLN L 136 93.58 10.61 40.59
CA GLN L 136 93.62 11.52 41.73
C GLN L 136 95.06 11.89 42.02
N LEU L 137 95.39 13.18 42.01
CA LEU L 137 96.73 13.58 42.40
C LEU L 137 96.74 14.90 43.17
N CYS L 138 97.82 15.10 43.94
CA CYS L 138 97.94 16.27 44.80
C CYS L 138 99.41 16.63 45.02
N ILE L 139 99.79 17.84 44.63
CA ILE L 139 101.18 18.26 44.72
C ILE L 139 101.34 19.58 45.48
N LEU L 140 102.20 19.60 46.48
CA LEU L 140 102.44 20.81 47.26
C LEU L 140 103.87 21.31 47.11
N GLY L 141 104.01 22.61 46.85
CA GLY L 141 105.32 23.24 46.73
C GLY L 141 105.23 24.75 46.84
N CYS L 142 106.37 25.40 47.00
CA CYS L 142 106.40 26.87 47.01
C CYS L 142 106.76 27.38 45.62
N ALA L 143 106.71 26.46 44.66
CA ALA L 143 106.92 26.74 43.25
C ALA L 143 105.97 25.85 42.45
N PRO L 144 105.46 26.35 41.31
CA PRO L 144 104.50 25.58 40.51
C PRO L 144 105.09 24.26 40.01
N ALA L 145 104.24 23.24 39.87
CA ALA L 145 104.70 21.92 39.48
C ALA L 145 104.98 21.84 37.99
N ILE L 146 106.00 21.05 37.63
CA ILE L 146 106.42 20.91 36.25
C ILE L 146 105.70 19.74 35.58
N GLY L 147 105.31 19.92 34.32
CA GLY L 147 104.64 18.88 33.57
C GLY L 147 105.33 18.60 32.25
N GLU L 148 105.16 17.39 31.74
CA GLU L 148 105.72 17.03 30.44
C GLU L 148 104.60 16.70 29.46
N HIS L 149 104.91 16.83 28.17
CA HIS L 149 103.99 16.41 27.12
C HIS L 149 104.72 16.35 25.79
N TRP L 150 104.08 15.73 24.81
CA TRP L 150 104.69 15.59 23.49
C TRP L 150 104.17 16.63 22.52
N ALA L 151 105.05 17.12 21.66
CA ALA L 151 104.70 18.19 20.75
C ALA L 151 105.48 18.04 19.45
N LYS L 152 104.94 18.63 18.39
CA LYS L 152 105.61 18.62 17.10
C LYS L 152 106.99 19.27 17.21
N GLY L 153 108.02 18.50 16.86
CA GLY L 153 109.38 18.97 16.95
C GLY L 153 109.64 20.10 15.97
N THR L 154 110.65 20.91 16.26
CA THR L 154 111.02 22.00 15.37
C THR L 154 111.57 21.46 14.06
N ALA L 155 110.85 21.73 12.98
CA ALA L 155 111.30 21.33 11.64
C ALA L 155 112.71 21.84 11.40
N SER L 156 113.60 20.93 10.97
CA SER L 156 114.99 21.29 10.76
C SER L 156 115.19 21.94 9.40
N LYS L 157 116.07 22.92 9.35
CA LYS L 157 116.35 23.64 8.11
C LYS L 157 117.12 22.77 7.13
N SER L 158 117.90 21.84 7.65
CA SER L 158 118.70 20.94 6.82
C SER L 158 117.82 19.97 6.04
N ARG L 159 116.86 19.36 6.75
CA ARG L 159 115.94 18.41 6.13
C ARG L 159 114.50 18.84 6.37
N PRO L 160 113.90 19.55 5.40
CA PRO L 160 112.52 20.01 5.52
C PRO L 160 111.55 18.84 5.66
N LEU L 161 110.36 19.11 6.18
CA LEU L 161 109.38 18.06 6.41
C LEU L 161 108.29 18.10 5.34
N SER L 162 108.26 17.06 4.51
CA SER L 162 107.29 16.98 3.41
C SER L 162 105.87 16.88 3.93
N GLN L 163 104.96 17.59 3.27
CA GLN L 163 103.57 17.67 3.71
C GLN L 163 102.88 16.32 3.68
N GLY L 164 102.41 15.87 4.84
CA GLY L 164 101.77 14.58 4.97
C GLY L 164 102.59 13.64 5.83
N ASP L 165 103.91 13.77 5.72
CA ASP L 165 104.83 12.92 6.47
C ASP L 165 104.71 13.15 7.97
N CYS L 166 105.13 12.14 8.74
CA CYS L 166 105.08 12.21 10.19
C CYS L 166 106.13 13.17 10.74
N PRO L 167 105.72 14.04 11.67
CA PRO L 167 106.64 14.96 12.34
C PRO L 167 107.46 14.28 13.41
N PRO L 168 108.66 14.80 13.71
CA PRO L 168 109.44 14.28 14.84
C PRO L 168 108.82 14.71 16.16
N LEU L 169 108.84 13.83 17.15
CA LEU L 169 108.25 14.13 18.45
C LEU L 169 109.31 14.71 19.39
N GLU L 170 108.94 15.75 20.13
CA GLU L 170 109.83 16.36 21.10
C GLU L 170 109.15 16.49 22.45
N LEU L 171 109.79 15.97 23.49
CA LEU L 171 109.26 16.09 24.84
C LEU L 171 109.48 17.51 25.35
N LYS L 172 108.42 18.11 25.89
CA LYS L 172 108.51 19.49 26.36
C LYS L 172 108.13 19.63 27.83
N ASN L 173 109.04 20.20 28.60
CA ASN L 173 108.76 20.56 29.98
C ASN L 173 108.05 21.92 30.03
N THR L 174 107.16 22.07 31.00
CA THR L 174 106.36 23.27 31.13
C THR L 174 105.74 23.38 32.51
N VAL L 175 105.21 24.56 32.82
CA VAL L 175 104.53 24.78 34.08
C VAL L 175 103.08 24.33 33.98
N LEU L 176 102.60 23.65 35.03
CA LEU L 176 101.19 23.29 35.11
C LEU L 176 100.37 24.46 35.64
N GLU L 177 99.60 25.08 34.75
CA GLU L 177 98.69 26.16 35.15
C GLU L 177 97.30 25.61 35.35
N ASP L 178 96.49 26.34 36.09
CA ASP L 178 95.09 25.99 36.28
C ASP L 178 94.36 26.02 34.95
N GLY L 179 93.76 24.89 34.59
CA GLY L 179 93.03 24.80 33.33
C GLY L 179 93.57 23.73 32.40
N ASP L 180 94.87 23.46 32.48
CA ASP L 180 95.50 22.45 31.67
C ASP L 180 94.82 21.09 31.83
N MET L 181 94.70 20.35 30.73
CA MET L 181 94.01 19.08 30.75
C MET L 181 94.95 17.95 31.16
N VAL L 182 94.42 16.98 31.90
CA VAL L 182 95.22 15.86 32.39
C VAL L 182 95.21 14.70 31.40
N ASP L 183 96.07 13.72 31.62
CA ASP L 183 96.06 12.50 30.82
C ASP L 183 94.73 11.79 31.01
N THR L 184 94.03 11.57 29.91
CA THR L 184 92.71 10.95 29.97
C THR L 184 92.76 9.50 29.50
N GLY L 185 93.91 9.09 28.99
CA GLY L 185 94.09 7.74 28.49
C GLY L 185 94.47 7.72 27.02
N TYR L 186 94.44 8.88 26.38
CA TYR L 186 94.83 9.01 24.98
C TYR L 186 96.24 9.53 24.87
N GLY L 187 96.97 9.49 25.98
CA GLY L 187 98.34 9.97 26.02
C GLY L 187 98.43 11.44 26.40
N ALA L 188 99.62 11.86 26.80
CA ALA L 188 99.87 13.25 27.14
C ALA L 188 100.57 13.96 25.99
N MET L 189 99.79 14.59 25.12
CA MET L 189 100.35 15.27 23.95
C MET L 189 99.58 16.54 23.60
N ASP L 190 100.12 17.31 22.66
CA ASP L 190 99.41 18.46 22.09
C ASP L 190 98.61 17.99 20.88
N PHE L 191 97.32 17.73 21.11
CA PHE L 191 96.46 17.18 20.07
C PHE L 191 96.14 18.20 18.98
N SER L 192 96.22 19.48 19.32
CA SER L 192 95.92 20.55 18.38
C SER L 192 96.94 20.64 17.25
N THR L 193 98.13 20.08 17.47
CA THR L 193 99.21 20.19 16.50
C THR L 193 99.71 18.85 15.97
N LEU L 194 99.32 17.76 16.63
CA LEU L 194 99.73 16.42 16.20
C LEU L 194 98.60 15.68 15.49
N GLN L 195 97.40 16.26 15.55
CA GLN L 195 96.24 15.64 14.92
C GLN L 195 95.45 16.68 14.12
N ASP L 196 95.58 16.60 12.80
CA ASP L 196 94.91 17.54 11.91
C ASP L 196 93.44 17.20 11.73
N THR L 197 93.08 15.97 12.07
CA THR L 197 91.71 15.50 11.90
C THR L 197 90.76 16.22 12.85
N LYS L 198 91.26 16.52 14.05
CA LYS L 198 90.45 17.12 15.12
C LYS L 198 89.26 16.22 15.43
N CYS L 199 89.47 14.91 15.31
CA CYS L 199 88.42 13.92 15.48
C CYS L 199 88.97 12.60 16.04
N GLU L 200 90.14 12.66 16.66
CA GLU L 200 90.78 11.45 17.16
C GLU L 200 90.55 11.25 18.66
N VAL L 201 90.23 12.35 19.35
CA VAL L 201 89.98 12.31 20.77
C VAL L 201 88.69 13.08 21.07
N PRO L 202 88.08 12.84 22.26
CA PRO L 202 86.84 13.56 22.57
C PRO L 202 86.99 15.08 22.60
N LEU L 203 85.85 15.76 22.61
CA LEU L 203 85.77 17.20 22.34
C LEU L 203 86.60 18.11 23.26
N ASP L 204 86.65 17.79 24.55
CA ASP L 204 87.29 18.67 25.52
C ASP L 204 88.82 18.71 25.37
N ILE L 205 89.40 17.58 24.96
CA ILE L 205 90.84 17.50 24.77
C ILE L 205 91.22 17.61 23.28
N CYS L 206 90.21 17.87 22.45
CA CYS L 206 90.38 17.86 21.00
C CYS L 206 91.37 18.91 20.49
N GLN L 207 91.33 20.11 21.07
CA GLN L 207 92.21 21.19 20.64
C GLN L 207 93.03 21.70 21.81
N SER L 208 93.18 20.87 22.84
CA SER L 208 93.92 21.22 24.04
C SER L 208 95.29 20.56 24.09
N ILE L 209 95.91 20.59 25.26
CA ILE L 209 97.19 19.90 25.50
C ILE L 209 97.14 19.13 26.81
N CYS L 210 97.21 17.81 26.72
CA CYS L 210 97.21 16.98 27.92
C CYS L 210 98.62 16.87 28.49
N LYS L 211 98.77 17.32 29.73
CA LYS L 211 100.06 17.25 30.41
C LYS L 211 100.03 16.23 31.54
N TYR L 212 101.22 15.72 31.87
CA TYR L 212 101.39 14.78 32.97
C TYR L 212 102.54 15.27 33.83
N PRO L 213 102.41 15.18 35.17
CA PRO L 213 103.48 15.70 36.03
C PRO L 213 104.81 15.01 35.76
N ASP L 214 105.87 15.79 35.62
CA ASP L 214 107.20 15.23 35.43
C ASP L 214 107.80 14.90 36.79
N TYR L 215 107.26 13.85 37.41
CA TYR L 215 107.68 13.40 38.74
C TYR L 215 109.19 13.16 38.81
N LEU L 216 109.73 12.62 37.71
CA LEU L 216 111.16 12.31 37.64
C LEU L 216 112.03 13.56 37.76
N GLN L 217 111.65 14.62 37.04
CA GLN L 217 112.41 15.87 37.08
C GLN L 217 112.24 16.57 38.42
N MET L 218 111.01 16.64 38.91
CA MET L 218 110.72 17.33 40.16
C MET L 218 111.39 16.66 41.36
N SER L 219 111.72 15.39 41.22
CA SER L 219 112.47 14.68 42.26
C SER L 219 113.95 14.98 42.15
N ALA L 220 114.45 15.12 40.93
CA ALA L 220 115.86 15.38 40.69
C ALA L 220 116.17 16.87 40.76
N ASP L 221 115.14 17.67 41.03
CA ASP L 221 115.34 19.10 41.26
C ASP L 221 116.16 19.29 42.54
N PRO L 222 117.24 20.07 42.44
CA PRO L 222 118.21 20.25 43.53
C PRO L 222 117.57 20.73 44.84
N TYR L 223 116.91 21.88 44.79
CA TYR L 223 116.35 22.48 46.00
C TYR L 223 115.03 21.83 46.42
N GLY L 224 114.28 21.33 45.44
CA GLY L 224 113.01 20.68 45.70
C GLY L 224 111.93 21.61 46.21
N ASP L 225 111.79 22.76 45.57
CA ASP L 225 110.71 23.68 45.88
C ASP L 225 109.47 23.27 45.12
N SER L 226 109.70 22.49 44.06
CA SER L 226 108.65 22.09 43.15
C SER L 226 107.62 21.16 43.79
N MET L 227 108.09 20.33 44.72
CA MET L 227 107.21 19.43 45.45
C MET L 227 107.84 18.89 46.73
N PHE L 228 107.23 19.16 47.87
CA PHE L 228 107.65 18.52 49.11
C PHE L 228 106.53 17.62 49.62
N PHE L 229 105.64 17.27 48.70
CA PHE L 229 104.49 16.41 49.00
C PHE L 229 103.85 15.95 47.70
N CYS L 230 103.63 14.65 47.57
CA CYS L 230 103.10 14.08 46.33
C CYS L 230 102.22 12.86 46.58
N LEU L 231 100.96 12.95 46.18
CA LEU L 231 100.03 11.83 46.32
C LEU L 231 99.36 11.55 44.98
N ARG L 232 99.56 10.36 44.44
CA ARG L 232 98.94 10.01 43.17
C ARG L 232 98.25 8.65 43.23
N ARG L 233 97.14 8.53 42.51
CA ARG L 233 96.39 7.29 42.44
C ARG L 233 95.62 7.23 41.13
N GLU L 234 95.95 6.25 40.28
CA GLU L 234 95.31 6.16 38.97
C GLU L 234 95.06 4.71 38.56
N GLN L 235 93.96 4.51 37.85
CA GLN L 235 93.58 3.20 37.34
C GLN L 235 92.76 3.35 36.07
N LEU L 236 92.77 2.32 35.23
CA LEU L 236 91.96 2.29 34.01
C LEU L 236 92.01 0.93 33.35
N PHE L 237 91.20 0.74 32.32
CA PHE L 237 91.26 -0.46 31.49
C PHE L 237 90.68 -0.16 30.12
N ALA L 238 90.85 -1.09 29.18
CA ALA L 238 90.41 -0.85 27.80
C ALA L 238 88.99 -1.35 27.55
N ARG L 239 88.09 -0.43 27.24
CA ARG L 239 86.67 -0.76 27.04
C ARG L 239 86.43 -1.35 25.64
N HIS L 240 86.66 -0.55 24.60
CA HIS L 240 86.43 -1.02 23.24
C HIS L 240 87.67 -0.86 22.36
N PHE L 241 87.81 -1.75 21.38
CA PHE L 241 88.98 -1.78 20.50
C PHE L 241 88.60 -1.24 19.12
N TRP L 242 89.23 -0.16 18.68
CA TRP L 242 88.82 0.44 17.40
C TRP L 242 89.94 0.64 16.38
N ASN L 243 89.52 0.93 15.15
CA ASN L 243 90.40 1.24 14.04
C ASN L 243 90.34 2.74 13.75
N ARG L 244 91.29 3.23 12.94
CA ARG L 244 91.29 4.62 12.52
C ARG L 244 91.12 4.71 11.01
N ALA L 245 90.27 5.62 10.55
CA ALA L 245 90.05 5.80 9.12
C ALA L 245 91.11 6.72 8.53
N GLY L 246 91.58 6.38 7.33
CA GLY L 246 92.62 7.13 6.67
C GLY L 246 93.71 6.20 6.17
N THR L 247 94.57 6.73 5.30
CA THR L 247 95.65 5.94 4.73
C THR L 247 96.79 5.75 5.73
N MET L 248 97.45 4.60 5.64
CA MET L 248 98.57 4.29 6.52
C MET L 248 99.86 4.94 6.07
N GLY L 249 100.43 5.77 6.94
CA GLY L 249 101.72 6.39 6.67
C GLY L 249 102.81 5.33 6.57
N ASP L 250 103.13 4.71 7.70
CA ASP L 250 104.06 3.58 7.71
C ASP L 250 103.38 2.39 7.06
N THR L 251 103.97 1.85 6.01
CA THR L 251 103.39 0.73 5.28
C THR L 251 103.79 -0.60 5.90
N VAL L 252 102.82 -1.50 6.04
CA VAL L 252 103.08 -2.82 6.59
C VAL L 252 104.01 -3.61 5.68
N PRO L 253 105.17 -4.03 6.21
CA PRO L 253 106.15 -4.80 5.43
C PRO L 253 105.56 -6.10 4.90
N GLN L 254 105.89 -6.44 3.66
CA GLN L 254 105.39 -7.65 3.02
C GLN L 254 105.77 -8.91 3.80
N SER L 255 106.87 -8.84 4.54
CA SER L 255 107.38 -9.99 5.29
C SER L 255 106.56 -10.32 6.53
N LEU L 256 105.38 -9.74 6.66
CA LEU L 256 104.58 -9.89 7.87
C LEU L 256 103.22 -10.52 7.65
N TYR L 257 102.89 -10.84 6.40
CA TYR L 257 101.59 -11.44 6.09
C TYR L 257 101.58 -12.09 4.71
N ILE L 258 100.49 -12.78 4.40
CA ILE L 258 100.32 -13.37 3.08
C ILE L 258 99.24 -12.60 2.33
N LYS L 259 99.53 -12.23 1.10
CA LYS L 259 98.54 -11.52 0.28
C LYS L 259 97.33 -12.40 0.02
N GLY L 260 96.17 -11.75 -0.05
CA GLY L 260 94.95 -12.43 -0.41
C GLY L 260 94.38 -11.81 -1.67
N THR L 261 93.08 -11.94 -1.84
CA THR L 261 92.41 -11.42 -3.03
C THR L 261 91.18 -10.62 -2.58
N GLY L 262 90.61 -9.85 -3.48
CA GLY L 262 89.47 -9.00 -3.14
C GLY L 262 89.86 -7.87 -2.21
N MET L 263 89.02 -7.59 -1.22
CA MET L 263 89.33 -6.58 -0.21
C MET L 263 90.55 -6.99 0.60
N ARG L 264 90.77 -8.29 0.70
CA ARG L 264 91.86 -8.84 1.50
C ARG L 264 93.15 -8.97 0.72
N ALA L 265 93.22 -8.30 -0.43
CA ALA L 265 94.46 -8.22 -1.19
C ALA L 265 95.44 -7.30 -0.49
N SER L 266 94.95 -6.12 -0.10
CA SER L 266 95.76 -5.13 0.60
C SER L 266 95.33 -5.01 2.06
N PRO L 267 96.31 -4.85 2.96
CA PRO L 267 96.01 -4.69 4.39
C PRO L 267 95.23 -3.41 4.66
N GLY L 268 94.26 -3.48 5.56
CA GLY L 268 93.47 -2.31 5.90
C GLY L 268 94.19 -1.43 6.89
N SER L 269 93.43 -0.83 7.80
CA SER L 269 94.01 0.03 8.82
C SER L 269 94.70 -0.81 9.89
N CYS L 270 95.85 -0.34 10.36
CA CYS L 270 96.60 -1.05 11.38
C CYS L 270 96.94 -0.10 12.53
N VAL L 271 96.23 1.03 12.57
CA VAL L 271 96.37 1.97 13.67
C VAL L 271 95.20 1.79 14.64
N TYR L 272 95.44 0.99 15.68
CA TYR L 272 94.40 0.71 16.66
C TYR L 272 94.52 1.62 17.88
N SER L 273 93.39 1.93 18.49
CA SER L 273 93.39 2.74 19.72
C SER L 273 92.17 2.40 20.55
N PRO L 274 92.40 2.03 21.82
CA PRO L 274 91.31 1.62 22.73
C PRO L 274 90.66 2.78 23.45
N SER L 275 89.35 2.70 23.65
CA SER L 275 88.66 3.67 24.49
C SER L 275 89.00 3.40 25.96
N PRO L 276 89.54 4.40 26.65
CA PRO L 276 89.95 4.24 28.04
C PRO L 276 88.75 4.12 28.97
N SER L 277 88.97 3.71 30.21
CA SER L 277 87.88 3.58 31.17
C SER L 277 88.39 3.33 32.57
N GLY L 278 88.17 4.27 33.48
CA GLY L 278 88.38 4.03 34.89
C GLY L 278 87.24 3.14 35.36
N SER L 279 87.57 2.10 36.14
CA SER L 279 86.56 1.13 36.55
C SER L 279 85.63 1.67 37.63
N ILE L 280 85.37 0.83 38.64
CA ILE L 280 84.54 1.23 39.78
C ILE L 280 85.16 2.45 40.48
N VAL L 281 84.35 3.44 40.79
CA VAL L 281 84.82 4.54 41.61
C VAL L 281 84.22 4.41 43.02
N THR L 282 85.06 4.07 43.98
CA THR L 282 84.62 3.84 45.34
C THR L 282 85.20 4.85 46.31
N SER L 283 84.50 5.07 47.42
CA SER L 283 84.94 6.01 48.44
C SER L 283 86.05 5.41 49.29
N ASP L 284 86.27 4.10 49.12
CA ASP L 284 87.28 3.36 49.87
C ASP L 284 88.69 3.73 49.43
N SER L 285 88.84 4.09 48.15
CA SER L 285 90.15 4.43 47.62
C SER L 285 90.26 5.94 47.41
N GLN L 286 89.46 6.70 48.15
CA GLN L 286 89.46 8.15 48.01
C GLN L 286 90.72 8.77 48.63
N LEU L 287 91.22 9.82 48.00
CA LEU L 287 92.47 10.43 48.42
C LEU L 287 92.25 11.72 49.22
N PHE L 288 91.04 12.25 49.19
CA PHE L 288 90.77 13.55 49.79
C PHE L 288 89.81 13.49 50.98
N ASN L 289 89.46 14.66 51.49
CA ASN L 289 88.71 14.81 52.75
C ASN L 289 89.45 14.17 53.93
N LYS L 290 90.72 13.84 53.69
CA LYS L 290 91.58 13.30 54.72
C LYS L 290 92.70 14.30 55.00
N PRO L 291 93.10 14.44 56.27
CA PRO L 291 94.26 15.30 56.54
C PRO L 291 95.57 14.58 56.21
N TYR L 292 96.59 15.36 55.88
CA TYR L 292 97.92 14.82 55.66
C TYR L 292 98.95 15.72 56.33
N TRP L 293 99.84 15.11 57.10
CA TRP L 293 100.86 15.85 57.82
C TRP L 293 102.20 15.70 57.11
N LEU L 294 102.88 16.82 56.88
CA LEU L 294 104.16 16.82 56.21
C LEU L 294 105.26 16.62 57.24
N HIS L 295 105.34 15.42 57.78
CA HIS L 295 106.32 15.09 58.82
C HIS L 295 107.74 15.45 58.41
N LYS L 296 108.19 14.87 57.30
CA LYS L 296 109.49 15.17 56.72
C LYS L 296 109.40 14.99 55.22
N ALA L 297 109.61 16.08 54.49
CA ALA L 297 109.44 16.10 53.05
C ALA L 297 110.40 15.16 52.33
N GLN L 298 110.14 14.90 51.05
CA GLN L 298 110.99 14.02 50.27
C GLN L 298 112.24 14.75 49.79
N GLY L 299 112.11 16.05 49.58
CA GLY L 299 113.21 16.85 49.05
C GLY L 299 114.06 17.51 50.12
N HIS L 300 114.77 18.56 49.72
CA HIS L 300 115.59 19.32 50.65
C HIS L 300 114.80 20.43 51.33
N ASN L 301 113.74 20.88 50.67
CA ASN L 301 112.80 21.84 51.27
C ASN L 301 111.76 21.09 52.08
N ASN L 302 111.70 21.38 53.38
CA ASN L 302 110.77 20.69 54.27
C ASN L 302 109.54 21.54 54.57
N GLY L 303 108.81 21.89 53.51
CA GLY L 303 107.56 22.63 53.67
C GLY L 303 107.77 24.11 53.92
N VAL L 304 108.98 24.59 53.68
CA VAL L 304 109.28 26.00 53.82
C VAL L 304 108.68 26.79 52.65
N CYS L 305 107.76 27.69 52.97
CA CYS L 305 107.07 28.47 51.95
C CYS L 305 107.75 29.79 51.67
N TRP L 306 108.78 29.75 50.82
CA TRP L 306 109.51 30.96 50.44
C TRP L 306 108.59 31.93 49.70
N HIS L 307 108.86 33.23 49.85
CA HIS L 307 108.03 34.30 49.26
C HIS L 307 106.61 34.28 49.80
N ASN L 308 106.41 33.55 50.90
CA ASN L 308 105.09 33.41 51.51
C ASN L 308 104.06 32.92 50.49
N GLN L 309 104.50 31.99 49.65
CA GLN L 309 103.63 31.40 48.65
C GLN L 309 103.52 29.89 48.85
N LEU L 310 102.40 29.33 48.42
CA LEU L 310 102.22 27.89 48.41
C LEU L 310 101.47 27.52 47.14
N PHE L 311 101.90 26.46 46.49
CA PHE L 311 101.23 26.01 45.28
C PHE L 311 100.60 24.65 45.49
N VAL L 312 99.29 24.58 45.25
CA VAL L 312 98.56 23.35 45.40
C VAL L 312 98.03 22.89 44.04
N THR L 313 98.55 21.75 43.58
CA THR L 313 98.09 21.17 42.33
C THR L 313 97.24 19.93 42.61
N VAL L 314 95.97 19.98 42.22
CA VAL L 314 95.04 18.90 42.54
C VAL L 314 94.29 18.42 41.30
N VAL L 315 94.19 17.10 41.16
CA VAL L 315 93.40 16.47 40.12
C VAL L 315 92.48 15.43 40.73
N ASP L 316 91.18 15.54 40.48
CA ASP L 316 90.21 14.61 41.04
C ASP L 316 89.09 14.34 40.05
N THR L 317 89.02 13.11 39.55
CA THR L 317 88.02 12.75 38.54
C THR L 317 86.96 11.82 39.11
N THR L 318 87.03 11.56 40.41
CA THR L 318 86.07 10.68 41.08
C THR L 318 84.76 11.42 41.36
N ARG L 319 84.71 12.69 40.93
CA ARG L 319 83.49 13.48 40.97
C ARG L 319 83.32 14.17 39.62
N SER L 320 82.66 13.50 38.69
CA SER L 320 82.60 13.99 37.32
C SER L 320 81.20 13.98 36.73
N THR L 321 80.19 13.66 37.54
CA THR L 321 78.80 13.69 37.08
C THR L 321 78.45 15.06 36.55
N ASN L 322 78.06 15.11 35.29
CA ASN L 322 77.69 16.36 34.64
C ASN L 322 76.18 16.55 34.64
N LEU L 323 75.75 17.68 35.20
CA LEU L 323 74.33 18.01 35.27
C LEU L 323 73.71 18.12 33.89
N THR L 324 72.51 17.59 33.75
CA THR L 324 71.77 17.70 32.49
C THR L 324 70.62 18.69 32.66
N ILE L 325 70.76 19.84 32.03
CA ILE L 325 69.75 20.89 32.11
C ILE L 325 69.00 20.99 30.78
N CYS L 326 67.68 21.18 30.86
CA CYS L 326 66.91 21.42 29.66
C CYS L 326 65.67 22.26 29.92
N ALA L 327 65.51 23.31 29.13
CA ALA L 327 64.32 24.16 29.18
C ALA L 327 63.57 24.05 27.86
N SER L 328 62.29 24.42 27.90
CA SER L 328 61.46 24.35 26.70
C SER L 328 61.45 25.69 25.98
N THR L 329 61.12 25.66 24.69
CA THR L 329 61.04 26.88 23.90
C THR L 329 59.74 27.62 24.22
N GLN L 330 58.69 26.85 24.46
CA GLN L 330 57.38 27.41 24.77
C GLN L 330 57.27 27.76 26.25
N SER L 331 56.54 28.83 26.55
CA SER L 331 56.36 29.29 27.92
C SER L 331 55.37 28.42 28.73
N PRO L 332 54.20 28.09 28.16
CA PRO L 332 53.28 27.30 28.98
C PRO L 332 53.67 25.83 29.16
N VAL L 333 54.82 25.42 28.64
CA VAL L 333 55.28 24.02 28.71
C VAL L 333 54.22 23.08 28.13
N PRO L 334 54.34 22.75 26.84
CA PRO L 334 53.32 22.03 26.08
C PRO L 334 53.02 20.63 26.60
N GLY L 335 51.80 20.17 26.37
CA GLY L 335 51.36 18.86 26.82
C GLY L 335 51.73 17.76 25.85
N GLN L 336 52.19 18.15 24.67
CA GLN L 336 52.67 17.20 23.67
C GLN L 336 54.18 17.18 23.62
N TYR L 337 54.77 15.98 23.65
CA TYR L 337 56.21 15.88 23.60
C TYR L 337 56.74 16.09 22.18
N ASP L 338 57.72 16.98 22.08
CA ASP L 338 58.41 17.22 20.84
C ASP L 338 59.85 17.63 21.16
N ALA L 339 60.80 16.79 20.77
CA ALA L 339 62.20 16.97 21.08
C ALA L 339 62.75 18.32 20.63
N THR L 340 62.21 18.83 19.52
CA THR L 340 62.70 20.07 18.92
C THR L 340 62.38 21.30 19.75
N LYS L 341 61.46 21.14 20.70
CA LYS L 341 61.02 22.26 21.54
C LYS L 341 61.74 22.26 22.87
N PHE L 342 62.84 21.50 22.95
CA PHE L 342 63.63 21.42 24.17
C PHE L 342 65.12 21.64 23.89
N LYS L 343 65.71 22.62 24.57
CA LYS L 343 67.14 22.87 24.44
C LYS L 343 67.92 22.16 25.52
N GLN L 344 68.85 21.29 25.13
CA GLN L 344 69.68 20.56 26.08
C GLN L 344 70.97 21.31 26.37
N TYR L 345 71.25 21.48 27.66
CA TYR L 345 72.50 22.10 28.11
C TYR L 345 73.28 21.14 28.99
N SER L 346 74.59 21.29 29.03
CA SER L 346 75.42 20.43 29.86
C SER L 346 76.35 21.26 30.75
N ARG L 347 76.30 21.02 32.05
CA ARG L 347 77.05 21.81 33.00
C ARG L 347 77.77 20.94 34.03
N HIS L 348 78.92 21.41 34.50
CA HIS L 348 79.68 20.68 35.50
C HIS L 348 80.08 21.58 36.67
N VAL L 349 80.06 21.02 37.87
CA VAL L 349 80.39 21.77 39.08
C VAL L 349 81.69 21.31 39.72
N GLU L 350 82.45 22.26 40.26
CA GLU L 350 83.66 21.97 41.01
C GLU L 350 83.67 22.69 42.35
N GLU L 351 83.63 21.94 43.44
CA GLU L 351 83.59 22.52 44.78
C GLU L 351 84.77 22.09 45.64
N TYR L 352 85.62 23.06 45.99
CA TYR L 352 86.80 22.78 46.81
C TYR L 352 86.79 23.51 48.15
N ASP L 353 87.66 23.05 49.04
CA ASP L 353 87.93 23.75 50.30
C ASP L 353 89.35 23.40 50.74
N LEU L 354 90.18 24.42 50.92
CA LEU L 354 91.57 24.21 51.32
C LEU L 354 91.76 24.56 52.79
N GLN L 355 92.43 23.68 53.52
CA GLN L 355 92.77 23.93 54.91
C GLN L 355 94.26 23.67 55.14
N PHE L 356 94.91 24.56 55.88
CA PHE L 356 96.33 24.40 56.16
C PHE L 356 96.64 24.66 57.62
N ILE L 357 97.67 23.99 58.12
CA ILE L 357 98.25 24.32 59.42
C ILE L 357 99.67 24.81 59.20
N PHE L 358 99.89 26.10 59.44
CA PHE L 358 101.19 26.71 59.20
C PHE L 358 101.98 26.87 60.50
N GLN L 359 103.29 26.69 60.40
CA GLN L 359 104.17 26.83 61.55
C GLN L 359 105.14 27.99 61.33
N LEU L 360 105.26 28.84 62.34
CA LEU L 360 106.15 30.00 62.26
C LEU L 360 107.60 29.57 62.45
N CYS L 361 108.49 30.06 61.59
CA CYS L 361 109.90 29.69 61.67
C CYS L 361 110.82 30.90 61.58
N THR L 362 112.03 30.75 62.11
CA THR L 362 113.04 31.81 62.06
C THR L 362 114.26 31.40 61.22
N ILE L 363 114.85 32.36 60.54
CA ILE L 363 116.13 32.15 59.87
C ILE L 363 117.14 33.17 60.36
N THR L 364 118.19 32.71 61.02
CA THR L 364 119.21 33.61 61.53
C THR L 364 120.17 34.02 60.42
N LEU L 365 120.07 35.28 60.01
CA LEU L 365 120.87 35.78 58.89
C LEU L 365 122.33 35.97 59.27
N THR L 366 123.13 34.95 58.97
CA THR L 366 124.57 35.04 59.15
C THR L 366 125.23 35.09 57.78
N ALA L 367 126.54 35.36 57.76
CA ALA L 367 127.30 35.54 56.52
C ALA L 367 127.01 34.49 55.45
N ASP L 368 127.36 33.24 55.75
CA ASP L 368 127.20 32.14 54.82
C ASP L 368 125.74 31.82 54.51
N VAL L 369 124.87 31.94 55.51
CA VAL L 369 123.45 31.71 55.34
C VAL L 369 122.89 32.62 54.24
N MET L 370 123.34 33.86 54.23
CA MET L 370 122.92 34.83 53.21
C MET L 370 123.41 34.41 51.84
N SER L 371 124.70 34.08 51.76
CA SER L 371 125.31 33.69 50.48
C SER L 371 124.73 32.37 49.98
N TYR L 372 124.24 31.56 50.91
CA TYR L 372 123.51 30.35 50.55
C TYR L 372 122.21 30.73 49.86
N ILE L 373 121.40 31.51 50.57
CA ILE L 373 120.13 31.99 50.03
C ILE L 373 120.36 32.86 48.79
N GLN L 374 121.54 33.45 48.70
CA GLN L 374 121.93 34.20 47.51
C GLN L 374 121.89 33.29 46.29
N SER L 375 122.59 32.16 46.40
CA SER L 375 122.70 31.20 45.32
C SER L 375 121.37 30.50 45.04
N MET L 376 120.63 30.21 46.11
CA MET L 376 119.35 29.50 45.97
C MET L 376 118.31 30.35 45.23
N ASN L 377 118.02 31.52 45.78
CA ASN L 377 117.08 32.44 45.16
C ASN L 377 117.28 33.85 45.70
N SER L 378 117.96 34.68 44.92
CA SER L 378 118.32 36.04 45.32
C SER L 378 117.10 36.88 45.69
N SER L 379 115.99 36.63 45.01
CA SER L 379 114.75 37.37 45.24
C SER L 379 114.20 37.17 46.65
N ILE L 380 114.64 36.12 47.33
CA ILE L 380 114.23 35.89 48.71
C ILE L 380 114.76 37.00 49.61
N LEU L 381 116.02 37.36 49.40
CA LEU L 381 116.70 38.36 50.21
C LEU L 381 116.20 39.75 49.84
N GLU L 382 115.61 39.86 48.64
CA GLU L 382 114.94 41.07 48.18
C GLU L 382 113.77 41.48 49.09
N ASP L 383 112.62 40.82 48.95
CA ASP L 383 111.42 41.05 49.74
C ASP L 383 111.65 41.34 51.23
N TRP L 384 112.69 40.72 51.80
CA TRP L 384 113.12 41.00 53.17
C TRP L 384 113.81 42.36 53.29
N ASN L 385 114.18 42.94 52.15
CA ASN L 385 114.94 44.18 52.09
C ASN L 385 116.24 44.10 52.87
N ASN L 391 106.46 44.18 42.67
CA ASN L 391 107.62 44.16 41.80
C ASN L 391 107.38 43.27 40.58
N LYS L 392 108.33 42.38 40.31
CA LYS L 392 108.21 41.45 39.20
C LYS L 392 108.16 40.06 39.81
N ASP L 393 107.55 39.12 39.11
CA ASP L 393 107.40 37.75 39.60
C ASP L 393 107.33 36.84 38.37
N PRO L 394 108.18 35.80 38.32
CA PRO L 394 108.34 34.89 37.17
C PRO L 394 107.07 34.13 36.76
N TYR L 395 105.94 34.48 37.37
CA TYR L 395 104.71 33.72 37.25
C TYR L 395 103.50 34.55 36.79
N ASP L 396 103.52 35.88 36.96
CA ASP L 396 102.38 36.72 36.53
C ASP L 396 102.17 36.71 35.02
N LYS L 397 102.46 35.57 34.42
CA LYS L 397 102.21 35.31 33.01
C LYS L 397 101.54 33.95 32.92
N LEU L 398 101.28 33.34 34.08
CA LEU L 398 100.65 32.03 34.16
C LEU L 398 99.31 32.10 34.89
N LYS L 399 98.33 31.33 34.39
CA LYS L 399 96.99 31.32 34.98
C LYS L 399 96.92 30.48 36.24
N PHE L 400 96.63 31.14 37.36
CA PHE L 400 96.49 30.47 38.64
C PHE L 400 95.17 30.83 39.33
N TRP L 401 94.66 29.89 40.13
CA TRP L 401 93.51 30.17 40.98
C TRP L 401 94.02 30.78 42.28
N ASN L 402 93.98 32.10 42.38
CA ASN L 402 94.54 32.79 43.54
C ASN L 402 93.66 32.67 44.78
N VAL L 403 94.23 32.11 45.84
CA VAL L 403 93.55 32.05 47.14
C VAL L 403 94.32 32.93 48.13
N ASP L 404 93.65 33.94 48.66
CA ASP L 404 94.28 34.86 49.59
C ASP L 404 93.97 34.47 51.04
N LEU L 405 95.01 34.09 51.78
CA LEU L 405 94.84 33.65 53.16
C LEU L 405 95.41 34.63 54.16
N LYS L 406 95.71 35.85 53.69
CA LYS L 406 96.27 36.88 54.54
C LYS L 406 95.37 37.23 55.72
N GLU L 407 94.06 37.09 55.52
CA GLU L 407 93.08 37.45 56.54
C GLU L 407 92.48 36.21 57.20
N LYS L 408 93.08 35.05 56.95
CA LYS L 408 92.51 33.79 57.42
C LYS L 408 93.31 33.11 58.53
N PHE L 409 94.42 33.71 58.92
CA PHE L 409 95.30 33.11 59.93
C PHE L 409 94.71 33.26 61.33
N SER L 410 94.75 32.17 62.09
CA SER L 410 94.14 32.11 63.41
C SER L 410 94.98 31.24 64.34
N LEU L 411 95.02 31.59 65.62
CA LEU L 411 95.92 30.94 66.56
C LEU L 411 95.29 29.77 67.31
N ASP L 412 94.01 29.90 67.65
CA ASP L 412 93.31 28.82 68.34
C ASP L 412 92.92 27.70 67.37
N LEU L 413 93.81 26.72 67.23
CA LEU L 413 93.59 25.58 66.35
C LEU L 413 92.31 24.82 66.73
N ASP L 414 92.02 24.83 68.03
CA ASP L 414 90.87 24.12 68.60
C ASP L 414 89.55 24.45 67.90
N GLN L 415 89.43 25.68 67.42
CA GLN L 415 88.17 26.17 66.85
C GLN L 415 87.87 25.60 65.46
N TYR L 416 88.88 24.99 64.83
CA TYR L 416 88.75 24.52 63.45
C TYR L 416 88.96 23.00 63.34
N PRO L 417 88.34 22.36 62.33
CA PRO L 417 88.42 20.92 62.12
C PRO L 417 89.85 20.38 62.02
N LEU L 418 90.61 20.90 61.06
CA LEU L 418 92.00 20.48 60.89
C LEU L 418 92.81 20.77 62.15
N GLY L 419 92.53 21.91 62.78
CA GLY L 419 93.23 22.29 63.99
C GLY L 419 93.05 21.28 65.10
N ARG L 420 91.83 20.75 65.22
CA ARG L 420 91.51 19.70 66.18
C ARG L 420 92.27 18.43 65.86
N LYS L 421 92.16 17.95 64.63
CA LYS L 421 92.92 16.80 64.21
C LYS L 421 94.42 17.07 64.35
N PHE L 422 94.83 18.31 64.15
CA PHE L 422 96.26 18.58 64.25
C PHE L 422 96.77 18.60 65.68
N LEU L 423 95.87 18.72 66.64
CA LEU L 423 96.35 18.50 67.99
C LEU L 423 96.45 16.99 68.13
N VAL L 424 95.64 16.36 68.98
CA VAL L 424 95.46 14.89 69.00
C VAL L 424 96.65 14.03 68.54
N GLN L 425 96.84 14.03 67.21
CA GLN L 425 98.00 13.43 66.55
C GLN L 425 99.38 14.04 66.94
N ALA L 426 99.40 15.34 67.20
CA ALA L 426 100.51 16.01 67.90
C ALA L 426 100.77 15.44 69.31
N GLY L 427 100.52 14.15 69.49
CA GLY L 427 100.79 13.43 70.72
C GLY L 427 101.21 12.04 70.31
N ALA M 1 84.11 32.26 71.81
CA ALA M 1 84.87 31.04 71.56
C ALA M 1 84.07 29.80 71.99
N VAL M 2 83.97 28.83 71.08
CA VAL M 2 83.26 27.60 71.35
C VAL M 2 84.12 26.65 72.17
N VAL M 3 83.50 25.86 73.04
CA VAL M 3 84.24 24.94 73.91
C VAL M 3 83.73 23.50 73.79
N ASN M 4 84.63 22.54 73.99
CA ASN M 4 84.28 21.14 74.04
C ASN M 4 83.35 20.84 75.22
N THR M 5 82.33 20.01 74.98
CA THR M 5 81.33 19.72 76.01
C THR M 5 81.92 19.00 77.21
N ASP M 6 83.01 18.27 76.99
CA ASP M 6 83.65 17.52 78.07
C ASP M 6 84.26 18.42 79.14
N ASP M 7 84.17 19.73 78.92
CA ASP M 7 84.66 20.71 79.88
C ASP M 7 83.56 21.21 80.81
N TYR M 8 82.31 21.16 80.36
CA TYR M 8 81.18 21.60 81.20
C TYR M 8 80.05 20.58 81.28
N VAL M 9 80.31 19.36 80.81
CA VAL M 9 79.33 18.27 80.96
C VAL M 9 79.96 17.07 81.68
N THR M 10 79.87 17.08 83.00
CA THR M 10 80.41 15.99 83.81
C THR M 10 79.63 14.70 83.59
N ARG M 11 80.33 13.65 83.21
CA ARG M 11 79.70 12.37 82.92
C ARG M 11 79.65 11.49 84.16
N THR M 12 78.59 10.68 84.27
CA THR M 12 78.47 9.76 85.38
C THR M 12 78.77 8.33 84.95
N SER M 13 78.71 7.41 85.91
CA SER M 13 78.97 6.00 85.63
C SER M 13 77.68 5.22 85.44
N ILE M 14 76.58 5.94 85.22
CA ILE M 14 75.27 5.33 85.03
C ILE M 14 74.92 5.17 83.56
N PHE M 15 74.66 3.94 83.13
CA PHE M 15 74.34 3.67 81.74
C PHE M 15 72.97 3.04 81.56
N TYR M 16 72.24 3.53 80.56
CA TYR M 16 70.92 3.00 80.21
C TYR M 16 70.96 2.36 78.82
N HIS M 17 70.01 1.47 78.56
CA HIS M 17 69.82 0.92 77.22
C HIS M 17 68.45 1.29 76.69
N ALA M 18 68.41 1.96 75.55
CA ALA M 18 67.15 2.25 74.89
C ALA M 18 67.11 1.54 73.54
N GLY M 19 65.95 0.99 73.21
CA GLY M 19 65.78 0.31 71.94
C GLY M 19 64.40 0.51 71.40
N SER M 20 64.30 0.86 70.13
CA SER M 20 63.01 0.93 69.47
C SER M 20 62.51 -0.50 69.28
N SER M 21 61.22 -0.62 68.98
CA SER M 21 60.64 -1.93 68.71
C SER M 21 61.19 -2.49 67.41
N ARG M 22 60.35 -2.50 66.39
CA ARG M 22 60.79 -2.84 65.04
C ARG M 22 60.15 -1.89 64.05
N LEU M 23 60.93 -0.93 63.58
CA LEU M 23 60.44 0.05 62.62
C LEU M 23 60.33 -0.60 61.24
N LEU M 24 59.15 -0.52 60.64
CA LEU M 24 58.85 -1.25 59.42
C LEU M 24 57.85 -0.49 58.57
N THR M 25 58.10 -0.43 57.27
CA THR M 25 57.18 0.26 56.38
C THR M 25 57.21 -0.36 54.99
N VAL M 26 56.04 -0.40 54.37
CA VAL M 26 55.89 -0.93 53.02
C VAL M 26 55.21 0.12 52.15
N GLY M 27 55.36 -0.03 50.84
CA GLY M 27 54.74 0.90 49.91
C GLY M 27 55.25 0.78 48.49
N ASP M 28 54.92 1.75 47.66
CA ASP M 28 55.37 1.80 46.28
C ASP M 28 56.73 2.49 46.20
N PRO M 29 57.69 1.84 45.52
CA PRO M 29 59.07 2.33 45.44
C PRO M 29 59.26 3.51 44.49
N TYR M 30 58.23 3.81 43.70
CA TYR M 30 58.34 4.81 42.64
C TYR M 30 57.53 6.07 42.92
N PHE M 31 56.32 5.90 43.44
CA PHE M 31 55.41 7.01 43.71
C PHE M 31 54.32 6.58 44.67
N ARG M 32 53.87 7.49 45.53
CA ARG M 32 52.76 7.15 46.42
C ARG M 32 51.49 6.97 45.60
N VAL M 33 50.70 5.97 45.97
CA VAL M 33 49.48 5.63 45.25
C VAL M 33 48.26 6.21 45.94
N PRO M 34 47.59 7.16 45.26
CA PRO M 34 46.34 7.78 45.67
C PRO M 34 45.36 6.81 46.29
N ALA M 35 44.56 7.35 47.21
CA ALA M 35 43.60 6.58 47.96
C ALA M 35 42.50 6.03 47.08
N GLY M 36 41.36 5.73 47.68
CA GLY M 36 40.19 5.32 46.92
C GLY M 36 40.33 4.31 45.80
N GLY M 37 40.76 4.78 44.62
CA GLY M 37 40.91 3.98 43.41
C GLY M 37 39.80 2.97 43.38
N GLY M 38 40.15 1.73 43.76
CA GLY M 38 39.20 0.75 44.28
C GLY M 38 39.53 0.40 45.73
N ASN M 39 40.78 0.60 46.12
CA ASN M 39 41.27 0.21 47.45
C ASN M 39 41.17 1.34 48.48
N LYS M 40 40.83 1.01 49.73
CA LYS M 40 40.89 2.01 50.81
C LYS M 40 42.32 2.11 51.33
N GLN M 41 42.64 3.23 51.98
CA GLN M 41 43.97 3.52 52.56
C GLN M 41 45.03 3.76 51.48
N ASP M 42 45.80 4.83 51.64
CA ASP M 42 46.81 5.22 50.65
C ASP M 42 48.16 4.53 50.87
N ILE M 43 48.85 4.24 49.76
CA ILE M 43 50.16 3.61 49.79
C ILE M 43 51.24 4.70 49.68
N PRO M 44 52.07 4.85 50.73
CA PRO M 44 53.12 5.88 50.73
C PRO M 44 54.25 5.48 49.80
N LYS M 45 55.13 6.42 49.45
CA LYS M 45 56.25 6.11 48.59
C LYS M 45 57.43 5.63 49.42
N VAL M 46 57.74 4.35 49.34
CA VAL M 46 58.83 3.78 50.12
C VAL M 46 59.91 3.19 49.23
N SER M 47 60.98 3.94 49.04
CA SER M 47 62.12 3.49 48.25
C SER M 47 63.33 3.25 49.15
N ALA M 48 64.31 2.51 48.65
CA ALA M 48 65.55 2.31 49.39
C ALA M 48 66.49 3.47 49.12
N TYR M 49 66.09 4.32 48.18
CA TYR M 49 66.93 5.43 47.75
C TYR M 49 66.41 6.77 48.26
N GLN M 50 65.91 6.76 49.50
CA GLN M 50 65.51 7.98 50.16
C GLN M 50 66.06 7.99 51.58
N TYR M 51 66.30 9.19 52.12
CA TYR M 51 66.83 9.33 53.47
C TYR M 51 65.81 8.88 54.50
N ARG M 52 66.25 8.05 55.45
CA ARG M 52 65.47 7.74 56.63
C ARG M 52 65.97 8.61 57.78
N VAL M 53 65.14 9.54 58.24
CA VAL M 53 65.54 10.40 59.35
C VAL M 53 64.68 10.15 60.58
N PHE M 54 65.22 9.40 61.52
CA PHE M 54 64.53 9.12 62.77
C PHE M 54 64.75 10.23 63.78
N ARG M 55 63.64 10.77 64.31
CA ARG M 55 63.72 11.71 65.41
C ARG M 55 63.48 10.96 66.70
N VAL M 56 64.55 10.54 67.36
CA VAL M 56 64.43 9.77 68.59
C VAL M 56 64.13 10.67 69.77
N GLN M 57 62.98 10.44 70.41
CA GLN M 57 62.56 11.27 71.52
C GLN M 57 62.89 10.62 72.85
N LEU M 58 63.78 11.26 73.61
CA LEU M 58 64.28 10.69 74.85
C LEU M 58 63.49 11.25 76.04
N PRO M 59 63.49 10.50 77.16
CA PRO M 59 62.81 11.02 78.34
C PRO M 59 63.62 12.13 79.00
N ASP M 60 62.95 13.14 79.52
CA ASP M 60 63.63 14.19 80.29
C ASP M 60 64.25 13.57 81.53
N PRO M 61 65.59 13.54 81.59
CA PRO M 61 66.29 12.91 82.71
C PRO M 61 66.07 13.63 84.04
N ASN M 62 65.62 14.89 84.00
CA ASN M 62 65.37 15.66 85.21
C ASN M 62 64.02 15.30 85.84
N LYS M 63 63.00 15.12 85.01
CA LYS M 63 61.68 14.74 85.49
C LYS M 63 61.52 13.22 85.44
N PHE M 64 62.65 12.53 85.50
CA PHE M 64 62.71 11.08 85.37
C PHE M 64 63.12 10.44 86.69
N GLY M 65 62.46 9.34 87.04
CA GLY M 65 62.83 8.57 88.21
C GLY M 65 64.20 7.95 88.01
N LEU M 66 65.12 8.27 88.91
CA LEU M 66 66.49 7.79 88.81
C LEU M 66 66.69 6.56 89.70
N PRO M 67 67.76 5.78 89.46
CA PRO M 67 68.08 4.69 90.40
C PRO M 67 68.41 5.27 91.77
N ASP M 68 68.79 6.54 91.76
CA ASP M 68 69.02 7.32 92.95
C ASP M 68 69.04 8.79 92.56
N THR M 69 68.26 9.62 93.24
CA THR M 69 68.20 11.03 92.91
C THR M 69 69.19 11.81 93.79
N SER M 70 70.33 11.18 94.06
CA SER M 70 71.42 11.87 94.74
C SER M 70 72.66 11.83 93.85
N ILE M 71 72.45 11.52 92.58
CA ILE M 71 73.50 11.61 91.58
C ILE M 71 73.90 13.08 91.43
N TYR M 72 72.90 13.95 91.55
CA TYR M 72 73.12 15.38 91.39
C TYR M 72 72.32 16.20 92.39
N ASN M 73 72.42 17.52 92.28
CA ASN M 73 71.68 18.44 93.12
C ASN M 73 70.78 19.33 92.26
N PRO M 74 69.48 18.98 92.19
CA PRO M 74 68.50 19.64 91.31
C PRO M 74 68.32 21.14 91.58
N GLU M 75 69.17 21.71 92.42
CA GLU M 75 69.14 23.15 92.69
C GLU M 75 70.23 23.88 91.91
N THR M 76 71.39 23.25 91.78
CA THR M 76 72.55 23.90 91.17
C THR M 76 73.04 23.17 89.93
N GLN M 77 72.26 22.23 89.42
CA GLN M 77 72.65 21.51 88.20
C GLN M 77 71.48 20.79 87.51
N ARG M 78 71.67 20.48 86.23
CA ARG M 78 70.66 19.81 85.43
C ARG M 78 71.21 18.53 84.80
N LEU M 79 70.32 17.62 84.41
CA LEU M 79 70.73 16.34 83.83
C LEU M 79 70.58 16.33 82.31
N VAL M 80 71.55 15.72 81.63
CA VAL M 80 71.53 15.62 80.17
C VAL M 80 71.91 14.22 79.72
N TRP M 81 71.19 13.69 78.72
CA TRP M 81 71.56 12.42 78.13
C TRP M 81 72.75 12.59 77.21
N ALA M 82 73.63 11.59 77.18
CA ALA M 82 74.76 11.58 76.27
C ALA M 82 74.87 10.22 75.59
N CYS M 83 74.95 10.23 74.26
CA CYS M 83 75.02 8.98 73.50
C CYS M 83 76.42 8.34 73.60
N ALA M 84 76.45 7.04 73.84
CA ALA M 84 77.70 6.32 74.05
C ALA M 84 77.75 5.01 73.27
N GLY M 85 76.67 4.69 72.56
CA GLY M 85 76.59 3.46 71.80
C GLY M 85 75.41 3.43 70.85
N VAL M 86 75.64 2.96 69.62
CA VAL M 86 74.61 2.94 68.58
C VAL M 86 74.71 1.70 67.69
N GLU M 87 73.56 1.08 67.40
CA GLU M 87 73.52 -0.04 66.47
C GLU M 87 72.22 -0.07 65.67
N ILE M 88 72.29 0.36 64.42
CA ILE M 88 71.11 0.32 63.54
C ILE M 88 70.96 -1.06 62.92
N GLY M 89 69.91 -1.77 63.32
CA GLY M 89 69.64 -3.10 62.78
C GLY M 89 68.81 -3.04 61.52
N ARG M 90 69.28 -3.72 60.48
CA ARG M 90 68.52 -3.88 59.24
C ARG M 90 67.92 -5.29 59.15
N GLY M 91 66.70 -5.38 58.64
CA GLY M 91 65.97 -6.64 58.62
C GLY M 91 66.05 -7.45 57.34
N GLN M 92 65.51 -6.89 56.26
CA GLN M 92 65.41 -7.58 54.97
C GLN M 92 66.77 -8.07 54.44
N PRO M 93 66.75 -9.09 53.57
CA PRO M 93 68.01 -9.60 53.00
C PRO M 93 68.67 -8.62 52.02
N LEU M 94 69.94 -8.85 51.72
CA LEU M 94 70.66 -8.02 50.76
C LEU M 94 70.17 -8.30 49.35
N GLY M 95 69.85 -7.24 48.61
CA GLY M 95 69.39 -7.39 47.24
C GLY M 95 69.56 -6.14 46.40
N VAL M 96 69.36 -6.30 45.10
CA VAL M 96 69.45 -5.18 44.16
C VAL M 96 68.09 -4.90 43.54
N GLY M 97 67.77 -3.62 43.34
CA GLY M 97 66.47 -3.24 42.82
C GLY M 97 66.57 -2.21 41.72
N LEU M 98 65.67 -2.29 40.75
CA LEU M 98 65.72 -1.40 39.59
C LEU M 98 64.71 -0.26 39.68
N SER M 99 65.06 0.85 39.05
CA SER M 99 64.16 1.97 38.88
C SER M 99 64.20 2.36 37.40
N GLY M 100 63.05 2.72 36.84
CA GLY M 100 63.02 3.06 35.43
C GLY M 100 62.05 4.16 35.05
N HIS M 101 61.68 4.18 33.78
CA HIS M 101 60.84 5.21 33.21
C HIS M 101 60.34 4.78 31.84
N PRO M 102 59.01 4.77 31.65
CA PRO M 102 58.41 4.34 30.38
C PRO M 102 58.79 5.19 29.19
N PHE M 103 59.21 6.43 29.43
CA PHE M 103 59.57 7.35 28.36
C PHE M 103 60.88 8.04 28.64
N TYR M 104 61.90 7.25 28.97
CA TYR M 104 63.24 7.79 29.21
C TYR M 104 63.76 8.48 27.96
N ASN M 105 64.38 9.65 28.12
CA ASN M 105 64.97 10.35 27.00
C ASN M 105 66.31 9.77 26.61
N LYS M 106 66.28 8.65 25.89
CA LYS M 106 67.49 7.99 25.43
C LYS M 106 67.53 7.99 23.91
N LEU M 107 68.27 8.94 23.34
CA LEU M 107 68.38 9.08 21.90
C LEU M 107 68.94 7.80 21.29
N ASP M 108 70.22 7.56 21.51
CA ASP M 108 70.84 6.34 21.01
C ASP M 108 72.11 6.00 21.78
N ASP M 109 72.48 4.74 21.68
CA ASP M 109 73.68 4.26 22.33
C ASP M 109 74.94 4.83 21.65
N THR M 110 75.69 5.63 22.40
CA THR M 110 77.11 5.85 22.09
C THR M 110 77.90 4.73 22.78
N GLU M 111 79.22 4.72 22.59
CA GLU M 111 80.07 3.52 22.76
C GLU M 111 79.63 2.53 21.68
N SER M 112 80.60 1.87 21.06
CA SER M 112 80.34 1.06 19.85
C SER M 112 79.42 1.80 18.87
N SER M 113 78.13 1.78 19.17
CA SER M 113 77.13 2.62 18.47
C SER M 113 76.90 2.26 16.99
N HIS M 114 77.02 0.98 16.64
CA HIS M 114 76.97 0.56 15.23
C HIS M 114 75.65 0.97 14.56
N ALA M 115 74.67 1.28 15.39
CA ALA M 115 73.40 1.79 14.97
C ALA M 115 73.50 3.17 14.40
N ALA M 116 73.33 4.14 15.30
CA ALA M 116 72.82 5.47 14.99
C ALA M 116 71.43 5.38 14.39
N THR M 117 70.72 6.53 14.41
CA THR M 117 69.42 6.83 13.74
C THR M 117 68.74 8.05 14.42
N SER M 118 69.32 9.24 14.21
CA SER M 118 68.77 10.48 14.81
C SER M 118 67.36 10.80 14.31
N ASN M 119 67.32 11.52 13.18
CA ASN M 119 66.13 11.98 12.43
C ASN M 119 65.26 13.00 13.19
N VAL M 120 65.42 13.05 14.52
CA VAL M 120 64.74 14.00 15.41
C VAL M 120 63.20 13.73 15.50
N SER M 121 62.71 12.70 14.79
CA SER M 121 61.26 12.31 14.73
C SER M 121 60.52 12.25 16.05
N GLU M 122 60.69 13.27 16.89
CA GLU M 122 60.17 13.31 18.27
C GLU M 122 60.32 11.97 18.99
N ASP M 123 59.34 11.67 19.85
CA ASP M 123 59.22 10.42 20.63
C ASP M 123 60.05 9.21 20.14
N VAL M 124 61.39 9.26 20.31
CA VAL M 124 62.22 8.05 20.17
C VAL M 124 62.53 7.60 21.60
N ARG M 125 61.76 8.16 22.53
CA ARG M 125 61.84 7.82 23.92
C ARG M 125 61.58 6.33 24.10
N ASP M 126 62.46 5.67 24.84
CA ASP M 126 62.32 4.24 25.06
C ASP M 126 62.00 3.96 26.52
N ASN M 127 61.66 2.72 26.81
CA ASN M 127 61.43 2.29 28.18
C ASN M 127 62.70 1.62 28.71
N VAL M 128 63.44 2.34 29.56
CA VAL M 128 64.65 1.78 30.12
C VAL M 128 64.61 1.76 31.64
N SER M 129 65.47 0.95 32.24
CA SER M 129 65.61 0.88 33.69
C SER M 129 67.08 0.89 34.04
N VAL M 130 67.40 1.10 35.31
CA VAL M 130 68.79 1.14 35.73
C VAL M 130 68.93 0.95 37.24
N ASP M 131 69.87 0.11 37.65
CA ASP M 131 70.19 -0.01 39.07
C ASP M 131 71.05 1.19 39.45
N TYR M 132 70.78 1.76 40.62
CA TYR M 132 71.40 3.01 41.03
C TYR M 132 72.77 2.85 41.66
N LYS M 133 73.37 3.98 41.98
CA LYS M 133 74.60 4.04 42.76
C LYS M 133 74.40 3.41 44.13
N GLN M 134 75.40 2.66 44.59
CA GLN M 134 75.32 1.95 45.87
C GLN M 134 75.84 2.84 47.01
N THR M 135 74.95 3.20 47.92
CA THR M 135 75.30 4.13 49.00
C THR M 135 74.86 3.66 50.38
N GLN M 136 75.75 3.81 51.34
CA GLN M 136 75.42 3.62 52.76
C GLN M 136 75.90 4.83 53.54
N LEU M 137 75.04 5.45 54.34
CA LEU M 137 75.50 6.49 55.24
C LEU M 137 74.67 6.53 56.52
N CYS M 138 75.26 7.11 57.56
CA CYS M 138 74.69 7.08 58.90
C CYS M 138 75.13 8.29 59.73
N ILE M 139 74.19 9.18 60.03
CA ILE M 139 74.51 10.41 60.74
C ILE M 139 73.75 10.55 62.05
N LEU M 140 74.47 10.81 63.13
CA LEU M 140 73.87 11.09 64.43
C LEU M 140 74.03 12.56 64.79
N GLY M 141 73.12 13.06 65.62
CA GLY M 141 73.18 14.44 66.06
C GLY M 141 71.95 14.84 66.84
N CYS M 142 72.04 15.94 67.58
CA CYS M 142 70.90 16.45 68.32
C CYS M 142 70.19 17.55 67.53
N ALA M 143 70.58 17.67 66.25
CA ALA M 143 69.96 18.59 65.32
C ALA M 143 70.02 17.99 63.93
N PRO M 144 68.94 18.14 63.14
CA PRO M 144 68.85 17.48 61.83
C PRO M 144 70.03 17.81 60.92
N ALA M 145 70.45 16.84 60.11
CA ALA M 145 71.58 17.01 59.22
C ALA M 145 71.25 17.96 58.07
N ILE M 146 72.27 18.60 57.52
CA ILE M 146 72.08 19.55 56.43
C ILE M 146 72.51 18.94 55.10
N GLY M 147 71.66 19.08 54.09
CA GLY M 147 72.00 18.60 52.76
C GLY M 147 72.22 19.74 51.80
N GLU M 148 72.80 19.44 50.64
CA GLU M 148 72.97 20.43 49.59
C GLU M 148 72.43 19.86 48.29
N HIS M 149 71.92 20.74 47.42
CA HIS M 149 71.46 20.33 46.10
C HIS M 149 71.47 21.52 45.16
N TRP M 150 71.42 21.24 43.86
CA TRP M 150 71.44 22.30 42.86
C TRP M 150 70.03 22.63 42.41
N ALA M 151 69.75 23.93 42.29
CA ALA M 151 68.43 24.39 41.90
C ALA M 151 68.53 25.50 40.87
N LYS M 152 67.39 25.86 40.29
CA LYS M 152 67.31 27.01 39.41
C LYS M 152 67.79 28.24 40.15
N GLY M 153 68.60 29.06 39.47
CA GLY M 153 69.20 30.23 40.08
C GLY M 153 68.15 31.30 40.26
N THR M 154 68.58 32.50 40.64
CA THR M 154 67.62 33.58 40.84
C THR M 154 67.45 34.32 39.52
N ALA M 155 66.22 34.77 39.26
CA ALA M 155 65.95 35.73 38.19
C ALA M 155 66.56 37.08 38.57
N SER M 156 66.14 38.16 37.91
CA SER M 156 66.56 39.52 38.28
C SER M 156 65.97 40.56 37.36
N LYS M 157 65.74 41.73 37.94
CA LYS M 157 65.46 42.97 37.22
C LYS M 157 66.63 43.32 36.29
N SER M 158 67.79 42.71 36.51
CA SER M 158 68.98 42.93 35.70
C SER M 158 68.78 42.64 34.19
N ARG M 159 68.27 41.43 33.87
CA ARG M 159 68.25 40.82 32.52
C ARG M 159 67.02 39.96 32.29
N PRO M 160 66.84 39.42 31.06
CA PRO M 160 65.86 38.35 31.15
C PRO M 160 66.41 36.93 30.98
N LEU M 161 65.51 36.06 30.53
CA LEU M 161 65.79 34.65 30.21
C LEU M 161 64.95 34.22 29.01
N SER M 162 65.30 34.72 27.82
CA SER M 162 64.55 34.47 26.59
C SER M 162 64.22 32.97 26.49
N GLN M 163 62.97 32.65 26.83
CA GLN M 163 62.49 31.31 27.19
C GLN M 163 63.05 30.17 26.35
N GLY M 164 63.89 29.37 27.02
CA GLY M 164 64.60 28.29 26.38
C GLY M 164 66.06 28.26 26.77
N ASP M 165 66.61 29.43 27.11
CA ASP M 165 68.01 29.52 27.50
C ASP M 165 68.26 28.80 28.82
N CYS M 166 69.54 28.54 29.11
CA CYS M 166 69.92 27.85 30.34
C CYS M 166 69.87 28.79 31.53
N PRO M 167 69.29 28.32 32.65
CA PRO M 167 69.24 29.08 33.89
C PRO M 167 70.55 29.03 34.66
N PRO M 168 70.80 30.04 35.51
CA PRO M 168 71.96 30.03 36.41
C PRO M 168 71.83 28.96 37.48
N LEU M 169 72.95 28.47 38.00
CA LEU M 169 72.92 27.44 39.02
C LEU M 169 73.25 28.02 40.39
N GLU M 170 72.39 27.75 41.36
CA GLU M 170 72.61 28.15 42.74
C GLU M 170 72.67 26.94 43.63
N LEU M 171 73.68 26.87 44.48
CA LEU M 171 73.77 25.80 45.47
C LEU M 171 72.88 26.16 46.65
N LYS M 172 72.05 25.21 47.08
CA LYS M 172 71.10 25.47 48.14
C LYS M 172 71.23 24.48 49.30
N ASN M 173 71.30 25.03 50.52
CA ASN M 173 71.33 24.22 51.72
C ASN M 173 69.94 24.01 52.29
N THR M 174 69.74 22.87 52.94
CA THR M 174 68.42 22.49 53.44
C THR M 174 68.49 21.32 54.42
N VAL M 175 67.46 21.20 55.25
CA VAL M 175 67.37 20.11 56.21
C VAL M 175 67.00 18.79 55.52
N LEU M 176 67.67 17.70 55.90
CA LEU M 176 67.32 16.39 55.40
C LEU M 176 66.13 15.84 56.16
N GLU M 177 64.95 15.88 55.53
CA GLU M 177 63.76 15.30 56.11
C GLU M 177 63.67 13.84 55.72
N ASP M 178 62.77 13.10 56.39
CA ASP M 178 62.55 11.71 56.01
C ASP M 178 61.76 11.66 54.71
N GLY M 179 62.23 10.86 53.76
CA GLY M 179 61.56 10.74 52.48
C GLY M 179 62.30 11.44 51.35
N ASP M 180 63.25 12.30 51.70
CA ASP M 180 64.08 12.99 50.71
C ASP M 180 64.94 11.99 49.95
N MET M 181 65.11 12.21 48.66
CA MET M 181 65.85 11.28 47.82
C MET M 181 67.36 11.54 47.83
N VAL M 182 68.14 10.46 47.80
CA VAL M 182 69.59 10.55 47.77
C VAL M 182 70.12 10.77 46.36
N ASP M 183 71.41 11.03 46.25
CA ASP M 183 72.07 11.05 44.96
C ASP M 183 72.17 9.63 44.44
N THR M 184 71.57 9.40 43.27
CA THR M 184 71.46 8.06 42.71
C THR M 184 72.47 7.85 41.57
N GLY M 185 73.31 8.85 41.35
CA GLY M 185 74.28 8.81 40.27
C GLY M 185 73.93 9.82 39.21
N TYR M 186 72.74 10.39 39.33
CA TYR M 186 72.27 11.41 38.40
C TYR M 186 72.49 12.81 38.97
N GLY M 187 73.44 12.92 39.89
CA GLY M 187 73.76 14.19 40.51
C GLY M 187 72.69 14.64 41.49
N ALA M 188 73.04 15.58 42.35
CA ALA M 188 72.12 16.08 43.35
C ALA M 188 71.55 17.43 42.92
N MET M 189 70.38 17.40 42.29
CA MET M 189 69.72 18.63 41.86
C MET M 189 68.20 18.53 41.99
N ASP M 190 67.53 19.62 41.64
CA ASP M 190 66.06 19.67 41.64
C ASP M 190 65.55 19.38 40.24
N PHE M 191 65.33 18.10 39.95
CA PHE M 191 64.91 17.67 38.62
C PHE M 191 63.56 18.25 38.19
N SER M 192 62.75 18.63 39.16
CA SER M 192 61.40 19.14 38.89
C SER M 192 61.42 20.53 38.26
N THR M 193 62.51 21.28 38.48
CA THR M 193 62.60 22.64 37.97
C THR M 193 63.71 22.82 36.93
N LEU M 194 64.65 21.90 36.90
CA LEU M 194 65.79 22.01 35.98
C LEU M 194 65.57 21.19 34.71
N GLN M 195 64.65 20.23 34.77
CA GLN M 195 64.37 19.39 33.62
C GLN M 195 62.88 19.39 33.30
N ASP M 196 62.52 20.14 32.26
CA ASP M 196 61.12 20.29 31.85
C ASP M 196 60.61 19.03 31.16
N THR M 197 61.53 18.22 30.65
CA THR M 197 61.18 17.01 29.91
C THR M 197 60.50 15.99 30.82
N LYS M 198 60.90 15.99 32.09
CA LYS M 198 60.41 15.03 33.08
C LYS M 198 60.68 13.61 32.61
N CYS M 199 61.79 13.41 31.90
CA CYS M 199 62.11 12.12 31.29
C CYS M 199 63.60 11.86 31.22
N GLU M 200 64.38 12.71 31.89
CA GLU M 200 65.83 12.60 31.86
C GLU M 200 66.35 11.68 32.96
N VAL M 201 65.48 11.36 33.91
CA VAL M 201 65.83 10.52 35.04
C VAL M 201 64.70 9.54 35.34
N PRO M 202 64.99 8.44 36.05
CA PRO M 202 63.92 7.48 36.36
C PRO M 202 62.78 8.06 37.19
N LEU M 203 61.72 7.26 37.32
CA LEU M 203 60.44 7.72 37.85
C LEU M 203 60.46 8.26 39.28
N ASP M 204 61.19 7.59 40.18
CA ASP M 204 61.12 7.94 41.60
C ASP M 204 61.84 9.25 41.92
N ILE M 205 62.83 9.60 41.10
CA ILE M 205 63.55 10.86 41.28
C ILE M 205 63.13 11.90 40.25
N CYS M 206 62.09 11.56 39.49
CA CYS M 206 61.68 12.37 38.34
C CYS M 206 61.24 13.79 38.71
N GLN M 207 60.32 13.90 39.66
CA GLN M 207 59.82 15.20 40.08
C GLN M 207 60.19 15.48 41.54
N SER M 208 61.29 14.88 41.98
CA SER M 208 61.75 15.02 43.35
C SER M 208 63.03 15.84 43.43
N ILE M 209 63.59 15.94 44.63
CA ILE M 209 64.84 16.63 44.84
C ILE M 209 65.87 15.70 45.48
N CYS M 210 66.96 15.45 44.76
CA CYS M 210 68.03 14.62 45.28
C CYS M 210 69.03 15.47 46.06
N LYS M 211 69.16 15.19 47.35
CA LYS M 211 70.07 15.95 48.20
C LYS M 211 71.28 15.11 48.62
N TYR M 212 72.41 15.76 48.79
CA TYR M 212 73.63 15.12 49.25
C TYR M 212 74.09 15.79 50.52
N PRO M 213 74.46 15.01 51.55
CA PRO M 213 74.87 15.56 52.84
C PRO M 213 76.00 16.57 52.70
N ASP M 214 75.81 17.78 53.22
CA ASP M 214 76.84 18.79 53.17
C ASP M 214 77.87 18.55 54.27
N TYR M 215 78.72 17.56 54.07
CA TYR M 215 79.71 17.17 55.06
C TYR M 215 80.64 18.32 55.43
N LEU M 216 81.02 19.12 54.44
CA LEU M 216 81.91 20.25 54.67
C LEU M 216 81.32 21.25 55.66
N GLN M 217 80.10 21.71 55.39
CA GLN M 217 79.44 22.67 56.27
C GLN M 217 79.20 22.08 57.66
N MET M 218 78.83 20.81 57.71
CA MET M 218 78.52 20.18 59.00
C MET M 218 79.78 19.98 59.86
N SER M 219 80.94 19.92 59.22
CA SER M 219 82.19 19.84 59.97
C SER M 219 82.65 21.22 60.43
N ALA M 220 82.36 22.22 59.61
CA ALA M 220 82.75 23.60 59.91
C ALA M 220 81.77 24.27 60.87
N ASP M 221 80.65 23.61 61.11
CA ASP M 221 79.66 24.07 62.08
C ASP M 221 80.33 24.36 63.43
N PRO M 222 80.09 25.55 63.99
CA PRO M 222 80.78 25.99 65.22
C PRO M 222 80.56 25.07 66.42
N TYR M 223 79.30 24.73 66.71
CA TYR M 223 79.00 23.92 67.89
C TYR M 223 79.10 22.44 67.60
N GLY M 224 78.72 22.05 66.39
CA GLY M 224 78.86 20.66 65.96
C GLY M 224 77.72 19.77 66.41
N ASP M 225 76.53 20.36 66.60
CA ASP M 225 75.35 19.58 66.97
C ASP M 225 74.81 18.79 65.79
N SER M 226 75.22 19.19 64.58
CA SER M 226 74.67 18.62 63.35
C SER M 226 75.10 17.19 63.13
N MET M 227 76.34 16.88 63.49
CA MET M 227 76.86 15.52 63.40
C MET M 227 78.03 15.28 64.34
N PHE M 228 77.87 14.37 65.29
CA PHE M 228 78.98 13.93 66.11
C PHE M 228 79.30 12.48 65.79
N PHE M 229 78.78 11.99 64.67
CA PHE M 229 79.05 10.65 64.19
C PHE M 229 78.70 10.56 62.72
N CYS M 230 79.66 10.13 61.90
CA CYS M 230 79.46 10.10 60.47
C CYS M 230 80.10 8.88 59.82
N LEU M 231 79.26 8.03 59.25
CA LEU M 231 79.75 6.88 58.49
C LEU M 231 79.24 6.95 57.06
N ARG M 232 80.14 6.87 56.09
CA ARG M 232 79.72 6.89 54.69
C ARG M 232 80.47 5.83 53.90
N ARG M 233 79.82 5.34 52.86
CA ARG M 233 80.41 4.35 51.96
C ARG M 233 79.61 4.29 50.68
N GLU M 234 80.20 4.77 49.60
CA GLU M 234 79.53 4.80 48.31
C GLU M 234 80.41 4.25 47.20
N GLN M 235 79.79 3.69 46.16
CA GLN M 235 80.52 3.17 45.02
C GLN M 235 79.60 3.02 43.83
N LEU M 236 80.14 3.26 42.63
CA LEU M 236 79.38 3.10 41.39
C LEU M 236 80.30 3.04 40.18
N PHE M 237 79.72 2.78 39.02
CA PHE M 237 80.45 2.83 37.76
C PHE M 237 79.45 3.03 36.62
N ALA M 238 79.97 3.27 35.41
CA ALA M 238 79.12 3.57 34.27
C ALA M 238 78.80 2.32 33.45
N ARG M 239 77.50 1.98 33.42
CA ARG M 239 77.05 0.78 32.74
C ARG M 239 76.90 1.00 31.22
N HIS M 240 76.05 1.97 30.84
CA HIS M 240 75.84 2.27 29.43
C HIS M 240 76.02 3.75 29.13
N PHE M 241 76.43 4.05 27.90
CA PHE M 241 76.68 5.42 27.47
C PHE M 241 75.57 5.86 26.50
N TRP M 242 74.95 7.01 26.78
CA TRP M 242 73.77 7.42 26.03
C TRP M 242 73.75 8.87 25.56
N ASN M 243 72.87 9.16 24.60
CA ASN M 243 72.68 10.50 24.04
C ASN M 243 71.36 11.12 24.50
N ARG M 244 71.24 12.42 24.33
CA ARG M 244 70.03 13.15 24.74
C ARG M 244 69.33 13.78 23.55
N ALA M 245 68.08 13.40 23.31
CA ALA M 245 67.30 13.98 22.23
C ALA M 245 66.92 15.41 22.57
N GLY M 246 66.84 16.25 21.55
CA GLY M 246 66.60 17.67 21.73
C GLY M 246 67.72 18.47 21.10
N THR M 247 67.45 19.75 20.84
CA THR M 247 68.44 20.61 20.20
C THR M 247 69.49 21.07 21.20
N MET M 248 70.70 21.31 20.70
CA MET M 248 71.81 21.75 21.53
C MET M 248 71.66 23.22 21.92
N GLY M 249 71.56 23.47 23.21
CA GLY M 249 71.53 24.83 23.73
C GLY M 249 72.84 25.53 23.45
N ASP M 250 73.94 24.95 23.95
CA ASP M 250 75.26 25.45 23.61
C ASP M 250 75.68 24.89 22.26
N THR M 251 76.04 25.77 21.33
CA THR M 251 76.48 25.36 20.01
C THR M 251 77.95 24.98 20.04
N VAL M 252 78.29 23.84 19.45
CA VAL M 252 79.67 23.39 19.37
C VAL M 252 80.47 24.30 18.44
N PRO M 253 81.54 24.90 18.97
CA PRO M 253 82.42 25.77 18.19
C PRO M 253 82.94 25.07 16.94
N GLN M 254 83.01 25.81 15.83
CA GLN M 254 83.46 25.23 14.56
C GLN M 254 84.92 24.81 14.63
N SER M 255 85.69 25.50 15.47
CA SER M 255 87.12 25.23 15.60
C SER M 255 87.40 23.87 16.24
N LEU M 256 86.36 23.11 16.52
CA LEU M 256 86.51 21.83 17.22
C LEU M 256 86.23 20.61 16.35
N TYR M 257 85.94 20.83 15.06
CA TYR M 257 85.73 19.71 14.15
C TYR M 257 85.79 20.12 12.68
N ILE M 258 85.76 19.11 11.81
CA ILE M 258 85.75 19.32 10.37
C ILE M 258 84.36 19.00 9.82
N LYS M 259 83.74 19.96 9.14
CA LYS M 259 82.41 19.75 8.59
C LYS M 259 82.39 18.59 7.61
N GLY M 260 81.29 17.85 7.61
CA GLY M 260 81.10 16.78 6.64
C GLY M 260 79.98 17.15 5.68
N THR M 261 79.26 16.15 5.21
CA THR M 261 78.08 16.36 4.38
C THR M 261 76.94 15.45 4.80
N GLY M 262 75.75 15.71 4.30
CA GLY M 262 74.57 14.94 4.69
C GLY M 262 74.26 15.12 6.16
N MET M 263 73.99 14.02 6.85
CA MET M 263 73.68 14.06 8.28
C MET M 263 74.90 14.44 9.10
N ARG M 264 76.08 14.27 8.52
CA ARG M 264 77.32 14.59 9.21
C ARG M 264 77.82 16.00 8.88
N ALA M 265 76.97 16.80 8.27
CA ALA M 265 77.31 18.20 7.98
C ALA M 265 77.25 19.01 9.26
N SER M 266 76.25 18.73 10.08
CA SER M 266 76.07 19.43 11.35
C SER M 266 76.17 18.45 12.51
N PRO M 267 76.83 18.86 13.61
CA PRO M 267 77.04 18.00 14.77
C PRO M 267 75.73 17.58 15.42
N GLY M 268 75.66 16.33 15.87
CA GLY M 268 74.48 15.83 16.53
C GLY M 268 74.44 16.22 18.00
N SER M 269 73.89 15.34 18.83
CA SER M 269 73.83 15.59 20.25
C SER M 269 75.19 15.36 20.90
N CYS M 270 75.60 16.31 21.73
CA CYS M 270 76.87 16.22 22.44
C CYS M 270 76.62 16.25 23.94
N VAL M 271 75.38 15.96 24.32
CA VAL M 271 75.04 15.83 25.74
C VAL M 271 74.97 14.37 26.12
N TYR M 272 76.00 13.90 26.81
CA TYR M 272 76.12 12.50 27.16
C TYR M 272 75.88 12.28 28.64
N SER M 273 75.05 11.29 28.98
CA SER M 273 74.83 10.91 30.36
C SER M 273 74.83 9.39 30.49
N PRO M 274 75.69 8.86 31.37
CA PRO M 274 75.79 7.42 31.62
C PRO M 274 74.78 6.94 32.65
N SER M 275 74.26 5.73 32.47
CA SER M 275 73.42 5.14 33.48
C SER M 275 74.32 4.62 34.59
N PRO M 276 74.11 5.11 35.82
CA PRO M 276 74.92 4.69 36.97
C PRO M 276 74.71 3.22 37.30
N SER M 277 75.53 2.68 38.20
CA SER M 277 75.37 1.29 38.63
C SER M 277 76.27 0.97 39.81
N GLY M 278 75.67 0.58 40.93
CA GLY M 278 76.43 0.01 42.01
C GLY M 278 76.88 -1.37 41.57
N SER M 279 78.13 -1.71 41.85
CA SER M 279 78.67 -3.00 41.42
C SER M 279 78.14 -4.14 42.31
N ILE M 280 79.04 -5.05 42.66
CA ILE M 280 78.71 -6.14 43.57
C ILE M 280 78.33 -5.59 44.94
N VAL M 281 77.16 -6.00 45.44
CA VAL M 281 76.80 -5.70 46.82
C VAL M 281 77.14 -6.89 47.69
N THR M 282 77.98 -6.66 48.70
CA THR M 282 78.45 -7.76 49.54
C THR M 282 78.22 -7.48 51.03
N SER M 283 78.12 -8.55 51.80
CA SER M 283 77.97 -8.43 53.25
C SER M 283 79.29 -8.05 53.91
N ASP M 284 80.38 -8.25 53.18
CA ASP M 284 81.71 -7.97 53.71
C ASP M 284 81.90 -6.49 53.99
N SER M 285 81.41 -5.64 53.07
CA SER M 285 81.53 -4.20 53.24
C SER M 285 80.22 -3.61 53.75
N GLN M 286 79.55 -4.32 54.65
CA GLN M 286 78.31 -3.83 55.23
C GLN M 286 78.60 -2.92 56.42
N LEU M 287 77.76 -1.90 56.59
CA LEU M 287 77.99 -0.86 57.58
C LEU M 287 77.12 -1.03 58.81
N PHE M 288 76.03 -1.78 58.68
CA PHE M 288 75.03 -1.88 59.73
C PHE M 288 75.05 -3.24 60.43
N ASN M 289 74.10 -3.45 61.36
CA ASN M 289 74.06 -4.61 62.24
C ASN M 289 75.32 -4.73 63.10
N LYS M 290 76.13 -3.68 63.09
CA LYS M 290 77.35 -3.62 63.88
C LYS M 290 77.22 -2.50 64.92
N PRO M 291 77.72 -2.74 66.14
CA PRO M 291 77.67 -1.69 67.15
C PRO M 291 78.78 -0.66 66.92
N TYR M 292 78.50 0.60 67.22
CA TYR M 292 79.52 1.62 67.16
C TYR M 292 79.57 2.40 68.47
N TRP M 293 80.78 2.75 68.91
CA TRP M 293 80.95 3.46 70.17
C TRP M 293 81.49 4.85 69.94
N LEU M 294 80.79 5.85 70.47
CA LEU M 294 81.20 7.24 70.31
C LEU M 294 82.22 7.60 71.39
N HIS M 295 83.43 7.07 71.24
CA HIS M 295 84.54 7.35 72.16
C HIS M 295 84.73 8.84 72.36
N LYS M 296 85.04 9.54 71.26
CA LYS M 296 85.25 10.97 71.26
C LYS M 296 84.90 11.53 69.88
N ALA M 297 83.89 12.39 69.85
CA ALA M 297 83.34 12.90 68.60
C ALA M 297 84.33 13.75 67.80
N GLN M 298 83.97 14.05 66.56
CA GLN M 298 84.82 14.87 65.70
C GLN M 298 84.58 16.35 65.99
N GLY M 299 83.35 16.70 66.37
CA GLY M 299 83.00 18.09 66.63
C GLY M 299 83.18 18.44 68.09
N HIS M 300 82.63 19.59 68.49
CA HIS M 300 82.73 20.03 69.88
C HIS M 300 81.66 19.38 70.75
N ASN M 301 80.52 19.02 70.17
CA ASN M 301 79.51 18.24 70.89
C ASN M 301 79.91 16.77 70.84
N ASN M 302 80.09 16.17 72.01
CA ASN M 302 80.59 14.80 72.09
C ASN M 302 79.50 13.81 72.47
N GLY M 303 78.41 13.79 71.71
CA GLY M 303 77.33 12.86 71.94
C GLY M 303 76.27 13.40 72.90
N VAL M 304 76.41 14.66 73.30
CA VAL M 304 75.44 15.29 74.17
C VAL M 304 74.13 15.54 73.41
N CYS M 305 73.04 14.99 73.93
CA CYS M 305 71.75 15.09 73.25
C CYS M 305 70.89 16.20 73.85
N TRP M 306 71.16 17.44 73.45
CA TRP M 306 70.38 18.58 73.93
C TRP M 306 68.90 18.43 73.60
N HIS M 307 68.04 19.00 74.44
CA HIS M 307 66.59 18.91 74.29
C HIS M 307 66.06 17.48 74.34
N ASN M 308 66.88 16.57 74.87
CA ASN M 308 66.51 15.16 74.96
C ASN M 308 66.06 14.60 73.61
N GLN M 309 66.74 15.01 72.56
CA GLN M 309 66.45 14.57 71.20
C GLN M 309 67.66 13.86 70.59
N LEU M 310 67.42 13.13 69.51
CA LEU M 310 68.49 12.44 68.80
C LEU M 310 68.08 12.16 67.37
N PHE M 311 68.86 12.65 66.42
CA PHE M 311 68.53 12.50 65.01
C PHE M 311 69.40 11.45 64.33
N VAL M 312 68.76 10.41 63.82
CA VAL M 312 69.44 9.33 63.12
C VAL M 312 69.14 9.39 61.63
N THR M 313 70.11 9.87 60.86
CA THR M 313 69.96 9.93 59.40
C THR M 313 70.62 8.72 58.75
N VAL M 314 69.82 7.89 58.08
CA VAL M 314 70.32 6.62 57.55
C VAL M 314 69.96 6.43 56.09
N VAL M 315 70.92 5.95 55.30
CA VAL M 315 70.68 5.56 53.92
C VAL M 315 71.29 4.19 53.66
N ASP M 316 70.50 3.29 53.07
CA ASP M 316 70.99 1.95 52.78
C ASP M 316 70.37 1.43 51.49
N THR M 317 71.21 1.32 50.44
CA THR M 317 70.73 0.87 49.14
C THR M 317 71.18 -0.56 48.85
N THR M 318 71.75 -1.21 49.86
CA THR M 318 72.19 -2.60 49.72
C THR M 318 71.03 -3.56 49.97
N ARG M 319 69.87 -3.00 50.29
CA ARG M 319 68.66 -3.78 50.52
C ARG M 319 67.50 -3.14 49.76
N SER M 320 67.47 -3.34 48.44
CA SER M 320 66.48 -2.67 47.60
C SER M 320 65.69 -3.65 46.72
N THR M 321 65.65 -4.91 47.11
CA THR M 321 64.83 -5.89 46.42
C THR M 321 63.36 -5.50 46.51
N ASN M 322 62.76 -5.21 45.35
CA ASN M 322 61.35 -4.87 45.30
C ASN M 322 60.52 -6.10 45.02
N LEU M 323 59.49 -6.30 45.83
CA LEU M 323 58.62 -7.45 45.67
C LEU M 323 57.73 -7.30 44.44
N THR M 324 57.55 -8.40 43.72
CA THR M 324 56.66 -8.42 42.57
C THR M 324 55.38 -9.16 42.91
N ILE M 325 54.28 -8.41 42.98
CA ILE M 325 52.98 -8.99 43.29
C ILE M 325 52.12 -9.01 42.03
N CYS M 326 51.24 -10.01 41.93
CA CYS M 326 50.28 -10.06 40.84
C CYS M 326 49.06 -10.90 41.22
N ALA M 327 47.88 -10.33 40.99
CA ALA M 327 46.63 -11.04 41.19
C ALA M 327 45.89 -11.13 39.87
N SER M 328 45.03 -12.13 39.73
CA SER M 328 44.24 -12.32 38.52
C SER M 328 42.94 -11.54 38.60
N THR M 329 42.41 -11.15 37.45
CA THR M 329 41.11 -10.48 37.40
C THR M 329 39.99 -11.50 37.67
N GLN M 330 40.08 -12.63 36.99
CA GLN M 330 39.14 -13.73 37.21
C GLN M 330 39.36 -14.34 38.59
N SER M 331 38.31 -14.91 39.16
CA SER M 331 38.40 -15.53 40.48
C SER M 331 38.91 -16.98 40.43
N PRO M 332 38.41 -17.82 39.50
CA PRO M 332 38.88 -19.20 39.52
C PRO M 332 40.31 -19.40 38.99
N VAL M 333 40.98 -18.31 38.60
CA VAL M 333 42.32 -18.38 38.02
C VAL M 333 42.37 -19.32 36.81
N PRO M 334 42.22 -18.77 35.60
CA PRO M 334 42.06 -19.54 34.37
C PRO M 334 43.25 -20.45 34.05
N GLY M 335 42.98 -21.54 33.35
CA GLY M 335 44.00 -22.49 32.94
C GLY M 335 44.64 -22.11 31.62
N GLN M 336 44.11 -21.03 31.02
CA GLN M 336 44.72 -20.45 29.83
C GLN M 336 45.40 -19.13 30.18
N TYR M 337 46.65 -18.96 29.76
CA TYR M 337 47.39 -17.76 30.11
C TYR M 337 47.02 -16.57 29.23
N ASP M 338 46.85 -15.42 29.88
CA ASP M 338 46.55 -14.18 29.17
C ASP M 338 47.04 -13.01 30.01
N ALA M 339 48.02 -12.29 29.49
CA ALA M 339 48.72 -11.24 30.23
C ALA M 339 47.80 -10.11 30.66
N THR M 340 46.71 -9.91 29.93
CA THR M 340 45.79 -8.82 30.22
C THR M 340 44.93 -9.13 31.45
N LYS M 341 44.85 -10.40 31.81
CA LYS M 341 44.01 -10.82 32.93
C LYS M 341 44.78 -10.88 34.24
N PHE M 342 45.95 -10.25 34.26
CA PHE M 342 46.78 -10.17 35.46
C PHE M 342 47.19 -8.73 35.73
N LYS M 343 47.07 -8.29 36.99
CA LYS M 343 47.52 -6.96 37.39
C LYS M 343 48.85 -7.04 38.13
N GLN M 344 49.83 -6.27 37.66
CA GLN M 344 51.16 -6.28 38.27
C GLN M 344 51.33 -5.14 39.27
N TYR M 345 51.78 -5.47 40.47
CA TYR M 345 52.03 -4.47 41.51
C TYR M 345 53.49 -4.51 41.95
N SER M 346 54.00 -3.36 42.39
CA SER M 346 55.39 -3.26 42.80
C SER M 346 55.48 -2.67 44.20
N ARG M 347 55.93 -3.49 45.15
CA ARG M 347 56.03 -3.06 46.54
C ARG M 347 57.45 -3.15 47.07
N HIS M 348 57.79 -2.28 48.00
CA HIS M 348 59.11 -2.33 48.63
C HIS M 348 59.00 -2.28 50.15
N VAL M 349 59.88 -3.03 50.81
CA VAL M 349 59.86 -3.15 52.26
C VAL M 349 61.09 -2.55 52.93
N GLU M 350 60.86 -1.80 54.00
CA GLU M 350 61.94 -1.20 54.76
C GLU M 350 61.84 -1.55 56.24
N GLU M 351 62.75 -2.38 56.73
CA GLU M 351 62.72 -2.83 58.11
C GLU M 351 63.90 -2.34 58.93
N TYR M 352 63.61 -1.61 60.00
CA TYR M 352 64.67 -1.03 60.83
C TYR M 352 64.59 -1.43 62.30
N ASP M 353 65.64 -1.10 63.05
CA ASP M 353 65.74 -1.38 64.47
C ASP M 353 66.83 -0.53 65.10
N LEU M 354 66.44 0.46 65.90
CA LEU M 354 67.40 1.37 66.51
C LEU M 354 67.69 0.98 67.96
N GLN M 355 68.97 0.73 68.25
CA GLN M 355 69.41 0.41 69.60
C GLN M 355 70.39 1.47 70.08
N PHE M 356 70.34 1.81 71.36
CA PHE M 356 71.21 2.84 71.90
C PHE M 356 71.73 2.51 73.29
N ILE M 357 72.85 3.12 73.64
CA ILE M 357 73.39 3.08 75.00
C ILE M 357 73.64 4.50 75.46
N PHE M 358 72.83 4.99 76.39
CA PHE M 358 72.94 6.37 76.85
C PHE M 358 73.62 6.49 78.21
N GLN M 359 74.29 7.63 78.41
CA GLN M 359 75.03 7.89 79.64
C GLN M 359 74.49 9.15 80.32
N LEU M 360 74.14 9.04 81.60
CA LEU M 360 73.58 10.16 82.35
C LEU M 360 74.66 11.16 82.76
N CYS M 361 74.44 12.44 82.45
CA CYS M 361 75.46 13.45 82.68
C CYS M 361 74.91 14.70 83.37
N THR M 362 75.75 15.32 84.20
CA THR M 362 75.34 16.52 84.92
C THR M 362 75.90 17.80 84.29
N ILE M 363 75.24 18.92 84.57
CA ILE M 363 75.73 20.23 84.15
C ILE M 363 75.60 21.23 85.30
N THR M 364 76.72 21.59 85.90
CA THR M 364 76.71 22.59 86.96
C THR M 364 76.38 23.96 86.40
N LEU M 365 75.16 24.41 86.61
CA LEU M 365 74.71 25.69 86.09
C LEU M 365 75.32 26.86 86.84
N THR M 366 76.56 27.21 86.48
CA THR M 366 77.20 28.39 87.05
C THR M 366 76.86 29.61 86.19
N ALA M 367 77.31 30.77 86.63
CA ALA M 367 76.99 32.02 85.95
C ALA M 367 77.43 32.02 84.49
N ASP M 368 78.72 31.83 84.25
CA ASP M 368 79.25 31.84 82.89
C ASP M 368 78.84 30.62 82.07
N VAL M 369 78.58 29.51 82.76
CA VAL M 369 78.12 28.30 82.07
C VAL M 369 76.74 28.54 81.46
N MET M 370 75.84 29.14 82.24
CA MET M 370 74.51 29.45 81.75
C MET M 370 74.52 30.43 80.59
N SER M 371 75.33 31.48 80.70
CA SER M 371 75.45 32.48 79.65
C SER M 371 76.08 31.88 78.40
N TYR M 372 76.83 30.81 78.59
CA TYR M 372 77.37 30.06 77.47
C TYR M 372 76.26 29.34 76.73
N ILE M 373 75.52 28.52 77.45
CA ILE M 373 74.39 27.78 76.89
C ILE M 373 73.35 28.76 76.32
N GLN M 374 73.32 29.96 76.89
CA GLN M 374 72.46 31.03 76.40
C GLN M 374 72.83 31.38 74.96
N SER M 375 74.11 31.62 74.72
CA SER M 375 74.60 31.98 73.39
C SER M 375 74.49 30.80 72.42
N MET M 376 74.77 29.60 72.90
CA MET M 376 74.67 28.40 72.08
C MET M 376 73.23 28.15 71.65
N ASN M 377 72.35 27.98 72.64
CA ASN M 377 70.94 27.74 72.39
C ASN M 377 70.11 28.14 73.60
N SER M 378 69.50 29.33 73.53
CA SER M 378 68.69 29.86 74.62
C SER M 378 67.54 28.94 75.03
N SER M 379 67.04 28.14 74.08
CA SER M 379 65.89 27.29 74.32
C SER M 379 66.20 26.11 75.23
N ILE M 380 67.49 25.82 75.43
CA ILE M 380 67.89 24.73 76.32
C ILE M 380 67.64 25.10 77.77
N LEU M 381 67.95 26.35 78.13
CA LEU M 381 67.72 26.85 79.48
C LEU M 381 66.23 26.98 79.80
N GLU M 382 65.42 27.26 78.78
CA GLU M 382 63.98 27.45 78.97
C GLU M 382 63.28 26.18 79.45
N ASP M 383 63.59 25.05 78.80
CA ASP M 383 62.94 23.78 79.13
C ASP M 383 63.32 23.29 80.53
N TRP M 384 64.44 23.78 81.06
CA TRP M 384 64.87 23.45 82.40
C TRP M 384 64.16 24.31 83.44
N ASN M 385 63.48 25.35 82.96
CA ASN M 385 62.80 26.32 83.81
C ASN M 385 63.75 26.98 84.81
N ASN M 391 54.85 24.83 74.37
CA ASN M 391 56.03 25.34 73.69
C ASN M 391 56.08 24.94 72.21
N LYS M 392 56.67 25.80 71.39
CA LYS M 392 56.84 25.52 69.97
C LYS M 392 58.22 24.92 69.69
N ASP M 393 58.29 24.06 68.69
CA ASP M 393 59.54 23.44 68.30
C ASP M 393 59.91 23.85 66.87
N PRO M 394 61.18 24.26 66.67
CA PRO M 394 61.68 24.75 65.37
C PRO M 394 61.61 23.71 64.25
N TYR M 395 61.30 22.46 64.58
CA TYR M 395 61.30 21.40 63.59
C TYR M 395 59.91 20.82 63.32
N ASP M 396 58.87 21.49 63.83
CA ASP M 396 57.51 20.99 63.69
C ASP M 396 56.96 21.12 62.27
N LYS M 397 57.70 21.80 61.40
CA LYS M 397 57.30 21.95 60.01
C LYS M 397 57.75 20.78 59.15
N LEU M 398 58.81 20.13 59.60
CA LEU M 398 59.50 19.13 58.78
C LEU M 398 59.01 17.71 59.04
N LYS M 399 59.15 16.85 58.03
CA LYS M 399 58.69 15.47 58.12
C LYS M 399 59.78 14.53 58.65
N PHE M 400 59.54 13.98 59.84
CA PHE M 400 60.46 13.02 60.43
C PHE M 400 59.76 11.71 60.73
N TRP M 401 60.57 10.69 61.02
CA TRP M 401 60.07 9.39 61.46
C TRP M 401 60.24 9.33 62.97
N ASN M 402 59.26 9.83 63.71
CA ASN M 402 59.35 9.94 65.17
C ASN M 402 59.41 8.61 65.91
N VAL M 403 60.46 8.43 66.71
CA VAL M 403 60.62 7.23 67.51
C VAL M 403 60.71 7.56 69.00
N ASP M 404 59.62 7.32 69.72
CA ASP M 404 59.55 7.64 71.15
C ASP M 404 60.21 6.54 71.97
N LEU M 405 61.20 6.91 72.78
CA LEU M 405 61.89 5.96 73.64
C LEU M 405 61.67 6.25 75.12
N LYS M 406 60.70 7.11 75.42
CA LYS M 406 60.43 7.53 76.79
C LYS M 406 60.10 6.36 77.70
N GLU M 407 59.50 5.31 77.13
CA GLU M 407 59.13 4.13 77.90
C GLU M 407 60.02 2.95 77.56
N LYS M 408 61.26 3.22 77.14
CA LYS M 408 62.12 2.18 76.59
C LYS M 408 63.44 2.02 77.34
N PHE M 409 63.82 3.03 78.12
CA PHE M 409 65.08 2.99 78.84
C PHE M 409 65.11 1.89 79.90
N SER M 410 66.31 1.41 80.21
CA SER M 410 66.49 0.33 81.17
C SER M 410 67.90 0.39 81.75
N LEU M 411 68.04 -0.09 82.99
CA LEU M 411 69.32 0.02 83.69
C LEU M 411 70.18 -1.23 83.55
N ASP M 412 69.56 -2.39 83.51
CA ASP M 412 70.30 -3.65 83.35
C ASP M 412 70.67 -3.88 81.88
N LEU M 413 71.85 -3.42 81.51
CA LEU M 413 72.35 -3.56 80.14
C LEU M 413 72.46 -5.02 79.74
N ASP M 414 72.80 -5.84 80.73
CA ASP M 414 73.02 -7.28 80.54
C ASP M 414 71.89 -7.99 79.81
N GLN M 415 70.68 -7.45 79.95
CA GLN M 415 69.48 -8.07 79.38
C GLN M 415 69.32 -7.83 77.88
N TYR M 416 70.08 -6.89 77.34
CA TYR M 416 69.92 -6.47 75.95
C TYR M 416 71.18 -6.74 75.14
N PRO M 417 71.01 -7.09 73.84
CA PRO M 417 72.10 -7.45 72.94
C PRO M 417 73.21 -6.39 72.87
N LEU M 418 72.83 -5.14 72.60
CA LEU M 418 73.79 -4.04 72.58
C LEU M 418 74.43 -3.90 73.97
N GLY M 419 73.60 -4.04 75.01
CA GLY M 419 74.07 -3.92 76.38
C GLY M 419 75.24 -4.82 76.71
N ARG M 420 75.08 -6.12 76.42
CA ARG M 420 76.13 -7.10 76.65
C ARG M 420 77.41 -6.71 75.91
N LYS M 421 77.26 -6.33 74.65
CA LYS M 421 78.37 -5.91 73.82
C LYS M 421 79.09 -4.70 74.40
N PHE M 422 78.31 -3.74 74.92
CA PHE M 422 78.87 -2.55 75.53
C PHE M 422 79.66 -2.90 76.78
N LEU M 423 79.12 -3.81 77.58
CA LEU M 423 79.76 -4.23 78.82
C LEU M 423 81.12 -4.89 78.54
N VAL M 424 81.12 -5.82 77.59
CA VAL M 424 82.34 -6.50 77.17
C VAL M 424 83.38 -5.50 76.66
N GLN M 425 82.92 -4.57 75.84
CA GLN M 425 83.77 -3.55 75.24
C GLN M 425 84.38 -2.63 76.30
N ALA M 426 83.65 -2.43 77.40
CA ALA M 426 84.14 -1.60 78.48
C ALA M 426 85.21 -2.35 79.27
N GLY M 427 85.07 -3.66 79.36
CA GLY M 427 85.98 -4.50 80.11
C GLY M 427 85.30 -5.08 81.33
N ALA N 1 63.98 -12.17 85.41
CA ALA N 1 65.27 -11.73 84.87
C ALA N 1 66.11 -12.93 84.41
N VAL N 2 66.59 -12.85 83.17
CA VAL N 2 67.39 -13.92 82.59
C VAL N 2 68.84 -13.83 83.08
N VAL N 3 69.46 -14.98 83.33
CA VAL N 3 70.84 -15.01 83.81
C VAL N 3 71.73 -15.82 82.86
N ASN N 4 72.97 -15.35 82.66
CA ASN N 4 73.96 -16.04 81.83
C ASN N 4 74.25 -17.43 82.39
N THR N 5 74.13 -18.45 81.53
CA THR N 5 74.27 -19.86 81.94
C THR N 5 75.52 -20.15 82.75
N ASP N 6 76.59 -19.41 82.47
CA ASP N 6 77.87 -19.60 83.14
C ASP N 6 77.82 -19.22 84.61
N ASP N 7 76.62 -18.93 85.11
CA ASP N 7 76.41 -18.62 86.51
C ASP N 7 75.80 -19.80 87.26
N TYR N 8 75.15 -20.71 86.53
CA TYR N 8 74.56 -21.89 87.17
C TYR N 8 74.88 -23.18 86.42
N VAL N 9 75.89 -23.13 85.55
CA VAL N 9 76.36 -24.32 84.83
C VAL N 9 77.87 -24.43 84.94
N THR N 10 78.33 -25.28 85.86
CA THR N 10 79.76 -25.43 86.12
C THR N 10 80.39 -26.41 85.13
N ARG N 11 81.35 -25.90 84.35
CA ARG N 11 82.01 -26.71 83.33
C ARG N 11 83.16 -27.52 83.92
N THR N 12 83.25 -28.79 83.50
CA THR N 12 84.34 -29.66 83.93
C THR N 12 85.52 -29.50 82.99
N SER N 13 86.41 -30.49 82.99
CA SER N 13 87.53 -30.51 82.06
C SER N 13 87.48 -31.77 81.21
N ILE N 14 86.33 -32.43 81.23
CA ILE N 14 86.12 -33.65 80.46
C ILE N 14 85.54 -33.31 79.08
N PHE N 15 86.28 -33.63 78.04
CA PHE N 15 85.84 -33.34 76.68
C PHE N 15 85.61 -34.61 75.86
N TYR N 16 84.67 -34.52 74.93
CA TYR N 16 84.32 -35.62 74.05
C TYR N 16 84.34 -35.16 72.59
N HIS N 17 84.68 -36.07 71.67
CA HIS N 17 84.50 -35.80 70.26
C HIS N 17 83.33 -36.59 69.73
N ALA N 18 82.49 -35.93 68.95
CA ALA N 18 81.41 -36.62 68.25
C ALA N 18 81.38 -36.18 66.80
N GLY N 19 81.02 -37.09 65.91
CA GLY N 19 80.97 -36.79 64.50
C GLY N 19 79.97 -37.65 63.79
N SER N 20 79.18 -37.04 62.91
CA SER N 20 78.30 -37.81 62.05
C SER N 20 79.14 -38.65 61.12
N SER N 21 78.51 -39.59 60.43
CA SER N 21 79.21 -40.35 59.41
C SER N 21 79.50 -39.46 58.21
N ARG N 22 78.90 -39.78 57.08
CA ARG N 22 78.95 -38.91 55.92
C ARG N 22 77.55 -38.73 55.38
N LEU N 23 76.93 -37.61 55.73
CA LEU N 23 75.59 -37.30 55.28
C LEU N 23 75.58 -37.01 53.78
N LEU N 24 74.78 -37.75 53.04
CA LEU N 24 74.76 -37.64 51.58
C LEU N 24 73.33 -37.73 51.06
N THR N 25 73.06 -36.99 49.98
CA THR N 25 71.72 -36.97 49.39
C THR N 25 71.77 -36.44 47.96
N VAL N 26 71.06 -37.10 47.06
CA VAL N 26 70.97 -36.66 45.67
C VAL N 26 69.51 -36.55 45.26
N GLY N 27 69.24 -35.86 44.16
CA GLY N 27 67.89 -35.71 43.65
C GLY N 27 67.78 -34.60 42.63
N ASP N 28 66.55 -34.31 42.21
CA ASP N 28 66.31 -33.23 41.25
C ASP N 28 66.41 -31.87 41.95
N PRO N 29 67.09 -30.91 41.31
CA PRO N 29 67.31 -29.60 41.91
C PRO N 29 66.15 -28.61 41.77
N TYR N 30 65.07 -29.02 41.13
CA TYR N 30 63.99 -28.08 40.81
C TYR N 30 62.64 -28.46 41.43
N PHE N 31 62.40 -29.77 41.54
CA PHE N 31 61.13 -30.30 42.02
C PHE N 31 61.29 -31.78 42.30
N ARG N 32 60.45 -32.35 43.16
CA ARG N 32 60.52 -33.78 43.41
C ARG N 32 59.82 -34.53 42.28
N VAL N 33 60.41 -35.65 41.88
CA VAL N 33 59.87 -36.47 40.80
C VAL N 33 59.04 -37.61 41.39
N PRO N 34 57.71 -37.58 41.17
CA PRO N 34 56.79 -38.61 41.63
C PRO N 34 57.27 -40.01 41.30
N ALA N 35 57.36 -40.86 42.32
CA ALA N 35 57.88 -42.22 42.17
C ALA N 35 57.13 -43.04 41.12
N GLY N 36 57.77 -44.10 40.65
CA GLY N 36 57.13 -45.06 39.78
C GLY N 36 56.70 -44.58 38.40
N GLY N 37 56.84 -43.28 38.15
CA GLY N 37 56.49 -42.72 36.85
C GLY N 37 57.35 -43.34 35.77
N GLY N 38 58.66 -43.32 36.00
CA GLY N 38 59.61 -43.98 35.13
C GLY N 38 60.35 -45.07 35.87
N ASN N 39 60.67 -44.80 37.14
CA ASN N 39 61.43 -45.75 37.95
C ASN N 39 60.97 -45.77 39.41
N LYS N 40 61.28 -46.86 40.09
CA LYS N 40 60.94 -47.06 41.50
C LYS N 40 61.46 -45.94 42.40
N GLN N 41 60.68 -45.61 43.42
CA GLN N 41 61.06 -44.68 44.50
C GLN N 41 61.13 -43.21 44.06
N ASP N 42 60.69 -42.32 44.95
CA ASP N 42 60.68 -40.89 44.68
C ASP N 42 62.08 -40.31 44.56
N ILE N 43 62.22 -39.30 43.70
CA ILE N 43 63.47 -38.58 43.59
C ILE N 43 63.32 -37.24 44.32
N PRO N 44 63.94 -37.15 45.51
CA PRO N 44 63.77 -35.99 46.41
C PRO N 44 64.20 -34.68 45.75
N LYS N 45 63.63 -33.57 46.20
CA LYS N 45 64.06 -32.26 45.72
C LYS N 45 65.28 -31.80 46.51
N VAL N 46 66.44 -31.91 45.90
CA VAL N 46 67.69 -31.51 46.55
C VAL N 46 68.34 -30.35 45.81
N SER N 47 68.24 -29.16 46.40
CA SER N 47 68.81 -27.96 45.79
C SER N 47 69.89 -27.38 46.70
N ALA N 48 70.76 -26.55 46.13
CA ALA N 48 71.79 -25.90 46.92
C ALA N 48 71.21 -24.72 47.67
N TYR N 49 70.06 -24.24 47.19
CA TYR N 49 69.45 -23.03 47.71
C TYR N 49 68.32 -23.33 48.69
N GLN N 50 68.50 -24.38 49.47
CA GLN N 50 67.55 -24.71 50.52
C GLN N 50 68.28 -24.90 51.84
N TYR N 51 67.66 -24.46 52.93
CA TYR N 51 68.24 -24.64 54.26
C TYR N 51 68.44 -26.11 54.59
N ARG N 52 69.61 -26.44 55.11
CA ARG N 52 69.85 -27.75 55.69
C ARG N 52 69.76 -27.62 57.21
N VAL N 53 68.80 -28.30 57.82
CA VAL N 53 68.65 -28.24 59.27
C VAL N 53 68.86 -29.62 59.87
N PHE N 54 70.01 -29.82 60.50
CA PHE N 54 70.31 -31.09 61.15
C PHE N 54 69.91 -31.05 62.61
N ARG N 55 69.19 -32.09 63.04
CA ARG N 55 68.85 -32.24 64.43
C ARG N 55 69.80 -33.22 65.06
N VAL N 56 70.82 -32.69 65.74
CA VAL N 56 71.82 -33.53 66.37
C VAL N 56 71.34 -34.06 67.71
N GLN N 57 71.14 -35.37 67.79
CA GLN N 57 70.68 -35.99 69.04
C GLN N 57 71.88 -36.49 69.84
N LEU N 58 72.00 -35.99 71.07
CA LEU N 58 73.11 -36.37 71.94
C LEU N 58 72.68 -37.45 72.91
N PRO N 59 73.64 -38.19 73.48
CA PRO N 59 73.28 -39.17 74.51
C PRO N 59 73.02 -38.49 75.84
N ASP N 60 72.04 -38.99 76.59
CA ASP N 60 71.75 -38.46 77.91
C ASP N 60 72.95 -38.66 78.82
N PRO N 61 73.62 -37.57 79.18
CA PRO N 61 74.86 -37.62 79.97
C PRO N 61 74.64 -38.23 81.35
N ASN N 62 73.41 -38.18 81.84
CA ASN N 62 73.09 -38.74 83.15
C ASN N 62 73.01 -40.26 83.13
N LYS N 63 72.34 -40.81 82.11
CA LYS N 63 72.24 -42.25 81.94
C LYS N 63 73.39 -42.75 81.08
N PHE N 64 74.51 -42.03 81.15
CA PHE N 64 75.67 -42.31 80.33
C PHE N 64 76.85 -42.78 81.17
N GLY N 65 77.49 -43.86 80.74
CA GLY N 65 78.65 -44.38 81.44
C GLY N 65 79.83 -43.42 81.33
N LEU N 66 80.19 -42.81 82.46
CA LEU N 66 81.26 -41.84 82.49
C LEU N 66 82.62 -42.51 82.69
N PRO N 67 83.73 -41.81 82.35
CA PRO N 67 85.07 -42.33 82.65
C PRO N 67 85.29 -42.44 84.16
N ASP N 68 84.38 -41.83 84.90
CA ASP N 68 84.40 -41.81 86.35
C ASP N 68 83.08 -41.20 86.81
N THR N 69 82.25 -41.97 87.51
CA THR N 69 80.96 -41.46 87.93
C THR N 69 81.09 -40.79 89.30
N SER N 70 82.19 -40.10 89.51
CA SER N 70 82.39 -39.27 90.68
C SER N 70 82.77 -37.86 90.23
N ILE N 71 82.41 -37.54 88.99
CA ILE N 71 82.52 -36.18 88.48
C ILE N 71 81.47 -35.33 89.17
N TYR N 72 80.34 -35.96 89.49
CA TYR N 72 79.22 -35.28 90.12
C TYR N 72 78.49 -36.21 91.09
N ASN N 73 77.60 -35.64 91.89
CA ASN N 73 76.74 -36.44 92.76
C ASN N 73 75.32 -36.48 92.22
N PRO N 74 74.90 -37.65 91.69
CA PRO N 74 73.58 -37.85 91.07
C PRO N 74 72.40 -37.65 92.03
N GLU N 75 72.64 -37.09 93.20
CA GLU N 75 71.58 -36.89 94.19
C GLU N 75 71.05 -35.45 94.18
N THR N 76 71.94 -34.49 93.90
CA THR N 76 71.53 -33.08 93.90
C THR N 76 72.03 -32.30 92.69
N GLN N 77 72.48 -33.00 91.65
CA GLN N 77 72.88 -32.31 90.44
C GLN N 77 72.76 -33.19 89.20
N ARG N 78 72.74 -32.54 88.04
CA ARG N 78 72.55 -33.22 86.77
C ARG N 78 73.68 -32.91 85.80
N LEU N 79 73.70 -33.63 84.69
CA LEU N 79 74.72 -33.40 83.66
C LEU N 79 74.09 -32.82 82.40
N VAL N 80 74.79 -31.87 81.80
CA VAL N 80 74.37 -31.28 80.54
C VAL N 80 75.56 -31.21 79.60
N TRP N 81 75.34 -31.43 78.32
CA TRP N 81 76.38 -31.24 77.33
C TRP N 81 76.48 -29.76 76.97
N ALA N 82 77.70 -29.30 76.75
CA ALA N 82 77.92 -27.93 76.29
C ALA N 82 78.84 -27.94 75.08
N CYS N 83 78.43 -27.27 74.02
CA CYS N 83 79.20 -27.25 72.78
C CYS N 83 80.42 -26.33 72.90
N ALA N 84 81.56 -26.80 72.42
CA ALA N 84 82.81 -26.03 72.53
C ALA N 84 83.53 -25.89 71.19
N GLY N 85 83.30 -26.83 70.28
CA GLY N 85 83.93 -26.78 68.96
C GLY N 85 83.07 -27.43 67.90
N VAL N 86 83.07 -26.85 66.70
CA VAL N 86 82.26 -27.35 65.59
C VAL N 86 83.01 -27.27 64.27
N GLU N 87 82.78 -28.24 63.39
CA GLU N 87 83.30 -28.17 62.04
C GLU N 87 82.28 -28.73 61.05
N ILE N 88 81.76 -27.87 60.19
CA ILE N 88 80.85 -28.30 59.14
C ILE N 88 81.67 -28.69 57.92
N GLY N 89 81.62 -29.98 57.56
CA GLY N 89 82.40 -30.48 56.43
C GLY N 89 81.61 -30.58 55.15
N ARG N 90 82.10 -29.92 54.11
CA ARG N 90 81.47 -29.95 52.79
C ARG N 90 82.28 -30.82 51.84
N GLY N 91 81.59 -31.60 51.02
CA GLY N 91 82.24 -32.59 50.18
C GLY N 91 82.55 -32.21 48.74
N GLN N 92 81.50 -32.03 47.94
CA GLN N 92 81.63 -31.80 46.49
C GLN N 92 82.49 -30.58 46.13
N PRO N 93 82.96 -30.49 44.87
CA PRO N 93 83.77 -29.33 44.49
C PRO N 93 82.98 -28.04 44.33
N LEU N 94 83.68 -26.90 44.38
CA LEU N 94 83.07 -25.59 44.16
C LEU N 94 82.52 -25.51 42.75
N GLY N 95 81.31 -24.98 42.61
CA GLY N 95 80.68 -24.84 41.31
C GLY N 95 79.44 -23.97 41.29
N VAL N 96 79.10 -23.49 40.11
CA VAL N 96 77.90 -22.70 39.92
C VAL N 96 76.83 -23.52 39.20
N GLY N 97 75.56 -23.20 39.46
CA GLY N 97 74.46 -23.91 38.85
C GLY N 97 73.31 -22.99 38.57
N LEU N 98 72.61 -23.21 37.46
CA LEU N 98 71.55 -22.31 37.05
C LEU N 98 70.17 -22.81 37.44
N SER N 99 69.26 -21.87 37.62
CA SER N 99 67.84 -22.19 37.77
C SER N 99 67.08 -21.40 36.71
N GLY N 100 66.05 -22.01 36.16
CA GLY N 100 65.30 -21.38 35.09
C GLY N 100 63.81 -21.63 35.17
N HIS N 101 63.09 -21.13 34.16
CA HIS N 101 61.67 -21.37 34.04
C HIS N 101 61.30 -21.36 32.55
N PRO N 102 60.67 -22.43 32.09
CA PRO N 102 60.28 -22.58 30.68
C PRO N 102 59.40 -21.42 30.21
N PHE N 103 58.59 -20.89 31.12
CA PHE N 103 57.70 -19.78 30.81
C PHE N 103 57.89 -18.63 31.79
N TYR N 104 59.10 -18.10 31.85
CA TYR N 104 59.41 -16.94 32.67
C TYR N 104 58.65 -15.72 32.16
N ASN N 105 58.17 -14.86 33.07
CA ASN N 105 57.42 -13.68 32.67
C ASN N 105 58.34 -12.50 32.36
N LYS N 106 59.03 -12.58 31.23
CA LYS N 106 59.90 -11.50 30.78
C LYS N 106 59.32 -10.80 29.56
N LEU N 107 58.88 -9.56 29.74
CA LEU N 107 58.32 -8.81 28.62
C LEU N 107 59.41 -8.48 27.64
N ASP N 108 60.43 -7.74 28.09
CA ASP N 108 61.54 -7.34 27.24
C ASP N 108 62.69 -6.72 28.03
N ASP N 109 63.84 -6.61 27.37
CA ASP N 109 65.05 -6.05 27.98
C ASP N 109 64.93 -4.53 28.14
N THR N 110 65.00 -4.07 29.38
CA THR N 110 64.92 -2.64 29.65
C THR N 110 66.27 -2.06 30.05
N GLU N 111 67.31 -2.90 29.99
CA GLU N 111 68.66 -2.45 30.30
C GLU N 111 69.11 -1.40 29.30
N SER N 112 69.03 -1.78 28.03
CA SER N 112 69.38 -0.90 26.93
C SER N 112 68.87 -1.49 25.62
N SER N 113 67.57 -1.75 25.57
CA SER N 113 66.91 -2.17 24.35
C SER N 113 67.23 -1.23 23.19
N HIS N 114 67.30 -1.80 21.99
CA HIS N 114 67.33 -1.00 20.78
C HIS N 114 66.07 -0.15 20.82
N ALA N 115 64.98 -0.82 21.11
CA ALA N 115 63.69 -0.29 21.56
C ALA N 115 62.82 -1.52 21.55
N ALA N 116 62.60 -2.00 20.33
CA ALA N 116 61.94 -3.29 20.00
C ALA N 116 60.91 -3.76 21.01
N THR N 117 60.22 -2.78 21.61
CA THR N 117 59.24 -2.90 22.70
C THR N 117 58.65 -4.29 22.86
N SER N 118 57.53 -4.50 22.17
CA SER N 118 56.80 -5.76 21.91
C SER N 118 55.33 -5.49 22.19
N ASN N 119 54.45 -6.18 21.47
CA ASN N 119 53.02 -6.04 21.70
C ASN N 119 52.59 -6.86 22.92
N VAL N 120 51.73 -6.26 23.74
CA VAL N 120 51.18 -6.93 24.92
C VAL N 120 50.21 -8.05 24.53
N SER N 121 50.38 -8.54 23.30
CA SER N 121 49.57 -9.56 22.66
C SER N 121 48.78 -10.41 23.63
N GLU N 122 49.51 -11.29 24.33
CA GLU N 122 48.92 -12.19 25.31
C GLU N 122 50.01 -13.09 25.90
N ASP N 123 50.88 -13.60 25.03
CA ASP N 123 51.88 -14.56 25.46
C ASP N 123 53.25 -14.25 24.87
N VAL N 124 54.16 -13.74 25.70
CA VAL N 124 55.52 -13.42 25.27
C VAL N 124 56.53 -14.07 26.22
N ARG N 125 56.07 -15.06 26.98
CA ARG N 125 56.91 -15.73 27.96
C ARG N 125 58.03 -16.53 27.29
N ASP N 126 59.26 -16.27 27.71
CA ASP N 126 60.43 -16.94 27.15
C ASP N 126 61.03 -17.92 28.14
N ASN N 127 61.89 -18.79 27.65
CA ASN N 127 62.64 -19.71 28.51
C ASN N 127 63.94 -19.06 28.94
N VAL N 128 63.98 -18.57 30.17
CA VAL N 128 65.20 -17.97 30.68
C VAL N 128 65.70 -18.70 31.93
N SER N 129 66.98 -18.52 32.22
CA SER N 129 67.60 -19.10 33.41
C SER N 129 68.44 -18.02 34.10
N VAL N 130 68.83 -18.28 35.33
CA VAL N 130 69.60 -17.30 36.08
C VAL N 130 70.35 -17.95 37.25
N ASP N 131 71.60 -17.55 37.46
CA ASP N 131 72.33 -17.98 38.64
C ASP N 131 71.85 -17.14 39.82
N TYR N 132 71.64 -17.78 40.96
CA TYR N 132 71.08 -17.09 42.11
C TYR N 132 72.12 -16.27 42.86
N LYS N 133 71.65 -15.55 43.88
CA LYS N 133 72.52 -14.86 44.80
C LYS N 133 73.39 -15.87 45.55
N GLN N 134 74.58 -15.45 45.97
CA GLN N 134 75.53 -16.33 46.62
C GLN N 134 75.48 -16.18 48.14
N THR N 135 75.05 -17.23 48.84
CA THR N 135 74.86 -17.16 50.28
C THR N 135 75.58 -18.29 51.03
N GLN N 136 76.12 -17.96 52.20
CA GLN N 136 76.69 -18.94 53.12
C GLN N 136 76.30 -18.59 54.54
N LEU N 137 75.70 -19.53 55.28
CA LEU N 137 75.42 -19.27 56.68
C LEU N 137 75.35 -20.52 57.56
N CYS N 138 75.68 -20.33 58.84
CA CYS N 138 75.67 -21.41 59.81
C CYS N 138 75.09 -20.92 61.13
N ILE N 139 74.06 -21.62 61.60
CA ILE N 139 73.43 -21.30 62.89
C ILE N 139 73.51 -22.49 63.84
N LEU N 140 73.88 -22.24 65.08
CA LEU N 140 73.93 -23.29 66.09
C LEU N 140 73.07 -22.94 67.29
N GLY N 141 72.28 -23.90 67.73
CA GLY N 141 71.41 -23.71 68.88
C GLY N 141 70.88 -25.03 69.40
N CYS N 142 70.23 -24.98 70.56
CA CYS N 142 69.55 -26.15 71.10
C CYS N 142 68.06 -26.01 70.82
N ALA N 143 67.72 -25.04 69.97
CA ALA N 143 66.37 -24.82 69.49
C ALA N 143 66.45 -24.38 68.04
N PRO N 144 65.50 -24.82 67.19
CA PRO N 144 65.59 -24.52 65.75
C PRO N 144 65.61 -23.02 65.43
N ALA N 145 66.12 -22.67 64.26
CA ALA N 145 66.31 -21.27 63.89
C ALA N 145 65.05 -20.61 63.35
N ILE N 146 64.85 -19.35 63.70
CA ILE N 146 63.65 -18.61 63.32
C ILE N 146 63.86 -17.80 62.05
N GLY N 147 62.94 -17.96 61.10
CA GLY N 147 63.00 -17.21 59.86
C GLY N 147 61.82 -16.30 59.67
N GLU N 148 61.93 -15.38 58.72
CA GLU N 148 60.83 -14.47 58.40
C GLU N 148 60.59 -14.47 56.90
N HIS N 149 59.36 -14.15 56.51
CA HIS N 149 59.02 -14.01 55.10
C HIS N 149 57.71 -13.26 54.96
N TRP N 150 57.46 -12.74 53.76
CA TRP N 150 56.25 -11.99 53.50
C TRP N 150 55.16 -12.86 52.90
N ALA N 151 53.97 -12.76 53.49
CA ALA N 151 52.83 -13.55 53.06
C ALA N 151 51.59 -12.67 52.95
N LYS N 152 50.57 -13.19 52.28
CA LYS N 152 49.30 -12.48 52.12
C LYS N 152 48.69 -12.18 53.49
N GLY N 153 48.30 -10.92 53.70
CA GLY N 153 47.70 -10.52 54.95
C GLY N 153 46.30 -11.07 55.08
N THR N 154 45.84 -11.28 56.32
CA THR N 154 44.50 -11.79 56.58
C THR N 154 43.47 -10.87 55.95
N ALA N 155 42.76 -11.39 54.94
CA ALA N 155 41.72 -10.64 54.23
C ALA N 155 40.84 -9.88 55.22
N SER N 156 40.99 -8.55 55.22
CA SER N 156 40.46 -7.61 56.23
C SER N 156 39.36 -8.15 57.12
N LYS N 157 38.24 -8.46 56.47
CA LYS N 157 36.99 -8.98 57.00
C LYS N 157 35.94 -7.87 57.04
N SER N 158 36.31 -6.69 57.52
CA SER N 158 35.34 -5.61 57.68
C SER N 158 34.76 -5.14 56.35
N ARG N 159 35.65 -4.74 55.43
CA ARG N 159 35.26 -4.50 54.05
C ARG N 159 36.14 -5.45 53.21
N PRO N 160 35.59 -6.03 52.14
CA PRO N 160 36.26 -7.15 51.44
C PRO N 160 37.55 -6.78 50.69
N LEU N 161 38.08 -7.76 49.97
CA LEU N 161 39.19 -7.51 49.05
C LEU N 161 38.79 -7.92 47.64
N SER N 162 38.45 -6.93 46.82
CA SER N 162 37.98 -7.17 45.46
C SER N 162 39.04 -7.89 44.62
N GLN N 163 38.56 -8.80 43.78
CA GLN N 163 39.44 -9.63 42.95
C GLN N 163 40.18 -8.80 41.92
N GLY N 164 41.51 -8.88 41.94
CA GLY N 164 42.36 -8.12 41.04
C GLY N 164 43.26 -7.16 41.78
N ASP N 165 42.79 -6.70 42.94
CA ASP N 165 43.53 -5.73 43.74
C ASP N 165 44.74 -6.34 44.45
N CYS N 166 45.64 -5.47 44.89
CA CYS N 166 46.83 -5.89 45.62
C CYS N 166 46.51 -6.20 47.08
N PRO N 167 46.95 -7.38 47.55
CA PRO N 167 46.74 -7.79 48.95
C PRO N 167 47.67 -7.05 49.90
N PRO N 168 47.29 -6.97 51.19
CA PRO N 168 48.19 -6.41 52.22
C PRO N 168 49.28 -7.40 52.60
N LEU N 169 50.48 -6.88 52.88
CA LEU N 169 51.62 -7.75 53.18
C LEU N 169 51.84 -7.89 54.68
N GLU N 170 51.95 -9.13 55.14
CA GLU N 170 52.17 -9.42 56.55
C GLU N 170 53.48 -10.19 56.75
N LEU N 171 54.33 -9.67 57.64
CA LEU N 171 55.58 -10.34 57.97
C LEU N 171 55.30 -11.51 58.92
N LYS N 172 55.70 -12.71 58.53
CA LYS N 172 55.39 -13.91 59.30
C LYS N 172 56.64 -14.65 59.77
N ASN N 173 56.76 -14.81 61.09
CA ASN N 173 57.79 -15.64 61.67
C ASN N 173 57.47 -17.13 61.50
N THR N 174 58.50 -17.96 61.54
CA THR N 174 58.32 -19.41 61.36
C THR N 174 59.61 -20.16 61.66
N VAL N 175 59.48 -21.45 61.98
CA VAL N 175 60.64 -22.30 62.25
C VAL N 175 61.28 -22.75 60.94
N LEU N 176 62.59 -22.57 60.81
CA LEU N 176 63.31 -23.02 59.62
C LEU N 176 63.48 -24.52 59.67
N GLU N 177 62.64 -25.24 58.92
CA GLU N 177 62.78 -26.67 58.79
C GLU N 177 63.72 -26.97 57.64
N ASP N 178 64.26 -28.19 57.60
CA ASP N 178 65.04 -28.63 56.47
C ASP N 178 64.19 -28.63 55.21
N GLY N 179 64.74 -28.13 54.12
CA GLY N 179 64.03 -28.11 52.86
C GLY N 179 63.60 -26.73 52.41
N ASP N 180 63.20 -25.90 53.37
CA ASP N 180 62.76 -24.53 53.08
C ASP N 180 63.77 -23.78 52.22
N MET N 181 63.26 -23.00 51.26
CA MET N 181 64.12 -22.30 50.31
C MET N 181 64.66 -21.01 50.89
N VAL N 182 65.91 -20.70 50.58
CA VAL N 182 66.54 -19.47 51.04
C VAL N 182 66.20 -18.31 50.11
N ASP N 183 66.50 -17.09 50.53
CA ASP N 183 66.38 -15.95 49.63
C ASP N 183 67.39 -16.13 48.49
N THR N 184 66.91 -15.97 47.26
CA THR N 184 67.74 -16.23 46.10
C THR N 184 68.03 -14.95 45.31
N GLY N 185 67.41 -13.86 45.73
CA GLY N 185 67.56 -12.59 45.04
C GLY N 185 66.22 -12.11 44.50
N TYR N 186 65.16 -12.82 44.88
CA TYR N 186 63.81 -12.44 44.50
C TYR N 186 63.02 -12.09 45.74
N GLY N 187 63.72 -11.70 46.80
CA GLY N 187 63.10 -11.39 48.06
C GLY N 187 62.68 -12.64 48.82
N ALA N 188 62.36 -12.47 50.09
CA ALA N 188 61.91 -13.58 50.92
C ALA N 188 60.40 -13.53 51.11
N MET N 189 59.65 -14.10 50.18
CA MET N 189 58.20 -14.09 50.26
C MET N 189 57.58 -15.42 49.83
N ASP N 190 56.30 -15.58 50.14
CA ASP N 190 55.54 -16.75 49.73
C ASP N 190 55.03 -16.56 48.31
N PHE N 191 55.76 -17.08 47.34
CA PHE N 191 55.44 -16.88 45.92
C PHE N 191 54.20 -17.63 45.48
N SER N 192 53.79 -18.62 46.27
CA SER N 192 52.64 -19.44 45.92
C SER N 192 51.31 -18.72 46.13
N THR N 193 51.32 -17.67 46.95
CA THR N 193 50.08 -16.97 47.27
C THR N 193 50.11 -15.50 46.87
N LEU N 194 51.27 -14.99 46.51
CA LEU N 194 51.38 -13.58 46.12
C LEU N 194 51.59 -13.45 44.63
N GLN N 195 51.89 -14.58 43.98
CA GLN N 195 52.09 -14.60 42.53
C GLN N 195 51.21 -15.65 41.87
N ASP N 196 50.11 -15.20 41.30
CA ASP N 196 49.15 -16.08 40.63
C ASP N 196 49.71 -16.60 39.32
N THR N 197 50.59 -15.83 38.71
CA THR N 197 51.14 -16.16 37.40
C THR N 197 51.92 -17.46 37.43
N LYS N 198 52.57 -17.72 38.57
CA LYS N 198 53.45 -18.87 38.73
C LYS N 198 54.52 -18.88 37.64
N CYS N 199 54.93 -17.68 37.24
CA CYS N 199 55.88 -17.49 36.15
C CYS N 199 56.78 -16.29 36.41
N GLU N 200 56.83 -15.84 37.66
CA GLU N 200 57.60 -14.64 38.01
C GLU N 200 58.98 -14.99 38.52
N VAL N 201 59.11 -16.21 39.05
CA VAL N 201 60.38 -16.67 39.60
C VAL N 201 60.70 -18.05 39.02
N PRO N 202 62.00 -18.44 39.03
CA PRO N 202 62.40 -19.75 38.51
C PRO N 202 61.66 -20.95 39.14
N LEU N 203 61.80 -22.10 38.49
CA LEU N 203 60.96 -23.27 38.78
C LEU N 203 61.08 -23.85 40.20
N ASP N 204 62.23 -23.67 40.84
CA ASP N 204 62.45 -24.30 42.14
C ASP N 204 61.93 -23.48 43.31
N ILE N 205 61.71 -22.18 43.10
CA ILE N 205 61.08 -21.34 44.11
C ILE N 205 59.70 -20.91 43.67
N CYS N 206 59.26 -21.48 42.55
CA CYS N 206 58.01 -21.09 41.89
C CYS N 206 56.78 -21.16 42.80
N GLN N 207 56.59 -22.29 43.47
CA GLN N 207 55.43 -22.49 44.33
C GLN N 207 55.84 -22.78 45.77
N SER N 208 57.05 -22.34 46.13
CA SER N 208 57.58 -22.59 47.45
C SER N 208 57.55 -21.32 48.31
N ILE N 209 58.20 -21.40 49.48
CA ILE N 209 58.33 -20.23 50.33
C ILE N 209 59.80 -19.95 50.64
N CYS N 210 60.25 -18.74 50.33
CA CYS N 210 61.61 -18.33 50.64
C CYS N 210 61.66 -17.61 51.97
N LYS N 211 62.45 -18.14 52.90
CA LYS N 211 62.60 -17.55 54.24
C LYS N 211 63.99 -16.98 54.43
N TYR N 212 64.08 -15.92 55.22
CA TYR N 212 65.36 -15.34 55.60
C TYR N 212 65.45 -15.35 57.12
N PRO N 213 66.62 -15.74 57.67
CA PRO N 213 66.76 -15.82 59.13
C PRO N 213 66.46 -14.49 59.79
N ASP N 214 65.65 -14.52 60.85
CA ASP N 214 65.32 -13.31 61.58
C ASP N 214 66.37 -13.03 62.64
N TYR N 215 67.57 -12.66 62.19
CA TYR N 215 68.69 -12.40 63.08
C TYR N 215 68.34 -11.39 64.18
N LEU N 216 67.47 -10.45 63.84
CA LEU N 216 67.04 -9.43 64.78
C LEU N 216 66.29 -10.04 65.97
N GLN N 217 65.27 -10.84 65.68
CA GLN N 217 64.49 -11.49 66.72
C GLN N 217 65.32 -12.47 67.55
N MET N 218 66.07 -13.32 66.87
CA MET N 218 66.86 -14.35 67.54
C MET N 218 67.92 -13.76 68.47
N SER N 219 68.31 -12.53 68.20
CA SER N 219 69.25 -11.82 69.07
C SER N 219 68.51 -11.19 70.25
N ALA N 220 67.27 -10.78 70.01
CA ALA N 220 66.45 -10.16 71.04
C ALA N 220 65.83 -11.19 71.98
N ASP N 221 65.87 -12.45 71.58
CA ASP N 221 65.34 -13.55 72.39
C ASP N 221 65.96 -13.53 73.79
N PRO N 222 65.11 -13.65 74.82
CA PRO N 222 65.56 -13.59 76.22
C PRO N 222 66.64 -14.61 76.55
N TYR N 223 66.27 -15.89 76.54
CA TYR N 223 67.19 -16.96 76.92
C TYR N 223 68.34 -17.10 75.91
N GLY N 224 67.99 -17.14 74.63
CA GLY N 224 69.00 -17.21 73.57
C GLY N 224 69.39 -18.63 73.20
N ASP N 225 68.41 -19.52 73.16
CA ASP N 225 68.66 -20.90 72.79
C ASP N 225 68.55 -21.06 71.28
N SER N 226 68.01 -20.05 70.63
CA SER N 226 67.75 -20.06 69.19
C SER N 226 69.06 -20.06 68.39
N MET N 227 70.02 -19.24 68.85
CA MET N 227 71.34 -19.23 68.26
C MET N 227 72.40 -18.73 69.25
N PHE N 228 73.46 -19.52 69.44
CA PHE N 228 74.60 -19.03 70.20
C PHE N 228 75.84 -19.04 69.31
N PHE N 229 75.62 -19.17 68.01
CA PHE N 229 76.68 -19.12 67.01
C PHE N 229 76.08 -18.77 65.64
N CYS N 230 76.64 -17.73 65.01
CA CYS N 230 76.09 -17.26 63.74
C CYS N 230 77.19 -16.76 62.80
N LEU N 231 77.25 -17.35 61.61
CA LEU N 231 78.21 -16.95 60.59
C LEU N 231 77.51 -16.75 59.25
N ARG N 232 77.40 -15.51 58.78
CA ARG N 232 76.77 -15.26 57.49
C ARG N 232 77.72 -14.61 56.49
N ARG N 233 77.59 -15.00 55.23
CA ARG N 233 78.32 -14.39 54.14
C ARG N 233 77.46 -14.42 52.89
N GLU N 234 77.21 -13.25 52.31
CA GLU N 234 76.37 -13.16 51.12
C GLU N 234 76.80 -12.01 50.20
N GLN N 235 76.69 -12.25 48.90
CA GLN N 235 77.01 -11.24 47.91
C GLN N 235 76.25 -11.53 46.61
N LEU N 236 75.91 -10.47 45.87
CA LEU N 236 75.23 -10.60 44.59
C LEU N 236 75.30 -9.29 43.80
N PHE N 237 74.78 -9.30 42.57
CA PHE N 237 74.65 -8.09 41.76
C PHE N 237 73.61 -8.29 40.65
N ALA N 238 73.24 -7.21 39.98
CA ALA N 238 72.22 -7.26 38.94
C ALA N 238 72.83 -7.59 37.58
N ARG N 239 72.36 -8.67 36.97
CA ARG N 239 72.87 -9.11 35.67
C ARG N 239 72.10 -8.48 34.51
N HIS N 240 70.82 -8.84 34.37
CA HIS N 240 69.98 -8.26 33.30
C HIS N 240 68.78 -7.51 33.87
N PHE N 241 68.31 -6.51 33.14
CA PHE N 241 67.19 -5.68 33.56
C PHE N 241 65.94 -6.00 32.74
N TRP N 242 64.86 -6.39 33.40
CA TRP N 242 63.67 -6.85 32.67
C TRP N 242 62.36 -6.17 33.05
N ASN N 243 61.41 -6.23 32.12
CA ASN N 243 60.04 -5.78 32.36
C ASN N 243 59.16 -6.92 32.86
N ARG N 244 57.91 -6.60 33.17
CA ARG N 244 56.92 -7.60 33.53
C ARG N 244 55.67 -7.44 32.67
N ALA N 245 55.29 -8.49 31.96
CA ALA N 245 54.08 -8.47 31.15
C ALA N 245 52.84 -8.44 32.03
N GLY N 246 51.82 -7.73 31.60
CA GLY N 246 50.60 -7.58 32.37
C GLY N 246 50.22 -6.12 32.54
N THR N 247 48.98 -5.89 32.98
CA THR N 247 48.49 -4.53 33.18
C THR N 247 48.97 -3.96 34.51
N MET N 248 49.22 -2.66 34.53
CA MET N 248 49.74 -2.00 35.72
C MET N 248 48.65 -1.80 36.77
N GLY N 249 48.84 -2.42 37.94
CA GLY N 249 47.89 -2.28 39.03
C GLY N 249 47.84 -0.85 39.54
N ASP N 250 48.99 -0.37 40.00
CA ASP N 250 49.13 1.04 40.37
C ASP N 250 49.33 1.86 39.10
N THR N 251 48.52 2.90 38.93
CA THR N 251 48.58 3.69 37.71
C THR N 251 49.54 4.86 37.86
N VAL N 252 50.45 4.99 36.89
CA VAL N 252 51.47 6.04 36.90
C VAL N 252 50.86 7.43 36.86
N PRO N 253 51.19 8.26 37.86
CA PRO N 253 50.69 9.64 37.96
C PRO N 253 50.97 10.46 36.71
N GLN N 254 49.95 11.14 36.21
CA GLN N 254 50.10 11.97 35.01
C GLN N 254 51.09 13.10 35.21
N SER N 255 51.29 13.50 36.47
CA SER N 255 52.22 14.57 36.79
C SER N 255 53.67 14.11 36.74
N LEU N 256 53.88 12.86 36.33
CA LEU N 256 55.23 12.29 36.31
C LEU N 256 55.82 12.18 34.92
N TYR N 257 54.99 12.36 33.89
CA TYR N 257 55.47 12.25 32.52
C TYR N 257 54.64 13.08 31.54
N ILE N 258 55.15 13.21 30.31
CA ILE N 258 54.46 13.95 29.27
C ILE N 258 53.99 12.99 28.19
N LYS N 259 52.68 12.99 27.93
CA LYS N 259 52.08 12.07 26.97
C LYS N 259 52.68 12.19 25.58
N GLY N 260 52.64 11.08 24.85
CA GLY N 260 53.06 11.07 23.45
C GLY N 260 51.93 10.57 22.60
N THR N 261 52.26 10.02 21.44
CA THR N 261 51.24 9.46 20.55
C THR N 261 51.60 8.03 20.15
N GLY N 262 50.61 7.32 19.64
CA GLY N 262 50.79 5.93 19.25
C GLY N 262 50.98 5.03 20.45
N MET N 263 52.02 4.20 20.38
CA MET N 263 52.33 3.29 21.48
C MET N 263 52.83 4.04 22.70
N ARG N 264 53.43 5.20 22.47
CA ARG N 264 53.99 6.00 23.54
C ARG N 264 53.00 7.05 24.04
N ALA N 265 51.73 6.84 23.74
CA ALA N 265 50.67 7.68 24.27
C ALA N 265 50.40 7.32 25.72
N SER N 266 50.40 6.03 26.01
CA SER N 266 50.25 5.52 27.37
C SER N 266 51.51 4.81 27.82
N PRO N 267 51.93 5.05 29.07
CA PRO N 267 53.14 4.43 29.63
C PRO N 267 53.05 2.91 29.65
N GLY N 268 54.15 2.24 29.32
CA GLY N 268 54.20 0.79 29.34
C GLY N 268 54.35 0.25 30.74
N SER N 269 54.93 -0.94 30.85
CA SER N 269 55.15 -1.57 32.14
C SER N 269 56.17 -0.80 32.97
N CYS N 270 55.86 -0.62 34.25
CA CYS N 270 56.75 0.06 35.18
C CYS N 270 57.00 -0.83 36.40
N VAL N 271 56.90 -2.14 36.20
CA VAL N 271 57.30 -3.09 37.22
C VAL N 271 58.56 -3.79 36.76
N TYR N 272 59.71 -3.29 37.21
CA TYR N 272 60.99 -3.83 36.78
C TYR N 272 61.52 -4.85 37.79
N SER N 273 62.25 -5.84 37.30
CA SER N 273 62.89 -6.82 38.16
C SER N 273 64.18 -7.34 37.53
N PRO N 274 65.30 -7.17 38.23
CA PRO N 274 66.61 -7.63 37.73
C PRO N 274 66.82 -9.11 37.99
N SER N 275 67.62 -9.76 37.15
CA SER N 275 68.05 -11.12 37.43
C SER N 275 69.22 -11.06 38.40
N PRO N 276 69.12 -11.81 39.51
CA PRO N 276 70.20 -11.84 40.49
C PRO N 276 71.44 -12.51 39.93
N SER N 277 72.58 -12.40 40.63
CA SER N 277 73.79 -13.10 40.25
C SER N 277 74.86 -13.00 41.32
N GLY N 278 75.23 -14.14 41.89
CA GLY N 278 76.41 -14.21 42.71
C GLY N 278 77.60 -14.17 41.77
N SER N 279 78.56 -13.31 42.04
CA SER N 279 79.72 -13.14 41.16
C SER N 279 80.68 -14.33 41.24
N ILE N 280 81.97 -14.04 41.32
CA ILE N 280 82.98 -15.08 41.38
C ILE N 280 82.90 -15.88 42.69
N VAL N 281 82.78 -17.20 42.57
CA VAL N 281 82.84 -18.05 43.75
C VAL N 281 84.26 -18.59 43.90
N THR N 282 84.89 -18.26 45.02
CA THR N 282 86.27 -18.67 45.26
C THR N 282 86.42 -19.39 46.60
N SER N 283 87.50 -20.13 46.72
CA SER N 283 87.80 -20.88 47.93
C SER N 283 88.36 -19.97 49.02
N ASP N 284 88.76 -18.76 48.61
CA ASP N 284 89.37 -17.80 49.53
C ASP N 284 88.39 -17.25 50.56
N SER N 285 87.14 -17.08 50.15
CA SER N 285 86.12 -16.55 51.04
C SER N 285 85.22 -17.68 51.57
N GLN N 286 85.76 -18.88 51.66
CA GLN N 286 84.97 -20.03 52.10
C GLN N 286 84.76 -20.02 53.61
N LEU N 287 83.59 -20.46 54.03
CA LEU N 287 83.21 -20.40 55.43
C LEU N 287 83.37 -21.75 56.13
N PHE N 288 83.40 -22.82 55.34
CA PHE N 288 83.34 -24.16 55.90
C PHE N 288 84.64 -24.95 55.78
N ASN N 289 84.59 -26.22 56.19
CA ASN N 289 85.77 -27.08 56.31
C ASN N 289 86.79 -26.51 57.28
N LYS N 290 86.38 -25.50 58.04
CA LYS N 290 87.21 -24.86 59.04
C LYS N 290 86.58 -25.06 60.41
N PRO N 291 87.41 -25.14 61.46
CA PRO N 291 86.86 -25.26 62.81
C PRO N 291 86.43 -23.93 63.38
N TYR N 292 85.52 -23.97 64.35
CA TYR N 292 85.05 -22.76 65.01
C TYR N 292 84.80 -23.04 66.49
N TRP N 293 85.45 -22.27 67.35
CA TRP N 293 85.39 -22.47 68.78
C TRP N 293 84.43 -21.50 69.44
N LEU N 294 83.46 -22.05 70.18
CA LEU N 294 82.45 -21.23 70.85
C LEU N 294 82.98 -20.76 72.19
N HIS N 295 83.92 -19.82 72.14
CA HIS N 295 84.54 -19.28 73.35
C HIS N 295 83.48 -18.77 74.33
N LYS N 296 82.80 -17.70 73.95
CA LYS N 296 81.67 -17.17 74.71
C LYS N 296 80.60 -16.73 73.73
N ALA N 297 79.41 -17.31 73.86
CA ALA N 297 78.32 -17.05 72.94
C ALA N 297 77.84 -15.60 72.98
N GLN N 298 76.97 -15.24 72.04
CA GLN N 298 76.46 -13.88 71.95
C GLN N 298 75.27 -13.68 72.89
N GLY N 299 74.52 -14.75 73.13
CA GLY N 299 73.36 -14.67 73.99
C GLY N 299 73.65 -15.05 75.41
N HIS N 300 72.61 -15.40 76.16
CA HIS N 300 72.77 -15.83 77.54
C HIS N 300 73.09 -17.32 77.62
N ASN N 301 72.72 -18.07 76.60
CA ASN N 301 73.08 -19.49 76.53
C ASN N 301 74.44 -19.65 75.87
N ASN N 302 75.39 -20.15 76.65
CA ASN N 302 76.77 -20.30 76.18
C ASN N 302 77.05 -21.72 75.69
N GLY N 303 76.33 -22.13 74.65
CA GLY N 303 76.53 -23.44 74.06
C GLY N 303 75.95 -24.58 74.87
N VAL N 304 75.18 -24.27 75.90
CA VAL N 304 74.51 -25.30 76.67
C VAL N 304 73.46 -25.99 75.82
N CYS N 305 73.56 -27.31 75.69
CA CYS N 305 72.63 -28.06 74.87
C CYS N 305 71.52 -28.69 75.70
N TRP N 306 70.44 -27.95 75.91
CA TRP N 306 69.30 -28.43 76.67
C TRP N 306 68.58 -29.56 75.91
N HIS N 307 68.04 -30.50 76.68
CA HIS N 307 67.37 -31.70 76.13
C HIS N 307 68.31 -32.58 75.33
N ASN N 308 69.62 -32.36 75.50
CA ASN N 308 70.63 -33.10 74.77
C ASN N 308 70.41 -33.03 73.25
N GLN N 309 70.05 -31.83 72.79
CA GLN N 309 69.82 -31.59 71.37
C GLN N 309 70.73 -30.49 70.85
N LEU N 310 70.89 -30.45 69.53
CA LEU N 310 71.66 -29.41 68.86
C LEU N 310 71.11 -29.19 67.46
N PHE N 311 70.80 -27.94 67.15
CA PHE N 311 70.25 -27.61 65.85
C PHE N 311 71.28 -26.90 64.97
N VAL N 312 71.62 -27.53 63.85
CA VAL N 312 72.59 -26.99 62.92
C VAL N 312 71.90 -26.54 61.64
N THR N 313 71.74 -25.23 61.49
CA THR N 313 71.14 -24.66 60.28
C THR N 313 72.25 -24.21 59.34
N VAL N 314 72.29 -24.77 58.14
CA VAL N 314 73.38 -24.54 57.20
C VAL N 314 72.90 -24.17 55.80
N VAL N 315 73.51 -23.13 55.22
CA VAL N 315 73.28 -22.77 53.84
C VAL N 315 74.61 -22.59 53.11
N ASP N 316 74.78 -23.28 52.00
CA ASP N 316 76.00 -23.20 51.21
C ASP N 316 75.68 -23.32 49.73
N THR N 317 75.74 -22.20 49.01
CA THR N 317 75.36 -22.15 47.61
C THR N 317 76.59 -22.20 46.71
N THR N 318 77.77 -22.26 47.32
CA THR N 318 79.02 -22.23 46.57
C THR N 318 79.37 -23.60 46.00
N ARG N 319 78.48 -24.57 46.20
CA ARG N 319 78.65 -25.89 45.64
C ARG N 319 77.35 -26.34 44.98
N SER N 320 77.03 -25.72 43.84
CA SER N 320 75.72 -25.89 43.23
C SER N 320 75.78 -26.48 41.82
N THR N 321 76.92 -27.03 41.44
CA THR N 321 77.04 -27.69 40.14
C THR N 321 76.01 -28.80 40.02
N ASN N 322 75.20 -28.72 38.96
CA ASN N 322 74.22 -29.75 38.68
C ASN N 322 74.71 -30.71 37.61
N LEU N 323 74.83 -31.98 37.97
CA LEU N 323 75.23 -32.99 37.02
C LEU N 323 74.20 -33.08 35.90
N THR N 324 74.67 -33.25 34.68
CA THR N 324 73.79 -33.42 33.54
C THR N 324 73.90 -34.86 33.04
N ILE N 325 72.81 -35.62 33.19
CA ILE N 325 72.80 -37.01 32.77
C ILE N 325 71.91 -37.19 31.54
N CYS N 326 72.29 -38.10 30.66
CA CYS N 326 71.47 -38.40 29.49
C CYS N 326 71.67 -39.83 29.01
N ALA N 327 70.56 -40.54 28.85
CA ALA N 327 70.57 -41.88 28.29
C ALA N 327 69.90 -41.88 26.93
N SER N 328 70.27 -42.83 26.07
CA SER N 328 69.65 -42.96 24.77
C SER N 328 68.47 -43.91 24.84
N THR N 329 67.50 -43.73 23.94
CA THR N 329 66.32 -44.58 23.90
C THR N 329 66.65 -45.92 23.23
N GLN N 330 67.67 -45.89 22.37
CA GLN N 330 68.14 -47.11 21.72
C GLN N 330 69.18 -47.80 22.60
N SER N 331 69.23 -49.12 22.54
CA SER N 331 70.09 -49.89 23.43
C SER N 331 71.58 -49.91 23.03
N PRO N 332 71.89 -50.13 21.74
CA PRO N 332 73.33 -50.17 21.44
C PRO N 332 73.86 -48.82 20.96
N VAL N 333 73.08 -47.77 21.21
CA VAL N 333 73.50 -46.39 20.96
C VAL N 333 73.86 -46.12 19.49
N PRO N 334 72.90 -45.58 18.72
CA PRO N 334 72.99 -45.39 17.27
C PRO N 334 74.18 -44.53 16.83
N GLY N 335 74.68 -44.82 15.63
CA GLY N 335 75.83 -44.10 15.09
C GLY N 335 75.43 -42.81 14.39
N GLN N 336 74.15 -42.49 14.44
CA GLN N 336 73.63 -41.25 13.90
C GLN N 336 73.00 -40.41 14.99
N TYR N 337 73.27 -39.12 15.01
CA TYR N 337 72.77 -38.24 16.06
C TYR N 337 71.33 -37.80 15.80
N ASP N 338 70.50 -37.97 16.82
CA ASP N 338 69.12 -37.50 16.79
C ASP N 338 68.70 -37.11 18.20
N ALA N 339 68.62 -35.80 18.43
CA ALA N 339 68.38 -35.24 19.76
C ALA N 339 67.15 -35.84 20.45
N THR N 340 66.17 -36.27 19.65
CA THR N 340 64.94 -36.85 20.18
C THR N 340 65.17 -38.21 20.82
N LYS N 341 66.26 -38.87 20.43
CA LYS N 341 66.54 -40.22 20.91
C LYS N 341 67.36 -40.20 22.21
N PHE N 342 67.38 -39.07 22.89
CA PHE N 342 68.12 -38.94 24.15
C PHE N 342 67.29 -38.24 25.22
N LYS N 343 67.23 -38.83 26.41
CA LYS N 343 66.53 -38.23 27.54
C LYS N 343 67.49 -37.47 28.44
N GLN N 344 67.20 -36.19 28.67
CA GLN N 344 68.05 -35.36 29.52
C GLN N 344 67.51 -35.29 30.96
N TYR N 345 68.35 -35.63 31.92
CA TYR N 345 67.97 -35.55 33.33
C TYR N 345 68.85 -34.55 34.07
N SER N 346 68.37 -34.07 35.21
CA SER N 346 69.11 -33.08 35.99
C SER N 346 69.19 -33.51 37.45
N ARG N 347 70.41 -33.72 37.94
CA ARG N 347 70.61 -34.18 39.30
C ARG N 347 71.56 -33.30 40.09
N HIS N 348 71.34 -33.19 41.38
CA HIS N 348 72.22 -32.40 42.24
C HIS N 348 72.55 -33.12 43.54
N VAL N 349 73.82 -33.08 43.92
CA VAL N 349 74.31 -33.79 45.10
C VAL N 349 74.66 -32.86 46.25
N GLU N 350 74.48 -33.33 47.48
CA GLU N 350 74.82 -32.58 48.68
C GLU N 350 75.55 -33.48 49.69
N GLU N 351 76.83 -33.22 49.93
CA GLU N 351 77.65 -34.06 50.80
C GLU N 351 78.13 -33.33 52.05
N TYR N 352 77.70 -33.79 53.22
CA TYR N 352 78.03 -33.12 54.47
C TYR N 352 78.83 -33.99 55.46
N ASP N 353 79.39 -33.33 56.47
CA ASP N 353 80.09 -33.99 57.55
C ASP N 353 80.11 -33.09 58.78
N LEU N 354 79.39 -33.50 59.82
CA LEU N 354 79.31 -32.73 61.06
C LEU N 354 80.25 -33.31 62.11
N GLN N 355 81.11 -32.45 62.65
CA GLN N 355 82.02 -32.83 63.72
C GLN N 355 81.88 -31.87 64.89
N PHE N 356 81.99 -32.40 66.12
CA PHE N 356 81.79 -31.59 67.31
C PHE N 356 82.77 -31.91 68.43
N ILE N 357 82.97 -30.94 69.31
CA ILE N 357 83.65 -31.17 70.58
C ILE N 357 82.74 -30.71 71.71
N PHE N 358 82.18 -31.66 72.45
CA PHE N 358 81.27 -31.35 73.54
C PHE N 358 81.97 -31.38 74.88
N GLN N 359 81.51 -30.53 75.80
CA GLN N 359 82.08 -30.48 77.14
C GLN N 359 81.04 -30.92 78.17
N LEU N 360 81.47 -31.74 79.13
CA LEU N 360 80.56 -32.23 80.18
C LEU N 360 80.40 -31.18 81.27
N CYS N 361 79.16 -30.87 81.62
CA CYS N 361 78.87 -29.84 82.61
C CYS N 361 77.87 -30.30 83.66
N THR N 362 77.97 -29.74 84.86
CA THR N 362 77.07 -30.08 85.94
C THR N 362 76.14 -28.91 86.28
N ILE N 363 75.02 -29.22 86.89
CA ILE N 363 74.07 -28.23 87.37
C ILE N 363 73.58 -28.62 88.75
N THR N 364 74.02 -27.91 89.78
CA THR N 364 73.58 -28.21 91.14
C THR N 364 72.13 -27.77 91.34
N LEU N 365 71.24 -28.74 91.51
CA LEU N 365 69.82 -28.47 91.63
C LEU N 365 69.45 -27.94 93.01
N THR N 366 69.51 -26.62 93.17
CA THR N 366 69.10 -25.97 94.39
C THR N 366 67.68 -25.43 94.23
N ALA N 367 67.17 -24.77 95.26
CA ALA N 367 65.80 -24.26 95.25
C ALA N 367 65.56 -23.32 94.09
N ASP N 368 66.24 -22.17 94.10
CA ASP N 368 66.05 -21.14 93.09
C ASP N 368 66.52 -21.57 91.70
N VAL N 369 67.56 -22.41 91.65
CA VAL N 369 68.07 -22.91 90.38
C VAL N 369 66.98 -23.68 89.65
N MET N 370 66.31 -24.58 90.36
CA MET N 370 65.22 -25.36 89.78
C MET N 370 64.06 -24.47 89.33
N SER N 371 63.72 -23.49 90.16
CA SER N 371 62.63 -22.55 89.85
C SER N 371 63.01 -21.64 88.69
N TYR N 372 64.32 -21.41 88.50
CA TYR N 372 64.78 -20.65 87.35
C TYR N 372 64.57 -21.47 86.08
N ILE N 373 65.04 -22.72 86.09
CA ILE N 373 64.86 -23.62 84.97
C ILE N 373 63.38 -23.87 84.73
N GLN N 374 62.61 -23.87 85.82
CA GLN N 374 61.17 -24.02 85.76
C GLN N 374 60.56 -22.97 84.83
N SER N 375 60.96 -21.72 85.02
CA SER N 375 60.44 -20.63 84.23
C SER N 375 61.07 -20.57 82.84
N MET N 376 62.23 -21.21 82.68
CA MET N 376 62.92 -21.23 81.40
C MET N 376 62.30 -22.25 80.44
N ASN N 377 62.15 -23.47 80.93
CA ASN N 377 61.57 -24.56 80.16
C ASN N 377 61.28 -25.76 81.08
N SER N 378 60.06 -25.81 81.60
CA SER N 378 59.64 -26.82 82.56
C SER N 378 59.93 -28.25 82.12
N SER N 379 59.99 -28.46 80.81
CA SER N 379 60.23 -29.79 80.26
C SER N 379 61.63 -30.32 80.57
N ILE N 380 62.59 -29.41 80.78
CA ILE N 380 63.94 -29.81 81.12
C ILE N 380 63.97 -30.60 82.42
N LEU N 381 63.25 -30.10 83.42
CA LEU N 381 63.17 -30.75 84.72
C LEU N 381 62.42 -32.07 84.65
N GLU N 382 61.47 -32.16 83.73
CA GLU N 382 60.69 -33.39 83.55
C GLU N 382 61.55 -34.55 83.09
N ASP N 383 62.42 -34.31 82.12
CA ASP N 383 63.31 -35.35 81.59
C ASP N 383 64.26 -35.87 82.66
N TRP N 384 64.68 -35.00 83.56
CA TRP N 384 65.60 -35.39 84.64
C TRP N 384 64.89 -36.19 85.72
N ASN N 385 63.57 -36.20 85.67
CA ASN N 385 62.75 -36.88 86.68
C ASN N 385 63.04 -36.38 88.10
N ASN N 391 56.74 -39.68 76.01
CA ASN N 391 56.78 -38.22 76.01
C ASN N 391 56.59 -37.64 74.61
N LYS N 392 56.11 -36.40 74.56
CA LYS N 392 55.93 -35.70 73.29
C LYS N 392 56.96 -34.59 73.13
N ASP N 393 57.27 -34.27 71.88
CA ASP N 393 58.26 -33.25 71.58
C ASP N 393 57.62 -32.12 70.75
N PRO N 394 57.94 -30.86 71.11
CA PRO N 394 57.33 -29.68 70.48
C PRO N 394 57.79 -29.44 69.03
N TYR N 395 58.61 -30.34 68.50
CA TYR N 395 59.13 -30.17 67.15
C TYR N 395 58.80 -31.38 66.27
N ASP N 396 57.97 -32.29 66.78
CA ASP N 396 57.64 -33.52 66.07
C ASP N 396 56.65 -33.30 64.93
N LYS N 397 56.38 -32.03 64.62
CA LYS N 397 55.56 -31.67 63.47
C LYS N 397 56.43 -31.13 62.34
N LEU N 398 57.68 -30.84 62.68
CA LEU N 398 58.59 -30.15 61.76
C LEU N 398 59.61 -31.10 61.14
N LYS N 399 59.92 -30.85 59.88
CA LYS N 399 60.85 -31.69 59.14
C LYS N 399 62.31 -31.35 59.45
N PHE N 400 63.05 -32.35 59.92
CA PHE N 400 64.48 -32.18 60.17
C PHE N 400 65.28 -33.32 59.56
N TRP N 401 66.58 -33.11 59.44
CA TRP N 401 67.51 -34.16 59.04
C TRP N 401 68.16 -34.71 60.31
N ASN N 402 67.63 -35.81 60.83
CA ASN N 402 68.07 -36.35 62.11
C ASN N 402 69.48 -36.95 62.07
N VAL N 403 70.34 -36.48 62.95
CA VAL N 403 71.69 -37.02 63.08
C VAL N 403 71.87 -37.59 64.48
N ASP N 404 71.99 -38.91 64.57
CA ASP N 404 72.15 -39.56 65.86
C ASP N 404 73.64 -39.74 66.19
N LEU N 405 74.05 -39.20 67.33
CA LEU N 405 75.43 -39.27 67.76
C LEU N 405 75.59 -40.00 69.08
N LYS N 406 74.52 -40.69 69.50
CA LYS N 406 74.51 -41.41 70.77
C LYS N 406 75.60 -42.47 70.86
N GLU N 407 76.02 -43.01 69.71
CA GLU N 407 77.05 -44.03 69.67
C GLU N 407 78.33 -43.50 69.03
N LYS N 408 78.53 -42.19 69.05
CA LYS N 408 79.67 -41.58 68.38
C LYS N 408 80.54 -40.76 69.33
N PHE N 409 80.16 -40.74 70.61
CA PHE N 409 80.93 -40.00 71.62
C PHE N 409 82.18 -40.75 72.04
N SER N 410 83.33 -40.11 71.88
CA SER N 410 84.61 -40.70 72.23
C SER N 410 85.40 -39.80 73.18
N LEU N 411 86.33 -40.37 73.93
CA LEU N 411 87.06 -39.62 74.94
C LEU N 411 88.44 -39.18 74.49
N ASP N 412 89.09 -39.97 73.62
CA ASP N 412 90.39 -39.58 73.08
C ASP N 412 90.22 -38.63 71.89
N LEU N 413 90.37 -37.34 72.15
CA LEU N 413 90.26 -36.32 71.11
C LEU N 413 91.35 -36.49 70.06
N ASP N 414 92.48 -37.05 70.50
CA ASP N 414 93.65 -37.22 69.65
C ASP N 414 93.37 -38.05 68.40
N GLN N 415 92.41 -38.95 68.48
CA GLN N 415 92.12 -39.87 67.37
C GLN N 415 91.32 -39.22 66.25
N TYR N 416 90.83 -38.00 66.48
CA TYR N 416 89.96 -37.34 65.51
C TYR N 416 90.51 -35.99 65.05
N PRO N 417 90.22 -35.61 63.79
CA PRO N 417 90.72 -34.38 63.17
C PRO N 417 90.41 -33.13 63.98
N LEU N 418 89.14 -32.90 64.30
CA LEU N 418 88.75 -31.76 65.12
C LEU N 418 89.40 -31.86 66.50
N GLY N 419 89.47 -33.09 67.02
CA GLY N 419 90.02 -33.34 68.34
C GLY N 419 91.46 -32.89 68.49
N ARG N 420 92.30 -33.24 67.52
CA ARG N 420 93.69 -32.80 67.52
C ARG N 420 93.77 -31.28 67.44
N LYS N 421 93.03 -30.72 66.49
CA LYS N 421 92.96 -29.27 66.31
C LYS N 421 92.55 -28.57 67.59
N PHE N 422 91.66 -29.22 68.35
CA PHE N 422 91.13 -28.64 69.59
C PHE N 422 92.19 -28.61 70.69
N LEU N 423 92.92 -29.70 70.83
CA LEU N 423 93.97 -29.79 71.84
C LEU N 423 95.05 -28.75 71.57
N VAL N 424 95.34 -28.52 70.30
CA VAL N 424 96.33 -27.52 69.89
C VAL N 424 95.90 -26.13 70.30
N GLN N 425 94.67 -25.75 69.93
CA GLN N 425 94.12 -24.43 70.19
C GLN N 425 94.08 -24.11 71.68
N ALA N 426 93.77 -25.11 72.50
CA ALA N 426 93.71 -24.94 73.94
C ALA N 426 95.10 -24.78 74.53
N GLY N 427 96.10 -25.32 73.84
CA GLY N 427 97.48 -25.23 74.29
C GLY N 427 98.05 -26.57 74.71
N ALA O 1 94.46 -48.51 69.21
CA ALA O 1 94.56 -47.06 69.27
C ALA O 1 95.74 -46.55 68.45
N VAL O 2 95.47 -45.63 67.53
CA VAL O 2 96.50 -45.08 66.66
C VAL O 2 97.32 -44.02 67.37
N VAL O 3 98.64 -44.09 67.23
CA VAL O 3 99.54 -43.18 67.94
C VAL O 3 100.29 -42.25 66.98
N ASN O 4 100.37 -40.98 67.37
CA ASN O 4 101.17 -39.98 66.66
C ASN O 4 102.61 -40.48 66.50
N THR O 5 103.14 -40.36 65.28
CA THR O 5 104.46 -40.91 64.97
C THR O 5 105.58 -40.31 65.81
N ASP O 6 105.36 -39.09 66.30
CA ASP O 6 106.35 -38.40 67.11
C ASP O 6 106.55 -39.05 68.48
N ASP O 7 105.78 -40.12 68.74
CA ASP O 7 105.89 -40.86 70.00
C ASP O 7 106.71 -42.13 69.87
N TYR O 8 107.05 -42.51 68.64
CA TYR O 8 107.89 -43.70 68.43
C TYR O 8 108.89 -43.52 67.29
N VAL O 9 108.99 -42.31 66.76
CA VAL O 9 109.98 -42.02 65.72
C VAL O 9 110.85 -40.83 66.14
N THR O 10 112.03 -41.13 66.69
CA THR O 10 112.94 -40.09 67.16
C THR O 10 113.64 -39.42 65.98
N ARG O 11 113.59 -38.09 65.95
CA ARG O 11 114.17 -37.32 64.86
C ARG O 11 115.61 -36.94 65.18
N THR O 12 116.44 -36.88 64.16
CA THR O 12 117.84 -36.50 64.33
C THR O 12 118.06 -35.02 64.06
N SER O 13 119.30 -34.66 63.80
CA SER O 13 119.65 -33.31 63.41
C SER O 13 120.27 -33.34 62.01
N ILE O 14 120.17 -34.49 61.38
CA ILE O 14 120.77 -34.73 60.07
C ILE O 14 119.76 -34.45 58.96
N PHE O 15 120.03 -33.42 58.16
CA PHE O 15 119.13 -33.05 57.09
C PHE O 15 119.74 -33.27 55.72
N TYR O 16 118.90 -33.73 54.78
CA TYR O 16 119.33 -34.02 53.42
C TYR O 16 118.50 -33.19 52.42
N HIS O 17 119.12 -32.78 51.32
CA HIS O 17 118.38 -32.16 50.24
C HIS O 17 118.29 -33.11 49.06
N ALA O 18 117.14 -33.15 48.42
CA ALA O 18 116.94 -33.98 47.23
C ALA O 18 116.06 -33.23 46.23
N GLY O 19 116.39 -33.36 44.95
CA GLY O 19 115.61 -32.68 43.92
C GLY O 19 115.62 -33.38 42.59
N SER O 20 114.44 -33.46 41.96
CA SER O 20 114.35 -33.96 40.60
C SER O 20 115.12 -33.02 39.69
N SER O 21 115.44 -33.50 38.49
CA SER O 21 116.09 -32.64 37.50
C SER O 21 115.11 -31.60 37.00
N ARG O 22 114.61 -31.78 35.78
CA ARG O 22 113.53 -30.94 35.26
C ARG O 22 112.51 -31.80 34.57
N LEU O 23 111.41 -32.08 35.27
CA LEU O 23 110.36 -32.91 34.70
C LEU O 23 109.62 -32.12 33.60
N LEU O 24 109.59 -32.69 32.41
CA LEU O 24 109.05 -31.98 31.25
C LEU O 24 108.30 -32.94 30.34
N THR O 25 107.16 -32.48 29.82
CA THR O 25 106.37 -33.27 28.89
C THR O 25 105.51 -32.40 27.98
N VAL O 26 105.40 -32.83 26.72
CA VAL O 26 104.57 -32.15 25.73
C VAL O 26 103.63 -33.15 25.09
N GLY O 27 102.58 -32.65 24.45
CA GLY O 27 101.62 -33.50 23.79
C GLY O 27 100.36 -32.75 23.41
N ASP O 28 99.33 -33.49 23.01
CA ASP O 28 98.07 -32.89 22.64
C ASP O 28 97.20 -32.69 23.88
N PRO O 29 96.61 -31.50 24.02
CA PRO O 29 95.84 -31.15 25.22
C PRO O 29 94.47 -31.83 25.30
N TYR O 30 94.00 -32.39 24.19
CA TYR O 30 92.61 -32.80 24.08
C TYR O 30 92.44 -34.32 24.13
N PHE O 31 93.32 -35.02 23.44
CA PHE O 31 93.31 -36.47 23.38
C PHE O 31 94.73 -36.98 23.12
N ARG O 32 94.99 -38.27 23.33
CA ARG O 32 96.25 -38.82 22.81
C ARG O 32 96.08 -38.86 21.29
N VAL O 33 97.09 -39.28 20.55
CA VAL O 33 97.03 -39.21 19.12
C VAL O 33 97.78 -40.41 18.52
N PRO O 34 97.02 -41.50 18.23
CA PRO O 34 97.50 -42.78 17.70
C PRO O 34 98.33 -42.54 16.48
N ALA O 35 99.61 -42.37 16.71
CA ALA O 35 100.48 -41.94 15.66
C ALA O 35 100.56 -43.02 14.58
N GLY O 36 100.98 -42.64 13.37
CA GLY O 36 101.13 -43.63 12.32
C GLY O 36 102.55 -44.11 12.18
N GLY O 37 103.29 -43.45 11.28
CA GLY O 37 102.83 -42.20 10.67
C GLY O 37 103.44 -40.96 11.29
N GLY O 38 103.30 -39.81 10.64
CA GLY O 38 104.13 -38.65 10.96
C GLY O 38 103.92 -38.01 12.33
N ASN O 39 104.93 -38.10 13.20
CA ASN O 39 106.18 -38.80 12.89
C ASN O 39 106.80 -39.36 14.17
N LYS O 40 106.49 -40.63 14.48
CA LYS O 40 106.93 -41.48 15.62
C LYS O 40 106.16 -41.34 16.94
N GLN O 41 106.64 -42.11 17.92
CA GLN O 41 106.06 -42.34 19.26
C GLN O 41 104.53 -42.15 19.32
N ASP O 42 104.00 -41.32 20.20
CA ASP O 42 102.53 -41.27 20.33
C ASP O 42 101.99 -39.99 20.98
N ILE O 43 102.88 -39.00 21.08
CA ILE O 43 102.61 -37.63 21.54
C ILE O 43 101.47 -37.57 22.57
N PRO O 44 101.78 -37.87 23.85
CA PRO O 44 100.80 -38.25 24.88
C PRO O 44 99.75 -37.18 25.09
N LYS O 45 98.62 -37.54 25.69
CA LYS O 45 97.67 -36.51 26.08
C LYS O 45 98.25 -35.74 27.26
N VAL O 46 98.48 -34.45 27.06
CA VAL O 46 99.06 -33.60 28.09
C VAL O 46 98.22 -32.34 28.25
N SER O 47 97.38 -32.33 29.28
CA SER O 47 96.49 -31.22 29.55
C SER O 47 96.88 -30.53 30.85
N ALA O 48 96.44 -29.29 31.02
CA ALA O 48 96.67 -28.58 32.27
C ALA O 48 95.67 -29.03 33.31
N TYR O 49 94.58 -29.63 32.84
CA TYR O 49 93.47 -30.04 33.70
C TYR O 49 93.49 -31.53 33.99
N GLN O 50 94.68 -32.07 34.25
CA GLN O 50 94.80 -33.45 34.68
C GLN O 50 95.75 -33.55 35.87
N TYR O 51 95.47 -34.46 36.78
CA TYR O 51 96.30 -34.66 37.97
C TYR O 51 97.74 -35.04 37.62
N ARG O 52 98.69 -34.38 38.26
CA ARG O 52 100.09 -34.80 38.19
C ARG O 52 100.44 -35.55 39.46
N VAL O 53 100.59 -36.86 39.36
CA VAL O 53 100.88 -37.66 40.56
C VAL O 53 102.26 -38.30 40.47
N PHE O 54 103.25 -37.63 41.03
CA PHE O 54 104.62 -38.13 41.06
C PHE O 54 104.81 -39.13 42.19
N ARG O 55 105.47 -40.24 41.86
CA ARG O 55 105.87 -41.21 42.87
C ARG O 55 107.34 -41.01 43.20
N VAL O 56 107.61 -40.36 44.33
CA VAL O 56 108.98 -40.03 44.70
C VAL O 56 109.65 -41.19 45.42
N GLN O 57 110.65 -41.78 44.78
CA GLN O 57 111.35 -42.95 45.31
C GLN O 57 112.61 -42.55 46.06
N LEU O 58 112.60 -42.76 47.37
CA LEU O 58 113.72 -42.37 48.23
C LEU O 58 114.66 -43.55 48.46
N PRO O 59 115.93 -43.26 48.79
CA PRO O 59 116.88 -44.36 49.04
C PRO O 59 116.64 -45.03 50.38
N ASP O 60 116.89 -46.32 50.45
CA ASP O 60 116.79 -47.06 51.71
C ASP O 60 117.84 -46.56 52.67
N PRO O 61 117.43 -45.83 53.72
CA PRO O 61 118.33 -45.20 54.67
C PRO O 61 119.17 -46.20 55.46
N ASN O 62 118.75 -47.46 55.47
CA ASN O 62 119.46 -48.50 56.20
C ASN O 62 120.61 -49.09 55.40
N LYS O 63 120.41 -49.22 54.09
CA LYS O 63 121.45 -49.69 53.20
C LYS O 63 122.14 -48.49 52.55
N PHE O 64 122.05 -47.36 53.25
CA PHE O 64 122.58 -46.10 52.76
C PHE O 64 123.77 -45.67 53.61
N GLY O 65 124.81 -45.19 52.93
CA GLY O 65 125.98 -44.67 53.63
C GLY O 65 125.63 -43.38 54.34
N LEU O 66 125.79 -43.40 55.67
CA LEU O 66 125.50 -42.24 56.50
C LEU O 66 126.75 -41.41 56.68
N PRO O 67 126.61 -40.10 56.96
CA PRO O 67 127.78 -39.27 57.26
C PRO O 67 128.58 -39.90 58.40
N ASP O 68 127.85 -40.62 59.24
CA ASP O 68 128.42 -41.47 60.27
C ASP O 68 127.43 -42.58 60.57
N THR O 69 127.83 -43.84 60.39
CA THR O 69 126.93 -44.95 60.66
C THR O 69 126.94 -45.29 62.14
N SER O 70 126.92 -44.24 62.96
CA SER O 70 126.76 -44.38 64.40
C SER O 70 125.67 -43.42 64.85
N ILE O 71 124.78 -43.09 63.91
CA ILE O 71 123.55 -42.35 64.23
C ILE O 71 122.63 -43.25 65.03
N TYR O 72 122.86 -44.54 64.92
CA TYR O 72 121.98 -45.50 65.54
C TYR O 72 122.67 -46.84 65.73
N ASN O 73 121.88 -47.81 66.16
CA ASN O 73 122.35 -49.17 66.32
C ASN O 73 121.52 -50.11 65.45
N PRO O 74 122.06 -50.50 64.28
CA PRO O 74 121.35 -51.36 63.33
C PRO O 74 120.85 -52.68 63.96
N GLU O 75 121.21 -52.89 65.22
CA GLU O 75 120.80 -54.07 65.97
C GLU O 75 119.41 -53.94 66.59
N THR O 76 119.09 -52.74 67.09
CA THR O 76 117.87 -52.55 67.86
C THR O 76 116.97 -51.45 67.30
N GLN O 77 117.40 -50.82 66.21
CA GLN O 77 116.62 -49.77 65.59
C GLN O 77 116.83 -49.65 64.09
N ARG O 78 115.89 -49.00 63.42
CA ARG O 78 115.91 -48.82 61.97
C ARG O 78 115.81 -47.35 61.60
N LEU O 79 116.12 -47.02 60.35
CA LEU O 79 116.07 -45.64 59.89
C LEU O 79 114.89 -45.39 58.96
N VAL O 80 114.34 -44.18 59.03
CA VAL O 80 113.23 -43.76 58.18
C VAL O 80 113.42 -42.32 57.74
N TRP O 81 113.08 -42.02 56.48
CA TRP O 81 113.10 -40.63 56.02
C TRP O 81 111.84 -39.90 56.45
N ALA O 82 112.01 -38.64 56.86
CA ALA O 82 110.89 -37.80 57.23
C ALA O 82 110.98 -36.49 56.47
N CYS O 83 109.87 -36.07 55.88
CA CYS O 83 109.87 -34.86 55.07
C CYS O 83 109.75 -33.61 55.95
N ALA O 84 110.39 -32.52 55.53
CA ALA O 84 110.42 -31.31 56.33
C ALA O 84 110.29 -30.05 55.48
N GLY O 85 110.55 -30.19 54.19
CA GLY O 85 110.48 -29.06 53.27
C GLY O 85 110.21 -29.47 51.84
N VAL O 86 109.32 -28.74 51.17
CA VAL O 86 108.93 -29.05 49.80
C VAL O 86 108.74 -27.79 48.97
N GLU O 87 109.22 -27.81 47.73
CA GLU O 87 109.00 -26.70 46.82
C GLU O 87 108.75 -27.19 45.39
N ILE O 88 107.48 -27.23 44.99
CA ILE O 88 107.12 -27.60 43.62
C ILE O 88 107.37 -26.43 42.68
N GLY O 89 108.17 -26.68 41.64
CA GLY O 89 108.50 -25.65 40.66
C GLY O 89 107.68 -25.76 39.40
N ARG O 90 107.19 -24.63 38.92
CA ARG O 90 106.41 -24.58 37.68
C ARG O 90 107.15 -23.75 36.64
N GLY O 91 107.25 -24.28 35.42
CA GLY O 91 108.08 -23.68 34.41
C GLY O 91 107.44 -22.59 33.56
N GLN O 92 106.56 -22.98 32.67
CA GLN O 92 106.01 -22.09 31.64
C GLN O 92 105.32 -20.84 32.21
N PRO O 93 105.16 -19.80 31.39
CA PRO O 93 104.48 -18.58 31.86
C PRO O 93 102.98 -18.78 32.08
N LEU O 94 102.40 -17.94 32.94
CA LEU O 94 100.96 -17.97 33.22
C LEU O 94 100.16 -17.73 31.94
N GLY O 95 99.04 -18.43 31.81
CA GLY O 95 98.21 -18.28 30.62
C GLY O 95 96.89 -19.02 30.76
N VAL O 96 95.89 -18.57 30.00
CA VAL O 96 94.59 -19.21 29.98
C VAL O 96 94.44 -20.05 28.72
N GLY O 97 93.76 -21.19 28.82
CA GLY O 97 93.65 -22.12 27.71
C GLY O 97 92.24 -22.63 27.48
N LEU O 98 91.86 -22.78 26.21
CA LEU O 98 90.50 -23.17 25.87
C LEU O 98 90.36 -24.65 25.54
N SER O 99 89.24 -25.22 25.96
CA SER O 99 88.85 -26.56 25.57
C SER O 99 87.49 -26.46 24.90
N GLY O 100 87.24 -27.30 23.90
CA GLY O 100 86.00 -27.20 23.15
C GLY O 100 85.46 -28.51 22.63
N HIS O 101 84.50 -28.41 21.72
CA HIS O 101 83.89 -29.56 21.09
C HIS O 101 83.22 -29.10 19.79
N PRO O 102 83.50 -29.80 18.68
CA PRO O 102 82.90 -29.48 17.39
C PRO O 102 81.38 -29.54 17.41
N PHE O 103 80.84 -30.46 18.21
CA PHE O 103 79.40 -30.72 18.22
C PHE O 103 78.81 -30.66 19.62
N TYR O 104 79.17 -29.63 20.37
CA TYR O 104 78.64 -29.39 21.71
C TYR O 104 77.11 -29.30 21.69
N ASN O 105 76.47 -29.88 22.70
CA ASN O 105 75.02 -29.91 22.77
C ASN O 105 74.44 -28.62 23.34
N LYS O 106 74.64 -27.51 22.63
CA LYS O 106 74.08 -26.24 23.06
C LYS O 106 72.83 -25.91 22.26
N LEU O 107 71.68 -26.18 22.87
CA LEU O 107 70.41 -25.91 22.22
C LEU O 107 70.30 -24.42 21.91
N ASP O 108 70.53 -23.59 22.93
CA ASP O 108 70.37 -22.13 22.80
C ASP O 108 70.70 -21.35 24.08
N ASP O 109 70.88 -20.03 23.92
CA ASP O 109 71.14 -19.12 25.02
C ASP O 109 69.87 -18.80 25.80
N THR O 110 69.88 -19.10 27.10
CA THR O 110 68.71 -18.87 27.95
C THR O 110 69.03 -17.79 28.98
N GLU O 111 70.11 -17.07 28.74
CA GLU O 111 70.57 -16.00 29.62
C GLU O 111 69.81 -14.71 29.34
N SER O 112 69.25 -14.63 28.14
CA SER O 112 68.60 -13.43 27.65
C SER O 112 67.84 -13.72 26.37
N SER O 113 67.42 -14.97 26.24
CA SER O 113 66.82 -15.53 25.02
C SER O 113 65.98 -14.56 24.21
N HIS O 114 66.45 -14.26 23.00
CA HIS O 114 65.72 -13.42 22.07
C HIS O 114 64.76 -14.27 21.24
N ALA O 115 65.31 -15.02 20.31
CA ALA O 115 64.53 -15.88 19.44
C ALA O 115 63.99 -17.09 20.18
N ALA O 116 62.70 -17.35 19.99
CA ALA O 116 62.15 -18.65 20.38
C ALA O 116 62.95 -19.71 19.65
N THR O 117 64.08 -20.04 20.25
CA THR O 117 65.09 -20.94 19.69
C THR O 117 64.56 -22.13 18.91
N SER O 118 65.19 -22.38 17.75
CA SER O 118 64.88 -23.49 16.83
C SER O 118 63.58 -24.24 17.13
N ASN O 119 63.72 -25.52 17.41
CA ASN O 119 62.69 -26.37 18.02
C ASN O 119 63.28 -27.76 18.13
N VAL O 120 62.61 -28.64 18.87
CA VAL O 120 63.06 -30.03 19.00
C VAL O 120 63.28 -30.63 17.61
N SER O 121 64.49 -30.44 17.09
CA SER O 121 64.80 -30.71 15.69
C SER O 121 65.46 -32.07 15.48
N GLU O 122 66.78 -32.07 15.42
CA GLU O 122 67.57 -33.27 15.23
C GLU O 122 69.03 -32.98 15.50
N ASP O 123 69.55 -31.96 14.84
CA ASP O 123 70.95 -31.57 15.04
C ASP O 123 71.12 -30.06 15.05
N VAL O 124 71.23 -29.49 16.23
CA VAL O 124 71.51 -28.06 16.38
C VAL O 124 72.83 -27.87 17.12
N ARG O 125 73.63 -28.93 17.16
CA ARG O 125 74.92 -28.89 17.84
C ARG O 125 75.89 -27.93 17.17
N ASP O 126 76.38 -26.97 17.93
CA ASP O 126 77.31 -25.98 17.42
C ASP O 126 78.74 -26.28 17.86
N ASN O 127 79.67 -25.47 17.38
CA ASN O 127 81.07 -25.57 17.78
C ASN O 127 81.39 -24.51 18.83
N VAL O 128 81.45 -24.91 20.10
CA VAL O 128 81.77 -23.97 21.15
C VAL O 128 83.03 -24.38 21.93
N SER O 129 83.60 -23.41 22.62
CA SER O 129 84.75 -23.64 23.49
C SER O 129 84.53 -22.90 24.80
N VAL O 130 85.33 -23.22 25.80
CA VAL O 130 85.17 -22.59 27.11
C VAL O 130 86.38 -22.85 27.99
N ASP O 131 86.86 -21.80 28.65
CA ASP O 131 87.91 -21.95 29.63
C ASP O 131 87.32 -22.54 30.90
N TYR O 132 88.05 -23.45 31.53
CA TYR O 132 87.55 -24.17 32.68
C TYR O 132 87.68 -23.41 34.00
N LYS O 133 87.19 -24.03 35.06
CA LYS O 133 87.42 -23.58 36.42
C LYS O 133 88.92 -23.58 36.73
N GLN O 134 89.37 -22.58 37.48
CA GLN O 134 90.79 -22.41 37.79
C GLN O 134 91.16 -23.09 39.11
N THR O 135 91.95 -24.14 39.03
CA THR O 135 92.27 -24.94 40.21
C THR O 135 93.78 -25.10 40.45
N GLN O 136 94.17 -24.92 41.71
CA GLN O 136 95.52 -25.24 42.16
C GLN O 136 95.42 -26.12 43.40
N LEU O 137 96.15 -27.24 43.42
CA LEU O 137 96.20 -28.06 44.62
C LEU O 137 97.45 -28.93 44.69
N CYS O 138 97.92 -29.16 45.91
CA CYS O 138 99.09 -30.01 46.17
C CYS O 138 98.88 -30.91 47.37
N ILE O 139 99.15 -32.20 47.22
CA ILE O 139 98.96 -33.14 48.31
C ILE O 139 100.16 -34.07 48.48
N LEU O 140 100.73 -34.09 49.68
CA LEU O 140 101.86 -34.97 49.98
C LEU O 140 101.45 -36.13 50.88
N GLY O 141 102.07 -37.28 50.67
CA GLY O 141 101.80 -38.46 51.49
C GLY O 141 102.69 -39.63 51.11
N CYS O 142 102.79 -40.60 52.02
CA CYS O 142 103.54 -41.83 51.73
C CYS O 142 102.59 -42.88 51.19
N ALA O 143 101.49 -42.41 50.61
CA ALA O 143 100.47 -43.26 50.00
C ALA O 143 99.66 -42.40 49.03
N PRO O 144 99.25 -42.97 47.89
CA PRO O 144 98.54 -42.21 46.86
C PRO O 144 97.27 -41.55 47.37
N ALA O 145 96.89 -40.44 46.73
CA ALA O 145 95.72 -39.67 47.16
C ALA O 145 94.42 -40.37 46.78
N ILE O 146 93.35 -40.04 47.51
CA ILE O 146 92.06 -40.68 47.31
C ILE O 146 91.07 -39.73 46.64
N GLY O 147 90.65 -40.08 45.43
CA GLY O 147 89.69 -39.27 44.70
C GLY O 147 88.30 -39.85 44.70
N GLU O 148 87.30 -38.98 44.71
CA GLU O 148 85.91 -39.39 44.60
C GLU O 148 85.32 -38.88 43.29
N HIS O 149 84.34 -39.61 42.77
CA HIS O 149 83.61 -39.16 41.59
C HIS O 149 82.27 -39.89 41.50
N TRP O 150 81.41 -39.43 40.59
CA TRP O 150 80.10 -40.04 40.42
C TRP O 150 80.03 -40.92 39.19
N ALA O 151 79.40 -42.09 39.35
CA ALA O 151 79.34 -43.07 38.27
C ALA O 151 78.02 -43.80 38.27
N LYS O 152 77.79 -44.60 37.22
CA LYS O 152 76.57 -45.37 37.09
C LYS O 152 76.48 -46.46 38.15
N GLY O 153 75.35 -46.51 38.85
CA GLY O 153 75.13 -47.48 39.91
C GLY O 153 74.88 -48.87 39.37
N THR O 154 75.14 -49.88 40.19
CA THR O 154 74.95 -51.27 39.80
C THR O 154 73.49 -51.58 39.53
N ALA O 155 73.20 -52.01 38.32
CA ALA O 155 71.83 -52.34 37.92
C ALA O 155 71.28 -53.51 38.73
N SER O 156 70.35 -53.21 39.64
CA SER O 156 69.79 -54.21 40.53
C SER O 156 69.03 -55.30 39.79
N LYS O 157 69.24 -56.55 40.21
CA LYS O 157 68.58 -57.69 39.59
C LYS O 157 67.09 -57.74 39.90
N SER O 158 66.71 -57.16 41.04
CA SER O 158 65.32 -57.14 41.46
C SER O 158 64.49 -56.23 40.58
N ARG O 159 65.00 -55.02 40.37
CA ARG O 159 64.30 -54.03 39.54
C ARG O 159 65.24 -53.54 38.43
N PRO O 160 65.16 -54.18 37.25
CA PRO O 160 66.03 -53.85 36.12
C PRO O 160 65.80 -52.43 35.61
N LEU O 161 66.78 -51.90 34.87
CA LEU O 161 66.71 -50.52 34.40
C LEU O 161 66.32 -50.45 32.93
N SER O 162 65.06 -50.09 32.68
CA SER O 162 64.56 -49.95 31.32
C SER O 162 65.32 -48.86 30.57
N GLN O 163 65.61 -49.12 29.30
CA GLN O 163 66.36 -48.19 28.47
C GLN O 163 65.64 -46.86 28.32
N GLY O 164 66.38 -45.77 28.50
CA GLY O 164 65.80 -44.43 28.45
C GLY O 164 65.74 -43.80 29.83
N ASP O 165 65.49 -44.63 30.84
CA ASP O 165 65.38 -44.16 32.22
C ASP O 165 66.72 -43.71 32.79
N CYS O 166 66.66 -42.81 33.75
CA CYS O 166 67.86 -42.31 34.41
C CYS O 166 68.42 -43.35 35.38
N PRO O 167 69.76 -43.52 35.38
CA PRO O 167 70.43 -44.49 36.25
C PRO O 167 70.67 -43.93 37.66
N PRO O 168 70.80 -44.82 38.65
CA PRO O 168 71.16 -44.39 40.01
C PRO O 168 72.61 -43.95 40.11
N LEU O 169 72.87 -42.92 40.91
CA LEU O 169 74.22 -42.37 41.03
C LEU O 169 74.94 -42.94 42.26
N GLU O 170 76.13 -43.47 42.05
CA GLU O 170 76.92 -44.03 43.13
C GLU O 170 78.24 -43.28 43.30
N LEU O 171 78.53 -42.86 44.52
CA LEU O 171 79.79 -42.21 44.81
C LEU O 171 80.88 -43.27 44.93
N LYS O 172 81.94 -43.13 44.14
CA LYS O 172 82.99 -44.14 44.13
C LYS O 172 84.34 -43.55 44.52
N ASN O 173 84.98 -44.19 45.51
CA ASN O 173 86.33 -43.81 45.91
C ASN O 173 87.36 -44.51 45.05
N THR O 174 88.45 -43.80 44.75
CA THR O 174 89.50 -44.35 43.88
C THR O 174 90.82 -43.64 44.08
N VAL O 175 91.90 -44.37 43.83
CA VAL O 175 93.25 -43.80 43.87
C VAL O 175 93.47 -42.80 42.74
N LEU O 176 94.00 -41.64 43.08
CA LEU O 176 94.35 -40.62 42.09
C LEU O 176 95.64 -40.98 41.35
N GLU O 177 95.51 -41.48 40.13
CA GLU O 177 96.66 -41.77 39.29
C GLU O 177 97.06 -40.53 38.51
N ASP O 178 98.23 -40.56 37.89
CA ASP O 178 98.68 -39.46 37.06
C ASP O 178 97.92 -39.46 35.74
N GLY O 179 97.40 -38.29 35.35
CA GLY O 179 96.69 -38.17 34.09
C GLY O 179 95.19 -38.07 34.26
N ASP O 180 94.69 -38.52 35.41
CA ASP O 180 93.27 -38.37 35.75
C ASP O 180 92.86 -36.90 35.66
N MET O 181 91.67 -36.66 35.14
CA MET O 181 91.21 -35.29 34.94
C MET O 181 90.58 -34.74 36.21
N VAL O 182 90.76 -33.45 36.44
CA VAL O 182 90.20 -32.78 37.60
C VAL O 182 88.80 -32.26 37.30
N ASP O 183 88.09 -31.83 38.34
CA ASP O 183 86.83 -31.14 38.12
C ASP O 183 87.12 -29.86 37.35
N THR O 184 86.39 -29.68 36.25
CA THR O 184 86.63 -28.54 35.37
C THR O 184 85.49 -27.53 35.47
N GLY O 185 84.48 -27.87 36.28
CA GLY O 185 83.31 -27.03 36.41
C GLY O 185 82.07 -27.73 35.89
N TYR O 186 82.25 -28.97 35.43
CA TYR O 186 81.15 -29.77 34.94
C TYR O 186 80.81 -30.89 35.92
N GLY O 187 81.38 -30.79 37.12
CA GLY O 187 81.12 -31.77 38.16
C GLY O 187 82.11 -32.92 38.14
N ALA O 188 82.08 -33.74 39.19
CA ALA O 188 82.97 -34.89 39.28
C ALA O 188 82.25 -36.18 38.93
N MET O 189 82.19 -36.48 37.64
CA MET O 189 81.50 -37.68 37.18
C MET O 189 82.23 -38.41 36.04
N ASP O 190 81.76 -39.61 35.74
CA ASP O 190 82.29 -40.42 34.66
C ASP O 190 81.45 -40.16 33.40
N PHE O 191 81.92 -39.22 32.59
CA PHE O 191 81.17 -38.76 31.42
C PHE O 191 81.07 -39.83 30.32
N SER O 192 81.90 -40.86 30.42
CA SER O 192 81.88 -41.94 29.43
C SER O 192 80.67 -42.85 29.60
N THR O 193 80.11 -42.87 30.80
CA THR O 193 79.04 -43.80 31.14
C THR O 193 77.72 -43.12 31.50
N LEU O 194 77.80 -41.85 31.89
CA LEU O 194 76.61 -41.13 32.33
C LEU O 194 76.01 -40.29 31.21
N GLN O 195 76.80 -40.04 30.17
CA GLN O 195 76.33 -39.25 29.03
C GLN O 195 76.57 -39.98 27.71
N ASP O 196 75.49 -40.57 27.18
CA ASP O 196 75.56 -41.31 25.94
C ASP O 196 75.84 -40.40 24.76
N THR O 197 75.42 -39.15 24.89
CA THR O 197 75.54 -38.17 23.81
C THR O 197 76.97 -37.97 23.35
N LYS O 198 77.89 -37.95 24.31
CA LYS O 198 79.30 -37.67 24.05
C LYS O 198 79.46 -36.30 23.43
N CYS O 199 78.59 -35.37 23.84
CA CYS O 199 78.58 -34.01 23.31
C CYS O 199 78.14 -33.00 24.34
N GLU O 200 78.18 -33.38 25.62
CA GLU O 200 77.69 -32.52 26.69
C GLU O 200 78.81 -31.72 27.34
N VAL O 201 80.05 -32.18 27.14
CA VAL O 201 81.23 -31.55 27.73
C VAL O 201 82.33 -31.46 26.67
N PRO O 202 83.36 -30.62 26.90
CA PRO O 202 84.39 -30.49 25.85
C PRO O 202 85.17 -31.77 25.58
N LEU O 203 86.04 -31.73 24.57
CA LEU O 203 86.68 -32.93 24.04
C LEU O 203 87.56 -33.67 25.05
N ASP O 204 88.29 -32.92 25.87
CA ASP O 204 89.29 -33.52 26.74
C ASP O 204 88.71 -34.23 27.96
N ILE O 205 87.43 -33.98 28.25
CA ILE O 205 86.77 -34.67 29.35
C ILE O 205 85.52 -35.39 28.87
N CYS O 206 85.40 -35.51 27.54
CA CYS O 206 84.24 -36.13 26.91
C CYS O 206 84.07 -37.60 27.31
N GLN O 207 85.16 -38.36 27.23
CA GLN O 207 85.12 -39.78 27.53
C GLN O 207 86.02 -40.10 28.73
N SER O 208 86.32 -39.08 29.53
CA SER O 208 87.18 -39.26 30.68
C SER O 208 86.41 -39.22 31.99
N ILE O 209 87.12 -39.44 33.09
CA ILE O 209 86.52 -39.37 34.41
C ILE O 209 87.15 -38.26 35.24
N CYS O 210 86.34 -37.26 35.56
CA CYS O 210 86.81 -36.16 36.39
C CYS O 210 86.67 -36.51 37.87
N LYS O 211 87.80 -36.56 38.56
CA LYS O 211 87.80 -36.87 39.99
C LYS O 211 88.08 -35.63 40.83
N TYR O 212 87.63 -35.67 42.08
CA TYR O 212 87.91 -34.62 43.06
C TYR O 212 88.50 -35.29 44.29
N PRO O 213 89.53 -34.67 44.89
CA PRO O 213 90.16 -35.30 46.05
C PRO O 213 89.16 -35.49 47.18
N ASP O 214 89.10 -36.69 47.75
CA ASP O 214 88.21 -36.95 48.87
C ASP O 214 88.88 -36.51 50.16
N TYR O 215 88.93 -35.19 50.35
CA TYR O 215 89.54 -34.60 51.55
C TYR O 215 88.89 -35.13 52.82
N LEU O 216 87.56 -35.25 52.78
CA LEU O 216 86.79 -35.71 53.94
C LEU O 216 87.20 -37.10 54.42
N GLN O 217 87.41 -38.02 53.49
CA GLN O 217 87.84 -39.36 53.87
C GLN O 217 89.31 -39.38 54.28
N MET O 218 90.13 -38.62 53.56
CA MET O 218 91.56 -38.60 53.81
C MET O 218 91.92 -38.00 55.18
N SER O 219 91.05 -37.13 55.70
CA SER O 219 91.25 -36.58 57.04
C SER O 219 90.80 -37.57 58.11
N ALA O 220 89.78 -38.36 57.77
CA ALA O 220 89.22 -39.32 58.71
C ALA O 220 89.95 -40.65 58.65
N ASP O 221 90.96 -40.73 57.79
CA ASP O 221 91.82 -41.90 57.72
C ASP O 221 92.54 -42.08 59.06
N PRO O 222 92.52 -43.31 59.60
CA PRO O 222 93.07 -43.56 60.94
C PRO O 222 94.54 -43.22 61.06
N TYR O 223 95.37 -43.71 60.14
CA TYR O 223 96.79 -43.49 60.23
C TYR O 223 97.20 -42.15 59.61
N GLY O 224 96.54 -41.80 58.51
CA GLY O 224 96.79 -40.52 57.87
C GLY O 224 97.99 -40.52 56.96
N ASP O 225 98.21 -41.62 56.26
CA ASP O 225 99.32 -41.71 55.32
C ASP O 225 98.90 -41.12 53.98
N SER O 226 97.60 -40.91 53.83
CA SER O 226 97.05 -40.44 52.56
C SER O 226 97.39 -38.98 52.29
N MET O 227 97.38 -38.17 53.33
CA MET O 227 97.83 -36.79 53.22
C MET O 227 98.31 -36.24 54.57
N PHE O 228 99.54 -35.75 54.62
CA PHE O 228 99.99 -34.98 55.77
C PHE O 228 100.31 -33.55 55.34
N PHE O 229 99.90 -33.21 54.12
CA PHE O 229 100.05 -31.85 53.61
C PHE O 229 99.03 -31.56 52.52
N CYS O 230 98.22 -30.53 52.74
CA CYS O 230 97.14 -30.20 51.81
C CYS O 230 97.04 -28.70 51.53
N LEU O 231 97.18 -28.32 50.26
CA LEU O 231 96.99 -26.94 49.84
C LEU O 231 96.03 -26.90 48.66
N ARG O 232 94.91 -26.18 48.81
CA ARG O 232 93.97 -26.04 47.71
C ARG O 232 93.59 -24.58 47.50
N ARG O 233 93.33 -24.23 46.24
CA ARG O 233 92.85 -22.90 45.90
C ARG O 233 92.14 -22.94 44.56
N GLU O 234 90.81 -22.82 44.59
CA GLU O 234 90.00 -22.92 43.40
C GLU O 234 89.06 -21.72 43.28
N GLN O 235 88.69 -21.37 42.05
CA GLN O 235 87.75 -20.29 41.82
C GLN O 235 87.17 -20.37 40.40
N LEU O 236 85.93 -19.92 40.25
CA LEU O 236 85.28 -19.89 38.95
C LEU O 236 84.01 -19.03 38.97
N PHE O 237 83.41 -18.83 37.81
CA PHE O 237 82.10 -18.19 37.71
C PHE O 237 81.39 -18.64 36.43
N ALA O 238 80.14 -18.21 36.27
CA ALA O 238 79.31 -18.67 35.15
C ALA O 238 79.30 -17.68 33.99
N ARG O 239 79.94 -18.08 32.89
CA ARG O 239 80.09 -17.19 31.73
C ARG O 239 78.83 -17.11 30.87
N HIS O 240 78.30 -18.25 30.44
CA HIS O 240 77.09 -18.27 29.62
C HIS O 240 76.07 -19.30 30.07
N PHE O 241 74.80 -18.96 29.90
CA PHE O 241 73.70 -19.82 30.31
C PHE O 241 73.09 -20.49 29.08
N TRP O 242 72.95 -21.81 29.11
CA TRP O 242 72.52 -22.55 27.94
C TRP O 242 71.43 -23.59 28.21
N ASN O 243 70.86 -24.12 27.14
CA ASN O 243 69.87 -25.19 27.20
C ASN O 243 70.45 -26.50 26.71
N ARG O 244 69.77 -27.60 26.98
CA ARG O 244 70.19 -28.91 26.50
C ARG O 244 69.18 -29.44 25.50
N ALA O 245 69.67 -29.91 24.35
CA ALA O 245 68.78 -30.45 23.32
C ALA O 245 68.45 -31.90 23.60
N GLY O 246 67.17 -32.24 23.46
CA GLY O 246 66.72 -33.59 23.74
C GLY O 246 65.39 -33.54 24.48
N THR O 247 64.82 -34.72 24.74
CA THR O 247 63.55 -34.79 25.43
C THR O 247 63.77 -34.81 26.95
N MET O 248 62.80 -34.24 27.68
CA MET O 248 62.89 -34.17 29.13
C MET O 248 62.52 -35.49 29.78
N GLY O 249 63.46 -36.09 30.50
CA GLY O 249 63.21 -37.32 31.21
C GLY O 249 62.26 -37.11 32.37
N ASP O 250 62.60 -36.14 33.23
CA ASP O 250 61.72 -35.71 34.31
C ASP O 250 60.72 -34.67 33.78
N THR O 251 59.45 -35.05 33.72
CA THR O 251 58.42 -34.18 33.17
C THR O 251 58.02 -33.10 34.18
N VAL O 252 57.97 -31.86 33.71
CA VAL O 252 57.63 -30.73 34.56
C VAL O 252 56.19 -30.83 35.08
N PRO O 253 56.04 -30.89 36.41
CA PRO O 253 54.73 -30.95 37.06
C PRO O 253 53.81 -29.82 36.60
N GLN O 254 52.64 -30.19 36.10
CA GLN O 254 51.66 -29.23 35.57
C GLN O 254 51.30 -28.11 36.54
N SER O 255 51.58 -28.31 37.82
CA SER O 255 51.22 -27.34 38.86
C SER O 255 52.29 -26.28 39.07
N LEU O 256 53.21 -26.16 38.11
CA LEU O 256 54.33 -25.21 38.25
C LEU O 256 54.33 -24.16 37.14
N TYR O 257 53.33 -24.22 36.26
CA TYR O 257 53.22 -23.26 35.18
C TYR O 257 51.81 -23.26 34.64
N ILE O 258 51.49 -22.27 33.80
CA ILE O 258 50.18 -22.21 33.17
C ILE O 258 50.30 -22.55 31.69
N LYS O 259 49.46 -23.47 31.23
CA LYS O 259 49.47 -23.86 29.82
C LYS O 259 49.18 -22.67 28.91
N GLY O 260 49.95 -22.55 27.85
CA GLY O 260 49.68 -21.57 26.81
C GLY O 260 49.23 -22.30 25.56
N THR O 261 49.46 -21.70 24.41
CA THR O 261 49.21 -22.36 23.13
C THR O 261 50.43 -22.23 22.24
N GLY O 262 50.41 -22.93 21.10
CA GLY O 262 51.53 -22.89 20.19
C GLY O 262 52.73 -23.67 20.68
N MET O 263 53.91 -23.14 20.41
CA MET O 263 55.13 -23.71 20.94
C MET O 263 55.17 -23.48 22.45
N ARG O 264 54.40 -22.50 22.91
CA ARG O 264 54.27 -22.21 24.33
C ARG O 264 53.14 -23.00 24.96
N ALA O 265 52.78 -24.12 24.34
CA ALA O 265 51.75 -25.00 24.90
C ALA O 265 52.39 -26.02 25.82
N SER O 266 53.54 -26.54 25.40
CA SER O 266 54.31 -27.48 26.20
C SER O 266 55.66 -26.87 26.58
N PRO O 267 56.11 -27.10 27.82
CA PRO O 267 57.39 -26.55 28.28
C PRO O 267 58.55 -27.09 27.45
N GLY O 268 59.49 -26.21 27.12
CA GLY O 268 60.66 -26.60 26.35
C GLY O 268 61.65 -27.41 27.18
N SER O 269 62.92 -27.10 27.03
CA SER O 269 63.95 -27.78 27.82
C SER O 269 64.10 -27.09 29.17
N CYS O 270 64.28 -27.87 30.22
CA CYS O 270 64.42 -27.32 31.57
C CYS O 270 65.70 -27.82 32.20
N VAL O 271 66.58 -28.37 31.37
CA VAL O 271 67.90 -28.81 31.84
C VAL O 271 68.95 -27.79 31.45
N TYR O 272 69.29 -26.93 32.40
CA TYR O 272 70.24 -25.86 32.15
C TYR O 272 71.64 -26.26 32.60
N SER O 273 72.65 -25.71 31.91
CA SER O 273 74.03 -25.91 32.28
C SER O 273 74.85 -24.69 31.89
N PRO O 274 75.58 -24.11 32.85
CA PRO O 274 76.42 -22.94 32.59
C PRO O 274 77.82 -23.32 32.16
N SER O 275 78.40 -22.53 31.27
CA SER O 275 79.81 -22.70 30.91
C SER O 275 80.67 -22.11 32.00
N PRO O 276 81.57 -22.91 32.57
CA PRO O 276 82.46 -22.46 33.65
C PRO O 276 83.47 -21.43 33.17
N SER O 277 84.14 -20.78 34.11
CA SER O 277 85.18 -19.81 33.78
C SER O 277 85.94 -19.37 35.02
N GLY O 278 87.21 -19.76 35.13
CA GLY O 278 88.09 -19.15 36.10
C GLY O 278 88.32 -17.73 35.64
N SER O 279 88.22 -16.77 36.54
CA SER O 279 88.32 -15.36 36.17
C SER O 279 89.77 -14.96 35.88
N ILE O 280 90.17 -13.81 36.42
CA ILE O 280 91.52 -13.30 36.27
C ILE O 280 92.53 -14.24 36.93
N VAL O 281 93.51 -14.72 36.18
CA VAL O 281 94.59 -15.47 36.79
C VAL O 281 95.78 -14.54 37.02
N THR O 282 96.18 -14.43 38.28
CA THR O 282 97.25 -13.53 38.68
C THR O 282 98.37 -14.28 39.39
N SER O 283 99.53 -13.64 39.48
CA SER O 283 100.66 -14.23 40.16
C SER O 283 100.52 -14.03 41.67
N ASP O 284 99.77 -13.02 42.06
CA ASP O 284 99.57 -12.68 43.47
C ASP O 284 98.95 -13.83 44.27
N SER O 285 98.16 -14.67 43.61
CA SER O 285 97.51 -15.77 44.29
C SER O 285 98.15 -17.11 43.94
N GLN O 286 99.42 -17.08 43.54
CA GLN O 286 100.10 -18.30 43.11
C GLN O 286 100.42 -19.19 44.31
N LEU O 287 100.39 -20.50 44.09
CA LEU O 287 100.56 -21.45 45.18
C LEU O 287 101.91 -22.16 45.11
N PHE O 288 102.60 -22.00 43.99
CA PHE O 288 103.86 -22.72 43.76
C PHE O 288 105.06 -21.78 43.68
N ASN O 289 106.22 -22.35 43.35
CA ASN O 289 107.50 -21.65 43.37
C ASN O 289 107.83 -21.06 44.74
N LYS O 290 107.05 -21.46 45.74
CA LYS O 290 107.26 -21.04 47.12
C LYS O 290 107.54 -22.25 47.98
N PRO O 291 108.45 -22.13 48.95
CA PRO O 291 108.76 -23.27 49.81
C PRO O 291 107.72 -23.44 50.91
N TYR O 292 107.43 -24.69 51.27
CA TYR O 292 106.53 -24.97 52.37
C TYR O 292 107.15 -25.95 53.36
N TRP O 293 107.07 -25.61 54.64
CA TRP O 293 107.65 -26.43 55.69
C TRP O 293 106.57 -27.20 56.43
N LEU O 294 106.77 -28.50 56.54
CA LEU O 294 105.84 -29.35 57.28
C LEU O 294 106.22 -29.31 58.75
N HIS O 295 105.76 -28.28 59.45
CA HIS O 295 106.06 -28.10 60.86
C HIS O 295 105.47 -29.24 61.70
N LYS O 296 104.15 -29.35 61.67
CA LYS O 296 103.43 -30.41 62.35
C LYS O 296 102.18 -30.76 61.55
N ALA O 297 102.20 -31.96 60.95
CA ALA O 297 101.15 -32.40 60.06
C ALA O 297 99.76 -32.43 60.71
N GLN O 298 98.74 -32.56 59.89
CA GLN O 298 97.36 -32.57 60.39
C GLN O 298 96.97 -33.93 60.94
N GLY O 299 97.46 -34.99 60.30
CA GLY O 299 97.09 -36.34 60.69
C GLY O 299 97.97 -36.92 61.79
N HIS O 300 98.01 -38.25 61.85
CA HIS O 300 98.80 -38.93 62.86
C HIS O 300 100.21 -39.24 62.35
N ASN O 301 100.37 -39.29 61.03
CA ASN O 301 101.69 -39.39 60.41
C ASN O 301 102.28 -38.00 60.19
N ASN O 302 103.46 -37.76 60.75
CA ASN O 302 104.09 -36.44 60.64
C ASN O 302 105.24 -36.44 59.63
N GLY O 303 104.89 -36.55 58.35
CA GLY O 303 105.88 -36.49 57.29
C GLY O 303 106.74 -37.73 57.17
N VAL O 304 106.36 -38.79 57.90
CA VAL O 304 107.14 -40.02 57.91
C VAL O 304 106.90 -40.84 56.64
N CYS O 305 107.93 -40.90 55.79
CA CYS O 305 107.79 -41.58 54.50
C CYS O 305 108.09 -43.06 54.61
N TRP O 306 107.09 -43.85 55.00
CA TRP O 306 107.25 -45.30 55.09
C TRP O 306 107.60 -45.88 53.73
N HIS O 307 108.28 -47.02 53.73
CA HIS O 307 108.70 -47.71 52.51
C HIS O 307 109.64 -46.88 51.65
N ASN O 308 110.14 -45.78 52.19
CA ASN O 308 110.99 -44.84 51.47
C ASN O 308 110.30 -44.41 50.19
N GLN O 309 109.11 -43.85 50.37
CA GLN O 309 108.24 -43.49 49.26
C GLN O 309 107.48 -42.22 49.57
N LEU O 310 107.29 -41.38 48.56
CA LEU O 310 106.56 -40.14 48.71
C LEU O 310 105.72 -39.87 47.48
N PHE O 311 104.46 -39.52 47.70
CA PHE O 311 103.55 -39.21 46.61
C PHE O 311 103.25 -37.73 46.59
N VAL O 312 103.54 -37.08 45.47
CA VAL O 312 103.19 -35.68 45.28
C VAL O 312 102.07 -35.55 44.26
N THR O 313 100.88 -35.19 44.74
CA THR O 313 99.74 -34.97 43.87
C THR O 313 99.62 -33.48 43.57
N VAL O 314 99.62 -33.12 42.30
CA VAL O 314 99.66 -31.71 41.90
C VAL O 314 98.64 -31.38 40.82
N VAL O 315 97.91 -30.29 41.02
CA VAL O 315 97.07 -29.73 39.99
C VAL O 315 97.34 -28.24 39.86
N ASP O 316 97.68 -27.81 38.65
CA ASP O 316 97.91 -26.40 38.38
C ASP O 316 97.34 -26.06 37.01
N THR O 317 96.36 -25.16 36.99
CA THR O 317 95.72 -24.78 35.74
C THR O 317 95.95 -23.30 35.42
N THR O 318 96.77 -22.65 36.23
CA THR O 318 97.15 -21.26 36.00
C THR O 318 98.16 -21.15 34.85
N ARG O 319 98.60 -22.30 34.34
CA ARG O 319 99.57 -22.36 33.26
C ARG O 319 99.07 -23.27 32.14
N SER O 320 98.16 -22.75 31.32
CA SER O 320 97.46 -23.60 30.35
C SER O 320 97.52 -23.10 28.91
N THR O 321 98.43 -22.18 28.61
CA THR O 321 98.56 -21.67 27.25
C THR O 321 98.89 -22.76 26.25
N ASN O 322 97.97 -22.99 25.32
CA ASN O 322 98.13 -24.05 24.33
C ASN O 322 98.77 -23.56 23.04
N LEU O 323 99.95 -24.09 22.74
CA LEU O 323 100.70 -23.68 21.57
C LEU O 323 99.96 -24.00 20.28
N THR O 324 99.85 -23.00 19.40
CA THR O 324 99.30 -23.21 18.07
C THR O 324 100.44 -23.31 17.07
N ILE O 325 100.53 -24.44 16.38
CA ILE O 325 101.59 -24.67 15.42
C ILE O 325 101.00 -25.08 14.08
N CYS O 326 101.50 -24.48 13.01
CA CYS O 326 101.01 -24.81 11.68
C CYS O 326 102.12 -24.83 10.63
N ALA O 327 102.11 -25.88 9.81
CA ALA O 327 103.04 -26.00 8.69
C ALA O 327 102.23 -26.07 7.40
N SER O 328 102.85 -25.73 6.28
CA SER O 328 102.14 -25.70 5.01
C SER O 328 102.33 -26.99 4.23
N THR O 329 101.38 -27.27 3.34
CA THR O 329 101.44 -28.46 2.50
C THR O 329 102.51 -28.30 1.42
N GLN O 330 102.70 -27.07 0.97
CA GLN O 330 103.74 -26.77 -0.02
C GLN O 330 105.06 -26.50 0.69
N SER O 331 106.17 -26.85 0.03
CA SER O 331 107.50 -26.62 0.58
C SER O 331 107.99 -25.18 0.37
N PRO O 332 107.78 -24.60 -0.83
CA PRO O 332 108.27 -23.21 -0.97
C PRO O 332 107.45 -22.17 -0.23
N VAL O 333 106.39 -22.59 0.46
CA VAL O 333 105.51 -21.68 1.20
C VAL O 333 104.95 -20.61 0.26
N PRO O 334 103.79 -20.89 -0.35
CA PRO O 334 103.17 -20.07 -1.41
C PRO O 334 102.94 -18.62 -1.03
N GLY O 335 102.92 -17.74 -2.04
CA GLY O 335 102.71 -16.32 -1.83
C GLY O 335 101.25 -15.94 -1.97
N GLN O 336 100.39 -16.94 -2.01
CA GLN O 336 98.94 -16.73 -2.08
C GLN O 336 98.25 -17.50 -0.97
N TYR O 337 97.45 -16.81 -0.17
CA TYR O 337 96.85 -17.46 0.99
C TYR O 337 95.69 -18.39 0.61
N ASP O 338 95.68 -19.56 1.24
CA ASP O 338 94.59 -20.53 1.10
C ASP O 338 94.53 -21.37 2.36
N ALA O 339 93.39 -21.34 3.04
CA ALA O 339 93.22 -22.02 4.32
C ALA O 339 93.50 -23.52 4.25
N THR O 340 93.20 -24.11 3.11
CA THR O 340 93.36 -25.56 2.94
C THR O 340 94.81 -25.99 2.87
N LYS O 341 95.69 -25.08 2.45
CA LYS O 341 97.10 -25.41 2.26
C LYS O 341 97.89 -25.31 3.56
N PHE O 342 97.19 -25.33 4.69
CA PHE O 342 97.85 -25.28 5.99
C PHE O 342 97.25 -26.31 6.95
N LYS O 343 98.10 -26.97 7.72
CA LYS O 343 97.64 -27.88 8.75
C LYS O 343 97.81 -27.25 10.12
N GLN O 344 96.73 -27.26 10.90
CA GLN O 344 96.76 -26.66 12.23
C GLN O 344 96.95 -27.72 13.31
N TYR O 345 97.88 -27.47 14.22
CA TYR O 345 98.14 -28.39 15.33
C TYR O 345 98.03 -27.69 16.68
N SER O 346 97.85 -28.47 17.73
CA SER O 346 97.70 -27.94 19.08
C SER O 346 98.57 -28.72 20.07
N ARG O 347 99.49 -28.02 20.72
CA ARG O 347 100.40 -28.68 21.64
C ARG O 347 100.44 -27.98 23.00
N HIS O 348 100.62 -28.76 24.05
CA HIS O 348 100.73 -28.21 25.39
C HIS O 348 102.03 -28.64 26.06
N VAL O 349 102.50 -27.84 27.00
CA VAL O 349 103.75 -28.10 27.69
C VAL O 349 103.59 -28.07 29.20
N GLU O 350 104.08 -29.11 29.87
CA GLU O 350 104.05 -29.18 31.32
C GLU O 350 105.46 -29.31 31.87
N GLU O 351 105.93 -28.26 32.55
CA GLU O 351 107.30 -28.23 33.08
C GLU O 351 107.31 -28.18 34.61
N TYR O 352 107.92 -29.18 35.23
CA TYR O 352 107.95 -29.28 36.69
C TYR O 352 109.36 -29.38 37.26
N ASP O 353 109.46 -29.21 38.58
CA ASP O 353 110.72 -29.34 39.30
C ASP O 353 110.46 -29.57 40.79
N LEU O 354 110.72 -30.78 41.25
CA LEU O 354 110.51 -31.13 42.65
C LEU O 354 111.77 -30.93 43.49
N GLN O 355 111.60 -30.30 44.65
CA GLN O 355 112.69 -30.13 45.61
C GLN O 355 112.23 -30.54 47.00
N PHE O 356 113.06 -31.28 47.73
CA PHE O 356 112.70 -31.68 49.08
C PHE O 356 113.82 -31.46 50.09
N ILE O 357 113.45 -31.23 51.34
CA ILE O 357 114.37 -31.32 52.45
C ILE O 357 113.90 -32.45 53.35
N PHE O 358 114.69 -33.51 53.45
CA PHE O 358 114.31 -34.66 54.27
C PHE O 358 115.09 -34.70 55.57
N GLN O 359 114.58 -35.45 56.53
CA GLN O 359 115.20 -35.57 57.84
C GLN O 359 115.32 -37.03 58.26
N LEU O 360 116.53 -37.47 58.55
CA LEU O 360 116.78 -38.85 58.95
C LEU O 360 116.19 -39.13 60.33
N CYS O 361 115.53 -40.27 60.48
CA CYS O 361 114.88 -40.62 61.74
C CYS O 361 115.12 -42.08 62.13
N THR O 362 115.17 -42.34 63.43
CA THR O 362 115.36 -43.68 63.96
C THR O 362 114.07 -44.23 64.60
N ILE O 363 113.97 -45.55 64.64
CA ILE O 363 112.83 -46.22 65.29
C ILE O 363 113.32 -47.39 66.12
N THR O 364 113.30 -47.24 67.43
CA THR O 364 113.78 -48.29 68.33
C THR O 364 112.79 -49.46 68.38
N LEU O 365 113.14 -50.54 67.69
CA LEU O 365 112.26 -51.70 67.61
C LEU O 365 112.19 -52.46 68.93
N THR O 366 111.23 -52.08 69.77
CA THR O 366 110.94 -52.84 70.98
C THR O 366 109.74 -53.75 70.72
N ALA O 367 109.27 -54.43 71.75
CA ALA O 367 108.17 -55.38 71.62
C ALA O 367 106.92 -54.72 71.03
N ASP O 368 106.23 -53.95 71.86
CA ASP O 368 105.00 -53.26 71.47
C ASP O 368 105.16 -52.40 70.22
N VAL O 369 106.34 -51.83 70.04
CA VAL O 369 106.63 -51.02 68.86
C VAL O 369 106.42 -51.81 67.58
N MET O 370 107.07 -52.97 67.48
CA MET O 370 106.92 -53.84 66.31
C MET O 370 105.47 -54.27 66.11
N SER O 371 104.79 -54.66 67.19
CA SER O 371 103.42 -55.13 67.09
C SER O 371 102.46 -54.00 66.72
N TYR O 372 102.83 -52.76 67.02
CA TYR O 372 102.06 -51.61 66.58
C TYR O 372 102.26 -51.42 65.08
N ILE O 373 103.51 -51.52 64.65
CA ILE O 373 103.85 -51.42 63.23
C ILE O 373 103.29 -52.63 62.48
N GLN O 374 103.15 -53.74 63.19
CA GLN O 374 102.55 -54.95 62.62
C GLN O 374 101.10 -54.67 62.21
N SER O 375 100.39 -53.97 63.08
CA SER O 375 98.99 -53.63 62.85
C SER O 375 98.84 -52.59 61.75
N MET O 376 99.70 -51.58 61.78
CA MET O 376 99.65 -50.50 60.80
C MET O 376 99.92 -51.02 59.40
N ASN O 377 101.12 -51.54 59.17
CA ASN O 377 101.50 -52.09 57.90
C ASN O 377 102.59 -53.15 58.08
N SER O 378 102.19 -54.42 57.97
CA SER O 378 103.12 -55.53 58.15
C SER O 378 104.31 -55.44 57.21
N SER O 379 104.05 -55.05 55.97
CA SER O 379 105.08 -54.96 54.93
C SER O 379 106.21 -53.99 55.28
N ILE O 380 106.01 -53.17 56.31
CA ILE O 380 107.05 -52.25 56.77
C ILE O 380 108.17 -53.01 57.48
N LEU O 381 107.81 -53.88 58.40
CA LEU O 381 108.77 -54.78 59.03
C LEU O 381 109.32 -55.77 58.01
N GLU O 382 108.59 -55.94 56.91
CA GLU O 382 108.93 -56.92 55.89
C GLU O 382 109.98 -56.41 54.90
N ASP O 383 110.43 -55.17 55.06
CA ASP O 383 111.45 -54.59 54.19
C ASP O 383 112.75 -54.35 54.95
N TRP O 384 112.66 -54.47 56.27
CA TRP O 384 113.71 -54.02 57.17
C TRP O 384 114.71 -55.08 57.58
N ASN O 385 114.62 -56.26 56.98
CA ASN O 385 115.41 -57.42 57.42
C ASN O 385 115.20 -57.65 58.90
N ASN O 391 109.55 -59.00 44.65
CA ASN O 391 108.63 -58.37 45.58
C ASN O 391 107.44 -57.70 44.87
N LYS O 392 106.29 -57.70 45.53
CA LYS O 392 105.08 -57.11 44.95
C LYS O 392 104.64 -55.85 45.70
N ASP O 393 104.45 -54.78 44.94
CA ASP O 393 103.96 -53.52 45.47
C ASP O 393 102.48 -53.38 45.12
N PRO O 394 101.67 -52.91 46.09
CA PRO O 394 100.22 -52.80 45.89
C PRO O 394 99.80 -51.68 44.92
N TYR O 395 100.76 -50.97 44.35
CA TYR O 395 100.46 -49.89 43.42
C TYR O 395 101.07 -50.10 42.04
N ASP O 396 101.51 -51.33 41.76
CA ASP O 396 102.16 -51.61 40.48
C ASP O 396 101.14 -51.68 39.34
N LYS O 397 99.87 -51.54 39.66
CA LYS O 397 98.81 -51.53 38.66
C LYS O 397 98.49 -50.10 38.22
N LEU O 398 98.93 -49.14 39.02
CA LEU O 398 98.52 -47.75 38.84
C LEU O 398 99.56 -46.92 38.08
N LYS O 399 99.09 -45.89 37.39
CA LYS O 399 99.95 -45.03 36.58
C LYS O 399 100.46 -43.83 37.35
N PHE O 400 101.76 -43.82 37.61
CA PHE O 400 102.40 -42.72 38.32
C PHE O 400 103.55 -42.15 37.50
N TRP O 401 103.91 -40.90 37.78
CA TRP O 401 105.10 -40.31 37.20
C TRP O 401 106.27 -40.56 38.14
N ASN O 402 107.03 -41.62 37.86
CA ASN O 402 108.11 -42.03 38.74
C ASN O 402 109.28 -41.05 38.74
N VAL O 403 109.63 -40.56 39.93
CA VAL O 403 110.82 -39.74 40.11
C VAL O 403 111.77 -40.44 41.07
N ASP O 404 112.82 -41.04 40.51
CA ASP O 404 113.83 -41.70 41.31
C ASP O 404 114.76 -40.67 41.92
N LEU O 405 114.80 -40.61 43.25
CA LEU O 405 115.64 -39.62 43.95
C LEU O 405 116.74 -40.28 44.76
N LYS O 406 116.95 -41.57 44.53
CA LYS O 406 118.00 -42.32 45.22
C LYS O 406 119.38 -41.76 44.93
N GLU O 407 119.51 -41.05 43.81
CA GLU O 407 120.79 -40.52 43.39
C GLU O 407 120.85 -39.00 43.47
N LYS O 408 120.08 -38.44 44.40
CA LYS O 408 119.95 -36.99 44.48
C LYS O 408 120.08 -36.44 45.90
N PHE O 409 120.31 -37.32 46.87
CA PHE O 409 120.46 -36.86 48.25
C PHE O 409 121.83 -36.23 48.47
N SER O 410 121.83 -35.12 49.19
CA SER O 410 123.03 -34.36 49.46
C SER O 410 122.99 -33.80 50.88
N LEU O 411 124.15 -33.71 51.52
CA LEU O 411 124.20 -33.30 52.91
C LEU O 411 124.38 -31.79 53.05
N ASP O 412 125.18 -31.19 52.18
CA ASP O 412 125.36 -29.74 52.20
C ASP O 412 124.14 -29.05 51.59
N LEU O 413 123.27 -28.55 52.47
CA LEU O 413 122.05 -27.88 52.05
C LEU O 413 122.35 -26.52 51.45
N ASP O 414 123.51 -25.97 51.81
CA ASP O 414 123.94 -24.66 51.35
C ASP O 414 124.04 -24.56 49.83
N GLN O 415 124.36 -25.67 49.19
CA GLN O 415 124.61 -25.70 47.75
C GLN O 415 123.34 -25.67 46.91
N TYR O 416 122.18 -25.60 47.56
CA TYR O 416 120.90 -25.66 46.86
C TYR O 416 119.93 -24.56 47.32
N PRO O 417 119.11 -24.05 46.40
CA PRO O 417 118.11 -23.01 46.68
C PRO O 417 117.23 -23.29 47.91
N LEU O 418 116.47 -24.39 47.86
CA LEU O 418 115.63 -24.78 48.99
C LEU O 418 116.47 -24.91 50.26
N GLY O 419 117.64 -25.51 50.13
CA GLY O 419 118.54 -25.71 51.24
C GLY O 419 118.95 -24.44 51.97
N ARG O 420 119.26 -23.40 51.21
CA ARG O 420 119.60 -22.11 51.82
C ARG O 420 118.41 -21.56 52.59
N LYS O 421 117.25 -21.52 51.92
CA LYS O 421 116.00 -21.09 52.52
C LYS O 421 115.73 -21.84 53.81
N PHE O 422 116.02 -23.14 53.81
CA PHE O 422 115.76 -23.97 54.98
C PHE O 422 116.64 -23.59 56.16
N LEU O 423 117.92 -23.35 55.90
CA LEU O 423 118.86 -22.97 56.95
C LEU O 423 118.46 -21.65 57.59
N VAL O 424 118.09 -20.69 56.75
CA VAL O 424 117.61 -19.39 57.21
C VAL O 424 116.37 -19.51 58.07
N GLN O 425 115.40 -20.27 57.56
CA GLN O 425 114.12 -20.47 58.24
C GLN O 425 114.30 -21.10 59.62
N ALA O 426 115.23 -22.03 59.72
CA ALA O 426 115.50 -22.70 60.99
C ALA O 426 116.16 -21.73 61.97
N GLY O 427 116.81 -20.71 61.43
CA GLY O 427 117.49 -19.71 62.24
C GLY O 427 118.99 -19.73 62.01
#